data_8JMW
#
_entry.id   8JMW
#
_cell.length_a   1.00
_cell.length_b   1.00
_cell.length_c   1.00
_cell.angle_alpha   90.00
_cell.angle_beta   90.00
_cell.angle_gamma   90.00
#
_symmetry.space_group_name_H-M   'P 1'
#
_entity_poly.entity_id   1
_entity_poly.type   'polypeptide(L)'
_entity_poly.pdbx_seq_one_letter_code
;LKKGIIRYLLPAFVLSFTLSTSSQAAPASKPQTPDLEKAEVFGDIDMTTGKQTTVIVELKEKSLAEAKELGKAQTKSKLK
SERSKVKKKALKTIKHGKINREYEQVFSGFSMKLPANEIPKLLSDQDVKAVYPNVTYHTDQLKDKDITLSKDAVSPQMDD
SAPYIGANDAWKLGYTGKGVKVAIIDTGVEYKHPDLKKNFGQYKGYDFVDNDYDPEETPSGDPRGASTDHGTHVAGTVAA
NGTIKGVAPDATLLAYRVLGPGGSGTTENVIAGIERAVQDGADVMNLSLGNSVNNPDWATSTALDWAMSEGVTAVTSNGN
SGPNNWTVGSPGTSREAISVGATQLPLNEYAVSFGSYSSAKVMGYNKEDDIKALNKKETELIEAGIGEQKDFEGKDLKGK
VAVVKRGSIAFVDKADNAKKAGAIGMVVYNNAPGEIEANVPGMSVPTVKLSSEDGEKLVSQLKAGGTKATFHLSVAKSLT
EQMADFSSRGPVMDTWMIKPDVSAPGVNIVSTIPTHDPADPYGYGSKQGTSMASPHVAGAAAVIKQAKPKWSPEQIKAAL
MNTAETLTDADGDVYPHNAQGAGSIRIMKAIKADSLVAPGSYSYGTFMKDKGNETKKETFTIENQSSIRKSYQLEYSFNG
TGITVSGTDRVVIPAHQTGKVNAKVKVNAKKVKAGTYEGTVTVREGGKTVAKVPTLLIVKEPDYPRVTSIDVQDGTTQGT
YQIETYLPAGAEELAFLVYDSNLDFVGQAGIYKKQDKGYQYFDWNGKVNGDTALPAGEYYMLAYAANKGKSSQVLTEKPF
IIE
;
_entity_poly.pdbx_strand_id   A,B,C,D,E,F,G,H,I,J,K,L,M,N,O,P,Q,R
#
# COMPACT_ATOMS: atom_id res chain seq x y z
N MET A 158 -16.85 54.60 -14.97
CA MET A 158 -17.36 53.57 -15.86
C MET A 158 -16.93 53.82 -17.30
N ASP A 159 -16.40 55.01 -17.55
CA ASP A 159 -15.90 55.36 -18.87
C ASP A 159 -14.40 55.17 -19.01
N ASP A 160 -13.71 54.82 -17.92
CA ASP A 160 -12.27 54.57 -17.96
C ASP A 160 -11.89 53.20 -17.44
N SER A 161 -12.65 52.63 -16.50
CA SER A 161 -12.32 51.31 -15.99
C SER A 161 -12.68 50.21 -16.97
N ALA A 162 -13.84 50.32 -17.62
CA ALA A 162 -14.22 49.31 -18.61
C ALA A 162 -13.25 49.24 -19.78
N PRO A 163 -12.77 50.34 -20.36
CA PRO A 163 -11.68 50.21 -21.35
C PRO A 163 -10.45 49.55 -20.78
N TYR A 164 -10.15 49.79 -19.49
CA TYR A 164 -8.93 49.24 -18.91
C TYR A 164 -9.02 47.72 -18.78
N ILE A 165 -10.13 47.20 -18.27
CA ILE A 165 -10.23 45.76 -18.12
C ILE A 165 -10.45 45.06 -19.45
N GLY A 166 -10.82 45.81 -20.49
CA GLY A 166 -10.96 45.22 -21.81
C GLY A 166 -12.38 45.01 -22.24
N ALA A 167 -13.31 45.81 -21.71
CA ALA A 167 -14.72 45.62 -22.02
C ALA A 167 -15.03 46.02 -23.46
N ASN A 168 -14.53 47.18 -23.89
CA ASN A 168 -14.84 47.65 -25.24
C ASN A 168 -14.31 46.68 -26.29
N ASP A 169 -13.10 46.17 -26.09
CA ASP A 169 -12.54 45.23 -27.06
C ASP A 169 -13.40 43.99 -27.18
N ALA A 170 -13.95 43.52 -26.06
CA ALA A 170 -14.88 42.40 -26.10
C ALA A 170 -16.16 42.79 -26.82
N TRP A 171 -16.62 44.03 -26.64
CA TRP A 171 -17.84 44.47 -27.31
C TRP A 171 -17.67 44.43 -28.83
N LYS A 172 -16.53 44.93 -29.32
CA LYS A 172 -16.30 44.90 -30.76
C LYS A 172 -16.18 43.49 -31.31
N LEU A 173 -15.96 42.50 -30.46
CA LEU A 173 -16.04 41.11 -30.87
C LEU A 173 -17.45 40.57 -30.78
N GLY A 174 -18.40 41.37 -30.34
CA GLY A 174 -19.78 40.97 -30.23
C GLY A 174 -20.17 40.47 -28.85
N TYR A 175 -19.21 40.23 -27.98
CA TYR A 175 -19.49 39.68 -26.65
C TYR A 175 -19.85 40.83 -25.72
N THR A 176 -21.16 40.99 -25.47
CA THR A 176 -21.65 42.01 -24.58
C THR A 176 -22.49 41.46 -23.43
N GLY A 177 -22.55 40.15 -23.27
CA GLY A 177 -23.32 39.55 -22.21
C GLY A 177 -24.75 39.22 -22.56
N LYS A 178 -25.12 39.28 -23.83
CA LYS A 178 -26.51 39.02 -24.22
C LYS A 178 -26.92 37.60 -23.85
N GLY A 179 -28.08 37.48 -23.23
CA GLY A 179 -28.63 36.21 -22.82
C GLY A 179 -28.21 35.79 -21.43
N VAL A 180 -27.16 36.39 -20.89
CA VAL A 180 -26.70 36.08 -19.55
C VAL A 180 -27.53 36.87 -18.54
N LYS A 181 -27.85 36.22 -17.43
CA LYS A 181 -28.71 36.81 -16.41
C LYS A 181 -27.88 37.04 -15.15
N VAL A 182 -27.85 38.28 -14.69
CA VAL A 182 -27.06 38.69 -13.55
C VAL A 182 -27.97 39.13 -12.43
N ALA A 183 -27.76 38.58 -11.24
CA ALA A 183 -28.51 38.93 -10.05
C ALA A 183 -27.66 39.83 -9.17
N ILE A 184 -28.29 40.85 -8.59
CA ILE A 184 -27.60 41.85 -7.79
C ILE A 184 -28.21 41.77 -6.39
N ILE A 185 -27.55 41.08 -5.46
CA ILE A 185 -28.07 40.99 -4.10
C ILE A 185 -27.47 42.14 -3.30
N ASP A 186 -28.19 43.25 -3.25
CA ASP A 186 -27.78 44.46 -2.56
C ASP A 186 -29.02 45.12 -2.00
N THR A 187 -28.92 46.42 -1.70
CA THR A 187 -30.00 47.18 -1.11
C THR A 187 -31.16 47.42 -2.07
N GLY A 188 -31.17 46.79 -3.23
CA GLY A 188 -32.21 46.99 -4.22
C GLY A 188 -31.71 47.89 -5.34
N VAL A 189 -32.44 47.83 -6.46
CA VAL A 189 -32.05 48.53 -7.67
C VAL A 189 -33.21 49.41 -8.13
N GLU A 190 -32.91 50.65 -8.46
CA GLU A 190 -33.90 51.54 -9.07
C GLU A 190 -34.02 51.15 -10.54
N TYR A 191 -34.94 50.24 -10.83
CA TYR A 191 -35.10 49.75 -12.20
C TYR A 191 -35.96 50.67 -13.05
N LYS A 192 -35.70 51.97 -12.98
CA LYS A 192 -36.35 52.93 -13.84
C LYS A 192 -35.36 53.96 -14.35
N HIS A 193 -34.11 53.89 -13.93
CA HIS A 193 -33.07 54.70 -14.50
C HIS A 193 -33.02 54.43 -16.00
N PRO A 194 -33.00 55.47 -16.83
CA PRO A 194 -33.01 55.23 -18.29
C PRO A 194 -31.87 54.36 -18.76
N ASP A 195 -30.74 54.35 -18.05
CA ASP A 195 -29.63 53.48 -18.40
C ASP A 195 -29.86 52.03 -18.01
N LEU A 196 -30.79 51.77 -17.10
CA LEU A 196 -31.07 50.42 -16.63
C LEU A 196 -32.42 49.90 -17.07
N LYS A 197 -33.24 50.73 -17.72
CA LYS A 197 -34.62 50.36 -17.98
C LYS A 197 -34.71 49.12 -18.87
N LYS A 198 -33.94 49.09 -19.95
CA LYS A 198 -34.08 48.02 -20.93
C LYS A 198 -33.32 46.76 -20.56
N ASN A 199 -32.45 46.82 -19.56
CA ASN A 199 -31.74 45.62 -19.13
C ASN A 199 -32.56 44.79 -18.16
N PHE A 200 -33.62 45.35 -17.59
CA PHE A 200 -34.49 44.58 -16.70
C PHE A 200 -35.61 43.93 -17.49
N GLY A 201 -35.84 42.66 -17.22
CA GLY A 201 -36.90 41.94 -17.89
C GLY A 201 -38.25 42.28 -17.30
N GLN A 202 -39.24 41.43 -17.53
CA GLN A 202 -40.56 41.68 -16.98
C GLN A 202 -40.52 41.54 -15.47
N TYR A 203 -40.02 40.41 -14.99
CA TYR A 203 -39.87 40.16 -13.57
C TYR A 203 -38.57 40.77 -13.06
N LYS A 204 -38.67 41.77 -12.20
CA LYS A 204 -37.50 42.53 -11.79
C LYS A 204 -36.72 41.89 -10.66
N GLY A 205 -37.37 41.13 -9.81
CA GLY A 205 -36.70 40.50 -8.71
C GLY A 205 -37.62 40.43 -7.51
N TYR A 206 -37.01 40.39 -6.34
CA TYR A 206 -37.75 40.25 -5.10
C TYR A 206 -37.17 41.16 -4.03
N ASP A 207 -38.01 41.48 -3.05
CA ASP A 207 -37.66 42.42 -1.99
C ASP A 207 -37.86 41.69 -0.67
N PHE A 208 -36.79 41.15 -0.12
CA PHE A 208 -36.90 40.31 1.07
C PHE A 208 -37.11 41.11 2.35
N VAL A 209 -36.64 42.36 2.41
CA VAL A 209 -36.87 43.16 3.61
C VAL A 209 -38.29 43.68 3.69
N ASP A 210 -39.07 43.57 2.61
CA ASP A 210 -40.44 44.02 2.59
C ASP A 210 -41.41 42.96 2.10
N ASN A 211 -40.93 41.88 1.50
CA ASN A 211 -41.76 40.77 1.03
C ASN A 211 -42.77 41.23 -0.01
N ASP A 212 -42.26 41.94 -1.03
CA ASP A 212 -43.05 42.30 -2.18
C ASP A 212 -42.18 42.19 -3.41
N TYR A 213 -42.81 42.26 -4.59
CA TYR A 213 -42.10 42.09 -5.85
C TYR A 213 -41.63 43.41 -6.43
N ASP A 214 -41.33 44.39 -5.57
CA ASP A 214 -40.88 45.71 -5.96
C ASP A 214 -39.54 45.97 -5.27
N PRO A 215 -38.44 45.57 -5.88
CA PRO A 215 -37.10 45.74 -5.27
C PRO A 215 -36.53 47.15 -5.44
N GLU A 216 -37.37 48.15 -5.19
CA GLU A 216 -36.91 49.53 -5.26
C GLU A 216 -35.99 49.83 -4.08
N GLU A 217 -35.11 50.81 -4.28
CA GLU A 217 -34.23 51.22 -3.20
C GLU A 217 -35.03 51.85 -2.06
N THR A 218 -34.39 52.01 -0.93
CA THR A 218 -35.04 52.60 0.22
C THR A 218 -35.33 54.07 -0.06
N PRO A 219 -36.56 54.52 0.05
CA PRO A 219 -36.85 55.93 -0.26
C PRO A 219 -36.31 56.86 0.81
N SER A 220 -36.29 58.16 0.52
CA SER A 220 -35.91 59.13 1.52
C SER A 220 -37.01 59.28 2.55
N GLY A 221 -36.62 59.44 3.81
CA GLY A 221 -37.59 59.57 4.87
C GLY A 221 -38.23 58.27 5.25
N ASP A 222 -37.42 57.29 5.63
CA ASP A 222 -37.89 55.99 6.09
C ASP A 222 -37.62 55.87 7.58
N PRO A 223 -38.63 55.57 8.40
CA PRO A 223 -38.38 55.47 9.84
C PRO A 223 -37.32 54.46 10.23
N ARG A 224 -37.21 53.35 9.49
CA ARG A 224 -36.30 52.29 9.88
C ARG A 224 -34.84 52.58 9.55
N GLY A 225 -34.57 53.57 8.69
CA GLY A 225 -33.19 53.87 8.34
C GLY A 225 -33.03 55.01 7.36
N ALA A 226 -31.99 54.95 6.54
CA ALA A 226 -31.69 56.01 5.59
C ALA A 226 -31.80 55.48 4.16
N SER A 227 -32.01 56.40 3.23
CA SER A 227 -32.13 56.02 1.83
C SER A 227 -30.82 55.43 1.33
N THR A 228 -30.93 54.54 0.35
CA THR A 228 -29.79 53.80 -0.17
C THR A 228 -29.67 53.99 -1.67
N ASP A 229 -28.43 53.90 -2.16
CA ASP A 229 -28.17 53.96 -3.58
C ASP A 229 -27.08 52.97 -4.01
N HIS A 230 -26.69 52.05 -3.13
CA HIS A 230 -25.59 51.15 -3.45
C HIS A 230 -25.97 50.19 -4.57
N GLY A 231 -27.17 49.60 -4.50
CA GLY A 231 -27.55 48.59 -5.47
C GLY A 231 -27.67 49.15 -6.88
N THR A 232 -28.24 50.35 -7.02
CA THR A 232 -28.35 50.93 -8.34
C THR A 232 -26.98 51.22 -8.93
N HIS A 233 -26.05 51.70 -8.11
CA HIS A 233 -24.71 51.95 -8.58
C HIS A 233 -24.05 50.66 -9.04
N VAL A 234 -24.22 49.58 -8.27
CA VAL A 234 -23.65 48.30 -8.64
C VAL A 234 -24.24 47.81 -9.95
N ALA A 235 -25.56 47.90 -10.10
CA ALA A 235 -26.21 47.45 -11.31
C ALA A 235 -25.79 48.26 -12.52
N GLY A 236 -25.62 49.57 -12.36
CA GLY A 236 -25.10 50.36 -13.47
C GLY A 236 -23.69 49.98 -13.83
N THR A 237 -22.86 49.66 -12.84
CA THR A 237 -21.52 49.20 -13.15
C THR A 237 -21.54 47.91 -13.94
N VAL A 238 -22.42 46.97 -13.55
CA VAL A 238 -22.46 45.68 -14.22
C VAL A 238 -22.96 45.84 -15.65
N ALA A 239 -24.18 46.32 -15.81
CA ALA A 239 -24.82 46.34 -17.14
C ALA A 239 -25.72 47.56 -17.21
N ALA A 240 -25.17 48.66 -17.73
CA ALA A 240 -25.93 49.87 -17.99
C ALA A 240 -25.75 50.23 -19.44
N ASN A 241 -26.85 50.41 -20.16
CA ASN A 241 -26.82 50.76 -21.57
C ASN A 241 -27.36 52.17 -21.74
N GLY A 242 -26.56 53.05 -22.31
CA GLY A 242 -26.98 54.42 -22.52
C GLY A 242 -25.84 55.41 -22.40
N THR A 243 -26.05 56.45 -21.59
CA THR A 243 -24.99 57.44 -21.39
C THR A 243 -23.76 56.80 -20.77
N ILE A 244 -23.96 55.96 -19.76
CA ILE A 244 -22.88 55.18 -19.16
C ILE A 244 -23.05 53.74 -19.63
N LYS A 245 -21.96 53.12 -20.05
CA LYS A 245 -21.98 51.75 -20.54
C LYS A 245 -21.32 50.85 -19.51
N GLY A 246 -22.06 49.89 -18.99
CA GLY A 246 -21.54 48.94 -18.05
C GLY A 246 -20.61 47.95 -18.72
N VAL A 247 -20.06 47.05 -17.91
CA VAL A 247 -19.09 46.09 -18.42
C VAL A 247 -19.75 45.16 -19.43
N ALA A 248 -20.99 44.77 -19.18
CA ALA A 248 -21.73 43.85 -20.03
C ALA A 248 -23.07 44.45 -20.38
N PRO A 249 -23.10 45.47 -21.23
CA PRO A 249 -24.33 46.24 -21.40
C PRO A 249 -25.36 45.55 -22.27
N ASP A 250 -25.55 44.26 -22.06
CA ASP A 250 -26.63 43.54 -22.72
C ASP A 250 -27.21 42.45 -21.83
N ALA A 251 -26.74 42.32 -20.60
CA ALA A 251 -27.18 41.25 -19.72
C ALA A 251 -28.49 41.62 -19.04
N THR A 252 -29.33 40.62 -18.86
CA THR A 252 -30.54 40.79 -18.07
C THR A 252 -30.18 40.92 -16.60
N LEU A 253 -30.97 41.70 -15.87
CA LEU A 253 -30.69 41.99 -14.48
C LEU A 253 -31.85 41.54 -13.62
N LEU A 254 -31.52 41.07 -12.42
CA LEU A 254 -32.50 40.78 -11.39
C LEU A 254 -32.07 41.46 -10.10
N ALA A 255 -33.01 42.12 -9.43
CA ALA A 255 -32.71 42.83 -8.20
C ALA A 255 -33.30 42.08 -7.02
N TYR A 256 -32.50 41.96 -5.95
CA TYR A 256 -32.92 41.25 -4.75
C TYR A 256 -32.58 42.15 -3.57
N ARG A 257 -33.59 42.82 -3.04
CA ARG A 257 -33.41 43.71 -1.91
C ARG A 257 -33.33 42.89 -0.63
N VAL A 258 -32.12 42.62 -0.16
CA VAL A 258 -31.93 41.90 1.08
C VAL A 258 -31.39 42.80 2.19
N LEU A 259 -30.79 43.92 1.86
CA LEU A 259 -30.29 44.86 2.86
C LEU A 259 -31.33 45.96 3.05
N GLY A 260 -31.80 46.11 4.27
CA GLY A 260 -32.86 47.05 4.55
C GLY A 260 -32.35 48.47 4.56
N PRO A 261 -33.18 49.39 5.04
CA PRO A 261 -32.75 50.79 5.15
C PRO A 261 -31.52 50.90 6.04
N GLY A 262 -30.59 51.76 5.63
CA GLY A 262 -29.34 51.93 6.32
C GLY A 262 -28.23 51.02 5.83
N GLY A 263 -28.54 50.07 4.98
CA GLY A 263 -27.55 49.15 4.46
C GLY A 263 -27.30 47.91 5.29
N SER A 264 -28.11 47.65 6.30
CA SER A 264 -27.94 46.51 7.17
C SER A 264 -29.00 45.46 6.88
N GLY A 265 -28.58 44.20 6.86
CA GLY A 265 -29.48 43.11 6.57
C GLY A 265 -29.16 41.83 7.31
N THR A 266 -30.19 41.07 7.66
CA THR A 266 -29.98 39.82 8.37
C THR A 266 -29.31 38.80 7.47
N THR A 267 -28.55 37.90 8.09
CA THR A 267 -27.91 36.82 7.33
C THR A 267 -28.94 35.93 6.64
N GLU A 268 -30.06 35.67 7.31
CA GLU A 268 -31.10 34.85 6.72
C GLU A 268 -31.66 35.47 5.45
N ASN A 269 -31.82 36.78 5.42
CA ASN A 269 -32.26 37.44 4.20
C ASN A 269 -31.25 37.30 3.08
N VAL A 270 -29.95 37.37 3.37
CA VAL A 270 -28.95 37.20 2.32
C VAL A 270 -28.96 35.77 1.80
N ILE A 271 -29.10 34.79 2.68
CA ILE A 271 -29.19 33.41 2.23
C ILE A 271 -30.42 33.21 1.36
N ALA A 272 -31.54 33.79 1.78
CA ALA A 272 -32.76 33.69 0.97
C ALA A 272 -32.58 34.34 -0.38
N GLY A 273 -31.90 35.48 -0.43
CA GLY A 273 -31.63 36.14 -1.69
C GLY A 273 -30.77 35.31 -2.60
N ILE A 274 -29.73 34.68 -2.06
CA ILE A 274 -28.88 33.83 -2.87
C ILE A 274 -29.66 32.65 -3.42
N GLU A 275 -30.44 31.99 -2.57
CA GLU A 275 -31.21 30.85 -3.04
C GLU A 275 -32.27 31.23 -4.06
N ARG A 276 -32.93 32.37 -3.87
CA ARG A 276 -33.92 32.81 -4.83
C ARG A 276 -33.27 33.23 -6.15
N ALA A 277 -32.07 33.80 -6.10
CA ALA A 277 -31.35 34.08 -7.33
C ALA A 277 -30.98 32.81 -8.08
N VAL A 278 -30.64 31.76 -7.35
CA VAL A 278 -30.40 30.47 -8.00
C VAL A 278 -31.70 29.94 -8.60
N GLN A 279 -32.82 30.12 -7.90
CA GLN A 279 -34.12 29.73 -8.44
C GLN A 279 -34.38 30.40 -9.78
N ASP A 280 -34.21 31.72 -9.83
CA ASP A 280 -34.63 32.51 -10.97
C ASP A 280 -33.74 32.34 -12.17
N GLY A 281 -32.83 31.38 -12.15
CA GLY A 281 -32.01 31.10 -13.30
C GLY A 281 -30.87 32.07 -13.54
N ALA A 282 -30.50 32.86 -12.54
CA ALA A 282 -29.39 33.79 -12.71
C ALA A 282 -28.11 33.02 -13.00
N ASP A 283 -27.40 33.44 -14.03
CA ASP A 283 -26.13 32.82 -14.38
C ASP A 283 -24.96 33.42 -13.63
N VAL A 284 -25.02 34.70 -13.32
CA VAL A 284 -23.98 35.37 -12.55
C VAL A 284 -24.63 36.04 -11.36
N MET A 285 -23.94 36.02 -10.24
CA MET A 285 -24.46 36.53 -8.98
C MET A 285 -23.47 37.53 -8.42
N ASN A 286 -23.97 38.65 -7.90
CA ASN A 286 -23.11 39.70 -7.38
C ASN A 286 -23.49 40.03 -5.94
N LEU A 287 -22.52 39.90 -5.04
CA LEU A 287 -22.68 40.23 -3.63
C LEU A 287 -21.66 41.30 -3.24
N SER A 288 -22.13 42.54 -3.14
CA SER A 288 -21.32 43.65 -2.66
C SER A 288 -21.59 43.96 -1.20
N LEU A 289 -22.07 42.97 -0.45
CA LEU A 289 -22.27 43.09 0.98
C LEU A 289 -21.22 42.28 1.71
N GLY A 290 -21.32 42.25 3.03
CA GLY A 290 -20.43 41.42 3.81
C GLY A 290 -20.08 41.98 5.17
N ASN A 291 -19.96 41.13 6.16
CA ASN A 291 -19.52 41.53 7.48
C ASN A 291 -18.00 41.41 7.55
N SER A 292 -17.42 41.48 8.74
CA SER A 292 -15.97 41.46 8.88
C SER A 292 -15.53 40.32 9.78
N VAL A 293 -16.08 39.14 9.57
CA VAL A 293 -15.67 37.95 10.30
C VAL A 293 -14.89 37.06 9.34
N ASN A 294 -13.61 36.87 9.63
CA ASN A 294 -12.74 36.04 8.80
C ASN A 294 -12.99 34.57 9.12
N ASN A 295 -14.14 34.09 8.66
CA ASN A 295 -14.54 32.70 8.87
C ASN A 295 -14.97 32.12 7.54
N PRO A 296 -14.30 31.09 7.02
CA PRO A 296 -14.71 30.51 5.74
C PRO A 296 -16.01 29.74 5.82
N ASP A 297 -16.50 29.43 7.01
CA ASP A 297 -17.72 28.66 7.18
C ASP A 297 -18.82 29.50 7.80
N TRP A 298 -18.89 30.76 7.40
CA TRP A 298 -20.05 31.55 7.74
C TRP A 298 -21.24 31.08 6.91
N ALA A 299 -22.44 31.45 7.36
CA ALA A 299 -23.64 31.00 6.66
C ALA A 299 -23.68 31.54 5.24
N THR A 300 -23.32 32.81 5.05
CA THR A 300 -23.32 33.39 3.72
C THR A 300 -22.26 32.77 2.82
N SER A 301 -21.15 32.30 3.38
CA SER A 301 -20.15 31.60 2.60
C SER A 301 -20.57 30.19 2.23
N THR A 302 -21.24 29.49 3.13
CA THR A 302 -21.80 28.19 2.78
C THR A 302 -22.85 28.31 1.70
N ALA A 303 -23.71 29.32 1.80
CA ALA A 303 -24.70 29.55 0.75
C ALA A 303 -24.05 29.88 -0.57
N LEU A 304 -22.93 30.61 -0.56
CA LEU A 304 -22.23 30.93 -1.79
C LEU A 304 -21.52 29.74 -2.38
N ASP A 305 -21.07 28.80 -1.55
CA ASP A 305 -20.52 27.55 -2.05
C ASP A 305 -21.60 26.58 -2.50
N TRP A 306 -22.85 26.75 -2.06
CA TRP A 306 -23.93 25.95 -2.60
C TRP A 306 -24.18 26.31 -4.06
N ALA A 307 -24.33 27.60 -4.34
CA ALA A 307 -24.13 28.06 -5.70
C ALA A 307 -22.67 27.87 -6.07
N MET A 308 -22.34 28.12 -7.34
CA MET A 308 -21.04 27.76 -7.91
C MET A 308 -20.93 26.24 -7.98
N SER A 309 -21.93 25.56 -7.43
CA SER A 309 -22.15 24.14 -7.69
C SER A 309 -23.49 23.87 -8.31
N GLU A 310 -24.46 24.77 -8.16
CA GLU A 310 -25.66 24.75 -8.98
C GLU A 310 -25.48 25.66 -10.19
N GLY A 311 -24.32 25.53 -10.83
CA GLY A 311 -24.03 26.20 -12.09
C GLY A 311 -24.17 27.71 -12.09
N VAL A 312 -23.96 28.39 -10.97
CA VAL A 312 -24.11 29.84 -10.88
C VAL A 312 -22.82 30.45 -10.40
N THR A 313 -22.17 31.24 -11.26
CA THR A 313 -20.97 31.95 -10.86
C THR A 313 -21.31 32.99 -9.79
N ALA A 314 -20.47 33.08 -8.78
CA ALA A 314 -20.72 33.97 -7.64
C ALA A 314 -19.52 34.88 -7.44
N VAL A 315 -19.74 36.17 -7.64
CA VAL A 315 -18.70 37.19 -7.48
C VAL A 315 -19.06 38.04 -6.26
N THR A 316 -18.09 38.21 -5.37
CA THR A 316 -18.34 38.92 -4.13
C THR A 316 -17.18 39.87 -3.84
N SER A 317 -17.49 40.92 -3.09
CA SER A 317 -16.46 41.84 -2.67
C SER A 317 -15.61 41.22 -1.58
N ASN A 318 -14.34 41.64 -1.53
CA ASN A 318 -13.44 41.19 -0.49
C ASN A 318 -13.71 41.85 0.86
N GLY A 319 -14.30 43.02 0.86
CA GLY A 319 -14.51 43.79 2.08
C GLY A 319 -13.69 45.06 2.10
N ASN A 320 -14.06 45.95 3.01
CA ASN A 320 -13.46 47.27 3.11
C ASN A 320 -12.75 47.41 4.44
N SER A 321 -11.50 46.96 4.50
CA SER A 321 -10.69 47.09 5.69
C SER A 321 -9.29 47.52 5.29
N GLY A 322 -8.67 48.31 6.15
CA GLY A 322 -7.40 48.93 5.84
C GLY A 322 -6.32 47.93 5.50
N PRO A 323 -5.14 48.41 5.16
CA PRO A 323 -4.10 47.49 4.71
C PRO A 323 -3.63 46.64 5.88
N ASN A 324 -4.10 45.41 5.92
CA ASN A 324 -3.85 44.53 7.06
C ASN A 324 -4.25 43.12 6.68
N ASN A 325 -3.38 42.16 6.92
CA ASN A 325 -3.71 40.79 6.57
C ASN A 325 -4.78 40.27 7.50
N TRP A 326 -5.48 39.22 7.05
CA TRP A 326 -6.49 38.53 7.83
C TRP A 326 -7.71 39.40 8.10
N THR A 327 -8.07 40.29 7.17
CA THR A 327 -9.21 41.16 7.36
C THR A 327 -10.30 40.94 6.31
N VAL A 328 -10.27 39.81 5.61
CA VAL A 328 -11.24 39.56 4.56
C VAL A 328 -12.59 39.24 5.17
N GLY A 329 -13.67 39.69 4.53
CA GLY A 329 -15.00 39.59 5.08
C GLY A 329 -15.59 38.20 4.97
N SER A 330 -16.83 38.07 5.46
CA SER A 330 -17.41 36.74 5.62
C SER A 330 -17.82 36.11 4.29
N PRO A 331 -18.69 36.71 3.48
CA PRO A 331 -19.02 36.08 2.20
C PRO A 331 -17.83 35.97 1.27
N GLY A 332 -16.84 36.84 1.44
CA GLY A 332 -15.66 36.82 0.60
C GLY A 332 -14.61 35.87 1.08
N THR A 333 -14.94 35.03 2.06
CA THR A 333 -14.06 33.97 2.51
C THR A 333 -14.48 32.61 1.98
N SER A 334 -15.52 32.57 1.16
CA SER A 334 -16.01 31.29 0.65
C SER A 334 -14.96 30.61 -0.21
N ARG A 335 -14.94 29.28 -0.13
CA ARG A 335 -13.93 28.52 -0.85
C ARG A 335 -14.12 28.58 -2.35
N GLU A 336 -15.37 28.63 -2.83
CA GLU A 336 -15.66 28.63 -4.25
C GLU A 336 -16.49 29.87 -4.57
N ALA A 337 -15.81 30.99 -4.79
CA ALA A 337 -16.44 32.22 -5.22
C ALA A 337 -15.34 33.21 -5.56
N ILE A 338 -15.57 34.01 -6.59
CA ILE A 338 -14.56 34.97 -7.00
C ILE A 338 -14.66 36.19 -6.09
N SER A 339 -13.68 36.36 -5.21
CA SER A 339 -13.60 37.52 -4.35
C SER A 339 -12.72 38.56 -5.01
N VAL A 340 -13.18 39.80 -5.00
CA VAL A 340 -12.56 40.88 -5.77
C VAL A 340 -12.05 41.95 -4.82
N GLY A 341 -10.79 42.34 -5.02
CA GLY A 341 -10.23 43.50 -4.36
C GLY A 341 -10.27 44.72 -5.28
N ALA A 342 -9.98 45.88 -4.70
CA ALA A 342 -10.13 47.15 -5.37
C ALA A 342 -8.77 47.71 -5.77
N THR A 343 -8.69 48.29 -6.96
CA THR A 343 -7.47 48.90 -7.46
C THR A 343 -7.74 50.33 -7.90
N GLN A 344 -6.68 51.12 -7.93
CA GLN A 344 -6.73 52.48 -8.46
C GLN A 344 -6.19 52.47 -9.88
N LEU A 345 -6.92 53.12 -10.79
CA LEU A 345 -6.48 53.18 -12.17
C LEU A 345 -5.20 54.02 -12.27
N PRO A 346 -4.37 53.77 -13.28
CA PRO A 346 -3.11 54.51 -13.41
C PRO A 346 -3.37 56.01 -13.55
N LEU A 347 -2.89 56.78 -12.58
CA LEU A 347 -3.07 58.21 -12.55
C LEU A 347 -1.72 58.91 -12.60
N ASN A 348 -1.73 60.14 -13.12
CA ASN A 348 -0.51 60.90 -13.30
C ASN A 348 -0.23 61.78 -12.10
N LYS A 477 5.17 62.22 -11.48
CA LYS A 477 5.44 60.79 -11.45
C LYS A 477 4.18 59.98 -11.70
N SER A 478 3.95 59.61 -12.96
CA SER A 478 2.81 58.77 -13.30
C SER A 478 2.95 57.39 -12.70
N LEU A 479 1.87 56.91 -12.09
CA LEU A 479 1.85 55.60 -11.45
C LEU A 479 1.07 54.61 -12.29
N THR A 480 1.43 53.34 -12.15
CA THR A 480 0.68 52.26 -12.77
C THR A 480 -0.51 51.91 -11.88
N GLU A 481 -1.18 50.81 -12.17
CA GLU A 481 -2.29 50.38 -11.34
C GLU A 481 -1.80 50.05 -9.94
N GLN A 482 -2.61 50.39 -8.94
CA GLN A 482 -2.23 50.21 -7.55
C GLN A 482 -3.43 49.78 -6.75
N MET A 483 -3.22 48.88 -5.81
CA MET A 483 -4.33 48.46 -4.97
C MET A 483 -4.68 49.56 -3.98
N ALA A 484 -5.97 49.79 -3.81
CA ALA A 484 -6.44 50.73 -2.81
C ALA A 484 -6.13 50.21 -1.42
N ASP A 485 -5.96 51.13 -0.47
CA ASP A 485 -5.55 50.77 0.88
C ASP A 485 -6.73 50.46 1.78
N PHE A 486 -7.92 50.29 1.22
CA PHE A 486 -9.07 49.86 2.01
C PHE A 486 -9.53 48.46 1.65
N SER A 487 -8.92 47.82 0.66
CA SER A 487 -9.30 46.46 0.32
C SER A 487 -8.90 45.52 1.43
N SER A 488 -9.82 44.65 1.82
CA SER A 488 -9.48 43.62 2.79
C SER A 488 -8.46 42.67 2.21
N ARG A 489 -7.64 42.10 3.07
CA ARG A 489 -6.55 41.24 2.64
C ARG A 489 -6.65 39.90 3.35
N GLY A 490 -6.23 38.85 2.65
CA GLY A 490 -6.26 37.52 3.19
C GLY A 490 -5.10 37.30 4.12
N PRO A 491 -4.80 36.05 4.44
CA PRO A 491 -5.49 34.82 4.01
C PRO A 491 -6.76 34.57 4.79
N VAL A 492 -7.52 33.55 4.40
CA VAL A 492 -8.68 33.15 5.17
C VAL A 492 -8.25 32.30 6.35
N MET A 493 -8.91 32.51 7.49
CA MET A 493 -8.61 31.72 8.67
C MET A 493 -9.07 30.29 8.48
N ASP A 494 -8.34 29.35 9.07
CA ASP A 494 -8.72 27.94 9.16
C ASP A 494 -8.64 27.23 7.82
N THR A 495 -8.42 27.97 6.74
CA THR A 495 -8.12 27.38 5.44
C THR A 495 -6.90 27.96 4.79
N TRP A 496 -6.43 29.13 5.23
CA TRP A 496 -5.20 29.74 4.74
C TRP A 496 -5.26 29.97 3.24
N MET A 497 -6.45 30.13 2.71
CA MET A 497 -6.64 30.36 1.28
C MET A 497 -6.26 31.79 0.93
N ILE A 498 -5.70 31.95 -0.27
CA ILE A 498 -5.28 33.28 -0.72
C ILE A 498 -6.52 34.06 -1.15
N LYS A 499 -6.72 35.23 -0.55
CA LYS A 499 -7.78 36.12 -0.96
C LYS A 499 -7.26 37.55 -0.90
N PRO A 500 -7.75 38.43 -1.77
CA PRO A 500 -8.83 38.30 -2.76
C PRO A 500 -8.46 37.34 -3.86
N ASP A 501 -9.43 36.83 -4.61
CA ASP A 501 -9.07 35.99 -5.74
C ASP A 501 -8.55 36.82 -6.91
N VAL A 502 -9.22 37.92 -7.24
CA VAL A 502 -8.77 38.80 -8.30
C VAL A 502 -9.01 40.23 -7.84
N SER A 503 -8.30 41.18 -8.43
CA SER A 503 -8.55 42.59 -8.18
C SER A 503 -9.11 43.25 -9.44
N ALA A 504 -9.82 44.35 -9.25
CA ALA A 504 -10.47 45.06 -10.33
C ALA A 504 -10.58 46.53 -9.95
N PRO A 505 -10.78 47.41 -10.93
CA PRO A 505 -10.89 48.84 -10.62
C PRO A 505 -12.07 49.13 -9.69
N GLY A 506 -11.77 49.71 -8.54
CA GLY A 506 -12.81 49.97 -7.57
C GLY A 506 -12.67 51.28 -6.83
N VAL A 507 -11.94 52.24 -7.41
CA VAL A 507 -11.74 53.54 -6.80
C VAL A 507 -12.26 54.60 -7.76
N ASN A 508 -13.14 55.47 -7.26
CA ASN A 508 -13.71 56.56 -8.05
C ASN A 508 -14.42 56.03 -9.29
N ILE A 509 -15.45 55.23 -9.06
CA ILE A 509 -16.25 54.64 -10.12
C ILE A 509 -17.55 55.43 -10.21
N VAL A 510 -17.81 56.00 -11.38
CA VAL A 510 -19.05 56.73 -11.60
C VAL A 510 -20.05 55.81 -12.25
N SER A 511 -21.29 55.87 -11.78
CA SER A 511 -22.33 54.97 -12.27
C SER A 511 -23.68 55.52 -11.88
N THR A 512 -24.73 54.83 -12.33
CA THR A 512 -26.09 55.31 -12.16
C THR A 512 -26.50 55.25 -10.70
N ILE A 513 -27.12 56.32 -10.22
CA ILE A 513 -27.67 56.36 -8.86
C ILE A 513 -29.05 56.97 -8.89
N PRO A 514 -29.89 56.69 -7.91
CA PRO A 514 -31.08 57.51 -7.71
C PRO A 514 -30.73 58.73 -6.88
N THR A 515 -31.19 59.90 -7.33
CA THR A 515 -30.96 61.12 -6.58
C THR A 515 -31.91 61.28 -5.42
N HIS A 516 -32.94 60.43 -5.32
CA HIS A 516 -33.95 60.52 -4.28
C HIS A 516 -34.59 61.91 -4.26
N ASP A 517 -34.75 62.48 -5.45
CA ASP A 517 -35.35 63.78 -5.64
C ASP A 517 -36.51 63.64 -6.61
N PRO A 518 -37.75 63.93 -6.21
CA PRO A 518 -38.87 63.82 -7.15
C PRO A 518 -38.71 64.67 -8.39
N ALA A 519 -37.98 65.77 -8.32
CA ALA A 519 -37.79 66.62 -9.50
C ALA A 519 -37.03 65.89 -10.60
N ASP A 520 -35.96 65.18 -10.23
CA ASP A 520 -35.23 64.33 -11.17
C ASP A 520 -34.66 63.15 -10.40
N PRO A 521 -35.27 61.98 -10.51
CA PRO A 521 -34.92 60.88 -9.61
C PRO A 521 -33.66 60.12 -10.00
N TYR A 522 -33.17 60.30 -11.22
CA TYR A 522 -32.04 59.52 -11.73
C TYR A 522 -30.86 60.42 -12.03
N GLY A 523 -29.67 59.95 -11.69
CA GLY A 523 -28.47 60.70 -11.98
C GLY A 523 -27.26 59.80 -11.95
N TYR A 524 -26.09 60.41 -11.90
CA TYR A 524 -24.85 59.68 -11.84
C TYR A 524 -24.03 60.12 -10.64
N GLY A 525 -23.34 59.17 -10.04
CA GLY A 525 -22.56 59.47 -8.86
C GLY A 525 -21.32 58.61 -8.81
N SER A 526 -20.30 59.12 -8.13
CA SER A 526 -19.02 58.46 -8.02
C SER A 526 -18.89 57.87 -6.62
N LYS A 527 -18.74 56.55 -6.57
CA LYS A 527 -18.54 55.85 -5.32
C LYS A 527 -17.26 55.03 -5.40
N GLN A 528 -16.73 54.70 -4.23
CA GLN A 528 -15.48 53.98 -4.10
C GLN A 528 -15.64 52.89 -3.07
N GLY A 529 -14.96 51.77 -3.28
CA GLY A 529 -15.02 50.69 -2.33
C GLY A 529 -14.78 49.35 -3.01
N THR A 530 -14.36 48.39 -2.20
CA THR A 530 -14.20 47.03 -2.69
C THR A 530 -15.54 46.49 -3.17
N SER A 531 -16.64 46.98 -2.61
CA SER A 531 -17.96 46.56 -3.07
C SER A 531 -18.23 47.00 -4.49
N MET A 532 -17.45 47.93 -5.04
CA MET A 532 -17.62 48.33 -6.42
C MET A 532 -16.51 47.83 -7.33
N ALA A 533 -15.58 47.03 -6.82
CA ALA A 533 -14.71 46.29 -7.71
C ALA A 533 -15.35 45.00 -8.19
N SER A 534 -16.17 44.37 -7.35
CA SER A 534 -16.83 43.13 -7.76
C SER A 534 -17.74 43.28 -8.97
N PRO A 535 -18.51 44.36 -9.14
CA PRO A 535 -19.36 44.44 -10.34
C PRO A 535 -18.59 44.36 -11.64
N HIS A 536 -17.36 44.86 -11.69
CA HIS A 536 -16.57 44.70 -12.89
C HIS A 536 -16.33 43.22 -13.19
N VAL A 537 -16.01 42.44 -12.17
CA VAL A 537 -15.77 41.03 -12.40
C VAL A 537 -17.07 40.30 -12.71
N ALA A 538 -18.20 40.76 -12.15
CA ALA A 538 -19.47 40.16 -12.51
C ALA A 538 -19.81 40.40 -13.98
N GLY A 539 -19.59 41.63 -14.45
CA GLY A 539 -19.78 41.90 -15.86
C GLY A 539 -18.82 41.11 -16.73
N ALA A 540 -17.58 40.96 -16.29
CA ALA A 540 -16.61 40.16 -17.01
C ALA A 540 -17.07 38.71 -17.10
N ALA A 541 -17.58 38.17 -16.01
CA ALA A 541 -18.08 36.81 -16.01
C ALA A 541 -19.27 36.66 -16.95
N ALA A 542 -20.16 37.66 -16.98
CA ALA A 542 -21.27 37.61 -17.92
C ALA A 542 -20.77 37.60 -19.36
N VAL A 543 -19.80 38.46 -19.67
CA VAL A 543 -19.26 38.52 -21.03
C VAL A 543 -18.62 37.19 -21.40
N ILE A 544 -17.84 36.63 -20.49
CA ILE A 544 -17.17 35.36 -20.76
C ILE A 544 -18.19 34.25 -20.96
N LYS A 545 -19.22 34.21 -20.12
CA LYS A 545 -20.25 33.19 -20.25
C LYS A 545 -20.96 33.31 -21.59
N GLN A 546 -21.15 34.52 -22.09
CA GLN A 546 -21.65 34.65 -23.46
C GLN A 546 -20.64 34.10 -24.46
N ALA A 547 -19.35 34.38 -24.24
CA ALA A 547 -18.33 33.95 -25.20
C ALA A 547 -18.11 32.45 -25.12
N LYS A 548 -18.02 31.90 -23.91
CA LYS A 548 -17.79 30.48 -23.70
C LYS A 548 -19.00 29.89 -22.99
N PRO A 549 -20.02 29.44 -23.72
CA PRO A 549 -21.26 29.00 -23.07
C PRO A 549 -21.14 27.67 -22.35
N LYS A 550 -20.05 26.93 -22.55
CA LYS A 550 -19.90 25.61 -21.95
C LYS A 550 -19.08 25.60 -20.69
N TRP A 551 -18.52 26.74 -20.30
CA TRP A 551 -17.65 26.77 -19.12
C TRP A 551 -18.46 26.71 -17.84
N SER A 552 -17.97 25.93 -16.89
CA SER A 552 -18.57 25.81 -15.57
C SER A 552 -18.20 27.04 -14.75
N PRO A 553 -18.88 27.29 -13.63
CA PRO A 553 -18.46 28.43 -12.79
C PRO A 553 -17.03 28.36 -12.33
N GLU A 554 -16.52 27.17 -12.02
CA GLU A 554 -15.12 27.04 -11.64
C GLU A 554 -14.18 27.27 -12.80
N GLN A 555 -14.57 26.89 -14.01
CA GLN A 555 -13.77 27.19 -15.18
C GLN A 555 -13.68 28.67 -15.46
N ILE A 556 -14.78 29.41 -15.26
CA ILE A 556 -14.74 30.86 -15.42
C ILE A 556 -13.82 31.48 -14.37
N LYS A 557 -13.91 31.00 -13.13
CA LYS A 557 -13.03 31.53 -12.09
C LYS A 557 -11.58 31.26 -12.42
N ALA A 558 -11.27 30.06 -12.91
CA ALA A 558 -9.90 29.75 -13.29
C ALA A 558 -9.45 30.55 -14.50
N ALA A 559 -10.33 30.89 -15.42
CA ALA A 559 -9.95 31.68 -16.58
C ALA A 559 -9.71 33.15 -16.24
N LEU A 560 -10.55 33.73 -15.39
CA LEU A 560 -10.28 35.07 -14.91
C LEU A 560 -8.99 35.12 -14.12
N MET A 561 -8.77 34.12 -13.27
CA MET A 561 -7.63 34.16 -12.36
C MET A 561 -6.33 33.85 -13.07
N ASN A 562 -6.39 33.06 -14.14
CA ASN A 562 -5.19 32.68 -14.86
C ASN A 562 -4.60 33.83 -15.64
N THR A 563 -5.45 34.56 -16.37
CA THR A 563 -5.03 35.65 -17.24
C THR A 563 -5.28 36.95 -16.50
N ALA A 564 -4.35 37.31 -15.62
CA ALA A 564 -4.46 38.52 -14.82
C ALA A 564 -3.09 39.15 -14.69
N GLU A 565 -3.04 40.47 -14.78
CA GLU A 565 -1.77 41.20 -14.77
C GLU A 565 -1.35 41.49 -13.34
N THR A 566 -0.16 41.02 -12.97
CA THR A 566 0.39 41.33 -11.66
C THR A 566 0.63 42.83 -11.52
N LEU A 567 0.41 43.33 -10.31
CA LEU A 567 0.48 44.75 -10.03
C LEU A 567 1.70 45.03 -9.15
N THR A 568 2.48 46.03 -9.53
CA THR A 568 3.59 46.49 -8.71
C THR A 568 3.24 47.83 -8.07
N ASP A 569 3.75 48.03 -6.86
CA ASP A 569 3.45 49.25 -6.12
C ASP A 569 4.33 50.39 -6.65
N ALA A 570 4.34 51.51 -5.92
CA ALA A 570 5.06 52.70 -6.40
C ALA A 570 6.55 52.44 -6.48
N ASP A 571 7.14 51.82 -5.46
CA ASP A 571 8.59 51.62 -5.44
C ASP A 571 9.02 50.66 -6.53
N GLY A 572 8.20 49.65 -6.81
CA GLY A 572 8.53 48.70 -7.86
C GLY A 572 8.48 47.26 -7.37
N ASP A 573 7.88 47.03 -6.22
CA ASP A 573 7.75 45.71 -5.65
C ASP A 573 6.38 45.13 -5.97
N VAL A 574 6.34 43.86 -6.33
CA VAL A 574 5.07 43.20 -6.58
C VAL A 574 4.26 43.18 -5.30
N TYR A 575 2.98 43.54 -5.41
CA TYR A 575 2.11 43.49 -4.26
C TYR A 575 2.01 42.05 -3.74
N PRO A 576 1.92 41.87 -2.43
CA PRO A 576 1.81 40.51 -1.88
C PRO A 576 0.57 39.81 -2.42
N HIS A 577 0.62 38.48 -2.42
CA HIS A 577 -0.47 37.71 -2.98
C HIS A 577 -1.77 37.93 -2.23
N ASN A 578 -1.71 38.06 -0.90
CA ASN A 578 -2.92 38.41 -0.17
C ASN A 578 -3.10 39.91 -0.09
N ALA A 579 -2.84 40.57 -1.19
CA ALA A 579 -3.27 41.94 -1.43
C ALA A 579 -3.71 42.11 -2.86
N GLN A 580 -3.41 41.16 -3.72
CA GLN A 580 -3.60 41.20 -5.16
C GLN A 580 -4.41 40.03 -5.65
N GLY A 581 -4.18 38.85 -5.09
CA GLY A 581 -4.82 37.64 -5.52
C GLY A 581 -4.13 37.04 -6.71
N ALA A 582 -4.39 37.61 -7.88
CA ALA A 582 -3.68 37.20 -9.08
C ALA A 582 -3.44 38.39 -10.00
N GLY A 583 -3.87 39.58 -9.60
CA GLY A 583 -3.73 40.76 -10.42
C GLY A 583 -5.08 41.27 -10.88
N SER A 584 -5.04 42.25 -11.77
CA SER A 584 -6.24 42.83 -12.31
C SER A 584 -6.79 41.96 -13.44
N ILE A 585 -8.12 41.93 -13.56
CA ILE A 585 -8.73 41.15 -14.64
C ILE A 585 -8.31 41.71 -15.98
N ARG A 586 -8.31 40.84 -16.99
CA ARG A 586 -8.16 41.23 -18.38
C ARG A 586 -9.17 40.42 -19.17
N ILE A 587 -10.32 41.01 -19.47
CA ILE A 587 -11.41 40.28 -20.09
C ILE A 587 -10.99 39.71 -21.44
N MET A 588 -10.20 40.49 -22.20
CA MET A 588 -9.83 40.05 -23.53
C MET A 588 -8.95 38.82 -23.50
N LYS A 589 -7.99 38.78 -22.58
CA LYS A 589 -7.14 37.59 -22.45
C LYS A 589 -7.97 36.40 -21.98
N ALA A 590 -8.88 36.62 -21.04
CA ALA A 590 -9.69 35.53 -20.51
C ALA A 590 -10.59 34.94 -21.59
N ILE A 591 -11.17 35.80 -22.44
CA ILE A 591 -12.06 35.33 -23.49
C ILE A 591 -11.32 34.46 -24.50
N LYS A 592 -10.05 34.74 -24.75
CA LYS A 592 -9.25 34.01 -25.73
C LYS A 592 -8.24 33.20 -24.94
N ALA A 593 -8.69 32.04 -24.47
CA ALA A 593 -7.85 31.17 -23.65
C ALA A 593 -8.23 29.73 -23.94
N ASP A 594 -7.29 28.96 -24.44
CA ASP A 594 -7.52 27.58 -24.78
C ASP A 594 -6.92 26.62 -23.79
N SER A 595 -6.37 27.11 -22.69
CA SER A 595 -5.82 26.26 -21.65
C SER A 595 -6.23 26.84 -20.31
N LEU A 596 -6.75 25.98 -19.44
CA LEU A 596 -7.19 26.41 -18.12
C LEU A 596 -6.45 25.63 -17.05
N VAL A 597 -5.85 26.33 -16.10
CA VAL A 597 -5.15 25.71 -14.99
C VAL A 597 -5.99 25.91 -13.74
N ALA A 598 -6.34 24.81 -13.08
CA ALA A 598 -7.19 24.85 -11.91
C ALA A 598 -6.58 24.01 -10.79
N PRO A 599 -6.67 24.47 -9.54
CA PRO A 599 -7.29 25.72 -9.08
C PRO A 599 -6.42 26.91 -9.44
N GLY A 600 -7.01 28.09 -9.63
CA GLY A 600 -6.23 29.22 -10.04
C GLY A 600 -5.20 29.66 -9.02
N SER A 601 -5.43 29.34 -7.75
CA SER A 601 -4.47 29.61 -6.70
C SER A 601 -4.57 28.50 -5.66
N TYR A 602 -3.46 28.12 -5.08
CA TYR A 602 -3.44 27.04 -4.12
C TYR A 602 -2.68 27.47 -2.87
N SER A 603 -3.09 26.93 -1.74
CA SER A 603 -2.44 27.21 -0.47
C SER A 603 -2.06 25.89 0.20
N TYR A 604 -0.80 25.77 0.56
CA TYR A 604 -0.31 24.52 1.13
C TYR A 604 -0.61 24.38 2.61
N GLY A 605 -1.24 25.38 3.22
CA GLY A 605 -1.55 25.27 4.63
C GLY A 605 -0.37 25.67 5.51
N THR A 606 -0.26 24.98 6.64
CA THR A 606 0.75 25.31 7.63
C THR A 606 1.71 24.14 7.81
N PHE A 607 2.94 24.47 8.17
CA PHE A 607 3.99 23.49 8.46
C PHE A 607 4.37 23.66 9.92
N MET A 608 4.00 22.70 10.75
CA MET A 608 4.10 22.83 12.20
C MET A 608 5.24 22.03 12.81
N LYS A 609 5.97 21.25 12.00
CA LYS A 609 6.98 20.37 12.56
C LYS A 609 8.10 21.16 13.22
N ASP A 610 8.46 20.74 14.44
CA ASP A 610 9.54 21.42 15.17
C ASP A 610 10.90 21.08 14.60
N LYS A 611 11.11 19.83 14.20
CA LYS A 611 12.37 19.41 13.61
C LYS A 611 12.07 18.44 12.46
N GLY A 612 13.01 18.36 11.54
CA GLY A 612 12.85 17.50 10.37
C GLY A 612 12.37 18.27 9.17
N ASN A 613 12.05 17.51 8.13
CA ASN A 613 11.56 18.05 6.87
C ASN A 613 10.13 17.60 6.65
N GLU A 614 9.28 18.54 6.23
CA GLU A 614 7.89 18.23 5.96
C GLU A 614 7.60 18.51 4.50
N THR A 615 6.96 17.54 3.83
CA THR A 615 6.70 17.62 2.41
C THR A 615 5.20 17.59 2.18
N LYS A 616 4.72 18.51 1.35
CA LYS A 616 3.33 18.51 0.91
C LYS A 616 3.30 18.56 -0.59
N LYS A 617 2.18 18.13 -1.17
CA LYS A 617 2.08 18.15 -2.62
C LYS A 617 0.66 18.46 -3.03
N GLU A 618 0.53 19.05 -4.22
CA GLU A 618 -0.75 19.41 -4.79
C GLU A 618 -0.77 18.97 -6.25
N THR A 619 -1.96 18.70 -6.76
CA THR A 619 -2.15 18.29 -8.15
C THR A 619 -2.97 19.38 -8.84
N PHE A 620 -2.31 20.16 -9.68
CA PHE A 620 -3.00 21.11 -10.53
C PHE A 620 -3.43 20.41 -11.80
N THR A 621 -4.50 20.91 -12.39
CA THR A 621 -5.12 20.31 -13.55
C THR A 621 -5.11 21.30 -14.70
N ILE A 622 -4.56 20.88 -15.84
CA ILE A 622 -4.50 21.71 -17.04
C ILE A 622 -5.45 21.12 -18.06
N GLU A 623 -6.42 21.92 -18.49
CA GLU A 623 -7.37 21.53 -19.51
C GLU A 623 -6.94 22.16 -20.82
N ASN A 624 -6.76 21.33 -21.84
CA ASN A 624 -6.32 21.77 -23.16
C ASN A 624 -7.55 21.93 -24.03
N GLN A 625 -8.14 23.11 -24.01
CA GLN A 625 -9.38 23.36 -24.74
C GLN A 625 -9.18 23.43 -26.24
N SER A 626 -7.93 23.45 -26.72
CA SER A 626 -7.69 23.61 -28.14
C SER A 626 -7.84 22.28 -28.86
N SER A 627 -7.68 22.33 -30.19
CA SER A 627 -7.82 21.15 -31.05
C SER A 627 -6.50 20.51 -31.38
N ILE A 628 -5.42 20.90 -30.72
CA ILE A 628 -4.07 20.50 -31.06
C ILE A 628 -3.37 20.04 -29.79
N ARG A 629 -2.59 18.96 -29.90
CA ARG A 629 -1.86 18.46 -28.74
C ARG A 629 -0.76 19.43 -28.35
N LYS A 630 -0.70 19.78 -27.08
CA LYS A 630 0.21 20.81 -26.62
C LYS A 630 1.11 20.30 -25.53
N SER A 631 2.20 21.04 -25.30
CA SER A 631 3.18 20.72 -24.27
C SER A 631 3.29 21.91 -23.34
N TYR A 632 2.96 21.70 -22.07
CA TYR A 632 2.98 22.74 -21.06
C TYR A 632 4.21 22.58 -20.19
N GLN A 633 4.81 23.70 -19.82
CA GLN A 633 6.05 23.75 -19.08
C GLN A 633 5.84 24.47 -17.77
N LEU A 634 6.27 23.86 -16.68
CA LEU A 634 5.99 24.35 -15.34
C LEU A 634 7.26 24.90 -14.70
N GLU A 635 7.13 26.08 -14.10
CA GLU A 635 8.20 26.66 -13.30
C GLU A 635 7.67 26.97 -11.92
N TYR A 636 8.25 26.33 -10.91
CA TYR A 636 7.83 26.51 -9.53
C TYR A 636 8.84 27.38 -8.80
N SER A 637 8.35 28.35 -8.04
CA SER A 637 9.22 29.20 -7.25
C SER A 637 8.57 29.48 -5.92
N PHE A 638 9.42 29.70 -4.90
CA PHE A 638 8.97 30.15 -3.60
C PHE A 638 9.99 31.13 -3.03
N ASN A 639 9.50 32.16 -2.36
CA ASN A 639 10.38 33.08 -1.66
C ASN A 639 10.74 32.51 -0.30
N GLY A 640 11.88 32.95 0.22
CA GLY A 640 12.29 32.46 1.52
C GLY A 640 13.20 31.26 1.43
N THR A 641 14.08 31.15 2.42
CA THR A 641 15.08 30.10 2.45
C THR A 641 14.56 28.88 3.19
N GLY A 642 15.08 27.72 2.83
CA GLY A 642 14.66 26.47 3.43
C GLY A 642 13.45 25.84 2.80
N ILE A 643 12.91 26.43 1.74
CA ILE A 643 11.75 25.91 1.03
C ILE A 643 12.21 25.47 -0.34
N THR A 644 12.08 24.17 -0.64
CA THR A 644 12.48 23.63 -1.91
C THR A 644 11.25 23.14 -2.65
N VAL A 645 11.09 23.56 -3.89
CA VAL A 645 9.90 23.28 -4.67
C VAL A 645 10.29 22.49 -5.90
N SER A 646 9.50 21.49 -6.25
CA SER A 646 9.79 20.64 -7.38
C SER A 646 8.47 20.11 -7.93
N GLY A 647 8.55 19.20 -8.88
CA GLY A 647 7.37 18.57 -9.42
C GLY A 647 7.51 18.37 -10.90
N THR A 648 6.39 18.06 -11.54
CA THR A 648 6.37 17.81 -12.97
C THR A 648 6.79 19.03 -13.76
N ASP A 649 7.94 18.94 -14.41
CA ASP A 649 8.47 20.07 -15.18
C ASP A 649 7.91 20.20 -16.58
N ARG A 650 7.13 19.22 -17.05
CA ARG A 650 6.58 19.27 -18.39
C ARG A 650 5.50 18.23 -18.51
N VAL A 651 4.39 18.61 -19.14
CA VAL A 651 3.34 17.66 -19.48
C VAL A 651 2.99 17.83 -20.95
N VAL A 652 2.50 16.75 -21.55
CA VAL A 652 1.97 16.79 -22.90
C VAL A 652 0.52 16.36 -22.81
N ILE A 653 -0.38 17.22 -23.28
CA ILE A 653 -1.82 16.99 -23.17
C ILE A 653 -2.40 16.93 -24.58
N PRO A 654 -3.12 15.88 -24.92
CA PRO A 654 -3.76 15.82 -26.24
C PRO A 654 -4.87 16.82 -26.37
N ALA A 655 -5.46 16.92 -27.56
CA ALA A 655 -6.52 17.90 -27.79
C ALA A 655 -7.75 17.56 -26.97
N HIS A 656 -8.39 18.61 -26.44
CA HIS A 656 -9.65 18.46 -25.72
C HIS A 656 -9.54 17.45 -24.59
N GLN A 657 -8.44 17.52 -23.85
CA GLN A 657 -8.18 16.59 -22.78
C GLN A 657 -7.63 17.33 -21.58
N THR A 658 -7.14 16.57 -20.61
CA THR A 658 -6.77 17.09 -19.30
C THR A 658 -5.51 16.38 -18.80
N GLY A 659 -4.58 17.16 -18.26
CA GLY A 659 -3.38 16.63 -17.67
C GLY A 659 -3.23 17.10 -16.24
N LYS A 660 -2.42 16.37 -15.49
CA LYS A 660 -2.21 16.65 -14.08
C LYS A 660 -0.73 16.93 -13.84
N VAL A 661 -0.45 17.99 -13.09
CA VAL A 661 0.91 18.33 -12.70
C VAL A 661 0.99 18.26 -11.19
N ASN A 662 2.00 17.57 -10.68
CA ASN A 662 2.14 17.33 -9.25
C ASN A 662 3.21 18.27 -8.71
N ALA A 663 2.78 19.43 -8.24
CA ALA A 663 3.70 20.33 -7.56
C ALA A 663 3.97 19.80 -6.16
N LYS A 664 5.19 20.00 -5.69
CA LYS A 664 5.60 19.46 -4.41
C LYS A 664 6.47 20.48 -3.71
N VAL A 665 6.18 20.73 -2.44
CA VAL A 665 6.94 21.68 -1.64
C VAL A 665 7.51 20.95 -0.44
N LYS A 666 8.71 21.33 -0.02
CA LYS A 666 9.39 20.69 1.09
C LYS A 666 10.03 21.76 1.95
N VAL A 667 9.68 21.74 3.23
CA VAL A 667 10.12 22.76 4.18
C VAL A 667 11.06 22.10 5.18
N ASN A 668 12.25 22.67 5.33
CA ASN A 668 13.24 22.21 6.29
C ASN A 668 13.03 23.01 7.58
N ALA A 669 12.46 22.36 8.59
CA ALA A 669 12.10 23.06 9.82
C ALA A 669 13.31 23.66 10.51
N LYS A 670 14.52 23.15 10.25
CA LYS A 670 15.70 23.65 10.94
C LYS A 670 16.24 24.92 10.32
N LYS A 671 15.80 25.28 9.11
CA LYS A 671 16.36 26.43 8.41
C LYS A 671 15.36 27.53 8.12
N VAL A 672 14.07 27.30 8.31
CA VAL A 672 13.03 28.23 7.86
C VAL A 672 12.58 29.08 9.03
N LYS A 673 12.62 30.39 8.85
CA LYS A 673 12.02 31.30 9.82
C LYS A 673 10.50 31.26 9.70
N ALA A 674 9.83 31.33 10.84
CA ALA A 674 8.37 31.31 10.83
C ALA A 674 7.84 32.54 10.10
N GLY A 675 6.74 32.35 9.40
CA GLY A 675 6.13 33.43 8.65
C GLY A 675 5.34 32.88 7.49
N THR A 676 4.79 33.80 6.71
CA THR A 676 3.98 33.48 5.54
C THR A 676 4.81 33.71 4.29
N TYR A 677 4.96 32.67 3.48
CA TYR A 677 5.77 32.73 2.28
C TYR A 677 4.89 32.55 1.05
N GLU A 678 5.18 33.32 0.01
CA GLU A 678 4.39 33.32 -1.21
C GLU A 678 5.20 32.71 -2.34
N GLY A 679 4.61 31.74 -3.03
CA GLY A 679 5.24 31.13 -4.18
C GLY A 679 4.39 31.33 -5.42
N THR A 680 4.82 30.68 -6.49
CA THR A 680 4.14 30.81 -7.77
C THR A 680 4.45 29.60 -8.64
N VAL A 681 3.43 29.10 -9.31
CA VAL A 681 3.57 28.09 -10.36
C VAL A 681 3.22 28.76 -11.68
N THR A 682 4.18 28.81 -12.60
CA THR A 682 4.00 29.45 -13.88
C THR A 682 3.91 28.39 -14.96
N VAL A 683 2.87 28.46 -15.78
CA VAL A 683 2.63 27.50 -16.85
C VAL A 683 2.84 28.22 -18.17
N ARG A 684 3.75 27.69 -18.99
CA ARG A 684 4.02 28.24 -20.31
C ARG A 684 3.60 27.23 -21.36
N GLU A 685 3.14 27.74 -22.50
CA GLU A 685 2.76 26.88 -23.61
C GLU A 685 3.04 27.62 -24.91
N GLY A 686 3.99 27.11 -25.68
CA GLY A 686 4.29 27.65 -26.99
C GLY A 686 4.41 29.16 -27.03
N GLY A 687 5.39 29.70 -26.33
CA GLY A 687 5.54 31.14 -26.29
C GLY A 687 4.83 31.73 -25.09
N LYS A 688 3.60 32.17 -25.32
CA LYS A 688 2.82 32.87 -24.31
C LYS A 688 2.72 32.08 -23.01
N THR A 689 2.51 32.81 -21.93
CA THR A 689 2.26 32.24 -20.61
C THR A 689 0.76 32.03 -20.43
N VAL A 690 0.37 30.81 -20.07
CA VAL A 690 -1.06 30.53 -19.98
C VAL A 690 -1.61 30.70 -18.57
N ALA A 691 -0.77 30.70 -17.55
CA ALA A 691 -1.24 30.86 -16.18
C ALA A 691 -0.08 31.23 -15.30
N LYS A 692 -0.41 31.84 -14.16
CA LYS A 692 0.55 32.16 -13.10
C LYS A 692 -0.19 31.91 -11.79
N VAL A 693 -0.05 30.70 -11.26
CA VAL A 693 -0.85 30.26 -10.12
C VAL A 693 -0.19 30.76 -8.85
N PRO A 694 -0.83 31.61 -8.06
CA PRO A 694 -0.24 32.04 -6.79
C PRO A 694 -0.38 30.95 -5.75
N THR A 695 0.74 30.57 -5.15
CA THR A 695 0.75 29.60 -4.07
C THR A 695 1.20 30.27 -2.79
N LEU A 696 0.95 29.60 -1.68
CA LEU A 696 1.24 30.18 -0.37
C LEU A 696 1.35 29.07 0.66
N LEU A 697 2.31 29.22 1.58
CA LEU A 697 2.42 28.34 2.72
C LEU A 697 2.78 29.17 3.94
N ILE A 698 2.46 28.63 5.10
CA ILE A 698 2.69 29.30 6.38
C ILE A 698 3.53 28.36 7.23
N VAL A 699 4.53 28.92 7.91
CA VAL A 699 5.43 28.14 8.75
C VAL A 699 5.13 28.46 10.20
N LYS A 700 5.05 27.42 11.02
CA LYS A 700 4.68 27.51 12.44
C LYS A 700 3.27 28.10 12.49
N GLU A 701 2.96 28.91 13.49
CA GLU A 701 1.61 29.41 13.68
C GLU A 701 1.37 30.68 12.87
N PRO A 702 0.24 30.77 12.17
CA PRO A 702 -0.06 31.98 11.42
C PRO A 702 -0.21 33.18 12.34
N ASP A 703 0.10 34.36 11.81
CA ASP A 703 0.07 35.59 12.61
C ASP A 703 -1.28 36.30 12.45
N TYR A 704 -2.33 35.57 12.67
CA TYR A 704 -3.65 36.18 12.61
C TYR A 704 -3.92 36.96 13.88
N PRO A 705 -4.83 37.93 13.83
CA PRO A 705 -5.24 38.61 15.06
C PRO A 705 -5.87 37.61 16.03
N ARG A 706 -5.32 37.56 17.24
CA ARG A 706 -5.84 36.60 18.21
C ARG A 706 -7.24 36.95 18.66
N VAL A 707 -7.58 38.23 18.67
CA VAL A 707 -8.94 38.68 18.95
C VAL A 707 -9.32 39.68 17.89
N THR A 708 -10.54 39.55 17.35
CA THR A 708 -10.96 40.32 16.20
C THR A 708 -11.88 41.47 16.57
N SER A 709 -12.94 41.20 17.34
CA SER A 709 -13.90 42.23 17.67
C SER A 709 -14.34 42.06 19.11
N ILE A 710 -14.68 43.19 19.74
CA ILE A 710 -15.21 43.24 21.08
C ILE A 710 -16.27 44.33 21.15
N ASP A 711 -17.38 44.05 21.82
CA ASP A 711 -18.37 45.07 22.11
C ASP A 711 -18.97 44.83 23.48
N VAL A 712 -19.48 45.89 24.09
CA VAL A 712 -20.05 45.85 25.42
C VAL A 712 -21.47 46.38 25.35
N GLN A 713 -22.43 45.59 25.83
CA GLN A 713 -23.81 46.02 25.88
C GLN A 713 -24.32 45.88 27.30
N ASP A 714 -25.49 46.49 27.55
CA ASP A 714 -26.09 46.38 28.87
C ASP A 714 -26.63 44.98 29.08
N GLY A 715 -26.43 44.45 30.28
CA GLY A 715 -26.89 43.12 30.60
C GLY A 715 -28.37 43.06 30.89
N THR A 716 -28.86 41.83 31.04
CA THR A 716 -30.26 41.63 31.41
C THR A 716 -30.59 42.22 32.77
N THR A 717 -29.60 42.34 33.64
CA THR A 717 -29.77 42.94 34.96
C THR A 717 -29.21 44.35 34.93
N GLN A 718 -29.99 45.29 35.45
CA GLN A 718 -29.55 46.69 35.49
C GLN A 718 -28.27 46.82 36.29
N GLY A 719 -27.33 47.61 35.77
CA GLY A 719 -26.04 47.81 36.40
C GLY A 719 -24.96 46.85 35.96
N THR A 720 -25.30 45.79 35.24
CA THR A 720 -24.33 44.82 34.76
C THR A 720 -24.19 44.94 33.24
N TYR A 721 -23.18 44.27 32.71
CA TYR A 721 -22.83 44.40 31.32
C TYR A 721 -22.52 43.02 30.74
N GLN A 722 -22.65 42.92 29.42
CA GLN A 722 -22.25 41.74 28.68
C GLN A 722 -21.19 42.12 27.67
N ILE A 723 -20.09 41.38 27.67
CA ILE A 723 -18.98 41.60 26.76
C ILE A 723 -19.02 40.48 25.74
N GLU A 724 -19.14 40.83 24.47
CA GLU A 724 -19.14 39.85 23.39
C GLU A 724 -17.87 40.06 22.57
N THR A 725 -17.09 39.00 22.42
CA THR A 725 -15.83 39.07 21.70
C THR A 725 -15.74 37.90 20.73
N TYR A 726 -14.91 38.06 19.70
CA TYR A 726 -14.71 37.00 18.72
C TYR A 726 -13.25 36.59 18.72
N LEU A 727 -13.00 35.31 19.00
CA LEU A 727 -11.65 34.78 19.02
C LEU A 727 -11.48 33.83 17.85
N PRO A 728 -10.70 34.17 16.83
CA PRO A 728 -10.61 33.31 15.64
C PRO A 728 -10.13 31.92 15.93
N ALA A 729 -9.23 31.72 16.89
CA ALA A 729 -8.75 30.38 17.18
C ALA A 729 -8.65 30.14 18.68
N GLY A 730 -9.52 30.75 19.47
CA GLY A 730 -9.46 30.61 20.90
C GLY A 730 -8.40 31.51 21.49
N ALA A 731 -8.23 31.38 22.80
CA ALA A 731 -7.24 32.20 23.48
C ALA A 731 -6.73 31.45 24.70
N GLU A 732 -5.41 31.31 24.80
CA GLU A 732 -4.83 30.77 26.01
C GLU A 732 -5.09 31.70 27.18
N GLU A 733 -5.03 33.00 26.96
CA GLU A 733 -5.35 33.96 28.00
C GLU A 733 -6.10 35.13 27.39
N LEU A 734 -7.12 35.61 28.09
CA LEU A 734 -7.94 36.71 27.61
C LEU A 734 -8.16 37.69 28.74
N ALA A 735 -7.93 38.97 28.46
CA ALA A 735 -8.02 39.99 29.49
C ALA A 735 -8.83 41.17 28.97
N PHE A 736 -9.75 41.66 29.78
CA PHE A 736 -10.53 42.84 29.48
C PHE A 736 -10.08 43.94 30.42
N LEU A 737 -9.63 45.06 29.84
CA LEU A 737 -9.14 46.21 30.57
C LEU A 737 -10.01 47.42 30.26
N VAL A 738 -10.13 48.33 31.21
CA VAL A 738 -11.03 49.47 31.10
C VAL A 738 -10.24 50.76 31.06
N TYR A 739 -10.62 51.65 30.16
CA TYR A 739 -9.99 52.94 29.99
C TYR A 739 -11.04 54.04 30.10
N ASP A 740 -10.63 55.19 30.63
CA ASP A 740 -11.55 56.30 30.76
C ASP A 740 -11.74 56.99 29.41
N SER A 741 -12.52 58.06 29.40
CA SER A 741 -12.73 58.80 28.17
C SER A 741 -11.43 59.42 27.64
N ASN A 742 -10.46 59.67 28.52
CA ASN A 742 -9.16 60.19 28.11
C ASN A 742 -8.18 59.08 27.77
N LEU A 743 -8.66 57.84 27.64
CA LEU A 743 -7.81 56.69 27.32
C LEU A 743 -6.72 56.49 28.36
N ASP A 744 -7.07 56.69 29.63
CA ASP A 744 -6.18 56.42 30.73
C ASP A 744 -6.57 55.10 31.37
N PHE A 745 -5.58 54.25 31.62
CA PHE A 745 -5.86 52.91 32.12
C PHE A 745 -6.50 52.96 33.49
N VAL A 746 -7.80 52.69 33.56
CA VAL A 746 -8.49 52.70 34.85
C VAL A 746 -8.19 51.43 35.63
N GLY A 747 -8.29 50.28 34.98
CA GLY A 747 -8.01 49.03 35.67
C GLY A 747 -8.35 47.84 34.80
N GLN A 748 -8.52 46.69 35.45
CA GLN A 748 -8.63 45.40 34.80
C GLN A 748 -10.02 44.84 35.04
N ALA A 749 -10.83 44.78 33.99
CA ALA A 749 -12.20 44.28 34.11
C ALA A 749 -12.22 42.80 34.42
N GLY A 750 -11.57 41.99 33.61
CA GLY A 750 -11.68 40.54 33.77
C GLY A 750 -10.50 39.79 33.22
N ILE A 751 -10.28 38.59 33.76
CA ILE A 751 -9.25 37.67 33.31
C ILE A 751 -9.88 36.31 33.07
N TYR A 752 -9.49 35.65 31.99
CA TYR A 752 -10.02 34.35 31.65
C TYR A 752 -8.93 33.53 30.99
N LYS A 753 -9.04 32.21 31.11
CA LYS A 753 -8.06 31.30 30.56
C LYS A 753 -8.76 30.21 29.76
N LYS A 754 -8.06 29.70 28.74
CA LYS A 754 -8.48 28.54 27.98
C LYS A 754 -9.88 28.73 27.41
N GLN A 755 -9.99 29.73 26.54
CA GLN A 755 -11.27 30.06 25.92
C GLN A 755 -11.40 29.35 24.57
N ASP A 756 -12.61 28.90 24.29
CA ASP A 756 -12.90 28.22 23.03
C ASP A 756 -13.05 29.24 21.91
N LYS A 757 -12.75 28.80 20.69
CA LYS A 757 -12.78 29.71 19.56
C LYS A 757 -14.22 30.01 19.16
N GLY A 758 -14.39 31.13 18.45
CA GLY A 758 -15.70 31.56 18.03
C GLY A 758 -16.16 32.78 18.80
N TYR A 759 -17.46 32.92 18.99
CA TYR A 759 -18.02 34.01 19.77
C TYR A 759 -18.05 33.63 21.24
N GLN A 760 -17.52 34.50 22.08
CA GLN A 760 -17.49 34.30 23.52
C GLN A 760 -18.22 35.45 24.19
N TYR A 761 -19.00 35.11 25.22
CA TYR A 761 -19.76 36.09 25.98
C TYR A 761 -19.37 36.00 27.45
N PHE A 762 -19.16 37.16 28.06
CA PHE A 762 -18.75 37.22 29.45
C PHE A 762 -19.61 38.24 30.18
N ASP A 763 -20.12 37.86 31.35
CA ASP A 763 -20.86 38.80 32.17
C ASP A 763 -19.90 39.58 33.04
N TRP A 764 -20.06 40.90 33.08
CA TRP A 764 -19.19 41.77 33.84
C TRP A 764 -20.04 42.64 34.76
N ASN A 765 -19.72 42.62 36.04
CA ASN A 765 -20.51 43.32 37.03
C ASN A 765 -20.19 44.81 37.11
N GLY A 766 -19.41 45.34 36.17
CA GLY A 766 -19.10 46.76 36.17
C GLY A 766 -18.04 47.17 37.17
N LYS A 767 -17.40 46.23 37.84
CA LYS A 767 -16.44 46.54 38.89
C LYS A 767 -15.04 46.15 38.44
N VAL A 768 -14.07 46.96 38.81
CA VAL A 768 -12.72 46.93 38.23
C VAL A 768 -11.74 46.38 39.26
N ASN A 769 -10.78 45.59 38.76
CA ASN A 769 -9.71 45.02 39.59
C ASN A 769 -10.25 44.12 40.68
N GLY A 770 -11.56 43.84 40.65
CA GLY A 770 -12.17 43.13 41.74
C GLY A 770 -12.70 44.09 42.78
N ASP A 771 -14.00 44.12 42.97
CA ASP A 771 -14.71 44.80 44.06
C ASP A 771 -14.56 46.32 44.07
N THR A 772 -13.93 46.91 43.05
CA THR A 772 -13.81 48.36 42.95
C THR A 772 -14.78 48.85 41.89
N ALA A 773 -15.76 49.64 42.31
CA ALA A 773 -16.79 50.12 41.39
C ALA A 773 -16.31 51.34 40.63
N LEU A 774 -16.69 51.40 39.35
CA LEU A 774 -16.30 52.52 38.51
C LEU A 774 -17.12 53.76 38.84
N PRO A 775 -16.51 54.94 38.72
CA PRO A 775 -17.30 56.18 38.75
C PRO A 775 -18.08 56.33 37.45
N ALA A 776 -19.15 57.10 37.54
CA ALA A 776 -20.01 57.31 36.37
C ALA A 776 -19.27 58.09 35.29
N GLY A 777 -19.47 57.70 34.04
CA GLY A 777 -18.81 58.35 32.94
C GLY A 777 -18.84 57.47 31.70
N GLU A 778 -17.92 57.78 30.79
CA GLU A 778 -17.82 57.11 29.51
C GLU A 778 -16.49 56.35 29.46
N TYR A 779 -16.56 55.09 29.01
CA TYR A 779 -15.40 54.20 29.12
C TYR A 779 -15.21 53.41 27.83
N TYR A 780 -13.96 53.01 27.62
CA TYR A 780 -13.58 52.11 26.55
C TYR A 780 -13.09 50.82 27.16
N MET A 781 -13.18 49.73 26.41
CA MET A 781 -12.65 48.46 26.87
C MET A 781 -11.72 47.87 25.83
N LEU A 782 -10.59 47.35 26.31
CA LEU A 782 -9.58 46.73 25.47
C LEU A 782 -9.56 45.24 25.76
N ALA A 783 -9.65 44.44 24.71
CA ALA A 783 -9.53 43.00 24.82
C ALA A 783 -8.13 42.61 24.38
N TYR A 784 -7.42 41.90 25.24
CA TYR A 784 -6.06 41.42 24.97
C TYR A 784 -6.12 39.90 25.01
N ALA A 785 -5.89 39.27 23.86
CA ALA A 785 -5.93 37.83 23.76
C ALA A 785 -4.55 37.30 23.37
N ALA A 786 -4.07 36.31 24.10
CA ALA A 786 -2.80 35.68 23.83
C ALA A 786 -3.05 34.21 23.55
N ASN A 787 -2.51 33.73 22.43
CA ASN A 787 -2.72 32.36 21.98
C ASN A 787 -1.53 31.93 21.15
N LYS A 788 -1.04 30.72 21.42
CA LYS A 788 -0.04 30.04 20.59
C LYS A 788 1.15 30.94 20.28
N GLY A 789 1.62 31.66 21.29
CA GLY A 789 2.83 32.43 21.17
C GLY A 789 2.69 33.78 20.51
N LYS A 790 1.47 34.28 20.31
CA LYS A 790 1.31 35.64 19.84
C LYS A 790 0.09 36.25 20.53
N SER A 791 0.14 37.56 20.71
CA SER A 791 -0.93 38.26 21.40
C SER A 791 -1.42 39.40 20.53
N SER A 792 -2.70 39.69 20.64
CA SER A 792 -3.34 40.75 19.90
C SER A 792 -4.29 41.49 20.82
N GLN A 793 -4.67 42.69 20.42
CA GLN A 793 -5.57 43.49 21.22
C GLN A 793 -6.50 44.27 20.31
N VAL A 794 -7.67 44.59 20.84
CA VAL A 794 -8.66 45.35 20.08
C VAL A 794 -9.43 46.23 21.06
N LEU A 795 -9.68 47.47 20.65
CA LEU A 795 -10.33 48.45 21.49
C LEU A 795 -11.77 48.67 21.01
N THR A 796 -12.68 48.83 21.95
CA THR A 796 -14.09 49.07 21.63
C THR A 796 -14.24 50.51 21.16
N GLU A 797 -14.60 50.70 19.89
CA GLU A 797 -15.11 51.99 19.48
C GLU A 797 -16.53 52.16 20.03
N LYS A 798 -17.04 53.38 19.95
CA LYS A 798 -18.35 53.71 20.51
C LYS A 798 -18.36 53.40 22.00
N PRO A 799 -17.73 54.24 22.82
CA PRO A 799 -17.55 53.91 24.23
C PRO A 799 -18.87 53.66 24.95
N PHE A 800 -18.85 52.73 25.89
CA PHE A 800 -20.01 52.41 26.70
C PHE A 800 -20.05 53.30 27.94
N ILE A 801 -21.24 53.44 28.51
CA ILE A 801 -21.52 54.41 29.56
C ILE A 801 -21.79 53.68 30.87
N ILE A 802 -21.18 54.15 31.94
CA ILE A 802 -21.44 53.62 33.27
C ILE A 802 -22.55 54.42 33.94
N MET B 158 -32.39 25.46 46.48
CA MET B 158 -33.32 25.66 45.37
C MET B 158 -33.39 27.13 44.96
N ASP B 159 -32.82 28.00 45.78
CA ASP B 159 -32.75 29.41 45.48
C ASP B 159 -31.44 29.83 44.86
N ASP B 160 -30.46 28.92 44.75
CA ASP B 160 -29.19 29.21 44.13
C ASP B 160 -28.84 28.28 42.99
N SER B 161 -29.30 27.02 43.03
CA SER B 161 -29.01 26.08 41.96
C SER B 161 -29.84 26.37 40.71
N ALA B 162 -31.12 26.68 40.89
CA ALA B 162 -31.95 27.01 39.74
C ALA B 162 -31.46 28.24 38.97
N PRO B 163 -31.07 29.34 39.62
CA PRO B 163 -30.42 30.41 38.84
C PRO B 163 -29.17 29.94 38.12
N TYR B 164 -28.42 29.02 38.73
CA TYR B 164 -27.17 28.59 38.13
C TYR B 164 -27.40 27.80 36.85
N ILE B 165 -28.35 26.85 36.88
CA ILE B 165 -28.59 26.07 35.67
C ILE B 165 -29.34 26.87 34.62
N GLY B 166 -29.95 27.99 35.00
CA GLY B 166 -30.60 28.84 34.04
C GLY B 166 -32.11 28.76 34.08
N ALA B 167 -32.67 28.41 35.24
CA ALA B 167 -34.11 28.24 35.34
C ALA B 167 -34.84 29.57 35.25
N ASN B 168 -34.37 30.58 35.98
CA ASN B 168 -35.04 31.87 35.99
C ASN B 168 -35.05 32.49 34.62
N ASP B 169 -33.93 32.41 33.90
CA ASP B 169 -33.87 32.99 32.56
C ASP B 169 -34.90 32.33 31.65
N ALA B 170 -35.08 31.02 31.78
CA ALA B 170 -36.11 30.34 31.02
C ALA B 170 -37.50 30.80 31.45
N TRP B 171 -37.69 31.06 32.74
CA TRP B 171 -38.99 31.53 33.22
C TRP B 171 -39.35 32.86 32.59
N LYS B 172 -38.40 33.80 32.54
CA LYS B 172 -38.68 35.09 31.93
C LYS B 172 -38.95 34.99 30.44
N LEU B 173 -38.60 33.88 29.82
CA LEU B 173 -39.01 33.61 28.44
C LEU B 173 -40.37 32.94 28.37
N GLY B 174 -41.00 32.66 29.51
CA GLY B 174 -42.29 32.03 29.57
C GLY B 174 -42.25 30.53 29.72
N TYR B 175 -41.08 29.91 29.57
CA TYR B 175 -40.96 28.46 29.64
C TYR B 175 -40.83 28.06 31.10
N THR B 176 -41.92 27.58 31.68
CA THR B 176 -41.93 27.12 33.05
C THR B 176 -42.38 25.68 33.20
N GLY B 177 -42.57 24.95 32.11
CA GLY B 177 -43.01 23.59 32.17
C GLY B 177 -44.50 23.37 32.15
N LYS B 178 -45.28 24.40 31.83
CA LYS B 178 -46.73 24.28 31.84
C LYS B 178 -47.18 23.24 30.81
N GLY B 179 -48.08 22.35 31.25
CA GLY B 179 -48.61 21.31 30.42
C GLY B 179 -47.81 20.04 30.43
N VAL B 180 -46.57 20.10 30.88
CA VAL B 180 -45.72 18.92 30.96
C VAL B 180 -46.03 18.18 32.26
N LYS B 181 -46.03 16.85 32.19
CA LYS B 181 -46.41 16.01 33.31
C LYS B 181 -45.17 15.24 33.75
N VAL B 182 -44.81 15.38 35.02
CA VAL B 182 -43.61 14.76 35.58
C VAL B 182 -44.03 13.74 36.64
N ALA B 183 -43.49 12.54 36.51
CA ALA B 183 -43.73 11.46 37.47
C ALA B 183 -42.51 11.31 38.36
N ILE B 184 -42.76 11.09 39.64
CA ILE B 184 -41.71 11.00 40.65
C ILE B 184 -41.79 9.61 41.26
N ILE B 185 -40.97 8.68 40.80
CA ILE B 185 -40.99 7.33 41.35
C ILE B 185 -39.98 7.28 42.51
N ASP B 186 -40.49 7.53 43.71
CA ASP B 186 -39.69 7.57 44.93
C ASP B 186 -40.56 7.05 46.06
N THR B 187 -40.18 7.37 47.29
CA THR B 187 -40.89 6.92 48.48
C THR B 187 -42.24 7.55 48.66
N GLY B 188 -42.75 8.27 47.67
CA GLY B 188 -44.02 8.96 47.78
C GLY B 188 -43.82 10.45 48.03
N VAL B 189 -44.88 11.19 47.77
CA VAL B 189 -44.86 12.65 47.85
C VAL B 189 -45.96 13.12 48.77
N GLU B 190 -45.63 14.03 49.68
CA GLU B 190 -46.62 14.69 50.51
C GLU B 190 -47.29 15.76 49.67
N TYR B 191 -48.38 15.38 48.99
CA TYR B 191 -49.07 16.31 48.10
C TYR B 191 -50.02 17.23 48.84
N LYS B 192 -49.57 17.80 49.95
CA LYS B 192 -50.34 18.79 50.68
C LYS B 192 -49.46 19.92 51.14
N HIS B 193 -48.17 19.85 50.88
CA HIS B 193 -47.28 20.96 51.12
C HIS B 193 -47.78 22.15 50.33
N PRO B 194 -47.91 23.33 50.94
CA PRO B 194 -48.46 24.48 50.20
C PRO B 194 -47.68 24.80 48.94
N ASP B 195 -46.40 24.48 48.88
CA ASP B 195 -45.61 24.70 47.69
C ASP B 195 -45.88 23.67 46.60
N LEU B 196 -46.47 22.52 46.95
CA LEU B 196 -46.75 21.47 46.00
C LEU B 196 -48.23 21.28 45.74
N LYS B 197 -49.10 22.00 46.46
CA LYS B 197 -50.53 21.70 46.41
C LYS B 197 -51.10 21.92 45.01
N LYS B 198 -50.75 23.03 44.37
CA LYS B 198 -51.37 23.38 43.10
C LYS B 198 -50.72 22.72 41.90
N ASN B 199 -49.55 22.10 42.09
CA ASN B 199 -48.92 21.38 40.99
C ASN B 199 -49.45 19.97 40.82
N PHE B 200 -50.17 19.46 41.80
CA PHE B 200 -50.77 18.14 41.69
C PHE B 200 -52.17 18.25 41.12
N GLY B 201 -52.48 17.41 40.14
CA GLY B 201 -53.80 17.41 39.55
C GLY B 201 -54.80 16.71 40.44
N GLN B 202 -55.92 16.28 39.86
CA GLN B 202 -56.92 15.57 40.65
C GLN B 202 -56.38 14.21 41.06
N TYR B 203 -55.90 13.44 40.09
CA TYR B 203 -55.32 12.13 40.35
C TYR B 203 -53.85 12.30 40.72
N LYS B 204 -53.51 11.96 41.95
CA LYS B 204 -52.17 12.24 42.47
C LYS B 204 -51.15 11.18 42.10
N GLY B 205 -51.57 9.96 41.90
CA GLY B 205 -50.65 8.89 41.56
C GLY B 205 -51.10 7.59 42.18
N TYR B 206 -50.13 6.72 42.42
CA TYR B 206 -50.41 5.39 42.94
C TYR B 206 -49.38 5.01 43.99
N ASP B 207 -49.78 4.09 44.86
CA ASP B 207 -48.97 3.66 45.99
C ASP B 207 -48.80 2.15 45.88
N PHE B 208 -47.69 1.71 45.30
CA PHE B 208 -47.49 0.30 45.02
C PHE B 208 -47.14 -0.51 46.25
N VAL B 209 -46.51 0.09 47.26
CA VAL B 209 -46.19 -0.66 48.47
C VAL B 209 -47.41 -0.86 49.36
N ASP B 210 -48.51 -0.18 49.07
CA ASP B 210 -49.74 -0.32 49.83
C ASP B 210 -50.96 -0.60 48.97
N ASN B 211 -50.86 -0.42 47.66
CA ASN B 211 -51.96 -0.71 46.73
C ASN B 211 -53.19 0.14 47.03
N ASP B 212 -52.97 1.45 47.16
CA ASP B 212 -54.05 2.40 47.27
C ASP B 212 -53.67 3.64 46.48
N TYR B 213 -54.65 4.53 46.29
CA TYR B 213 -54.45 5.73 45.49
C TYR B 213 -54.02 6.92 46.33
N ASP B 214 -53.33 6.67 47.44
CA ASP B 214 -52.85 7.71 48.34
C ASP B 214 -51.34 7.56 48.47
N PRO B 215 -50.57 8.20 47.58
CA PRO B 215 -49.11 8.08 47.60
C PRO B 215 -48.44 8.98 48.63
N GLU B 216 -48.98 8.99 49.84
CA GLU B 216 -48.38 9.75 50.92
C GLU B 216 -47.08 9.10 51.37
N GLU B 217 -46.20 9.91 51.94
CA GLU B 217 -44.96 9.38 52.46
C GLU B 217 -45.22 8.47 53.66
N THR B 218 -44.21 7.72 54.03
CA THR B 218 -44.33 6.82 55.16
C THR B 218 -44.49 7.62 56.44
N PRO B 219 -45.54 7.42 57.22
CA PRO B 219 -45.72 8.21 58.44
C PRO B 219 -44.71 7.83 59.50
N SER B 220 -44.61 8.63 60.55
CA SER B 220 -43.77 8.29 61.69
C SER B 220 -44.42 7.19 62.50
N GLY B 221 -43.61 6.26 62.99
CA GLY B 221 -44.12 5.15 63.76
C GLY B 221 -44.78 4.09 62.90
N ASP B 222 -44.02 3.55 61.95
CA ASP B 222 -44.49 2.48 61.08
C ASP B 222 -43.74 1.21 61.45
N PRO B 223 -44.44 0.11 61.76
CA PRO B 223 -43.73 -1.13 62.13
C PRO B 223 -42.75 -1.62 61.07
N ARG B 224 -43.05 -1.42 59.79
CA ARG B 224 -42.22 -1.99 58.74
C ARG B 224 -40.94 -1.20 58.49
N GLY B 225 -40.84 0.02 58.99
CA GLY B 225 -39.65 0.82 58.75
C GLY B 225 -39.68 2.19 59.37
N ALA B 226 -39.01 3.15 58.73
CA ALA B 226 -38.90 4.50 59.25
C ALA B 226 -39.57 5.48 58.28
N SER B 227 -39.96 6.64 58.82
CA SER B 227 -40.60 7.65 58.01
C SER B 227 -39.64 8.17 56.94
N THR B 228 -40.20 8.59 55.82
CA THR B 228 -39.42 9.01 54.66
C THR B 228 -39.80 10.42 54.25
N ASP B 229 -38.83 11.13 53.66
CA ASP B 229 -39.07 12.46 53.12
C ASP B 229 -38.35 12.67 51.80
N HIS B 230 -37.81 11.62 51.19
CA HIS B 230 -37.04 11.78 49.97
C HIS B 230 -37.91 12.24 48.81
N GLY B 231 -39.07 11.63 48.64
CA GLY B 231 -39.90 11.93 47.49
C GLY B 231 -40.43 13.35 47.49
N THR B 232 -40.83 13.85 48.66
CA THR B 232 -41.31 15.22 48.74
C THR B 232 -40.20 16.20 48.42
N HIS B 233 -38.99 15.93 48.88
CA HIS B 233 -37.86 16.80 48.57
C HIS B 233 -37.60 16.80 47.08
N VAL B 234 -37.64 15.63 46.45
CA VAL B 234 -37.41 15.54 45.01
C VAL B 234 -38.48 16.31 44.26
N ALA B 235 -39.75 16.13 44.64
CA ALA B 235 -40.84 16.82 43.97
C ALA B 235 -40.74 18.33 44.14
N GLY B 236 -40.35 18.81 45.32
CA GLY B 236 -40.13 20.23 45.49
C GLY B 236 -39.01 20.75 44.63
N THR B 237 -37.94 19.96 44.48
CA THR B 237 -36.86 20.38 43.60
C THR B 237 -37.33 20.49 42.16
N VAL B 238 -38.15 19.53 41.71
CA VAL B 238 -38.60 19.54 40.32
C VAL B 238 -39.53 20.72 40.08
N ALA B 239 -40.66 20.76 40.77
CA ALA B 239 -41.70 21.75 40.48
C ALA B 239 -42.39 22.11 41.79
N ALA B 240 -41.91 23.16 42.43
CA ALA B 240 -42.54 23.71 43.62
C ALA B 240 -42.81 25.18 43.36
N ASN B 241 -44.05 25.60 43.56
CA ASN B 241 -44.46 26.98 43.35
C ASN B 241 -44.83 27.59 44.69
N GLY B 242 -44.15 28.67 45.05
CA GLY B 242 -44.43 29.33 46.31
C GLY B 242 -43.19 29.94 46.93
N THR B 243 -42.96 29.64 48.21
CA THR B 243 -41.77 30.16 48.87
C THR B 243 -40.50 29.67 48.20
N ILE B 244 -40.45 28.39 47.87
CA ILE B 244 -39.37 27.81 47.10
C ILE B 244 -39.87 27.55 45.69
N LYS B 245 -39.09 27.93 44.69
CA LYS B 245 -39.47 27.76 43.29
C LYS B 245 -38.63 26.64 42.69
N GLY B 246 -39.29 25.58 42.22
CA GLY B 246 -38.60 24.49 41.59
C GLY B 246 -38.12 24.88 40.21
N VAL B 247 -37.45 23.93 39.56
CA VAL B 247 -36.86 24.21 38.25
C VAL B 247 -37.95 24.52 37.23
N ALA B 248 -39.08 23.80 37.31
CA ALA B 248 -40.18 23.97 36.36
C ALA B 248 -41.46 24.18 37.15
N PRO B 249 -41.64 25.34 37.74
CA PRO B 249 -42.73 25.51 38.72
C PRO B 249 -44.08 25.70 38.05
N ASP B 250 -44.37 24.91 37.02
CA ASP B 250 -45.71 24.90 36.44
C ASP B 250 -46.09 23.51 35.96
N ALA B 251 -45.25 22.51 36.16
CA ALA B 251 -45.49 21.18 35.64
C ALA B 251 -46.42 20.41 36.57
N THR B 252 -47.29 19.60 35.98
CA THR B 252 -48.11 18.70 36.74
C THR B 252 -47.26 17.57 37.29
N LEU B 253 -47.63 17.08 38.47
CA LEU B 253 -46.84 16.07 39.16
C LEU B 253 -47.69 14.83 39.39
N LEU B 254 -47.03 13.67 39.33
CA LEU B 254 -47.63 12.40 39.70
C LEU B 254 -46.70 11.70 40.66
N ALA B 255 -47.24 11.17 41.75
CA ALA B 255 -46.45 10.47 42.74
C ALA B 255 -46.68 8.98 42.67
N TYR B 256 -45.60 8.21 42.73
CA TYR B 256 -45.67 6.77 42.66
C TYR B 256 -44.83 6.21 43.79
N ARG B 257 -45.50 5.78 44.86
CA ARG B 257 -44.80 5.24 46.02
C ARG B 257 -44.41 3.80 45.73
N VAL B 258 -43.16 3.60 45.33
CA VAL B 258 -42.65 2.25 45.10
C VAL B 258 -41.65 1.81 46.15
N LEU B 259 -41.04 2.74 46.88
CA LEU B 259 -40.10 2.41 47.94
C LEU B 259 -40.85 2.45 49.26
N GLY B 260 -40.86 1.34 49.98
CA GLY B 260 -41.60 1.23 51.20
C GLY B 260 -40.92 1.97 52.33
N PRO B 261 -41.40 1.73 53.55
CA PRO B 261 -40.76 2.36 54.72
C PRO B 261 -39.30 1.95 54.81
N GLY B 262 -38.46 2.91 55.18
CA GLY B 262 -37.03 2.71 55.25
C GLY B 262 -36.30 3.02 53.96
N GLY B 263 -37.02 3.27 52.88
CA GLY B 263 -36.42 3.58 51.60
C GLY B 263 -36.06 2.40 50.74
N SER B 264 -36.52 1.19 51.10
CA SER B 264 -36.20 -0.01 50.35
C SER B 264 -37.43 -0.48 49.59
N GLY B 265 -37.23 -0.90 48.34
CA GLY B 265 -38.33 -1.35 47.52
C GLY B 265 -37.95 -2.45 46.56
N THR B 266 -38.89 -3.36 46.29
CA THR B 266 -38.62 -4.46 45.38
C THR B 266 -38.46 -3.95 43.96
N THR B 267 -37.67 -4.68 43.17
CA THR B 267 -37.48 -4.32 41.77
C THR B 267 -38.80 -4.38 41.00
N GLU B 268 -39.65 -5.36 41.31
CA GLU B 268 -40.93 -5.46 40.64
C GLU B 268 -41.80 -4.24 40.88
N ASN B 269 -41.78 -3.68 42.09
CA ASN B 269 -42.51 -2.45 42.35
C ASN B 269 -41.99 -1.28 41.53
N VAL B 270 -40.67 -1.18 41.37
CA VAL B 270 -40.12 -0.09 40.56
C VAL B 270 -40.51 -0.25 39.10
N ILE B 271 -40.48 -1.48 38.58
CA ILE B 271 -40.91 -1.71 37.21
C ILE B 271 -42.38 -1.36 37.04
N ALA B 272 -43.21 -1.75 38.01
CA ALA B 272 -44.62 -1.42 37.96
C ALA B 272 -44.83 0.08 38.00
N GLY B 273 -44.04 0.80 38.81
CA GLY B 273 -44.14 2.24 38.88
C GLY B 273 -43.78 2.89 37.56
N ILE B 274 -42.71 2.41 36.92
CA ILE B 274 -42.31 2.96 35.64
C ILE B 274 -43.40 2.74 34.60
N GLU B 275 -43.92 1.51 34.52
CA GLU B 275 -44.96 1.22 33.55
C GLU B 275 -46.24 2.00 33.80
N ARG B 276 -46.63 2.16 35.07
CA ARG B 276 -47.82 2.94 35.38
C ARG B 276 -47.61 4.41 35.10
N ALA B 277 -46.40 4.93 35.29
CA ALA B 277 -46.12 6.30 34.91
C ALA B 277 -46.20 6.49 33.41
N VAL B 278 -45.78 5.49 32.63
CA VAL B 278 -45.97 5.56 31.18
C VAL B 278 -47.46 5.52 30.84
N GLN B 279 -48.23 4.70 31.56
CA GLN B 279 -49.68 4.68 31.36
C GLN B 279 -50.29 6.05 31.55
N ASP B 280 -49.96 6.71 32.67
CA ASP B 280 -50.63 7.93 33.06
C ASP B 280 -50.23 9.12 32.23
N GLY B 281 -49.52 8.93 31.13
CA GLY B 281 -49.19 10.02 30.24
C GLY B 281 -48.09 10.93 30.71
N ALA B 282 -47.29 10.50 31.69
CA ALA B 282 -46.19 11.33 32.14
C ALA B 282 -45.22 11.58 31.01
N ASP B 283 -44.84 12.84 30.83
CA ASP B 283 -43.87 13.19 29.79
C ASP B 283 -42.44 13.09 30.29
N VAL B 284 -42.21 13.37 31.57
CA VAL B 284 -40.88 13.26 32.16
C VAL B 284 -40.98 12.35 33.36
N MET B 285 -39.96 11.54 33.57
CA MET B 285 -39.94 10.55 34.62
C MET B 285 -38.69 10.75 35.45
N ASN B 286 -38.81 10.64 36.78
CA ASN B 286 -37.69 10.87 37.67
C ASN B 286 -37.50 9.67 38.58
N LEU B 287 -36.30 9.09 38.53
CA LEU B 287 -35.92 7.97 39.38
C LEU B 287 -34.69 8.36 40.20
N SER B 288 -34.92 8.68 41.48
CA SER B 288 -33.85 8.96 42.42
C SER B 288 -33.56 7.75 43.30
N LEU B 289 -33.87 6.56 42.83
CA LEU B 289 -33.56 5.32 43.51
C LEU B 289 -32.44 4.60 42.77
N GLY B 290 -32.08 3.43 43.25
CA GLY B 290 -31.11 2.62 42.56
C GLY B 290 -30.24 1.78 43.47
N ASN B 291 -29.90 0.58 43.02
CA ASN B 291 -28.99 -0.27 43.75
C ASN B 291 -27.56 0.00 43.24
N SER B 292 -26.61 -0.85 43.59
CA SER B 292 -25.21 -0.61 43.24
C SER B 292 -24.66 -1.77 42.43
N VAL B 293 -25.41 -2.24 41.45
CA VAL B 293 -24.94 -3.27 40.54
C VAL B 293 -24.68 -2.63 39.19
N ASN B 294 -23.41 -2.63 38.77
CA ASN B 294 -23.01 -2.05 37.50
C ASN B 294 -23.34 -3.02 36.38
N ASN B 295 -24.63 -3.13 36.09
CA ASN B 295 -25.12 -4.01 35.04
C ASN B 295 -26.06 -3.22 34.16
N PRO B 296 -25.76 -3.05 32.86
CA PRO B 296 -26.67 -2.29 32.00
C PRO B 296 -27.96 -3.02 31.69
N ASP B 297 -28.04 -4.31 31.97
CA ASP B 297 -29.22 -5.11 31.68
C ASP B 297 -29.92 -5.57 32.95
N TRP B 298 -29.94 -4.69 33.95
CA TRP B 298 -30.80 -4.95 35.09
C TRP B 298 -32.25 -4.73 34.70
N ALA B 299 -33.15 -5.27 35.51
CA ALA B 299 -34.57 -5.16 35.18
C ALA B 299 -35.02 -3.71 35.15
N THR B 300 -34.58 -2.91 36.11
CA THR B 300 -34.94 -1.51 36.15
C THR B 300 -34.36 -0.73 34.98
N SER B 301 -33.20 -1.13 34.46
CA SER B 301 -32.64 -0.50 33.28
C SER B 301 -33.36 -0.89 32.01
N THR B 302 -33.77 -2.15 31.90
CA THR B 302 -34.59 -2.56 30.75
C THR B 302 -35.92 -1.83 30.76
N ALA B 303 -36.55 -1.70 31.93
CA ALA B 303 -37.79 -0.95 32.02
C ALA B 303 -37.59 0.51 31.65
N LEU B 304 -36.46 1.10 32.01
CA LEU B 304 -36.19 2.48 31.67
C LEU B 304 -35.89 2.66 30.18
N ASP B 305 -35.32 1.65 29.53
CA ASP B 305 -35.16 1.68 28.09
C ASP B 305 -36.45 1.39 27.35
N TRP B 306 -37.43 0.75 28.00
CA TRP B 306 -38.73 0.59 27.37
C TRP B 306 -39.42 1.94 27.23
N ALA B 307 -39.47 2.71 28.32
CA ALA B 307 -39.70 4.14 28.19
C ALA B 307 -38.49 4.75 27.48
N MET B 308 -38.60 6.03 27.15
CA MET B 308 -37.63 6.70 26.28
C MET B 308 -37.77 6.15 24.87
N SER B 309 -38.59 5.11 24.72
CA SER B 309 -39.08 4.66 23.43
C SER B 309 -40.58 4.75 23.32
N GLU B 310 -41.30 4.75 24.44
CA GLU B 310 -42.71 5.16 24.45
C GLU B 310 -42.82 6.64 24.77
N GLY B 311 -41.99 7.44 24.10
CA GLY B 311 -42.06 8.89 24.18
C GLY B 311 -41.98 9.50 25.55
N VAL B 312 -41.30 8.88 26.50
CA VAL B 312 -41.21 9.40 27.87
C VAL B 312 -39.76 9.57 28.24
N THR B 313 -39.35 10.81 28.45
CA THR B 313 -37.99 11.08 28.91
C THR B 313 -37.79 10.53 30.32
N ALA B 314 -36.65 9.89 30.55
CA ALA B 314 -36.36 9.24 31.82
C ALA B 314 -35.06 9.77 32.39
N VAL B 315 -35.14 10.44 33.52
CA VAL B 315 -33.98 10.99 34.20
C VAL B 315 -33.77 10.23 35.49
N THR B 316 -32.55 9.77 35.72
CA THR B 316 -32.25 8.94 36.87
C THR B 316 -30.94 9.40 37.51
N SER B 317 -30.83 9.13 38.80
CA SER B 317 -29.59 9.43 39.49
C SER B 317 -28.51 8.43 39.11
N ASN B 318 -27.26 8.89 39.16
CA ASN B 318 -26.13 8.02 38.89
C ASN B 318 -25.82 7.07 40.04
N GLY B 319 -26.21 7.43 41.26
CA GLY B 319 -25.88 6.66 42.43
C GLY B 319 -24.92 7.40 43.35
N ASN B 320 -24.82 6.89 44.58
CA ASN B 320 -24.06 7.54 45.63
C ASN B 320 -22.92 6.61 46.04
N SER B 321 -21.80 6.70 45.33
CA SER B 321 -20.62 5.93 45.67
C SER B 321 -19.41 6.82 45.52
N GLY B 322 -18.41 6.58 46.38
CA GLY B 322 -17.26 7.45 46.47
C GLY B 322 -16.52 7.58 45.16
N PRO B 323 -15.47 8.38 45.15
CA PRO B 323 -14.78 8.63 43.87
C PRO B 323 -14.06 7.38 43.43
N ASN B 324 -14.66 6.69 42.47
CA ASN B 324 -14.17 5.39 42.04
C ASN B 324 -14.86 5.00 40.75
N ASN B 325 -14.11 4.62 39.74
CA ASN B 325 -14.72 4.23 38.48
C ASN B 325 -15.48 2.92 38.65
N TRP B 326 -16.42 2.69 37.73
CA TRP B 326 -17.19 1.46 37.68
C TRP B 326 -18.11 1.29 38.88
N THR B 327 -18.63 2.38 39.43
CA THR B 327 -19.51 2.30 40.60
C THR B 327 -20.91 2.84 40.30
N VAL B 328 -21.29 2.96 39.03
CA VAL B 328 -22.58 3.52 38.69
C VAL B 328 -23.67 2.50 38.99
N GLY B 329 -24.82 2.99 39.46
CA GLY B 329 -25.89 2.12 39.92
C GLY B 329 -26.67 1.46 38.81
N SER B 330 -27.67 0.67 39.20
CA SER B 330 -28.34 -0.19 38.24
C SER B 330 -29.26 0.58 37.29
N PRO B 331 -30.26 1.32 37.77
CA PRO B 331 -31.10 2.07 36.82
C PRO B 331 -30.33 3.13 36.08
N GLY B 332 -29.23 3.61 36.65
CA GLY B 332 -28.43 4.64 36.00
C GLY B 332 -27.42 4.07 35.04
N THR B 333 -27.51 2.78 34.74
CA THR B 333 -26.68 2.15 33.72
C THR B 333 -27.45 1.92 32.44
N SER B 334 -28.70 2.35 32.37
CA SER B 334 -29.52 2.11 31.19
C SER B 334 -28.93 2.83 29.98
N ARG B 335 -29.08 2.20 28.82
CA ARG B 335 -28.49 2.75 27.60
C ARG B 335 -29.18 4.02 27.17
N GLU B 336 -30.49 4.13 27.37
CA GLU B 336 -31.26 5.30 26.93
C GLU B 336 -31.96 5.89 28.14
N ALA B 337 -31.24 6.74 28.88
CA ALA B 337 -31.81 7.48 29.98
C ALA B 337 -30.76 8.48 30.45
N ILE B 338 -31.22 9.67 30.85
CA ILE B 338 -30.29 10.70 31.28
C ILE B 338 -29.90 10.40 32.72
N SER B 339 -28.65 9.96 32.92
CA SER B 339 -28.12 9.74 34.26
C SER B 339 -27.39 10.98 34.72
N VAL B 340 -27.64 11.40 35.95
CA VAL B 340 -27.17 12.68 36.45
C VAL B 340 -26.22 12.45 37.61
N GLY B 341 -25.07 13.12 37.56
CA GLY B 341 -24.16 13.20 38.67
C GLY B 341 -24.35 14.50 39.43
N ALA B 342 -23.71 14.57 40.60
CA ALA B 342 -23.90 15.67 41.53
C ALA B 342 -22.69 16.60 41.52
N THR B 343 -22.95 17.90 41.58
CA THR B 343 -21.91 18.91 41.61
C THR B 343 -22.11 19.84 42.80
N GLN B 344 -21.02 20.48 43.20
CA GLN B 344 -21.06 21.51 44.23
C GLN B 344 -21.05 22.87 43.56
N LEU B 345 -21.94 23.75 44.01
CA LEU B 345 -22.00 25.09 43.44
C LEU B 345 -20.73 25.86 43.80
N PRO B 346 -20.35 26.84 42.98
CA PRO B 346 -19.13 27.59 43.26
C PRO B 346 -19.21 28.29 44.62
N LEU B 347 -18.31 27.91 45.52
CA LEU B 347 -18.27 28.46 46.86
C LEU B 347 -16.93 29.14 47.11
N ASN B 348 -16.95 30.12 48.00
CA ASN B 348 -15.77 30.92 48.29
C ASN B 348 -14.97 30.33 49.44
N LYS B 477 -9.69 31.36 48.60
CA LYS B 477 -9.63 30.80 47.26
C LYS B 477 -11.00 30.33 46.79
N SER B 478 -11.69 31.21 46.07
CA SER B 478 -12.99 30.86 45.50
C SER B 478 -12.85 29.77 44.45
N LEU B 479 -13.70 28.76 44.53
CA LEU B 479 -13.68 27.64 43.61
C LEU B 479 -14.84 27.74 42.63
N THR B 480 -14.63 27.16 41.45
CA THR B 480 -15.70 27.04 40.47
C THR B 480 -16.54 25.81 40.80
N GLU B 481 -17.41 25.41 39.89
CA GLU B 481 -18.22 24.22 40.12
C GLU B 481 -17.34 22.99 40.19
N GLN B 482 -17.71 22.08 41.08
CA GLN B 482 -16.89 20.90 41.33
C GLN B 482 -17.79 19.71 41.56
N MET B 483 -17.39 18.55 41.05
CA MET B 483 -18.19 17.37 41.28
C MET B 483 -18.02 16.89 42.71
N ALA B 484 -19.14 16.51 43.33
CA ALA B 484 -19.09 15.94 44.65
C ALA B 484 -18.39 14.58 44.62
N ASP B 485 -17.79 14.21 45.74
CA ASP B 485 -16.99 13.00 45.81
C ASP B 485 -17.82 11.77 46.17
N PHE B 486 -19.14 11.88 46.15
CA PHE B 486 -19.99 10.72 46.35
C PHE B 486 -20.74 10.32 45.10
N SER B 487 -20.61 11.05 44.00
CA SER B 487 -21.27 10.66 42.77
C SER B 487 -20.64 9.39 42.23
N SER B 488 -21.49 8.45 41.84
CA SER B 488 -20.98 7.25 41.20
C SER B 488 -20.37 7.61 39.85
N ARG B 489 -19.39 6.82 39.44
CA ARG B 489 -18.64 7.09 38.23
C ARG B 489 -18.69 5.89 37.31
N GLY B 490 -18.69 6.15 36.01
CA GLY B 490 -18.71 5.10 35.04
C GLY B 490 -17.34 4.49 34.85
N PRO B 491 -17.14 3.75 33.77
CA PRO B 491 -18.09 3.41 32.71
C PRO B 491 -19.05 2.31 33.11
N VAL B 492 -20.02 2.02 32.27
CA VAL B 492 -20.89 0.88 32.51
C VAL B 492 -20.20 -0.41 32.07
N MET B 493 -20.40 -1.47 32.84
CA MET B 493 -19.82 -2.75 32.49
C MET B 493 -20.52 -3.33 31.27
N ASP B 494 -19.77 -4.05 30.46
CA ASP B 494 -20.29 -4.83 29.34
C ASP B 494 -20.77 -3.97 28.19
N THR B 495 -20.84 -2.65 28.39
CA THR B 495 -21.09 -1.71 27.31
C THR B 495 -20.11 -0.57 27.27
N TRP B 496 -19.35 -0.34 28.34
CA TRP B 496 -18.29 0.67 28.37
C TRP B 496 -18.83 2.05 28.05
N MET B 497 -20.10 2.27 28.33
CA MET B 497 -20.73 3.56 28.05
C MET B 497 -20.30 4.58 29.08
N ILE B 498 -20.17 5.83 28.65
CA ILE B 498 -19.75 6.90 29.56
C ILE B 498 -20.93 7.29 30.43
N LYS B 499 -20.75 7.22 31.74
CA LYS B 499 -21.76 7.69 32.68
C LYS B 499 -21.06 8.38 33.84
N PRO B 500 -21.68 9.40 34.44
CA PRO B 500 -23.04 9.92 34.25
C PRO B 500 -23.22 10.55 32.89
N ASP B 501 -24.44 10.73 32.42
CA ASP B 501 -24.62 11.44 31.17
C ASP B 501 -24.41 12.94 31.34
N VAL B 502 -25.00 13.53 32.38
CA VAL B 502 -24.83 14.95 32.65
C VAL B 502 -24.68 15.11 34.16
N SER B 503 -24.09 16.20 34.60
CA SER B 503 -24.05 16.54 36.02
C SER B 503 -24.92 17.77 36.29
N ALA B 504 -25.34 17.89 37.54
CA ALA B 504 -26.22 18.97 37.95
C ALA B 504 -25.98 19.26 39.42
N PRO B 505 -26.38 20.43 39.91
CA PRO B 505 -26.17 20.75 41.33
C PRO B 505 -26.91 19.76 42.23
N GLY B 506 -26.16 19.10 43.10
CA GLY B 506 -26.75 18.11 43.97
C GLY B 506 -26.18 18.07 45.37
N VAL B 507 -25.57 19.17 45.81
CA VAL B 507 -24.99 19.26 47.14
C VAL B 507 -25.65 20.41 47.87
N ASN B 508 -26.19 20.13 49.06
CA ASN B 508 -26.82 21.13 49.90
C ASN B 508 -28.00 21.80 49.17
N ILE B 509 -28.97 20.98 48.82
CA ILE B 509 -30.17 21.45 48.12
C ILE B 509 -31.29 21.54 49.14
N VAL B 510 -31.85 22.73 49.30
CA VAL B 510 -32.98 22.92 50.21
C VAL B 510 -34.27 22.82 49.42
N SER B 511 -35.24 22.12 49.98
CA SER B 511 -36.50 21.89 49.28
C SER B 511 -37.55 21.45 50.28
N THR B 512 -38.77 21.28 49.78
CA THR B 512 -39.91 20.98 50.63
C THR B 512 -39.80 19.59 51.22
N ILE B 513 -40.06 19.48 52.52
CA ILE B 513 -40.08 18.19 53.20
C ILE B 513 -41.31 18.13 54.11
N PRO B 514 -41.78 16.93 54.44
CA PRO B 514 -42.70 16.81 55.57
C PRO B 514 -41.92 16.70 56.87
N THR B 515 -42.34 17.48 57.86
CA THR B 515 -41.69 17.42 59.16
C THR B 515 -42.16 16.24 59.99
N HIS B 516 -43.19 15.53 59.55
CA HIS B 516 -43.76 14.41 60.28
C HIS B 516 -44.15 14.83 61.69
N ASP B 517 -44.63 16.07 61.82
CA ASP B 517 -45.07 16.63 63.07
C ASP B 517 -46.50 17.12 62.89
N PRO B 518 -47.47 16.59 63.64
CA PRO B 518 -48.85 17.06 63.49
C PRO B 518 -49.02 18.54 63.75
N ALA B 519 -48.16 19.15 64.57
CA ALA B 519 -48.26 20.58 64.84
C ALA B 519 -48.05 21.41 63.58
N ASP B 520 -47.02 21.06 62.80
CA ASP B 520 -46.78 21.69 61.51
C ASP B 520 -46.15 20.65 60.58
N PRO B 521 -46.93 20.09 59.67
CA PRO B 521 -46.45 18.92 58.91
C PRO B 521 -45.53 19.27 57.76
N TYR B 522 -45.46 20.52 57.34
CA TYR B 522 -44.70 20.90 56.15
C TYR B 522 -43.57 21.86 56.53
N GLY B 523 -42.42 21.67 55.90
CA GLY B 523 -41.30 22.54 56.15
C GLY B 523 -40.30 22.44 55.03
N TYR B 524 -39.11 22.96 55.28
CA TYR B 524 -38.03 22.91 54.31
C TYR B 524 -36.80 22.27 54.93
N GLY B 525 -36.08 21.52 54.11
CA GLY B 525 -34.91 20.82 54.59
C GLY B 525 -33.86 20.73 53.51
N SER B 526 -32.62 20.62 53.94
CA SER B 526 -31.47 20.57 53.04
C SER B 526 -30.97 19.14 52.98
N LYS B 527 -30.98 18.56 51.80
CA LYS B 527 -30.47 17.22 51.57
C LYS B 527 -29.43 17.27 50.47
N GLN B 528 -28.57 16.25 50.46
CA GLN B 528 -27.48 16.15 49.52
C GLN B 528 -27.41 14.74 48.97
N GLY B 529 -27.03 14.62 47.72
CA GLY B 529 -26.90 13.32 47.11
C GLY B 529 -27.09 13.39 45.62
N THR B 530 -26.56 12.38 44.94
CA THR B 530 -26.78 12.26 43.50
C THR B 530 -28.26 12.10 43.19
N SER B 531 -29.02 11.55 44.14
CA SER B 531 -30.46 11.42 43.97
C SER B 531 -31.14 12.78 43.91
N MET B 532 -30.48 13.84 44.33
CA MET B 532 -31.04 15.17 44.21
C MET B 532 -30.40 16.03 43.14
N ALA B 533 -29.48 15.49 42.37
CA ALA B 533 -29.07 16.15 41.14
C ALA B 533 -30.03 15.85 40.00
N SER B 534 -30.58 14.64 39.96
CA SER B 534 -31.50 14.29 38.89
C SER B 534 -32.75 15.16 38.83
N PRO B 535 -33.37 15.59 39.94
CA PRO B 535 -34.57 16.43 39.79
C PRO B 535 -34.31 17.72 39.04
N HIS B 536 -33.12 18.29 39.14
CA HIS B 536 -32.81 19.47 38.34
C HIS B 536 -32.91 19.15 36.86
N VAL B 537 -32.36 18.02 36.43
CA VAL B 537 -32.43 17.66 35.03
C VAL B 537 -33.84 17.28 34.63
N ALA B 538 -34.63 16.72 35.54
CA ALA B 538 -36.03 16.44 35.22
C ALA B 538 -36.80 17.72 35.00
N GLY B 539 -36.59 18.72 35.85
CA GLY B 539 -37.21 20.02 35.63
C GLY B 539 -36.72 20.66 34.34
N ALA B 540 -35.44 20.54 34.05
CA ALA B 540 -34.91 21.07 32.80
C ALA B 540 -35.56 20.40 31.60
N ALA B 541 -35.75 19.09 31.67
CA ALA B 541 -36.41 18.38 30.58
C ALA B 541 -37.85 18.82 30.43
N ALA B 542 -38.54 19.06 31.54
CA ALA B 542 -39.91 19.56 31.46
C ALA B 542 -39.94 20.94 30.79
N VAL B 543 -39.02 21.82 31.19
CA VAL B 543 -38.98 23.15 30.59
C VAL B 543 -38.71 23.06 29.10
N ILE B 544 -37.73 22.24 28.72
CA ILE B 544 -37.39 22.09 27.31
C ILE B 544 -38.56 21.52 26.53
N LYS B 545 -39.23 20.52 27.07
CA LYS B 545 -40.37 19.93 26.39
C LYS B 545 -41.49 20.95 26.21
N GLN B 546 -41.65 21.86 27.16
CA GLN B 546 -42.58 22.97 26.91
C GLN B 546 -42.06 23.87 25.79
N ALA B 547 -40.76 24.12 25.76
CA ALA B 547 -40.20 25.02 24.75
C ALA B 547 -40.17 24.37 23.38
N LYS B 548 -39.74 23.11 23.30
CA LYS B 548 -39.67 22.37 22.06
C LYS B 548 -40.62 21.20 22.12
N PRO B 549 -41.89 21.37 21.73
CA PRO B 549 -42.87 20.30 21.91
C PRO B 549 -42.70 19.14 20.95
N LYS B 550 -41.86 19.27 19.93
CA LYS B 550 -41.72 18.21 18.93
C LYS B 550 -40.51 17.33 19.17
N TRP B 551 -39.69 17.63 20.17
CA TRP B 551 -38.48 16.85 20.38
C TRP B 551 -38.79 15.50 21.02
N SER B 552 -38.13 14.47 20.53
CA SER B 552 -38.25 13.13 21.07
C SER B 552 -37.46 13.04 22.37
N PRO B 553 -37.66 12.00 23.19
CA PRO B 553 -36.83 11.87 24.40
C PRO B 553 -35.34 11.81 24.10
N GLU B 554 -34.93 11.16 23.03
CA GLU B 554 -33.52 11.13 22.67
C GLU B 554 -33.01 12.47 22.20
N GLN B 555 -33.84 13.26 21.53
CA GLN B 555 -33.46 14.61 21.15
C GLN B 555 -33.27 15.51 22.35
N ILE B 556 -34.12 15.38 23.37
CA ILE B 556 -33.92 16.15 24.60
C ILE B 556 -32.63 15.74 25.28
N LYS B 557 -32.36 14.45 25.34
CA LYS B 557 -31.11 13.99 25.94
C LYS B 557 -29.91 14.54 25.19
N ALA B 558 -29.95 14.52 23.87
CA ALA B 558 -28.87 15.07 23.07
C ALA B 558 -28.74 16.57 23.23
N ALA B 559 -29.83 17.30 23.43
CA ALA B 559 -29.76 18.74 23.60
C ALA B 559 -29.23 19.13 24.97
N LEU B 560 -29.62 18.43 26.03
CA LEU B 560 -29.02 18.67 27.33
C LEU B 560 -27.54 18.33 27.32
N MET B 561 -27.19 17.22 26.68
CA MET B 561 -25.81 16.74 26.73
C MET B 561 -24.90 17.56 25.84
N ASN B 562 -25.43 18.14 24.77
CA ASN B 562 -24.61 18.89 23.83
C ASN B 562 -24.18 20.22 24.42
N THR B 563 -25.11 20.93 25.04
CA THR B 563 -24.87 22.27 25.57
C THR B 563 -24.66 22.13 27.07
N ALA B 564 -23.45 21.77 27.46
CA ALA B 564 -23.11 21.57 28.86
C ALA B 564 -21.70 22.08 29.10
N GLU B 565 -21.49 22.74 30.23
CA GLU B 565 -20.22 23.37 30.55
C GLU B 565 -19.29 22.36 31.21
N THR B 566 -18.13 22.14 30.60
CA THR B 566 -17.13 21.28 31.20
C THR B 566 -16.65 21.87 32.53
N LEU B 567 -16.37 20.98 33.48
CA LEU B 567 -15.99 21.37 34.83
C LEU B 567 -14.53 21.05 35.07
N THR B 568 -13.79 22.01 35.61
CA THR B 568 -12.42 21.77 36.02
C THR B 568 -12.32 21.71 37.54
N ASP B 569 -11.41 20.89 38.02
CA ASP B 569 -11.26 20.70 39.46
C ASP B 569 -10.46 21.87 40.05
N ALA B 570 -10.05 21.72 41.31
CA ALA B 570 -9.39 22.82 41.99
C ALA B 570 -8.06 23.18 41.34
N ASP B 571 -7.25 22.17 41.00
CA ASP B 571 -5.93 22.44 40.43
C ASP B 571 -6.03 23.08 39.06
N GLY B 572 -7.03 22.68 38.27
CA GLY B 572 -7.22 23.25 36.95
C GLY B 572 -7.30 22.20 35.87
N ASP B 573 -7.49 20.95 36.26
CA ASP B 573 -7.60 19.85 35.31
C ASP B 573 -9.06 19.53 35.06
N VAL B 574 -9.41 19.29 33.80
CA VAL B 574 -10.77 18.90 33.47
C VAL B 574 -11.08 17.57 34.13
N TYR B 575 -12.25 17.49 34.75
CA TYR B 575 -12.67 16.25 35.37
C TYR B 575 -12.78 15.16 34.30
N PRO B 576 -12.45 13.93 34.64
CA PRO B 576 -12.55 12.83 33.66
C PRO B 576 -13.99 12.69 33.18
N HIS B 577 -14.12 12.12 31.98
CA HIS B 577 -15.44 11.99 31.38
C HIS B 577 -16.35 11.11 32.20
N ASN B 578 -15.82 10.02 32.79
CA ASN B 578 -16.64 9.23 33.69
C ASN B 578 -16.57 9.77 35.09
N ALA B 579 -16.62 11.08 35.23
CA ALA B 579 -16.91 11.77 36.47
C ALA B 579 -17.79 12.96 36.22
N GLN B 580 -17.93 13.37 34.98
CA GLN B 580 -18.60 14.58 34.55
C GLN B 580 -19.69 14.30 33.54
N GLY B 581 -19.45 13.37 32.64
CA GLY B 581 -20.36 13.05 31.56
C GLY B 581 -20.21 14.00 30.41
N ALA B 582 -20.77 15.19 30.56
CA ALA B 582 -20.59 16.23 29.57
C ALA B 582 -20.51 17.59 30.23
N GLY B 583 -20.61 17.67 31.55
CA GLY B 583 -20.59 18.91 32.27
C GLY B 583 -21.94 19.18 32.92
N SER B 584 -22.06 20.39 33.45
CA SER B 584 -23.30 20.80 34.10
C SER B 584 -24.31 21.25 33.06
N ILE B 585 -25.59 21.01 33.35
CA ILE B 585 -26.63 21.45 32.43
C ILE B 585 -26.63 22.97 32.32
N ARG B 586 -27.11 23.46 31.19
CA ARG B 586 -27.39 24.88 30.98
C ARG B 586 -28.71 24.94 30.23
N ILE B 587 -29.79 25.17 30.97
CA ILE B 587 -31.12 25.11 30.37
C ILE B 587 -31.27 26.14 29.28
N MET B 588 -30.69 27.33 29.47
CA MET B 588 -30.87 28.39 28.50
C MET B 588 -30.21 28.05 27.17
N LYS B 589 -29.01 27.49 27.21
CA LYS B 589 -28.36 27.08 25.98
C LYS B 589 -29.12 25.94 25.30
N ALA B 590 -29.61 24.99 26.09
CA ALA B 590 -30.34 23.87 25.53
C ALA B 590 -31.63 24.32 24.86
N ILE B 591 -32.33 25.27 25.47
CA ILE B 591 -33.59 25.75 24.90
C ILE B 591 -33.38 26.44 23.57
N LYS B 592 -32.24 27.09 23.38
CA LYS B 592 -31.95 27.83 22.16
C LYS B 592 -30.85 27.06 21.45
N ALA B 593 -31.26 26.03 20.72
CA ALA B 593 -30.32 25.16 20.01
C ALA B 593 -30.99 24.70 18.73
N ASP B 594 -30.38 25.04 17.60
CA ASP B 594 -30.92 24.68 16.30
C ASP B 594 -30.15 23.56 15.64
N SER B 595 -29.19 22.96 16.34
CA SER B 595 -28.44 21.83 15.82
C SER B 595 -28.27 20.82 16.93
N LEU B 596 -28.58 19.56 16.63
CA LEU B 596 -28.48 18.49 17.61
C LEU B 596 -27.53 17.42 17.10
N VAL B 597 -26.56 17.06 17.92
CA VAL B 597 -25.60 16.01 17.58
C VAL B 597 -25.92 14.79 18.43
N ALA B 598 -26.18 13.66 17.79
CA ALA B 598 -26.55 12.45 18.48
C ALA B 598 -25.72 11.27 17.99
N PRO B 599 -25.31 10.37 18.87
CA PRO B 599 -25.55 10.35 20.31
C PRO B 599 -24.71 11.39 21.01
N GLY B 600 -25.15 11.92 22.15
CA GLY B 600 -24.40 12.97 22.80
C GLY B 600 -23.04 12.53 23.28
N SER B 601 -22.86 11.24 23.53
CA SER B 601 -21.56 10.69 23.89
C SER B 601 -21.47 9.29 23.31
N TYR B 602 -20.28 8.91 22.88
CA TYR B 602 -20.08 7.61 22.26
C TYR B 602 -18.90 6.92 22.89
N SER B 603 -18.96 5.60 22.93
CA SER B 603 -17.88 4.78 23.47
C SER B 603 -17.48 3.75 22.44
N TYR B 604 -16.20 3.69 22.12
CA TYR B 604 -15.73 2.78 21.09
C TYR B 604 -15.52 1.37 21.58
N GLY B 605 -15.74 1.11 22.86
CA GLY B 605 -15.57 -0.23 23.37
C GLY B 605 -14.12 -0.52 23.72
N THR B 606 -13.71 -1.76 23.50
CA THR B 606 -12.39 -2.23 23.87
C THR B 606 -11.61 -2.65 22.64
N PHE B 607 -10.29 -2.49 22.73
CA PHE B 607 -9.36 -2.90 21.68
C PHE B 607 -8.48 -4.00 22.27
N MET B 608 -8.67 -5.23 21.81
CA MET B 608 -8.06 -6.40 22.43
C MET B 608 -6.91 -6.97 21.62
N LYS B 609 -6.61 -6.43 20.44
CA LYS B 609 -5.60 -7.04 19.59
C LYS B 609 -4.23 -6.98 20.24
N ASP B 610 -3.53 -8.11 20.20
CA ASP B 610 -2.19 -8.18 20.79
C ASP B 610 -1.17 -7.48 19.91
N LYS B 611 -1.29 -7.62 18.59
CA LYS B 611 -0.38 -6.97 17.66
C LYS B 611 -1.18 -6.48 16.46
N GLY B 612 -0.64 -5.48 15.79
CA GLY B 612 -1.30 -4.88 14.65
C GLY B 612 -2.06 -3.63 15.02
N ASN B 613 -2.83 -3.14 14.05
CA ASN B 613 -3.63 -1.94 14.21
C ASN B 613 -5.11 -2.30 14.11
N GLU B 614 -5.91 -1.76 15.02
CA GLU B 614 -7.34 -2.02 15.02
C GLU B 614 -8.07 -0.71 14.81
N THR B 615 -9.02 -0.71 13.89
CA THR B 615 -9.75 0.49 13.51
C THR B 615 -11.23 0.29 13.81
N LYS B 616 -11.83 1.29 14.46
CA LYS B 616 -13.26 1.31 14.68
C LYS B 616 -13.81 2.63 14.17
N LYS B 617 -15.10 2.66 13.88
CA LYS B 617 -15.70 3.89 13.39
C LYS B 617 -17.11 4.02 13.91
N GLU B 618 -17.56 5.27 14.03
CA GLU B 618 -18.89 5.60 14.49
C GLU B 618 -19.48 6.65 13.58
N THR B 619 -20.80 6.67 13.47
CA THR B 619 -21.51 7.65 12.66
C THR B 619 -22.35 8.51 13.58
N PHE B 620 -21.91 9.74 13.80
CA PHE B 620 -22.71 10.71 14.52
C PHE B 620 -23.65 11.40 13.55
N THR B 621 -24.78 11.86 14.07
CA THR B 621 -25.84 12.44 13.28
C THR B 621 -26.09 13.86 13.73
N ILE B 622 -26.03 14.81 12.80
CA ILE B 622 -26.26 16.21 13.09
C ILE B 622 -27.58 16.60 12.45
N GLU B 623 -28.52 17.07 13.26
CA GLU B 623 -29.81 17.55 12.80
C GLU B 623 -29.77 19.06 12.77
N ASN B 624 -30.07 19.64 11.61
CA ASN B 624 -30.05 21.08 11.40
C ASN B 624 -31.48 21.59 11.55
N GLN B 625 -31.85 21.93 12.78
CA GLN B 625 -33.22 22.35 13.06
C GLN B 625 -33.54 23.73 12.52
N SER B 626 -32.55 24.46 12.03
CA SER B 626 -32.78 25.83 11.58
C SER B 626 -33.36 25.84 10.17
N SER B 627 -33.66 27.04 9.69
CA SER B 627 -34.25 27.24 8.37
C SER B 627 -33.22 27.60 7.32
N ILE B 628 -31.94 27.47 7.63
CA ILE B 628 -30.86 27.93 6.77
C ILE B 628 -29.84 26.82 6.63
N ARG B 629 -29.31 26.65 5.44
CA ARG B 629 -28.30 25.61 5.20
C ARG B 629 -27.01 25.98 5.92
N LYS B 630 -26.47 25.03 6.68
CA LYS B 630 -25.32 25.33 7.53
C LYS B 630 -24.17 24.39 7.21
N SER B 631 -22.99 24.79 7.66
CA SER B 631 -21.77 24.02 7.49
C SER B 631 -21.18 23.74 8.86
N TYR B 632 -21.08 22.48 9.23
CA TYR B 632 -20.56 22.06 10.52
C TYR B 632 -19.14 21.54 10.36
N GLN B 633 -18.31 21.87 11.33
CA GLN B 633 -16.89 21.57 11.30
C GLN B 633 -16.53 20.69 12.49
N LEU B 634 -15.84 19.59 12.22
CA LEU B 634 -15.57 18.57 13.22
C LEU B 634 -14.10 18.58 13.60
N GLU B 635 -13.84 18.53 14.90
CA GLU B 635 -12.49 18.37 15.43
C GLU B 635 -12.47 17.16 16.34
N TYR B 636 -11.67 16.17 16.00
CA TYR B 636 -11.56 14.94 16.77
C TYR B 636 -10.25 14.95 17.54
N SER B 637 -10.30 14.59 18.81
CA SER B 637 -9.11 14.50 19.63
C SER B 637 -9.21 13.29 20.54
N PHE B 638 -8.05 12.73 20.87
CA PHE B 638 -7.95 11.68 21.87
C PHE B 638 -6.67 11.87 22.67
N ASN B 639 -6.74 11.61 23.97
CA ASN B 639 -5.56 11.63 24.79
C ASN B 639 -4.84 10.29 24.70
N GLY B 640 -3.54 10.33 24.97
CA GLY B 640 -2.78 9.09 24.91
C GLY B 640 -2.13 8.88 23.56
N THR B 641 -1.00 8.21 23.57
CA THR B 641 -0.20 7.98 22.37
C THR B 641 -0.61 6.68 21.71
N GLY B 642 -0.41 6.63 20.39
CA GLY B 642 -0.76 5.47 19.61
C GLY B 642 -2.20 5.43 19.16
N ILE B 643 -2.98 6.46 19.44
CA ILE B 643 -4.37 6.55 19.02
C ILE B 643 -4.48 7.67 18.01
N THR B 644 -4.88 7.33 16.79
CA THR B 644 -5.03 8.31 15.72
C THR B 644 -6.50 8.41 15.35
N VAL B 645 -7.01 9.63 15.32
CA VAL B 645 -8.42 9.87 15.11
C VAL B 645 -8.59 10.70 13.84
N SER B 646 -9.59 10.36 13.04
CA SER B 646 -9.83 11.06 11.79
C SER B 646 -11.32 10.97 11.48
N GLY B 647 -11.69 11.41 10.30
CA GLY B 647 -13.06 11.30 9.86
C GLY B 647 -13.48 12.54 9.10
N THR B 648 -14.78 12.67 8.90
CA THR B 648 -15.33 13.79 8.16
C THR B 648 -15.04 15.12 8.84
N ASP B 649 -14.20 15.93 8.22
CA ASP B 649 -13.82 17.21 8.79
C ASP B 649 -14.80 18.35 8.55
N ARG B 650 -15.82 18.13 7.73
CA ARG B 650 -16.79 19.17 7.43
C ARG B 650 -17.99 18.55 6.74
N VAL B 651 -19.18 18.97 7.16
CA VAL B 651 -20.40 18.59 6.47
C VAL B 651 -21.21 19.84 6.17
N VAL B 652 -22.02 19.77 5.13
CA VAL B 652 -22.97 20.82 4.81
C VAL B 652 -24.34 20.19 4.85
N ILE B 653 -25.23 20.73 5.68
CA ILE B 653 -26.55 20.17 5.92
C ILE B 653 -27.58 21.21 5.51
N PRO B 654 -28.52 20.88 4.65
CA PRO B 654 -29.57 21.82 4.27
C PRO B 654 -30.52 22.09 5.43
N ALA B 655 -31.46 23.01 5.24
CA ALA B 655 -32.37 23.36 6.31
C ALA B 655 -33.28 22.19 6.65
N HIS B 656 -33.55 22.02 7.94
CA HIS B 656 -34.49 21.01 8.42
C HIS B 656 -34.14 19.63 7.89
N GLN B 657 -32.86 19.30 7.93
CA GLN B 657 -32.37 18.03 7.42
C GLN B 657 -31.35 17.45 8.37
N THR B 658 -30.66 16.41 7.91
CA THR B 658 -29.80 15.60 8.75
C THR B 658 -28.56 15.18 7.97
N GLY B 659 -27.40 15.29 8.62
CA GLY B 659 -26.17 14.86 8.02
C GLY B 659 -25.47 13.87 8.92
N LYS B 660 -24.56 13.10 8.34
CA LYS B 660 -23.83 12.06 9.04
C LYS B 660 -22.34 12.35 8.98
N VAL B 661 -21.67 12.24 10.12
CA VAL B 661 -20.23 12.39 10.20
C VAL B 661 -19.65 11.07 10.67
N ASN B 662 -18.63 10.60 9.97
CA ASN B 662 -18.04 9.29 10.23
C ASN B 662 -16.73 9.50 10.97
N ALA B 663 -16.79 9.47 12.29
CA ALA B 663 -15.59 9.52 13.10
C ALA B 663 -14.93 8.15 13.07
N LYS B 664 -13.61 8.14 13.08
CA LYS B 664 -12.86 6.90 12.96
C LYS B 664 -11.67 6.96 13.89
N VAL B 665 -11.46 5.89 14.66
CA VAL B 665 -10.34 5.80 15.59
C VAL B 665 -9.51 4.59 15.21
N LYS B 666 -8.20 4.71 15.39
CA LYS B 666 -7.28 3.65 15.03
C LYS B 666 -6.24 3.52 16.14
N VAL B 667 -6.11 2.32 16.68
CA VAL B 667 -5.24 2.05 17.81
C VAL B 667 -4.12 1.13 17.34
N ASN B 668 -2.89 1.56 17.57
CA ASN B 668 -1.70 0.78 17.25
C ASN B 668 -1.34 -0.04 18.48
N ALA B 669 -1.61 -1.34 18.43
CA ALA B 669 -1.41 -2.19 19.60
C ALA B 669 0.04 -2.22 20.06
N LYS B 670 0.98 -1.91 19.19
CA LYS B 670 2.38 -1.98 19.55
C LYS B 670 2.86 -0.75 20.32
N LYS B 671 2.08 0.32 20.33
CA LYS B 671 2.52 1.57 20.93
C LYS B 671 1.65 2.04 22.09
N VAL B 672 0.49 1.45 22.30
CA VAL B 672 -0.50 1.97 23.24
C VAL B 672 -0.40 1.21 24.55
N LYS B 673 -0.25 1.94 25.65
CA LYS B 673 -0.34 1.35 26.96
C LYS B 673 -1.79 1.04 27.30
N ALA B 674 -2.01 -0.08 27.96
CA ALA B 674 -3.37 -0.46 28.34
C ALA B 674 -3.95 0.56 29.30
N GLY B 675 -5.24 0.81 29.17
CA GLY B 675 -5.91 1.78 30.03
C GLY B 675 -7.12 2.34 29.32
N THR B 676 -7.77 3.27 30.01
CA THR B 676 -8.96 3.93 29.51
C THR B 676 -8.59 5.33 29.04
N TYR B 677 -8.88 5.62 27.78
CA TYR B 677 -8.53 6.89 27.18
C TYR B 677 -9.80 7.65 26.81
N GLU B 678 -9.78 8.95 27.03
CA GLU B 678 -10.94 9.80 26.80
C GLU B 678 -10.65 10.73 25.63
N GLY B 679 -11.58 10.76 24.67
CA GLY B 679 -11.48 11.65 23.54
C GLY B 679 -12.66 12.59 23.49
N THR B 680 -12.72 13.35 22.41
CA THR B 680 -13.78 14.34 22.24
C THR B 680 -13.96 14.64 20.76
N VAL B 681 -15.21 14.76 20.34
CA VAL B 681 -15.58 15.26 19.02
C VAL B 681 -16.26 16.60 19.24
N THR B 682 -15.68 17.66 18.68
CA THR B 682 -16.21 19.00 18.84
C THR B 682 -16.81 19.45 17.53
N VAL B 683 -18.04 19.93 17.56
CA VAL B 683 -18.76 20.38 16.38
C VAL B 683 -18.94 21.88 16.49
N ARG B 684 -18.44 22.60 15.48
CA ARG B 684 -18.57 24.04 15.41
C ARG B 684 -19.46 24.41 14.24
N GLU B 685 -20.20 25.50 14.41
CA GLU B 685 -21.06 25.99 13.34
C GLU B 685 -21.15 27.50 13.45
N GLY B 686 -20.61 28.20 12.45
CA GLY B 686 -20.70 29.64 12.37
C GLY B 686 -20.40 30.35 13.66
N GLY B 687 -19.16 30.24 14.13
CA GLY B 687 -18.81 30.85 15.39
C GLY B 687 -18.97 29.91 16.56
N LYS B 688 -20.12 29.97 17.20
CA LYS B 688 -20.41 29.20 18.39
C LYS B 688 -20.16 27.71 18.19
N THR B 689 -19.88 27.03 19.30
CA THR B 689 -19.75 25.58 19.33
C THR B 689 -21.10 24.96 19.62
N VAL B 690 -21.52 24.02 18.78
CA VAL B 690 -22.85 23.45 18.94
C VAL B 690 -22.85 22.16 19.76
N ALA B 691 -21.71 21.50 19.90
CA ALA B 691 -21.66 20.26 20.66
C ALA B 691 -20.22 19.95 21.01
N LYS B 692 -20.05 19.15 22.06
CA LYS B 692 -18.76 18.61 22.47
C LYS B 692 -19.03 17.19 22.92
N VAL B 693 -18.88 16.24 22.01
CA VAL B 693 -19.30 14.86 22.23
C VAL B 693 -18.17 14.14 22.97
N PRO B 694 -18.38 13.67 24.19
CA PRO B 694 -17.34 12.90 24.87
C PRO B 694 -17.26 11.49 24.32
N THR B 695 -16.07 11.09 23.90
CA THR B 695 -15.82 9.75 23.42
C THR B 695 -14.86 9.05 24.37
N LEU B 696 -14.81 7.72 24.25
CA LEU B 696 -14.01 6.93 25.16
C LEU B 696 -13.70 5.58 24.52
N LEU B 697 -12.48 5.10 24.73
CA LEU B 697 -12.11 3.75 24.34
C LEU B 697 -11.24 3.16 25.42
N ILE B 698 -11.21 1.83 25.46
CA ILE B 698 -10.46 1.08 26.44
C ILE B 698 -9.52 0.15 25.70
N VAL B 699 -8.28 0.06 26.17
CA VAL B 699 -7.27 -0.78 25.54
C VAL B 699 -7.00 -1.97 26.44
N LYS B 700 -6.94 -3.15 25.84
CA LYS B 700 -6.79 -4.43 26.52
C LYS B 700 -7.99 -4.59 27.45
N GLU B 701 -7.82 -5.18 28.62
CA GLU B 701 -8.94 -5.47 29.51
C GLU B 701 -9.26 -4.28 30.40
N PRO B 702 -10.53 -3.93 30.53
CA PRO B 702 -10.90 -2.83 31.42
C PRO B 702 -10.56 -3.15 32.86
N ASP B 703 -10.29 -2.10 33.64
CA ASP B 703 -9.88 -2.26 35.03
C ASP B 703 -11.07 -2.17 35.97
N TYR B 704 -12.08 -2.95 35.68
CA TYR B 704 -13.23 -2.96 36.56
C TYR B 704 -12.94 -3.79 37.80
N PRO B 705 -13.66 -3.57 38.89
CA PRO B 705 -13.53 -4.45 40.05
C PRO B 705 -13.92 -5.87 39.69
N ARG B 706 -13.00 -6.80 39.94
CA ARG B 706 -13.27 -8.18 39.57
C ARG B 706 -14.38 -8.79 40.43
N VAL B 707 -14.51 -8.32 41.66
CA VAL B 707 -15.61 -8.73 42.53
C VAL B 707 -16.20 -7.47 43.14
N THR B 708 -17.52 -7.38 43.15
CA THR B 708 -18.20 -6.15 43.54
C THR B 708 -18.77 -6.21 44.95
N SER B 709 -19.53 -7.26 45.27
CA SER B 709 -20.16 -7.36 46.56
C SER B 709 -20.10 -8.79 47.07
N ILE B 710 -20.04 -8.92 48.39
CA ILE B 710 -20.06 -10.21 49.07
C ILE B 710 -20.87 -10.05 50.35
N ASP B 711 -21.71 -11.04 50.65
CA ASP B 711 -22.38 -11.11 51.93
C ASP B 711 -22.50 -12.56 52.37
N VAL B 712 -22.62 -12.75 53.68
CA VAL B 712 -22.69 -14.07 54.29
C VAL B 712 -23.96 -14.13 55.11
N GLN B 713 -24.80 -15.14 54.85
CA GLN B 713 -26.00 -15.35 55.62
C GLN B 713 -26.01 -16.77 56.15
N ASP B 714 -26.92 -17.02 57.10
CA ASP B 714 -27.04 -18.36 57.65
C ASP B 714 -27.66 -19.30 56.63
N GLY B 715 -27.14 -20.51 56.54
CA GLY B 715 -27.64 -21.47 55.59
C GLY B 715 -28.92 -22.13 56.04
N THR B 716 -29.50 -22.92 55.14
CA THR B 716 -30.71 -23.66 55.48
C THR B 716 -30.46 -24.68 56.58
N THR B 717 -29.22 -25.14 56.73
CA THR B 717 -28.84 -26.06 57.79
C THR B 717 -28.13 -25.28 58.90
N GLN B 718 -28.54 -25.52 60.14
CA GLN B 718 -27.93 -24.83 61.26
C GLN B 718 -26.44 -25.16 61.34
N GLY B 719 -25.64 -24.12 61.59
CA GLY B 719 -24.20 -24.24 61.65
C GLY B 719 -23.48 -24.00 60.35
N THR B 720 -24.19 -23.94 59.23
CA THR B 720 -23.60 -23.68 57.93
C THR B 720 -23.97 -22.29 57.45
N TYR B 721 -23.31 -21.86 56.39
CA TYR B 721 -23.45 -20.50 55.89
C TYR B 721 -23.54 -20.51 54.38
N GLN B 722 -24.14 -19.46 53.84
CA GLN B 722 -24.18 -19.23 52.40
C GLN B 722 -23.50 -17.91 52.09
N ILE B 723 -22.57 -17.95 51.14
CA ILE B 723 -21.84 -16.78 50.70
C ILE B 723 -22.38 -16.39 49.34
N GLU B 724 -22.87 -15.18 49.21
CA GLU B 724 -23.38 -14.66 47.95
C GLU B 724 -22.46 -13.55 47.50
N THR B 725 -21.94 -13.67 46.28
CA THR B 725 -21.01 -12.69 45.75
C THR B 725 -21.43 -12.34 44.33
N TYR B 726 -20.99 -11.17 43.87
CA TYR B 726 -21.29 -10.72 42.51
C TYR B 726 -19.99 -10.53 41.75
N LEU B 727 -19.84 -11.26 40.65
CA LEU B 727 -18.65 -11.16 39.81
C LEU B 727 -19.03 -10.52 38.49
N PRO B 728 -18.61 -9.29 38.22
CA PRO B 728 -19.06 -8.60 37.00
C PRO B 728 -18.71 -9.34 35.73
N ALA B 729 -17.57 -10.02 35.66
CA ALA B 729 -17.21 -10.73 34.45
C ALA B 729 -16.63 -12.11 34.75
N GLY B 730 -17.09 -12.74 35.81
CA GLY B 730 -16.56 -14.02 36.19
C GLY B 730 -15.24 -13.88 36.92
N ALA B 731 -14.64 -15.02 37.23
CA ALA B 731 -13.39 -15.01 37.96
C ALA B 731 -12.60 -16.26 37.60
N GLU B 732 -11.36 -16.06 37.14
CA GLU B 732 -10.47 -17.19 36.95
C GLU B 732 -10.19 -17.88 38.27
N GLU B 733 -10.03 -17.10 39.34
CA GLU B 733 -9.82 -17.67 40.66
C GLU B 733 -10.57 -16.83 41.69
N LEU B 734 -11.21 -17.49 42.64
CA LEU B 734 -11.99 -16.81 43.66
C LEU B 734 -11.66 -17.42 45.01
N ALA B 735 -11.36 -16.57 45.99
CA ALA B 735 -10.95 -17.04 47.30
C ALA B 735 -11.71 -16.29 48.37
N PHE B 736 -12.22 -17.03 49.36
CA PHE B 736 -12.88 -16.44 50.51
C PHE B 736 -11.99 -16.66 51.73
N LEU B 737 -11.61 -15.58 52.38
CA LEU B 737 -10.74 -15.58 53.54
C LEU B 737 -11.48 -15.00 54.73
N VAL B 738 -11.14 -15.48 55.93
CA VAL B 738 -11.86 -15.11 57.15
C VAL B 738 -10.95 -14.31 58.06
N TYR B 739 -11.49 -13.25 58.64
CA TYR B 739 -10.78 -12.39 59.55
C TYR B 739 -11.56 -12.28 60.86
N ASP B 740 -10.84 -12.13 61.96
CA ASP B 740 -11.50 -12.00 63.25
C ASP B 740 -12.03 -10.59 63.42
N SER B 741 -12.61 -10.31 64.59
CA SER B 741 -13.13 -8.97 64.86
C SER B 741 -12.02 -7.93 64.86
N ASN B 742 -10.78 -8.33 65.14
CA ASN B 742 -9.64 -7.42 65.09
C ASN B 742 -9.00 -7.36 63.73
N LEU B 743 -9.67 -7.90 62.71
CA LEU B 743 -9.17 -7.90 61.33
C LEU B 743 -7.81 -8.60 61.25
N ASP B 744 -7.68 -9.70 61.97
CA ASP B 744 -6.50 -10.56 61.90
C ASP B 744 -6.83 -11.78 61.06
N PHE B 745 -5.95 -12.10 60.12
CA PHE B 745 -6.22 -13.19 59.19
C PHE B 745 -6.33 -14.51 59.92
N VAL B 746 -7.55 -15.03 60.04
CA VAL B 746 -7.76 -16.31 60.70
C VAL B 746 -7.39 -17.46 59.78
N GLY B 747 -7.86 -17.42 58.54
CA GLY B 747 -7.54 -18.48 57.61
C GLY B 747 -8.32 -18.33 56.32
N GLN B 748 -8.41 -19.44 55.59
CA GLN B 748 -8.92 -19.46 54.22
C GLN B 748 -10.21 -20.27 54.19
N ALA B 749 -11.33 -19.57 53.97
CA ALA B 749 -12.62 -20.25 53.94
C ALA B 749 -12.74 -21.17 52.74
N GLY B 750 -12.55 -20.64 51.54
CA GLY B 750 -12.79 -21.44 50.35
C GLY B 750 -11.99 -20.99 49.14
N ILE B 751 -11.77 -21.92 48.22
CA ILE B 751 -11.10 -21.66 46.96
C ILE B 751 -11.96 -22.21 45.83
N TYR B 752 -12.06 -21.45 44.74
CA TYR B 752 -12.86 -21.85 43.60
C TYR B 752 -12.18 -21.36 42.33
N LYS B 753 -12.43 -22.06 41.23
CA LYS B 753 -11.84 -21.73 39.95
C LYS B 753 -12.92 -21.69 38.88
N LYS B 754 -12.68 -20.85 37.87
CA LYS B 754 -13.50 -20.80 36.67
C LYS B 754 -14.98 -20.58 37.00
N GLN B 755 -15.24 -19.43 37.62
CA GLN B 755 -16.59 -19.07 38.02
C GLN B 755 -17.27 -18.25 36.95
N ASP B 756 -18.56 -18.51 36.75
CA ASP B 756 -19.35 -17.77 35.78
C ASP B 756 -19.73 -16.41 36.31
N LYS B 757 -19.93 -15.46 35.40
CA LYS B 757 -20.23 -14.11 35.80
C LYS B 757 -21.66 -13.99 36.32
N GLY B 758 -21.91 -12.95 37.09
CA GLY B 758 -23.21 -12.73 37.68
C GLY B 758 -23.20 -12.98 39.17
N TYR B 759 -24.32 -13.43 39.71
CA TYR B 759 -24.42 -13.77 41.13
C TYR B 759 -23.99 -15.22 41.33
N GLN B 760 -23.09 -15.43 42.27
CA GLN B 760 -22.59 -16.75 42.60
C GLN B 760 -22.88 -17.03 44.08
N TYR B 761 -23.30 -18.25 44.36
CA TYR B 761 -23.60 -18.69 45.71
C TYR B 761 -22.75 -19.89 46.06
N PHE B 762 -22.17 -19.88 47.25
CA PHE B 762 -21.31 -20.94 47.72
C PHE B 762 -21.72 -21.35 49.12
N ASP B 763 -21.83 -22.66 49.35
CA ASP B 763 -22.11 -23.15 50.69
C ASP B 763 -20.81 -23.33 51.45
N TRP B 764 -20.76 -22.83 52.67
CA TRP B 764 -19.57 -22.89 53.49
C TRP B 764 -19.92 -23.52 54.83
N ASN B 765 -19.18 -24.57 55.19
CA ASN B 765 -19.47 -25.31 56.40
C ASN B 765 -18.94 -24.66 57.66
N GLY B 766 -18.47 -23.42 57.58
CA GLY B 766 -17.98 -22.73 58.75
C GLY B 766 -16.60 -23.15 59.21
N LYS B 767 -15.90 -23.97 58.43
CA LYS B 767 -14.61 -24.49 58.83
C LYS B 767 -13.52 -23.92 57.94
N VAL B 768 -12.36 -23.64 58.55
CA VAL B 768 -11.33 -22.81 57.94
C VAL B 768 -10.14 -23.68 57.56
N ASN B 769 -9.53 -23.36 56.42
CA ASN B 769 -8.33 -24.04 55.91
C ASN B 769 -8.59 -25.51 55.67
N GLY B 770 -9.85 -25.94 55.76
CA GLY B 770 -10.14 -27.35 55.68
C GLY B 770 -10.13 -27.96 57.07
N ASP B 771 -11.28 -28.45 57.52
CA ASP B 771 -11.47 -29.28 58.70
C ASP B 771 -11.10 -28.59 60.01
N THR B 772 -10.80 -27.30 60.01
CA THR B 772 -10.51 -26.55 61.23
C THR B 772 -11.70 -25.67 61.54
N ALA B 773 -12.37 -25.95 62.66
CA ALA B 773 -13.57 -25.21 63.03
C ALA B 773 -13.21 -23.90 63.71
N LEU B 774 -14.00 -22.87 63.41
CA LEU B 774 -13.77 -21.56 63.99
C LEU B 774 -14.23 -21.51 65.44
N PRO B 775 -13.55 -20.74 66.28
CA PRO B 775 -14.10 -20.42 67.61
C PRO B 775 -15.24 -19.44 67.49
N ALA B 776 -16.11 -19.46 68.49
CA ALA B 776 -17.28 -18.58 68.48
C ALA B 776 -16.85 -17.13 68.58
N GLY B 777 -17.52 -16.27 67.83
CA GLY B 777 -17.20 -14.85 67.83
C GLY B 777 -17.77 -14.17 66.60
N GLU B 778 -17.19 -13.01 66.30
CA GLU B 778 -17.63 -12.17 65.20
C GLU B 778 -16.53 -12.12 64.15
N TYR B 779 -16.91 -12.29 62.89
CA TYR B 779 -15.93 -12.48 61.82
C TYR B 779 -16.31 -11.65 60.60
N TYR B 780 -15.28 -11.32 59.82
CA TYR B 780 -15.42 -10.68 58.52
C TYR B 780 -14.93 -11.65 57.46
N MET B 781 -15.43 -11.49 56.25
CA MET B 781 -14.96 -12.31 55.14
C MET B 781 -14.53 -11.42 53.98
N LEU B 782 -13.40 -11.77 53.39
CA LEU B 782 -12.83 -11.06 52.26
C LEU B 782 -12.93 -11.95 51.03
N ALA B 783 -13.49 -11.41 49.96
CA ALA B 783 -13.53 -12.09 48.68
C ALA B 783 -12.43 -11.51 47.79
N TYR B 784 -11.58 -12.39 47.28
CA TYR B 784 -10.49 -12.02 46.40
C TYR B 784 -10.74 -12.72 45.07
N ALA B 785 -11.01 -11.94 44.03
CA ALA B 785 -11.28 -12.49 42.72
C ALA B 785 -10.21 -12.02 41.74
N ALA B 786 -9.65 -12.96 40.99
CA ALA B 786 -8.65 -12.67 39.98
C ALA B 786 -9.19 -13.13 38.64
N ASN B 787 -9.13 -12.23 37.66
CA ASN B 787 -9.67 -12.49 36.33
C ASN B 787 -8.91 -11.66 35.32
N LYS B 788 -8.54 -12.29 34.21
CA LYS B 788 -8.00 -11.60 33.04
C LYS B 788 -6.87 -10.63 33.40
N GLY B 789 -6.00 -11.09 34.28
CA GLY B 789 -4.81 -10.33 34.59
C GLY B 789 -4.98 -9.21 35.59
N LYS B 790 -6.10 -9.15 36.29
CA LYS B 790 -6.22 -8.19 37.39
C LYS B 790 -7.02 -8.84 38.51
N SER B 791 -6.74 -8.41 39.72
CA SER B 791 -7.39 -8.97 40.89
C SER B 791 -7.98 -7.86 41.72
N SER B 792 -9.10 -8.15 42.36
CA SER B 792 -9.80 -7.21 43.21
C SER B 792 -10.26 -7.94 44.46
N GLN B 793 -10.58 -7.18 45.49
CA GLN B 793 -11.02 -7.75 46.75
C GLN B 793 -12.09 -6.87 47.34
N VAL B 794 -12.95 -7.48 48.15
CA VAL B 794 -14.02 -6.76 48.81
C VAL B 794 -14.29 -7.41 50.16
N LEU B 795 -14.48 -6.59 51.18
CA LEU B 795 -14.66 -7.05 52.55
C LEU B 795 -16.13 -6.92 52.94
N THR B 796 -16.63 -7.89 53.68
CA THR B 796 -18.01 -7.87 54.17
C THR B 796 -18.11 -6.89 55.32
N GLU B 797 -18.85 -5.81 55.11
CA GLU B 797 -19.29 -5.01 56.25
C GLU B 797 -20.40 -5.78 56.99
N LYS B 798 -20.72 -5.31 58.20
CA LYS B 798 -21.71 -5.99 59.03
C LYS B 798 -21.24 -7.42 59.30
N PRO B 799 -20.26 -7.60 60.18
CA PRO B 799 -19.64 -8.93 60.36
C PRO B 799 -20.67 -9.98 60.75
N PHE B 800 -20.45 -11.20 60.26
CA PHE B 800 -21.29 -12.33 60.60
C PHE B 800 -20.78 -13.03 61.84
N ILE B 801 -21.67 -13.77 62.50
CA ILE B 801 -21.43 -14.32 63.83
C ILE B 801 -21.33 -15.83 63.72
N ILE B 802 -20.32 -16.41 64.37
CA ILE B 802 -20.18 -17.86 64.45
C ILE B 802 -20.87 -18.37 65.70
N MET C 158 -29.79 -44.17 47.34
CA MET C 158 -31.00 -43.37 47.36
C MET C 158 -31.00 -42.40 48.52
N ASP C 159 -30.06 -42.59 49.45
CA ASP C 159 -29.91 -41.70 50.57
C ASP C 159 -28.84 -40.64 50.35
N ASP C 160 -28.10 -40.70 49.26
CA ASP C 160 -27.09 -39.70 48.94
C ASP C 160 -27.30 -39.04 47.59
N SER C 161 -27.88 -39.74 46.62
CA SER C 161 -28.11 -39.14 45.30
C SER C 161 -29.26 -38.14 45.32
N ALA C 162 -30.36 -38.49 46.01
CA ALA C 162 -31.48 -37.57 46.11
C ALA C 162 -31.11 -36.26 46.79
N PRO C 163 -30.37 -36.22 47.91
CA PRO C 163 -29.88 -34.93 48.39
C PRO C 163 -29.03 -34.19 47.38
N TYR C 164 -28.25 -34.92 46.57
CA TYR C 164 -27.37 -34.28 45.62
C TYR C 164 -28.14 -33.57 44.52
N ILE C 165 -29.14 -34.25 43.93
CA ILE C 165 -29.88 -33.62 42.86
C ILE C 165 -30.83 -32.55 43.39
N GLY C 166 -31.11 -32.54 44.70
CA GLY C 166 -31.93 -31.50 45.29
C GLY C 166 -33.33 -31.96 45.62
N ALA C 167 -33.49 -33.26 45.88
CA ALA C 167 -34.82 -33.78 46.16
C ALA C 167 -35.34 -33.32 47.52
N ASN C 168 -34.50 -33.39 48.55
CA ASN C 168 -34.95 -33.02 49.89
C ASN C 168 -35.35 -31.55 49.95
N ASP C 169 -34.57 -30.68 49.30
CA ASP C 169 -34.89 -29.26 49.31
C ASP C 169 -36.25 -29.02 48.66
N ALA C 170 -36.55 -29.75 47.60
CA ALA C 170 -37.88 -29.65 46.99
C ALA C 170 -38.95 -30.17 47.93
N TRP C 171 -38.65 -31.23 48.70
CA TRP C 171 -39.62 -31.77 49.64
C TRP C 171 -39.99 -30.73 50.69
N LYS C 172 -38.99 -30.05 51.25
CA LYS C 172 -39.28 -29.04 52.25
C LYS C 172 -40.06 -27.86 51.68
N LEU C 173 -40.10 -27.71 50.37
CA LEU C 173 -40.99 -26.75 49.74
C LEU C 173 -42.38 -27.32 49.48
N GLY C 174 -42.60 -28.58 49.82
CA GLY C 174 -43.87 -29.24 49.63
C GLY C 174 -43.99 -30.01 48.35
N TYR C 175 -43.05 -29.85 47.43
CA TYR C 175 -43.11 -30.51 46.13
C TYR C 175 -42.55 -31.91 46.27
N THR C 176 -43.43 -32.90 46.35
CA THR C 176 -43.03 -34.29 46.45
C THR C 176 -43.60 -35.16 45.35
N GLY C 177 -44.25 -34.58 44.35
CA GLY C 177 -44.83 -35.35 43.26
C GLY C 177 -46.25 -35.79 43.48
N LYS C 178 -46.94 -35.27 44.49
CA LYS C 178 -48.30 -35.69 44.77
C LYS C 178 -49.21 -35.38 43.60
N GLY C 179 -50.02 -36.36 43.21
CA GLY C 179 -50.95 -36.24 42.13
C GLY C 179 -50.38 -36.61 40.78
N VAL C 180 -49.07 -36.65 40.66
CA VAL C 180 -48.41 -37.02 39.41
C VAL C 180 -48.36 -38.54 39.31
N LYS C 181 -48.58 -39.05 38.11
CA LYS C 181 -48.65 -40.48 37.87
C LYS C 181 -47.45 -40.88 37.02
N VAL C 182 -46.67 -41.82 37.51
CA VAL C 182 -45.46 -42.27 36.83
C VAL C 182 -45.61 -43.73 36.43
N ALA C 183 -45.33 -44.02 35.17
CA ALA C 183 -45.38 -45.36 34.63
C ALA C 183 -43.96 -45.89 34.50
N ILE C 184 -43.77 -47.16 34.84
CA ILE C 184 -42.46 -47.80 34.84
C ILE C 184 -42.54 -48.95 33.85
N ILE C 185 -42.05 -48.75 32.63
CA ILE C 185 -42.06 -49.82 31.63
C ILE C 185 -40.75 -50.58 31.75
N ASP C 186 -40.77 -51.64 32.55
CA ASP C 186 -39.60 -52.47 32.82
C ASP C 186 -40.09 -53.90 33.00
N THR C 187 -39.27 -54.73 33.64
CA THR C 187 -39.58 -56.13 33.86
C THR C 187 -40.69 -56.36 34.87
N GLY C 188 -41.40 -55.32 35.28
CA GLY C 188 -42.44 -55.43 36.28
C GLY C 188 -41.97 -54.95 37.64
N VAL C 189 -42.93 -54.68 38.49
CA VAL C 189 -42.67 -54.10 39.81
C VAL C 189 -43.32 -54.98 40.87
N GLU C 190 -42.57 -55.28 41.92
CA GLU C 190 -43.11 -55.97 43.08
C GLU C 190 -43.88 -54.94 43.90
N TYR C 191 -45.17 -54.80 43.61
CA TYR C 191 -45.99 -53.81 44.30
C TYR C 191 -46.49 -54.30 45.65
N LYS C 192 -45.61 -54.89 46.44
CA LYS C 192 -45.93 -55.28 47.80
C LYS C 192 -44.80 -54.96 48.74
N HIS C 193 -43.69 -54.45 48.23
CA HIS C 193 -42.63 -53.94 49.07
C HIS C 193 -43.21 -52.86 49.97
N PRO C 194 -42.96 -52.91 51.28
CA PRO C 194 -43.56 -51.91 52.17
C PRO C 194 -43.22 -50.49 51.79
N ASP C 195 -42.08 -50.25 51.14
CA ASP C 195 -41.73 -48.92 50.67
C ASP C 195 -42.51 -48.50 49.43
N LEU C 196 -43.10 -49.45 48.70
CA LEU C 196 -43.84 -49.16 47.49
C LEU C 196 -45.33 -49.39 47.63
N LYS C 197 -45.79 -49.92 48.76
CA LYS C 197 -47.17 -50.37 48.87
C LYS C 197 -48.15 -49.22 48.70
N LYS C 198 -47.89 -48.09 49.36
CA LYS C 198 -48.86 -47.01 49.37
C LYS C 198 -48.75 -46.09 48.17
N ASN C 199 -47.70 -46.21 47.37
CA ASN C 199 -47.58 -45.42 46.16
C ASN C 199 -48.34 -46.02 44.99
N PHE C 200 -48.74 -47.28 45.08
CA PHE C 200 -49.52 -47.91 44.03
C PHE C 200 -51.00 -47.73 44.30
N GLY C 201 -51.74 -47.32 43.27
CA GLY C 201 -53.16 -47.15 43.41
C GLY C 201 -53.89 -48.47 43.39
N GLN C 202 -55.19 -48.45 43.10
CA GLN C 202 -55.95 -49.68 43.02
C GLN C 202 -55.49 -50.49 41.82
N TYR C 203 -55.49 -49.87 40.65
CA TYR C 203 -55.05 -50.52 39.43
C TYR C 203 -53.53 -50.39 39.31
N LYS C 204 -52.83 -51.52 39.37
CA LYS C 204 -51.38 -51.50 39.44
C LYS C 204 -50.71 -51.38 38.08
N GLY C 205 -51.34 -51.85 37.04
CA GLY C 205 -50.74 -51.79 35.72
C GLY C 205 -51.13 -53.00 34.92
N TYR C 206 -50.28 -53.34 33.96
CA TYR C 206 -50.54 -54.43 33.06
C TYR C 206 -49.28 -55.24 32.83
N ASP C 207 -49.47 -56.50 32.42
CA ASP C 207 -48.39 -57.45 32.24
C ASP C 207 -48.49 -57.97 30.81
N PHE C 208 -47.72 -57.37 29.91
CA PHE C 208 -47.83 -57.70 28.50
C PHE C 208 -47.19 -59.02 28.13
N VAL C 209 -46.18 -59.47 28.86
CA VAL C 209 -45.57 -60.77 28.56
C VAL C 209 -46.43 -61.93 29.03
N ASP C 210 -47.45 -61.67 29.83
CA ASP C 210 -48.34 -62.70 30.32
C ASP C 210 -49.81 -62.39 30.09
N ASN C 211 -50.15 -61.15 29.74
CA ASN C 211 -51.52 -60.75 29.43
C ASN C 211 -52.44 -60.96 30.64
N ASP C 212 -52.02 -60.44 31.79
CA ASP C 212 -52.85 -60.40 32.97
C ASP C 212 -52.60 -59.08 33.68
N TYR C 213 -53.44 -58.79 34.66
CA TYR C 213 -53.37 -57.52 35.38
C TYR C 213 -52.52 -57.62 36.63
N ASP C 214 -51.53 -58.50 36.62
CA ASP C 214 -50.62 -58.72 37.76
C ASP C 214 -49.20 -58.50 37.26
N PRO C 215 -48.70 -57.27 37.30
CA PRO C 215 -47.36 -56.96 36.81
C PRO C 215 -46.24 -57.29 37.81
N GLU C 216 -46.34 -58.47 38.40
CA GLU C 216 -45.31 -58.92 39.32
C GLU C 216 -44.03 -59.26 38.55
N GLU C 217 -42.90 -59.17 39.24
CA GLU C 217 -41.64 -59.53 38.63
C GLU C 217 -41.60 -61.03 38.32
N THR C 218 -40.64 -61.42 37.52
CA THR C 218 -40.50 -62.82 37.17
C THR C 218 -40.08 -63.62 38.40
N PRO C 219 -40.83 -64.65 38.77
CA PRO C 219 -40.46 -65.41 39.98
C PRO C 219 -39.21 -66.23 39.76
N SER C 220 -38.64 -66.76 40.84
CA SER C 220 -37.51 -67.68 40.72
C SER C 220 -38.00 -69.02 40.22
N GLY C 221 -37.20 -69.64 39.36
CA GLY C 221 -37.57 -70.93 38.79
C GLY C 221 -38.62 -70.81 37.70
N ASP C 222 -38.32 -70.02 36.67
CA ASP C 222 -39.20 -69.86 35.52
C ASP C 222 -38.57 -70.54 34.32
N PRO C 223 -39.25 -71.46 33.65
CA PRO C 223 -38.64 -72.14 32.50
C PRO C 223 -38.17 -71.19 31.41
N ARG C 224 -38.86 -70.08 31.18
CA ARG C 224 -38.53 -69.21 30.07
C ARG C 224 -37.32 -68.31 30.33
N GLY C 225 -36.89 -68.19 31.59
CA GLY C 225 -35.75 -67.34 31.87
C GLY C 225 -35.37 -67.28 33.34
N ALA C 226 -34.83 -66.14 33.77
CA ALA C 226 -34.36 -65.97 35.14
C ALA C 226 -35.18 -64.90 35.83
N SER C 227 -35.19 -64.94 37.16
CA SER C 227 -35.93 -63.97 37.94
C SER C 227 -35.33 -62.58 37.75
N THR C 228 -36.19 -61.57 37.87
CA THR C 228 -35.80 -60.19 37.60
C THR C 228 -36.09 -59.31 38.81
N ASP C 229 -35.30 -58.25 38.96
CA ASP C 229 -35.52 -57.28 40.01
C ASP C 229 -35.28 -55.85 39.52
N HIS C 230 -35.14 -55.64 38.22
CA HIS C 230 -34.81 -54.33 37.69
C HIS C 230 -35.95 -53.34 37.91
N GLY C 231 -37.18 -53.76 37.62
CA GLY C 231 -38.30 -52.84 37.69
C GLY C 231 -38.58 -52.36 39.11
N THR C 232 -38.49 -53.26 40.09
CA THR C 232 -38.72 -52.85 41.46
C THR C 232 -37.66 -51.86 41.92
N HIS C 233 -36.41 -52.08 41.52
CA HIS C 233 -35.36 -51.15 41.87
C HIS C 233 -35.62 -49.78 41.25
N VAL C 234 -36.04 -49.76 39.99
CA VAL C 234 -36.34 -48.50 39.32
C VAL C 234 -37.49 -47.78 40.01
N ALA C 235 -38.56 -48.52 40.34
CA ALA C 235 -39.70 -47.92 41.01
C ALA C 235 -39.34 -47.38 42.39
N GLY C 236 -38.50 -48.10 43.14
CA GLY C 236 -38.04 -47.56 44.40
C GLY C 236 -37.22 -46.31 44.25
N THR C 237 -36.39 -46.26 43.20
CA THR C 237 -35.64 -45.04 42.96
C THR C 237 -36.56 -43.87 42.65
N VAL C 238 -37.60 -44.10 41.86
CA VAL C 238 -38.50 -43.02 41.48
C VAL C 238 -39.28 -42.53 42.69
N ALA C 239 -40.08 -43.40 43.28
CA ALA C 239 -41.01 -42.99 44.33
C ALA C 239 -41.15 -44.13 45.33
N ALA C 240 -40.33 -44.10 46.38
CA ALA C 240 -40.43 -45.05 47.47
C ALA C 240 -40.58 -44.26 48.75
N ASN C 241 -41.60 -44.57 49.53
CA ASN C 241 -41.85 -43.89 50.79
C ASN C 241 -41.65 -44.88 51.93
N GLY C 242 -40.74 -44.54 52.85
CA GLY C 242 -40.48 -45.42 53.97
C GLY C 242 -39.03 -45.36 54.40
N THR C 243 -38.41 -46.53 54.55
CA THR C 243 -37.00 -46.59 54.94
C THR C 243 -36.12 -45.90 53.90
N ILE C 244 -36.38 -46.16 52.63
CA ILE C 244 -35.71 -45.48 51.53
C ILE C 244 -36.70 -44.50 50.91
N LYS C 245 -36.27 -43.27 50.68
CA LYS C 245 -37.14 -42.24 50.11
C LYS C 245 -36.72 -41.98 48.67
N GLY C 246 -37.63 -42.20 47.74
CA GLY C 246 -37.37 -41.96 46.35
C GLY C 246 -37.33 -40.48 46.06
N VAL C 247 -37.07 -40.15 44.79
CA VAL C 247 -36.94 -38.76 44.41
C VAL C 247 -38.26 -38.02 44.59
N ALA C 248 -39.37 -38.68 44.29
CA ALA C 248 -40.70 -38.08 44.39
C ALA C 248 -41.59 -38.99 45.22
N PRO C 249 -41.39 -39.04 46.52
CA PRO C 249 -42.05 -40.08 47.31
C PRO C 249 -43.50 -39.77 47.62
N ASP C 250 -44.24 -39.30 46.61
CA ASP C 250 -45.68 -39.15 46.74
C ASP C 250 -46.39 -39.43 45.43
N ALA C 251 -45.68 -39.81 44.39
CA ALA C 251 -46.27 -40.02 43.08
C ALA C 251 -46.93 -41.38 42.99
N THR C 252 -48.05 -41.45 42.28
CA THR C 252 -48.68 -42.71 41.99
C THR C 252 -47.85 -43.46 40.96
N LEU C 253 -47.86 -44.79 41.05
CA LEU C 253 -47.04 -45.62 40.19
C LEU C 253 -47.91 -46.58 39.40
N LEU C 254 -47.49 -46.85 38.17
CA LEU C 254 -48.10 -47.89 37.35
C LEU C 254 -46.99 -48.78 36.81
N ALA C 255 -47.20 -50.09 36.89
CA ALA C 255 -46.21 -51.05 36.43
C ALA C 255 -46.67 -51.69 35.13
N TYR C 256 -45.75 -51.80 34.19
CA TYR C 256 -46.05 -52.39 32.88
C TYR C 256 -44.95 -53.39 32.58
N ARG C 257 -45.26 -54.67 32.77
CA ARG C 257 -44.29 -55.73 32.52
C ARG C 257 -44.23 -56.01 31.03
N VAL C 258 -43.24 -55.44 30.37
CA VAL C 258 -43.03 -55.69 28.95
C VAL C 258 -41.81 -56.53 28.68
N LEU C 259 -40.86 -56.61 29.61
CA LEU C 259 -39.67 -57.43 29.44
C LEU C 259 -39.90 -58.74 30.18
N GLY C 260 -39.82 -59.84 29.44
CA GLY C 260 -40.10 -61.13 30.00
C GLY C 260 -38.98 -61.62 30.89
N PRO C 261 -39.04 -62.89 31.26
CA PRO C 261 -37.95 -63.47 32.07
C PRO C 261 -36.62 -63.36 31.35
N GLY C 262 -35.58 -63.04 32.11
CA GLY C 262 -34.26 -62.82 31.57
C GLY C 262 -33.98 -61.39 31.17
N GLY C 263 -34.99 -60.53 31.19
CA GLY C 263 -34.82 -59.14 30.83
C GLY C 263 -34.96 -58.82 29.37
N SER C 264 -35.42 -59.76 28.56
CA SER C 264 -35.56 -59.56 27.13
C SER C 264 -37.04 -59.43 26.76
N GLY C 265 -37.32 -58.48 25.88
CA GLY C 265 -38.69 -58.24 25.46
C GLY C 265 -38.83 -57.80 24.03
N THR C 266 -39.91 -58.20 23.38
CA THR C 266 -40.14 -57.82 21.99
C THR C 266 -40.40 -56.33 21.88
N THR C 267 -40.05 -55.76 20.73
CA THR C 267 -40.30 -54.35 20.48
C THR C 267 -41.80 -54.04 20.50
N GLU C 268 -42.61 -54.96 19.98
CA GLU C 268 -44.06 -54.75 19.98
C GLU C 268 -44.61 -54.65 21.39
N ASN C 269 -44.10 -55.44 22.33
CA ASN C 269 -44.51 -55.32 23.72
C ASN C 269 -44.13 -53.98 24.31
N VAL C 270 -42.96 -53.44 23.99
CA VAL C 270 -42.58 -52.13 24.51
C VAL C 270 -43.47 -51.04 23.94
N ILE C 271 -43.79 -51.13 22.64
CA ILE C 271 -44.69 -50.15 22.05
C ILE C 271 -46.06 -50.23 22.71
N ALA C 272 -46.55 -51.45 22.93
CA ALA C 272 -47.83 -51.62 23.59
C ALA C 272 -47.80 -51.05 25.00
N GLY C 273 -46.70 -51.24 25.72
CA GLY C 273 -46.57 -50.69 27.05
C GLY C 273 -46.59 -49.19 27.05
N ILE C 274 -45.89 -48.57 26.10
CA ILE C 274 -45.88 -47.12 26.02
C ILE C 274 -47.28 -46.59 25.72
N GLU C 275 -47.96 -47.19 24.75
CA GLU C 275 -49.30 -46.74 24.41
C GLU C 275 -50.29 -46.95 25.54
N ARG C 276 -50.19 -48.08 26.26
CA ARG C 276 -51.08 -48.31 27.38
C ARG C 276 -50.79 -47.37 28.54
N ALA C 277 -49.52 -47.00 28.74
CA ALA C 277 -49.19 -46.00 29.74
C ALA C 277 -49.76 -44.65 29.39
N VAL C 278 -49.78 -44.31 28.10
CA VAL C 278 -50.44 -43.07 27.69
C VAL C 278 -51.95 -43.18 27.91
N GLN C 279 -52.53 -44.35 27.66
CA GLN C 279 -53.94 -44.56 27.96
C GLN C 279 -54.25 -44.28 29.42
N ASP C 280 -53.48 -44.87 30.32
CA ASP C 280 -53.78 -44.86 31.74
C ASP C 280 -53.54 -43.51 32.39
N GLY C 281 -53.29 -42.47 31.61
CA GLY C 281 -53.14 -41.15 32.17
C GLY C 281 -51.82 -40.88 32.84
N ALA C 282 -50.80 -41.69 32.61
CA ALA C 282 -49.50 -41.45 33.21
C ALA C 282 -48.95 -40.11 32.75
N ASP C 283 -48.50 -39.32 33.71
CA ASP C 283 -47.91 -38.02 33.38
C ASP C 283 -46.42 -38.13 33.09
N VAL C 284 -45.73 -39.04 33.74
CA VAL C 284 -44.31 -39.27 33.51
C VAL C 284 -44.11 -40.73 33.16
N MET C 285 -43.20 -41.01 32.24
CA MET C 285 -42.97 -42.34 31.75
C MET C 285 -41.49 -42.66 31.89
N ASN C 286 -41.16 -43.87 32.32
CA ASN C 286 -39.78 -44.26 32.54
C ASN C 286 -39.46 -45.52 31.76
N LEU C 287 -38.44 -45.44 30.90
CA LEU C 287 -37.95 -46.56 30.11
C LEU C 287 -36.48 -46.78 30.43
N SER C 288 -36.21 -47.79 31.24
CA SER C 288 -34.85 -48.22 31.54
C SER C 288 -34.44 -49.43 30.72
N LEU C 289 -35.06 -49.62 29.57
CA LEU C 289 -34.71 -50.67 28.63
C LEU C 289 -34.03 -50.05 27.42
N GLY C 290 -33.70 -50.89 26.46
CA GLY C 290 -33.14 -50.39 25.21
C GLY C 290 -32.14 -51.32 24.57
N ASN C 291 -32.15 -51.37 23.24
CA ASN C 291 -31.17 -52.14 22.50
C ASN C 291 -29.98 -51.22 22.19
N SER C 292 -29.10 -51.64 21.30
CA SER C 292 -27.89 -50.88 20.99
C SER C 292 -27.81 -50.55 19.53
N VAL C 293 -28.91 -50.09 18.95
CA VAL C 293 -28.95 -49.65 17.56
C VAL C 293 -29.06 -48.13 17.56
N ASN C 294 -28.04 -47.45 17.07
CA ASN C 294 -28.01 -45.99 17.02
C ASN C 294 -28.85 -45.52 15.82
N ASN C 295 -30.16 -45.66 15.97
CA ASN C 295 -31.11 -45.25 14.93
C ASN C 295 -32.17 -44.38 15.57
N PRO C 296 -32.31 -43.13 15.17
CA PRO C 296 -33.35 -42.27 15.76
C PRO C 296 -34.75 -42.65 15.35
N ASP C 297 -34.91 -43.48 14.33
CA ASP C 297 -36.22 -43.87 13.83
C ASP C 297 -36.49 -45.34 14.09
N TRP C 298 -36.05 -45.84 15.23
CA TRP C 298 -36.48 -47.15 15.65
C TRP C 298 -37.94 -47.09 16.10
N ALA C 299 -38.58 -48.25 16.17
CA ALA C 299 -39.99 -48.28 16.52
C ALA C 299 -40.22 -47.74 17.92
N THR C 300 -39.36 -48.11 18.87
CA THR C 300 -39.49 -47.62 20.23
C THR C 300 -39.24 -46.13 20.34
N SER C 301 -38.40 -45.57 19.47
CA SER C 301 -38.20 -44.13 19.45
C SER C 301 -39.36 -43.39 18.83
N THR C 302 -39.96 -43.93 17.77
CA THR C 302 -41.16 -43.34 17.22
C THR C 302 -42.30 -43.36 18.23
N ALA C 303 -42.46 -44.47 18.94
CA ALA C 303 -43.48 -44.54 19.97
C ALA C 303 -43.21 -43.53 21.09
N LEU C 304 -41.96 -43.30 21.43
CA LEU C 304 -41.63 -42.34 22.46
C LEU C 304 -41.84 -40.90 21.99
N ASP C 305 -41.67 -40.63 20.71
CA ASP C 305 -42.02 -39.33 20.15
C ASP C 305 -43.52 -39.15 19.97
N TRP C 306 -44.29 -40.24 19.91
CA TRP C 306 -45.74 -40.09 19.89
C TRP C 306 -46.22 -39.57 21.23
N ALA C 307 -45.79 -40.18 22.33
CA ALA C 307 -45.85 -39.50 23.61
C ALA C 307 -44.88 -38.33 23.57
N MET C 308 -44.92 -37.51 24.62
CA MET C 308 -44.23 -36.21 24.63
C MET C 308 -44.92 -35.28 23.64
N SER C 309 -45.89 -35.81 22.90
CA SER C 309 -46.84 -35.01 22.16
C SER C 309 -48.26 -35.27 22.61
N GLU C 310 -48.55 -36.42 23.21
CA GLU C 310 -49.79 -36.60 23.96
C GLU C 310 -49.58 -36.25 25.42
N GLY C 311 -48.92 -35.13 25.67
CA GLY C 311 -48.76 -34.58 26.99
C GLY C 311 -48.13 -35.48 28.03
N VAL C 312 -47.25 -36.41 27.64
CA VAL C 312 -46.63 -37.34 28.58
C VAL C 312 -45.13 -37.20 28.48
N THR C 313 -44.50 -36.75 29.55
CA THR C 313 -43.04 -36.68 29.59
C THR C 313 -42.45 -38.08 29.56
N ALA C 314 -41.40 -38.27 28.78
CA ALA C 314 -40.80 -39.58 28.57
C ALA C 314 -39.31 -39.50 28.91
N VAL C 315 -38.90 -40.22 29.95
CA VAL C 315 -37.51 -40.26 30.37
C VAL C 315 -36.98 -41.66 30.10
N THR C 316 -35.83 -41.74 29.45
CA THR C 316 -35.27 -43.02 29.05
C THR C 316 -33.78 -43.04 29.36
N SER C 317 -33.26 -44.24 29.55
CA SER C 317 -31.84 -44.40 29.73
C SER C 317 -31.11 -44.22 28.41
N ASN C 318 -29.87 -43.75 28.51
CA ASN C 318 -29.02 -43.61 27.32
C ASN C 318 -28.48 -44.94 26.82
N GLY C 319 -28.37 -45.93 27.68
CA GLY C 319 -27.77 -47.20 27.34
C GLY C 319 -26.46 -47.43 28.08
N ASN C 320 -26.02 -48.68 28.05
CA ASN C 320 -24.85 -49.11 28.81
C ASN C 320 -23.78 -49.58 27.84
N SER C 321 -22.98 -48.64 27.35
CA SER C 321 -21.88 -48.97 26.46
C SER C 321 -20.67 -48.14 26.87
N GLY C 322 -19.48 -48.73 26.71
CA GLY C 322 -18.26 -48.15 27.20
C GLY C 322 -18.01 -46.77 26.64
N PRO C 323 -16.93 -46.14 27.06
CA PRO C 323 -16.70 -44.76 26.63
C PRO C 323 -16.35 -44.73 25.16
N ASN C 324 -17.33 -44.36 24.35
CA ASN C 324 -17.21 -44.42 22.91
C ASN C 324 -18.36 -43.66 22.28
N ASN C 325 -18.05 -42.76 21.35
CA ASN C 325 -19.10 -42.00 20.72
C ASN C 325 -19.94 -42.90 19.82
N TRP C 326 -21.16 -42.45 19.54
CA TRP C 326 -22.07 -43.14 18.63
C TRP C 326 -22.52 -44.49 19.16
N THR C 327 -22.67 -44.61 20.48
CA THR C 327 -23.09 -45.88 21.07
C THR C 327 -24.42 -45.75 21.82
N VAL C 328 -25.19 -44.69 21.57
CA VAL C 328 -26.43 -44.48 22.28
C VAL C 328 -27.48 -45.47 21.79
N GLY C 329 -28.32 -45.95 22.71
CA GLY C 329 -29.27 -47.00 22.39
C GLY C 329 -30.48 -46.51 21.61
N SER C 330 -31.38 -47.47 21.32
CA SER C 330 -32.47 -47.17 20.38
C SER C 330 -33.54 -46.26 20.97
N PRO C 331 -34.20 -46.60 22.08
CA PRO C 331 -35.19 -45.67 22.62
C PRO C 331 -34.58 -44.38 23.08
N GLY C 332 -33.29 -44.38 23.41
CA GLY C 332 -32.63 -43.17 23.88
C GLY C 332 -32.10 -42.33 22.74
N THR C 333 -32.47 -42.65 21.51
CA THR C 333 -32.15 -41.83 20.35
C THR C 333 -33.34 -41.02 19.88
N SER C 334 -34.46 -41.09 20.58
CA SER C 334 -35.66 -40.38 20.15
C SER C 334 -35.43 -38.89 20.20
N ARG C 335 -36.05 -38.19 19.24
CA ARG C 335 -35.84 -36.76 19.12
C ARG C 335 -36.45 -35.98 20.28
N GLU C 336 -37.58 -36.46 20.81
CA GLU C 336 -38.28 -35.77 21.89
C GLU C 336 -38.43 -36.74 23.06
N ALA C 337 -37.39 -36.81 23.89
CA ALA C 337 -37.43 -37.59 25.11
C ALA C 337 -36.18 -37.30 25.89
N ILE C 338 -36.28 -37.24 27.21
CA ILE C 338 -35.13 -36.94 28.04
C ILE C 338 -34.31 -38.21 28.19
N SER C 339 -33.15 -38.26 27.55
CA SER C 339 -32.23 -39.36 27.69
C SER C 339 -31.22 -39.03 28.77
N VAL C 340 -30.96 -39.98 29.66
CA VAL C 340 -30.18 -39.74 30.86
C VAL C 340 -28.92 -40.60 30.83
N GLY C 341 -27.79 -39.96 31.09
CA GLY C 341 -26.54 -40.67 31.32
C GLY C 341 -26.27 -40.81 32.81
N ALA C 342 -25.28 -41.62 33.12
CA ALA C 342 -24.97 -41.99 34.50
C ALA C 342 -23.73 -41.28 34.99
N THR C 343 -23.76 -40.82 36.24
CA THR C 343 -22.64 -40.15 36.87
C THR C 343 -22.29 -40.82 38.18
N GLN C 344 -21.05 -40.62 38.61
CA GLN C 344 -20.59 -41.06 39.92
C GLN C 344 -20.63 -39.89 40.88
N LEU C 345 -21.17 -40.12 42.06
CA LEU C 345 -21.24 -39.07 43.06
C LEU C 345 -19.83 -38.73 43.54
N PRO C 346 -19.61 -37.50 44.01
CA PRO C 346 -18.27 -37.10 44.46
C PRO C 346 -17.78 -37.98 45.59
N LEU C 347 -16.70 -38.70 45.34
CA LEU C 347 -16.12 -39.61 46.31
C LEU C 347 -14.70 -39.18 46.65
N ASN C 348 -14.27 -39.53 47.85
CA ASN C 348 -12.96 -39.13 48.35
C ASN C 348 -11.91 -40.18 48.04
N LYS C 477 -7.15 -37.67 47.21
CA LYS C 477 -7.63 -36.74 46.20
C LYS C 477 -9.13 -36.88 45.99
N SER C 478 -9.91 -36.06 46.68
CA SER C 478 -11.35 -36.05 46.52
C SER C 478 -11.74 -35.57 45.13
N LEU C 479 -12.64 -36.30 44.49
CA LEU C 479 -13.10 -35.98 43.15
C LEU C 479 -14.50 -35.39 43.19
N THR C 480 -14.79 -34.58 42.18
CA THR C 480 -16.13 -34.04 41.99
C THR C 480 -16.97 -35.08 41.26
N GLU C 481 -18.16 -34.70 40.81
CA GLU C 481 -18.99 -35.61 40.06
C GLU C 481 -18.32 -35.99 38.75
N GLN C 482 -18.48 -37.25 38.35
CA GLN C 482 -17.80 -37.76 37.19
C GLN C 482 -18.73 -38.71 36.46
N MET C 483 -18.70 -38.67 35.13
CA MET C 483 -19.53 -39.59 34.37
C MET C 483 -18.95 -40.99 34.43
N ALA C 484 -19.82 -41.97 34.63
CA ALA C 484 -19.40 -43.36 34.58
C ALA C 484 -18.95 -43.72 33.18
N ASP C 485 -18.06 -44.71 33.09
CA ASP C 485 -17.47 -45.09 31.82
C ASP C 485 -18.28 -46.15 31.10
N PHE C 486 -19.50 -46.42 31.54
CA PHE C 486 -20.37 -47.31 30.81
C PHE C 486 -21.57 -46.60 30.19
N SER C 487 -21.72 -45.30 30.41
CA SER C 487 -22.81 -44.58 29.79
C SER C 487 -22.59 -44.50 28.28
N SER C 488 -23.64 -44.79 27.53
CA SER C 488 -23.57 -44.62 26.09
C SER C 488 -23.41 -43.15 25.75
N ARG C 489 -22.75 -42.89 24.64
CA ARG C 489 -22.44 -41.54 24.23
C ARG C 489 -22.96 -41.28 22.83
N GLY C 490 -23.38 -40.04 22.59
CA GLY C 490 -23.87 -39.66 21.30
C GLY C 490 -22.75 -39.41 20.33
N PRO C 491 -23.05 -38.75 19.21
CA PRO C 491 -24.34 -38.23 18.78
C PRO C 491 -25.24 -39.30 18.21
N VAL C 492 -26.48 -38.95 17.90
CA VAL C 492 -27.36 -39.87 17.20
C VAL C 492 -27.05 -39.87 15.72
N MET C 493 -27.12 -41.04 15.11
CA MET C 493 -26.88 -41.16 13.68
C MET C 493 -28.03 -40.52 12.92
N ASP C 494 -27.71 -39.95 11.76
CA ASP C 494 -28.69 -39.45 10.80
C ASP C 494 -29.42 -38.21 11.28
N THR C 495 -29.23 -37.83 12.54
CA THR C 495 -29.71 -36.56 13.04
C THR C 495 -28.64 -35.77 13.78
N TRP C 496 -27.53 -36.40 14.17
CA TRP C 496 -26.40 -35.72 14.79
C TRP C 496 -26.82 -34.97 16.05
N MET C 497 -27.87 -35.44 16.70
CA MET C 497 -28.37 -34.82 17.91
C MET C 497 -27.47 -35.15 19.08
N ILE C 498 -27.32 -34.20 19.99
CA ILE C 498 -26.48 -34.41 21.17
C ILE C 498 -27.22 -35.29 22.16
N LYS C 499 -26.60 -36.40 22.54
CA LYS C 499 -27.15 -37.27 23.57
C LYS C 499 -26.01 -37.79 24.42
N PRO C 500 -26.23 -38.03 25.71
CA PRO C 500 -27.48 -37.98 26.47
C PRO C 500 -28.04 -36.58 26.59
N ASP C 501 -29.31 -36.41 26.90
CA ASP C 501 -29.80 -35.06 27.13
C ASP C 501 -29.34 -34.51 28.46
N VAL C 502 -29.45 -35.30 29.52
CA VAL C 502 -28.98 -34.87 30.84
C VAL C 502 -28.32 -36.07 31.50
N SER C 503 -27.45 -35.82 32.47
CA SER C 503 -26.89 -36.89 33.28
C SER C 503 -27.42 -36.82 34.71
N ALA C 504 -27.37 -37.95 35.40
CA ALA C 504 -27.90 -38.06 36.74
C ALA C 504 -27.13 -39.15 37.48
N PRO C 505 -27.17 -39.16 38.80
CA PRO C 505 -26.44 -40.19 39.55
C PRO C 505 -26.95 -41.59 39.22
N GLY C 506 -26.05 -42.44 38.74
CA GLY C 506 -26.44 -43.77 38.34
C GLY C 506 -25.43 -44.85 38.66
N VAL C 507 -24.56 -44.61 39.64
CA VAL C 507 -23.55 -45.56 40.05
C VAL C 507 -23.76 -45.86 41.52
N ASN C 508 -23.87 -47.15 41.86
CA ASN C 508 -24.05 -47.60 43.23
C ASN C 508 -25.29 -46.97 43.86
N ILE C 509 -26.44 -47.27 43.27
CA ILE C 509 -27.71 -46.78 43.76
C ILE C 509 -28.40 -47.91 44.52
N VAL C 510 -28.70 -47.67 45.78
CA VAL C 510 -29.39 -48.66 46.60
C VAL C 510 -30.88 -48.34 46.57
N SER C 511 -31.70 -49.38 46.42
CA SER C 511 -33.14 -49.19 46.29
C SER C 511 -33.83 -50.51 46.55
N THR C 512 -35.16 -50.48 46.54
CA THR C 512 -35.96 -51.63 46.91
C THR C 512 -35.85 -52.72 45.86
N ILE C 513 -35.66 -53.95 46.30
CA ILE C 513 -35.63 -55.11 45.41
C ILE C 513 -36.45 -56.23 46.01
N PRO C 514 -36.95 -57.16 45.21
CA PRO C 514 -37.43 -58.42 45.77
C PRO C 514 -36.28 -59.38 45.94
N THR C 515 -36.22 -60.02 47.11
CA THR C 515 -35.18 -61.00 47.36
C THR C 515 -35.48 -62.35 46.74
N HIS C 516 -36.70 -62.54 46.23
CA HIS C 516 -37.13 -63.80 45.65
C HIS C 516 -36.95 -64.94 46.65
N ASP C 517 -37.18 -64.63 47.92
CA ASP C 517 -37.08 -65.58 49.01
C ASP C 517 -38.40 -65.58 49.76
N PRO C 518 -39.12 -66.71 49.82
CA PRO C 518 -40.38 -66.72 50.56
C PRO C 518 -40.24 -66.35 52.03
N ALA C 519 -39.07 -66.57 52.63
CA ALA C 519 -38.88 -66.21 54.04
C ALA C 519 -38.99 -64.70 54.24
N ASP C 520 -38.36 -63.92 53.38
CA ASP C 520 -38.50 -62.46 53.40
C ASP C 520 -38.38 -61.96 51.96
N PRO C 521 -39.49 -61.61 51.33
CA PRO C 521 -39.46 -61.34 49.89
C PRO C 521 -38.96 -59.96 49.52
N TYR C 522 -38.86 -59.03 50.46
CA TYR C 522 -38.52 -57.66 50.17
C TYR C 522 -37.21 -57.28 50.85
N GLY C 523 -36.37 -56.53 50.14
CA GLY C 523 -35.13 -56.07 50.71
C GLY C 523 -34.60 -54.89 49.93
N TYR C 524 -33.33 -54.58 50.16
CA TYR C 524 -32.68 -53.49 49.46
C TYR C 524 -31.41 -53.98 48.79
N GLY C 525 -31.13 -53.42 47.62
CA GLY C 525 -29.97 -53.85 46.86
C GLY C 525 -29.40 -52.68 46.10
N SER C 526 -28.10 -52.79 45.83
CA SER C 526 -27.35 -51.74 45.14
C SER C 526 -27.10 -52.18 43.71
N LYS C 527 -27.62 -51.42 42.76
CA LYS C 527 -27.39 -51.67 41.35
C LYS C 527 -26.80 -50.42 40.70
N GLN C 528 -26.16 -50.64 39.56
CA GLN C 528 -25.47 -49.59 38.84
C GLN C 528 -25.81 -49.72 37.36
N GLY C 529 -25.89 -48.59 36.68
CA GLY C 529 -26.17 -48.60 35.26
C GLY C 529 -26.85 -47.33 34.84
N THR C 530 -26.73 -47.05 33.54
CA THR C 530 -27.45 -45.91 32.97
C THR C 530 -28.94 -46.09 33.11
N SER C 531 -29.40 -47.34 33.17
CA SER C 531 -30.82 -47.61 33.39
C SER C 531 -31.29 -47.16 34.75
N MET C 532 -30.38 -46.88 35.68
CA MET C 532 -30.75 -46.36 36.98
C MET C 532 -30.41 -44.89 37.17
N ALA C 533 -29.89 -44.22 36.16
CA ALA C 533 -29.85 -42.78 36.19
C ALA C 533 -31.16 -42.16 35.75
N SER C 534 -31.86 -42.79 34.82
CA SER C 534 -33.14 -42.25 34.35
C SER C 534 -34.19 -42.14 35.45
N PRO C 535 -34.34 -43.07 36.40
CA PRO C 535 -35.37 -42.88 37.43
C PRO C 535 -35.21 -41.61 38.23
N HIS C 536 -33.99 -41.13 38.45
CA HIS C 536 -33.81 -39.85 39.12
C HIS C 536 -34.46 -38.74 38.32
N VAL C 537 -34.26 -38.74 37.01
CA VAL C 537 -34.85 -37.68 36.18
C VAL C 537 -36.35 -37.86 36.09
N ALA C 538 -36.84 -39.10 36.13
CA ALA C 538 -38.29 -39.29 36.14
C ALA C 538 -38.91 -38.74 37.41
N GLY C 539 -38.28 -38.99 38.55
CA GLY C 539 -38.75 -38.39 39.79
C GLY C 539 -38.66 -36.89 39.78
N ALA C 540 -37.58 -36.36 39.20
CA ALA C 540 -37.44 -34.91 39.07
C ALA C 540 -38.55 -34.33 38.21
N ALA C 541 -38.89 -35.00 37.12
CA ALA C 541 -39.97 -34.55 36.27
C ALA C 541 -41.30 -34.59 37.00
N ALA C 542 -41.53 -35.63 37.81
CA ALA C 542 -42.76 -35.68 38.60
C ALA C 542 -42.82 -34.52 39.57
N VAL C 543 -41.72 -34.23 40.26
CA VAL C 543 -41.69 -33.13 41.22
C VAL C 543 -41.96 -31.82 40.51
N ILE C 544 -41.31 -31.61 39.37
CA ILE C 544 -41.50 -30.36 38.63
C ILE C 544 -42.94 -30.22 38.16
N LYS C 545 -43.51 -31.31 37.64
CA LYS C 545 -44.89 -31.26 37.19
C LYS C 545 -45.84 -30.95 38.33
N GLN C 546 -45.54 -31.42 39.54
CA GLN C 546 -46.33 -30.95 40.68
C GLN C 546 -46.11 -29.47 40.92
N ALA C 547 -44.86 -29.00 40.78
CA ALA C 547 -44.57 -27.59 41.06
C ALA C 547 -45.11 -26.69 39.97
N LYS C 548 -44.92 -27.06 38.71
CA LYS C 548 -45.37 -26.28 37.56
C LYS C 548 -46.42 -27.09 36.81
N PRO C 549 -47.69 -27.00 37.16
CA PRO C 549 -48.69 -27.87 36.54
C PRO C 549 -49.03 -27.50 35.11
N LYS C 550 -48.58 -26.35 34.62
CA LYS C 550 -48.94 -25.91 33.28
C LYS C 550 -47.86 -26.18 32.25
N TRP C 551 -46.71 -26.72 32.65
CA TRP C 551 -45.62 -26.93 31.73
C TRP C 551 -45.89 -28.14 30.84
N SER C 552 -45.58 -28.01 29.56
CA SER C 552 -45.69 -29.09 28.59
C SER C 552 -44.52 -30.04 28.78
N PRO C 553 -44.57 -31.24 28.22
CA PRO C 553 -43.41 -32.13 28.32
C PRO C 553 -42.14 -31.53 27.76
N GLU C 554 -42.22 -30.78 26.67
CA GLU C 554 -41.04 -30.13 26.13
C GLU C 554 -40.53 -29.00 27.01
N GLN C 555 -41.43 -28.30 27.69
CA GLN C 555 -41.02 -27.29 28.65
C GLN C 555 -40.30 -27.88 29.84
N ILE C 556 -40.75 -29.04 30.34
CA ILE C 556 -40.04 -29.71 31.41
C ILE C 556 -38.66 -30.15 30.96
N LYS C 557 -38.57 -30.69 29.74
CA LYS C 557 -37.27 -31.10 29.22
C LYS C 557 -36.33 -29.91 29.12
N ALA C 558 -36.84 -28.78 28.61
CA ALA C 558 -36.02 -27.58 28.53
C ALA C 558 -35.64 -27.02 29.88
N ALA C 559 -36.48 -27.16 30.89
CA ALA C 559 -36.16 -26.68 32.23
C ALA C 559 -35.13 -27.55 32.93
N LEU C 560 -35.24 -28.86 32.80
CA LEU C 560 -34.19 -29.73 33.34
C LEU C 560 -32.88 -29.48 32.62
N MET C 561 -32.92 -29.33 31.31
CA MET C 561 -31.70 -29.24 30.53
C MET C 561 -31.04 -27.88 30.68
N ASN C 562 -31.82 -26.83 30.94
CA ASN C 562 -31.27 -25.50 31.04
C ASN C 562 -30.49 -25.31 32.33
N THR C 563 -31.04 -25.77 33.44
CA THR C 563 -30.44 -25.58 34.77
C THR C 563 -29.75 -26.90 35.14
N ALA C 564 -28.54 -27.08 34.62
CA ALA C 564 -27.77 -28.28 34.87
C ALA C 564 -26.31 -27.91 35.04
N GLU C 565 -25.64 -28.55 35.98
CA GLU C 565 -24.26 -28.23 36.31
C GLU C 565 -23.31 -29.00 35.41
N THR C 566 -22.48 -28.28 34.68
CA THR C 566 -21.45 -28.91 33.86
C THR C 566 -20.47 -29.67 34.74
N LEU C 567 -20.00 -30.81 34.23
CA LEU C 567 -19.14 -31.71 34.96
C LEU C 567 -17.74 -31.69 34.37
N THR C 568 -16.74 -31.56 35.22
CA THR C 568 -15.35 -31.65 34.79
C THR C 568 -14.76 -32.97 35.27
N ASP C 569 -13.86 -33.52 34.47
CA ASP C 569 -13.25 -34.80 34.80
C ASP C 569 -12.15 -34.60 35.82
N ALA C 570 -11.34 -35.64 36.06
CA ALA C 570 -10.34 -35.59 37.11
C ALA C 570 -9.28 -34.53 36.82
N ASP C 571 -8.79 -34.47 35.57
CA ASP C 571 -7.72 -33.53 35.26
C ASP C 571 -8.20 -32.09 35.34
N GLY C 572 -9.45 -31.84 34.98
CA GLY C 572 -9.99 -30.51 35.05
C GLY C 572 -10.60 -30.03 33.74
N ASP C 573 -10.81 -30.96 32.82
CA ASP C 573 -11.40 -30.65 31.52
C ASP C 573 -12.89 -30.94 31.54
N VAL C 574 -13.68 -30.05 30.96
CA VAL C 574 -15.11 -30.28 30.85
C VAL C 574 -15.35 -31.51 29.99
N TYR C 575 -16.23 -32.38 30.47
CA TYR C 575 -16.59 -33.56 29.71
C TYR C 575 -17.22 -33.15 28.38
N PRO C 576 -16.97 -33.89 27.31
CA PRO C 576 -17.55 -33.54 26.01
C PRO C 576 -19.06 -33.55 26.09
N HIS C 577 -19.68 -32.80 25.19
CA HIS C 577 -21.14 -32.67 25.21
C HIS C 577 -21.82 -34.01 24.96
N ASN C 578 -21.28 -34.84 24.08
CA ASN C 578 -21.85 -36.17 23.92
C ASN C 578 -21.21 -37.14 24.90
N ALA C 579 -21.02 -36.69 26.13
CA ALA C 579 -20.77 -37.54 27.27
C ALA C 579 -21.50 -37.03 28.48
N GLN C 580 -22.01 -35.82 28.43
CA GLN C 580 -22.61 -35.09 29.54
C GLN C 580 -24.01 -34.61 29.21
N GLY C 581 -24.23 -34.18 27.98
CA GLY C 581 -25.48 -33.63 27.54
C GLY C 581 -25.61 -32.18 27.92
N ALA C 582 -25.91 -31.94 29.18
CA ALA C 582 -25.94 -30.57 29.70
C ALA C 582 -25.45 -30.54 31.14
N GLY C 583 -25.08 -31.66 31.70
CA GLY C 583 -24.64 -31.75 33.07
C GLY C 583 -25.62 -32.52 33.93
N SER C 584 -25.39 -32.50 35.22
CA SER C 584 -26.25 -33.19 36.17
C SER C 584 -27.49 -32.35 36.46
N ILE C 585 -28.61 -33.03 36.71
CA ILE C 585 -29.84 -32.32 37.04
C ILE C 585 -29.66 -31.57 38.34
N ARG C 586 -30.41 -30.49 38.49
CA ARG C 586 -30.55 -29.77 39.75
C ARG C 586 -32.03 -29.44 39.89
N ILE C 587 -32.75 -30.25 40.66
CA ILE C 587 -34.20 -30.10 40.75
C ILE C 587 -34.57 -28.74 41.31
N MET C 588 -33.80 -28.24 42.27
CA MET C 588 -34.15 -26.99 42.92
C MET C 588 -34.05 -25.82 41.94
N LYS C 589 -32.98 -25.80 41.13
CA LYS C 589 -32.86 -24.73 40.13
C LYS C 589 -33.97 -24.85 39.09
N ALA C 590 -34.29 -26.07 38.66
CA ALA C 590 -35.31 -26.25 37.65
C ALA C 590 -36.68 -25.81 38.15
N ILE C 591 -36.99 -26.09 39.41
CA ILE C 591 -38.28 -25.72 39.98
C ILE C 591 -38.44 -24.22 40.04
N LYS C 592 -37.36 -23.48 40.25
CA LYS C 592 -37.40 -22.03 40.37
C LYS C 592 -36.74 -21.47 39.13
N ALA C 593 -37.52 -21.39 38.05
CA ALA C 593 -37.02 -20.92 36.78
C ALA C 593 -38.14 -20.18 36.07
N ASP C 594 -37.92 -18.91 35.79
CA ASP C 594 -38.91 -18.08 35.14
C ASP C 594 -38.58 -17.80 33.69
N SER C 595 -37.54 -18.41 33.16
CA SER C 595 -37.17 -18.25 31.76
C SER C 595 -36.79 -19.62 31.22
N LEU C 596 -37.35 -19.99 30.07
CA LEU C 596 -37.06 -21.27 29.45
C LEU C 596 -36.51 -21.06 28.05
N VAL C 597 -35.37 -21.67 27.77
CA VAL C 597 -34.76 -21.59 26.44
C VAL C 597 -34.92 -22.94 25.77
N ALA C 598 -35.54 -22.94 24.60
CA ALA C 598 -35.82 -24.16 23.87
C ALA C 598 -35.39 -24.03 22.43
N PRO C 599 -34.83 -25.08 21.83
CA PRO C 599 -34.56 -26.40 22.41
C PRO C 599 -33.39 -26.33 23.37
N GLY C 600 -33.34 -27.20 24.37
CA GLY C 600 -32.27 -27.13 25.34
C GLY C 600 -30.90 -27.38 24.76
N SER C 601 -30.83 -28.11 23.65
CA SER C 601 -29.57 -28.32 22.95
C SER C 601 -29.89 -28.40 21.47
N TYR C 602 -28.99 -27.89 20.64
CA TYR C 602 -29.20 -27.88 19.21
C TYR C 602 -27.97 -28.42 18.51
N SER C 603 -28.20 -29.05 17.36
CA SER C 603 -27.13 -29.60 16.54
C SER C 603 -27.27 -29.05 15.13
N TYR C 604 -26.18 -28.48 14.62
CA TYR C 604 -26.23 -27.85 13.31
C TYR C 604 -26.07 -28.84 12.17
N GLY C 605 -25.87 -30.11 12.47
CA GLY C 605 -25.72 -31.10 11.42
C GLY C 605 -24.30 -31.15 10.90
N THR C 606 -24.17 -31.40 9.60
CA THR C 606 -22.89 -31.59 8.96
C THR C 606 -22.64 -30.50 7.93
N PHE C 607 -21.36 -30.18 7.74
CA PHE C 607 -20.92 -29.22 6.74
C PHE C 607 -20.05 -29.97 5.74
N MET C 608 -20.56 -30.17 4.54
CA MET C 608 -19.94 -31.04 3.56
C MET C 608 -19.22 -30.31 2.43
N LYS C 609 -19.28 -28.98 2.40
CA LYS C 609 -18.73 -28.24 1.27
C LYS C 609 -17.22 -28.44 1.19
N ASP C 610 -16.74 -28.72 -0.02
CA ASP C 610 -15.31 -28.91 -0.23
C ASP C 610 -14.56 -27.59 -0.20
N LYS C 611 -15.15 -26.54 -0.79
CA LYS C 611 -14.54 -25.22 -0.79
C LYS C 611 -15.62 -24.17 -0.58
N GLY C 612 -15.21 -23.02 -0.07
CA GLY C 612 -16.13 -21.95 0.22
C GLY C 612 -16.54 -21.92 1.67
N ASN C 613 -17.50 -21.06 1.96
CA ASN C 613 -18.04 -20.89 3.30
C ASN C 613 -19.48 -21.34 3.34
N GLU C 614 -19.84 -22.09 4.37
CA GLU C 614 -21.20 -22.56 4.54
C GLU C 614 -21.77 -22.00 5.82
N THR C 615 -22.98 -21.44 5.74
CA THR C 615 -23.61 -20.78 6.86
C THR C 615 -24.91 -21.49 7.20
N LYS C 616 -25.11 -21.78 8.48
CA LYS C 616 -26.36 -22.34 8.97
C LYS C 616 -26.85 -21.47 10.11
N LYS C 617 -28.16 -21.52 10.38
CA LYS C 617 -28.70 -20.72 11.46
C LYS C 617 -29.82 -21.47 12.15
N GLU C 618 -30.02 -21.14 13.41
CA GLU C 618 -31.05 -21.74 14.23
C GLU C 618 -31.75 -20.64 15.00
N THR C 619 -33.02 -20.87 15.33
CA THR C 619 -33.81 -19.92 16.10
C THR C 619 -34.15 -20.57 17.43
N PHE C 620 -33.50 -20.10 18.49
CA PHE C 620 -33.86 -20.51 19.84
C PHE C 620 -34.98 -19.62 20.34
N THR C 621 -35.78 -20.16 21.24
CA THR C 621 -36.95 -19.48 21.76
C THR C 621 -36.83 -19.33 23.26
N ILE C 622 -36.96 -18.09 23.74
CA ILE C 622 -36.88 -17.80 25.17
C ILE C 622 -38.27 -17.41 25.64
N GLU C 623 -38.80 -18.14 26.59
CA GLU C 623 -40.09 -17.87 27.20
C GLU C 623 -39.85 -17.17 28.53
N ASN C 624 -40.45 -16.00 28.70
CA ASN C 624 -40.30 -15.18 29.90
C ASN C 624 -41.50 -15.45 30.79
N GLN C 625 -41.38 -16.47 31.64
CA GLN C 625 -42.49 -16.87 32.49
C GLN C 625 -42.78 -15.90 33.61
N SER C 626 -41.93 -14.89 33.81
CA SER C 626 -42.09 -13.97 34.93
C SER C 626 -43.13 -12.90 34.58
N SER C 627 -43.40 -12.03 35.55
CA SER C 627 -44.37 -10.96 35.41
C SER C 627 -43.74 -9.63 35.06
N ILE C 628 -42.45 -9.63 34.71
CA ILE C 628 -41.69 -8.42 34.51
C ILE C 628 -40.94 -8.53 33.19
N ARG C 629 -40.88 -7.42 32.45
CA ARG C 629 -40.17 -7.42 31.18
C ARG C 629 -38.69 -7.55 31.42
N LYS C 630 -38.04 -8.48 30.72
CA LYS C 630 -36.65 -8.78 30.96
C LYS C 630 -35.82 -8.63 29.70
N SER C 631 -34.51 -8.53 29.91
CA SER C 631 -33.54 -8.42 28.82
C SER C 631 -32.56 -9.58 28.94
N TYR C 632 -32.52 -10.41 27.91
CA TYR C 632 -31.66 -11.57 27.87
C TYR C 632 -30.47 -11.30 26.97
N GLN C 633 -29.31 -11.80 27.39
CA GLN C 633 -28.04 -11.54 26.73
C GLN C 633 -27.42 -12.85 26.29
N LEU C 634 -27.03 -12.92 25.03
CA LEU C 634 -26.58 -14.15 24.42
C LEU C 634 -25.08 -14.11 24.16
N GLU C 635 -24.40 -15.19 24.53
CA GLU C 635 -22.99 -15.37 24.21
C GLU C 635 -22.82 -16.68 23.48
N TYR C 636 -22.34 -16.61 22.25
CA TYR C 636 -22.14 -17.78 21.41
C TYR C 636 -20.66 -18.11 21.34
N SER C 637 -20.34 -19.38 21.51
CA SER C 637 -18.95 -19.81 21.40
C SER C 637 -18.90 -21.15 20.68
N PHE C 638 -17.78 -21.39 19.99
CA PHE C 638 -17.49 -22.69 19.40
C PHE C 638 -16.01 -22.96 19.52
N ASN C 639 -15.67 -24.21 19.78
CA ASN C 639 -14.28 -24.63 19.79
C ASN C 639 -13.82 -24.93 18.37
N GLY C 640 -12.52 -24.83 18.14
CA GLY C 640 -12.03 -25.11 16.82
C GLY C 640 -11.91 -23.87 15.96
N THR C 641 -10.94 -23.89 15.06
CA THR C 641 -10.65 -22.76 14.20
C THR C 641 -11.44 -22.84 12.90
N GLY C 642 -11.70 -21.67 12.32
CA GLY C 642 -12.47 -21.61 11.10
C GLY C 642 -13.97 -21.60 11.28
N ILE C 643 -14.45 -21.59 12.52
CA ILE C 643 -15.87 -21.54 12.83
C ILE C 643 -16.16 -20.20 13.47
N THR C 644 -17.00 -19.40 12.84
CA THR C 644 -17.38 -18.09 13.35
C THR C 644 -18.85 -18.10 13.69
N VAL C 645 -19.16 -17.68 14.92
CA VAL C 645 -20.52 -17.75 15.43
C VAL C 645 -20.98 -16.34 15.75
N SER C 646 -22.24 -16.05 15.43
CA SER C 646 -22.80 -14.72 15.65
C SER C 646 -24.30 -14.88 15.85
N GLY C 647 -24.99 -13.76 15.93
CA GLY C 647 -26.43 -13.78 16.04
C GLY C 647 -26.90 -12.68 16.97
N THR C 648 -28.16 -12.79 17.36
CA THR C 648 -28.77 -11.81 18.24
C THR C 648 -28.07 -11.74 19.59
N ASP C 649 -27.40 -10.63 19.85
CA ASP C 649 -26.67 -10.48 21.10
C ASP C 649 -27.51 -10.03 22.29
N ARG C 650 -28.76 -9.66 22.07
CA ARG C 650 -29.62 -9.20 23.15
C ARG C 650 -31.06 -9.19 22.66
N VAL C 651 -31.97 -9.66 23.51
CA VAL C 651 -33.39 -9.54 23.25
C VAL C 651 -34.06 -8.96 24.47
N VAL C 652 -35.18 -8.29 24.26
CA VAL C 652 -36.03 -7.81 25.32
C VAL C 652 -37.39 -8.46 25.15
N ILE C 653 -37.84 -9.18 26.17
CA ILE C 653 -39.06 -9.95 26.12
C ILE C 653 -40.01 -9.40 27.18
N PRO C 654 -41.23 -9.05 26.82
CA PRO C 654 -42.20 -8.58 27.82
C PRO C 654 -42.64 -9.70 28.73
N ALA C 655 -43.46 -9.38 29.73
CA ALA C 655 -43.89 -10.39 30.68
C ALA C 655 -44.78 -11.41 30.01
N HIS C 656 -44.61 -12.68 30.40
CA HIS C 656 -45.46 -13.77 29.94
C HIS C 656 -45.51 -13.82 28.42
N GLN C 657 -44.35 -13.68 27.80
CA GLN C 657 -44.25 -13.66 26.35
C GLN C 657 -43.05 -14.48 25.91
N THR C 658 -42.73 -14.36 24.63
CA THR C 658 -41.74 -15.20 23.98
C THR C 658 -40.92 -14.40 22.98
N GLY C 659 -39.62 -14.61 23.01
CA GLY C 659 -38.73 -13.98 22.07
C GLY C 659 -37.90 -15.01 21.33
N LYS C 660 -37.36 -14.60 20.19
CA LYS C 660 -36.60 -15.48 19.32
C LYS C 660 -35.20 -14.92 19.15
N VAL C 661 -34.20 -15.78 19.29
CA VAL C 661 -32.81 -15.42 19.06
C VAL C 661 -32.29 -16.25 17.91
N ASN C 662 -31.66 -15.59 16.94
CA ASN C 662 -31.20 -16.24 15.73
C ASN C 662 -29.70 -16.45 15.84
N ALA C 663 -29.31 -17.63 16.31
CA ALA C 663 -27.91 -17.99 16.32
C ALA C 663 -27.50 -18.39 14.91
N LYS C 664 -26.27 -18.07 14.55
CA LYS C 664 -25.79 -18.32 13.20
C LYS C 664 -24.36 -18.79 13.27
N VAL C 665 -24.05 -19.86 12.56
CA VAL C 665 -22.71 -20.42 12.52
C VAL C 665 -22.23 -20.41 11.07
N LYS C 666 -20.93 -20.18 10.89
CA LYS C 666 -20.35 -20.10 9.56
C LYS C 666 -19.03 -20.83 9.57
N VAL C 667 -18.88 -21.80 8.67
CA VAL C 667 -17.73 -22.67 8.61
C VAL C 667 -16.98 -22.38 7.32
N ASN C 668 -15.69 -22.07 7.45
CA ASN C 668 -14.81 -21.83 6.31
C ASN C 668 -14.16 -23.16 5.94
N ALA C 669 -14.62 -23.75 4.84
CA ALA C 669 -14.16 -25.09 4.46
C ALA C 669 -12.66 -25.13 4.21
N LYS C 670 -12.04 -24.00 3.91
CA LYS C 670 -10.61 -23.99 3.60
C LYS C 670 -9.74 -24.00 4.84
N LYS C 671 -10.31 -23.73 6.01
CA LYS C 671 -9.52 -23.60 7.23
C LYS C 671 -9.86 -24.62 8.30
N VAL C 672 -10.95 -25.35 8.17
CA VAL C 672 -11.46 -26.19 9.25
C VAL C 672 -11.03 -27.62 9.02
N LYS C 673 -10.42 -28.21 10.05
CA LYS C 673 -10.13 -29.64 10.02
C LYS C 673 -11.41 -30.42 10.27
N ALA C 674 -11.54 -31.55 9.57
CA ALA C 674 -12.72 -32.37 9.74
C ALA C 674 -12.78 -32.91 11.16
N GLY C 675 -13.98 -33.03 11.69
CA GLY C 675 -14.18 -33.52 13.04
C GLY C 675 -15.47 -32.97 13.61
N THR C 676 -15.71 -33.33 14.87
CA THR C 676 -16.89 -32.92 15.59
C THR C 676 -16.51 -31.81 16.56
N TYR C 677 -17.17 -30.66 16.43
CA TYR C 677 -16.88 -29.50 17.26
C TYR C 677 -18.08 -29.17 18.13
N GLU C 678 -17.80 -28.80 19.37
CA GLU C 678 -18.84 -28.52 20.35
C GLU C 678 -18.85 -27.03 20.67
N GLY C 679 -20.03 -26.43 20.59
CA GLY C 679 -20.20 -25.03 20.94
C GLY C 679 -21.19 -24.88 22.08
N THR C 680 -21.51 -23.63 22.38
CA THR C 680 -22.41 -23.33 23.48
C THR C 680 -23.04 -21.97 23.26
N VAL C 681 -24.33 -21.88 23.54
CA VAL C 681 -25.05 -20.61 23.60
C VAL C 681 -25.43 -20.39 25.05
N THR C 682 -24.93 -19.30 25.64
CA THR C 682 -25.18 -18.98 27.03
C THR C 682 -26.13 -17.80 27.11
N VAL C 683 -27.19 -17.95 27.90
CA VAL C 683 -28.20 -16.92 28.05
C VAL C 683 -28.11 -16.40 29.47
N ARG C 684 -27.91 -15.09 29.60
CA ARG C 684 -27.84 -14.43 30.89
C ARG C 684 -29.03 -13.49 31.04
N GLU C 685 -29.50 -13.35 32.26
CA GLU C 685 -30.60 -12.43 32.54
C GLU C 685 -30.42 -11.89 33.95
N GLY C 686 -30.17 -10.59 34.06
CA GLY C 686 -30.09 -9.92 35.34
C GLY C 686 -29.25 -10.66 36.36
N GLY C 687 -27.96 -10.79 36.10
CA GLY C 687 -27.11 -11.52 37.02
C GLY C 687 -26.99 -12.98 36.64
N LYS C 688 -27.85 -13.81 37.25
CA LYS C 688 -27.81 -15.25 37.08
C LYS C 688 -27.85 -15.65 35.61
N THR C 689 -27.30 -16.83 35.34
CA THR C 689 -27.37 -17.45 34.03
C THR C 689 -28.61 -18.32 33.94
N VAL C 690 -29.43 -18.10 32.91
CA VAL C 690 -30.68 -18.83 32.83
C VAL C 690 -30.59 -20.10 31.99
N ALA C 691 -29.57 -20.22 31.14
CA ALA C 691 -29.44 -21.41 30.31
C ALA C 691 -28.02 -21.48 29.77
N LYS C 692 -27.62 -22.68 29.39
CA LYS C 692 -26.36 -22.93 28.72
C LYS C 692 -26.65 -24.02 27.69
N VAL C 693 -26.96 -23.60 26.46
CA VAL C 693 -27.46 -24.51 25.44
C VAL C 693 -26.26 -25.17 24.76
N PRO C 694 -26.11 -26.48 24.85
CA PRO C 694 -25.00 -27.14 24.14
C PRO C 694 -25.32 -27.26 22.66
N THR C 695 -24.42 -26.77 21.82
CA THR C 695 -24.54 -26.87 20.38
C THR C 695 -23.42 -27.75 19.84
N LEU C 696 -23.60 -28.21 18.61
CA LEU C 696 -22.66 -29.14 18.02
C LEU C 696 -22.78 -29.09 16.51
N LEU C 697 -21.64 -29.17 15.83
CA LEU C 697 -21.61 -29.32 14.39
C LEU C 697 -20.52 -30.29 14.01
N ILE C 698 -20.67 -30.89 12.84
CA ILE C 698 -19.73 -31.89 12.33
C ILE C 698 -19.25 -31.40 10.98
N VAL C 699 -17.96 -31.54 10.74
CA VAL C 699 -17.35 -31.09 9.49
C VAL C 699 -16.95 -32.32 8.67
N LYS C 700 -17.27 -32.29 7.39
CA LYS C 700 -17.08 -33.41 6.46
C LYS C 700 -17.90 -34.59 6.99
N GLU C 701 -17.42 -35.81 6.85
CA GLU C 701 -18.19 -36.99 7.22
C GLU C 701 -18.01 -37.31 8.69
N PRO C 702 -19.10 -37.60 9.40
CA PRO C 702 -18.98 -37.99 10.80
C PRO C 702 -18.21 -39.29 10.96
N ASP C 703 -17.55 -39.43 12.10
CA ASP C 703 -16.71 -40.60 12.36
C ASP C 703 -17.48 -41.68 13.12
N TYR C 704 -18.62 -42.03 12.58
CA TYR C 704 -19.40 -43.09 13.20
C TYR C 704 -18.81 -44.44 12.84
N PRO C 705 -19.07 -45.47 13.64
CA PRO C 705 -18.67 -46.82 13.26
C PRO C 705 -19.36 -47.22 11.96
N ARG C 706 -18.56 -47.61 10.97
CA ARG C 706 -19.13 -47.96 9.68
C ARG C 706 -19.93 -49.25 9.75
N VAL C 707 -19.58 -50.15 10.66
CA VAL C 707 -20.36 -51.35 10.92
C VAL C 707 -20.51 -51.49 12.42
N THR C 708 -21.72 -51.78 12.87
CA THR C 708 -22.05 -51.76 14.29
C THR C 708 -22.11 -53.15 14.90
N SER C 709 -22.84 -54.07 14.29
CA SER C 709 -23.01 -55.40 14.85
C SER C 709 -22.97 -56.44 13.74
N ILE C 710 -22.48 -57.63 14.10
CA ILE C 710 -22.44 -58.77 13.22
C ILE C 710 -22.73 -60.03 14.04
N ASP C 711 -23.55 -60.92 13.49
CA ASP C 711 -23.74 -62.23 14.08
C ASP C 711 -23.91 -63.28 13.00
N VAL C 712 -23.58 -64.51 13.34
CA VAL C 712 -23.63 -65.63 12.40
C VAL C 712 -24.54 -66.69 12.99
N GLN C 713 -25.53 -67.11 12.24
CA GLN C 713 -26.43 -68.18 12.65
C GLN C 713 -26.44 -69.27 11.59
N ASP C 714 -27.00 -70.42 11.96
CA ASP C 714 -27.11 -71.50 11.00
C ASP C 714 -28.17 -71.19 9.96
N GLY C 715 -27.88 -71.51 8.71
CA GLY C 715 -28.81 -71.23 7.63
C GLY C 715 -29.94 -72.24 7.58
N THR C 716 -30.90 -71.94 6.69
CA THR C 716 -32.00 -72.87 6.48
C THR C 716 -31.53 -74.20 5.91
N THR C 717 -30.40 -74.22 5.22
CA THR C 717 -29.81 -75.43 4.69
C THR C 717 -28.67 -75.87 5.60
N GLN C 718 -28.66 -77.16 5.95
CA GLN C 718 -27.60 -77.68 6.81
C GLN C 718 -26.24 -77.49 6.16
N GLY C 719 -25.26 -77.06 6.95
CA GLY C 719 -23.92 -76.81 6.47
C GLY C 719 -23.67 -75.38 6.02
N THR C 720 -24.70 -74.57 5.85
CA THR C 720 -24.57 -73.18 5.43
C THR C 720 -24.89 -72.27 6.60
N TYR C 721 -24.57 -70.99 6.41
CA TYR C 721 -24.68 -70.00 7.48
C TYR C 721 -25.30 -68.72 6.93
N GLN C 722 -25.88 -67.95 7.83
CA GLN C 722 -26.39 -66.63 7.53
C GLN C 722 -25.68 -65.62 8.40
N ILE C 723 -25.15 -64.57 7.77
CA ILE C 723 -24.45 -63.49 8.44
C ILE C 723 -25.37 -62.28 8.43
N GLU C 724 -25.71 -61.78 9.61
CA GLU C 724 -26.53 -60.59 9.73
C GLU C 724 -25.69 -59.48 10.31
N THR C 725 -25.64 -58.35 9.61
CA THR C 725 -24.81 -57.23 10.04
C THR C 725 -25.64 -55.95 9.94
N TYR C 726 -25.23 -54.94 10.70
CA TYR C 726 -25.91 -53.65 10.67
C TYR C 726 -24.95 -52.57 10.21
N LEU C 727 -25.29 -51.90 9.12
CA LEU C 727 -24.46 -50.84 8.58
C LEU C 727 -25.17 -49.51 8.76
N PRO C 728 -24.71 -48.63 9.65
CA PRO C 728 -25.44 -47.40 9.92
C PRO C 728 -25.66 -46.52 8.72
N ALA C 729 -24.72 -46.49 7.77
CA ALA C 729 -24.90 -45.65 6.59
C ALA C 729 -24.46 -46.35 5.33
N GLY C 730 -24.60 -47.67 5.28
CA GLY C 730 -24.16 -48.42 4.13
C GLY C 730 -22.67 -48.65 4.17
N ALA C 731 -22.17 -49.27 3.12
CA ALA C 731 -20.74 -49.56 3.04
C ALA C 731 -20.32 -49.60 1.59
N GLU C 732 -19.30 -48.80 1.27
CA GLU C 732 -18.69 -48.90 -0.06
C GLU C 732 -18.07 -50.27 -0.25
N GLU C 733 -17.45 -50.82 0.78
CA GLU C 733 -16.88 -52.15 0.71
C GLU C 733 -17.11 -52.85 2.03
N LEU C 734 -17.46 -54.13 1.97
CA LEU C 734 -17.73 -54.92 3.17
C LEU C 734 -17.05 -56.26 3.03
N ALA C 735 -16.32 -56.66 4.07
CA ALA C 735 -15.56 -57.90 4.02
C ALA C 735 -15.79 -58.69 5.29
N PHE C 736 -16.02 -59.99 5.13
CA PHE C 736 -16.15 -60.90 6.25
C PHE C 736 -14.95 -61.82 6.26
N LEU C 737 -14.21 -61.81 7.37
CA LEU C 737 -13.00 -62.59 7.55
C LEU C 737 -13.21 -63.58 8.70
N VAL C 738 -12.54 -64.72 8.64
CA VAL C 738 -12.74 -65.79 9.59
C VAL C 738 -11.47 -66.01 10.40
N TYR C 739 -11.62 -66.19 11.70
CA TYR C 739 -10.53 -66.42 12.62
C TYR C 739 -10.78 -67.70 13.40
N ASP C 740 -9.71 -68.40 13.74
CA ASP C 740 -9.87 -69.62 14.51
C ASP C 740 -10.10 -69.28 15.98
N SER C 741 -10.21 -70.33 16.80
CA SER C 741 -10.40 -70.11 18.23
C SER C 741 -9.22 -69.38 18.86
N ASN C 742 -8.03 -69.47 18.28
CA ASN C 742 -6.87 -68.76 18.76
C ASN C 742 -6.74 -67.38 18.14
N LEU C 743 -7.79 -66.90 17.46
CA LEU C 743 -7.78 -65.59 16.82
C LEU C 743 -6.66 -65.48 15.79
N ASP C 744 -6.44 -66.54 15.05
CA ASP C 744 -5.48 -66.55 13.95
C ASP C 744 -6.25 -66.44 12.63
N PHE C 745 -5.80 -65.56 11.76
CA PHE C 745 -6.53 -65.28 10.53
C PHE C 745 -6.57 -66.52 9.65
N VAL C 746 -7.73 -67.16 9.57
CA VAL C 746 -7.87 -68.34 8.72
C VAL C 746 -8.01 -67.94 7.26
N GLY C 747 -8.87 -66.98 6.97
CA GLY C 747 -9.04 -66.56 5.60
C GLY C 747 -10.18 -65.57 5.47
N GLN C 748 -10.68 -65.45 4.24
CA GLN C 748 -11.62 -64.41 3.86
C GLN C 748 -12.94 -65.05 3.48
N ALA C 749 -13.97 -64.86 4.31
CA ALA C 749 -15.27 -65.45 4.05
C ALA C 749 -15.92 -64.85 2.82
N GLY C 750 -16.08 -63.54 2.80
CA GLY C 750 -16.82 -62.91 1.71
C GLY C 750 -16.44 -61.48 1.47
N ILE C 751 -16.68 -61.03 0.24
CA ILE C 751 -16.45 -59.64 -0.18
C ILE C 751 -17.72 -59.13 -0.85
N TYR C 752 -18.08 -57.89 -0.55
CA TYR C 752 -19.27 -57.27 -1.11
C TYR C 752 -19.01 -55.79 -1.32
N LYS C 753 -19.72 -55.21 -2.29
CA LYS C 753 -19.57 -53.81 -2.62
C LYS C 753 -20.92 -53.14 -2.68
N LYS C 754 -20.94 -51.85 -2.37
CA LYS C 754 -22.11 -50.99 -2.55
C LYS C 754 -23.32 -51.56 -1.82
N GLN C 755 -23.21 -51.66 -0.51
CA GLN C 755 -24.26 -52.19 0.33
C GLN C 755 -25.15 -51.08 0.84
N ASP C 756 -26.46 -51.36 0.89
CA ASP C 756 -27.42 -50.40 1.40
C ASP C 756 -27.40 -50.37 2.91
N LYS C 757 -27.77 -49.22 3.47
CA LYS C 757 -27.72 -49.06 4.91
C LYS C 757 -28.85 -49.81 5.59
N GLY C 758 -28.66 -50.09 6.87
CA GLY C 758 -29.64 -50.84 7.63
C GLY C 758 -29.15 -52.23 7.95
N TYR C 759 -30.07 -53.18 8.05
CA TYR C 759 -29.73 -54.57 8.30
C TYR C 759 -29.45 -55.26 6.97
N GLN C 760 -28.33 -55.94 6.89
CA GLN C 760 -27.94 -56.68 5.70
C GLN C 760 -27.73 -58.14 6.06
N TYR C 761 -28.20 -59.03 5.19
CA TYR C 761 -28.08 -60.47 5.39
C TYR C 761 -27.33 -61.07 4.22
N PHE C 762 -26.39 -61.95 4.52
CA PHE C 762 -25.58 -62.60 3.50
C PHE C 762 -25.53 -64.09 3.76
N ASP C 763 -25.73 -64.88 2.72
CA ASP C 763 -25.61 -66.32 2.84
C ASP C 763 -24.16 -66.72 2.61
N TRP C 764 -23.63 -67.56 3.49
CA TRP C 764 -22.24 -67.98 3.42
C TRP C 764 -22.19 -69.50 3.44
N ASN C 765 -21.53 -70.08 2.45
CA ASN C 765 -21.49 -71.53 2.30
C ASN C 765 -20.47 -72.20 3.21
N GLY C 766 -19.89 -71.47 4.16
CA GLY C 766 -18.93 -72.05 5.07
C GLY C 766 -17.56 -72.28 4.49
N LYS C 767 -17.29 -71.79 3.28
CA LYS C 767 -16.03 -72.04 2.61
C LYS C 767 -15.23 -70.73 2.50
N VAL C 768 -13.92 -70.84 2.67
CA VAL C 768 -13.05 -69.69 2.89
C VAL C 768 -12.19 -69.44 1.66
N ASN C 769 -11.98 -68.16 1.36
CA ASN C 769 -11.14 -67.71 0.25
C ASN C 769 -11.67 -68.21 -1.08
N GLY C 770 -12.87 -68.79 -1.09
CA GLY C 770 -13.36 -69.42 -2.30
C GLY C 770 -12.96 -70.87 -2.33
N ASP C 771 -13.94 -71.77 -2.29
CA ASP C 771 -13.83 -73.20 -2.54
C ASP C 771 -12.93 -73.94 -1.55
N THR C 772 -12.48 -73.29 -0.48
CA THR C 772 -11.69 -73.95 0.55
C THR C 772 -12.56 -74.14 1.78
N ALA C 773 -12.82 -75.40 2.13
CA ALA C 773 -13.71 -75.71 3.24
C ALA C 773 -12.97 -75.63 4.56
N LEU C 774 -13.65 -75.12 5.57
CA LEU C 774 -13.05 -74.99 6.89
C LEU C 774 -12.98 -76.34 7.60
N PRO C 775 -11.95 -76.57 8.40
CA PRO C 775 -11.96 -77.71 9.32
C PRO C 775 -12.93 -77.47 10.47
N ALA C 776 -13.39 -78.57 11.05
CA ALA C 776 -14.35 -78.48 12.15
C ALA C 776 -13.72 -77.82 13.36
N GLY C 777 -14.48 -76.97 14.03
CA GLY C 777 -13.97 -76.28 15.20
C GLY C 777 -14.83 -75.06 15.51
N GLU C 778 -14.24 -74.15 16.27
CA GLU C 778 -14.90 -72.94 16.74
C GLU C 778 -14.24 -71.74 16.10
N TYR C 779 -15.05 -70.81 15.58
CA TYR C 779 -14.54 -69.73 14.77
C TYR C 779 -15.18 -68.41 15.15
N TYR C 780 -14.46 -67.33 14.88
CA TYR C 780 -14.95 -65.97 15.01
C TYR C 780 -15.00 -65.35 13.63
N MET C 781 -15.85 -64.36 13.46
CA MET C 781 -15.91 -63.63 12.19
C MET C 781 -15.79 -62.14 12.45
N LEU C 782 -14.99 -61.48 11.61
CA LEU C 782 -14.76 -60.06 11.67
C LEU C 782 -15.39 -59.40 10.46
N ALA C 783 -16.20 -58.39 10.69
CA ALA C 783 -16.77 -57.60 9.63
C ALA C 783 -15.99 -56.30 9.51
N TYR C 784 -15.48 -56.03 8.31
CA TYR C 784 -14.73 -54.82 8.02
C TYR C 784 -15.52 -54.03 6.98
N ALA C 785 -16.02 -52.87 7.37
CA ALA C 785 -16.80 -52.03 6.48
C ALA C 785 -16.08 -50.72 6.24
N ALA C 786 -15.95 -50.34 4.97
CA ALA C 786 -15.33 -49.10 4.59
C ALA C 786 -16.35 -48.25 3.84
N ASN C 787 -16.51 -47.01 4.26
CA ASN C 787 -17.51 -46.12 3.68
C ASN C 787 -17.03 -44.69 3.85
N LYS C 788 -17.15 -43.91 2.78
CA LYS C 788 -16.96 -42.45 2.82
C LYS C 788 -15.66 -42.07 3.50
N GLY C 789 -14.60 -42.81 3.18
CA GLY C 789 -13.29 -42.44 3.65
C GLY C 789 -12.94 -42.86 5.05
N LYS C 790 -13.74 -43.72 5.68
CA LYS C 790 -13.34 -44.28 6.96
C LYS C 790 -13.79 -45.73 7.01
N SER C 791 -13.04 -46.53 7.76
CA SER C 791 -13.32 -47.95 7.87
C SER C 791 -13.43 -48.33 9.33
N SER C 792 -14.29 -49.30 9.60
CA SER C 792 -14.51 -49.80 10.94
C SER C 792 -14.61 -51.32 10.87
N GLN C 793 -14.44 -51.95 12.02
CA GLN C 793 -14.52 -53.39 12.10
C GLN C 793 -15.17 -53.80 13.39
N VAL C 794 -15.78 -54.98 13.38
CA VAL C 794 -16.45 -55.52 14.56
C VAL C 794 -16.31 -57.03 14.53
N LEU C 795 -16.03 -57.61 15.70
CA LEU C 795 -15.79 -59.04 15.83
C LEU C 795 -17.00 -59.69 16.50
N THR C 796 -17.34 -60.89 16.04
CA THR C 796 -18.46 -61.64 16.61
C THR C 796 -18.02 -62.23 17.94
N GLU C 797 -18.62 -61.77 19.02
CA GLU C 797 -18.53 -62.53 20.26
C GLU C 797 -19.41 -63.77 20.16
N LYS C 798 -19.23 -64.70 21.11
CA LYS C 798 -19.95 -65.97 21.07
C LYS C 798 -19.63 -66.70 19.78
N PRO C 799 -18.44 -67.29 19.66
CA PRO C 799 -18.00 -67.87 18.39
C PRO C 799 -18.95 -68.92 17.86
N PHE C 800 -19.08 -68.97 16.55
CA PHE C 800 -19.91 -69.97 15.89
C PHE C 800 -19.10 -71.22 15.59
N ILE C 801 -19.82 -72.34 15.42
CA ILE C 801 -19.21 -73.66 15.34
C ILE C 801 -19.37 -74.20 13.93
N ILE C 802 -18.29 -74.75 13.39
CA ILE C 802 -18.33 -75.42 12.10
C ILE C 802 -18.62 -76.90 12.29
N MET D 158 -36.90 -74.23 -15.42
CA MET D 158 -37.91 -74.21 -14.36
C MET D 158 -37.38 -74.80 -13.08
N ASP D 159 -36.21 -75.44 -13.16
CA ASP D 159 -35.55 -76.00 -12.01
C ASP D 159 -34.49 -75.08 -11.43
N ASP D 160 -34.19 -73.96 -12.08
CA ASP D 160 -33.22 -73.00 -11.58
C ASP D 160 -33.77 -71.60 -11.42
N SER D 161 -34.75 -71.20 -12.24
CA SER D 161 -35.34 -69.88 -12.12
C SER D 161 -36.26 -69.77 -10.91
N ALA D 162 -37.08 -70.79 -10.68
CA ALA D 162 -37.96 -70.76 -9.52
C ALA D 162 -37.20 -70.69 -8.19
N PRO D 163 -36.13 -71.46 -7.97
CA PRO D 163 -35.32 -71.20 -6.76
C PRO D 163 -34.78 -69.78 -6.71
N TYR D 164 -34.44 -69.20 -7.86
CA TYR D 164 -33.84 -67.87 -7.87
C TYR D 164 -34.84 -66.82 -7.43
N ILE D 165 -36.06 -66.85 -7.97
CA ILE D 165 -37.04 -65.84 -7.59
C ILE D 165 -37.58 -66.09 -6.20
N GLY D 166 -37.39 -67.28 -5.64
CA GLY D 166 -37.80 -67.55 -4.28
C GLY D 166 -39.05 -68.41 -4.18
N ALA D 167 -39.30 -69.23 -5.21
CA ALA D 167 -40.51 -70.04 -5.22
C ALA D 167 -40.46 -71.14 -4.16
N ASN D 168 -39.34 -71.86 -4.08
CA ASN D 168 -39.24 -72.97 -3.14
C ASN D 168 -39.38 -72.50 -1.71
N ASP D 169 -38.75 -71.37 -1.38
CA ASP D 169 -38.85 -70.84 -0.03
C ASP D 169 -40.30 -70.52 0.33
N ALA D 170 -41.05 -69.99 -0.63
CA ALA D 170 -42.47 -69.76 -0.40
C ALA D 170 -43.22 -71.08 -0.24
N TRP D 171 -42.82 -72.11 -0.98
CA TRP D 171 -43.48 -73.40 -0.86
C TRP D 171 -43.31 -73.97 0.54
N LYS D 172 -42.10 -73.91 1.09
CA LYS D 172 -41.88 -74.42 2.43
C LYS D 172 -42.63 -73.62 3.49
N LEU D 173 -43.10 -72.42 3.16
CA LEU D 173 -44.01 -71.68 4.03
C LEU D 173 -45.46 -72.07 3.80
N GLY D 174 -45.73 -72.97 2.86
CA GLY D 174 -47.07 -73.41 2.54
C GLY D 174 -47.73 -72.66 1.42
N TYR D 175 -47.15 -71.55 0.98
CA TYR D 175 -47.75 -70.73 -0.06
C TYR D 175 -47.37 -71.30 -1.42
N THR D 176 -48.31 -72.02 -2.03
CA THR D 176 -48.10 -72.60 -3.35
C THR D 176 -49.13 -72.17 -4.37
N GLY D 177 -50.00 -71.21 -4.03
CA GLY D 177 -51.01 -70.76 -4.95
C GLY D 177 -52.32 -71.50 -4.88
N LYS D 178 -52.54 -72.32 -3.87
CA LYS D 178 -53.77 -73.09 -3.77
C LYS D 178 -54.98 -72.18 -3.67
N GLY D 179 -56.00 -72.47 -4.47
CA GLY D 179 -57.22 -71.71 -4.50
C GLY D 179 -57.20 -70.56 -5.48
N VAL D 180 -56.02 -70.14 -5.91
CA VAL D 180 -55.90 -69.05 -6.87
C VAL D 180 -56.10 -69.60 -8.27
N LYS D 181 -56.79 -68.83 -9.10
CA LYS D 181 -57.15 -69.26 -10.45
C LYS D 181 -56.39 -68.39 -11.44
N VAL D 182 -55.62 -69.02 -12.31
CA VAL D 182 -54.79 -68.31 -13.28
C VAL D 182 -55.29 -68.63 -14.68
N ALA D 183 -55.49 -67.59 -15.48
CA ALA D 183 -55.91 -67.70 -16.86
C ALA D 183 -54.72 -67.45 -17.76
N ILE D 184 -54.61 -68.25 -18.82
CA ILE D 184 -53.49 -68.19 -19.75
C ILE D 184 -54.05 -67.84 -21.11
N ILE D 185 -54.00 -66.58 -21.51
CA ILE D 185 -54.51 -66.18 -22.81
C ILE D 185 -53.35 -66.27 -23.81
N ASP D 186 -53.24 -67.42 -24.46
CA ASP D 186 -52.19 -67.72 -25.42
C ASP D 186 -52.78 -68.61 -26.50
N THR D 187 -51.91 -69.31 -27.23
CA THR D 187 -52.32 -70.19 -28.32
C THR D 187 -53.04 -71.44 -27.84
N GLY D 188 -53.41 -71.53 -26.58
CA GLY D 188 -54.05 -72.71 -26.04
C GLY D 188 -53.07 -73.55 -25.25
N VAL D 189 -53.64 -74.43 -24.43
CA VAL D 189 -52.87 -75.26 -23.51
C VAL D 189 -53.22 -76.71 -23.74
N GLU D 190 -52.21 -77.56 -23.84
CA GLU D 190 -52.41 -79.00 -23.88
C GLU D 190 -52.69 -79.48 -22.46
N TYR D 191 -53.97 -79.49 -22.09
CA TYR D 191 -54.36 -79.87 -20.73
C TYR D 191 -54.42 -81.38 -20.54
N LYS D 192 -53.42 -82.09 -21.02
CA LYS D 192 -53.31 -83.51 -20.79
C LYS D 192 -51.89 -83.91 -20.47
N HIS D 193 -50.97 -82.95 -20.50
CA HIS D 193 -49.62 -83.20 -20.03
C HIS D 193 -49.69 -83.66 -18.58
N PRO D 194 -49.01 -84.75 -18.22
CA PRO D 194 -49.12 -85.26 -16.84
C PRO D 194 -48.74 -84.22 -15.80
N ASP D 195 -47.88 -83.27 -16.14
CA ASP D 195 -47.53 -82.20 -15.22
C ASP D 195 -48.61 -81.15 -15.09
N LEU D 196 -49.54 -81.08 -16.04
CA LEU D 196 -50.60 -80.08 -16.01
C LEU D 196 -51.97 -80.68 -15.76
N LYS D 197 -52.09 -82.01 -15.70
CA LYS D 197 -53.39 -82.65 -15.69
C LYS D 197 -54.19 -82.26 -14.45
N LYS D 198 -53.57 -82.29 -13.28
CA LYS D 198 -54.30 -82.07 -12.05
C LYS D 198 -54.50 -80.61 -11.69
N ASN D 199 -53.80 -79.70 -12.38
CA ASN D 199 -54.01 -78.28 -12.15
C ASN D 199 -55.19 -77.72 -12.90
N PHE D 200 -55.71 -78.45 -13.88
CA PHE D 200 -56.88 -78.01 -14.61
C PHE D 200 -58.14 -78.54 -13.95
N GLY D 201 -59.12 -77.66 -13.75
CA GLY D 201 -60.38 -78.07 -13.17
C GLY D 201 -61.25 -78.81 -14.16
N GLN D 202 -62.55 -78.87 -13.89
CA GLN D 202 -63.45 -79.54 -14.82
C GLN D 202 -63.56 -78.73 -16.10
N TYR D 203 -63.87 -77.45 -15.97
CA TYR D 203 -63.97 -76.55 -17.11
C TYR D 203 -62.59 -76.00 -17.44
N LYS D 204 -62.08 -76.36 -18.62
CA LYS D 204 -60.70 -76.05 -18.97
C LYS D 204 -60.53 -74.65 -19.53
N GLY D 205 -61.54 -74.10 -20.16
CA GLY D 205 -61.43 -72.78 -20.75
C GLY D 205 -62.24 -72.71 -22.02
N TYR D 206 -61.82 -71.81 -22.88
CA TYR D 206 -62.54 -71.56 -24.13
C TYR D 206 -61.56 -71.38 -25.28
N ASP D 207 -62.06 -71.62 -26.48
CA ASP D 207 -61.24 -71.60 -27.69
C ASP D 207 -61.91 -70.61 -28.65
N PHE D 208 -61.42 -69.37 -28.66
CA PHE D 208 -62.05 -68.32 -29.42
C PHE D 208 -61.78 -68.40 -30.92
N VAL D 209 -60.64 -68.98 -31.32
CA VAL D 209 -60.37 -69.11 -32.74
C VAL D 209 -61.17 -70.24 -33.38
N ASP D 210 -61.80 -71.08 -32.58
CA ASP D 210 -62.61 -72.17 -33.08
C ASP D 210 -64.01 -72.22 -32.50
N ASN D 211 -64.27 -71.47 -31.42
CA ASN D 211 -65.59 -71.38 -30.81
C ASN D 211 -66.06 -72.75 -30.31
N ASP D 212 -65.20 -73.41 -29.54
CA ASP D 212 -65.56 -74.63 -28.85
C ASP D 212 -64.89 -74.61 -27.48
N TYR D 213 -65.30 -75.55 -26.64
CA TYR D 213 -64.80 -75.62 -25.28
C TYR D 213 -63.59 -76.52 -25.14
N ASP D 214 -62.80 -76.65 -26.20
CA ASP D 214 -61.60 -77.49 -26.22
C ASP D 214 -60.42 -76.61 -26.59
N PRO D 215 -59.77 -75.98 -25.62
CA PRO D 215 -58.65 -75.08 -25.88
C PRO D 215 -57.32 -75.81 -26.12
N GLU D 216 -57.36 -76.85 -26.93
CA GLU D 216 -56.16 -77.57 -27.28
C GLU D 216 -55.29 -76.73 -28.20
N GLU D 217 -53.99 -77.00 -28.18
CA GLU D 217 -53.08 -76.30 -29.07
C GLU D 217 -53.36 -76.68 -30.52
N THR D 218 -52.80 -75.89 -31.43
CA THR D 218 -52.98 -76.15 -32.84
C THR D 218 -52.29 -77.46 -33.22
N PRO D 219 -52.99 -78.41 -33.80
CA PRO D 219 -52.35 -79.69 -34.13
C PRO D 219 -51.39 -79.54 -35.29
N SER D 220 -50.56 -80.55 -35.52
CA SER D 220 -49.69 -80.56 -36.68
C SER D 220 -50.50 -80.81 -37.94
N GLY D 221 -50.15 -80.14 -39.02
CA GLY D 221 -50.86 -80.29 -40.27
C GLY D 221 -52.20 -79.57 -40.28
N ASP D 222 -52.16 -78.26 -40.03
CA ASP D 222 -53.35 -77.42 -40.07
C ASP D 222 -53.28 -76.51 -41.27
N PRO D 223 -54.27 -76.50 -42.15
CA PRO D 223 -54.20 -75.63 -43.34
C PRO D 223 -54.00 -74.16 -43.02
N ARG D 224 -54.56 -73.67 -41.92
CA ARG D 224 -54.51 -72.24 -41.63
C ARG D 224 -53.17 -71.78 -41.07
N GLY D 225 -52.32 -72.69 -40.62
CA GLY D 225 -51.04 -72.29 -40.07
C GLY D 225 -50.18 -73.44 -39.58
N ALA D 226 -49.37 -73.19 -38.57
CA ALA D 226 -48.44 -74.17 -38.04
C ALA D 226 -48.81 -74.53 -36.61
N SER D 227 -48.37 -75.70 -36.17
CA SER D 227 -48.65 -76.15 -34.82
C SER D 227 -47.96 -75.23 -33.80
N THR D 228 -48.56 -75.12 -32.63
CA THR D 228 -48.10 -74.20 -31.61
C THR D 228 -47.84 -74.94 -30.30
N ASP D 229 -46.90 -74.42 -29.52
CA ASP D 229 -46.60 -74.96 -28.20
C ASP D 229 -46.35 -73.86 -27.17
N HIS D 230 -46.63 -72.61 -27.50
CA HIS D 230 -46.33 -71.50 -26.61
C HIS D 230 -47.17 -71.57 -25.34
N GLY D 231 -48.47 -71.81 -25.49
CA GLY D 231 -49.36 -71.76 -24.34
C GLY D 231 -49.07 -72.85 -23.33
N THR D 232 -48.77 -74.07 -23.80
CA THR D 232 -48.45 -75.15 -22.87
C THR D 232 -47.17 -74.84 -22.11
N HIS D 233 -46.18 -74.27 -22.79
CA HIS D 233 -44.94 -73.91 -22.11
C HIS D 233 -45.21 -72.85 -21.05
N VAL D 234 -46.03 -71.86 -21.37
CA VAL D 234 -46.36 -70.81 -20.41
C VAL D 234 -47.09 -71.40 -19.21
N ALA D 235 -48.06 -72.27 -19.46
CA ALA D 235 -48.81 -72.89 -18.37
C ALA D 235 -47.93 -73.75 -17.49
N GLY D 236 -47.00 -74.50 -18.08
CA GLY D 236 -46.06 -75.25 -17.27
C GLY D 236 -45.18 -74.36 -16.44
N THR D 237 -44.75 -73.23 -16.99
CA THR D 237 -43.96 -72.30 -16.19
C THR D 237 -44.76 -71.77 -15.01
N VAL D 238 -46.03 -71.44 -15.23
CA VAL D 238 -46.84 -70.87 -14.15
C VAL D 238 -47.08 -71.91 -13.06
N ALA D 239 -47.74 -73.01 -13.41
CA ALA D 239 -48.18 -73.98 -12.41
C ALA D 239 -48.13 -75.37 -13.03
N ALA D 240 -47.01 -76.06 -12.85
CA ALA D 240 -46.86 -77.44 -13.28
C ALA D 240 -46.44 -78.24 -12.07
N ASN D 241 -47.16 -79.32 -11.78
CA ASN D 241 -46.87 -80.18 -10.65
C ASN D 241 -46.44 -81.54 -11.17
N GLY D 242 -45.24 -81.96 -10.78
CA GLY D 242 -44.72 -83.24 -11.24
C GLY D 242 -43.22 -83.22 -11.42
N THR D 243 -42.77 -83.69 -12.59
CA THR D 243 -41.34 -83.69 -12.88
C THR D 243 -40.77 -82.27 -12.87
N ILE D 244 -41.48 -81.34 -13.49
CA ILE D 244 -41.15 -79.93 -13.46
C ILE D 244 -42.14 -79.23 -12.54
N LYS D 245 -41.65 -78.39 -11.65
CA LYS D 245 -42.49 -77.68 -10.70
C LYS D 245 -42.56 -76.21 -11.11
N GLY D 246 -43.77 -75.73 -11.39
CA GLY D 246 -43.96 -74.35 -11.75
C GLY D 246 -43.83 -73.46 -10.54
N VAL D 247 -43.98 -72.16 -10.78
CA VAL D 247 -43.78 -71.19 -9.71
C VAL D 247 -44.84 -71.37 -8.62
N ALA D 248 -46.07 -71.69 -9.02
CA ALA D 248 -47.18 -71.85 -8.09
C ALA D 248 -47.86 -73.18 -8.37
N PRO D 249 -47.23 -74.28 -8.00
CA PRO D 249 -47.71 -75.58 -8.46
C PRO D 249 -48.91 -76.09 -7.68
N ASP D 250 -49.88 -75.20 -7.43
CA ASP D 250 -51.15 -75.61 -6.85
C ASP D 250 -52.31 -74.78 -7.38
N ALA D 251 -52.06 -73.86 -8.31
CA ALA D 251 -53.08 -72.97 -8.80
C ALA D 251 -53.91 -73.64 -9.86
N THR D 252 -55.20 -73.35 -9.87
CA THR D 252 -56.07 -73.79 -10.94
C THR D 252 -55.76 -73.01 -12.21
N LEU D 253 -55.93 -73.65 -13.35
CA LEU D 253 -55.58 -73.06 -14.63
C LEU D 253 -56.80 -73.01 -15.53
N LEU D 254 -56.87 -71.96 -16.34
CA LEU D 254 -57.86 -71.84 -17.40
C LEU D 254 -57.15 -71.48 -18.69
N ALA D 255 -57.50 -72.16 -19.76
CA ALA D 255 -56.88 -71.92 -21.05
C ALA D 255 -57.84 -71.19 -21.97
N TYR D 256 -57.33 -70.19 -22.67
CA TYR D 256 -58.13 -69.39 -23.58
C TYR D 256 -57.37 -69.28 -24.88
N ARG D 257 -57.77 -70.06 -25.86
CA ARG D 257 -57.10 -70.06 -27.17
C ARG D 257 -57.60 -68.87 -27.96
N VAL D 258 -56.82 -67.79 -27.97
CA VAL D 258 -57.16 -66.61 -28.76
C VAL D 258 -56.24 -66.43 -29.95
N LEU D 259 -55.04 -67.02 -29.93
CA LEU D 259 -54.11 -66.93 -31.03
C LEU D 259 -54.26 -68.19 -31.88
N GLY D 260 -54.60 -68.00 -33.16
CA GLY D 260 -54.85 -69.12 -34.03
C GLY D 260 -53.57 -69.81 -34.45
N PRO D 261 -53.67 -70.70 -35.44
CA PRO D 261 -52.47 -71.36 -35.94
C PRO D 261 -51.47 -70.35 -36.47
N GLY D 262 -50.20 -70.61 -36.19
CA GLY D 262 -49.13 -69.70 -36.55
C GLY D 262 -48.80 -68.68 -35.49
N GLY D 263 -49.61 -68.58 -34.44
CA GLY D 263 -49.38 -67.64 -33.38
C GLY D 263 -49.97 -66.26 -33.59
N SER D 264 -50.81 -66.08 -34.59
CA SER D 264 -51.40 -64.79 -34.89
C SER D 264 -52.88 -64.79 -34.52
N GLY D 265 -53.32 -63.69 -33.91
CA GLY D 265 -54.70 -63.59 -33.48
C GLY D 265 -55.24 -62.19 -33.56
N THR D 266 -56.54 -62.07 -33.86
CA THR D 266 -57.17 -60.77 -33.96
C THR D 266 -57.24 -60.09 -32.60
N THR D 267 -57.23 -58.76 -32.61
CA THR D 267 -57.35 -58.01 -31.38
C THR D 267 -58.69 -58.28 -30.68
N GLU D 268 -59.75 -58.43 -31.47
CA GLU D 268 -61.06 -58.71 -30.89
C GLU D 268 -61.07 -60.03 -30.14
N ASN D 269 -60.39 -61.05 -30.65
CA ASN D 269 -60.28 -62.31 -29.93
C ASN D 269 -59.54 -62.15 -28.61
N VAL D 270 -58.49 -61.34 -28.58
CA VAL D 270 -57.76 -61.14 -27.33
C VAL D 270 -58.63 -60.39 -26.32
N ILE D 271 -59.38 -59.40 -26.77
CA ILE D 271 -60.28 -58.69 -25.86
C ILE D 271 -61.34 -59.64 -25.34
N ALA D 272 -61.89 -60.48 -26.21
CA ALA D 272 -62.88 -61.46 -25.77
C ALA D 272 -62.28 -62.43 -24.76
N GLY D 273 -61.04 -62.85 -24.97
CA GLY D 273 -60.38 -63.73 -24.04
C GLY D 273 -60.19 -63.09 -22.68
N ILE D 274 -59.77 -61.83 -22.67
CA ILE D 274 -59.60 -61.12 -21.41
C ILE D 274 -60.92 -61.00 -20.67
N GLU D 275 -61.97 -60.59 -21.38
CA GLU D 275 -63.27 -60.45 -20.74
C GLU D 275 -63.83 -61.78 -20.24
N ARG D 276 -63.66 -62.85 -21.00
CA ARG D 276 -64.12 -64.15 -20.57
C ARG D 276 -63.31 -64.68 -19.39
N ALA D 277 -62.02 -64.36 -19.34
CA ALA D 277 -61.23 -64.73 -18.17
C ALA D 277 -61.69 -63.98 -16.94
N VAL D 278 -62.10 -62.72 -17.09
CA VAL D 278 -62.68 -62.01 -15.96
C VAL D 278 -64.01 -62.64 -15.57
N GLN D 279 -64.81 -63.07 -16.54
CA GLN D 279 -66.06 -63.77 -16.24
C GLN D 279 -65.80 -65.00 -15.39
N ASP D 280 -64.84 -65.83 -15.80
CA ASP D 280 -64.65 -67.14 -15.18
C ASP D 280 -64.00 -67.06 -13.81
N GLY D 281 -63.88 -65.88 -13.23
CA GLY D 281 -63.37 -65.74 -11.89
C GLY D 281 -61.87 -65.89 -11.77
N ALA D 282 -61.13 -65.78 -12.85
CA ALA D 282 -59.68 -65.87 -12.77
C ALA D 282 -59.14 -64.75 -11.89
N ASP D 283 -58.27 -65.12 -10.95
CA ASP D 283 -57.65 -64.13 -10.09
C ASP D 283 -56.39 -63.53 -10.68
N VAL D 284 -55.64 -64.33 -11.45
CA VAL D 284 -54.44 -63.84 -12.12
C VAL D 284 -54.58 -64.13 -13.60
N MET D 285 -54.10 -63.22 -14.43
CA MET D 285 -54.24 -63.30 -15.87
C MET D 285 -52.86 -63.18 -16.49
N ASN D 286 -52.59 -63.99 -17.51
CA ASN D 286 -51.28 -63.99 -18.15
C ASN D 286 -51.44 -63.78 -19.64
N LEU D 287 -50.77 -62.73 -20.14
CA LEU D 287 -50.75 -62.41 -21.57
C LEU D 287 -49.30 -62.40 -22.06
N SER D 288 -48.91 -63.48 -22.74
CA SER D 288 -47.61 -63.57 -23.38
C SER D 288 -47.69 -63.27 -24.86
N LEU D 289 -48.68 -62.52 -25.28
CA LEU D 289 -48.83 -62.06 -26.65
C LEU D 289 -48.53 -60.58 -26.71
N GLY D 290 -48.67 -60.01 -27.91
CA GLY D 290 -48.51 -58.58 -28.07
C GLY D 290 -47.93 -58.16 -29.39
N ASN D 291 -48.41 -57.05 -29.92
CA ASN D 291 -47.86 -56.48 -31.14
C ASN D 291 -46.75 -55.51 -30.75
N SER D 292 -46.28 -54.69 -31.69
CA SER D 292 -45.15 -53.80 -31.45
C SER D 292 -45.55 -52.36 -31.70
N VAL D 293 -46.70 -51.95 -31.21
CA VAL D 293 -47.14 -50.55 -31.30
C VAL D 293 -47.04 -49.95 -29.91
N ASN D 294 -46.15 -48.95 -29.76
CA ASN D 294 -45.95 -48.28 -28.49
C ASN D 294 -47.07 -47.26 -28.28
N ASN D 295 -48.25 -47.78 -28.00
CA ASN D 295 -49.43 -46.95 -27.76
C ASN D 295 -50.09 -47.41 -26.46
N PRO D 296 -50.17 -46.55 -25.45
CA PRO D 296 -50.80 -46.96 -24.19
C PRO D 296 -52.30 -47.13 -24.30
N ASP D 297 -52.92 -46.64 -25.36
CA ASP D 297 -54.36 -46.71 -25.53
C ASP D 297 -54.74 -47.64 -26.68
N TRP D 298 -54.00 -48.72 -26.84
CA TRP D 298 -54.43 -49.76 -27.74
C TRP D 298 -55.63 -50.49 -27.12
N ALA D 299 -56.36 -51.21 -27.97
CA ALA D 299 -57.56 -51.89 -27.48
C ALA D 299 -57.21 -52.93 -26.43
N THR D 300 -56.14 -53.69 -26.65
CA THR D 300 -55.73 -54.70 -25.68
C THR D 300 -55.24 -54.09 -24.38
N SER D 301 -54.68 -52.88 -24.42
CA SER D 301 -54.29 -52.19 -23.20
C SER D 301 -55.48 -51.63 -22.45
N THR D 302 -56.48 -51.11 -23.15
CA THR D 302 -57.71 -50.67 -22.49
C THR D 302 -58.42 -51.85 -21.84
N ALA D 303 -58.48 -52.99 -22.54
CA ALA D 303 -59.07 -54.18 -21.95
C ALA D 303 -58.31 -54.64 -20.72
N LEU D 304 -56.99 -54.51 -20.73
CA LEU D 304 -56.19 -54.91 -19.58
C LEU D 304 -56.35 -53.94 -18.41
N ASP D 305 -56.60 -52.67 -18.69
CA ASP D 305 -56.92 -51.73 -17.62
C ASP D 305 -58.35 -51.86 -17.13
N TRP D 306 -59.24 -52.48 -17.92
CA TRP D 306 -60.57 -52.78 -17.40
C TRP D 306 -60.50 -53.83 -16.31
N ALA D 307 -59.81 -54.93 -16.58
CA ALA D 307 -59.32 -55.77 -15.50
C ALA D 307 -58.26 -54.99 -14.72
N MET D 308 -57.81 -55.55 -13.60
CA MET D 308 -56.99 -54.83 -12.63
C MET D 308 -57.83 -53.75 -11.97
N SER D 309 -59.06 -53.58 -12.45
CA SER D 309 -60.10 -52.85 -11.75
C SER D 309 -61.30 -53.70 -11.42
N GLU D 310 -61.51 -54.79 -12.16
CA GLU D 310 -62.44 -55.83 -11.72
C GLU D 310 -61.69 -56.90 -10.93
N GLY D 311 -60.84 -56.45 -10.01
CA GLY D 311 -60.15 -57.34 -9.09
C GLY D 311 -59.33 -58.45 -9.69
N VAL D 312 -58.79 -58.28 -10.89
CA VAL D 312 -58.03 -59.35 -11.54
C VAL D 312 -56.64 -58.82 -11.88
N THR D 313 -55.62 -59.39 -11.25
CA THR D 313 -54.25 -59.02 -11.57
C THR D 313 -53.91 -59.44 -12.99
N ALA D 314 -53.23 -58.57 -13.73
CA ALA D 314 -52.92 -58.81 -15.13
C ALA D 314 -51.42 -58.69 -15.34
N VAL D 315 -50.79 -59.79 -15.71
CA VAL D 315 -49.36 -59.82 -15.98
C VAL D 315 -49.15 -60.06 -17.47
N THR D 316 -48.32 -59.23 -18.08
CA THR D 316 -48.12 -59.29 -19.52
C THR D 316 -46.63 -59.18 -19.83
N SER D 317 -46.27 -59.73 -20.98
CA SER D 317 -44.89 -59.60 -21.43
C SER D 317 -44.64 -58.19 -21.95
N ASN D 318 -43.39 -57.75 -21.84
CA ASN D 318 -43.01 -56.45 -22.37
C ASN D 318 -42.86 -56.44 -23.88
N GLY D 319 -42.59 -57.60 -24.48
CA GLY D 319 -42.33 -57.69 -25.90
C GLY D 319 -40.90 -58.09 -26.19
N ASN D 320 -40.68 -58.49 -27.44
CA ASN D 320 -39.39 -59.04 -27.87
C ASN D 320 -38.81 -58.12 -28.92
N SER D 321 -38.10 -57.09 -28.48
CA SER D 321 -37.42 -56.18 -29.39
C SER D 321 -36.05 -55.87 -28.83
N GLY D 322 -35.09 -55.67 -29.73
CA GLY D 322 -33.70 -55.54 -29.37
C GLY D 322 -33.46 -54.39 -28.41
N PRO D 323 -32.22 -54.21 -27.99
CA PRO D 323 -31.96 -53.19 -26.98
C PRO D 323 -32.14 -51.82 -27.58
N ASN D 324 -33.28 -51.20 -27.28
CA ASN D 324 -33.67 -49.95 -27.89
C ASN D 324 -34.84 -49.36 -27.12
N ASN D 325 -34.75 -48.10 -26.74
CA ASN D 325 -35.84 -47.50 -26.00
C ASN D 325 -37.05 -47.33 -26.91
N TRP D 326 -38.22 -47.19 -26.28
CA TRP D 326 -39.47 -46.93 -26.98
C TRP D 326 -39.90 -48.09 -27.86
N THR D 327 -39.60 -49.33 -27.46
CA THR D 327 -39.97 -50.49 -28.25
C THR D 327 -40.92 -51.43 -27.51
N VAL D 328 -41.58 -50.95 -26.45
CA VAL D 328 -42.46 -51.80 -25.67
C VAL D 328 -43.74 -52.05 -26.45
N GLY D 329 -44.27 -53.27 -26.32
CA GLY D 329 -45.41 -53.70 -27.10
C GLY D 329 -46.73 -53.12 -26.64
N SER D 330 -47.80 -53.50 -27.34
CA SER D 330 -49.09 -52.84 -27.13
C SER D 330 -49.75 -53.23 -25.82
N PRO D 331 -50.03 -54.51 -25.55
CA PRO D 331 -50.64 -54.84 -24.24
C PRO D 331 -49.73 -54.52 -23.08
N GLY D 332 -48.42 -54.48 -23.31
CA GLY D 332 -47.48 -54.20 -22.26
C GLY D 332 -47.25 -52.72 -22.05
N THR D 333 -48.07 -51.88 -22.70
CA THR D 333 -48.04 -50.45 -22.46
C THR D 333 -49.19 -49.99 -21.58
N SER D 334 -50.00 -50.92 -21.09
CA SER D 334 -51.16 -50.54 -20.30
C SER D 334 -50.73 -49.88 -19.00
N ARG D 335 -51.53 -48.92 -18.56
CA ARG D 335 -51.18 -48.14 -17.37
C ARG D 335 -51.24 -48.98 -16.11
N GLU D 336 -52.17 -49.93 -16.03
CA GLU D 336 -52.36 -50.74 -14.83
C GLU D 336 -52.23 -52.21 -15.24
N ALA D 337 -50.99 -52.70 -15.29
CA ALA D 337 -50.72 -54.10 -15.53
C ALA D 337 -49.23 -54.32 -15.32
N ILE D 338 -48.88 -55.47 -14.76
CA ILE D 338 -47.48 -55.76 -14.50
C ILE D 338 -46.85 -56.23 -15.80
N SER D 339 -45.99 -55.40 -16.39
CA SER D 339 -45.25 -55.76 -17.59
C SER D 339 -43.89 -56.29 -17.16
N VAL D 340 -43.48 -57.41 -17.76
CA VAL D 340 -42.31 -58.15 -17.32
C VAL D 340 -41.28 -58.17 -18.44
N GLY D 341 -40.04 -57.83 -18.09
CA GLY D 341 -38.91 -58.02 -18.96
C GLY D 341 -38.17 -59.30 -18.63
N ALA D 342 -37.24 -59.67 -19.51
CA ALA D 342 -36.55 -60.94 -19.43
C ALA D 342 -35.12 -60.74 -18.94
N THR D 343 -34.66 -61.64 -18.08
CA THR D 343 -33.30 -61.60 -17.56
C THR D 343 -32.62 -62.94 -17.77
N GLN D 344 -31.29 -62.91 -17.77
CA GLN D 344 -30.48 -64.11 -17.82
C GLN D 344 -30.01 -64.46 -16.41
N LEU D 345 -30.15 -65.71 -16.04
CA LEU D 345 -29.71 -66.15 -14.73
C LEU D 345 -28.19 -66.06 -14.63
N PRO D 346 -27.66 -65.88 -13.42
CA PRO D 346 -26.21 -65.75 -13.27
C PRO D 346 -25.49 -66.99 -13.77
N LEU D 347 -24.67 -66.80 -14.80
CA LEU D 347 -23.92 -67.88 -15.41
C LEU D 347 -22.43 -67.63 -15.30
N ASN D 348 -21.66 -68.71 -15.29
CA ASN D 348 -20.23 -68.64 -15.11
C ASN D 348 -19.50 -68.55 -16.44
N LYS D 477 -15.02 -65.54 -15.79
CA LYS D 477 -15.68 -64.39 -15.19
C LYS D 477 -17.16 -64.64 -14.99
N SER D 478 -17.52 -65.10 -13.79
CA SER D 478 -18.92 -65.32 -13.45
C SER D 478 -19.69 -64.01 -13.43
N LEU D 479 -20.85 -64.00 -14.07
CA LEU D 479 -21.69 -62.82 -14.14
C LEU D 479 -22.89 -62.96 -13.22
N THR D 480 -23.40 -61.81 -12.78
CA THR D 480 -24.63 -61.76 -12.00
C THR D 480 -25.81 -61.78 -12.98
N GLU D 481 -27.01 -61.52 -12.47
CA GLU D 481 -28.17 -61.49 -13.33
C GLU D 481 -28.05 -60.34 -14.33
N GLN D 482 -28.52 -60.58 -15.55
CA GLN D 482 -28.36 -59.61 -16.62
C GLN D 482 -29.61 -59.63 -17.47
N MET D 483 -30.03 -58.45 -17.93
CA MET D 483 -31.19 -58.40 -18.79
C MET D 483 -30.83 -58.90 -20.18
N ALA D 484 -31.72 -59.71 -20.75
CA ALA D 484 -31.53 -60.17 -22.12
C ALA D 484 -31.66 -58.99 -23.08
N ASP D 485 -31.00 -59.12 -24.23
CA ASP D 485 -30.93 -58.03 -25.18
C ASP D 485 -32.09 -58.06 -26.17
N PHE D 486 -33.11 -58.87 -25.92
CA PHE D 486 -34.30 -58.84 -26.75
C PHE D 486 -35.51 -58.31 -26.02
N SER D 487 -35.39 -57.99 -24.74
CA SER D 487 -36.52 -57.41 -24.02
C SER D 487 -36.83 -56.02 -24.55
N SER D 488 -38.10 -55.76 -24.79
CA SER D 488 -38.50 -54.42 -25.20
C SER D 488 -38.27 -53.45 -24.05
N ARG D 489 -38.00 -52.21 -24.39
CA ARG D 489 -37.65 -51.20 -23.41
C ARG D 489 -38.59 -50.00 -23.55
N GLY D 490 -38.88 -49.37 -22.42
CA GLY D 490 -39.74 -48.21 -22.41
C GLY D 490 -39.00 -46.98 -22.85
N PRO D 491 -39.55 -45.81 -22.59
CA PRO D 491 -40.82 -45.54 -21.92
C PRO D 491 -42.01 -45.73 -22.84
N VAL D 492 -43.22 -45.62 -22.30
CA VAL D 492 -44.41 -45.66 -23.14
C VAL D 492 -44.63 -44.29 -23.77
N MET D 493 -45.08 -44.28 -25.02
CA MET D 493 -45.36 -43.03 -25.69
C MET D 493 -46.60 -42.39 -25.11
N ASP D 494 -46.62 -41.06 -25.09
CA ASP D 494 -47.80 -40.26 -24.73
C ASP D 494 -48.12 -40.33 -23.24
N THR D 495 -47.45 -41.21 -22.51
CA THR D 495 -47.54 -41.22 -21.06
C THR D 495 -46.19 -41.25 -20.38
N TRP D 496 -45.12 -41.58 -21.10
CA TRP D 496 -43.76 -41.54 -20.57
C TRP D 496 -43.61 -42.41 -19.34
N MET D 497 -44.43 -43.44 -19.24
CA MET D 497 -44.39 -44.34 -18.11
C MET D 497 -43.19 -45.28 -18.22
N ILE D 498 -42.61 -45.63 -17.08
CA ILE D 498 -41.45 -46.52 -17.07
C ILE D 498 -41.92 -47.94 -17.30
N LYS D 499 -41.38 -48.59 -18.32
CA LYS D 499 -41.65 -49.99 -18.58
C LYS D 499 -40.38 -50.66 -19.05
N PRO D 500 -40.17 -51.94 -18.72
CA PRO D 500 -41.07 -52.90 -18.07
C PRO D 500 -41.34 -52.54 -16.63
N ASP D 501 -42.38 -53.08 -16.02
CA ASP D 501 -42.58 -52.81 -14.60
C ASP D 501 -41.61 -53.61 -13.75
N VAL D 502 -41.46 -54.90 -14.04
CA VAL D 502 -40.51 -55.74 -13.31
C VAL D 502 -39.84 -56.65 -14.32
N SER D 503 -38.68 -57.17 -13.99
CA SER D 503 -38.02 -58.18 -14.80
C SER D 503 -38.02 -59.52 -14.07
N ALA D 504 -37.89 -60.59 -14.84
CA ALA D 504 -37.93 -61.95 -14.31
C ALA D 504 -37.12 -62.85 -15.23
N PRO D 505 -36.70 -64.01 -14.74
CA PRO D 505 -35.91 -64.92 -15.60
C PRO D 505 -36.70 -65.36 -16.82
N GLY D 506 -36.15 -65.08 -17.99
CA GLY D 506 -36.83 -65.40 -19.22
C GLY D 506 -35.94 -65.88 -20.34
N VAL D 507 -34.76 -66.41 -20.00
CA VAL D 507 -33.82 -66.91 -20.99
C VAL D 507 -33.55 -68.37 -20.65
N ASN D 508 -33.73 -69.24 -21.65
CA ASN D 508 -33.47 -70.68 -21.51
C ASN D 508 -34.32 -71.28 -20.39
N ILE D 509 -35.63 -71.18 -20.57
CA ILE D 509 -36.58 -71.71 -19.60
C ILE D 509 -37.11 -73.03 -20.14
N VAL D 510 -36.92 -74.10 -19.40
CA VAL D 510 -37.44 -75.40 -19.80
C VAL D 510 -38.78 -75.63 -19.12
N SER D 511 -39.73 -76.14 -19.88
CA SER D 511 -41.08 -76.33 -19.37
C SER D 511 -41.82 -77.30 -20.27
N THR D 512 -43.05 -77.61 -19.87
CA THR D 512 -43.84 -78.63 -20.56
C THR D 512 -44.25 -78.15 -21.94
N ILE D 513 -44.10 -79.02 -22.93
CA ILE D 513 -44.54 -78.74 -24.28
C ILE D 513 -45.27 -79.96 -24.84
N PRO D 514 -46.13 -79.79 -25.84
CA PRO D 514 -46.56 -80.93 -26.63
C PRO D 514 -45.57 -81.20 -27.74
N THR D 515 -45.20 -82.46 -27.89
CA THR D 515 -44.28 -82.84 -28.96
C THR D 515 -44.98 -82.97 -30.30
N HIS D 516 -46.31 -82.90 -30.33
CA HIS D 516 -47.09 -83.07 -31.55
C HIS D 516 -46.74 -84.37 -32.26
N ASP D 517 -46.47 -85.39 -31.46
CA ASP D 517 -46.13 -86.73 -31.94
C ASP D 517 -47.10 -87.71 -31.31
N PRO D 518 -47.90 -88.43 -32.10
CA PRO D 518 -48.83 -89.40 -31.50
C PRO D 518 -48.14 -90.47 -30.67
N ALA D 519 -46.88 -90.80 -30.97
CA ALA D 519 -46.16 -91.80 -30.19
C ALA D 519 -45.99 -91.37 -28.75
N ASP D 520 -45.59 -90.12 -28.53
CA ASP D 520 -45.51 -89.54 -27.19
C ASP D 520 -45.81 -88.06 -27.29
N PRO D 521 -47.02 -87.65 -26.90
CA PRO D 521 -47.45 -86.28 -27.19
C PRO D 521 -46.91 -85.23 -26.24
N TYR D 522 -46.37 -85.62 -25.08
CA TYR D 522 -45.94 -84.69 -24.06
C TYR D 522 -44.44 -84.78 -23.83
N GLY D 523 -43.81 -83.64 -23.64
CA GLY D 523 -42.39 -83.62 -23.37
C GLY D 523 -42.01 -82.30 -22.74
N TYR D 524 -40.71 -82.04 -22.72
CA TYR D 524 -40.18 -80.80 -22.17
C TYR D 524 -39.30 -80.11 -23.21
N GLY D 525 -39.36 -78.78 -23.20
CA GLY D 525 -38.61 -78.01 -24.17
C GLY D 525 -38.17 -76.71 -23.56
N SER D 526 -37.08 -76.18 -24.10
CA SER D 526 -36.47 -74.95 -23.63
C SER D 526 -36.80 -73.84 -24.60
N LYS D 527 -37.49 -72.81 -24.12
CA LYS D 527 -37.81 -71.64 -24.91
C LYS D 527 -37.31 -70.40 -24.21
N GLN D 528 -37.13 -69.34 -24.98
CA GLN D 528 -36.60 -68.09 -24.50
C GLN D 528 -37.43 -66.94 -25.06
N GLY D 529 -37.58 -65.90 -24.27
CA GLY D 529 -38.33 -64.74 -24.71
C GLY D 529 -38.93 -63.99 -23.56
N THR D 530 -39.22 -62.72 -23.80
CA THR D 530 -39.92 -61.92 -22.81
C THR D 530 -41.29 -62.51 -22.51
N SER D 531 -41.87 -63.22 -23.47
CA SER D 531 -43.15 -63.88 -23.26
C SER D 531 -43.05 -64.98 -22.22
N MET D 532 -41.85 -65.44 -21.89
CA MET D 532 -41.67 -66.43 -20.85
C MET D 532 -41.08 -65.89 -19.57
N ALA D 533 -40.86 -64.58 -19.48
CA ALA D 533 -40.59 -63.98 -18.18
C ALA D 533 -41.88 -63.67 -17.44
N SER D 534 -42.94 -63.31 -18.16
CA SER D 534 -44.20 -63.01 -17.50
C SER D 534 -44.79 -64.17 -16.71
N PRO D 535 -44.73 -65.44 -17.16
CA PRO D 535 -45.31 -66.50 -16.34
C PRO D 535 -44.71 -66.62 -14.96
N HIS D 536 -43.43 -66.30 -14.79
CA HIS D 536 -42.86 -66.28 -13.46
C HIS D 536 -43.58 -65.27 -12.58
N VAL D 537 -43.83 -64.08 -13.09
CA VAL D 537 -44.51 -63.07 -12.30
C VAL D 537 -45.98 -63.45 -12.09
N ALA D 538 -46.59 -64.14 -13.04
CA ALA D 538 -47.96 -64.61 -12.82
C ALA D 538 -48.02 -65.63 -11.69
N GLY D 539 -47.08 -66.57 -11.67
CA GLY D 539 -47.00 -67.51 -10.57
C GLY D 539 -46.70 -66.81 -9.26
N ALA D 540 -45.83 -65.81 -9.29
CA ALA D 540 -45.54 -65.05 -8.08
C ALA D 540 -46.79 -64.34 -7.57
N ALA D 541 -47.58 -63.76 -8.48
CA ALA D 541 -48.81 -63.11 -8.08
C ALA D 541 -49.79 -64.10 -7.49
N ALA D 542 -49.87 -65.30 -8.07
CA ALA D 542 -50.75 -66.32 -7.50
C ALA D 542 -50.31 -66.69 -6.08
N VAL D 543 -49.00 -66.88 -5.88
CA VAL D 543 -48.50 -67.23 -4.56
C VAL D 543 -48.80 -66.13 -3.57
N ILE D 544 -48.55 -64.87 -3.97
CA ILE D 544 -48.80 -63.75 -3.07
C ILE D 544 -50.28 -63.65 -2.74
N LYS D 545 -51.15 -63.82 -3.74
CA LYS D 545 -52.58 -63.75 -3.48
C LYS D 545 -53.03 -64.84 -2.54
N GLN D 546 -52.40 -66.02 -2.59
CA GLN D 546 -52.67 -67.00 -1.56
C GLN D 546 -52.17 -66.52 -0.20
N ALA D 547 -51.00 -65.90 -0.17
CA ALA D 547 -50.44 -65.45 1.10
C ALA D 547 -51.18 -64.25 1.67
N LYS D 548 -51.49 -63.28 0.82
CA LYS D 548 -52.20 -62.06 1.23
C LYS D 548 -53.53 -62.02 0.51
N PRO D 549 -54.59 -62.62 1.07
CA PRO D 549 -55.86 -62.70 0.33
C PRO D 549 -56.61 -61.40 0.23
N LYS D 550 -56.20 -60.36 0.96
CA LYS D 550 -56.93 -59.11 0.97
C LYS D 550 -56.32 -58.05 0.06
N TRP D 551 -55.19 -58.34 -0.58
CA TRP D 551 -54.53 -57.34 -1.41
C TRP D 551 -55.25 -57.17 -2.74
N SER D 552 -55.39 -55.93 -3.15
CA SER D 552 -55.98 -55.58 -4.43
C SER D 552 -54.96 -55.85 -5.54
N PRO D 553 -55.38 -55.89 -6.80
CA PRO D 553 -54.39 -56.06 -7.88
C PRO D 553 -53.30 -54.99 -7.89
N GLU D 554 -53.66 -53.74 -7.59
CA GLU D 554 -52.65 -52.70 -7.53
C GLU D 554 -51.72 -52.85 -6.33
N GLN D 555 -52.21 -53.37 -5.22
CA GLN D 555 -51.36 -53.66 -4.09
C GLN D 555 -50.37 -54.77 -4.38
N ILE D 556 -50.78 -55.80 -5.11
CA ILE D 556 -49.85 -56.85 -5.51
C ILE D 556 -48.79 -56.28 -6.44
N LYS D 557 -49.20 -55.44 -7.38
CA LYS D 557 -48.23 -54.84 -8.28
C LYS D 557 -47.23 -53.99 -7.51
N ALA D 558 -47.70 -53.21 -6.56
CA ALA D 558 -46.82 -52.40 -5.74
C ALA D 558 -45.91 -53.24 -4.86
N ALA D 559 -46.37 -54.39 -4.38
CA ALA D 559 -45.54 -55.26 -3.56
C ALA D 559 -44.47 -55.97 -4.35
N LEU D 560 -44.79 -56.47 -5.55
CA LEU D 560 -43.76 -57.03 -6.41
C LEU D 560 -42.75 -55.97 -6.80
N MET D 561 -43.22 -54.77 -7.13
CA MET D 561 -42.34 -53.74 -7.66
C MET D 561 -41.49 -53.12 -6.57
N ASN D 562 -41.97 -53.10 -5.33
CA ASN D 562 -41.24 -52.47 -4.25
C ASN D 562 -40.04 -53.31 -3.83
N THR D 563 -40.23 -54.61 -3.68
CA THR D 563 -39.20 -55.52 -3.21
C THR D 563 -38.62 -56.23 -4.43
N ALA D 564 -37.70 -55.56 -5.10
CA ALA D 564 -37.07 -56.09 -6.30
C ALA D 564 -35.60 -55.70 -6.30
N GLU D 565 -34.75 -56.62 -6.72
CA GLU D 565 -33.30 -56.41 -6.68
C GLU D 565 -32.85 -55.72 -7.95
N THR D 566 -32.22 -54.57 -7.80
CA THR D 566 -31.64 -53.87 -8.93
C THR D 566 -30.54 -54.71 -9.56
N LEU D 567 -30.45 -54.63 -10.89
CA LEU D 567 -29.51 -55.44 -11.66
C LEU D 567 -28.42 -54.56 -12.23
N THR D 568 -27.17 -54.98 -12.07
CA THR D 568 -26.05 -54.30 -12.69
C THR D 568 -25.52 -55.12 -13.86
N ASP D 569 -25.03 -54.44 -14.88
CA ASP D 569 -24.54 -55.11 -16.08
C ASP D 569 -23.13 -55.64 -15.82
N ALA D 570 -22.46 -56.08 -16.88
CA ALA D 570 -21.15 -56.71 -16.73
C ALA D 570 -20.12 -55.73 -16.17
N ASP D 571 -20.09 -54.51 -16.70
CA ASP D 571 -19.07 -53.55 -16.27
C ASP D 571 -19.28 -53.14 -14.81
N GLY D 572 -20.54 -53.03 -14.39
CA GLY D 572 -20.83 -52.65 -13.03
C GLY D 572 -21.77 -51.47 -12.92
N ASP D 573 -22.42 -51.13 -14.02
CA ASP D 573 -23.36 -50.03 -14.05
C ASP D 573 -24.78 -50.55 -13.90
N VAL D 574 -25.59 -49.85 -13.10
CA VAL D 574 -26.98 -50.23 -12.96
C VAL D 574 -27.68 -50.08 -14.31
N TYR D 575 -28.45 -51.09 -14.67
CA TYR D 575 -29.22 -51.02 -15.90
C TYR D 575 -30.20 -49.86 -15.84
N PRO D 576 -30.43 -49.18 -16.96
CA PRO D 576 -31.37 -48.07 -16.96
C PRO D 576 -32.76 -48.52 -16.53
N HIS D 577 -33.54 -47.57 -16.02
CA HIS D 577 -34.85 -47.90 -15.51
C HIS D 577 -35.76 -48.44 -16.59
N ASN D 578 -35.69 -47.89 -17.81
CA ASN D 578 -36.45 -48.48 -18.90
C ASN D 578 -35.67 -49.58 -19.58
N ALA D 579 -35.01 -50.40 -18.79
CA ALA D 579 -34.50 -51.69 -19.20
C ALA D 579 -34.69 -52.71 -18.11
N GLN D 580 -35.01 -52.27 -16.91
CA GLN D 580 -35.08 -53.07 -15.70
C GLN D 580 -36.43 -52.94 -15.02
N GLY D 581 -36.99 -51.74 -15.02
CA GLY D 581 -38.22 -51.45 -14.33
C GLY D 581 -38.01 -51.19 -12.87
N ALA D 582 -37.82 -52.26 -12.11
CA ALA D 582 -37.47 -52.13 -10.71
C ALA D 582 -36.52 -53.23 -10.29
N GLY D 583 -36.14 -54.11 -11.19
CA GLY D 583 -35.27 -55.22 -10.88
C GLY D 583 -36.01 -56.55 -11.01
N SER D 584 -35.33 -57.60 -10.57
CA SER D 584 -35.91 -58.93 -10.63
C SER D 584 -36.84 -59.15 -9.44
N ILE D 585 -37.89 -59.94 -9.65
CA ILE D 585 -38.81 -60.22 -8.55
C ILE D 585 -38.09 -60.99 -7.46
N ARG D 586 -38.60 -60.85 -6.24
CA ARG D 586 -38.18 -61.67 -5.11
C ARG D 586 -39.45 -62.03 -4.36
N ILE D 587 -39.97 -63.23 -4.61
CA ILE D 587 -41.27 -63.61 -4.06
C ILE D 587 -41.23 -63.60 -2.54
N MET D 588 -40.11 -64.03 -1.96
CA MET D 588 -40.04 -64.13 -0.51
C MET D 588 -40.10 -62.77 0.16
N LYS D 589 -39.40 -61.78 -0.40
CA LYS D 589 -39.49 -60.43 0.15
C LYS D 589 -40.88 -59.85 -0.03
N ALA D 590 -41.49 -60.09 -1.18
CA ALA D 590 -42.82 -59.55 -1.44
C ALA D 590 -43.86 -60.15 -0.49
N ILE D 591 -43.75 -61.44 -0.21
CA ILE D 591 -44.70 -62.11 0.67
C ILE D 591 -44.62 -61.55 2.08
N LYS D 592 -43.44 -61.14 2.52
CA LYS D 592 -43.24 -60.64 3.88
C LYS D 592 -42.96 -59.15 3.75
N ALA D 593 -44.04 -58.38 3.64
CA ALA D 593 -43.95 -56.94 3.46
C ALA D 593 -45.13 -56.30 4.16
N ASP D 594 -44.83 -55.46 5.14
CA ASP D 594 -45.87 -54.79 5.92
C ASP D 594 -46.02 -53.33 5.55
N SER D 595 -45.32 -52.87 4.52
CA SER D 595 -45.45 -51.50 4.06
C SER D 595 -45.46 -51.50 2.55
N LEU D 596 -46.43 -50.82 1.95
CA LEU D 596 -46.57 -50.76 0.51
C LEU D 596 -46.50 -49.32 0.04
N VAL D 597 -45.62 -49.04 -0.92
CA VAL D 597 -45.50 -47.71 -1.49
C VAL D 597 -46.08 -47.74 -2.89
N ALA D 598 -47.06 -46.89 -3.15
CA ALA D 598 -47.74 -46.86 -4.42
C ALA D 598 -47.82 -45.43 -4.95
N PRO D 599 -47.65 -45.22 -6.25
CA PRO D 599 -47.39 -46.22 -7.29
C PRO D 599 -45.96 -46.72 -7.20
N GLY D 600 -45.69 -47.96 -7.63
CA GLY D 600 -44.36 -48.49 -7.49
C GLY D 600 -43.32 -47.74 -8.30
N SER D 601 -43.74 -47.08 -9.37
CA SER D 601 -42.85 -46.24 -10.17
C SER D 601 -43.66 -45.08 -10.69
N TYR D 602 -43.03 -43.91 -10.78
CA TYR D 602 -43.72 -42.72 -11.23
C TYR D 602 -42.91 -42.02 -12.30
N SER D 603 -43.60 -41.36 -13.20
CA SER D 603 -42.96 -40.61 -14.28
C SER D 603 -43.49 -39.19 -14.27
N TYR D 604 -42.59 -38.22 -14.23
CA TYR D 604 -42.99 -36.83 -14.14
C TYR D 604 -43.38 -36.23 -15.47
N GLY D 605 -43.27 -36.98 -16.56
CA GLY D 605 -43.63 -36.45 -17.85
C GLY D 605 -42.50 -35.66 -18.48
N THR D 606 -42.86 -34.61 -19.20
CA THR D 606 -41.91 -33.82 -19.95
C THR D 606 -41.88 -32.39 -19.42
N PHE D 607 -40.72 -31.76 -19.55
CA PHE D 607 -40.52 -30.37 -19.18
C PHE D 607 -40.16 -29.61 -20.44
N MET D 608 -41.08 -28.77 -20.91
CA MET D 608 -40.97 -28.15 -22.22
C MET D 608 -40.58 -26.68 -22.16
N LYS D 609 -40.46 -26.09 -20.97
CA LYS D 609 -40.23 -24.66 -20.87
C LYS D 609 -38.88 -24.29 -21.49
N ASP D 610 -38.89 -23.24 -22.30
CA ASP D 610 -37.66 -22.77 -22.94
C ASP D 610 -36.78 -22.03 -21.95
N LYS D 611 -37.37 -21.23 -21.07
CA LYS D 611 -36.62 -20.50 -20.05
C LYS D 611 -37.40 -20.51 -18.75
N GLY D 612 -36.69 -20.35 -17.66
CA GLY D 612 -37.29 -20.37 -16.35
C GLY D 612 -37.16 -21.72 -15.68
N ASN D 613 -37.84 -21.86 -14.55
CA ASN D 613 -37.84 -23.08 -13.76
C ASN D 613 -39.23 -23.67 -13.77
N GLU D 614 -39.32 -24.99 -13.96
CA GLU D 614 -40.60 -25.68 -13.96
C GLU D 614 -40.60 -26.69 -12.83
N THR D 615 -41.67 -26.69 -12.04
CA THR D 615 -41.78 -27.55 -10.87
C THR D 615 -42.97 -28.48 -11.04
N LYS D 616 -42.76 -29.75 -10.77
CA LYS D 616 -43.83 -30.73 -10.75
C LYS D 616 -43.77 -31.47 -9.43
N LYS D 617 -44.89 -32.07 -9.03
CA LYS D 617 -44.91 -32.80 -7.78
C LYS D 617 -45.82 -34.00 -7.90
N GLU D 618 -45.52 -35.02 -7.10
CA GLU D 618 -46.28 -36.24 -7.04
C GLU D 618 -46.51 -36.62 -5.59
N THR D 619 -47.61 -37.32 -5.34
CA THR D 619 -47.95 -37.79 -4.01
C THR D 619 -47.90 -39.31 -4.00
N PHE D 620 -46.87 -39.85 -3.39
CA PHE D 620 -46.80 -41.29 -3.17
C PHE D 620 -47.53 -41.62 -1.88
N THR D 621 -48.04 -42.85 -1.82
CA THR D 621 -48.85 -43.31 -0.72
C THR D 621 -48.20 -44.51 -0.06
N ILE D 622 -47.98 -44.43 1.24
CA ILE D 622 -47.38 -45.51 2.01
C ILE D 622 -48.45 -46.11 2.91
N GLU D 623 -48.71 -47.39 2.74
CA GLU D 623 -49.66 -48.13 3.55
C GLU D 623 -48.88 -48.92 4.58
N ASN D 624 -49.22 -48.71 5.86
CA ASN D 624 -48.55 -49.36 6.98
C ASN D 624 -49.40 -50.56 7.38
N GLN D 625 -49.13 -51.70 6.75
CA GLN D 625 -49.93 -52.89 6.99
C GLN D 625 -49.67 -53.52 8.36
N SER D 626 -48.67 -53.05 9.10
CA SER D 626 -48.32 -53.67 10.36
C SER D 626 -49.24 -53.16 11.47
N SER D 627 -49.04 -53.70 12.67
CA SER D 627 -49.84 -53.37 13.84
C SER D 627 -49.17 -52.34 14.72
N ILE D 628 -48.11 -51.70 14.25
CA ILE D 628 -47.29 -50.81 15.06
C ILE D 628 -47.06 -49.52 14.28
N ARG D 629 -47.11 -48.39 14.98
CA ARG D 629 -46.89 -47.11 14.34
C ARG D 629 -45.45 -46.99 13.90
N LYS D 630 -45.22 -46.61 12.64
CA LYS D 630 -43.88 -46.61 12.08
C LYS D 630 -43.53 -45.24 11.54
N SER D 631 -42.23 -45.04 11.34
CA SER D 631 -41.69 -43.81 10.79
C SER D 631 -40.91 -44.15 9.54
N TYR D 632 -41.34 -43.61 8.41
CA TYR D 632 -40.71 -43.85 7.13
C TYR D 632 -39.88 -42.65 6.71
N GLN D 633 -38.73 -42.93 6.11
CA GLN D 633 -37.74 -41.92 5.77
C GLN D 633 -37.51 -41.95 4.28
N LEU D 634 -37.59 -40.78 3.64
CA LEU D 634 -37.56 -40.66 2.19
C LEU D 634 -36.25 -40.05 1.73
N GLU D 635 -35.64 -40.66 0.73
CA GLU D 635 -34.47 -40.09 0.08
C GLU D 635 -34.75 -39.97 -1.41
N TYR D 636 -34.72 -38.75 -1.92
CA TYR D 636 -34.99 -38.49 -3.33
C TYR D 636 -33.69 -38.19 -4.04
N SER D 637 -33.49 -38.79 -5.22
CA SER D 637 -32.31 -38.52 -6.01
C SER D 637 -32.71 -38.47 -7.48
N PHE D 638 -31.94 -37.69 -8.24
CA PHE D 638 -32.06 -37.66 -9.69
C PHE D 638 -30.67 -37.50 -10.29
N ASN D 639 -30.45 -38.18 -11.41
CA ASN D 639 -29.22 -38.00 -12.15
C ASN D 639 -29.33 -36.80 -13.06
N GLY D 640 -28.18 -36.22 -13.40
CA GLY D 640 -28.21 -35.07 -14.27
C GLY D 640 -28.23 -33.76 -13.50
N THR D 641 -27.64 -32.74 -14.11
CA THR D 641 -27.50 -31.44 -13.48
C THR D 641 -28.69 -30.55 -13.81
N GLY D 642 -28.98 -29.62 -12.91
CA GLY D 642 -30.09 -28.72 -13.08
C GLY D 642 -31.42 -29.26 -12.60
N ILE D 643 -31.44 -30.45 -12.02
CA ILE D 643 -32.65 -31.06 -11.49
C ILE D 643 -32.51 -31.11 -9.98
N THR D 644 -33.39 -30.43 -9.26
CA THR D 644 -33.38 -30.42 -7.81
C THR D 644 -34.63 -31.10 -7.30
N VAL D 645 -34.44 -32.05 -6.39
CA VAL D 645 -35.53 -32.87 -5.90
C VAL D 645 -35.66 -32.67 -4.40
N SER D 646 -36.88 -32.59 -3.92
CA SER D 646 -37.14 -32.36 -2.51
C SER D 646 -38.49 -32.98 -2.16
N GLY D 647 -38.95 -32.74 -0.96
CA GLY D 647 -40.24 -33.21 -0.54
C GLY D 647 -40.21 -33.67 0.90
N THR D 648 -41.26 -34.38 1.29
CA THR D 648 -41.38 -34.86 2.65
C THR D 648 -40.26 -35.84 3.00
N ASP D 649 -39.39 -35.42 3.91
CA ASP D 649 -38.26 -36.24 4.30
C ASP D 649 -38.56 -37.29 5.36
N ARG D 650 -39.76 -37.27 5.94
CA ARG D 650 -40.11 -38.23 6.98
C ARG D 650 -41.60 -38.17 7.20
N VAL D 651 -42.22 -39.33 7.34
CA VAL D 651 -43.62 -39.42 7.72
C VAL D 651 -43.74 -40.41 8.87
N VAL D 652 -44.77 -40.20 9.70
CA VAL D 652 -45.11 -41.15 10.74
C VAL D 652 -46.52 -41.62 10.46
N ILE D 653 -46.69 -42.94 10.32
CA ILE D 653 -47.96 -43.54 9.94
C ILE D 653 -48.40 -44.45 11.06
N PRO D 654 -49.61 -44.30 11.59
CA PRO D 654 -50.10 -45.21 12.63
C PRO D 654 -50.35 -46.60 12.07
N ALA D 655 -50.72 -47.53 12.94
CA ALA D 655 -50.93 -48.90 12.51
C ALA D 655 -52.13 -49.00 11.59
N HIS D 656 -52.02 -49.83 10.55
CA HIS D 656 -53.12 -50.11 9.65
C HIS D 656 -53.70 -48.83 9.05
N GLN D 657 -52.81 -47.93 8.65
CA GLN D 657 -53.23 -46.65 8.12
C GLN D 657 -52.38 -46.31 6.91
N THR D 658 -52.49 -45.07 6.46
CA THR D 658 -51.93 -44.62 5.20
C THR D 658 -51.40 -43.21 5.34
N GLY D 659 -50.20 -42.97 4.80
CA GLY D 659 -49.61 -41.66 4.79
C GLY D 659 -49.25 -41.26 3.37
N LYS D 660 -49.09 -39.95 3.19
CA LYS D 660 -48.80 -39.38 1.88
C LYS D 660 -47.47 -38.64 1.93
N VAL D 661 -46.63 -38.87 0.95
CA VAL D 661 -45.36 -38.16 0.82
C VAL D 661 -45.40 -37.39 -0.49
N ASN D 662 -45.04 -36.11 -0.42
CA ASN D 662 -45.13 -35.21 -1.55
C ASN D 662 -43.73 -35.01 -2.12
N ALA D 663 -43.37 -35.84 -3.09
CA ALA D 663 -42.12 -35.64 -3.80
C ALA D 663 -42.28 -34.49 -4.77
N LYS D 664 -41.22 -33.73 -4.96
CA LYS D 664 -41.27 -32.53 -5.78
C LYS D 664 -39.98 -32.43 -6.58
N VAL D 665 -40.10 -32.19 -7.87
CA VAL D 665 -38.94 -32.05 -8.74
C VAL D 665 -39.00 -30.68 -9.38
N LYS D 666 -37.82 -30.09 -9.60
CA LYS D 666 -37.72 -28.76 -10.16
C LYS D 666 -36.60 -28.74 -11.18
N VAL D 667 -36.91 -28.34 -12.40
CA VAL D 667 -35.98 -28.36 -13.51
C VAL D 667 -35.69 -26.93 -13.92
N ASN D 668 -34.41 -26.59 -13.95
CA ASN D 668 -33.95 -25.27 -14.39
C ASN D 668 -33.66 -25.35 -15.88
N ALA D 669 -34.55 -24.77 -16.69
CA ALA D 669 -34.43 -24.90 -18.14
C ALA D 669 -33.14 -24.31 -18.68
N LYS D 670 -32.50 -23.41 -17.94
CA LYS D 670 -31.29 -22.77 -18.43
C LYS D 670 -30.05 -23.63 -18.22
N LYS D 671 -30.14 -24.67 -17.41
CA LYS D 671 -28.97 -25.47 -17.07
C LYS D 671 -29.06 -26.93 -17.49
N VAL D 672 -30.23 -27.40 -17.89
CA VAL D 672 -30.46 -28.83 -18.11
C VAL D 672 -30.33 -29.14 -19.60
N LYS D 673 -29.49 -30.12 -19.92
CA LYS D 673 -29.43 -30.64 -21.28
C LYS D 673 -30.64 -31.51 -21.54
N ALA D 674 -31.17 -31.42 -22.76
CA ALA D 674 -32.32 -32.23 -23.12
C ALA D 674 -31.97 -33.71 -23.07
N GLY D 675 -32.92 -34.52 -22.65
CA GLY D 675 -32.71 -35.95 -22.55
C GLY D 675 -33.63 -36.54 -21.51
N THR D 676 -33.46 -37.84 -21.31
CA THR D 676 -34.26 -38.60 -20.35
C THR D 676 -33.42 -38.86 -19.12
N TYR D 677 -33.91 -38.43 -17.97
CA TYR D 677 -33.19 -38.56 -16.71
C TYR D 677 -33.96 -39.49 -15.78
N GLU D 678 -33.22 -40.33 -15.07
CA GLU D 678 -33.80 -41.33 -14.18
C GLU D 678 -33.49 -40.97 -12.74
N GLY D 679 -34.53 -40.95 -11.91
CA GLY D 679 -34.37 -40.69 -10.49
C GLY D 679 -34.87 -41.87 -9.68
N THR D 680 -34.89 -41.67 -8.37
CA THR D 680 -35.31 -42.72 -7.45
C THR D 680 -35.77 -42.11 -6.15
N VAL D 681 -36.86 -42.65 -5.62
CA VAL D 681 -37.33 -42.35 -4.27
C VAL D 681 -37.15 -43.60 -3.44
N THR D 682 -36.33 -43.51 -2.40
CA THR D 682 -36.03 -44.66 -1.55
C THR D 682 -36.72 -44.45 -0.21
N VAL D 683 -37.46 -45.46 0.24
CA VAL D 683 -38.20 -45.42 1.48
C VAL D 683 -37.56 -46.41 2.45
N ARG D 684 -37.13 -45.90 3.60
CA ARG D 684 -36.54 -46.73 4.64
C ARG D 684 -37.45 -46.75 5.84
N GLU D 685 -37.45 -47.87 6.55
CA GLU D 685 -38.24 -47.99 7.76
C GLU D 685 -37.53 -48.94 8.70
N GLY D 686 -37.07 -48.41 9.83
CA GLY D 686 -36.45 -49.21 10.87
C GLY D 686 -35.43 -50.21 10.36
N GLY D 687 -34.34 -49.70 9.80
CA GLY D 687 -33.34 -50.60 9.26
C GLY D 687 -33.57 -50.86 7.79
N LYS D 688 -34.26 -51.96 7.50
CA LYS D 688 -34.49 -52.42 6.14
C LYS D 688 -35.09 -51.34 5.26
N THR D 689 -34.85 -51.47 3.96
CA THR D 689 -35.45 -50.61 2.95
C THR D 689 -36.76 -51.23 2.48
N VAL D 690 -37.84 -50.45 2.52
CA VAL D 690 -39.14 -51.01 2.18
C VAL D 690 -39.51 -50.80 0.72
N ALA D 691 -38.88 -49.86 0.03
CA ALA D 691 -39.20 -49.61 -1.37
C ALA D 691 -38.09 -48.81 -2.00
N LYS D 692 -38.02 -48.90 -3.33
CA LYS D 692 -37.11 -48.10 -4.14
C LYS D 692 -37.89 -47.76 -5.41
N VAL D 693 -38.54 -46.59 -5.40
CA VAL D 693 -39.49 -46.22 -6.44
C VAL D 693 -38.70 -45.61 -7.59
N PRO D 694 -38.71 -46.21 -8.77
CA PRO D 694 -38.03 -45.60 -9.92
C PRO D 694 -38.85 -44.44 -10.46
N THR D 695 -38.23 -43.28 -10.57
CA THR D 695 -38.85 -42.11 -11.16
C THR D 695 -38.13 -41.73 -12.44
N LEU D 696 -38.78 -40.91 -13.25
CA LEU D 696 -38.23 -40.55 -14.54
C LEU D 696 -38.87 -39.26 -15.02
N LEU D 697 -38.05 -38.41 -15.64
CA LEU D 697 -38.55 -37.22 -16.31
C LEU D 697 -37.80 -37.03 -17.61
N ILE D 698 -38.43 -36.31 -18.52
CA ILE D 698 -37.88 -36.06 -19.85
C ILE D 698 -37.82 -34.55 -20.04
N VAL D 699 -36.72 -34.07 -20.59
CA VAL D 699 -36.53 -32.64 -20.82
C VAL D 699 -36.61 -32.36 -22.31
N LYS D 700 -37.34 -31.32 -22.66
CA LYS D 700 -37.64 -30.94 -24.05
C LYS D 700 -38.39 -32.11 -24.69
N GLU D 701 -38.16 -32.40 -25.95
CA GLU D 701 -38.93 -33.43 -26.66
C GLU D 701 -38.30 -34.79 -26.48
N PRO D 702 -39.10 -35.81 -26.18
CA PRO D 702 -38.57 -37.16 -26.05
C PRO D 702 -37.98 -37.66 -27.37
N ASP D 703 -36.99 -38.53 -27.26
CA ASP D 703 -36.29 -39.05 -28.43
C ASP D 703 -36.90 -40.36 -28.91
N TYR D 704 -38.19 -40.34 -29.10
CA TYR D 704 -38.85 -41.53 -29.62
C TYR D 704 -38.62 -41.65 -31.11
N PRO D 705 -38.74 -42.85 -31.67
CA PRO D 705 -38.69 -42.99 -33.12
C PRO D 705 -39.82 -42.21 -33.76
N ARG D 706 -39.48 -41.32 -34.68
CA ARG D 706 -40.51 -40.50 -35.32
C ARG D 706 -41.41 -41.33 -36.21
N VAL D 707 -40.90 -42.40 -36.78
CA VAL D 707 -41.70 -43.34 -37.56
C VAL D 707 -41.34 -44.74 -37.08
N THR D 708 -42.36 -45.57 -36.86
CA THR D 708 -42.17 -46.87 -36.25
C THR D 708 -42.21 -48.01 -37.25
N SER D 709 -43.23 -48.07 -38.09
CA SER D 709 -43.37 -49.17 -39.03
C SER D 709 -43.87 -48.64 -40.36
N ILE D 710 -43.46 -49.34 -41.42
CA ILE D 710 -43.90 -49.05 -42.78
C ILE D 710 -44.06 -50.37 -43.52
N ASP D 711 -45.13 -50.50 -44.29
CA ASP D 711 -45.30 -51.62 -45.20
C ASP D 711 -45.97 -51.16 -46.48
N VAL D 712 -45.73 -51.91 -47.55
CA VAL D 712 -46.25 -51.59 -48.87
C VAL D 712 -47.04 -52.79 -49.36
N GLN D 713 -48.30 -52.57 -49.74
CA GLN D 713 -49.12 -53.62 -50.29
C GLN D 713 -49.66 -53.16 -51.64
N ASP D 714 -50.21 -54.12 -52.39
CA ASP D 714 -50.80 -53.79 -53.68
C ASP D 714 -52.10 -53.02 -53.48
N GLY D 715 -52.30 -52.00 -54.30
CA GLY D 715 -53.50 -51.19 -54.19
C GLY D 715 -54.70 -51.85 -54.80
N THR D 716 -55.86 -51.21 -54.60
CA THR D 716 -57.10 -51.70 -55.21
C THR D 716 -57.04 -51.66 -56.73
N THR D 717 -56.23 -50.78 -57.30
CA THR D 717 -56.04 -50.70 -58.74
C THR D 717 -54.72 -51.38 -59.11
N GLN D 718 -54.76 -52.23 -60.13
CA GLN D 718 -53.57 -52.93 -60.57
C GLN D 718 -52.51 -51.93 -61.01
N GLY D 719 -51.27 -52.19 -60.60
CA GLY D 719 -50.15 -51.32 -60.90
C GLY D 719 -49.87 -50.25 -59.87
N THR D 720 -50.77 -50.02 -58.92
CA THR D 720 -50.59 -49.04 -57.88
C THR D 720 -50.35 -49.73 -56.54
N TYR D 721 -49.95 -48.95 -55.56
CA TYR D 721 -49.54 -49.47 -54.27
C TYR D 721 -50.12 -48.60 -53.16
N GLN D 722 -50.25 -49.21 -51.98
CA GLN D 722 -50.63 -48.50 -50.78
C GLN D 722 -49.52 -48.64 -49.75
N ILE D 723 -49.11 -47.50 -49.19
CA ILE D 723 -48.08 -47.45 -48.18
C ILE D 723 -48.76 -47.16 -46.86
N GLU D 724 -48.59 -48.05 -45.88
CA GLU D 724 -49.15 -47.85 -44.56
C GLU D 724 -48.01 -47.66 -43.59
N THR D 725 -48.04 -46.56 -42.84
CA THR D 725 -46.98 -46.23 -41.91
C THR D 725 -47.59 -45.82 -40.58
N TYR D 726 -46.81 -45.93 -39.52
CA TYR D 726 -47.27 -45.54 -38.19
C TYR D 726 -46.37 -44.42 -37.66
N LEU D 727 -46.97 -43.28 -37.36
CA LEU D 727 -46.24 -42.14 -36.83
C LEU D 727 -46.65 -41.91 -35.39
N PRO D 728 -45.78 -42.19 -34.41
CA PRO D 728 -46.20 -42.08 -33.01
C PRO D 728 -46.70 -40.71 -32.61
N ALA D 729 -46.14 -39.64 -33.17
CA ALA D 729 -46.60 -38.31 -32.80
C ALA D 729 -46.72 -37.41 -34.01
N GLY D 730 -47.06 -37.96 -35.16
CA GLY D 730 -47.15 -37.17 -36.37
C GLY D 730 -45.78 -36.93 -36.96
N ALA D 731 -45.76 -36.14 -38.04
CA ALA D 731 -44.52 -35.85 -38.71
C ALA D 731 -44.62 -34.50 -39.37
N GLU D 732 -43.68 -33.61 -39.06
CA GLU D 732 -43.58 -32.36 -39.79
C GLU D 732 -43.26 -32.62 -41.25
N GLU D 733 -42.41 -33.58 -41.53
CA GLU D 733 -42.10 -33.95 -42.91
C GLU D 733 -41.96 -35.46 -42.99
N LEU D 734 -42.49 -36.04 -44.05
CA LEU D 734 -42.44 -37.48 -44.26
C LEU D 734 -42.04 -37.77 -45.69
N ALA D 735 -41.06 -38.65 -45.87
CA ALA D 735 -40.55 -38.95 -47.19
C ALA D 735 -40.43 -40.44 -47.38
N PHE D 736 -40.89 -40.93 -48.53
CA PHE D 736 -40.76 -42.32 -48.90
C PHE D 736 -39.76 -42.40 -50.04
N LEU D 737 -38.70 -43.18 -49.83
CA LEU D 737 -37.63 -43.37 -50.80
C LEU D 737 -37.56 -44.83 -51.19
N VAL D 738 -37.13 -45.09 -52.42
CA VAL D 738 -37.13 -46.44 -52.98
C VAL D 738 -35.71 -46.90 -53.22
N TYR D 739 -35.42 -48.15 -52.86
CA TYR D 739 -34.13 -48.77 -53.05
C TYR D 739 -34.28 -50.06 -53.83
N ASP D 740 -33.26 -50.39 -54.62
CA ASP D 740 -33.32 -51.61 -55.39
C ASP D 740 -32.99 -52.80 -54.50
N SER D 741 -32.94 -53.99 -55.10
CA SER D 741 -32.60 -55.18 -54.34
C SER D 741 -31.19 -55.11 -53.76
N ASN D 742 -30.30 -54.35 -54.39
CA ASN D 742 -28.95 -54.16 -53.90
C ASN D 742 -28.84 -52.99 -52.93
N LEU D 743 -29.98 -52.47 -52.47
CA LEU D 743 -30.02 -51.36 -51.53
C LEU D 743 -29.31 -50.13 -52.09
N ASP D 744 -29.51 -49.88 -53.39
CA ASP D 744 -29.01 -48.69 -54.05
C ASP D 744 -30.15 -47.71 -54.21
N PHE D 745 -29.92 -46.45 -53.86
CA PHE D 745 -30.97 -45.46 -53.86
C PHE D 745 -31.49 -45.23 -55.28
N VAL D 746 -32.69 -45.73 -55.56
CA VAL D 746 -33.27 -45.54 -56.88
C VAL D 746 -33.85 -44.14 -57.02
N GLY D 747 -34.61 -43.69 -56.03
CA GLY D 747 -35.18 -42.36 -56.11
C GLY D 747 -36.15 -42.12 -54.96
N GLN D 748 -37.01 -41.13 -55.17
CA GLN D 748 -37.88 -40.60 -54.12
C GLN D 748 -39.33 -40.89 -54.48
N ALA D 749 -39.95 -41.78 -53.73
CA ALA D 749 -41.34 -42.15 -53.99
C ALA D 749 -42.28 -40.99 -53.72
N GLY D 750 -42.25 -40.44 -52.52
CA GLY D 750 -43.23 -39.42 -52.15
C GLY D 750 -42.75 -38.49 -51.06
N ILE D 751 -43.33 -37.30 -51.04
CA ILE D 751 -43.07 -36.28 -50.03
C ILE D 751 -44.40 -35.81 -49.47
N TYR D 752 -44.45 -35.63 -48.15
CA TYR D 752 -45.67 -35.18 -47.49
C TYR D 752 -45.30 -34.30 -46.31
N LYS D 753 -46.20 -33.40 -45.95
CA LYS D 753 -45.97 -32.46 -44.86
C LYS D 753 -47.16 -32.47 -43.91
N LYS D 754 -46.88 -32.19 -42.65
CA LYS D 754 -47.91 -31.97 -41.63
C LYS D 754 -48.86 -33.15 -41.56
N GLN D 755 -48.32 -34.30 -41.20
CA GLN D 755 -49.09 -35.53 -41.09
C GLN D 755 -49.58 -35.72 -39.67
N ASP D 756 -50.81 -36.22 -39.54
CA ASP D 756 -51.39 -36.49 -38.24
C ASP D 756 -50.84 -37.78 -37.67
N LYS D 757 -50.83 -37.87 -36.35
CA LYS D 757 -50.27 -39.03 -35.69
C LYS D 757 -51.20 -40.22 -35.81
N GLY D 758 -50.63 -41.41 -35.65
CA GLY D 758 -51.38 -42.64 -35.78
C GLY D 758 -51.01 -43.39 -37.04
N TYR D 759 -51.96 -44.13 -37.59
CA TYR D 759 -51.75 -44.85 -38.84
C TYR D 759 -52.06 -43.93 -40.01
N GLN D 760 -51.13 -43.85 -40.95
CA GLN D 760 -51.29 -43.05 -42.15
C GLN D 760 -51.17 -43.94 -43.37
N TYR D 761 -52.04 -43.68 -44.36
CA TYR D 761 -52.06 -44.43 -45.60
C TYR D 761 -51.86 -43.48 -46.77
N PHE D 762 -51.00 -43.88 -47.69
CA PHE D 762 -50.69 -43.08 -48.86
C PHE D 762 -50.77 -43.92 -50.11
N ASP D 763 -51.43 -43.42 -51.13
CA ASP D 763 -51.47 -44.11 -52.42
C ASP D 763 -50.26 -43.71 -53.24
N TRP D 764 -49.58 -44.70 -53.81
CA TRP D 764 -48.38 -44.46 -54.59
C TRP D 764 -48.55 -45.12 -55.96
N ASN D 765 -48.36 -44.34 -57.01
CA ASN D 765 -48.57 -44.82 -58.37
C ASN D 765 -47.41 -45.64 -58.90
N GLY D 766 -46.44 -45.99 -58.08
CA GLY D 766 -45.33 -46.78 -58.53
C GLY D 766 -44.28 -46.03 -59.31
N LYS D 767 -44.37 -44.71 -59.39
CA LYS D 767 -43.47 -43.91 -60.19
C LYS D 767 -42.60 -43.05 -59.28
N VAL D 768 -41.33 -42.91 -59.66
CA VAL D 768 -40.28 -42.39 -58.80
C VAL D 768 -39.88 -41.00 -59.26
N ASN D 769 -39.59 -40.14 -58.27
CA ASN D 769 -39.14 -38.77 -58.50
C ASN D 769 -40.15 -37.95 -59.29
N GLY D 770 -41.35 -38.51 -59.49
CA GLY D 770 -42.32 -37.86 -60.35
C GLY D 770 -42.16 -38.35 -61.76
N ASP D 771 -43.19 -39.01 -62.28
CA ASP D 771 -43.37 -39.39 -63.69
C ASP D 771 -42.30 -40.33 -64.22
N THR D 772 -41.42 -40.86 -63.39
CA THR D 772 -40.42 -41.84 -63.82
C THR D 772 -40.83 -43.21 -63.30
N ALA D 773 -41.15 -44.12 -64.23
CA ALA D 773 -41.63 -45.44 -63.86
C ALA D 773 -40.47 -46.36 -63.51
N LEU D 774 -40.69 -47.20 -62.50
CA LEU D 774 -39.66 -48.13 -62.08
C LEU D 774 -39.54 -49.30 -63.05
N PRO D 775 -38.34 -49.84 -63.24
CA PRO D 775 -38.20 -51.12 -63.92
C PRO D 775 -38.67 -52.25 -63.03
N ALA D 776 -39.05 -53.35 -63.67
CA ALA D 776 -39.55 -54.51 -62.93
C ALA D 776 -38.45 -55.12 -62.08
N GLY D 777 -38.81 -55.52 -60.87
CA GLY D 777 -37.84 -56.12 -59.96
C GLY D 777 -38.36 -56.08 -58.54
N GLU D 778 -37.41 -56.20 -57.60
CA GLU D 778 -37.70 -56.26 -56.19
C GLU D 778 -37.13 -55.02 -55.51
N TYR D 779 -37.94 -54.38 -54.67
CA TYR D 779 -37.58 -53.07 -54.13
C TYR D 779 -37.87 -53.00 -52.64
N TYR D 780 -37.13 -52.12 -51.97
CA TYR D 780 -37.34 -51.77 -50.58
C TYR D 780 -37.78 -50.32 -50.51
N MET D 781 -38.49 -49.97 -49.45
CA MET D 781 -38.88 -48.58 -49.26
C MET D 781 -38.47 -48.12 -47.86
N LEU D 782 -37.92 -46.92 -47.80
CA LEU D 782 -37.47 -46.30 -46.56
C LEU D 782 -38.39 -45.13 -46.25
N ALA D 783 -38.91 -45.11 -45.04
CA ALA D 783 -39.71 -43.98 -44.56
C ALA D 783 -38.83 -43.13 -43.66
N TYR D 784 -38.74 -41.85 -43.98
CA TYR D 784 -37.96 -40.88 -43.21
C TYR D 784 -38.94 -39.85 -42.69
N ALA D 785 -39.11 -39.81 -41.37
CA ALA D 785 -40.03 -38.87 -40.74
C ALA D 785 -39.25 -37.92 -39.84
N ALA D 786 -39.51 -36.63 -39.99
CA ALA D 786 -38.89 -35.60 -39.19
C ALA D 786 -39.98 -34.85 -38.44
N ASN D 787 -39.80 -34.72 -37.13
CA ASN D 787 -40.81 -34.11 -36.28
C ASN D 787 -40.10 -33.51 -35.07
N LYS D 788 -40.48 -32.28 -34.72
CA LYS D 788 -40.07 -31.63 -33.47
C LYS D 788 -38.57 -31.73 -33.23
N GLY D 789 -37.81 -31.50 -34.28
CA GLY D 789 -36.37 -31.41 -34.15
C GLY D 789 -35.63 -32.73 -34.12
N LYS D 790 -36.27 -33.84 -34.44
CA LYS D 790 -35.55 -35.08 -34.58
C LYS D 790 -36.14 -35.87 -35.73
N SER D 791 -35.31 -36.66 -36.37
CA SER D 791 -35.74 -37.45 -37.53
C SER D 791 -35.39 -38.91 -37.30
N SER D 792 -36.23 -39.76 -37.85
CA SER D 792 -36.05 -41.21 -37.74
C SER D 792 -36.37 -41.82 -39.09
N GLN D 793 -35.92 -43.05 -39.28
CA GLN D 793 -36.16 -43.74 -40.53
C GLN D 793 -36.39 -45.21 -40.25
N VAL D 794 -37.12 -45.86 -41.15
CA VAL D 794 -37.41 -47.28 -41.02
C VAL D 794 -37.51 -47.88 -42.41
N LEU D 795 -36.93 -49.06 -42.58
CA LEU D 795 -36.86 -49.73 -43.87
C LEU D 795 -37.84 -50.90 -43.89
N THR D 796 -38.49 -51.10 -45.03
CA THR D 796 -39.44 -52.20 -45.19
C THR D 796 -38.66 -53.49 -45.36
N GLU D 797 -38.78 -54.40 -44.39
CA GLU D 797 -38.37 -55.76 -44.64
C GLU D 797 -39.40 -56.44 -45.56
N LYS D 798 -39.05 -57.60 -46.08
CA LYS D 798 -39.90 -58.30 -47.03
C LYS D 798 -40.16 -57.42 -48.24
N PRO D 799 -39.17 -57.26 -49.13
CA PRO D 799 -39.28 -56.29 -50.22
C PRO D 799 -40.50 -56.55 -51.10
N PHE D 800 -41.08 -55.45 -51.59
CA PHE D 800 -42.22 -55.52 -52.49
C PHE D 800 -41.75 -55.60 -53.93
N ILE D 801 -42.62 -56.10 -54.79
CA ILE D 801 -42.28 -56.46 -56.17
C ILE D 801 -42.99 -55.50 -57.12
N ILE D 802 -42.25 -54.99 -58.10
CA ILE D 802 -42.83 -54.17 -59.15
C ILE D 802 -43.24 -55.04 -60.32
N MET E 158 -69.28 -34.86 -63.05
CA MET E 158 -69.85 -36.03 -62.38
C MET E 158 -68.98 -37.26 -62.58
N ASP E 159 -68.03 -37.17 -63.50
CA ASP E 159 -67.09 -38.24 -63.75
C ASP E 159 -65.78 -38.08 -63.01
N ASP E 160 -65.57 -36.95 -62.33
CA ASP E 160 -64.36 -36.71 -61.56
C ASP E 160 -64.62 -36.40 -60.10
N SER E 161 -65.76 -35.77 -59.78
CA SER E 161 -66.08 -35.45 -58.39
C SER E 161 -66.49 -36.68 -57.61
N ALA E 162 -67.32 -37.54 -58.21
CA ALA E 162 -67.74 -38.76 -57.52
C ALA E 162 -66.57 -39.67 -57.19
N PRO E 163 -65.60 -39.93 -58.08
CA PRO E 163 -64.40 -40.65 -57.62
C PRO E 163 -63.68 -39.94 -56.49
N TYR E 164 -63.68 -38.61 -56.48
CA TYR E 164 -62.94 -37.88 -55.46
C TYR E 164 -63.57 -38.06 -54.09
N ILE E 165 -64.88 -37.92 -53.99
CA ILE E 165 -65.52 -38.06 -52.69
C ILE E 165 -65.59 -39.51 -52.25
N GLY E 166 -65.39 -40.45 -53.17
CA GLY E 166 -65.34 -41.85 -52.80
C GLY E 166 -66.58 -42.62 -53.18
N ALA E 167 -67.28 -42.16 -54.23
CA ALA E 167 -68.52 -42.81 -54.62
C ALA E 167 -68.27 -44.18 -55.23
N ASN E 168 -67.31 -44.28 -56.15
CA ASN E 168 -67.04 -45.55 -56.82
C ASN E 168 -66.61 -46.62 -55.83
N ASP E 169 -65.75 -46.25 -54.88
CA ASP E 169 -65.31 -47.22 -53.89
C ASP E 169 -66.49 -47.76 -53.09
N ALA E 170 -67.44 -46.90 -52.76
CA ALA E 170 -68.65 -47.36 -52.09
C ALA E 170 -69.47 -48.26 -53.00
N TRP E 171 -69.50 -47.96 -54.30
CA TRP E 171 -70.25 -48.80 -55.23
C TRP E 171 -69.69 -50.20 -55.27
N LYS E 172 -68.37 -50.33 -55.34
CA LYS E 172 -67.78 -51.67 -55.36
C LYS E 172 -68.00 -52.42 -54.06
N LEU E 173 -68.38 -51.75 -52.99
CA LEU E 173 -68.82 -52.42 -51.78
C LEU E 173 -70.30 -52.75 -51.80
N GLY E 174 -71.01 -52.39 -52.88
CA GLY E 174 -72.41 -52.66 -53.02
C GLY E 174 -73.31 -51.53 -52.58
N TYR E 175 -72.76 -50.52 -51.91
CA TYR E 175 -73.57 -49.42 -51.39
C TYR E 175 -73.76 -48.40 -52.51
N THR E 176 -74.94 -48.42 -53.12
CA THR E 176 -75.28 -47.48 -54.17
C THR E 176 -76.53 -46.67 -53.87
N GLY E 177 -77.08 -46.77 -52.68
CA GLY E 177 -78.28 -46.04 -52.33
C GLY E 177 -79.58 -46.75 -52.61
N LYS E 178 -79.54 -48.04 -52.92
CA LYS E 178 -80.76 -48.77 -53.24
C LYS E 178 -81.72 -48.76 -52.06
N GLY E 179 -82.99 -48.46 -52.33
CA GLY E 179 -84.03 -48.42 -51.34
C GLY E 179 -84.18 -47.07 -50.66
N VAL E 180 -83.18 -46.21 -50.78
CA VAL E 180 -83.24 -44.89 -50.19
C VAL E 180 -83.98 -43.96 -51.13
N LYS E 181 -84.80 -43.09 -50.56
CA LYS E 181 -85.66 -42.20 -51.34
C LYS E 181 -85.18 -40.77 -51.13
N VAL E 182 -84.85 -40.09 -52.22
CA VAL E 182 -84.31 -38.73 -52.17
C VAL E 182 -85.30 -37.78 -52.84
N ALA E 183 -85.62 -36.70 -52.13
CA ALA E 183 -86.50 -35.66 -52.63
C ALA E 183 -85.67 -34.47 -53.06
N ILE E 184 -86.04 -33.87 -54.19
CA ILE E 184 -85.31 -32.76 -54.77
C ILE E 184 -86.25 -31.57 -54.81
N ILE E 185 -86.17 -30.66 -53.84
CA ILE E 185 -87.03 -29.50 -53.82
C ILE E 185 -86.31 -28.38 -54.58
N ASP E 186 -86.59 -28.28 -55.87
CA ASP E 186 -85.99 -27.31 -56.77
C ASP E 186 -87.04 -26.91 -57.81
N THR E 187 -86.58 -26.37 -58.92
CA THR E 187 -87.45 -25.91 -59.99
C THR E 187 -88.14 -27.03 -60.74
N GLY E 188 -88.06 -28.26 -60.26
CA GLY E 188 -88.64 -29.41 -60.93
C GLY E 188 -87.58 -30.20 -61.68
N VAL E 189 -87.94 -31.44 -62.00
CA VAL E 189 -87.02 -32.39 -62.60
C VAL E 189 -87.64 -32.92 -63.89
N GLU E 190 -86.85 -32.94 -64.95
CA GLU E 190 -87.26 -33.58 -66.21
C GLU E 190 -87.10 -35.08 -66.02
N TYR E 191 -88.16 -35.73 -65.56
CA TYR E 191 -88.10 -37.17 -65.30
C TYR E 191 -88.31 -38.00 -66.55
N LYS E 192 -87.65 -37.63 -67.63
CA LYS E 192 -87.66 -38.42 -68.85
C LYS E 192 -86.29 -38.50 -69.47
N HIS E 193 -85.31 -37.83 -68.88
CA HIS E 193 -83.93 -38.00 -69.29
C HIS E 193 -83.56 -39.47 -69.16
N PRO E 194 -82.96 -40.09 -70.18
CA PRO E 194 -82.65 -41.52 -70.10
C PRO E 194 -81.80 -41.87 -68.90
N ASP E 195 -80.99 -40.96 -68.40
CA ASP E 195 -80.18 -41.21 -67.21
C ASP E 195 -81.00 -41.14 -65.94
N LEU E 196 -82.18 -40.52 -65.96
CA LEU E 196 -83.01 -40.39 -64.78
C LEU E 196 -84.29 -41.21 -64.86
N LYS E 197 -84.56 -41.86 -65.98
CA LYS E 197 -85.86 -42.49 -66.20
C LYS E 197 -86.12 -43.59 -65.18
N LYS E 198 -85.15 -44.45 -64.95
CA LYS E 198 -85.37 -45.62 -64.11
C LYS E 198 -85.22 -45.34 -62.63
N ASN E 199 -84.69 -44.17 -62.26
CA ASN E 199 -84.59 -43.83 -60.85
C ASN E 199 -85.88 -43.24 -60.31
N PHE E 200 -86.80 -42.83 -61.17
CA PHE E 200 -88.07 -42.31 -60.73
C PHE E 200 -89.09 -43.43 -60.62
N GLY E 201 -89.82 -43.47 -59.50
CA GLY E 201 -90.84 -44.48 -59.32
C GLY E 201 -92.09 -44.15 -60.10
N GLN E 202 -93.21 -44.75 -59.70
CA GLN E 202 -94.46 -44.47 -60.39
C GLN E 202 -94.89 -43.04 -60.11
N TYR E 203 -94.95 -42.67 -58.83
CA TYR E 203 -95.31 -41.32 -58.42
C TYR E 203 -94.07 -40.45 -58.43
N LYS E 204 -94.05 -39.45 -59.32
CA LYS E 204 -92.84 -38.67 -59.54
C LYS E 204 -92.68 -37.53 -58.55
N GLY E 205 -93.76 -37.01 -58.02
CA GLY E 205 -93.67 -35.91 -57.08
C GLY E 205 -94.85 -34.99 -57.26
N TYR E 206 -94.64 -33.73 -56.89
CA TYR E 206 -95.69 -32.74 -56.92
C TYR E 206 -95.16 -31.41 -57.45
N ASP E 207 -96.07 -30.60 -57.97
CA ASP E 207 -95.73 -29.34 -58.61
C ASP E 207 -96.53 -28.25 -57.90
N PHE E 208 -95.90 -27.59 -56.93
CA PHE E 208 -96.61 -26.63 -56.10
C PHE E 208 -96.88 -25.31 -56.79
N VAL E 209 -96.04 -24.91 -57.75
CA VAL E 209 -96.31 -23.66 -58.48
C VAL E 209 -97.42 -23.80 -59.49
N ASP E 210 -97.86 -25.02 -59.78
CA ASP E 210 -98.93 -25.27 -60.73
C ASP E 210 -100.04 -26.15 -60.16
N ASN E 211 -99.80 -26.83 -59.04
CA ASN E 211 -100.80 -27.66 -58.38
C ASN E 211 -101.26 -28.80 -59.28
N ASP E 212 -100.29 -29.53 -59.83
CA ASP E 212 -100.56 -30.74 -60.58
C ASP E 212 -99.46 -31.75 -60.24
N TYR E 213 -99.68 -32.99 -60.65
CA TYR E 213 -98.76 -34.07 -60.35
C TYR E 213 -97.72 -34.27 -61.43
N ASP E 214 -97.36 -33.21 -62.15
CA ASP E 214 -96.38 -33.24 -63.23
C ASP E 214 -95.29 -32.24 -62.89
N PRO E 215 -94.26 -32.64 -62.16
CA PRO E 215 -93.18 -31.74 -61.75
C PRO E 215 -92.14 -31.51 -62.84
N GLU E 216 -92.61 -31.28 -64.06
CA GLU E 216 -91.70 -30.97 -65.15
C GLU E 216 -91.09 -29.59 -64.97
N GLU E 217 -89.92 -29.39 -65.56
CA GLU E 217 -89.28 -28.09 -65.50
C GLU E 217 -90.09 -27.06 -66.29
N THR E 218 -89.77 -25.81 -66.08
CA THR E 218 -90.47 -24.74 -66.78
C THR E 218 -90.14 -24.80 -68.26
N PRO E 219 -91.12 -24.89 -69.14
CA PRO E 219 -90.83 -24.99 -70.57
C PRO E 219 -90.31 -23.67 -71.11
N SER E 220 -89.76 -23.69 -72.33
CA SER E 220 -89.35 -22.47 -72.99
C SER E 220 -90.58 -21.70 -73.46
N GLY E 221 -90.53 -20.38 -73.35
CA GLY E 221 -91.64 -19.55 -73.74
C GLY E 221 -92.78 -19.58 -72.74
N ASP E 222 -92.48 -19.22 -71.49
CA ASP E 222 -93.48 -19.13 -70.45
C ASP E 222 -93.68 -17.67 -70.09
N PRO E 223 -94.92 -17.16 -70.13
CA PRO E 223 -95.14 -15.74 -69.82
C PRO E 223 -94.64 -15.33 -68.44
N ARG E 224 -94.71 -16.22 -67.45
CA ARG E 224 -94.37 -15.83 -66.08
C ARG E 224 -92.87 -15.78 -65.83
N GLY E 225 -92.05 -16.34 -66.71
CA GLY E 225 -90.61 -16.32 -66.50
C GLY E 225 -89.81 -17.02 -67.58
N ALA E 226 -88.67 -17.58 -67.20
CA ALA E 226 -87.77 -18.23 -68.14
C ALA E 226 -87.66 -19.71 -67.83
N SER E 227 -87.27 -20.48 -68.83
CA SER E 227 -87.13 -21.93 -68.66
C SER E 227 -86.01 -22.22 -67.66
N THR E 228 -86.15 -23.35 -66.98
CA THR E 228 -85.24 -23.72 -65.90
C THR E 228 -84.65 -25.10 -66.17
N ASP E 229 -83.44 -25.31 -65.66
CA ASP E 229 -82.78 -26.61 -65.75
C ASP E 229 -82.04 -26.95 -64.46
N HIS E 230 -82.24 -26.21 -63.39
CA HIS E 230 -81.49 -26.43 -62.16
C HIS E 230 -81.84 -27.76 -61.52
N GLY E 231 -83.14 -28.07 -61.44
CA GLY E 231 -83.56 -29.28 -60.75
C GLY E 231 -83.10 -30.55 -61.42
N THR E 232 -83.15 -30.58 -62.76
CA THR E 232 -82.69 -31.77 -63.47
C THR E 232 -81.20 -31.98 -63.27
N HIS E 233 -80.43 -30.89 -63.28
CA HIS E 233 -79.00 -30.99 -63.04
C HIS E 233 -78.73 -31.53 -61.63
N VAL E 234 -79.47 -31.03 -60.64
CA VAL E 234 -79.29 -31.50 -59.27
C VAL E 234 -79.64 -32.98 -59.17
N ALA E 235 -80.75 -33.38 -59.77
CA ALA E 235 -81.16 -34.78 -59.71
C ALA E 235 -80.16 -35.69 -60.40
N GLY E 236 -79.60 -35.26 -61.54
CA GLY E 236 -78.56 -36.05 -62.16
C GLY E 236 -77.32 -36.16 -61.31
N THR E 237 -76.96 -35.08 -60.61
CA THR E 237 -75.82 -35.17 -59.71
C THR E 237 -76.08 -36.17 -58.58
N VAL E 238 -77.29 -36.16 -58.03
CA VAL E 238 -77.59 -37.06 -56.92
C VAL E 238 -77.59 -38.51 -57.38
N ALA E 239 -78.48 -38.85 -58.31
CA ALA E 239 -78.68 -40.25 -58.68
C ALA E 239 -79.04 -40.30 -60.17
N ALA E 240 -78.03 -40.46 -61.01
CA ALA E 240 -78.24 -40.65 -62.44
C ALA E 240 -77.54 -41.94 -62.83
N ASN E 241 -78.26 -42.83 -63.49
CA ASN E 241 -77.72 -44.12 -63.92
C ASN E 241 -77.69 -44.14 -65.44
N GLY E 242 -76.51 -44.35 -66.00
CA GLY E 242 -76.36 -44.38 -67.44
C GLY E 242 -75.03 -43.82 -67.90
N THR E 243 -75.07 -42.90 -68.87
CA THR E 243 -73.84 -42.29 -69.36
C THR E 243 -73.12 -41.54 -68.25
N ILE E 244 -73.86 -40.78 -67.45
CA ILE E 244 -73.35 -40.11 -66.27
C ILE E 244 -73.86 -40.86 -65.05
N LYS E 245 -72.97 -41.14 -64.11
CA LYS E 245 -73.32 -41.87 -62.89
C LYS E 245 -73.32 -40.91 -61.72
N GLY E 246 -74.48 -40.76 -61.07
CA GLY E 246 -74.58 -39.91 -59.91
C GLY E 246 -73.91 -40.53 -58.71
N VAL E 247 -73.96 -39.79 -57.60
CA VAL E 247 -73.27 -40.26 -56.40
C VAL E 247 -73.91 -41.54 -55.87
N ALA E 248 -75.23 -41.65 -55.97
CA ALA E 248 -75.96 -42.81 -55.48
C ALA E 248 -76.87 -43.32 -56.58
N PRO E 249 -76.32 -43.95 -57.60
CA PRO E 249 -77.10 -44.23 -58.80
C PRO E 249 -78.02 -45.43 -58.63
N ASP E 250 -78.70 -45.52 -57.50
CA ASP E 250 -79.75 -46.52 -57.31
C ASP E 250 -80.89 -46.00 -56.45
N ALA E 251 -80.84 -44.75 -56.04
CA ALA E 251 -81.84 -44.19 -55.14
C ALA E 251 -83.07 -43.76 -55.91
N THR E 252 -84.23 -43.97 -55.30
CA THR E 252 -85.47 -43.45 -55.85
C THR E 252 -85.51 -41.94 -55.70
N LEU E 253 -86.14 -41.27 -56.65
CA LEU E 253 -86.17 -39.82 -56.68
C LEU E 253 -87.61 -39.33 -56.63
N LEU E 254 -87.81 -38.20 -55.98
CA LEU E 254 -89.07 -37.48 -55.98
C LEU E 254 -88.81 -36.04 -56.32
N ALA E 255 -89.60 -35.48 -57.23
CA ALA E 255 -89.44 -34.11 -57.66
C ALA E 255 -90.54 -33.24 -57.08
N TYR E 256 -90.16 -32.07 -56.57
CA TYR E 256 -91.11 -31.14 -55.98
C TYR E 256 -90.83 -29.77 -56.57
N ARG E 257 -91.66 -29.36 -57.51
CA ARG E 257 -91.48 -28.06 -58.17
C ARG E 257 -92.06 -26.99 -57.26
N VAL E 258 -91.18 -26.33 -56.51
CA VAL E 258 -91.60 -25.22 -55.66
C VAL E 258 -91.13 -23.88 -56.18
N LEU E 259 -90.10 -23.84 -57.02
CA LEU E 259 -89.60 -22.61 -57.61
C LEU E 259 -90.21 -22.46 -58.98
N GLY E 260 -90.93 -21.35 -59.20
CA GLY E 260 -91.62 -21.14 -60.44
C GLY E 260 -90.68 -20.76 -61.55
N PRO E 261 -91.24 -20.32 -62.67
CA PRO E 261 -90.39 -19.85 -63.78
C PRO E 261 -89.50 -18.70 -63.34
N GLY E 262 -88.26 -18.73 -63.81
CA GLY E 262 -87.26 -17.76 -63.43
C GLY E 262 -86.45 -18.15 -62.22
N GLY E 263 -86.82 -19.22 -61.53
CA GLY E 263 -86.11 -19.68 -60.36
C GLY E 263 -86.53 -19.05 -59.05
N SER E 264 -87.64 -18.32 -59.03
CA SER E 264 -88.11 -17.65 -57.83
C SER E 264 -89.36 -18.36 -57.29
N GLY E 265 -89.40 -18.52 -55.97
CA GLY E 265 -90.51 -19.20 -55.36
C GLY E 265 -90.85 -18.67 -53.98
N THR E 266 -92.14 -18.68 -53.64
CA THR E 266 -92.58 -18.19 -52.35
C THR E 266 -92.08 -19.10 -51.23
N THR E 267 -91.89 -18.51 -50.06
CA THR E 267 -91.47 -19.29 -48.90
C THR E 267 -92.51 -20.34 -48.53
N GLU E 268 -93.79 -20.00 -48.66
CA GLU E 268 -94.85 -20.96 -48.34
C GLU E 268 -94.78 -22.18 -49.25
N ASN E 269 -94.47 -22.00 -50.53
CA ASN E 269 -94.30 -23.14 -51.41
C ASN E 269 -93.13 -24.02 -50.99
N VAL E 270 -92.03 -23.44 -50.54
CA VAL E 270 -90.89 -24.25 -50.10
C VAL E 270 -91.25 -25.02 -48.84
N ILE E 271 -91.96 -24.39 -47.90
CA ILE E 271 -92.39 -25.10 -46.70
C ILE E 271 -93.33 -26.24 -47.07
N ALA E 272 -94.26 -25.99 -47.99
CA ALA E 272 -95.16 -27.04 -48.44
C ALA E 272 -94.40 -28.18 -49.09
N GLY E 273 -93.37 -27.86 -49.88
CA GLY E 273 -92.56 -28.88 -50.50
C GLY E 273 -91.83 -29.73 -49.49
N ILE E 274 -91.26 -29.08 -48.47
CA ILE E 274 -90.56 -29.83 -47.43
C ILE E 274 -91.52 -30.75 -46.69
N GLU E 275 -92.68 -30.24 -46.31
CA GLU E 275 -93.65 -31.07 -45.59
C GLU E 275 -94.18 -32.20 -46.45
N ARG E 276 -94.43 -31.96 -47.72
CA ARG E 276 -94.90 -33.02 -48.60
C ARG E 276 -93.82 -34.05 -48.86
N ALA E 277 -92.55 -33.64 -48.91
CA ALA E 277 -91.46 -34.60 -49.02
C ALA E 277 -91.37 -35.47 -47.77
N VAL E 278 -91.63 -34.89 -46.60
CA VAL E 278 -91.68 -35.70 -45.39
C VAL E 278 -92.86 -36.66 -45.45
N GLN E 279 -94.00 -36.21 -45.98
CA GLN E 279 -95.14 -37.09 -46.16
C GLN E 279 -94.79 -38.30 -47.01
N ASP E 280 -94.16 -38.05 -48.16
CA ASP E 280 -93.96 -39.10 -49.15
C ASP E 280 -92.87 -40.09 -48.76
N GLY E 281 -92.39 -40.05 -47.52
CA GLY E 281 -91.44 -41.01 -47.06
C GLY E 281 -90.02 -40.81 -47.54
N ALA E 282 -89.69 -39.63 -48.04
CA ALA E 282 -88.33 -39.37 -48.47
C ALA E 282 -87.37 -39.51 -47.31
N ASP E 283 -86.29 -40.26 -47.53
CA ASP E 283 -85.28 -40.43 -46.50
C ASP E 283 -84.23 -39.33 -46.54
N VAL E 284 -83.92 -38.81 -47.72
CA VAL E 284 -82.96 -37.73 -47.86
C VAL E 284 -83.65 -36.60 -48.61
N MET E 285 -83.35 -35.37 -48.24
CA MET E 285 -83.99 -34.19 -48.79
C MET E 285 -82.90 -33.25 -49.28
N ASN E 286 -83.11 -32.65 -50.46
CA ASN E 286 -82.12 -31.76 -51.04
C ASN E 286 -82.75 -30.42 -51.36
N LEU E 287 -82.16 -29.36 -50.79
CA LEU E 287 -82.58 -27.99 -51.03
C LEU E 287 -81.41 -27.19 -51.58
N SER E 288 -81.43 -26.96 -52.90
CA SER E 288 -80.45 -26.12 -53.57
C SER E 288 -80.99 -24.73 -53.83
N LEU E 289 -81.96 -24.30 -53.03
CA LEU E 289 -82.50 -22.96 -53.08
C LEU E 289 -82.04 -22.17 -51.87
N GLY E 290 -82.50 -20.94 -51.76
CA GLY E 290 -82.21 -20.14 -50.59
C GLY E 290 -82.07 -18.66 -50.85
N ASN E 291 -82.53 -17.85 -49.92
CA ASN E 291 -82.36 -16.41 -50.01
C ASN E 291 -81.06 -16.04 -49.31
N SER E 292 -80.84 -14.75 -49.05
CA SER E 292 -79.58 -14.30 -48.47
C SER E 292 -79.83 -13.55 -47.17
N VAL E 293 -80.67 -14.09 -46.31
CA VAL E 293 -80.93 -13.53 -44.99
C VAL E 293 -80.26 -14.43 -43.97
N ASN E 294 -79.25 -13.91 -43.27
CA ASN E 294 -78.53 -14.67 -42.26
C ASN E 294 -79.35 -14.70 -40.97
N ASN E 295 -80.42 -15.47 -41.01
CA ASN E 295 -81.31 -15.62 -39.86
C ASN E 295 -81.53 -17.10 -39.62
N PRO E 296 -81.15 -17.64 -38.46
CA PRO E 296 -81.37 -19.06 -38.20
C PRO E 296 -82.81 -19.42 -37.99
N ASP E 297 -83.69 -18.45 -37.78
CA ASP E 297 -85.09 -18.70 -37.51
C ASP E 297 -85.97 -18.20 -38.65
N TRP E 298 -85.49 -18.35 -39.87
CA TRP E 298 -86.36 -18.14 -41.01
C TRP E 298 -87.35 -19.28 -41.11
N ALA E 299 -88.42 -19.06 -41.86
CA ALA E 299 -89.46 -20.08 -41.97
C ALA E 299 -88.92 -21.34 -42.61
N THR E 300 -88.12 -21.20 -43.65
CA THR E 300 -87.53 -22.37 -44.31
C THR E 300 -86.55 -23.11 -43.42
N SER E 301 -85.88 -22.41 -42.51
CA SER E 301 -85.01 -23.07 -41.56
C SER E 301 -85.77 -23.79 -40.46
N THR E 302 -86.86 -23.20 -39.98
CA THR E 302 -87.71 -23.89 -39.03
C THR E 302 -88.31 -25.15 -39.65
N ALA E 303 -88.76 -25.05 -40.90
CA ALA E 303 -89.28 -26.23 -41.58
C ALA E 303 -88.22 -27.30 -41.75
N LEU E 304 -86.97 -26.90 -41.99
CA LEU E 304 -85.89 -27.86 -42.15
C LEU E 304 -85.51 -28.49 -40.82
N ASP E 305 -85.65 -27.77 -39.71
CA ASP E 305 -85.46 -28.36 -38.40
C ASP E 305 -86.63 -29.22 -37.96
N TRP E 306 -87.81 -29.03 -38.54
CA TRP E 306 -88.91 -29.94 -38.26
C TRP E 306 -88.62 -31.32 -38.83
N ALA E 307 -88.22 -31.39 -40.10
CA ALA E 307 -87.52 -32.56 -40.57
C ALA E 307 -86.16 -32.62 -39.87
N MET E 308 -85.43 -33.72 -40.09
CA MET E 308 -84.23 -34.05 -39.31
C MET E 308 -84.64 -34.37 -37.89
N SER E 309 -85.92 -34.19 -37.58
CA SER E 309 -86.54 -34.75 -36.39
C SER E 309 -87.66 -35.70 -36.71
N GLU E 310 -88.27 -35.59 -37.89
CA GLU E 310 -89.12 -36.65 -38.41
C GLU E 310 -88.31 -37.61 -39.28
N GLY E 311 -87.13 -37.99 -38.78
CA GLY E 311 -86.30 -38.99 -39.40
C GLY E 311 -85.91 -38.74 -40.85
N VAL E 312 -85.80 -37.50 -41.28
CA VAL E 312 -85.46 -37.19 -42.67
C VAL E 312 -84.22 -36.32 -42.69
N THR E 313 -83.13 -36.85 -43.25
CA THR E 313 -81.91 -36.07 -43.41
C THR E 313 -82.15 -34.94 -44.40
N ALA E 314 -81.65 -33.75 -44.08
CA ALA E 314 -81.89 -32.56 -44.88
C ALA E 314 -80.54 -31.93 -45.25
N VAL E 315 -80.24 -31.93 -46.54
CA VAL E 315 -79.00 -31.35 -47.06
C VAL E 315 -79.36 -30.11 -47.87
N THR E 316 -78.69 -29.00 -47.58
CA THR E 316 -79.00 -27.74 -48.21
C THR E 316 -77.71 -27.04 -48.62
N SER E 317 -77.85 -26.20 -49.64
CA SER E 317 -76.71 -25.39 -50.06
C SER E 317 -76.46 -24.27 -49.06
N ASN E 318 -75.19 -23.86 -48.96
CA ASN E 318 -74.84 -22.74 -48.10
C ASN E 318 -75.21 -21.40 -48.69
N GLY E 319 -75.34 -21.30 -50.00
CA GLY E 319 -75.60 -20.05 -50.67
C GLY E 319 -74.42 -19.61 -51.52
N ASN E 320 -74.70 -18.65 -52.39
CA ASN E 320 -73.74 -18.18 -53.39
C ASN E 320 -73.43 -16.72 -53.11
N SER E 321 -72.47 -16.47 -52.22
CA SER E 321 -72.03 -15.13 -51.93
C SER E 321 -70.52 -15.12 -51.82
N GLY E 322 -69.91 -14.02 -52.24
CA GLY E 322 -68.47 -13.92 -52.35
C GLY E 322 -67.76 -14.18 -51.05
N PRO E 323 -66.45 -14.16 -51.07
CA PRO E 323 -65.71 -14.52 -49.86
C PRO E 323 -65.89 -13.46 -48.80
N ASN E 324 -66.76 -13.76 -47.84
CA ASN E 324 -67.15 -12.78 -46.84
C ASN E 324 -67.89 -13.49 -45.73
N ASN E 325 -67.50 -13.26 -44.48
CA ASN E 325 -68.17 -13.91 -43.38
C ASN E 325 -69.59 -13.35 -43.23
N TRP E 326 -70.44 -14.14 -42.57
CA TRP E 326 -71.81 -13.74 -42.25
C TRP E 326 -72.67 -13.59 -43.50
N THR E 327 -72.43 -14.39 -44.52
CA THR E 327 -73.21 -14.31 -45.76
C THR E 327 -73.97 -15.59 -46.06
N VAL E 328 -74.13 -16.47 -45.07
CA VAL E 328 -74.81 -17.74 -45.30
C VAL E 328 -76.30 -17.51 -45.47
N GLY E 329 -76.92 -18.28 -46.37
CA GLY E 329 -78.31 -18.06 -46.72
C GLY E 329 -79.29 -18.56 -45.68
N SER E 330 -80.58 -18.40 -45.99
CA SER E 330 -81.61 -18.61 -44.97
C SER E 330 -81.82 -20.09 -44.66
N PRO E 331 -82.17 -20.95 -45.62
CA PRO E 331 -82.33 -22.37 -45.28
C PRO E 331 -81.05 -23.01 -44.82
N GLY E 332 -79.91 -22.46 -45.23
CA GLY E 332 -78.62 -23.02 -44.84
C GLY E 332 -78.14 -22.49 -43.51
N THR E 333 -79.00 -21.78 -42.78
CA THR E 333 -78.69 -21.37 -41.42
C THR E 333 -79.40 -22.22 -40.38
N SER E 334 -80.11 -23.24 -40.81
CA SER E 334 -80.86 -24.07 -39.88
C SER E 334 -79.92 -24.80 -38.93
N ARG E 335 -80.38 -24.96 -37.69
CA ARG E 335 -79.53 -25.56 -36.66
C ARG E 335 -79.27 -27.04 -36.94
N GLU E 336 -80.24 -27.75 -37.50
CA GLU E 336 -80.12 -29.18 -37.74
C GLU E 336 -80.34 -29.44 -39.22
N ALA E 337 -79.28 -29.29 -40.01
CA ALA E 337 -79.31 -29.62 -41.43
C ALA E 337 -77.89 -29.51 -41.95
N ILE E 338 -77.53 -30.40 -42.86
CA ILE E 338 -76.18 -30.39 -43.40
C ILE E 338 -76.11 -29.32 -44.47
N SER E 339 -75.40 -28.22 -44.17
CA SER E 339 -75.17 -27.17 -45.14
C SER E 339 -73.84 -27.40 -45.82
N VAL E 340 -73.84 -27.27 -47.14
CA VAL E 340 -72.69 -27.66 -47.96
C VAL E 340 -72.12 -26.45 -48.66
N GLY E 341 -70.80 -26.29 -48.57
CA GLY E 341 -70.08 -25.32 -49.36
C GLY E 341 -69.45 -25.98 -50.58
N ALA E 342 -68.95 -25.13 -51.48
CA ALA E 342 -68.45 -25.58 -52.77
C ALA E 342 -66.93 -25.54 -52.80
N THR E 343 -66.34 -26.56 -53.41
CA THR E 343 -64.89 -26.65 -53.55
C THR E 343 -64.52 -26.87 -55.01
N GLN E 344 -63.29 -26.52 -55.34
CA GLN E 344 -62.71 -26.79 -56.65
C GLN E 344 -61.85 -28.04 -56.57
N LEU E 345 -62.02 -28.93 -57.53
CA LEU E 345 -61.22 -30.15 -57.54
C LEU E 345 -59.76 -29.81 -57.84
N PRO E 346 -58.83 -30.64 -57.38
CA PRO E 346 -57.42 -30.34 -57.61
C PRO E 346 -57.09 -30.26 -59.09
N LEU E 347 -56.65 -29.07 -59.51
CA LEU E 347 -56.33 -28.82 -60.91
C LEU E 347 -54.87 -28.44 -61.04
N ASN E 348 -54.31 -28.71 -62.22
CA ASN E 348 -52.90 -28.47 -62.47
C ASN E 348 -52.68 -27.10 -63.07
N LYS E 477 -47.86 -25.21 -61.36
CA LYS E 477 -48.11 -25.40 -59.93
C LYS E 477 -49.46 -26.07 -59.69
N SER E 478 -49.44 -27.39 -59.56
CA SER E 478 -50.65 -28.13 -59.25
C SER E 478 -51.17 -27.78 -57.87
N LEU E 479 -52.47 -27.53 -57.78
CA LEU E 479 -53.11 -27.16 -56.53
C LEU E 479 -53.93 -28.33 -55.99
N THR E 480 -54.08 -28.35 -54.67
CA THR E 480 -54.96 -29.31 -54.02
C THR E 480 -56.39 -28.78 -54.07
N GLU E 481 -57.29 -29.41 -53.33
CA GLU E 481 -58.67 -28.94 -53.30
C GLU E 481 -58.73 -27.56 -52.67
N GLN E 482 -59.62 -26.73 -53.21
CA GLN E 482 -59.70 -25.34 -52.78
C GLN E 482 -61.17 -24.93 -52.76
N MET E 483 -61.54 -24.14 -51.76
CA MET E 483 -62.91 -23.66 -51.72
C MET E 483 -63.12 -22.58 -52.78
N ALA E 484 -64.26 -22.67 -53.47
CA ALA E 484 -64.62 -21.64 -54.42
C ALA E 484 -64.90 -20.33 -53.70
N ASP E 485 -64.70 -19.23 -54.40
CA ASP E 485 -64.82 -17.91 -53.80
C ASP E 485 -66.24 -17.36 -53.87
N PHE E 486 -67.21 -18.19 -54.23
CA PHE E 486 -68.60 -17.77 -54.18
C PHE E 486 -69.41 -18.48 -53.12
N SER E 487 -68.80 -19.41 -52.38
CA SER E 487 -69.52 -20.08 -51.31
C SER E 487 -69.79 -19.09 -50.19
N SER E 488 -71.02 -19.10 -49.69
CA SER E 488 -71.34 -18.27 -48.54
C SER E 488 -70.59 -18.79 -47.32
N ARG E 489 -70.29 -17.88 -46.40
CA ARG E 489 -69.49 -18.20 -45.25
C ARG E 489 -70.24 -17.81 -43.98
N GLY E 490 -70.02 -18.59 -42.93
CA GLY E 490 -70.66 -18.32 -41.66
C GLY E 490 -69.95 -17.21 -40.93
N PRO E 491 -70.21 -17.07 -39.64
CA PRO E 491 -71.12 -17.87 -38.81
C PRO E 491 -72.57 -17.45 -38.99
N VAL E 492 -73.49 -18.18 -38.38
CA VAL E 492 -74.88 -17.77 -38.38
C VAL E 492 -75.12 -16.70 -37.33
N MET E 493 -75.96 -15.73 -37.66
CA MET E 493 -76.28 -14.68 -36.72
C MET E 493 -77.14 -15.23 -35.60
N ASP E 494 -76.96 -14.67 -34.40
CA ASP E 494 -77.82 -14.93 -33.24
C ASP E 494 -77.61 -16.33 -32.68
N THR E 495 -76.86 -17.18 -33.37
CA THR E 495 -76.45 -18.46 -32.83
C THR E 495 -74.97 -18.72 -32.96
N TRP E 496 -74.27 -17.97 -33.81
CA TRP E 496 -72.82 -18.05 -33.95
C TRP E 496 -72.37 -19.46 -34.32
N MET E 497 -73.25 -20.21 -34.98
CA MET E 497 -72.95 -21.56 -35.38
C MET E 497 -72.01 -21.56 -36.58
N ILE E 498 -71.12 -22.54 -36.64
CA ILE E 498 -70.17 -22.64 -37.74
C ILE E 498 -70.89 -23.17 -38.96
N LYS E 499 -70.83 -22.43 -40.05
CA LYS E 499 -71.37 -22.89 -41.32
C LYS E 499 -70.43 -22.46 -42.43
N PRO E 500 -70.31 -23.23 -43.51
CA PRO E 500 -71.06 -24.44 -43.89
C PRO E 500 -70.76 -25.60 -42.97
N ASP E 501 -71.60 -26.63 -42.94
CA ASP E 501 -71.25 -27.78 -42.14
C ASP E 501 -70.17 -28.62 -42.80
N VAL E 502 -70.32 -28.88 -44.10
CA VAL E 502 -69.31 -29.65 -44.84
C VAL E 502 -69.16 -28.99 -46.20
N SER E 503 -68.03 -29.21 -46.85
CA SER E 503 -67.84 -28.77 -48.22
C SER E 503 -67.78 -29.98 -49.16
N ALA E 504 -68.07 -29.74 -50.43
CA ALA E 504 -68.12 -30.79 -51.42
C ALA E 504 -67.81 -30.18 -52.78
N PRO E 505 -67.42 -30.99 -53.76
CA PRO E 505 -67.11 -30.44 -55.10
C PRO E 505 -68.32 -29.78 -55.71
N GLY E 506 -68.17 -28.50 -56.04
CA GLY E 506 -69.28 -27.75 -56.59
C GLY E 506 -68.90 -26.77 -57.68
N VAL E 507 -67.78 -26.99 -58.33
CA VAL E 507 -67.30 -26.11 -59.40
C VAL E 507 -67.14 -26.95 -60.65
N ASN E 508 -67.77 -26.52 -61.74
CA ASN E 508 -67.69 -27.19 -63.04
C ASN E 508 -68.17 -28.63 -62.93
N ILE E 509 -69.43 -28.78 -62.56
CA ILE E 509 -70.06 -30.09 -62.43
C ILE E 509 -70.93 -30.31 -63.65
N VAL E 510 -70.64 -31.38 -64.39
CA VAL E 510 -71.44 -31.73 -65.56
C VAL E 510 -72.49 -32.76 -65.14
N SER E 511 -73.71 -32.56 -65.62
CA SER E 511 -74.80 -33.43 -65.24
C SER E 511 -75.95 -33.26 -66.23
N THR E 512 -76.99 -34.05 -66.04
CA THR E 512 -78.10 -34.10 -66.98
C THR E 512 -78.89 -32.80 -66.95
N ILE E 513 -79.21 -32.28 -68.12
CA ILE E 513 -80.05 -31.10 -68.24
C ILE E 513 -81.08 -31.33 -69.34
N PRO E 514 -82.21 -30.61 -69.31
CA PRO E 514 -83.04 -30.53 -70.50
C PRO E 514 -82.54 -29.43 -71.41
N THR E 515 -82.43 -29.76 -72.70
CA THR E 515 -82.00 -28.76 -73.67
C THR E 515 -83.12 -27.82 -74.08
N HIS E 516 -84.36 -28.13 -73.68
CA HIS E 516 -85.53 -27.33 -74.06
C HIS E 516 -85.62 -27.19 -75.57
N ASP E 517 -85.25 -28.26 -76.26
CA ASP E 517 -85.28 -28.34 -77.71
C ASP E 517 -86.11 -29.55 -78.10
N PRO E 518 -87.22 -29.38 -78.82
CA PRO E 518 -88.01 -30.56 -79.22
C PRO E 518 -87.24 -31.56 -80.06
N ALA E 519 -86.22 -31.12 -80.79
CA ALA E 519 -85.43 -32.04 -81.60
C ALA E 519 -84.70 -33.07 -80.74
N ASP E 520 -84.08 -32.61 -79.65
CA ASP E 520 -83.45 -33.50 -78.66
C ASP E 520 -83.57 -32.84 -77.30
N PRO E 521 -84.50 -33.31 -76.46
CA PRO E 521 -84.81 -32.58 -75.23
C PRO E 521 -83.83 -32.82 -74.10
N TYR E 522 -82.98 -33.85 -74.18
CA TYR E 522 -82.11 -34.23 -73.08
C TYR E 522 -80.65 -34.07 -73.49
N GLY E 523 -79.84 -33.59 -72.57
CA GLY E 523 -78.43 -33.45 -72.83
C GLY E 523 -77.67 -33.32 -71.54
N TYR E 524 -76.42 -32.90 -71.65
CA TYR E 524 -75.57 -32.70 -70.49
C TYR E 524 -75.02 -31.29 -70.48
N GLY E 525 -74.88 -30.73 -69.29
CA GLY E 525 -74.41 -29.37 -69.15
C GLY E 525 -73.60 -29.22 -67.88
N SER E 526 -72.71 -28.25 -67.92
CA SER E 526 -71.80 -27.98 -66.81
C SER E 526 -72.29 -26.73 -66.08
N LYS E 527 -72.61 -26.88 -64.81
CA LYS E 527 -73.02 -25.77 -63.97
C LYS E 527 -72.13 -25.72 -62.74
N GLN E 528 -72.10 -24.55 -62.13
CA GLN E 528 -71.26 -24.28 -60.97
C GLN E 528 -72.06 -23.52 -59.94
N GLY E 529 -71.78 -23.79 -58.68
CA GLY E 529 -72.47 -23.09 -57.61
C GLY E 529 -72.52 -23.94 -56.36
N THR E 530 -72.69 -23.25 -55.24
CA THR E 530 -72.90 -23.94 -53.97
C THR E 530 -74.14 -24.80 -54.02
N SER E 531 -75.11 -24.42 -54.84
CA SER E 531 -76.32 -25.22 -55.00
C SER E 531 -76.02 -26.56 -55.64
N MET E 532 -74.86 -26.74 -56.25
CA MET E 532 -74.48 -28.03 -56.80
C MET E 532 -73.41 -28.75 -56.01
N ALA E 533 -72.99 -28.20 -54.87
CA ALA E 533 -72.21 -28.99 -53.93
C ALA E 533 -73.11 -29.84 -53.04
N SER E 534 -74.29 -29.34 -52.69
CA SER E 534 -75.19 -30.10 -51.85
C SER E 534 -75.63 -31.43 -52.43
N PRO E 535 -75.90 -31.57 -53.73
CA PRO E 535 -76.32 -32.89 -54.24
C PRO E 535 -75.29 -33.98 -53.99
N HIS E 536 -74.01 -33.66 -53.99
CA HIS E 536 -73.01 -34.67 -53.65
C HIS E 536 -73.23 -35.17 -52.23
N VAL E 537 -73.48 -34.27 -51.29
CA VAL E 537 -73.71 -34.70 -49.92
C VAL E 537 -75.04 -35.42 -49.78
N ALA E 538 -76.03 -35.05 -50.58
CA ALA E 538 -77.29 -35.80 -50.55
C ALA E 538 -77.10 -37.22 -51.04
N GLY E 539 -76.35 -37.40 -52.12
CA GLY E 539 -76.04 -38.74 -52.56
C GLY E 539 -75.21 -39.51 -51.55
N ALA E 540 -74.27 -38.83 -50.90
CA ALA E 540 -73.48 -39.46 -49.86
C ALA E 540 -74.36 -39.92 -48.71
N ALA E 541 -75.32 -39.09 -48.32
CA ALA E 541 -76.24 -39.46 -47.25
C ALA E 541 -77.09 -40.65 -47.65
N ALA E 542 -77.53 -40.69 -48.91
CA ALA E 542 -78.29 -41.85 -49.37
C ALA E 542 -77.45 -43.11 -49.31
N VAL E 543 -76.19 -43.03 -49.76
CA VAL E 543 -75.32 -44.21 -49.73
C VAL E 543 -75.10 -44.66 -48.30
N ILE E 544 -74.83 -43.72 -47.39
CA ILE E 544 -74.60 -44.07 -46.00
C ILE E 544 -75.85 -44.69 -45.39
N LYS E 545 -77.01 -44.12 -45.67
CA LYS E 545 -78.25 -44.68 -45.13
C LYS E 545 -78.49 -46.09 -45.64
N GLN E 546 -78.09 -46.38 -46.87
CA GLN E 546 -78.12 -47.77 -47.30
C GLN E 546 -77.13 -48.61 -46.50
N ALA E 547 -75.95 -48.07 -46.25
CA ALA E 547 -74.92 -48.83 -45.55
C ALA E 547 -75.25 -48.99 -44.08
N LYS E 548 -75.69 -47.91 -43.42
CA LYS E 548 -76.03 -47.93 -42.01
C LYS E 548 -77.51 -47.62 -41.87
N PRO E 549 -78.39 -48.63 -41.91
CA PRO E 549 -79.83 -48.37 -41.92
C PRO E 549 -80.37 -47.91 -40.58
N LYS E 550 -79.60 -47.99 -39.50
CA LYS E 550 -80.09 -47.64 -38.18
C LYS E 550 -79.70 -46.24 -37.74
N TRP E 551 -78.91 -45.52 -38.54
CA TRP E 551 -78.44 -44.21 -38.14
C TRP E 551 -79.54 -43.16 -38.27
N SER E 552 -79.64 -42.30 -37.27
CA SER E 552 -80.58 -41.19 -37.28
C SER E 552 -80.05 -40.10 -38.19
N PRO E 553 -80.88 -39.12 -38.58
CA PRO E 553 -80.35 -38.02 -39.39
C PRO E 553 -79.21 -37.27 -38.73
N GLU E 554 -79.25 -37.08 -37.42
CA GLU E 554 -78.15 -36.42 -36.74
C GLU E 554 -76.90 -37.28 -36.69
N GLN E 555 -77.04 -38.60 -36.60
CA GLN E 555 -75.90 -39.49 -36.68
C GLN E 555 -75.24 -39.46 -38.04
N ILE E 556 -76.02 -39.39 -39.12
CA ILE E 556 -75.44 -39.25 -40.45
C ILE E 556 -74.70 -37.93 -40.57
N LYS E 557 -75.28 -36.85 -40.06
CA LYS E 557 -74.61 -35.56 -40.11
C LYS E 557 -73.30 -35.60 -39.34
N ALA E 558 -73.29 -36.22 -38.16
CA ALA E 558 -72.08 -36.36 -37.40
C ALA E 558 -71.05 -37.26 -38.06
N ALA E 559 -71.47 -38.28 -38.80
CA ALA E 559 -70.54 -39.15 -39.49
C ALA E 559 -69.92 -38.50 -40.71
N LEU E 560 -70.70 -37.76 -41.49
CA LEU E 560 -70.13 -36.99 -42.58
C LEU E 560 -69.17 -35.93 -42.06
N MET E 561 -69.55 -35.26 -40.98
CA MET E 561 -68.77 -34.13 -40.51
C MET E 561 -67.52 -34.59 -39.79
N ASN E 562 -67.54 -35.77 -39.18
CA ASN E 562 -66.40 -36.25 -38.42
C ASN E 562 -65.26 -36.67 -39.34
N THR E 563 -65.57 -37.41 -40.39
CA THR E 563 -64.58 -37.95 -41.31
C THR E 563 -64.55 -37.05 -42.54
N ALA E 564 -63.84 -35.93 -42.44
CA ALA E 564 -63.74 -34.98 -43.52
C ALA E 564 -62.33 -34.43 -43.57
N GLU E 565 -61.80 -34.25 -44.78
CA GLU E 565 -60.42 -33.82 -44.97
C GLU E 565 -60.34 -32.31 -44.94
N THR E 566 -59.54 -31.79 -44.02
CA THR E 566 -59.30 -30.35 -43.97
C THR E 566 -58.61 -29.89 -45.24
N LEU E 567 -58.97 -28.68 -45.69
CA LEU E 567 -58.48 -28.12 -46.94
C LEU E 567 -57.54 -26.97 -46.65
N THR E 568 -56.38 -26.97 -47.32
CA THR E 568 -55.46 -25.86 -47.23
C THR E 568 -55.48 -25.07 -48.54
N ASP E 569 -55.29 -23.76 -48.43
CA ASP E 569 -55.33 -22.89 -49.60
C ASP E 569 -54.01 -22.98 -50.36
N ALA E 570 -53.82 -22.08 -51.31
CA ALA E 570 -52.64 -22.16 -52.17
C ALA E 570 -51.35 -21.95 -51.38
N ASP E 571 -51.33 -20.95 -50.49
CA ASP E 571 -50.11 -20.66 -49.76
C ASP E 571 -49.74 -21.78 -48.80
N GLY E 572 -50.75 -22.42 -48.21
CA GLY E 572 -50.50 -23.52 -47.30
C GLY E 572 -51.17 -23.35 -45.96
N ASP E 573 -52.11 -22.41 -45.87
CA ASP E 573 -52.83 -22.15 -44.65
C ASP E 573 -54.17 -22.86 -44.67
N VAL E 574 -54.55 -23.46 -43.55
CA VAL E 574 -55.84 -24.10 -43.45
C VAL E 574 -56.93 -23.05 -43.62
N TYR E 575 -57.92 -23.38 -44.45
CA TYR E 575 -59.04 -22.48 -44.63
C TYR E 575 -59.76 -22.27 -43.30
N PRO E 576 -60.27 -21.07 -43.05
CA PRO E 576 -60.99 -20.83 -41.80
C PRO E 576 -62.20 -21.75 -41.67
N HIS E 577 -62.61 -21.98 -40.43
CA HIS E 577 -63.70 -22.91 -40.19
C HIS E 577 -65.00 -22.43 -40.81
N ASN E 578 -65.26 -21.13 -40.78
CA ASN E 578 -66.43 -20.63 -41.51
C ASN E 578 -66.10 -20.31 -42.94
N ALA E 579 -65.33 -21.19 -43.56
CA ALA E 579 -65.18 -21.25 -45.00
C ALA E 579 -65.12 -22.69 -45.45
N GLN E 580 -64.94 -23.62 -44.55
CA GLN E 580 -64.71 -25.03 -44.79
C GLN E 580 -65.70 -25.91 -44.07
N GLY E 581 -66.05 -25.53 -42.84
CA GLY E 581 -66.93 -26.31 -42.00
C GLY E 581 -66.18 -27.42 -41.30
N ALA E 582 -65.90 -28.48 -42.03
CA ALA E 582 -65.07 -29.55 -41.49
C ALA E 582 -64.20 -30.15 -42.58
N GLY E 583 -64.28 -29.65 -43.79
CA GLY E 583 -63.53 -30.18 -44.91
C GLY E 583 -64.44 -30.83 -45.93
N SER E 584 -63.81 -31.49 -46.89
CA SER E 584 -64.55 -32.17 -47.94
C SER E 584 -65.04 -33.52 -47.45
N ILE E 585 -66.20 -33.95 -47.94
CA ILE E 585 -66.72 -35.25 -47.55
C ILE E 585 -65.77 -36.34 -48.04
N ARG E 586 -65.80 -37.46 -47.33
CA ARG E 586 -65.15 -38.70 -47.76
C ARG E 586 -66.12 -39.83 -47.46
N ILE E 587 -66.86 -40.26 -48.47
CA ILE E 587 -67.93 -41.24 -48.26
C ILE E 587 -67.36 -42.53 -47.71
N MET E 588 -66.18 -42.93 -48.18
CA MET E 588 -65.63 -44.22 -47.77
C MET E 588 -65.27 -44.22 -46.29
N LYS E 589 -64.68 -43.13 -45.81
CA LYS E 589 -64.38 -43.04 -44.39
C LYS E 589 -65.65 -42.99 -43.56
N ALA E 590 -66.65 -42.26 -44.02
CA ALA E 590 -67.90 -42.14 -43.27
C ALA E 590 -68.61 -43.48 -43.18
N ILE E 591 -68.60 -44.26 -44.27
CA ILE E 591 -69.27 -45.55 -44.27
C ILE E 591 -68.63 -46.52 -43.28
N LYS E 592 -67.33 -46.42 -43.08
CA LYS E 592 -66.60 -47.32 -42.19
C LYS E 592 -66.18 -46.49 -40.99
N ALA E 593 -67.12 -46.34 -40.05
CA ALA E 593 -66.89 -45.54 -38.86
C ALA E 593 -67.66 -46.17 -37.71
N ASP E 594 -66.92 -46.59 -36.68
CA ASP E 594 -67.52 -47.23 -35.53
C ASP E 594 -67.58 -46.32 -34.32
N SER E 595 -67.22 -45.05 -34.47
CA SER E 595 -67.31 -44.09 -33.39
C SER E 595 -67.84 -42.79 -33.94
N LEU E 596 -68.85 -42.23 -33.28
CA LEU E 596 -69.46 -40.99 -33.72
C LEU E 596 -69.36 -39.95 -32.63
N VAL E 597 -68.85 -38.78 -32.96
CA VAL E 597 -68.73 -37.68 -32.02
C VAL E 597 -69.76 -36.62 -32.41
N ALA E 598 -70.63 -36.28 -31.47
CA ALA E 598 -71.70 -35.33 -31.72
C ALA E 598 -71.76 -34.29 -30.63
N PRO E 599 -72.02 -33.03 -30.97
CA PRO E 599 -72.28 -32.49 -32.30
C PRO E 599 -71.00 -32.43 -33.10
N GLY E 600 -71.06 -32.51 -34.43
CA GLY E 600 -69.85 -32.52 -35.22
C GLY E 600 -69.06 -31.23 -35.13
N SER E 601 -69.72 -30.13 -34.81
CA SER E 601 -69.06 -28.85 -34.59
C SER E 601 -69.83 -28.11 -33.52
N TYR E 602 -69.11 -27.37 -32.69
CA TYR E 602 -69.73 -26.64 -31.61
C TYR E 602 -69.25 -25.20 -31.59
N SER E 603 -70.11 -24.31 -31.14
CA SER E 603 -69.78 -22.89 -31.05
C SER E 603 -70.07 -22.43 -29.64
N TYR E 604 -69.09 -21.81 -29.00
CA TYR E 604 -69.24 -21.39 -27.62
C TYR E 604 -69.96 -20.08 -27.47
N GLY E 605 -70.34 -19.44 -28.57
CA GLY E 605 -71.05 -18.18 -28.46
C GLY E 605 -70.10 -17.01 -28.29
N THR E 606 -70.54 -16.02 -27.53
CA THR E 606 -69.80 -14.79 -27.34
C THR E 606 -69.40 -14.62 -25.89
N PHE E 607 -68.27 -13.94 -25.68
CA PHE E 607 -67.75 -13.61 -24.36
C PHE E 607 -67.75 -12.10 -24.25
N MET E 608 -68.65 -11.56 -23.42
CA MET E 608 -68.91 -10.13 -23.38
C MET E 608 -68.33 -9.45 -22.14
N LYS E 609 -67.72 -10.20 -21.23
CA LYS E 609 -67.27 -9.61 -19.98
C LYS E 609 -66.18 -8.57 -20.23
N ASP E 610 -66.32 -7.41 -19.59
CA ASP E 610 -65.34 -6.35 -19.74
C ASP E 610 -64.07 -6.66 -18.96
N LYS E 611 -64.20 -7.22 -17.76
CA LYS E 611 -63.05 -7.60 -16.95
C LYS E 611 -63.33 -8.93 -16.27
N GLY E 612 -62.27 -9.62 -15.92
CA GLY E 612 -62.38 -10.93 -15.30
C GLY E 612 -62.22 -12.05 -16.30
N ASN E 613 -62.49 -13.26 -15.81
CA ASN E 613 -62.38 -14.46 -16.62
C ASN E 613 -63.77 -15.08 -16.77
N GLU E 614 -64.10 -15.50 -17.99
CA GLU E 614 -65.38 -16.12 -18.26
C GLU E 614 -65.14 -17.54 -18.76
N THR E 615 -65.85 -18.49 -18.17
CA THR E 615 -65.67 -19.90 -18.48
C THR E 615 -66.97 -20.46 -19.04
N LYS E 616 -66.86 -21.19 -20.16
CA LYS E 616 -67.98 -21.91 -20.72
C LYS E 616 -67.58 -23.35 -20.92
N LYS E 617 -68.56 -24.23 -21.00
CA LYS E 617 -68.26 -25.64 -21.19
C LYS E 617 -69.31 -26.29 -22.06
N GLU E 618 -68.90 -27.35 -22.75
CA GLU E 618 -69.76 -28.11 -23.62
C GLU E 618 -69.53 -29.60 -23.36
N THR E 619 -70.55 -30.40 -23.61
CA THR E 619 -70.48 -31.84 -23.44
C THR E 619 -70.65 -32.48 -24.81
N PHE E 620 -69.55 -32.99 -25.35
CA PHE E 620 -69.61 -33.78 -26.56
C PHE E 620 -69.90 -35.22 -26.20
N THR E 621 -70.52 -35.94 -27.12
CA THR E 621 -70.96 -37.30 -26.90
C THR E 621 -70.30 -38.21 -27.92
N ILE E 622 -69.63 -39.26 -27.43
CA ILE E 622 -68.96 -40.23 -28.28
C ILE E 622 -69.73 -41.53 -28.19
N GLU E 623 -70.21 -42.01 -29.33
CA GLU E 623 -70.92 -43.27 -29.43
C GLU E 623 -69.95 -44.31 -29.96
N ASN E 624 -69.80 -45.41 -29.22
CA ASN E 624 -68.89 -46.48 -29.57
C ASN E 624 -69.70 -47.57 -30.27
N GLN E 625 -69.83 -47.46 -31.59
CA GLN E 625 -70.65 -48.38 -32.35
C GLN E 625 -70.03 -49.76 -32.47
N SER E 626 -68.79 -49.95 -32.06
CA SER E 626 -68.11 -51.21 -32.24
C SER E 626 -68.51 -52.19 -31.14
N SER E 627 -67.99 -53.41 -31.24
CA SER E 627 -68.28 -54.48 -30.30
C SER E 627 -67.21 -54.64 -29.24
N ILE E 628 -66.30 -53.68 -29.13
CA ILE E 628 -65.14 -53.78 -28.26
C ILE E 628 -65.01 -52.50 -27.46
N ARG E 629 -64.65 -52.63 -26.18
CA ARG E 629 -64.50 -51.45 -25.33
C ARG E 629 -63.28 -50.66 -25.78
N LYS E 630 -63.46 -49.36 -25.96
CA LYS E 630 -62.41 -48.52 -26.52
C LYS E 630 -62.07 -47.38 -25.60
N SER E 631 -60.91 -46.78 -25.85
CA SER E 631 -60.42 -45.64 -25.09
C SER E 631 -60.17 -44.50 -26.06
N TYR E 632 -60.89 -43.40 -25.88
CA TYR E 632 -60.78 -42.24 -26.74
C TYR E 632 -59.98 -41.15 -26.03
N GLN E 633 -59.16 -40.46 -26.82
CA GLN E 633 -58.22 -39.47 -26.31
C GLN E 633 -58.52 -38.12 -26.95
N LEU E 634 -58.65 -37.10 -26.11
CA LEU E 634 -59.10 -35.79 -26.55
C LEU E 634 -57.96 -34.79 -26.51
N GLU E 635 -57.83 -34.02 -27.59
CA GLU E 635 -56.88 -32.92 -27.65
C GLU E 635 -57.64 -31.65 -28.01
N TYR E 636 -57.62 -30.68 -27.12
CA TYR E 636 -58.31 -29.42 -27.31
C TYR E 636 -57.31 -28.34 -27.66
N SER E 637 -57.62 -27.53 -28.67
CA SER E 637 -56.76 -26.43 -29.04
C SER E 637 -57.61 -25.23 -29.43
N PHE E 638 -57.06 -24.04 -29.23
CA PHE E 638 -57.67 -22.80 -29.69
C PHE E 638 -56.56 -21.87 -30.14
N ASN E 639 -56.83 -21.13 -31.22
CA ASN E 639 -55.92 -20.10 -31.66
C ASN E 639 -56.17 -18.81 -30.88
N GLY E 640 -55.14 -17.99 -30.80
CA GLY E 640 -55.30 -16.74 -30.08
C GLY E 640 -54.87 -16.85 -28.64
N THR E 641 -54.40 -15.73 -28.11
CA THR E 641 -53.86 -15.68 -26.76
C THR E 641 -54.96 -15.30 -25.77
N GLY E 642 -54.79 -15.76 -24.53
CA GLY E 642 -55.76 -15.51 -23.50
C GLY E 642 -56.90 -16.49 -23.44
N ILE E 643 -56.88 -17.52 -24.28
CA ILE E 643 -57.91 -18.55 -24.30
C ILE E 643 -57.27 -19.85 -23.84
N THR E 644 -57.75 -20.40 -22.74
CA THR E 644 -57.23 -21.64 -22.19
C THR E 644 -58.30 -22.70 -22.27
N VAL E 645 -57.95 -23.84 -22.85
CA VAL E 645 -58.91 -24.90 -23.11
C VAL E 645 -58.48 -26.15 -22.34
N SER E 646 -59.45 -26.84 -21.76
CA SER E 646 -59.17 -28.02 -20.96
C SER E 646 -60.38 -28.94 -21.04
N GLY E 647 -60.36 -29.99 -20.25
CA GLY E 647 -61.49 -30.89 -20.17
C GLY E 647 -61.03 -32.32 -20.07
N THR E 648 -61.97 -33.23 -20.27
CA THR E 648 -61.68 -34.65 -20.18
C THR E 648 -60.66 -35.09 -21.21
N ASP E 649 -59.47 -35.48 -20.75
CA ASP E 649 -58.40 -35.88 -21.65
C ASP E 649 -58.47 -37.32 -22.11
N ARG E 650 -59.37 -38.13 -21.56
CA ARG E 650 -59.49 -39.53 -21.93
C ARG E 650 -60.79 -40.09 -21.39
N VAL E 651 -61.47 -40.86 -22.23
CA VAL E 651 -62.65 -41.58 -21.78
C VAL E 651 -62.51 -43.03 -22.21
N VAL E 652 -63.15 -43.92 -21.45
CA VAL E 652 -63.24 -45.32 -21.82
C VAL E 652 -64.71 -45.64 -21.96
N ILE E 653 -65.10 -46.13 -23.14
CA ILE E 653 -66.50 -46.39 -23.47
C ILE E 653 -66.65 -47.87 -23.75
N PRO E 654 -67.56 -48.56 -23.10
CA PRO E 654 -67.79 -49.97 -23.41
C PRO E 654 -68.41 -50.16 -24.78
N ALA E 655 -68.58 -51.41 -25.19
CA ALA E 655 -69.13 -51.68 -26.51
C ALA E 655 -70.57 -51.23 -26.60
N HIS E 656 -70.94 -50.68 -27.75
CA HIS E 656 -72.31 -50.29 -28.05
C HIS E 656 -72.88 -49.37 -26.96
N GLN E 657 -72.06 -48.41 -26.54
CA GLN E 657 -72.45 -47.50 -25.48
C GLN E 657 -72.03 -46.09 -25.85
N THR E 658 -72.12 -45.20 -24.87
CA THR E 658 -71.97 -43.76 -25.09
C THR E 658 -71.22 -43.14 -23.92
N GLY E 659 -70.27 -42.27 -24.23
CA GLY E 659 -69.54 -41.54 -23.23
C GLY E 659 -69.63 -40.05 -23.48
N LYS E 660 -69.37 -39.29 -22.43
CA LYS E 660 -69.47 -37.83 -22.48
C LYS E 660 -68.11 -37.22 -22.15
N VAL E 661 -67.70 -36.25 -22.95
CA VAL E 661 -66.46 -35.52 -22.71
C VAL E 661 -66.84 -34.06 -22.48
N ASN E 662 -66.31 -33.48 -21.42
CA ASN E 662 -66.66 -32.12 -21.00
C ASN E 662 -65.53 -31.20 -21.41
N ALA E 663 -65.64 -30.62 -22.60
CA ALA E 663 -64.69 -29.60 -23.02
C ALA E 663 -65.02 -28.30 -22.31
N LYS E 664 -63.98 -27.55 -21.98
CA LYS E 664 -64.15 -26.33 -21.21
C LYS E 664 -63.21 -25.27 -21.76
N VAL E 665 -63.73 -24.07 -21.98
CA VAL E 665 -62.94 -22.96 -22.49
C VAL E 665 -63.02 -21.82 -21.48
N LYS E 666 -61.92 -21.09 -21.35
CA LYS E 666 -61.84 -20.00 -20.40
C LYS E 666 -61.14 -18.83 -21.06
N VAL E 667 -61.80 -17.68 -21.06
CA VAL E 667 -61.32 -16.49 -21.74
C VAL E 667 -60.99 -15.44 -20.69
N ASN E 668 -59.76 -14.93 -20.74
CA ASN E 668 -59.30 -13.87 -19.86
C ASN E 668 -59.56 -12.54 -20.56
N ALA E 669 -60.58 -11.82 -20.08
CA ALA E 669 -60.98 -10.59 -20.76
C ALA E 669 -59.88 -9.55 -20.79
N LYS E 670 -58.91 -9.63 -19.88
CA LYS E 670 -57.87 -8.62 -19.81
C LYS E 670 -56.77 -8.86 -20.84
N LYS E 671 -56.72 -10.03 -21.46
CA LYS E 671 -55.63 -10.37 -22.35
C LYS E 671 -56.06 -10.65 -23.78
N VAL E 672 -57.35 -10.81 -24.04
CA VAL E 672 -57.84 -11.30 -25.32
C VAL E 672 -58.27 -10.12 -26.18
N LYS E 673 -57.74 -10.04 -27.40
CA LYS E 673 -58.22 -9.08 -28.36
C LYS E 673 -59.57 -9.54 -28.91
N ALA E 674 -60.46 -8.58 -29.14
CA ALA E 674 -61.77 -8.92 -29.68
C ALA E 674 -61.63 -9.50 -31.07
N GLY E 675 -62.49 -10.46 -31.39
CA GLY E 675 -62.45 -11.11 -32.67
C GLY E 675 -63.03 -12.50 -32.57
N THR E 676 -63.01 -13.19 -33.71
CA THR E 676 -63.51 -14.55 -33.82
C THR E 676 -62.34 -15.52 -33.83
N TYR E 677 -62.34 -16.46 -32.89
CA TYR E 677 -61.26 -17.41 -32.75
C TYR E 677 -61.78 -18.82 -33.02
N GLU E 678 -60.97 -19.60 -33.72
CA GLU E 678 -61.35 -20.95 -34.13
C GLU E 678 -60.51 -21.96 -33.36
N GLY E 679 -61.19 -22.94 -32.77
CA GLY E 679 -60.52 -24.01 -32.06
C GLY E 679 -60.87 -25.35 -32.68
N THR E 680 -60.40 -26.40 -32.02
CA THR E 680 -60.62 -27.75 -32.51
C THR E 680 -60.52 -28.74 -31.36
N VAL E 681 -61.43 -29.71 -31.35
CA VAL E 681 -61.36 -30.86 -30.46
C VAL E 681 -61.08 -32.07 -31.32
N THR E 682 -59.95 -32.73 -31.10
CA THR E 682 -59.55 -33.89 -31.87
C THR E 682 -59.69 -35.13 -31.03
N VAL E 683 -60.36 -36.13 -31.56
CA VAL E 683 -60.61 -37.39 -30.87
C VAL E 683 -59.83 -38.49 -31.56
N ARG E 684 -58.96 -39.16 -30.82
CA ARG E 684 -58.17 -40.26 -31.33
C ARG E 684 -58.60 -41.54 -30.66
N GLU E 685 -58.52 -42.64 -31.41
CA GLU E 685 -58.86 -43.95 -30.86
C GLU E 685 -58.00 -44.99 -31.55
N GLY E 686 -57.10 -45.62 -30.79
CA GLY E 686 -56.29 -46.70 -31.29
C GLY E 686 -55.66 -46.43 -32.63
N GLY E 687 -54.77 -45.45 -32.70
CA GLY E 687 -54.16 -45.11 -33.96
C GLY E 687 -54.91 -44.01 -34.67
N LYS E 688 -55.80 -44.42 -35.57
CA LYS E 688 -56.55 -43.50 -36.41
C LYS E 688 -57.26 -42.41 -35.60
N THR E 689 -57.50 -41.28 -36.26
CA THR E 689 -58.29 -40.20 -35.70
C THR E 689 -59.75 -40.39 -36.07
N VAL E 690 -60.63 -40.36 -35.07
CA VAL E 690 -62.03 -40.64 -35.34
C VAL E 690 -62.85 -39.38 -35.59
N ALA E 691 -62.37 -38.22 -35.18
CA ALA E 691 -63.12 -36.99 -35.37
C ALA E 691 -62.19 -35.81 -35.19
N LYS E 692 -62.59 -34.69 -35.77
CA LYS E 692 -61.91 -33.40 -35.60
C LYS E 692 -63.03 -32.36 -35.55
N VAL E 693 -63.46 -32.04 -34.33
CA VAL E 693 -64.64 -31.22 -34.12
C VAL E 693 -64.23 -29.76 -34.20
N PRO E 694 -64.73 -28.98 -35.17
CA PRO E 694 -64.41 -27.56 -35.22
C PRO E 694 -65.19 -26.79 -34.18
N THR E 695 -64.49 -26.05 -33.35
CA THR E 695 -65.10 -25.19 -32.35
C THR E 695 -64.82 -23.74 -32.68
N LEU E 696 -65.58 -22.85 -32.06
CA LEU E 696 -65.49 -21.43 -32.36
C LEU E 696 -66.04 -20.63 -31.21
N LEU E 697 -65.38 -19.51 -30.91
CA LEU E 697 -65.91 -18.55 -29.95
C LEU E 697 -65.63 -17.16 -30.46
N ILE E 698 -66.43 -16.20 -29.99
CA ILE E 698 -66.34 -14.81 -30.39
C ILE E 698 -66.14 -13.98 -29.13
N VAL E 699 -65.24 -13.02 -29.20
CA VAL E 699 -64.94 -12.15 -28.07
C VAL E 699 -65.49 -10.77 -28.34
N LYS E 700 -66.15 -10.20 -27.34
CA LYS E 700 -66.85 -8.91 -27.43
C LYS E 700 -67.92 -9.06 -28.51
N GLU E 701 -68.19 -8.02 -29.29
CA GLU E 701 -69.29 -8.05 -30.25
C GLU E 701 -68.84 -8.63 -31.58
N PRO E 702 -69.62 -9.53 -32.15
CA PRO E 702 -69.26 -10.09 -33.45
C PRO E 702 -69.25 -9.03 -34.53
N ASP E 703 -68.42 -9.25 -35.54
CA ASP E 703 -68.24 -8.27 -36.62
C ASP E 703 -69.16 -8.59 -37.79
N TYR E 704 -70.42 -8.74 -37.50
CA TYR E 704 -71.37 -8.98 -38.58
C TYR E 704 -71.69 -7.67 -39.28
N PRO E 705 -72.16 -7.74 -40.52
CA PRO E 705 -72.64 -6.52 -41.19
C PRO E 705 -73.81 -5.93 -40.43
N ARG E 706 -73.67 -4.66 -40.07
CA ARG E 706 -74.72 -4.02 -39.28
C ARG E 706 -76.00 -3.83 -40.10
N VAL E 707 -75.86 -3.67 -41.41
CA VAL E 707 -77.00 -3.61 -42.32
C VAL E 707 -76.71 -4.53 -43.49
N THR E 708 -77.70 -5.34 -43.86
CA THR E 708 -77.49 -6.38 -44.85
C THR E 708 -78.03 -6.03 -46.23
N SER E 709 -79.28 -5.58 -46.30
CA SER E 709 -79.89 -5.28 -47.58
C SER E 709 -80.74 -4.02 -47.47
N ILE E 710 -80.82 -3.30 -48.58
CA ILE E 710 -81.65 -2.12 -48.71
C ILE E 710 -82.24 -2.09 -50.11
N ASP E 711 -83.52 -1.74 -50.21
CA ASP E 711 -84.14 -1.50 -51.51
C ASP E 711 -85.14 -0.36 -51.38
N VAL E 712 -85.39 0.30 -52.51
CA VAL E 712 -86.29 1.45 -52.56
C VAL E 712 -87.36 1.16 -53.60
N GLN E 713 -88.61 1.27 -53.19
CA GLN E 713 -89.73 1.08 -54.11
C GLN E 713 -90.63 2.30 -54.05
N ASP E 714 -91.53 2.39 -55.02
CA ASP E 714 -92.47 3.50 -55.04
C ASP E 714 -93.50 3.33 -53.93
N GLY E 715 -93.83 4.43 -53.28
CA GLY E 715 -94.79 4.37 -52.19
C GLY E 715 -96.22 4.31 -52.67
N THR E 716 -97.13 4.12 -51.72
CA THR E 716 -98.55 4.12 -52.04
C THR E 716 -99.01 5.46 -52.58
N THR E 717 -98.33 6.54 -52.22
CA THR E 717 -98.64 7.87 -52.72
C THR E 717 -97.64 8.23 -53.81
N GLN E 718 -98.15 8.74 -54.93
CA GLN E 718 -97.29 9.12 -56.04
C GLN E 718 -96.32 10.21 -55.60
N GLY E 719 -95.06 10.05 -56.01
CA GLY E 719 -94.01 10.99 -55.65
C GLY E 719 -93.24 10.63 -54.40
N THR E 720 -93.72 9.67 -53.61
CA THR E 720 -93.05 9.23 -52.40
C THR E 720 -92.47 7.85 -52.59
N TYR E 721 -91.65 7.44 -51.64
CA TYR E 721 -90.90 6.20 -51.74
C TYR E 721 -90.94 5.46 -50.42
N GLN E 722 -90.73 4.16 -50.50
CA GLN E 722 -90.58 3.31 -49.32
C GLN E 722 -89.21 2.65 -49.36
N ILE E 723 -88.47 2.76 -48.26
CA ILE E 723 -87.16 2.17 -48.12
C ILE E 723 -87.30 0.98 -47.20
N GLU E 724 -86.93 -0.20 -47.68
CA GLU E 724 -86.97 -1.40 -46.88
C GLU E 724 -85.54 -1.88 -46.66
N THR E 725 -85.16 -2.05 -45.40
CA THR E 725 -83.81 -2.45 -45.05
C THR E 725 -83.87 -3.56 -44.03
N TYR E 726 -82.79 -4.34 -43.96
CA TYR E 726 -82.70 -5.43 -43.00
C TYR E 726 -81.53 -5.18 -42.06
N LEU E 727 -81.83 -5.10 -40.76
CA LEU E 727 -80.80 -4.88 -39.75
C LEU E 727 -80.65 -6.14 -38.92
N PRO E 728 -79.56 -6.88 -39.04
CA PRO E 728 -79.44 -8.15 -38.32
C PRO E 728 -79.57 -8.03 -36.82
N ALA E 729 -79.10 -6.94 -36.22
CA ALA E 729 -79.21 -6.81 -34.77
C ALA E 729 -79.61 -5.40 -34.37
N GLY E 730 -80.40 -4.73 -35.20
CA GLY E 730 -80.79 -3.37 -34.91
C GLY E 730 -79.69 -2.40 -35.28
N ALA E 731 -79.93 -1.13 -34.98
CA ALA E 731 -78.97 -0.10 -35.30
C ALA E 731 -79.10 1.03 -34.31
N GLU E 732 -77.99 1.39 -33.66
CA GLU E 732 -77.98 2.58 -32.83
C GLU E 732 -78.22 3.82 -33.67
N GLU E 733 -77.66 3.85 -34.87
CA GLU E 733 -77.89 4.96 -35.78
C GLU E 733 -78.01 4.43 -37.20
N LEU E 734 -78.95 4.96 -37.97
CA LEU E 734 -79.17 4.52 -39.33
C LEU E 734 -79.34 5.73 -40.23
N ALA E 735 -78.62 5.76 -41.34
CA ALA E 735 -78.63 6.91 -42.23
C ALA E 735 -78.80 6.46 -43.65
N PHE E 736 -79.69 7.13 -44.38
CA PHE E 736 -79.90 6.88 -45.79
C PHE E 736 -79.38 8.09 -46.56
N LEU E 737 -78.42 7.84 -47.46
CA LEU E 737 -77.78 8.86 -48.27
C LEU E 737 -78.07 8.60 -49.74
N VAL E 738 -78.13 9.66 -50.54
CA VAL E 738 -78.51 9.56 -51.94
C VAL E 738 -77.34 9.93 -52.82
N TYR E 739 -77.13 9.16 -53.88
CA TYR E 739 -76.07 9.38 -54.84
C TYR E 739 -76.66 9.45 -56.24
N ASP E 740 -76.04 10.27 -57.09
CA ASP E 740 -76.53 10.39 -58.45
C ASP E 740 -76.08 9.19 -59.27
N SER E 741 -76.41 9.21 -60.57
CA SER E 741 -76.00 8.12 -61.44
C SER E 741 -74.49 8.02 -61.55
N ASN E 742 -73.77 9.12 -61.34
CA ASN E 742 -72.31 9.11 -61.36
C ASN E 742 -71.72 8.80 -59.99
N LEU E 743 -72.54 8.34 -59.05
CA LEU E 743 -72.10 8.00 -57.70
C LEU E 743 -71.46 9.20 -57.01
N ASP E 744 -72.06 10.37 -57.20
CA ASP E 744 -71.66 11.58 -56.52
C ASP E 744 -72.64 11.86 -55.39
N PHE E 745 -72.11 12.15 -54.21
CA PHE E 745 -72.96 12.33 -53.04
C PHE E 745 -73.90 13.51 -53.21
N VAL E 746 -75.18 13.24 -53.44
CA VAL E 746 -76.14 14.31 -53.60
C VAL E 746 -76.53 14.88 -52.25
N GLY E 747 -76.84 14.04 -51.28
CA GLY E 747 -77.21 14.52 -49.97
C GLY E 747 -77.68 13.39 -49.08
N GLN E 748 -78.40 13.78 -48.03
CA GLN E 748 -78.78 12.88 -46.94
C GLN E 748 -80.28 12.69 -46.94
N ALA E 749 -80.73 11.49 -47.29
CA ALA E 749 -82.16 11.21 -47.34
C ALA E 749 -82.78 11.24 -45.95
N GLY E 750 -82.26 10.44 -45.03
CA GLY E 750 -82.90 10.32 -43.73
C GLY E 750 -81.95 9.90 -42.64
N ILE E 751 -82.31 10.25 -41.41
CA ILE E 751 -81.58 9.87 -40.21
C ILE E 751 -82.56 9.25 -39.21
N TYR E 752 -82.14 8.18 -38.56
CA TYR E 752 -82.97 7.49 -37.59
C TYR E 752 -82.09 6.95 -36.48
N LYS E 753 -82.67 6.79 -35.30
CA LYS E 753 -81.96 6.31 -34.13
C LYS E 753 -82.74 5.19 -33.47
N LYS E 754 -82.00 4.29 -32.84
CA LYS E 754 -82.58 3.25 -31.99
C LYS E 754 -83.60 2.41 -32.76
N GLN E 755 -83.13 1.75 -33.79
CA GLN E 755 -83.99 0.93 -34.64
C GLN E 755 -83.98 -0.51 -34.17
N ASP E 756 -85.15 -1.15 -34.23
CA ASP E 756 -85.28 -2.54 -33.84
C ASP E 756 -84.76 -3.45 -34.93
N LYS E 757 -84.30 -4.63 -34.53
CA LYS E 757 -83.71 -5.56 -35.47
C LYS E 757 -84.79 -6.21 -36.34
N GLY E 758 -84.37 -6.71 -37.49
CA GLY E 758 -85.28 -7.32 -38.43
C GLY E 758 -85.48 -6.47 -39.65
N TYR E 759 -86.65 -6.54 -40.25
CA TYR E 759 -86.99 -5.72 -41.40
C TYR E 759 -87.55 -4.39 -40.93
N GLN E 760 -87.01 -3.31 -41.46
CA GLN E 760 -87.44 -1.96 -41.13
C GLN E 760 -87.89 -1.25 -42.41
N TYR E 761 -88.99 -0.51 -42.30
CA TYR E 761 -89.55 0.22 -43.42
C TYR E 761 -89.63 1.70 -43.06
N PHE E 762 -89.21 2.55 -43.98
CA PHE E 762 -89.20 3.98 -43.77
C PHE E 762 -89.82 4.67 -44.96
N ASP E 763 -90.72 5.62 -44.71
CA ASP E 763 -91.30 6.42 -45.77
C ASP E 763 -90.41 7.61 -46.05
N TRP E 764 -90.11 7.85 -47.32
CA TRP E 764 -89.23 8.93 -47.72
C TRP E 764 -89.95 9.78 -48.75
N ASN E 765 -90.03 11.08 -48.50
CA ASN E 765 -90.76 12.00 -49.36
C ASN E 765 -89.99 12.41 -50.59
N GLY E 766 -88.85 11.78 -50.87
CA GLY E 766 -88.08 12.11 -52.06
C GLY E 766 -87.27 13.39 -51.94
N LYS E 767 -87.20 13.99 -50.77
CA LYS E 767 -86.52 15.26 -50.59
C LYS E 767 -85.27 15.07 -49.74
N VAL E 768 -84.22 15.79 -50.09
CA VAL E 768 -82.87 15.54 -49.60
C VAL E 768 -82.45 16.63 -48.63
N ASN E 769 -81.73 16.23 -47.58
CA ASN E 769 -81.19 17.14 -46.57
C ASN E 769 -82.29 17.91 -45.85
N GLY E 770 -83.55 17.54 -46.10
CA GLY E 770 -84.65 18.31 -45.58
C GLY E 770 -85.06 19.37 -46.57
N ASP E 771 -86.29 19.26 -47.07
CA ASP E 771 -86.99 20.28 -47.87
C ASP E 771 -86.32 20.60 -49.20
N THR E 772 -85.28 19.87 -49.61
CA THR E 772 -84.64 20.08 -50.90
C THR E 772 -85.05 18.94 -51.83
N ALA E 773 -85.78 19.26 -52.88
CA ALA E 773 -86.29 18.25 -53.79
C ALA E 773 -85.22 17.85 -54.80
N LEU E 774 -85.20 16.56 -55.13
CA LEU E 774 -84.22 16.05 -56.08
C LEU E 774 -84.61 16.43 -57.51
N PRO E 775 -83.64 16.66 -58.37
CA PRO E 775 -83.92 16.73 -59.81
C PRO E 775 -84.22 15.35 -60.36
N ALA E 776 -84.93 15.33 -61.48
CA ALA E 776 -85.31 14.07 -62.10
C ALA E 776 -84.08 13.35 -62.63
N GLY E 777 -84.06 12.04 -62.46
CA GLY E 777 -82.94 11.25 -62.91
C GLY E 777 -82.92 9.89 -62.23
N GLU E 778 -81.74 9.28 -62.24
CA GLU E 778 -81.52 7.95 -61.70
C GLU E 778 -80.58 8.05 -60.50
N TYR E 779 -80.95 7.39 -59.40
CA TYR E 779 -80.25 7.57 -58.14
C TYR E 779 -80.00 6.24 -57.46
N TYR E 780 -78.96 6.24 -56.63
CA TYR E 780 -78.63 5.12 -55.76
C TYR E 780 -78.81 5.58 -54.32
N MET E 781 -79.06 4.64 -53.42
CA MET E 781 -79.15 4.96 -52.01
C MET E 781 -78.22 4.06 -51.20
N LEU E 782 -77.53 4.67 -50.26
CA LEU E 782 -76.60 3.99 -49.37
C LEU E 782 -77.18 3.99 -47.97
N ALA E 783 -77.24 2.82 -47.36
CA ALA E 783 -77.66 2.67 -45.98
C ALA E 783 -76.41 2.49 -45.12
N TYR E 784 -76.25 3.35 -44.13
CA TYR E 784 -75.14 3.29 -43.19
C TYR E 784 -75.72 3.03 -41.82
N ALA E 785 -75.42 1.88 -41.26
CA ALA E 785 -75.92 1.50 -39.94
C ALA E 785 -74.76 1.33 -38.98
N ALA E 786 -74.87 1.95 -37.82
CA ALA E 786 -73.87 1.86 -36.77
C ALA E 786 -74.52 1.26 -35.54
N ASN E 787 -73.89 0.23 -34.99
CA ASN E 787 -74.43 -0.50 -33.85
C ASN E 787 -73.28 -1.12 -33.07
N LYS E 788 -73.34 -0.97 -31.76
CA LYS E 788 -72.44 -1.68 -30.83
C LYS E 788 -70.98 -1.55 -31.24
N GLY E 789 -70.60 -0.34 -31.63
CA GLY E 789 -69.21 -0.05 -31.88
C GLY E 789 -68.69 -0.46 -33.23
N LYS E 790 -69.55 -0.83 -34.17
CA LYS E 790 -69.11 -1.05 -35.54
C LYS E 790 -70.17 -0.54 -36.49
N SER E 791 -69.73 -0.11 -37.67
CA SER E 791 -70.63 0.42 -38.66
C SER E 791 -70.44 -0.30 -39.97
N SER E 792 -71.53 -0.42 -40.72
CA SER E 792 -71.53 -1.09 -42.01
C SER E 792 -72.38 -0.27 -42.95
N GLN E 793 -72.20 -0.51 -44.25
CA GLN E 793 -72.95 0.21 -45.26
C GLN E 793 -73.27 -0.73 -46.40
N VAL E 794 -74.34 -0.43 -47.10
CA VAL E 794 -74.77 -1.22 -48.24
C VAL E 794 -75.42 -0.30 -49.26
N LEU E 795 -75.10 -0.51 -50.53
CA LEU E 795 -75.59 0.33 -51.61
C LEU E 795 -76.67 -0.42 -52.40
N THR E 796 -77.69 0.32 -52.81
CA THR E 796 -78.78 -0.26 -53.60
C THR E 796 -78.29 -0.47 -55.02
N GLU E 797 -78.21 -1.73 -55.45
CA GLU E 797 -78.11 -2.00 -56.87
C GLU E 797 -79.47 -1.75 -57.51
N LYS E 798 -79.48 -1.72 -58.85
CA LYS E 798 -80.71 -1.42 -59.59
C LYS E 798 -81.23 -0.05 -59.17
N PRO E 799 -80.59 1.03 -59.62
CA PRO E 799 -80.94 2.37 -59.13
C PRO E 799 -82.41 2.71 -59.33
N PHE E 800 -82.97 3.45 -58.39
CA PHE E 800 -84.34 3.91 -58.47
C PHE E 800 -84.41 5.24 -59.19
N ILE E 801 -85.59 5.55 -59.72
CA ILE E 801 -85.79 6.67 -60.63
C ILE E 801 -86.64 7.73 -59.93
N ILE E 802 -86.23 8.98 -60.04
CA ILE E 802 -87.01 10.10 -59.53
C ILE E 802 -87.92 10.65 -60.63
N MET F 158 21.62 14.60 -57.23
CA MET F 158 21.12 13.29 -56.85
C MET F 158 21.96 12.18 -57.43
N ASP F 159 22.83 12.55 -58.38
CA ASP F 159 23.74 11.60 -58.99
C ASP F 159 25.12 11.60 -58.36
N ASP F 160 25.39 12.51 -57.43
CA ASP F 160 26.66 12.58 -56.73
C ASP F 160 26.54 12.49 -55.22
N SER F 161 25.44 12.99 -54.65
CA SER F 161 25.25 12.92 -53.21
C SER F 161 24.91 11.52 -52.73
N ALA F 162 24.04 10.83 -53.47
CA ALA F 162 23.69 9.45 -53.09
C ALA F 162 24.90 8.51 -53.11
N PRO F 163 25.77 8.53 -54.12
CA PRO F 163 27.01 7.75 -53.98
C PRO F 163 27.83 8.15 -52.77
N TYR F 164 27.83 9.44 -52.42
CA TYR F 164 28.66 9.90 -51.32
C TYR F 164 28.17 9.35 -49.98
N ILE F 165 26.85 9.42 -49.73
CA ILE F 165 26.35 8.91 -48.47
C ILE F 165 26.34 7.40 -48.42
N GLY F 166 26.45 6.74 -49.57
CA GLY F 166 26.55 5.29 -49.59
C GLY F 166 25.27 4.62 -50.06
N ALA F 167 24.48 5.31 -50.87
CA ALA F 167 23.20 4.76 -51.31
C ALA F 167 23.41 3.60 -52.29
N ASN F 168 24.28 3.78 -53.27
CA ASN F 168 24.49 2.74 -54.28
C ASN F 168 25.01 1.46 -53.65
N ASP F 169 25.96 1.58 -52.71
CA ASP F 169 26.50 0.40 -52.06
C ASP F 169 25.40 -0.36 -51.33
N ALA F 170 24.48 0.36 -50.70
CA ALA F 170 23.34 -0.30 -50.07
C ALA F 170 22.44 -0.95 -51.10
N TRP F 171 22.28 -0.32 -52.27
CA TRP F 171 21.45 -0.91 -53.32
C TRP F 171 22.02 -2.25 -53.78
N LYS F 172 23.33 -2.31 -54.00
CA LYS F 172 23.92 -3.57 -54.43
C LYS F 172 23.83 -4.65 -53.36
N LEU F 173 23.55 -4.29 -52.11
CA LEU F 173 23.23 -5.27 -51.08
C LEU F 173 21.75 -5.63 -51.07
N GLY F 174 20.95 -5.02 -51.94
CA GLY F 174 19.54 -5.28 -52.03
C GLY F 174 18.67 -4.33 -51.22
N TYR F 175 19.27 -3.51 -50.36
CA TYR F 175 18.52 -2.61 -49.50
C TYR F 175 18.21 -1.34 -50.28
N THR F 176 16.98 -1.23 -50.77
CA THR F 176 16.54 -0.07 -51.51
C THR F 176 15.32 0.60 -50.89
N GLY F 177 14.88 0.17 -49.71
CA GLY F 177 13.73 0.75 -49.08
C GLY F 177 12.41 0.10 -49.42
N LYS F 178 12.42 -1.06 -50.06
CA LYS F 178 11.18 -1.72 -50.45
C LYS F 178 10.33 -2.05 -49.23
N GLY F 179 9.05 -1.72 -49.30
CA GLY F 179 8.11 -1.97 -48.25
C GLY F 179 8.01 -0.86 -47.23
N VAL F 180 9.00 0.02 -47.20
CA VAL F 180 8.98 1.15 -46.27
C VAL F 180 8.15 2.27 -46.87
N LYS F 181 7.38 2.94 -46.02
CA LYS F 181 6.45 3.97 -46.45
C LYS F 181 6.95 5.31 -45.92
N VAL F 182 7.16 6.26 -46.81
CA VAL F 182 7.70 7.58 -46.45
C VAL F 182 6.65 8.64 -46.75
N ALA F 183 6.39 9.48 -45.77
CA ALA F 183 5.46 10.59 -45.89
C ALA F 183 6.24 11.88 -46.06
N ILE F 184 5.76 12.74 -46.94
CA ILE F 184 6.43 13.99 -47.28
C ILE F 184 5.48 15.12 -46.93
N ILE F 185 5.66 15.74 -45.76
CA ILE F 185 4.79 16.84 -45.37
C ILE F 185 5.43 18.14 -45.85
N ASP F 186 5.03 18.56 -47.05
CA ASP F 186 5.54 19.75 -47.70
C ASP F 186 4.40 20.37 -48.50
N THR F 187 4.74 21.21 -49.46
CA THR F 187 3.76 21.90 -50.29
C THR F 187 3.02 21.00 -51.24
N GLY F 188 3.15 19.69 -51.12
CA GLY F 188 2.52 18.74 -52.02
C GLY F 188 3.51 18.20 -53.04
N VAL F 189 3.12 17.08 -53.64
CA VAL F 189 3.99 16.36 -54.56
C VAL F 189 3.25 16.16 -55.87
N GLU F 190 3.93 16.45 -56.98
CA GLU F 190 3.41 16.15 -58.30
C GLU F 190 3.60 14.66 -58.54
N TYR F 191 2.59 13.87 -58.18
CA TYR F 191 2.68 12.42 -58.31
C TYR F 191 2.36 11.94 -59.71
N LYS F 192 2.92 12.59 -60.72
CA LYS F 192 2.79 12.16 -62.09
C LYS F 192 4.10 12.28 -62.83
N HIS F 193 5.13 12.80 -62.17
CA HIS F 193 6.46 12.79 -62.73
C HIS F 193 6.85 11.34 -63.04
N PRO F 194 7.35 11.05 -64.23
CA PRO F 194 7.67 9.65 -64.55
C PRO F 194 8.63 9.01 -63.58
N ASP F 195 9.49 9.80 -62.93
CA ASP F 195 10.40 9.26 -61.92
C ASP F 195 9.71 8.96 -60.61
N LEU F 196 8.53 9.54 -60.36
CA LEU F 196 7.81 9.34 -59.12
C LEU F 196 6.53 8.53 -59.30
N LYS F 197 6.16 8.18 -60.53
CA LYS F 197 4.85 7.60 -60.78
C LYS F 197 4.69 6.26 -60.07
N LYS F 198 5.69 5.39 -60.16
CA LYS F 198 5.55 4.04 -59.65
C LYS F 198 5.84 3.92 -58.16
N ASN F 199 6.40 4.96 -57.55
CA ASN F 199 6.62 4.93 -56.11
C ASN F 199 5.39 5.32 -55.31
N PHE F 200 4.39 5.91 -55.96
CA PHE F 200 3.16 6.26 -55.28
C PHE F 200 2.17 5.12 -55.38
N GLY F 201 1.56 4.77 -54.26
CA GLY F 201 0.56 3.72 -54.26
C GLY F 201 -0.76 4.20 -54.80
N GLN F 202 -1.84 3.49 -54.48
CA GLN F 202 -3.16 3.91 -54.95
C GLN F 202 -3.56 5.20 -54.26
N TYR F 203 -3.50 5.21 -52.94
CA TYR F 203 -3.83 6.40 -52.16
C TYR F 203 -2.60 7.28 -52.05
N LYS F 204 -2.66 8.47 -52.63
CA LYS F 204 -1.49 9.32 -52.74
C LYS F 204 -1.24 10.16 -51.51
N GLY F 205 -2.27 10.50 -50.77
CA GLY F 205 -2.10 11.32 -49.58
C GLY F 205 -3.30 12.21 -49.40
N TYR F 206 -3.05 13.34 -48.73
CA TYR F 206 -4.11 14.27 -48.41
C TYR F 206 -3.63 15.70 -48.61
N ASP F 207 -4.59 16.60 -48.82
CA ASP F 207 -4.32 17.99 -49.13
C ASP F 207 -5.06 18.83 -48.09
N PHE F 208 -4.34 19.23 -47.03
CA PHE F 208 -4.98 19.92 -45.92
C PHE F 208 -5.32 21.37 -46.21
N VAL F 209 -4.58 22.03 -47.11
CA VAL F 209 -4.91 23.41 -47.44
C VAL F 209 -6.12 23.51 -48.36
N ASP F 210 -6.57 22.39 -48.92
CA ASP F 210 -7.73 22.38 -49.80
C ASP F 210 -8.77 21.34 -49.39
N ASN F 211 -8.43 20.40 -48.51
CA ASN F 211 -9.36 19.40 -48.01
C ASN F 211 -9.89 18.52 -49.13
N ASP F 212 -8.98 18.00 -49.94
CA ASP F 212 -9.31 17.01 -50.95
C ASP F 212 -8.18 15.99 -50.99
N TYR F 213 -8.43 14.89 -51.70
CA TYR F 213 -7.48 13.79 -51.78
C TYR F 213 -6.54 13.91 -52.96
N ASP F 214 -6.26 15.14 -53.40
CA ASP F 214 -5.39 15.42 -54.53
C ASP F 214 -4.27 16.34 -54.05
N PRO F 215 -3.18 15.77 -53.54
CA PRO F 215 -2.07 16.58 -53.01
C PRO F 215 -1.14 17.11 -54.09
N GLU F 216 -1.72 17.65 -55.15
CA GLU F 216 -0.92 18.26 -56.21
C GLU F 216 -0.30 19.56 -55.73
N GLU F 217 0.80 19.93 -56.34
CA GLU F 217 1.43 21.20 -56.00
C GLU F 217 0.55 22.36 -56.41
N THR F 218 0.89 23.53 -55.90
CA THR F 218 0.12 24.73 -56.23
C THR F 218 0.30 25.08 -57.70
N PRO F 219 -0.75 25.18 -58.47
CA PRO F 219 -0.59 25.47 -59.91
C PRO F 219 -0.12 26.90 -60.13
N SER F 220 0.30 27.21 -61.35
CA SER F 220 0.64 28.58 -61.69
C SER F 220 -0.63 29.41 -61.84
N GLY F 221 -0.58 30.65 -61.38
CA GLY F 221 -1.73 31.53 -61.44
C GLY F 221 -2.77 31.20 -60.39
N ASP F 222 -2.35 31.24 -59.12
CA ASP F 222 -3.25 31.01 -57.99
C ASP F 222 -3.43 32.32 -57.25
N PRO F 223 -4.66 32.78 -57.05
CA PRO F 223 -4.86 34.07 -56.34
C PRO F 223 -4.24 34.11 -54.96
N ARG F 224 -4.20 33.00 -54.24
CA ARG F 224 -3.73 33.01 -52.86
C ARG F 224 -2.22 33.04 -52.74
N GLY F 225 -1.48 32.76 -53.81
CA GLY F 225 -0.03 32.76 -53.72
C GLY F 225 0.66 32.41 -55.01
N ALA F 226 1.84 31.79 -54.91
CA ALA F 226 2.65 31.44 -56.06
C ALA F 226 2.79 29.93 -56.16
N SER F 227 3.09 29.46 -57.37
CA SER F 227 3.26 28.04 -57.59
C SER F 227 4.46 27.52 -56.82
N THR F 228 4.40 26.25 -56.43
CA THR F 228 5.41 25.64 -55.60
C THR F 228 5.97 24.40 -56.26
N ASP F 229 7.23 24.10 -55.94
CA ASP F 229 7.88 22.89 -56.42
C ASP F 229 8.75 22.23 -55.35
N HIS F 230 8.64 22.67 -54.10
CA HIS F 230 9.51 22.15 -53.05
C HIS F 230 9.22 20.69 -52.76
N GLY F 231 7.94 20.33 -52.65
CA GLY F 231 7.59 18.98 -52.26
C GLY F 231 7.99 17.94 -53.29
N THR F 232 7.82 18.25 -54.58
CA THR F 232 8.21 17.31 -55.61
C THR F 232 9.72 17.10 -55.61
N HIS F 233 10.48 18.18 -55.39
CA HIS F 233 11.93 18.05 -55.32
C HIS F 233 12.33 17.17 -54.14
N VAL F 234 11.68 17.38 -52.99
CA VAL F 234 11.99 16.57 -51.82
C VAL F 234 11.67 15.11 -52.07
N ALA F 235 10.50 14.84 -52.66
CA ALA F 235 10.11 13.46 -52.93
C ALA F 235 11.04 12.79 -53.93
N GLY F 236 11.49 13.53 -54.96
CA GLY F 236 12.47 12.96 -55.86
C GLY F 236 13.78 12.66 -55.18
N THR F 237 14.20 13.53 -54.26
CA THR F 237 15.42 13.24 -53.51
C THR F 237 15.28 11.98 -52.68
N VAL F 238 14.12 11.80 -52.03
CA VAL F 238 13.93 10.63 -51.18
C VAL F 238 13.90 9.36 -52.01
N ALA F 239 12.93 9.25 -52.90
CA ALA F 239 12.70 7.99 -53.62
C ALA F 239 12.20 8.32 -55.02
N ALA F 240 13.12 8.41 -55.97
CA ALA F 240 12.79 8.60 -57.37
C ALA F 240 13.45 7.48 -58.15
N ASN F 241 12.67 6.77 -58.95
CA ASN F 241 13.17 5.66 -59.75
C ASN F 241 13.06 6.05 -61.22
N GLY F 242 14.20 6.03 -61.92
CA GLY F 242 14.20 6.38 -63.32
C GLY F 242 15.48 7.07 -63.74
N THR F 243 15.35 8.21 -64.42
CA THR F 243 16.51 8.97 -64.84
C THR F 243 17.34 9.42 -63.64
N ILE F 244 16.67 9.93 -62.60
CA ILE F 244 17.29 10.27 -61.34
C ILE F 244 16.90 9.21 -60.33
N LYS F 245 17.88 8.72 -59.57
CA LYS F 245 17.64 7.69 -58.57
C LYS F 245 17.75 8.31 -57.18
N GLY F 246 16.66 8.26 -56.43
CA GLY F 246 16.66 8.77 -55.08
C GLY F 246 17.44 7.87 -54.15
N VAL F 247 17.50 8.28 -52.88
CA VAL F 247 18.30 7.55 -51.91
C VAL F 247 17.72 6.15 -51.69
N ALA F 248 16.39 6.03 -51.69
CA ALA F 248 15.72 4.77 -51.46
C ALA F 248 14.71 4.53 -52.57
N PRO F 249 15.17 4.20 -53.77
CA PRO F 249 14.28 4.22 -54.92
C PRO F 249 13.38 3.00 -55.00
N ASP F 250 12.81 2.60 -53.87
CA ASP F 250 11.80 1.55 -53.86
C ASP F 250 10.74 1.80 -52.80
N ALA F 251 10.82 2.89 -52.07
CA ALA F 251 9.91 3.16 -50.97
C ALA F 251 8.61 3.74 -51.49
N THR F 252 7.51 3.36 -50.84
CA THR F 252 6.22 3.96 -51.13
C THR F 252 6.19 5.38 -50.58
N LEU F 253 5.47 6.24 -51.27
CA LEU F 253 5.42 7.65 -50.91
C LEU F 253 4.00 8.07 -50.60
N LEU F 254 3.86 8.99 -49.65
CA LEU F 254 2.59 9.64 -49.36
C LEU F 254 2.82 11.13 -49.33
N ALA F 255 1.94 11.89 -49.98
CA ALA F 255 2.06 13.33 -50.04
C ALA F 255 1.01 13.98 -49.16
N TYR F 256 1.43 14.97 -48.40
CA TYR F 256 0.53 15.70 -47.50
C TYR F 256 0.75 17.18 -47.72
N ARG F 257 -0.15 17.80 -48.45
CA ARG F 257 -0.06 19.22 -48.75
C ARG F 257 -0.55 20.00 -47.55
N VAL F 258 0.39 20.48 -46.72
CA VAL F 258 0.05 21.31 -45.58
C VAL F 258 0.47 22.75 -45.77
N LEU F 259 1.41 23.04 -46.66
CA LEU F 259 1.84 24.40 -46.93
C LEU F 259 1.10 24.89 -48.17
N GLY F 260 0.36 25.98 -48.02
CA GLY F 260 -0.45 26.49 -49.09
C GLY F 260 0.39 27.18 -50.14
N PRO F 261 -0.28 27.89 -51.04
CA PRO F 261 0.46 28.65 -52.06
C PRO F 261 1.39 29.67 -51.42
N GLY F 262 2.58 29.81 -51.99
CA GLY F 262 3.60 30.67 -51.46
C GLY F 262 4.52 30.00 -50.47
N GLY F 263 4.22 28.78 -50.06
CA GLY F 263 5.04 28.06 -49.12
C GLY F 263 4.74 28.30 -47.66
N SER F 264 3.64 28.97 -47.35
CA SER F 264 3.28 29.29 -45.98
C SER F 264 2.11 28.42 -45.53
N GLY F 265 2.18 27.92 -44.31
CA GLY F 265 1.13 27.07 -43.79
C GLY F 265 0.91 27.22 -42.30
N THR F 266 -0.33 27.06 -41.87
CA THR F 266 -0.65 27.18 -40.45
C THR F 266 -0.04 26.03 -39.67
N THR F 267 0.26 26.29 -38.40
CA THR F 267 0.79 25.25 -37.52
C THR F 267 -0.21 24.11 -37.36
N GLU F 268 -1.49 24.43 -37.27
CA GLU F 268 -2.51 23.40 -37.14
C GLU F 268 -2.53 22.46 -38.33
N ASN F 269 -2.34 22.98 -39.54
CA ASN F 269 -2.24 22.11 -40.70
C ASN F 269 -1.04 21.19 -40.64
N VAL F 270 0.10 21.67 -40.15
CA VAL F 270 1.27 20.81 -40.04
C VAL F 270 1.04 19.72 -39.00
N ILE F 271 0.41 20.06 -37.88
CA ILE F 271 0.11 19.05 -36.88
C ILE F 271 -0.85 18.02 -37.45
N ALA F 272 -1.86 18.48 -38.18
CA ALA F 272 -2.80 17.55 -38.80
C ALA F 272 -2.10 16.65 -39.80
N GLY F 273 -1.16 17.19 -40.57
CA GLY F 273 -0.40 16.39 -41.51
C GLY F 273 0.42 15.34 -40.82
N ILE F 274 1.08 15.71 -39.72
CA ILE F 274 1.88 14.73 -38.99
C ILE F 274 1.00 13.62 -38.45
N GLU F 275 -0.12 13.98 -37.82
CA GLU F 275 -1.01 12.97 -37.27
C GLU F 275 -1.61 12.08 -38.34
N ARG F 276 -1.99 12.64 -39.49
CA ARG F 276 -2.53 11.83 -40.57
C ARG F 276 -1.47 10.93 -41.18
N ALA F 277 -0.22 11.39 -41.23
CA ALA F 277 0.85 10.52 -41.69
C ALA F 277 1.07 9.37 -40.74
N VAL F 278 0.92 9.61 -39.43
CA VAL F 278 1.00 8.50 -38.49
C VAL F 278 -0.19 7.54 -38.68
N GLN F 279 -1.37 8.09 -38.97
CA GLN F 279 -2.53 7.25 -39.27
C GLN F 279 -2.24 6.32 -40.45
N ASP F 280 -1.73 6.87 -41.54
CA ASP F 280 -1.61 6.14 -42.78
C ASP F 280 -0.49 5.12 -42.77
N GLY F 281 0.10 4.85 -41.62
CA GLY F 281 1.10 3.82 -41.52
C GLY F 281 2.46 4.18 -42.05
N ALA F 282 2.74 5.46 -42.25
CA ALA F 282 4.05 5.87 -42.71
C ALA F 282 5.12 5.45 -41.72
N ASP F 283 6.18 4.82 -42.22
CA ASP F 283 7.28 4.43 -41.37
C ASP F 283 8.32 5.52 -41.21
N VAL F 284 8.51 6.34 -42.24
CA VAL F 284 9.45 7.46 -42.17
C VAL F 284 8.69 8.72 -42.53
N MET F 285 9.02 9.81 -41.87
CA MET F 285 8.32 11.08 -42.04
C MET F 285 9.34 12.15 -42.37
N ASN F 286 9.02 13.03 -43.31
CA ASN F 286 9.95 14.07 -43.72
C ASN F 286 9.29 15.43 -43.62
N LEU F 287 9.93 16.31 -42.85
CA LEU F 287 9.48 17.69 -42.68
C LEU F 287 10.58 18.63 -43.10
N SER F 288 10.44 19.20 -44.29
CA SER F 288 11.35 20.22 -44.81
C SER F 288 10.78 21.62 -44.64
N LEU F 289 9.89 21.79 -43.68
CA LEU F 289 9.34 23.09 -43.33
C LEU F 289 9.91 23.53 -41.99
N GLY F 290 9.46 24.69 -41.52
CA GLY F 290 9.86 25.15 -40.22
C GLY F 290 9.96 26.65 -40.09
N ASN F 291 9.58 27.18 -38.94
CA ASN F 291 9.74 28.60 -38.66
C ASN F 291 11.10 28.81 -38.00
N SER F 292 11.34 29.98 -37.44
CA SER F 292 12.64 30.31 -36.86
C SER F 292 12.51 30.69 -35.40
N VAL F 293 11.76 29.90 -34.64
CA VAL F 293 11.63 30.09 -33.20
C VAL F 293 12.39 28.97 -32.51
N ASN F 294 13.46 29.32 -31.80
CA ASN F 294 14.28 28.35 -31.10
C ASN F 294 13.58 27.96 -29.79
N ASN F 295 12.51 27.19 -29.94
CA ASN F 295 11.73 26.72 -28.80
C ASN F 295 11.54 25.22 -28.94
N PRO F 296 12.04 24.41 -27.99
CA PRO F 296 11.86 22.96 -28.10
C PRO F 296 10.44 22.51 -27.87
N ASP F 297 9.58 23.37 -27.33
CA ASP F 297 8.21 23.02 -27.01
C ASP F 297 7.23 23.77 -27.89
N TRP F 298 7.60 23.96 -29.15
CA TRP F 298 6.63 24.45 -30.11
C TRP F 298 5.63 23.33 -30.42
N ALA F 299 4.49 23.73 -30.98
CA ALA F 299 3.45 22.74 -31.27
C ALA F 299 3.93 21.70 -32.27
N THR F 300 4.63 22.13 -33.31
CA THR F 300 5.15 21.20 -34.29
C THR F 300 6.22 20.28 -33.73
N SER F 301 6.97 20.73 -32.73
CA SER F 301 7.93 19.87 -32.06
C SER F 301 7.29 18.87 -31.13
N THR F 302 6.24 19.28 -30.42
CA THR F 302 5.49 18.32 -29.60
C THR F 302 4.83 17.27 -30.48
N ALA F 303 4.26 17.67 -31.62
CA ALA F 303 3.69 16.70 -32.53
C ALA F 303 4.74 15.75 -33.07
N LEU F 304 5.95 16.24 -33.32
CA LEU F 304 7.02 15.38 -33.81
C LEU F 304 7.53 14.43 -32.75
N ASP F 305 7.49 14.84 -31.48
CA ASP F 305 7.81 13.92 -30.38
C ASP F 305 6.69 12.95 -30.08
N TRP F 306 5.45 13.25 -30.50
CA TRP F 306 4.39 12.26 -30.37
C TRP F 306 4.64 11.09 -31.30
N ALA F 307 4.91 11.37 -32.57
CA ALA F 307 5.57 10.39 -33.40
C ALA F 307 6.99 10.18 -32.87
N MET F 308 7.70 9.20 -33.43
CA MET F 308 8.97 8.72 -32.89
C MET F 308 8.70 8.02 -31.57
N SER F 309 7.45 8.08 -31.10
CA SER F 309 6.96 7.21 -30.05
C SER F 309 5.81 6.35 -30.50
N GLU F 310 5.10 6.73 -31.56
CA GLU F 310 4.20 5.82 -32.26
C GLU F 310 4.93 5.15 -33.42
N GLY F 311 6.15 4.69 -33.14
CA GLY F 311 6.93 3.91 -34.10
C GLY F 311 7.18 4.54 -35.45
N VAL F 312 7.24 5.86 -35.55
CA VAL F 312 7.45 6.53 -36.82
C VAL F 312 8.68 7.42 -36.73
N THR F 313 9.71 7.08 -37.50
CA THR F 313 10.91 7.91 -37.56
C THR F 313 10.57 9.26 -38.18
N ALA F 314 11.09 10.33 -37.61
CA ALA F 314 10.78 11.69 -38.05
C ALA F 314 12.07 12.43 -38.35
N VAL F 315 12.26 12.78 -39.61
CA VAL F 315 13.43 13.51 -40.07
C VAL F 315 12.99 14.91 -40.48
N THR F 316 13.69 15.91 -39.98
CA THR F 316 13.31 17.29 -40.23
C THR F 316 14.55 18.11 -40.55
N SER F 317 14.32 19.19 -41.28
CA SER F 317 15.40 20.11 -41.58
C SER F 317 15.74 20.94 -40.35
N ASN F 318 17.01 21.34 -40.26
CA ASN F 318 17.44 22.20 -39.18
C ASN F 318 17.00 23.65 -39.35
N GLY F 319 16.75 24.08 -40.57
CA GLY F 319 16.43 25.46 -40.85
C GLY F 319 17.51 26.14 -41.66
N ASN F 320 17.15 27.29 -42.23
CA ASN F 320 18.01 28.03 -43.15
C ASN F 320 18.34 29.38 -42.51
N SER F 321 19.37 29.41 -41.69
CA SER F 321 19.84 30.64 -41.09
C SER F 321 21.35 30.66 -41.12
N GLY F 322 21.91 31.86 -41.28
CA GLY F 322 23.33 32.03 -41.49
C GLY F 322 24.16 31.44 -40.38
N PRO F 323 25.47 31.51 -40.51
CA PRO F 323 26.32 30.87 -39.51
C PRO F 323 26.23 31.61 -38.19
N ASN F 324 25.46 31.05 -37.27
CA ASN F 324 25.16 31.71 -36.02
C ASN F 324 24.53 30.72 -35.08
N ASN F 325 25.04 30.63 -33.85
CA ASN F 325 24.48 29.68 -32.90
C ASN F 325 23.08 30.13 -32.49
N TRP F 326 22.30 29.19 -31.99
CA TRP F 326 20.97 29.44 -31.45
C TRP F 326 19.99 29.88 -32.52
N THR F 327 20.14 29.39 -33.76
CA THR F 327 19.25 29.77 -34.84
C THR F 327 18.46 28.59 -35.40
N VAL F 328 18.40 27.49 -34.67
CA VAL F 328 17.71 26.30 -35.17
C VAL F 328 16.21 26.53 -35.13
N GLY F 329 15.50 26.00 -36.14
CA GLY F 329 14.09 26.25 -36.30
C GLY F 329 13.21 25.47 -35.34
N SER F 330 11.90 25.67 -35.48
CA SER F 330 10.97 25.16 -34.47
C SER F 330 10.79 23.66 -34.54
N PRO F 331 10.36 23.06 -35.66
CA PRO F 331 10.24 21.60 -35.69
C PRO F 331 11.57 20.90 -35.54
N GLY F 332 12.66 21.57 -35.88
CA GLY F 332 13.98 20.98 -35.78
C GLY F 332 14.58 21.14 -34.40
N THR F 333 13.79 21.61 -33.44
CA THR F 333 14.22 21.66 -32.04
C THR F 333 13.62 20.56 -31.21
N SER F 334 12.88 19.65 -31.83
CA SER F 334 12.22 18.59 -31.09
C SER F 334 13.26 17.67 -30.45
N ARG F 335 12.92 17.17 -29.27
CA ARG F 335 13.86 16.35 -28.52
C ARG F 335 14.10 15.00 -29.18
N GLU F 336 13.09 14.43 -29.83
CA GLU F 336 13.20 13.11 -30.46
C GLU F 336 12.83 13.25 -31.92
N ALA F 337 13.81 13.63 -32.74
CA ALA F 337 13.65 13.69 -34.18
C ALA F 337 15.02 13.97 -34.78
N ILE F 338 15.29 13.36 -35.93
CA ILE F 338 16.58 13.55 -36.57
C ILE F 338 16.55 14.88 -37.31
N SER F 339 17.28 15.87 -36.80
CA SER F 339 17.41 17.16 -37.47
C SER F 339 18.67 17.14 -38.31
N VAL F 340 18.56 17.62 -39.54
CA VAL F 340 19.62 17.48 -40.53
C VAL F 340 20.11 18.86 -40.93
N GLY F 341 21.43 19.03 -40.92
CA GLY F 341 22.06 20.19 -41.49
C GLY F 341 22.58 19.90 -42.89
N ALA F 342 22.99 20.96 -43.58
CA ALA F 342 23.37 20.89 -44.98
C ALA F 342 24.87 20.98 -45.13
N THR F 343 25.42 20.17 -46.05
CA THR F 343 26.84 20.16 -46.34
C THR F 343 27.08 20.35 -47.83
N GLN F 344 28.27 20.81 -48.16
CA GLN F 344 28.72 20.91 -49.54
C GLN F 344 29.60 19.71 -49.87
N LEU F 345 29.33 19.10 -51.01
CA LEU F 345 30.13 17.95 -51.42
C LEU F 345 31.56 18.40 -51.74
N PRO F 346 32.53 17.51 -51.61
CA PRO F 346 33.93 17.90 -51.87
C PRO F 346 34.10 18.37 -53.30
N LEU F 347 34.48 19.64 -53.44
CA LEU F 347 34.68 20.26 -54.75
C LEU F 347 36.13 20.71 -54.90
N ASN F 348 36.57 20.77 -56.15
CA ASN F 348 37.95 21.10 -56.45
C ASN F 348 38.10 22.61 -56.69
N LYS F 477 43.05 24.11 -54.98
CA LYS F 477 42.94 23.54 -53.64
C LYS F 477 41.63 22.80 -53.46
N SER F 478 41.66 21.49 -53.69
CA SER F 478 40.49 20.66 -53.48
C SER F 478 40.10 20.61 -52.01
N LEU F 479 38.82 20.80 -51.74
CA LEU F 479 38.29 20.80 -50.38
C LEU F 479 37.54 19.51 -50.10
N THR F 480 37.51 19.14 -48.83
CA THR F 480 36.70 18.03 -48.38
C THR F 480 35.27 18.49 -48.16
N GLU F 481 34.45 17.67 -47.54
CA GLU F 481 33.08 18.07 -47.26
C GLU F 481 33.06 19.24 -46.28
N GLN F 482 32.13 20.15 -46.50
CA GLN F 482 32.07 21.38 -45.70
C GLN F 482 30.62 21.73 -45.45
N MET F 483 30.34 22.22 -44.25
CA MET F 483 28.97 22.63 -43.96
C MET F 483 28.66 23.93 -44.67
N ALA F 484 27.47 24.00 -45.27
CA ALA F 484 27.01 25.24 -45.86
C ALA F 484 26.79 26.30 -44.79
N ASP F 485 26.92 27.56 -45.20
CA ASP F 485 26.85 28.66 -44.26
C ASP F 485 25.43 29.17 -44.07
N PHE F 486 24.43 28.44 -44.53
CA PHE F 486 23.05 28.79 -44.26
C PHE F 486 22.35 27.79 -43.35
N SER F 487 23.03 26.72 -42.95
CA SER F 487 22.42 25.78 -42.02
C SER F 487 22.25 26.43 -40.66
N SER F 488 21.07 26.26 -40.08
CA SER F 488 20.86 26.74 -38.73
C SER F 488 21.72 25.94 -37.76
N ARG F 489 22.10 26.59 -36.67
CA ARG F 489 23.01 25.99 -35.71
C ARG F 489 22.39 26.01 -34.33
N GLY F 490 22.70 25.00 -33.54
CA GLY F 490 22.19 24.91 -32.19
C GLY F 490 22.96 25.81 -31.26
N PRO F 491 22.82 25.59 -29.96
CA PRO F 491 21.99 24.58 -29.29
C PRO F 491 20.53 24.98 -29.23
N VAL F 492 19.68 24.09 -28.75
CA VAL F 492 18.29 24.44 -28.52
C VAL F 492 18.15 25.20 -27.21
N MET F 493 17.28 26.20 -27.19
CA MET F 493 17.04 26.96 -25.98
C MET F 493 16.30 26.10 -24.97
N ASP F 494 16.58 26.32 -23.69
CA ASP F 494 15.84 25.74 -22.58
C ASP F 494 16.11 24.26 -22.42
N THR F 495 16.79 23.64 -23.37
CA THR F 495 17.26 22.27 -23.23
C THR F 495 18.72 22.11 -23.56
N TRP F 496 19.34 23.08 -24.25
CA TRP F 496 20.77 23.07 -24.53
C TRP F 496 21.18 21.83 -25.30
N MET F 497 20.25 21.25 -26.05
CA MET F 497 20.52 20.06 -26.82
C MET F 497 21.34 20.40 -28.05
N ILE F 498 22.22 19.49 -28.44
CA ILE F 498 23.07 19.72 -29.61
C ILE F 498 22.24 19.50 -30.87
N LYS F 499 22.19 20.51 -31.73
CA LYS F 499 21.54 20.39 -33.02
C LYS F 499 22.35 21.13 -34.05
N PRO F 500 22.38 20.67 -35.31
CA PRO F 500 21.61 19.58 -35.92
C PRO F 500 21.99 18.23 -35.37
N ASP F 501 21.17 17.20 -35.53
CA ASP F 501 21.60 15.88 -35.09
C ASP F 501 22.61 15.29 -36.06
N VAL F 502 22.35 15.37 -37.36
CA VAL F 502 23.29 14.87 -38.36
C VAL F 502 23.30 15.85 -39.51
N SER F 503 24.37 15.85 -40.29
CA SER F 503 24.42 16.63 -41.52
C SER F 503 24.40 15.71 -42.74
N ALA F 504 23.98 16.28 -43.86
CA ALA F 504 23.85 15.51 -45.10
C ALA F 504 24.03 16.47 -46.26
N PRO F 505 24.33 15.96 -47.45
CA PRO F 505 24.51 16.84 -48.61
C PRO F 505 23.24 17.62 -48.93
N GLY F 506 23.35 18.93 -48.91
CA GLY F 506 22.19 19.77 -49.15
C GLY F 506 22.46 21.02 -49.96
N VAL F 507 23.52 21.02 -50.75
CA VAL F 507 23.89 22.15 -51.59
C VAL F 507 23.94 21.68 -53.03
N ASN F 508 23.20 22.36 -53.90
CA ASN F 508 23.17 22.06 -55.33
C ASN F 508 22.71 20.62 -55.56
N ILE F 509 21.48 20.34 -55.13
CA ILE F 509 20.87 19.03 -55.30
C ILE F 509 19.90 19.10 -56.46
N VAL F 510 20.11 18.27 -57.47
CA VAL F 510 19.21 18.23 -58.61
C VAL F 510 18.21 17.10 -58.39
N SER F 511 16.95 17.37 -58.69
CA SER F 511 15.90 16.40 -58.46
C SER F 511 14.67 16.80 -59.25
N THR F 512 13.66 15.95 -59.19
CA THR F 512 12.46 16.12 -60.00
C THR F 512 11.67 17.33 -59.56
N ILE F 513 11.24 18.14 -60.52
CA ILE F 513 10.38 19.29 -60.25
C ILE F 513 9.26 19.33 -61.27
N PRO F 514 8.13 19.97 -60.96
CA PRO F 514 7.19 20.34 -62.01
C PRO F 514 7.60 21.66 -62.63
N THR F 515 7.59 21.68 -63.96
CA THR F 515 7.92 22.91 -64.67
C THR F 515 6.76 23.89 -64.72
N HIS F 516 5.57 23.46 -64.30
CA HIS F 516 4.36 24.28 -64.35
C HIS F 516 4.13 24.81 -65.76
N ASP F 517 4.44 23.98 -66.74
CA ASP F 517 4.27 24.29 -68.15
C ASP F 517 3.42 23.19 -68.77
N PRO F 518 2.24 23.50 -69.31
CA PRO F 518 1.42 22.45 -69.93
C PRO F 518 2.12 21.73 -71.07
N ALA F 519 3.06 22.38 -71.75
CA ALA F 519 3.77 21.72 -72.85
C ALA F 519 4.58 20.53 -72.35
N ASP F 520 5.30 20.71 -71.24
CA ASP F 520 6.02 19.61 -70.59
C ASP F 520 6.03 19.88 -69.09
N PRO F 521 5.19 19.18 -68.34
CA PRO F 521 5.00 19.55 -66.93
C PRO F 521 6.07 19.05 -65.99
N TYR F 522 6.91 18.11 -66.42
CA TYR F 522 7.89 17.48 -65.54
C TYR F 522 9.30 17.78 -66.02
N GLY F 523 10.19 18.03 -65.08
CA GLY F 523 11.58 18.27 -65.43
C GLY F 523 12.46 18.08 -64.22
N TYR F 524 13.69 18.55 -64.33
CA TYR F 524 14.65 18.46 -63.24
C TYR F 524 15.19 19.84 -62.91
N GLY F 525 15.44 20.06 -61.62
CA GLY F 525 15.91 21.35 -61.18
C GLY F 525 16.83 21.20 -59.99
N SER F 526 17.71 22.17 -59.85
CA SER F 526 18.72 22.16 -58.79
C SER F 526 18.30 23.17 -57.72
N LYS F 527 18.09 22.67 -56.50
CA LYS F 527 17.76 23.51 -55.37
C LYS F 527 18.76 23.26 -54.26
N GLN F 528 18.85 24.23 -53.37
CA GLN F 528 19.79 24.21 -52.26
C GLN F 528 19.09 24.65 -50.99
N GLY F 529 19.49 24.07 -49.88
CA GLY F 529 18.90 24.43 -48.61
C GLY F 529 18.97 23.29 -47.62
N THR F 530 18.90 23.65 -46.34
CA THR F 530 18.83 22.65 -45.30
C THR F 530 17.58 21.79 -45.46
N SER F 531 16.54 22.35 -46.06
CA SER F 531 15.32 21.59 -46.32
C SER F 531 15.57 20.47 -47.32
N MET F 532 16.67 20.50 -48.05
CA MET F 532 17.00 19.41 -48.95
C MET F 532 18.14 18.54 -48.48
N ALA F 533 18.66 18.77 -47.29
CA ALA F 533 19.53 17.79 -46.66
C ALA F 533 18.73 16.72 -45.94
N SER F 534 17.58 17.08 -45.38
CA SER F 534 16.77 16.10 -44.67
C SER F 534 16.28 14.94 -45.56
N PRO F 535 15.89 15.15 -46.82
CA PRO F 535 15.44 13.99 -47.62
C PRO F 535 16.48 12.90 -47.76
N HIS F 536 17.76 13.26 -47.79
CA HIS F 536 18.79 12.23 -47.81
C HIS F 536 18.71 11.35 -46.57
N VAL F 537 18.54 11.98 -45.41
CA VAL F 537 18.46 11.19 -44.18
C VAL F 537 17.15 10.41 -44.12
N ALA F 538 16.07 10.95 -44.70
CA ALA F 538 14.82 10.19 -44.75
C ALA F 538 14.97 8.95 -45.61
N GLY F 539 15.62 9.09 -46.76
CA GLY F 539 15.90 7.91 -47.58
C GLY F 539 16.82 6.94 -46.88
N ALA F 540 17.82 7.45 -46.16
CA ALA F 540 18.71 6.59 -45.41
C ALA F 540 17.94 5.82 -44.34
N ALA F 541 17.02 6.48 -43.66
CA ALA F 541 16.20 5.82 -42.65
C ALA F 541 15.32 4.76 -43.28
N ALA F 542 14.77 5.03 -44.45
CA ALA F 542 13.97 4.01 -45.13
C ALA F 542 14.83 2.80 -45.48
N VAL F 543 16.03 3.03 -46.01
CA VAL F 543 16.91 1.92 -46.36
C VAL F 543 17.26 1.11 -45.13
N ILE F 544 17.61 1.79 -44.04
CA ILE F 544 17.98 1.09 -42.81
C ILE F 544 16.80 0.30 -42.28
N LYS F 545 15.60 0.89 -42.29
CA LYS F 545 14.43 0.17 -41.81
C LYS F 545 14.14 -1.06 -42.65
N GLN F 546 14.43 -1.01 -43.94
CA GLN F 546 14.36 -2.24 -44.72
C GLN F 546 15.43 -3.23 -44.28
N ALA F 547 16.63 -2.74 -43.99
CA ALA F 547 17.73 -3.63 -43.62
C ALA F 547 17.54 -4.18 -42.21
N LYS F 548 17.16 -3.32 -41.27
CA LYS F 548 16.95 -3.71 -39.88
C LYS F 548 15.48 -3.51 -39.52
N PRO F 549 14.62 -4.50 -39.75
CA PRO F 549 13.18 -4.27 -39.56
C PRO F 549 12.76 -4.20 -38.11
N LYS F 550 13.63 -4.54 -37.16
CA LYS F 550 13.26 -4.56 -35.75
C LYS F 550 13.69 -3.31 -35.01
N TRP F 551 14.40 -2.40 -35.65
CA TRP F 551 14.90 -1.22 -34.95
C TRP F 551 13.78 -0.21 -34.70
N SER F 552 13.77 0.36 -33.52
CA SER F 552 12.83 1.40 -33.14
C SER F 552 13.27 2.72 -33.78
N PRO F 553 12.40 3.73 -33.82
CA PRO F 553 12.84 5.03 -34.36
C PRO F 553 14.05 5.60 -33.63
N GLU F 554 14.12 5.45 -32.31
CA GLU F 554 15.28 5.93 -31.58
C GLU F 554 16.53 5.12 -31.87
N GLN F 555 16.40 3.83 -32.13
CA GLN F 555 17.54 3.02 -32.54
C GLN F 555 18.07 3.43 -33.89
N ILE F 556 17.19 3.76 -34.84
CA ILE F 556 17.64 4.26 -36.13
C ILE F 556 18.36 5.59 -35.97
N LYS F 557 17.83 6.48 -35.14
CA LYS F 557 18.49 7.75 -34.91
C LYS F 557 19.86 7.55 -34.30
N ALA F 558 19.98 6.64 -33.33
CA ALA F 558 21.26 6.35 -32.74
C ALA F 558 22.23 5.68 -33.72
N ALA F 559 21.74 4.88 -34.65
CA ALA F 559 22.61 4.25 -35.62
C ALA F 559 23.11 5.22 -36.69
N LEU F 560 22.25 6.11 -37.16
CA LEU F 560 22.72 7.16 -38.06
C LEU F 560 23.71 8.06 -37.37
N MET F 561 23.43 8.42 -36.12
CA MET F 561 24.25 9.41 -35.43
C MET F 561 25.57 8.82 -34.98
N ASN F 562 25.61 7.52 -34.71
CA ASN F 562 26.82 6.89 -34.21
C ASN F 562 27.87 6.76 -35.30
N THR F 563 27.46 6.31 -36.48
CA THR F 563 28.37 6.07 -37.60
C THR F 563 28.27 7.25 -38.55
N ALA F 564 28.99 8.32 -38.21
CA ALA F 564 28.97 9.54 -39.01
C ALA F 564 30.38 10.12 -39.04
N GLU F 565 30.79 10.62 -40.20
CA GLU F 565 32.14 11.12 -40.39
C GLU F 565 32.22 12.58 -39.97
N THR F 566 33.10 12.87 -39.02
CA THR F 566 33.34 14.25 -38.61
C THR F 566 33.90 15.05 -39.77
N LEU F 567 33.50 16.31 -39.85
CA LEU F 567 33.86 17.19 -40.95
C LEU F 567 34.81 18.27 -40.45
N THR F 568 35.90 18.47 -41.19
CA THR F 568 36.83 19.55 -40.91
C THR F 568 36.68 20.65 -41.95
N ASP F 569 36.88 21.89 -41.51
CA ASP F 569 36.71 23.03 -42.41
C ASP F 569 37.96 23.18 -43.28
N ALA F 570 38.06 24.32 -43.97
CA ALA F 570 39.15 24.49 -44.92
C ALA F 570 40.50 24.52 -44.22
N ASP F 571 40.60 25.25 -43.12
CA ASP F 571 41.89 25.39 -42.44
C ASP F 571 42.35 24.05 -41.85
N GLY F 572 41.41 23.26 -41.36
CA GLY F 572 41.75 21.96 -40.80
C GLY F 572 41.21 21.76 -39.40
N ASP F 573 40.28 22.62 -38.99
CA ASP F 573 39.67 22.52 -37.67
C ASP F 573 38.34 21.81 -37.77
N VAL F 574 38.07 20.93 -36.81
CA VAL F 574 36.79 20.24 -36.78
C VAL F 574 35.69 21.25 -36.57
N TYR F 575 34.62 21.14 -37.35
CA TYR F 575 33.49 22.02 -37.19
C TYR F 575 32.90 21.85 -35.80
N PRO F 576 32.41 22.93 -35.19
CA PRO F 576 31.81 22.81 -33.86
C PRO F 576 30.62 21.85 -33.87
N HIS F 577 30.33 21.29 -32.70
CA HIS F 577 29.27 20.30 -32.61
C HIS F 577 27.92 20.88 -32.98
N ASN F 578 27.65 22.13 -32.58
CA ASN F 578 26.42 22.77 -33.04
C ASN F 578 26.61 23.46 -34.36
N ALA F 579 27.33 22.80 -35.26
CA ALA F 579 27.34 23.11 -36.67
C ALA F 579 27.36 21.85 -37.50
N GLN F 580 27.63 20.72 -36.88
CA GLN F 580 27.85 19.43 -37.51
C GLN F 580 26.93 18.36 -36.96
N GLY F 581 26.70 18.40 -35.65
CA GLY F 581 25.91 17.40 -34.97
C GLY F 581 26.72 16.17 -34.66
N ALA F 582 26.94 15.35 -35.66
CA ALA F 582 27.82 14.20 -35.50
C ALA F 582 28.59 13.93 -36.78
N GLY F 583 28.39 14.73 -37.82
CA GLY F 583 29.04 14.54 -39.09
C GLY F 583 28.03 14.15 -40.16
N SER F 584 28.57 13.79 -41.32
CA SER F 584 27.73 13.39 -42.43
C SER F 584 27.31 11.93 -42.28
N ILE F 585 26.11 11.61 -42.76
CA ILE F 585 25.64 10.24 -42.68
C ILE F 585 26.53 9.34 -43.51
N ARG F 586 26.58 8.07 -43.13
CA ARG F 586 27.19 7.02 -43.93
C ARG F 586 26.26 5.82 -43.85
N ILE F 587 25.43 5.65 -44.88
CA ILE F 587 24.39 4.62 -44.84
C ILE F 587 25.01 3.24 -44.71
N MET F 588 26.14 3.02 -45.37
CA MET F 588 26.73 1.69 -45.36
C MET F 588 27.23 1.31 -43.97
N LYS F 589 27.87 2.24 -43.28
CA LYS F 589 28.30 1.96 -41.91
C LYS F 589 27.11 1.76 -40.99
N ALA F 590 26.07 2.56 -41.16
CA ALA F 590 24.90 2.44 -40.29
C ALA F 590 24.20 1.10 -40.49
N ILE F 591 24.12 0.64 -41.74
CA ILE F 591 23.45 -0.63 -42.02
C ILE F 591 24.18 -1.80 -41.39
N LYS F 592 25.50 -1.72 -41.28
CA LYS F 592 26.31 -2.80 -40.74
C LYS F 592 26.84 -2.31 -39.40
N ALA F 593 26.00 -2.44 -38.38
CA ALA F 593 26.33 -1.97 -37.04
C ALA F 593 25.68 -2.90 -36.03
N ASP F 594 26.51 -3.55 -35.22
CA ASP F 594 26.03 -4.50 -34.24
C ASP F 594 26.08 -3.93 -32.83
N SER F 595 26.42 -2.66 -32.67
CA SER F 595 26.43 -2.03 -31.36
C SER F 595 25.84 -0.64 -31.50
N LEU F 596 24.90 -0.31 -30.63
CA LEU F 596 24.23 1.00 -30.67
C LEU F 596 24.44 1.71 -29.35
N VAL F 597 24.92 2.95 -29.41
CA VAL F 597 25.11 3.77 -28.23
C VAL F 597 24.04 4.85 -28.22
N ALA F 598 23.26 4.91 -27.16
CA ALA F 598 22.17 5.86 -27.06
C ALA F 598 22.21 6.58 -25.72
N PRO F 599 21.91 7.88 -25.69
CA PRO F 599 21.53 8.73 -26.81
C PRO F 599 22.74 9.04 -27.67
N GLY F 600 22.54 9.30 -28.96
CA GLY F 600 23.67 9.54 -29.83
C GLY F 600 24.46 10.78 -29.48
N SER F 601 23.82 11.75 -28.82
CA SER F 601 24.50 12.93 -28.34
C SER F 601 23.83 13.36 -27.04
N TYR F 602 24.62 13.87 -26.11
CA TYR F 602 24.10 14.27 -24.82
C TYR F 602 24.58 15.66 -24.47
N SER F 603 23.75 16.39 -23.73
CA SER F 603 24.08 17.73 -23.29
C SER F 603 23.93 17.81 -21.78
N TYR F 604 24.96 18.26 -21.10
CA TYR F 604 24.95 18.29 -19.66
C TYR F 604 24.23 19.51 -19.09
N GLY F 605 23.75 20.40 -19.94
CA GLY F 605 23.04 21.56 -19.45
C GLY F 605 24.00 22.68 -19.07
N THR F 606 23.63 23.41 -18.02
CA THR F 606 24.38 24.57 -17.59
C THR F 606 24.92 24.37 -16.18
N PHE F 607 26.06 25.00 -15.91
CA PHE F 607 26.69 24.99 -14.61
C PHE F 607 26.70 26.41 -14.09
N MET F 608 25.87 26.69 -13.08
CA MET F 608 25.62 28.04 -12.63
C MET F 608 26.31 28.40 -11.32
N LYS F 609 27.00 27.46 -10.69
CA LYS F 609 27.57 27.71 -9.37
C LYS F 609 28.62 28.80 -9.44
N ASP F 610 28.54 29.76 -8.51
CA ASP F 610 29.50 30.84 -8.46
C ASP F 610 30.84 30.38 -7.91
N LYS F 611 30.82 29.52 -6.89
CA LYS F 611 32.04 28.98 -6.32
C LYS F 611 31.83 27.51 -5.99
N GLY F 612 32.93 26.78 -5.93
CA GLY F 612 32.88 25.36 -5.67
C GLY F 612 32.95 24.54 -6.95
N ASN F 613 32.74 23.24 -6.78
CA ASN F 613 32.77 22.29 -7.88
C ASN F 613 31.39 21.69 -8.05
N GLU F 614 30.94 21.61 -9.30
CA GLU F 614 29.65 21.03 -9.62
C GLU F 614 29.84 19.81 -10.49
N THR F 615 29.19 18.72 -10.13
CA THR F 615 29.35 17.44 -10.80
C THR F 615 28.00 17.01 -11.38
N LYS F 616 28.02 16.60 -12.64
CA LYS F 616 26.85 16.02 -13.28
C LYS F 616 27.24 14.69 -13.89
N LYS F 617 26.25 13.83 -14.11
CA LYS F 617 26.55 12.54 -14.69
C LYS F 617 25.42 12.10 -15.59
N GLU F 618 25.77 11.28 -16.58
CA GLU F 618 24.84 10.74 -17.54
C GLU F 618 25.10 9.26 -17.70
N THR F 619 24.05 8.52 -18.06
CA THR F 619 24.15 7.09 -18.28
C THR F 619 23.86 6.82 -19.75
N PHE F 620 24.90 6.50 -20.51
CA PHE F 620 24.73 6.05 -21.88
C PHE F 620 24.49 4.56 -21.88
N THR F 621 23.78 4.10 -22.90
CA THR F 621 23.37 2.72 -23.02
C THR F 621 23.94 2.12 -24.29
N ILE F 622 24.65 1.00 -24.16
CA ILE F 622 25.25 0.31 -25.29
C ILE F 622 24.49 -0.99 -25.48
N GLU F 623 23.91 -1.16 -26.65
CA GLU F 623 23.20 -2.39 -27.02
C GLU F 623 24.12 -3.21 -27.90
N ASN F 624 24.35 -4.46 -27.49
CA ASN F 624 25.23 -5.38 -28.20
C ASN F 624 24.36 -6.27 -29.07
N GLN F 625 24.11 -5.82 -30.30
CA GLN F 625 23.22 -6.53 -31.21
C GLN F 625 23.83 -7.81 -31.75
N SER F 626 25.11 -8.06 -31.51
CA SER F 626 25.77 -9.22 -32.07
C SER F 626 25.49 -10.46 -31.24
N SER F 627 26.00 -11.59 -31.71
CA SER F 627 25.80 -12.88 -31.06
C SER F 627 26.96 -13.28 -30.17
N ILE F 628 27.88 -12.36 -29.89
CA ILE F 628 29.12 -12.65 -29.20
C ILE F 628 29.32 -11.62 -28.10
N ARG F 629 29.79 -12.07 -26.94
CA ARG F 629 30.03 -11.16 -25.84
C ARG F 629 31.18 -10.24 -26.16
N LYS F 630 30.99 -8.94 -25.97
CA LYS F 630 31.98 -7.96 -26.39
C LYS F 630 32.39 -7.08 -25.22
N SER F 631 33.53 -6.42 -25.41
CA SER F 631 34.07 -5.49 -24.43
C SER F 631 34.23 -4.13 -25.08
N TYR F 632 33.53 -3.14 -24.55
CA TYR F 632 33.55 -1.79 -25.07
C TYR F 632 34.41 -0.90 -24.19
N GLN F 633 35.15 -0.01 -24.82
CA GLN F 633 36.12 0.84 -24.16
C GLN F 633 35.75 2.29 -24.39
N LEU F 634 35.70 3.06 -23.31
CA LEU F 634 35.21 4.43 -23.34
C LEU F 634 36.34 5.42 -23.14
N GLU F 635 36.37 6.44 -23.99
CA GLU F 635 37.30 7.56 -23.84
C GLU F 635 36.50 8.85 -23.78
N TYR F 636 36.61 9.55 -22.67
CA TYR F 636 35.89 10.80 -22.46
C TYR F 636 36.85 11.96 -22.60
N SER F 637 36.43 12.99 -23.33
CA SER F 637 37.26 14.19 -23.48
C SER F 637 36.36 15.41 -23.45
N PHE F 638 36.93 16.52 -22.98
CA PHE F 638 36.28 17.81 -23.06
C PHE F 638 37.32 18.88 -23.34
N ASN F 639 36.95 19.85 -24.15
CA ASN F 639 37.81 21.00 -24.39
C ASN F 639 37.63 22.02 -23.28
N GLY F 640 38.66 22.83 -23.08
CA GLY F 640 38.56 23.84 -22.04
C GLY F 640 39.12 23.37 -20.72
N THR F 641 39.64 24.33 -19.96
CA THR F 641 40.30 24.04 -18.70
C THR F 641 39.30 24.10 -17.55
N GLY F 642 39.59 23.35 -16.50
CA GLY F 642 38.72 23.28 -15.35
C GLY F 642 37.60 22.29 -15.45
N ILE F 643 37.54 21.52 -16.54
CA ILE F 643 36.53 20.50 -16.73
C ILE F 643 37.21 19.14 -16.70
N THR F 644 36.83 18.31 -15.73
CA THR F 644 37.41 16.99 -15.58
C THR F 644 36.34 15.95 -15.85
N VAL F 645 36.64 15.01 -16.74
CA VAL F 645 35.67 14.02 -17.18
C VAL F 645 36.17 12.64 -16.81
N SER F 646 35.27 11.79 -16.34
CA SER F 646 35.63 10.45 -15.92
C SER F 646 34.42 9.55 -16.11
N GLY F 647 34.52 8.33 -15.65
CA GLY F 647 33.41 7.40 -15.71
C GLY F 647 33.88 6.02 -16.03
N THR F 648 32.93 5.16 -16.38
CA THR F 648 33.24 3.77 -16.70
C THR F 648 34.16 3.65 -17.90
N ASP F 649 35.38 3.20 -17.65
CA ASP F 649 36.36 3.07 -18.72
C ASP F 649 36.26 1.80 -19.54
N ARG F 650 35.41 0.86 -19.14
CA ARG F 650 35.28 -0.40 -19.86
C ARG F 650 34.04 -1.11 -19.38
N VAL F 651 33.27 -1.66 -20.31
CA VAL F 651 32.15 -2.52 -19.98
C VAL F 651 32.26 -3.80 -20.77
N VAL F 652 31.70 -4.87 -20.24
CA VAL F 652 31.58 -6.14 -20.94
C VAL F 652 30.09 -6.45 -21.04
N ILE F 653 29.61 -6.62 -22.26
CA ILE F 653 28.19 -6.82 -22.52
C ILE F 653 28.01 -8.18 -23.18
N PRO F 654 27.17 -9.04 -22.65
CA PRO F 654 26.92 -10.34 -23.30
C PRO F 654 26.17 -10.17 -24.60
N ALA F 655 25.97 -11.27 -25.31
CA ALA F 655 25.31 -11.21 -26.60
C ALA F 655 23.86 -10.79 -26.44
N HIS F 656 23.38 -9.96 -27.37
CA HIS F 656 21.98 -9.56 -27.42
C HIS F 656 21.52 -8.97 -26.09
N GLN F 657 22.36 -8.13 -25.50
CA GLN F 657 22.07 -7.54 -24.21
C GLN F 657 22.45 -6.06 -24.23
N THR F 658 22.45 -5.47 -23.05
CA THR F 658 22.57 -4.03 -22.89
C THR F 658 23.42 -3.71 -21.67
N GLY F 659 24.34 -2.76 -21.83
CA GLY F 659 25.16 -2.30 -20.74
C GLY F 659 25.03 -0.80 -20.58
N LYS F 660 25.39 -0.33 -19.39
CA LYS F 660 25.28 1.08 -19.05
C LYS F 660 26.66 1.62 -18.69
N VAL F 661 26.99 2.78 -19.24
CA VAL F 661 28.23 3.47 -18.92
C VAL F 661 27.88 4.80 -18.29
N ASN F 662 28.50 5.10 -17.15
CA ASN F 662 28.19 6.29 -16.37
C ASN F 662 29.26 7.32 -16.62
N ALA F 663 29.05 8.18 -17.59
CA ALA F 663 29.94 9.31 -17.82
C ALA F 663 29.68 10.37 -16.76
N LYS F 664 30.74 11.04 -16.33
CA LYS F 664 30.64 12.00 -15.26
C LYS F 664 31.51 13.20 -15.59
N VAL F 665 30.97 14.39 -15.44
CA VAL F 665 31.70 15.62 -15.71
C VAL F 665 31.71 16.45 -14.44
N LYS F 666 32.82 17.16 -14.21
CA LYS F 666 32.98 17.96 -13.01
C LYS F 666 33.61 19.28 -13.40
N VAL F 667 32.95 20.37 -13.04
CA VAL F 667 33.36 21.72 -13.43
C VAL F 667 33.78 22.46 -12.17
N ASN F 668 35.00 22.99 -12.19
CA ASN F 668 35.53 23.80 -11.10
C ASN F 668 35.20 25.25 -11.39
N ALA F 669 34.23 25.81 -10.67
CA ALA F 669 33.76 27.15 -10.95
C ALA F 669 34.85 28.20 -10.80
N LYS F 670 35.89 27.91 -10.04
CA LYS F 670 36.94 28.90 -9.81
C LYS F 670 37.94 28.98 -10.94
N LYS F 671 37.94 28.00 -11.86
CA LYS F 671 38.94 27.94 -12.91
C LYS F 671 38.37 28.03 -14.31
N VAL F 672 37.07 27.91 -14.49
CA VAL F 672 36.46 27.77 -15.81
C VAL F 672 35.95 29.11 -16.27
N LYS F 673 36.36 29.53 -17.46
CA LYS F 673 35.78 30.70 -18.10
C LYS F 673 34.39 30.36 -18.63
N ALA F 674 33.48 31.31 -18.51
CA ALA F 674 32.12 31.09 -19.00
C ALA F 674 32.13 30.89 -20.51
N GLY F 675 31.25 30.03 -20.98
CA GLY F 675 31.17 29.74 -22.39
C GLY F 675 30.61 28.35 -22.61
N THR F 676 30.53 27.99 -23.89
CA THR F 676 30.02 26.70 -24.31
C THR F 676 31.19 25.80 -24.68
N TYR F 677 31.29 24.64 -24.03
CA TYR F 677 32.38 23.71 -24.24
C TYR F 677 31.84 22.42 -24.83
N GLU F 678 32.59 21.86 -25.78
CA GLU F 678 32.18 20.67 -26.49
C GLU F 678 33.09 19.52 -26.10
N GLY F 679 32.48 18.39 -25.72
CA GLY F 679 33.22 17.20 -25.40
C GLY F 679 32.82 16.06 -26.31
N THR F 680 33.35 14.88 -26.00
CA THR F 680 33.09 13.70 -26.80
C THR F 680 33.30 12.45 -25.97
N VAL F 681 32.41 11.48 -26.13
CA VAL F 681 32.57 10.14 -25.60
C VAL F 681 32.77 9.21 -26.77
N THR F 682 33.92 8.55 -26.82
CA THR F 682 34.25 7.65 -27.91
C THR F 682 34.20 6.22 -27.41
N VAL F 683 33.48 5.37 -28.13
CA VAL F 683 33.30 3.97 -27.77
C VAL F 683 34.02 3.13 -28.80
N ARG F 684 34.96 2.31 -28.34
CA ARG F 684 35.70 1.40 -29.19
C ARG F 684 35.34 -0.03 -28.86
N GLU F 685 35.36 -0.89 -29.87
CA GLU F 685 35.07 -2.30 -29.65
C GLU F 685 35.88 -3.10 -30.68
N GLY F 686 36.84 -3.88 -30.20
CA GLY F 686 37.61 -4.77 -31.03
C GLY F 686 38.11 -4.14 -32.31
N GLY F 687 38.98 -3.14 -32.18
CA GLY F 687 39.47 -2.46 -33.36
C GLY F 687 38.65 -1.24 -33.69
N LYS F 688 37.68 -1.42 -34.58
CA LYS F 688 36.85 -0.33 -35.08
C LYS F 688 36.21 0.47 -33.95
N THR F 689 35.91 1.73 -34.26
CA THR F 689 35.17 2.61 -33.37
C THR F 689 33.69 2.47 -33.65
N VAL F 690 32.90 2.22 -32.60
CA VAL F 690 31.48 1.98 -32.80
C VAL F 690 30.64 3.23 -32.63
N ALA F 691 31.15 4.25 -31.98
CA ALA F 691 30.37 5.47 -31.77
C ALA F 691 31.31 6.59 -31.37
N LYS F 692 30.85 7.82 -31.60
CA LYS F 692 31.54 9.03 -31.15
C LYS F 692 30.43 9.99 -30.72
N VAL F 693 30.11 9.96 -29.43
CA VAL F 693 28.95 10.67 -28.90
C VAL F 693 29.35 12.11 -28.64
N PRO F 694 28.76 13.09 -29.32
CA PRO F 694 29.06 14.49 -29.02
C PRO F 694 28.38 14.93 -27.74
N THR F 695 29.15 15.46 -26.81
CA THR F 695 28.63 16.00 -25.58
C THR F 695 28.88 17.49 -25.52
N LEU F 696 28.17 18.17 -24.63
CA LEU F 696 28.23 19.61 -24.56
C LEU F 696 27.78 20.07 -23.18
N LEU F 697 28.46 21.09 -22.66
CA LEU F 697 28.02 21.74 -21.43
C LEU F 697 28.24 23.24 -21.58
N ILE F 698 27.49 24.00 -20.81
CA ILE F 698 27.54 25.45 -20.83
C ILE F 698 27.85 25.94 -19.42
N VAL F 699 28.73 26.91 -19.32
CA VAL F 699 29.14 27.45 -18.02
C VAL F 699 28.55 28.85 -17.88
N LYS F 700 27.99 29.11 -16.70
CA LYS F 700 27.28 30.36 -16.40
C LYS F 700 26.11 30.47 -17.36
N GLU F 701 25.76 31.66 -17.82
CA GLU F 701 24.58 31.86 -18.65
C GLU F 701 24.91 31.65 -20.11
N PRO F 702 24.08 30.91 -20.84
CA PRO F 702 24.30 30.71 -22.27
C PRO F 702 24.22 32.04 -23.01
N ASP F 703 24.95 32.12 -24.12
CA ASP F 703 25.02 33.35 -24.90
C ASP F 703 24.00 33.33 -26.05
N TYR F 704 22.77 33.06 -25.69
CA TYR F 704 21.72 33.09 -26.69
C TYR F 704 21.33 34.52 -27.01
N PRO F 705 20.75 34.76 -28.17
CA PRO F 705 20.20 36.09 -28.45
C PRO F 705 19.12 36.44 -27.45
N ARG F 706 19.27 37.58 -26.78
CA ARG F 706 18.29 37.95 -25.77
C ARG F 706 16.96 38.31 -26.39
N VAL F 707 16.96 38.81 -27.61
CA VAL F 707 15.74 39.07 -28.36
C VAL F 707 15.92 38.50 -29.75
N THR F 708 14.91 37.80 -30.25
CA THR F 708 15.03 37.05 -31.49
C THR F 708 14.36 37.75 -32.66
N SER F 709 13.10 38.16 -32.51
CA SER F 709 12.38 38.77 -33.60
C SER F 709 11.54 39.92 -33.09
N ILE F 710 11.34 40.90 -33.96
CA ILE F 710 10.50 42.06 -33.69
C ILE F 710 9.78 42.44 -34.99
N ASP F 711 8.50 42.75 -34.87
CA ASP F 711 7.76 43.32 -35.98
C ASP F 711 6.77 44.35 -35.48
N VAL F 712 6.40 45.28 -36.35
CA VAL F 712 5.50 46.37 -36.03
C VAL F 712 4.34 46.33 -37.00
N GLN F 713 3.13 46.29 -36.48
CA GLN F 713 1.93 46.32 -37.30
C GLN F 713 1.04 47.45 -36.85
N ASP F 714 0.04 47.78 -37.67
CA ASP F 714 -0.90 48.82 -37.31
C ASP F 714 -1.82 48.34 -36.21
N GLY F 715 -2.09 49.21 -35.24
CA GLY F 715 -2.94 48.85 -34.14
C GLY F 715 -4.41 48.86 -34.49
N THR F 716 -5.22 48.40 -33.54
CA THR F 716 -6.67 48.44 -33.72
C THR F 716 -7.19 49.87 -33.84
N THR F 717 -6.48 50.84 -33.28
CA THR F 717 -6.84 52.25 -33.38
C THR F 717 -5.96 52.91 -34.41
N GLN F 718 -6.57 53.67 -35.31
CA GLN F 718 -5.82 54.36 -36.35
C GLN F 718 -4.81 55.32 -35.73
N GLY F 719 -3.60 55.32 -36.29
CA GLY F 719 -2.52 56.15 -35.79
C GLY F 719 -1.64 55.50 -34.75
N THR F 720 -2.04 54.36 -34.19
CA THR F 720 -1.26 53.64 -33.21
C THR F 720 -0.69 52.37 -33.81
N TYR F 721 0.22 51.75 -33.08
CA TYR F 721 0.96 50.61 -33.58
C TYR F 721 1.06 49.55 -32.50
N GLN F 722 1.26 48.31 -32.93
CA GLN F 722 1.52 47.20 -32.04
C GLN F 722 2.89 46.61 -32.38
N ILE F 723 3.73 46.44 -31.36
CA ILE F 723 5.05 45.88 -31.51
C ILE F 723 5.00 44.48 -30.91
N GLU F 724 5.33 43.48 -31.72
CA GLU F 724 5.38 42.10 -31.27
C GLU F 724 6.82 41.64 -31.31
N THR F 725 7.32 41.15 -30.18
CA THR F 725 8.69 40.72 -30.07
C THR F 725 8.74 39.36 -29.39
N TYR F 726 9.83 38.63 -29.61
CA TYR F 726 10.01 37.33 -28.99
C TYR F 726 11.26 37.36 -28.13
N LEU F 727 11.09 37.09 -26.83
CA LEU F 727 12.20 37.06 -25.89
C LEU F 727 12.44 35.63 -25.44
N PRO F 728 13.52 34.99 -25.85
CA PRO F 728 13.71 33.57 -25.51
C PRO F 728 13.72 33.29 -24.03
N ALA F 729 14.24 34.20 -23.20
CA ALA F 729 14.27 33.94 -21.77
C ALA F 729 13.90 35.18 -20.97
N GLY F 730 13.03 36.02 -21.52
CA GLY F 730 12.67 37.25 -20.84
C GLY F 730 13.72 38.31 -21.04
N ALA F 731 13.50 39.45 -20.40
CA ALA F 731 14.43 40.55 -20.53
C ALA F 731 14.38 41.39 -19.26
N GLU F 732 15.55 41.59 -18.64
CA GLU F 732 15.64 42.53 -17.53
C GLU F 732 15.30 43.93 -17.99
N GLU F 733 15.75 44.30 -19.19
CA GLU F 733 15.43 45.61 -19.75
C GLU F 733 15.18 45.45 -21.24
N LEU F 734 14.17 46.14 -21.75
CA LEU F 734 13.82 46.07 -23.16
C LEU F 734 13.56 47.47 -23.67
N ALA F 735 14.18 47.81 -24.80
CA ALA F 735 14.07 49.16 -25.34
C ALA F 735 13.77 49.09 -26.83
N PHE F 736 12.81 49.89 -27.27
CA PHE F 736 12.48 50.03 -28.67
C PHE F 736 12.92 51.40 -29.14
N LEU F 737 13.78 51.44 -30.14
CA LEU F 737 14.34 52.65 -30.71
C LEU F 737 13.91 52.77 -32.17
N VAL F 738 13.78 53.99 -32.65
CA VAL F 738 13.27 54.26 -33.99
C VAL F 738 14.34 54.89 -34.84
N TYR F 739 14.46 54.43 -36.08
CA TYR F 739 15.42 54.92 -37.04
C TYR F 739 14.70 55.35 -38.30
N ASP F 740 15.23 56.37 -38.97
CA ASP F 740 14.62 56.83 -40.20
C ASP F 740 14.99 55.90 -41.34
N SER F 741 14.54 56.25 -42.55
CA SER F 741 14.87 55.44 -43.72
C SER F 741 16.37 55.42 -43.99
N ASN F 742 17.10 56.44 -43.56
CA ASN F 742 18.55 56.48 -43.71
C ASN F 742 19.26 55.85 -42.53
N LEU F 743 18.54 55.13 -41.68
CA LEU F 743 19.11 54.46 -40.52
C LEU F 743 19.80 55.46 -39.58
N ASP F 744 19.19 56.61 -39.41
CA ASP F 744 19.65 57.61 -38.47
C ASP F 744 18.78 57.56 -37.23
N PHE F 745 19.40 57.56 -36.06
CA PHE F 745 18.67 57.38 -34.81
C PHE F 745 17.72 58.54 -34.58
N VAL F 746 16.42 58.30 -34.77
CA VAL F 746 15.44 59.34 -34.54
C VAL F 746 15.18 59.54 -33.05
N GLY F 747 14.97 58.45 -32.32
CA GLY F 747 14.72 58.56 -30.91
C GLY F 747 14.34 57.23 -30.31
N GLN F 748 13.72 57.30 -29.14
CA GLN F 748 13.45 56.14 -28.29
C GLN F 748 11.96 55.92 -28.20
N ALA F 749 11.48 54.84 -28.82
CA ALA F 749 10.06 54.54 -28.81
C ALA F 749 9.57 54.18 -27.41
N GLY F 750 10.18 53.18 -26.79
CA GLY F 750 9.67 52.70 -25.51
C GLY F 750 10.72 52.03 -24.66
N ILE F 751 10.47 52.04 -23.35
CA ILE F 751 11.31 51.39 -22.36
C ILE F 751 10.44 50.50 -21.49
N TYR F 752 10.92 49.31 -21.19
CA TYR F 752 10.19 48.36 -20.36
C TYR F 752 11.18 47.58 -19.51
N LYS F 753 10.71 47.10 -18.36
CA LYS F 753 11.53 46.35 -17.44
C LYS F 753 10.82 45.07 -17.03
N LYS F 754 11.61 44.04 -16.73
CA LYS F 754 11.13 42.80 -16.14
C LYS F 754 10.04 42.18 -17.00
N GLN F 755 10.42 41.82 -18.22
CA GLN F 755 9.49 41.23 -19.17
C GLN F 755 9.55 39.72 -19.09
N ASP F 756 8.38 39.09 -19.22
CA ASP F 756 8.30 37.64 -19.20
C ASP F 756 8.72 37.05 -20.54
N LYS F 757 9.22 35.83 -20.50
CA LYS F 757 9.72 35.20 -21.70
C LYS F 757 8.56 34.77 -22.61
N GLY F 758 8.88 34.60 -23.88
CA GLY F 758 7.88 34.23 -24.86
C GLY F 758 7.57 35.37 -25.80
N TYR F 759 6.34 35.42 -26.29
CA TYR F 759 5.89 36.50 -27.15
C TYR F 759 5.37 37.64 -26.30
N GLN F 760 5.86 38.85 -26.56
CA GLN F 760 5.45 40.05 -25.85
C GLN F 760 4.89 41.05 -26.84
N TYR F 761 3.79 41.70 -26.46
CA TYR F 761 3.13 42.69 -27.28
C TYR F 761 3.07 44.02 -26.54
N PHE F 762 3.40 45.10 -27.24
CA PHE F 762 3.42 46.42 -26.65
C PHE F 762 2.68 47.39 -27.56
N ASP F 763 1.81 48.19 -26.98
CA ASP F 763 1.13 49.23 -27.75
C ASP F 763 1.98 50.48 -27.78
N TRP F 764 2.16 51.05 -28.96
CA TRP F 764 2.99 52.23 -29.14
C TRP F 764 2.17 53.30 -29.85
N ASN F 765 2.11 54.48 -29.25
CA ASN F 765 1.29 55.56 -29.78
C ASN F 765 1.96 56.31 -30.92
N GLY F 766 3.06 55.82 -31.45
CA GLY F 766 3.71 56.47 -32.56
C GLY F 766 4.53 57.69 -32.19
N LYS F 767 4.71 57.98 -30.92
CA LYS F 767 5.39 59.18 -30.47
C LYS F 767 6.71 58.79 -29.81
N VAL F 768 7.72 59.62 -30.05
CA VAL F 768 9.12 59.29 -29.77
C VAL F 768 9.62 60.10 -28.58
N ASN F 769 10.43 59.46 -27.75
CA ASN F 769 11.06 60.08 -26.59
C ASN F 769 10.03 60.61 -25.60
N GLY F 770 8.76 60.27 -25.81
CA GLY F 770 7.71 60.84 -25.01
C GLY F 770 7.20 62.12 -25.65
N ASP F 771 5.93 62.11 -26.05
CA ASP F 771 5.15 63.27 -26.49
C ASP F 771 5.69 63.96 -27.74
N THR F 772 6.69 63.39 -28.41
CA THR F 772 7.20 63.95 -29.66
C THR F 772 6.72 63.08 -30.81
N ALA F 773 5.89 63.65 -31.68
CA ALA F 773 5.30 62.90 -32.77
C ALA F 773 6.27 62.81 -33.95
N LEU F 774 6.27 61.65 -34.60
CA LEU F 774 7.15 61.44 -35.73
C LEU F 774 6.63 62.16 -36.97
N PRO F 775 7.51 62.65 -37.83
CA PRO F 775 7.10 63.09 -39.16
C PRO F 775 6.76 61.89 -40.03
N ALA F 776 5.94 62.15 -41.05
CA ALA F 776 5.51 61.08 -41.94
C ALA F 776 6.69 60.56 -42.75
N GLY F 777 6.73 59.25 -42.93
CA GLY F 777 7.81 58.64 -43.68
C GLY F 777 7.90 57.15 -43.38
N GLU F 778 9.08 56.60 -43.67
CA GLU F 778 9.35 55.18 -43.52
C GLU F 778 10.40 55.00 -42.42
N TYR F 779 10.13 54.05 -41.51
CA TYR F 779 10.95 53.92 -40.32
C TYR F 779 11.27 52.47 -40.03
N TYR F 780 12.39 52.28 -39.32
CA TYR F 780 12.81 50.98 -38.81
C TYR F 780 12.76 51.04 -37.30
N MET F 781 12.60 49.89 -36.66
CA MET F 781 12.65 49.83 -35.22
C MET F 781 13.64 48.78 -34.77
N LEU F 782 14.43 49.13 -33.75
CA LEU F 782 15.44 48.27 -33.18
C LEU F 782 14.99 47.89 -31.77
N ALA F 783 14.99 46.59 -31.49
CA ALA F 783 14.71 46.08 -30.16
C ALA F 783 16.03 45.72 -29.51
N TYR F 784 16.27 46.28 -28.33
CA TYR F 784 17.48 46.03 -27.55
C TYR F 784 17.03 45.39 -26.24
N ALA F 785 17.39 44.13 -26.04
CA ALA F 785 17.01 43.41 -24.84
C ALA F 785 18.26 43.03 -24.06
N ALA F 786 18.26 43.32 -22.76
CA ALA F 786 19.35 42.98 -21.87
C ALA F 786 18.82 42.07 -20.80
N ASN F 787 19.51 40.95 -20.60
CA ASN F 787 19.07 39.93 -19.66
C ASN F 787 20.30 39.17 -19.17
N LYS F 788 20.37 38.95 -17.86
CA LYS F 788 21.35 38.06 -17.24
C LYS F 788 22.77 38.33 -17.72
N GLY F 789 23.11 39.61 -17.81
CA GLY F 789 24.46 40.00 -18.10
C GLY F 789 24.86 39.97 -19.56
N LYS F 790 23.91 39.84 -20.47
CA LYS F 790 24.22 40.00 -21.89
C LYS F 790 23.08 40.70 -22.57
N SER F 791 23.40 41.44 -23.63
CA SER F 791 22.41 42.20 -24.35
C SER F 791 22.48 41.84 -25.82
N SER F 792 21.33 41.89 -26.47
CA SER F 792 21.21 41.59 -27.89
C SER F 792 20.26 42.60 -28.51
N GLN F 793 20.33 42.71 -29.83
CA GLN F 793 19.48 43.65 -30.54
C GLN F 793 19.06 43.04 -31.86
N VAL F 794 17.91 43.49 -32.35
CA VAL F 794 17.39 43.00 -33.62
C VAL F 794 16.64 44.13 -34.30
N LEU F 795 16.84 44.28 -35.60
CA LEU F 795 16.25 45.35 -36.38
C LEU F 795 15.11 44.81 -37.24
N THR F 796 14.04 45.61 -37.34
CA THR F 796 12.89 45.22 -38.15
C THR F 796 13.24 45.41 -39.63
N GLU F 797 13.29 44.30 -40.36
CA GLU F 797 13.25 44.42 -41.81
C GLU F 797 11.83 44.78 -42.24
N LYS F 798 11.70 45.17 -43.52
CA LYS F 798 10.42 45.62 -44.04
C LYS F 798 9.91 46.81 -43.22
N PRO F 799 10.50 48.00 -43.44
CA PRO F 799 10.20 49.15 -42.57
C PRO F 799 8.72 49.48 -42.56
N PHE F 800 8.25 49.93 -41.39
CA PHE F 800 6.87 50.35 -41.23
C PHE F 800 6.72 51.83 -41.56
N ILE F 801 5.50 52.23 -41.89
CA ILE F 801 5.20 53.55 -42.44
C ILE F 801 4.42 54.35 -41.42
N ILE F 802 4.82 55.61 -41.22
CA ILE F 802 4.08 56.53 -40.37
C ILE F 802 3.07 57.31 -41.20
N MET G 158 58.57 -34.91 -25.06
CA MET G 158 57.68 -35.21 -23.96
C MET G 158 58.34 -36.10 -22.92
N ASP G 159 59.49 -36.65 -23.29
CA ASP G 159 60.26 -37.48 -22.38
C ASP G 159 61.37 -36.72 -21.68
N ASP G 160 61.60 -35.46 -22.03
CA ASP G 160 62.61 -34.63 -21.39
C ASP G 160 62.05 -33.35 -20.80
N SER G 161 61.00 -32.78 -21.40
CA SER G 161 60.43 -31.55 -20.88
C SER G 161 59.63 -31.79 -19.60
N ALA G 162 58.83 -32.86 -19.58
CA ALA G 162 58.07 -33.17 -18.38
C ALA G 162 58.95 -33.43 -17.16
N PRO G 163 60.05 -34.19 -17.24
CA PRO G 163 60.97 -34.24 -16.09
C PRO G 163 61.50 -32.87 -15.71
N TYR G 164 61.73 -32.00 -16.69
CA TYR G 164 62.31 -30.71 -16.40
C TYR G 164 61.35 -29.83 -15.60
N ILE G 165 60.09 -29.76 -16.02
CA ILE G 165 59.15 -28.91 -15.30
C ILE G 165 58.74 -29.54 -13.97
N GLY G 166 58.98 -30.83 -13.78
CA GLY G 166 58.71 -31.46 -12.51
C GLY G 166 57.48 -32.35 -12.54
N ALA G 167 57.14 -32.88 -13.71
CA ALA G 167 55.94 -33.70 -13.83
C ALA G 167 56.09 -35.03 -13.11
N ASN G 168 57.23 -35.71 -13.34
CA ASN G 168 57.42 -37.04 -12.74
C ASN G 168 57.42 -36.96 -11.22
N ASP G 169 58.06 -35.94 -10.66
CA ASP G 169 58.09 -35.79 -9.21
C ASP G 169 56.68 -35.63 -8.66
N ALA G 170 55.84 -34.88 -9.36
CA ALA G 170 54.44 -34.77 -8.96
C ALA G 170 53.72 -36.11 -9.08
N TRP G 171 54.05 -36.89 -10.11
CA TRP G 171 53.41 -38.20 -10.28
C TRP G 171 53.72 -39.11 -9.10
N LYS G 172 54.98 -39.14 -8.67
CA LYS G 172 55.33 -39.99 -7.53
C LYS G 172 54.68 -39.52 -6.24
N LEU G 173 54.17 -38.30 -6.20
CA LEU G 173 53.35 -37.85 -5.09
C LEU G 173 51.88 -38.20 -5.27
N GLY G 174 51.53 -38.82 -6.39
CA GLY G 174 50.17 -39.21 -6.68
C GLY G 174 49.39 -38.20 -7.51
N TYR G 175 49.93 -37.00 -7.68
CA TYR G 175 49.23 -35.95 -8.41
C TYR G 175 49.47 -36.14 -9.90
N THR G 176 48.49 -36.70 -10.59
CA THR G 176 48.57 -36.90 -12.03
C THR G 176 47.45 -36.24 -12.80
N GLY G 177 46.62 -35.44 -12.15
CA GLY G 177 45.51 -34.79 -12.81
C GLY G 177 44.22 -35.56 -12.83
N LYS G 178 44.11 -36.63 -12.05
CA LYS G 178 42.89 -37.43 -12.06
C LYS G 178 41.70 -36.62 -11.61
N GLY G 179 40.60 -36.72 -12.37
CA GLY G 179 39.38 -36.01 -12.08
C GLY G 179 39.29 -34.64 -12.70
N VAL G 180 40.42 -34.10 -13.11
CA VAL G 180 40.45 -32.79 -13.75
C VAL G 180 40.13 -32.94 -15.23
N LYS G 181 39.35 -32.01 -15.76
CA LYS G 181 38.88 -32.07 -17.13
C LYS G 181 39.53 -30.94 -17.91
N VAL G 182 40.21 -31.29 -19.00
CA VAL G 182 40.94 -30.34 -19.81
C VAL G 182 40.32 -30.28 -21.20
N ALA G 183 40.02 -29.07 -21.66
CA ALA G 183 39.47 -28.83 -22.98
C ALA G 183 40.58 -28.32 -23.89
N ILE G 184 40.60 -28.80 -25.13
CA ILE G 184 41.63 -28.46 -26.10
C ILE G 184 40.92 -27.78 -27.26
N ILE G 185 40.94 -26.46 -27.32
CA ILE G 185 40.31 -25.74 -28.41
C ILE G 185 41.35 -25.52 -29.50
N ASP G 186 41.41 -26.46 -30.44
CA ASP G 186 42.37 -26.46 -31.53
C ASP G 186 41.68 -27.05 -32.76
N THR G 187 42.48 -27.50 -33.71
CA THR G 187 41.98 -28.07 -34.96
C THR G 187 41.31 -29.42 -34.78
N GLY G 188 41.06 -29.86 -33.56
CA GLY G 188 40.48 -31.15 -33.29
C GLY G 188 41.54 -32.16 -32.85
N VAL G 189 41.06 -33.23 -32.25
CA VAL G 189 41.92 -34.25 -31.66
C VAL G 189 41.55 -35.60 -32.23
N GLU G 190 42.56 -36.37 -32.64
CA GLU G 190 42.36 -37.75 -33.05
C GLU G 190 42.22 -38.58 -31.79
N TYR G 191 40.98 -38.74 -31.32
CA TYR G 191 40.73 -39.47 -30.09
C TYR G 191 40.69 -40.98 -30.30
N LYS G 192 41.64 -41.51 -31.04
CA LYS G 192 41.79 -42.94 -31.21
C LYS G 192 43.23 -43.36 -31.14
N HIS G 193 44.14 -42.40 -30.99
CA HIS G 193 45.53 -42.73 -30.73
C HIS G 193 45.60 -43.56 -29.46
N PRO G 194 46.31 -44.68 -29.46
CA PRO G 194 46.34 -45.53 -28.27
C PRO G 194 46.81 -44.81 -27.03
N ASP G 195 47.63 -43.77 -27.18
CA ASP G 195 48.07 -42.98 -26.03
C ASP G 195 47.00 -42.03 -25.53
N LEU G 196 45.98 -41.74 -26.34
CA LEU G 196 44.91 -40.82 -25.95
C LEU G 196 43.58 -41.50 -25.76
N LYS G 197 43.48 -42.81 -26.04
CA LYS G 197 42.18 -43.46 -26.08
C LYS G 197 41.50 -43.44 -24.72
N LYS G 198 42.23 -43.76 -23.66
CA LYS G 198 41.62 -43.91 -22.35
C LYS G 198 41.46 -42.60 -21.61
N ASN G 199 42.07 -41.52 -22.08
CA ASN G 199 41.89 -40.22 -21.45
C ASN G 199 40.63 -39.52 -21.92
N PHE G 200 40.03 -39.97 -23.01
CA PHE G 200 38.78 -39.39 -23.49
C PHE G 200 37.60 -40.12 -22.87
N GLY G 201 36.64 -39.35 -22.38
CA GLY G 201 35.45 -39.95 -21.80
C GLY G 201 34.49 -40.41 -22.88
N GLN G 202 33.23 -40.59 -22.52
CA GLN G 202 32.24 -41.01 -23.51
C GLN G 202 32.01 -39.89 -24.51
N TYR G 203 31.70 -38.70 -24.01
CA TYR G 203 31.49 -37.54 -24.86
C TYR G 203 32.83 -36.88 -25.16
N LYS G 204 33.22 -36.90 -26.42
CA LYS G 204 34.56 -36.46 -26.80
C LYS G 204 34.68 -34.96 -26.98
N GLY G 205 33.60 -34.30 -27.35
CA GLY G 205 33.65 -32.87 -27.56
C GLY G 205 32.71 -32.48 -28.69
N TYR G 206 33.04 -31.36 -29.32
CA TYR G 206 32.21 -30.82 -30.38
C TYR G 206 33.08 -30.31 -31.53
N ASP G 207 32.47 -30.24 -32.70
CA ASP G 207 33.16 -29.88 -33.93
C ASP G 207 32.41 -28.69 -34.52
N PHE G 208 32.89 -27.48 -34.25
CA PHE G 208 32.17 -26.27 -34.64
C PHE G 208 32.31 -25.96 -36.12
N VAL G 209 33.40 -26.36 -36.77
CA VAL G 209 33.54 -26.10 -38.20
C VAL G 209 32.69 -27.05 -39.03
N ASP G 210 32.14 -28.09 -38.43
CA ASP G 210 31.29 -29.04 -39.14
C ASP G 210 29.95 -29.27 -38.46
N ASN G 211 29.80 -28.85 -37.20
CA ASN G 211 28.54 -28.97 -36.47
C ASN G 211 28.12 -30.44 -36.30
N ASP G 212 29.06 -31.24 -35.84
CA ASP G 212 28.77 -32.63 -35.46
C ASP G 212 29.57 -32.94 -34.21
N TYR G 213 29.25 -34.08 -33.61
CA TYR G 213 29.87 -34.50 -32.36
C TYR G 213 31.10 -35.37 -32.59
N ASP G 214 31.78 -35.19 -33.71
CA ASP G 214 32.97 -35.95 -34.06
C ASP G 214 34.11 -34.96 -34.29
N PRO G 215 34.85 -34.60 -33.24
CA PRO G 215 35.94 -33.62 -33.36
C PRO G 215 37.23 -34.22 -33.90
N GLU G 216 37.12 -35.02 -34.95
CA GLU G 216 38.29 -35.57 -35.60
C GLU G 216 39.07 -34.50 -36.33
N GLU G 217 40.37 -34.72 -36.49
CA GLU G 217 41.18 -33.78 -37.24
C GLU G 217 40.76 -33.77 -38.71
N THR G 218 41.23 -32.76 -39.42
CA THR G 218 40.91 -32.64 -40.84
C THR G 218 41.58 -33.77 -41.61
N PRO G 219 40.82 -34.56 -42.36
CA PRO G 219 41.44 -35.68 -43.07
C PRO G 219 42.29 -35.20 -44.23
N SER G 220 43.10 -36.09 -44.81
CA SER G 220 43.86 -35.75 -46.00
C SER G 220 42.93 -35.70 -47.20
N GLY G 221 43.17 -34.75 -48.09
CA GLY G 221 42.34 -34.58 -49.26
C GLY G 221 41.01 -33.93 -48.95
N ASP G 222 41.07 -32.74 -48.37
CA ASP G 222 39.87 -31.96 -48.07
C ASP G 222 39.83 -30.75 -49.00
N PRO G 223 38.75 -30.54 -49.74
CA PRO G 223 38.71 -29.38 -50.66
C PRO G 223 38.93 -28.05 -49.98
N ARG G 224 38.47 -27.88 -48.74
CA ARG G 224 38.53 -26.58 -48.08
C ARG G 224 39.92 -26.24 -47.54
N GLY G 225 40.82 -27.22 -47.44
CA GLY G 225 42.14 -26.94 -46.91
C GLY G 225 43.05 -28.14 -46.83
N ALA G 226 43.96 -28.15 -45.87
CA ALA G 226 44.94 -29.22 -45.71
C ALA G 226 44.71 -29.94 -44.39
N SER G 227 45.19 -31.18 -44.33
CA SER G 227 45.04 -31.98 -43.12
C SER G 227 45.82 -31.34 -41.98
N THR G 228 45.33 -31.57 -40.75
CA THR G 228 45.88 -30.94 -39.57
C THR G 228 46.28 -31.99 -38.55
N ASP G 229 47.27 -31.66 -37.74
CA ASP G 229 47.70 -32.52 -36.64
C ASP G 229 48.05 -31.74 -35.39
N HIS G 230 47.73 -30.45 -35.35
CA HIS G 230 48.11 -29.62 -34.22
C HIS G 230 47.40 -30.03 -32.95
N GLY G 231 46.08 -30.26 -33.02
CA GLY G 231 45.32 -30.56 -31.84
C GLY G 231 45.71 -31.87 -31.18
N THR G 232 45.96 -32.90 -31.98
CA THR G 232 46.38 -34.17 -31.41
C THR G 232 47.72 -34.04 -30.71
N HIS G 233 48.64 -33.29 -31.30
CA HIS G 233 49.93 -33.07 -30.67
C HIS G 233 49.77 -32.35 -29.34
N VAL G 234 48.91 -31.32 -29.32
CA VAL G 234 48.67 -30.59 -28.08
C VAL G 234 48.07 -31.50 -27.02
N ALA G 235 47.07 -32.30 -27.40
CA ALA G 235 46.43 -33.20 -26.46
C ALA G 235 47.40 -34.25 -25.93
N GLY G 236 48.28 -34.78 -26.78
CA GLY G 236 49.29 -35.69 -26.29
C GLY G 236 50.25 -35.03 -25.33
N THR G 237 50.61 -33.77 -25.58
CA THR G 237 51.47 -33.07 -24.65
C THR G 237 50.79 -32.89 -23.30
N VAL G 238 49.49 -32.57 -23.31
CA VAL G 238 48.79 -32.33 -22.05
C VAL G 238 48.66 -33.63 -21.27
N ALA G 239 47.97 -34.61 -21.84
CA ALA G 239 47.63 -35.82 -21.08
C ALA G 239 47.63 -36.99 -22.06
N ALA G 240 48.77 -37.67 -22.18
CA ALA G 240 48.89 -38.88 -22.96
C ALA G 240 49.43 -39.97 -22.05
N ASN G 241 48.73 -41.10 -22.00
CA ASN G 241 49.14 -42.22 -21.17
C ASN G 241 49.53 -43.38 -22.08
N GLY G 242 50.76 -43.85 -21.94
CA GLY G 242 51.25 -44.94 -22.75
C GLY G 242 52.72 -44.83 -23.06
N THR G 243 53.07 -44.97 -24.34
CA THR G 243 54.47 -44.84 -24.75
C THR G 243 55.01 -43.46 -24.42
N ILE G 244 54.24 -42.43 -24.71
CA ILE G 244 54.57 -41.06 -24.32
C ILE G 244 53.67 -40.67 -23.17
N LYS G 245 54.24 -40.07 -22.13
CA LYS G 245 53.48 -39.66 -20.95
C LYS G 245 53.36 -38.15 -20.94
N GLY G 246 52.14 -37.65 -20.99
CA GLY G 246 51.89 -36.22 -20.93
C GLY G 246 52.15 -35.68 -19.55
N VAL G 247 51.96 -34.37 -19.42
CA VAL G 247 52.25 -33.72 -18.14
C VAL G 247 51.30 -34.20 -17.06
N ALA G 248 50.05 -34.44 -17.41
CA ALA G 248 49.03 -34.89 -16.46
C ALA G 248 48.34 -36.12 -17.02
N PRO G 249 49.00 -37.26 -17.02
CA PRO G 249 48.49 -38.40 -17.77
C PRO G 249 47.37 -39.13 -17.05
N ASP G 250 46.43 -38.37 -16.48
CA ASP G 250 45.23 -38.96 -15.93
C ASP G 250 44.01 -38.06 -16.11
N ALA G 251 44.18 -36.92 -16.76
CA ALA G 251 43.10 -35.96 -16.90
C ALA G 251 42.18 -36.36 -18.04
N THR G 252 40.88 -36.10 -17.85
CA THR G 252 39.92 -36.27 -18.92
C THR G 252 40.10 -35.17 -19.95
N LEU G 253 39.83 -35.50 -21.21
CA LEU G 253 40.05 -34.59 -22.30
C LEU G 253 38.76 -34.33 -23.04
N LEU G 254 38.60 -33.10 -23.54
CA LEU G 254 37.52 -32.74 -24.42
C LEU G 254 38.10 -32.03 -25.62
N ALA G 255 37.65 -32.41 -26.82
CA ALA G 255 38.14 -31.82 -28.05
C ALA G 255 37.09 -30.89 -28.64
N TYR G 256 37.53 -29.72 -29.09
CA TYR G 256 36.63 -28.74 -29.68
C TYR G 256 37.28 -28.26 -30.96
N ARG G 257 36.79 -28.76 -32.08
CA ARG G 257 37.33 -28.40 -33.39
C ARG G 257 36.75 -27.06 -33.79
N VAL G 258 37.51 -25.99 -33.58
CA VAL G 258 37.10 -24.66 -33.99
C VAL G 258 37.91 -24.14 -35.17
N LEU G 259 39.09 -24.68 -35.42
CA LEU G 259 39.91 -24.28 -36.54
C LEU G 259 39.69 -25.25 -37.68
N GLY G 260 39.24 -24.75 -38.82
CA GLY G 260 38.91 -25.60 -39.92
C GLY G 260 40.14 -26.12 -40.63
N PRO G 261 39.95 -26.72 -41.80
CA PRO G 261 41.10 -27.18 -42.58
C PRO G 261 42.05 -26.04 -42.91
N GLY G 262 43.34 -26.32 -42.82
CA GLY G 262 44.36 -25.32 -43.02
C GLY G 262 44.78 -24.60 -41.76
N GLY G 263 44.08 -24.81 -40.66
CA GLY G 263 44.41 -24.18 -39.40
C GLY G 263 43.80 -22.82 -39.18
N SER G 264 42.86 -22.40 -40.02
CA SER G 264 42.24 -21.09 -39.92
C SER G 264 40.80 -21.24 -39.42
N GLY G 265 40.42 -20.35 -38.50
CA GLY G 265 39.09 -20.41 -37.94
C GLY G 265 38.51 -19.05 -37.59
N THR G 266 37.20 -18.91 -37.73
CA THR G 266 36.56 -17.65 -37.42
C THR G 266 36.62 -17.37 -35.92
N THR G 267 36.62 -16.08 -35.59
CA THR G 267 36.60 -15.69 -34.18
C THR G 267 35.35 -16.17 -33.48
N GLU G 268 34.21 -16.13 -34.17
CA GLU G 268 32.97 -16.60 -33.58
C GLU G 268 33.03 -18.07 -33.21
N ASN G 269 33.67 -18.90 -34.03
CA ASN G 269 33.86 -20.30 -33.68
C ASN G 269 34.72 -20.47 -32.44
N VAL G 270 35.77 -19.66 -32.29
CA VAL G 270 36.61 -19.79 -31.10
C VAL G 270 35.83 -19.36 -29.86
N ILE G 271 35.03 -18.30 -29.96
CA ILE G 271 34.22 -17.88 -28.82
C ILE G 271 33.22 -18.98 -28.46
N ALA G 272 32.59 -19.58 -29.48
CA ALA G 272 31.66 -20.66 -29.23
C ALA G 272 32.35 -21.85 -28.57
N GLY G 273 33.57 -22.16 -29.01
CA GLY G 273 34.32 -23.23 -28.40
C GLY G 273 34.64 -22.97 -26.95
N ILE G 274 35.04 -21.74 -26.64
CA ILE G 274 35.34 -21.40 -25.26
C ILE G 274 34.10 -21.52 -24.39
N GLU G 275 32.98 -20.97 -24.87
CA GLU G 275 31.74 -21.04 -24.09
C GLU G 275 31.25 -22.46 -23.93
N ARG G 276 31.36 -23.29 -24.96
CA ARG G 276 30.94 -24.68 -24.85
C ARG G 276 31.85 -25.47 -23.93
N ALA G 277 33.15 -25.15 -23.91
CA ALA G 277 34.05 -25.78 -22.96
C ALA G 277 33.70 -25.40 -21.53
N VAL G 278 33.27 -24.16 -21.31
CA VAL G 278 32.80 -23.78 -19.99
C VAL G 278 31.51 -24.54 -19.65
N GLN G 279 30.63 -24.73 -20.64
CA GLN G 279 29.42 -25.53 -20.42
C GLN G 279 29.77 -26.92 -19.94
N ASP G 280 30.68 -27.58 -20.65
CA ASP G 280 30.95 -29.00 -20.43
C ASP G 280 31.71 -29.27 -19.15
N GLY G 281 31.88 -28.28 -18.30
CA GLY G 281 32.52 -28.49 -17.02
C GLY G 281 34.02 -28.61 -17.07
N ALA G 282 34.67 -28.20 -18.15
CA ALA G 282 36.12 -28.26 -18.23
C ALA G 282 36.73 -27.40 -17.13
N ASP G 283 37.68 -27.98 -16.40
CA ASP G 283 38.38 -27.24 -15.36
C ASP G 283 39.58 -26.47 -15.89
N VAL G 284 40.24 -27.00 -16.92
CA VAL G 284 41.37 -26.33 -17.54
C VAL G 284 41.09 -26.21 -19.02
N MET G 285 41.49 -25.10 -19.61
CA MET G 285 41.21 -24.79 -21.00
C MET G 285 42.53 -24.48 -21.69
N ASN G 286 42.70 -24.98 -22.92
CA ASN G 286 43.95 -24.77 -23.65
C ASN G 286 43.65 -24.17 -25.01
N LEU G 287 44.25 -23.02 -25.27
CA LEU G 287 44.15 -22.32 -26.55
C LEU G 287 45.53 -22.14 -27.14
N SER G 288 45.86 -22.98 -28.12
CA SER G 288 47.10 -22.86 -28.88
C SER G 288 46.89 -22.18 -30.22
N LEU G 289 45.85 -21.38 -30.33
CA LEU G 289 45.56 -20.58 -31.51
C LEU G 289 45.85 -19.12 -31.21
N GLY G 290 45.59 -18.26 -32.19
CA GLY G 290 45.73 -16.84 -31.96
C GLY G 290 46.17 -16.06 -33.18
N ASN G 291 45.65 -14.87 -33.34
CA ASN G 291 46.07 -13.98 -34.41
C ASN G 291 47.22 -13.10 -33.87
N SER G 292 47.58 -12.06 -34.61
CA SER G 292 48.72 -11.22 -34.24
C SER G 292 48.30 -9.78 -34.05
N VAL G 293 47.19 -9.55 -33.37
CA VAL G 293 46.73 -8.20 -33.04
C VAL G 293 46.97 -7.97 -31.56
N ASN G 294 47.85 -7.04 -31.24
CA ASN G 294 48.18 -6.72 -29.85
C ASN G 294 47.08 -5.83 -29.28
N ASN G 295 45.93 -6.44 -29.03
CA ASN G 295 44.78 -5.74 -28.47
C ASN G 295 44.26 -6.54 -27.29
N PRO G 296 44.26 -5.99 -26.09
CA PRO G 296 43.75 -6.74 -24.93
C PRO G 296 42.25 -6.92 -24.94
N ASP G 297 41.53 -6.19 -25.78
CA ASP G 297 40.08 -6.25 -25.83
C ASP G 297 39.61 -6.84 -27.14
N TRP G 298 40.33 -7.84 -27.65
CA TRP G 298 39.81 -8.61 -28.75
C TRP G 298 38.68 -9.51 -28.25
N ALA G 299 37.88 -10.00 -29.19
CA ALA G 299 36.74 -10.83 -28.79
C ALA G 299 37.19 -12.10 -28.09
N THR G 300 38.24 -12.73 -28.61
CA THR G 300 38.76 -13.96 -27.99
C THR G 300 39.35 -13.69 -26.61
N SER G 301 39.89 -12.50 -26.39
CA SER G 301 40.40 -12.16 -25.06
C SER G 301 39.28 -11.85 -24.09
N THR G 302 38.22 -11.18 -24.53
CA THR G 302 37.06 -10.99 -23.67
C THR G 302 36.42 -12.31 -23.30
N ALA G 303 36.30 -13.22 -24.26
CA ALA G 303 35.77 -14.54 -23.96
C ALA G 303 36.66 -15.29 -22.98
N LEU G 304 37.96 -15.13 -23.07
CA LEU G 304 38.87 -15.79 -22.14
C LEU G 304 38.83 -15.18 -20.76
N ASP G 305 38.54 -13.88 -20.65
CA ASP G 305 38.31 -13.26 -19.35
C ASP G 305 36.94 -13.57 -18.79
N TRP G 306 35.98 -13.98 -19.62
CA TRP G 306 34.72 -14.45 -19.08
C TRP G 306 34.89 -15.76 -18.33
N ALA G 307 35.57 -16.73 -18.95
CA ALA G 307 36.15 -17.79 -18.17
C ALA G 307 37.28 -17.22 -17.31
N MET G 308 37.83 -18.04 -16.43
CA MET G 308 38.73 -17.59 -15.38
C MET G 308 37.95 -16.75 -14.38
N SER G 309 36.68 -16.49 -14.69
CA SER G 309 35.72 -16.00 -13.72
C SER G 309 34.56 -16.95 -13.54
N GLU G 310 34.28 -17.81 -14.50
CA GLU G 310 33.41 -18.96 -14.29
C GLU G 310 34.23 -20.17 -13.88
N GLY G 311 35.17 -19.96 -12.97
CA GLY G 311 35.94 -21.03 -12.37
C GLY G 311 36.70 -21.93 -13.32
N VAL G 312 37.13 -21.43 -14.48
CA VAL G 312 37.84 -22.25 -15.46
C VAL G 312 39.18 -21.61 -15.76
N THR G 313 40.26 -22.30 -15.41
CA THR G 313 41.60 -21.82 -15.73
C THR G 313 41.80 -21.84 -17.24
N ALA G 314 42.40 -20.79 -17.77
CA ALA G 314 42.57 -20.63 -19.22
C ALA G 314 44.05 -20.40 -19.52
N VAL G 315 44.65 -21.35 -20.23
CA VAL G 315 46.05 -21.27 -20.63
C VAL G 315 46.10 -21.09 -22.13
N THR G 316 46.87 -20.11 -22.58
CA THR G 316 46.93 -19.78 -23.99
C THR G 316 48.38 -19.54 -24.40
N SER G 317 48.65 -19.76 -25.68
CA SER G 317 49.96 -19.46 -26.20
C SER G 317 50.16 -17.97 -26.35
N ASN G 318 51.41 -17.53 -26.23
CA ASN G 318 51.74 -16.13 -26.43
C ASN G 318 51.74 -15.72 -27.89
N GLY G 319 51.95 -16.66 -28.80
CA GLY G 319 52.08 -16.36 -30.21
C GLY G 319 53.48 -16.63 -30.72
N ASN G 320 53.59 -16.68 -32.04
CA ASN G 320 54.83 -17.05 -32.72
C ASN G 320 55.31 -15.87 -33.55
N SER G 321 56.04 -14.97 -32.91
CA SER G 321 56.63 -13.83 -33.59
C SER G 321 58.05 -13.63 -33.10
N GLY G 322 58.92 -13.18 -34.00
CA GLY G 322 60.33 -13.10 -33.74
C GLY G 322 60.65 -12.24 -32.54
N PRO G 323 61.92 -12.15 -32.20
CA PRO G 323 62.28 -11.42 -30.97
C PRO G 323 62.03 -9.94 -31.16
N ASN G 324 60.92 -9.47 -30.61
CA ASN G 324 60.47 -8.10 -30.83
C ASN G 324 59.37 -7.78 -29.83
N ASN G 325 59.50 -6.67 -29.14
CA ASN G 325 58.48 -6.31 -28.17
C ASN G 325 57.19 -5.94 -28.88
N TRP G 326 56.08 -6.02 -28.14
CA TRP G 326 54.77 -5.62 -28.63
C TRP G 326 54.26 -6.52 -29.75
N THR G 327 54.60 -7.80 -29.71
CA THR G 327 54.17 -8.73 -30.75
C THR G 327 53.29 -9.85 -30.21
N VAL G 328 52.75 -9.70 -29.00
CA VAL G 328 51.95 -10.75 -28.40
C VAL G 328 50.59 -10.83 -29.10
N GLY G 329 50.08 -12.05 -29.25
CA GLY G 329 48.88 -12.28 -30.02
C GLY G 329 47.61 -11.90 -29.30
N SER G 330 46.48 -12.12 -29.98
CA SER G 330 45.20 -11.57 -29.48
C SER G 330 44.67 -12.31 -28.27
N PRO G 331 44.43 -13.63 -28.31
CA PRO G 331 43.96 -14.30 -27.10
C PRO G 331 44.97 -14.29 -25.99
N GLY G 332 46.25 -14.15 -26.32
CA GLY G 332 47.28 -14.12 -25.31
C GLY G 332 47.52 -12.75 -24.74
N THR G 333 46.65 -11.79 -25.06
CA THR G 333 46.68 -10.47 -24.45
C THR G 333 45.62 -10.30 -23.38
N SER G 334 44.86 -11.35 -23.09
CA SER G 334 43.78 -11.24 -22.12
C SER G 334 44.33 -10.93 -20.74
N ARG G 335 43.57 -10.14 -19.98
CA ARG G 335 44.04 -9.71 -18.68
C ARG G 335 44.10 -10.84 -17.68
N GLU G 336 43.19 -11.81 -17.77
CA GLU G 336 43.12 -12.92 -16.83
C GLU G 336 43.22 -14.22 -17.61
N ALA G 337 44.45 -14.63 -17.90
CA ALA G 337 44.71 -15.92 -18.54
C ALA G 337 46.20 -16.13 -18.53
N ILE G 338 46.62 -17.39 -18.33
CA ILE G 338 48.04 -17.69 -18.29
C ILE G 338 48.54 -17.78 -19.72
N SER G 339 49.33 -16.79 -20.13
CA SER G 339 49.96 -16.80 -21.45
C SER G 339 51.36 -17.39 -21.31
N VAL G 340 51.71 -18.28 -22.21
CA VAL G 340 52.92 -19.08 -22.10
C VAL G 340 53.85 -18.77 -23.27
N GLY G 341 55.10 -18.50 -22.96
CA GLY G 341 56.15 -18.41 -23.95
C GLY G 341 56.93 -19.71 -24.04
N ALA G 342 57.76 -19.80 -25.07
CA ALA G 342 58.48 -21.03 -25.38
C ALA G 342 59.95 -20.92 -25.00
N THR G 343 60.49 -22.01 -24.45
CA THR G 343 61.89 -22.06 -24.06
C THR G 343 62.55 -23.28 -24.69
N GLN G 344 63.87 -23.20 -24.80
CA GLN G 344 64.69 -24.33 -25.25
C GLN G 344 65.28 -25.02 -24.03
N LEU G 345 65.19 -26.34 -24.00
CA LEU G 345 65.76 -27.09 -22.89
C LEU G 345 67.28 -26.98 -22.91
N PRO G 346 67.92 -27.11 -21.75
CA PRO G 346 69.39 -26.98 -21.70
C PRO G 346 70.06 -28.02 -22.58
N LEU G 347 70.78 -27.55 -23.59
CA LEU G 347 71.46 -28.40 -24.54
C LEU G 347 72.96 -28.14 -24.49
N ASN G 348 73.73 -29.17 -24.84
CA ASN G 348 75.18 -29.10 -24.78
C ASN G 348 75.77 -28.63 -26.10
N LYS G 477 80.28 -25.77 -25.08
CA LYS G 477 79.67 -24.83 -24.13
C LYS G 477 78.22 -25.18 -23.88
N SER G 478 77.97 -25.95 -22.82
CA SER G 478 76.61 -26.30 -22.42
C SER G 478 75.84 -25.06 -21.97
N LEU G 479 74.63 -24.92 -22.48
CA LEU G 479 73.78 -23.78 -22.17
C LEU G 479 72.67 -24.20 -21.21
N THR G 480 72.20 -23.23 -20.43
CA THR G 480 71.05 -23.43 -19.57
C THR G 480 69.78 -23.23 -20.40
N GLU G 481 68.64 -23.15 -19.73
CA GLU G 481 67.39 -22.91 -20.45
C GLU G 481 67.41 -21.54 -21.10
N GLN G 482 66.84 -21.47 -22.30
CA GLN G 482 66.89 -20.25 -23.08
C GLN G 482 65.55 -20.07 -23.79
N MET G 483 65.09 -18.84 -23.87
CA MET G 483 63.85 -18.59 -24.59
C MET G 483 64.08 -18.70 -26.09
N ALA G 484 63.15 -19.35 -26.77
CA ALA G 484 63.20 -19.43 -28.22
C ALA G 484 62.99 -18.04 -28.81
N ASP G 485 63.53 -17.83 -30.00
CA ASP G 485 63.49 -16.53 -30.64
C ASP G 485 62.24 -16.33 -31.50
N PHE G 486 61.26 -17.21 -31.37
CA PHE G 486 60.00 -17.01 -32.05
C PHE G 486 58.85 -16.72 -31.10
N SER G 487 59.09 -16.74 -29.79
CA SER G 487 58.03 -16.41 -28.85
C SER G 487 57.68 -14.95 -28.97
N SER G 488 56.38 -14.67 -29.01
CA SER G 488 55.94 -13.29 -29.00
C SER G 488 56.28 -12.64 -27.66
N ARG G 489 56.50 -11.34 -27.68
CA ARG G 489 56.93 -10.62 -26.51
C ARG G 489 55.99 -9.47 -26.23
N GLY G 490 55.80 -9.17 -24.96
CA GLY G 490 54.94 -8.08 -24.57
C GLY G 490 55.64 -6.75 -24.72
N PRO G 491 55.09 -5.70 -24.11
CA PRO G 491 53.89 -5.66 -23.28
C PRO G 491 52.62 -5.65 -24.11
N VAL G 492 51.47 -5.73 -23.45
CA VAL G 492 50.21 -5.56 -24.15
C VAL G 492 49.92 -4.09 -24.36
N MET G 493 49.36 -3.76 -25.53
CA MET G 493 49.00 -2.38 -25.81
C MET G 493 47.82 -1.96 -24.96
N ASP G 494 47.80 -0.69 -24.59
CA ASP G 494 46.66 -0.04 -23.93
C ASP G 494 46.47 -0.52 -22.49
N THR G 495 47.21 -1.55 -22.09
CA THR G 495 47.26 -1.94 -20.68
C THR G 495 48.67 -2.11 -20.17
N TRP G 496 49.68 -2.20 -21.04
CA TRP G 496 51.08 -2.26 -20.65
C TRP G 496 51.35 -3.42 -19.72
N MET G 497 50.55 -4.47 -19.81
CA MET G 497 50.70 -5.64 -18.97
C MET G 497 51.88 -6.47 -19.45
N ILE G 498 52.59 -7.09 -18.50
CA ILE G 498 53.74 -7.91 -18.83
C ILE G 498 53.25 -9.24 -19.40
N LYS G 499 53.70 -9.57 -20.59
CA LYS G 499 53.41 -10.87 -21.19
C LYS G 499 54.64 -11.35 -21.93
N PRO G 500 54.89 -12.67 -21.98
CA PRO G 500 54.06 -13.78 -21.53
C PRO G 500 53.92 -13.83 -20.02
N ASP G 501 52.95 -14.54 -19.49
CA ASP G 501 52.89 -14.67 -18.04
C ASP G 501 53.94 -15.64 -17.52
N VAL G 502 54.06 -16.80 -18.16
CA VAL G 502 55.07 -17.78 -17.77
C VAL G 502 55.66 -18.37 -19.05
N SER G 503 56.86 -18.91 -18.96
CA SER G 503 57.44 -19.65 -20.08
C SER G 503 57.52 -21.14 -19.73
N ALA G 504 57.58 -21.95 -20.77
CA ALA G 504 57.59 -23.41 -20.63
C ALA G 504 58.32 -24.01 -21.81
N PRO G 505 58.79 -25.25 -21.71
CA PRO G 505 59.49 -25.86 -22.83
C PRO G 505 58.60 -25.98 -24.05
N GLY G 506 59.03 -25.38 -25.15
CA GLY G 506 58.23 -25.40 -26.35
C GLY G 506 59.02 -25.54 -27.64
N VAL G 507 60.22 -26.09 -27.56
CA VAL G 507 61.07 -26.30 -28.72
C VAL G 507 61.38 -27.77 -28.83
N ASN G 508 61.12 -28.36 -30.00
CA ASN G 508 61.39 -29.76 -30.27
C ASN G 508 60.66 -30.66 -29.28
N ILE G 509 59.34 -30.58 -29.30
CA ILE G 509 58.49 -31.37 -28.43
C ILE G 509 57.92 -32.51 -29.26
N VAL G 510 58.17 -33.74 -28.84
CA VAL G 510 57.64 -34.91 -29.53
C VAL G 510 56.36 -35.33 -28.82
N SER G 511 55.34 -35.67 -29.60
CA SER G 511 54.06 -36.02 -29.03
C SER G 511 53.23 -36.74 -30.09
N THR G 512 52.05 -37.19 -29.68
CA THR G 512 51.21 -38.01 -30.53
C THR G 512 50.66 -37.20 -31.70
N ILE G 513 50.73 -37.77 -32.89
CA ILE G 513 50.16 -37.14 -34.09
C ILE G 513 49.40 -38.19 -34.88
N PRO G 514 48.43 -37.79 -35.71
CA PRO G 514 47.93 -38.69 -36.74
C PRO G 514 48.81 -38.62 -37.96
N THR G 515 49.17 -39.79 -38.48
CA THR G 515 49.98 -39.85 -39.69
C THR G 515 49.17 -39.62 -40.95
N HIS G 516 47.84 -39.61 -40.84
CA HIS G 516 46.95 -39.46 -41.98
C HIS G 516 47.24 -40.51 -43.04
N ASP G 517 47.59 -41.71 -42.57
CA ASP G 517 47.88 -42.85 -43.41
C ASP G 517 46.98 -44.00 -42.99
N PRO G 518 46.11 -44.51 -43.86
CA PRO G 518 45.26 -45.64 -43.47
C PRO G 518 46.03 -46.86 -43.02
N ALA G 519 47.25 -47.06 -43.50
CA ALA G 519 48.05 -48.22 -43.10
C ALA G 519 48.36 -48.18 -41.60
N ASP G 520 48.77 -47.02 -41.10
CA ASP G 520 48.98 -46.82 -39.66
C ASP G 520 48.65 -45.37 -39.34
N PRO G 521 47.49 -45.11 -38.75
CA PRO G 521 47.03 -43.72 -38.62
C PRO G 521 47.64 -42.96 -37.48
N TYR G 522 48.30 -43.62 -36.52
CA TYR G 522 48.81 -42.98 -35.33
C TYR G 522 50.32 -43.08 -35.27
N GLY G 523 50.97 -42.01 -34.84
CA GLY G 523 52.41 -42.01 -34.70
C GLY G 523 52.85 -40.90 -33.78
N TYR G 524 54.14 -40.62 -33.81
CA TYR G 524 54.71 -39.56 -33.00
C TYR G 524 55.48 -38.59 -33.89
N GLY G 525 55.41 -37.32 -33.52
CA GLY G 525 56.06 -36.29 -34.31
C GLY G 525 56.55 -35.18 -33.42
N SER G 526 57.58 -34.50 -33.90
CA SER G 526 58.23 -33.41 -33.16
C SER G 526 57.81 -32.10 -33.78
N LYS G 527 57.16 -31.25 -32.98
CA LYS G 527 56.76 -29.93 -33.40
C LYS G 527 57.32 -28.90 -32.43
N GLN G 528 57.41 -27.67 -32.91
CA GLN G 528 57.99 -26.58 -32.16
C GLN G 528 57.09 -25.35 -32.32
N GLY G 529 57.01 -24.56 -31.27
CA GLY G 529 56.22 -23.35 -31.32
C GLY G 529 55.73 -22.95 -29.95
N THR G 530 55.41 -21.67 -29.82
CA THR G 530 54.79 -21.19 -28.59
C THR G 530 53.47 -21.88 -28.34
N SER G 531 52.80 -22.32 -29.40
CA SER G 531 51.56 -23.06 -29.25
C SER G 531 51.76 -24.40 -28.57
N MET G 532 52.99 -24.88 -28.48
CA MET G 532 53.27 -26.11 -27.76
C MET G 532 53.98 -25.90 -26.44
N ALA G 533 54.20 -24.66 -26.03
CA ALA G 533 54.57 -24.42 -24.65
C ALA G 533 53.37 -24.36 -23.73
N SER G 534 52.25 -23.86 -24.22
CA SER G 534 51.04 -23.78 -23.40
C SER G 534 50.54 -25.13 -22.90
N PRO G 535 50.58 -26.22 -23.68
CA PRO G 535 50.07 -27.49 -23.13
C PRO G 535 50.81 -27.94 -21.88
N HIS G 536 52.09 -27.64 -21.75
CA HIS G 536 52.80 -27.96 -20.51
C HIS G 536 52.16 -27.25 -19.33
N VAL G 537 51.84 -25.97 -19.50
CA VAL G 537 51.24 -25.23 -18.41
C VAL G 537 49.81 -25.69 -18.16
N ALA G 538 49.10 -26.13 -19.21
CA ALA G 538 47.77 -26.67 -19.00
C ALA G 538 47.82 -27.96 -18.19
N GLY G 539 48.77 -28.85 -18.50
CA GLY G 539 48.95 -30.03 -17.70
C GLY G 539 49.36 -29.72 -16.28
N ALA G 540 50.23 -28.71 -16.12
CA ALA G 540 50.62 -28.28 -14.79
C ALA G 540 49.44 -27.78 -14.00
N ALA G 541 48.56 -27.00 -14.64
CA ALA G 541 47.37 -26.51 -13.97
C ALA G 541 46.45 -27.65 -13.59
N ALA G 542 46.32 -28.66 -14.45
CA ALA G 542 45.51 -29.82 -14.09
C ALA G 542 46.08 -30.54 -12.88
N VAL G 543 47.40 -30.74 -12.86
CA VAL G 543 48.04 -31.41 -11.73
C VAL G 543 47.82 -30.62 -10.45
N ILE G 544 48.02 -29.30 -10.53
CA ILE G 544 47.85 -28.46 -9.34
C ILE G 544 46.40 -28.50 -8.87
N LYS G 545 45.45 -28.42 -9.79
CA LYS G 545 44.05 -28.47 -9.39
C LYS G 545 43.71 -29.79 -8.73
N GLN G 546 44.33 -30.88 -9.16
CA GLN G 546 44.16 -32.12 -8.41
C GLN G 546 44.78 -32.00 -7.02
N ALA G 547 45.95 -31.36 -6.92
CA ALA G 547 46.64 -31.26 -5.65
C ALA G 547 45.94 -30.28 -4.72
N LYS G 548 45.55 -29.12 -5.23
CA LYS G 548 44.88 -28.08 -4.46
C LYS G 548 43.48 -27.89 -5.01
N PRO G 549 42.48 -28.65 -4.54
CA PRO G 549 41.15 -28.58 -5.16
C PRO G 549 40.39 -27.32 -4.83
N LYS G 550 40.86 -26.50 -3.89
CA LYS G 550 40.13 -25.31 -3.48
C LYS G 550 40.64 -24.04 -4.14
N TRP G 551 41.70 -24.11 -4.92
CA TRP G 551 42.28 -22.91 -5.51
C TRP G 551 41.44 -22.41 -6.67
N SER G 552 41.25 -21.11 -6.73
CA SER G 552 40.54 -20.45 -7.82
C SER G 552 41.44 -20.38 -9.04
N PRO G 553 40.91 -20.10 -10.23
CA PRO G 553 41.80 -19.95 -11.39
C PRO G 553 42.86 -18.89 -11.21
N GLU G 554 42.53 -17.77 -10.57
CA GLU G 554 43.53 -16.75 -10.31
C GLU G 554 44.58 -17.18 -9.30
N GLN G 555 44.19 -18.00 -8.32
CA GLN G 555 45.15 -18.55 -7.38
C GLN G 555 46.11 -19.51 -8.04
N ILE G 556 45.65 -20.33 -8.99
CA ILE G 556 46.54 -21.20 -9.74
C ILE G 556 47.51 -20.37 -10.57
N LYS G 557 47.00 -19.33 -11.22
CA LYS G 557 47.88 -18.47 -12.01
C LYS G 557 48.94 -17.82 -11.14
N ALA G 558 48.55 -17.34 -9.96
CA ALA G 558 49.52 -16.76 -9.04
C ALA G 558 50.50 -17.77 -8.50
N ALA G 559 50.10 -19.02 -8.32
CA ALA G 559 51.01 -20.05 -7.83
C ALA G 559 52.00 -20.50 -8.88
N LEU G 560 51.57 -20.66 -10.13
CA LEU G 560 52.51 -20.94 -11.20
C LEU G 560 53.48 -19.78 -11.39
N MET G 561 52.97 -18.56 -11.34
CA MET G 561 53.79 -17.41 -11.65
C MET G 561 54.74 -17.07 -10.52
N ASN G 562 54.37 -17.39 -9.29
CA ASN G 562 55.21 -17.05 -8.14
C ASN G 562 56.44 -17.93 -8.08
N THR G 563 56.27 -19.23 -8.26
CA THR G 563 57.35 -20.20 -8.15
C THR G 563 57.82 -20.55 -9.56
N ALA G 564 58.67 -19.68 -10.10
CA ALA G 564 59.18 -19.86 -11.45
C ALA G 564 60.63 -19.44 -11.48
N GLU G 565 61.45 -20.19 -12.20
CA GLU G 565 62.89 -19.96 -12.24
C GLU G 565 63.22 -18.95 -13.32
N THR G 566 63.86 -17.84 -12.92
CA THR G 566 64.32 -16.86 -13.88
C THR G 566 65.37 -17.46 -14.80
N LEU G 567 65.34 -17.04 -16.06
CA LEU G 567 66.19 -17.58 -17.11
C LEU G 567 67.22 -16.54 -17.51
N THR G 568 68.47 -16.95 -17.59
CA THR G 568 69.53 -16.09 -18.10
C THR G 568 69.95 -16.57 -19.49
N ASP G 569 70.33 -15.61 -20.33
CA ASP G 569 70.71 -15.94 -21.70
C ASP G 569 72.14 -16.46 -21.72
N ALA G 570 72.72 -16.59 -22.92
CA ALA G 570 74.03 -17.20 -23.05
C ALA G 570 75.11 -16.38 -22.36
N ASP G 571 75.09 -15.05 -22.54
CA ASP G 571 76.13 -14.21 -21.96
C ASP G 571 76.06 -14.20 -20.44
N GLY G 572 74.85 -14.25 -19.89
CA GLY G 572 74.69 -14.26 -18.45
C GLY G 572 73.75 -13.19 -17.95
N ASP G 573 73.00 -12.58 -18.85
CA ASP G 573 72.05 -11.54 -18.51
C ASP G 573 70.66 -12.12 -18.38
N VAL G 574 69.93 -11.69 -17.35
CA VAL G 574 68.56 -12.13 -17.19
C VAL G 574 67.73 -11.65 -18.37
N TYR G 575 66.93 -12.55 -18.92
CA TYR G 575 66.05 -12.19 -20.02
C TYR G 575 65.07 -11.11 -19.56
N PRO G 576 64.73 -10.17 -20.44
CA PRO G 576 63.79 -9.12 -20.05
C PRO G 576 62.46 -9.71 -19.63
N HIS G 577 61.72 -8.96 -18.82
CA HIS G 577 60.45 -9.46 -18.30
C HIS G 577 59.45 -9.72 -19.40
N ASN G 578 59.41 -8.87 -20.43
CA ASN G 578 58.55 -9.16 -21.56
C ASN G 578 59.27 -10.01 -22.58
N ALA G 579 60.01 -11.00 -22.10
CA ALA G 579 60.48 -12.11 -22.89
C ALA G 579 60.40 -13.40 -22.09
N GLN G 580 60.20 -13.31 -20.79
CA GLN G 580 60.24 -14.39 -19.84
C GLN G 580 58.97 -14.50 -19.03
N GLY G 581 58.40 -13.35 -18.65
CA GLY G 581 57.24 -13.29 -17.82
C GLY G 581 57.60 -13.43 -16.36
N ALA G 582 57.86 -14.65 -15.94
CA ALA G 582 58.34 -14.89 -14.59
C ALA G 582 59.33 -16.03 -14.56
N GLY G 583 59.63 -16.63 -15.69
CA GLY G 583 60.53 -17.75 -15.78
C GLY G 583 59.80 -19.02 -16.19
N SER G 584 60.51 -20.13 -16.11
CA SER G 584 59.94 -21.42 -16.46
C SER G 584 59.14 -21.97 -15.30
N ILE G 585 58.06 -22.70 -15.61
CA ILE G 585 57.25 -23.30 -14.57
C ILE G 585 58.08 -24.31 -13.78
N ARG G 586 57.70 -24.51 -12.53
CA ARG G 586 58.22 -25.59 -11.70
C ARG G 586 57.02 -26.17 -10.96
N ILE G 587 56.49 -27.28 -11.48
CA ILE G 587 55.25 -27.83 -10.93
C ILE G 587 55.43 -28.22 -9.47
N MET G 588 56.61 -28.76 -9.13
CA MET G 588 56.83 -29.24 -7.78
C MET G 588 56.81 -28.10 -6.76
N LYS G 589 57.46 -26.99 -7.10
CA LYS G 589 57.42 -25.83 -6.21
C LYS G 589 56.01 -25.27 -6.10
N ALA G 590 55.29 -25.22 -7.22
CA ALA G 590 53.94 -24.67 -7.19
C ALA G 590 53.00 -25.52 -6.35
N ILE G 591 53.14 -26.84 -6.43
CA ILE G 591 52.28 -27.75 -5.68
C ILE G 591 52.50 -27.58 -4.18
N LYS G 592 53.71 -27.27 -3.75
CA LYS G 592 54.05 -27.14 -2.34
C LYS G 592 54.29 -25.66 -2.09
N ALA G 593 53.20 -24.93 -1.90
CA ALA G 593 53.26 -23.50 -1.70
C ALA G 593 52.15 -23.09 -0.75
N ASP G 594 52.53 -22.54 0.40
CA ASP G 594 51.58 -22.13 1.41
C ASP G 594 51.38 -20.63 1.46
N SER G 595 51.98 -19.89 0.54
CA SER G 595 51.81 -18.45 0.47
C SER G 595 51.64 -18.06 -0.98
N LEU G 596 50.62 -17.27 -1.27
CA LEU G 596 50.35 -16.83 -2.64
C LEU G 596 50.36 -15.31 -2.70
N VAL G 597 51.14 -14.76 -3.63
CA VAL G 597 51.20 -13.33 -3.84
C VAL G 597 50.49 -13.01 -5.13
N ALA G 598 49.49 -12.14 -5.06
CA ALA G 598 48.69 -11.79 -6.22
C ALA G 598 48.55 -10.28 -6.33
N PRO G 599 48.59 -9.73 -7.54
CA PRO G 599 48.76 -10.41 -8.83
C PRO G 599 50.19 -10.87 -9.01
N GLY G 600 50.42 -11.93 -9.77
CA GLY G 600 51.78 -12.44 -9.91
C GLY G 600 52.72 -11.48 -10.58
N SER G 601 52.19 -10.57 -11.39
CA SER G 601 53.01 -9.52 -12.00
C SER G 601 52.13 -8.28 -12.12
N TYR G 602 52.75 -7.12 -11.95
CA TYR G 602 52.02 -5.87 -12.00
C TYR G 602 52.72 -4.89 -12.92
N SER G 603 51.94 -4.03 -13.55
CA SER G 603 52.47 -3.01 -14.43
C SER G 603 51.92 -1.66 -14.00
N TYR G 604 52.83 -0.71 -13.79
CA TYR G 604 52.43 0.59 -13.29
C TYR G 604 51.91 1.51 -14.38
N GLY G 605 51.92 1.08 -15.63
CA GLY G 605 51.43 1.93 -16.69
C GLY G 605 52.49 2.89 -17.18
N THR G 606 52.06 4.08 -17.56
CA THR G 606 52.93 5.07 -18.16
C THR G 606 53.00 6.31 -17.27
N PHE G 607 54.15 6.99 -17.33
CA PHE G 607 54.38 8.24 -16.61
C PHE G 607 54.61 9.31 -17.66
N MET G 608 53.64 10.22 -17.80
CA MET G 608 53.63 11.17 -18.91
C MET G 608 54.01 12.58 -18.49
N LYS G 609 54.24 12.83 -17.20
CA LYS G 609 54.47 14.20 -16.74
C LYS G 609 55.75 14.76 -17.36
N ASP G 610 55.65 15.99 -17.86
CA ASP G 610 56.81 16.64 -18.45
C ASP G 610 57.79 17.12 -17.39
N LYS G 611 57.27 17.64 -16.27
CA LYS G 611 58.11 18.10 -15.18
C LYS G 611 57.46 17.72 -13.86
N GLY G 612 58.28 17.61 -12.83
CA GLY G 612 57.80 17.22 -11.52
C GLY G 612 58.00 15.73 -11.26
N ASN G 613 57.44 15.29 -10.14
CA ASN G 613 57.51 13.90 -9.72
C ASN G 613 56.13 13.29 -9.75
N GLU G 614 56.03 12.08 -10.28
CA GLU G 614 54.77 11.37 -10.35
C GLU G 614 54.87 10.09 -9.54
N THR G 615 53.89 9.85 -8.68
CA THR G 615 53.90 8.71 -7.78
C THR G 615 52.70 7.82 -8.08
N LYS G 616 52.95 6.53 -8.19
CA LYS G 616 51.89 5.54 -8.33
C LYS G 616 52.08 4.48 -7.27
N LYS G 617 51.00 3.77 -6.95
CA LYS G 617 51.10 2.73 -5.94
C LYS G 617 50.19 1.58 -6.29
N GLU G 618 50.57 0.39 -5.82
CA GLU G 618 49.83 -0.82 -6.02
C GLU G 618 49.74 -1.58 -4.71
N THR G 619 48.67 -2.36 -4.56
CA THR G 619 48.47 -3.17 -3.37
C THR G 619 48.53 -4.63 -3.78
N PHE G 620 49.62 -5.30 -3.43
CA PHE G 620 49.72 -6.73 -3.61
C PHE G 620 49.11 -7.42 -2.40
N THR G 621 48.62 -8.63 -2.62
CA THR G 621 47.92 -9.39 -1.61
C THR G 621 48.64 -10.71 -1.36
N ILE G 622 48.98 -10.97 -0.11
CA ILE G 622 49.65 -12.19 0.28
C ILE G 622 48.68 -13.04 1.08
N GLU G 623 48.41 -14.24 0.59
CA GLU G 623 47.54 -15.19 1.26
C GLU G 623 48.42 -16.21 1.98
N ASN G 624 48.21 -16.36 3.29
CA ASN G 624 48.98 -17.26 4.12
C ASN G 624 48.19 -18.54 4.27
N GLN G 625 48.39 -19.47 3.34
CA GLN G 625 47.63 -20.71 3.32
C GLN G 625 48.02 -21.67 4.44
N SER G 626 49.09 -21.38 5.18
CA SER G 626 49.56 -22.29 6.20
C SER G 626 48.75 -22.13 7.48
N SER G 627 49.07 -22.97 8.46
CA SER G 627 48.38 -22.98 9.75
C SER G 627 49.11 -22.20 10.81
N ILE G 628 50.12 -21.43 10.44
CA ILE G 628 51.02 -20.76 11.37
C ILE G 628 51.16 -19.31 10.96
N ARG G 629 51.17 -18.41 11.93
CA ARG G 629 51.31 -16.99 11.63
C ARG G 629 52.72 -16.72 11.11
N LYS G 630 52.82 -16.02 9.99
CA LYS G 630 54.10 -15.82 9.33
C LYS G 630 54.39 -14.34 9.14
N SER G 631 55.67 -14.06 8.89
CA SER G 631 56.15 -12.71 8.64
C SER G 631 56.81 -12.68 7.28
N TYR G 632 56.27 -11.87 6.38
CA TYR G 632 56.77 -11.74 5.03
C TYR G 632 57.55 -10.45 4.88
N GLN G 633 58.64 -10.53 4.13
CA GLN G 633 59.58 -9.43 3.97
C GLN G 633 59.67 -9.06 2.51
N LEU G 634 59.53 -7.76 2.23
CA LEU G 634 59.42 -7.27 0.86
C LEU G 634 60.68 -6.51 0.47
N GLU G 635 61.19 -6.81 -0.71
CA GLU G 635 62.29 -6.06 -1.30
C GLU G 635 61.87 -5.56 -2.66
N TYR G 636 61.85 -4.25 -2.84
CA TYR G 636 61.44 -3.62 -4.08
C TYR G 636 62.67 -3.11 -4.81
N SER G 637 62.74 -3.37 -6.11
CA SER G 637 63.85 -2.87 -6.91
C SER G 637 63.32 -2.44 -8.27
N PHE G 638 64.00 -1.46 -8.86
CA PHE G 638 63.74 -1.05 -10.23
C PHE G 638 65.06 -0.70 -10.89
N ASN G 639 65.19 -1.04 -12.17
CA ASN G 639 66.34 -0.64 -12.94
C ASN G 639 66.14 0.77 -13.48
N GLY G 640 67.24 1.44 -13.76
CA GLY G 640 67.12 2.79 -14.28
C GLY G 640 67.17 3.84 -13.19
N THR G 641 67.69 5.00 -13.56
CA THR G 641 67.88 6.10 -12.62
C THR G 641 66.65 7.00 -12.60
N GLY G 642 66.46 7.66 -11.45
CA GLY G 642 65.32 8.53 -11.28
C GLY G 642 64.05 7.84 -10.84
N ILE G 643 64.09 6.54 -10.60
CA ILE G 643 62.94 5.78 -10.14
C ILE G 643 63.23 5.32 -8.72
N THR G 644 62.41 5.76 -7.78
CA THR G 644 62.56 5.40 -6.38
C THR G 644 61.38 4.56 -5.95
N VAL G 645 61.66 3.40 -5.35
CA VAL G 645 60.62 2.45 -5.00
C VAL G 645 60.64 2.25 -3.50
N SER G 646 59.46 2.16 -2.90
CA SER G 646 59.33 2.00 -1.46
C SER G 646 58.03 1.27 -1.18
N GLY G 647 57.69 1.16 0.08
CA GLY G 647 56.44 0.56 0.47
C GLY G 647 56.62 -0.27 1.73
N THR G 648 55.61 -1.09 2.01
CA THR G 648 55.62 -1.92 3.20
C THR G 648 56.78 -2.91 3.18
N ASP G 649 57.73 -2.73 4.08
CA ASP G 649 58.90 -3.59 4.13
C ASP G 649 58.70 -4.89 4.89
N ARG G 650 57.57 -5.05 5.57
CA ARG G 650 57.32 -6.27 6.33
C ARG G 650 55.85 -6.32 6.71
N VAL G 651 55.25 -7.49 6.58
CA VAL G 651 53.90 -7.73 7.06
C VAL G 651 53.90 -8.98 7.90
N VAL G 652 52.96 -9.04 8.83
CA VAL G 652 52.71 -10.24 9.63
C VAL G 652 51.29 -10.66 9.35
N ILE G 653 51.12 -11.90 8.89
CA ILE G 653 49.82 -12.42 8.47
C ILE G 653 49.50 -13.62 9.35
N PRO G 654 48.35 -13.64 9.99
CA PRO G 654 47.96 -14.81 10.79
C PRO G 654 47.66 -16.00 9.91
N ALA G 655 47.39 -17.15 10.53
CA ALA G 655 47.14 -18.36 9.77
C ALA G 655 45.85 -18.24 8.97
N HIS G 656 45.87 -18.77 7.75
CA HIS G 656 44.69 -18.84 6.89
C HIS G 656 44.05 -17.46 6.73
N GLN G 657 44.88 -16.46 6.50
CA GLN G 657 44.42 -15.09 6.36
C GLN G 657 45.15 -14.42 5.22
N THR G 658 44.98 -13.10 5.13
CA THR G 658 45.42 -12.32 4.00
C THR G 658 45.96 -10.98 4.45
N GLY G 659 47.09 -10.58 3.89
CA GLY G 659 47.67 -9.29 4.18
C GLY G 659 47.90 -8.51 2.90
N LYS G 660 48.03 -7.20 3.05
CA LYS G 660 48.20 -6.30 1.93
C LYS G 660 49.51 -5.56 2.06
N VAL G 661 50.27 -5.48 0.96
CA VAL G 661 51.51 -4.74 0.92
C VAL G 661 51.35 -3.64 -0.12
N ASN G 662 51.69 -2.42 0.26
CA ASN G 662 51.49 -1.25 -0.59
C ASN G 662 52.83 -0.87 -1.20
N ALA G 663 53.10 -1.40 -2.39
CA ALA G 663 54.28 -0.98 -3.13
C ALA G 663 54.02 0.39 -3.74
N LYS G 664 55.06 1.21 -3.80
CA LYS G 664 54.91 2.57 -4.29
C LYS G 664 56.12 2.92 -5.13
N VAL G 665 55.88 3.49 -6.30
CA VAL G 665 56.95 3.89 -7.20
C VAL G 665 56.82 5.38 -7.45
N LYS G 666 57.97 6.04 -7.59
CA LYS G 666 58.00 7.48 -7.79
C LYS G 666 59.03 7.80 -8.86
N VAL G 667 58.60 8.50 -9.90
CA VAL G 667 59.42 8.81 -11.06
C VAL G 667 59.66 10.30 -11.09
N ASN G 668 60.93 10.69 -11.15
CA ASN G 668 61.34 12.08 -11.26
C ASN G 668 61.49 12.40 -12.74
N ALA G 669 60.52 13.15 -13.28
CA ALA G 669 60.49 13.42 -14.71
C ALA G 669 61.73 14.16 -15.19
N LYS G 670 62.43 14.86 -14.30
CA LYS G 670 63.58 15.64 -14.71
C LYS G 670 64.84 14.80 -14.84
N LYS G 671 64.84 13.58 -14.34
CA LYS G 671 66.04 12.75 -14.33
C LYS G 671 65.93 11.46 -15.12
N VAL G 672 64.72 11.07 -15.53
CA VAL G 672 64.49 9.75 -16.09
C VAL G 672 64.47 9.85 -17.61
N LYS G 673 65.28 9.02 -18.26
CA LYS G 673 65.21 8.88 -19.71
C LYS G 673 63.98 8.07 -20.09
N ALA G 674 63.34 8.46 -21.18
CA ALA G 674 62.17 7.75 -21.64
C ALA G 674 62.53 6.32 -22.02
N GLY G 675 61.63 5.40 -21.75
CA GLY G 675 61.86 4.00 -22.05
C GLY G 675 61.04 3.12 -21.12
N THR G 676 61.22 1.82 -21.30
CA THR G 676 60.54 0.82 -20.52
C THR G 676 61.50 0.25 -19.47
N TYR G 677 61.11 0.35 -18.20
CA TYR G 677 61.95 -0.09 -17.10
C TYR G 677 61.28 -1.25 -16.38
N GLU G 678 62.08 -2.23 -16.00
CA GLU G 678 61.61 -3.45 -15.36
C GLU G 678 62.04 -3.48 -13.91
N GLY G 679 61.09 -3.70 -13.02
CA GLY G 679 61.38 -3.83 -11.60
C GLY G 679 60.96 -5.19 -11.09
N THR G 680 61.07 -5.35 -9.78
CA THR G 680 60.75 -6.62 -9.14
C THR G 680 60.41 -6.39 -7.68
N VAL G 681 59.38 -7.09 -7.22
CA VAL G 681 59.04 -7.17 -5.81
C VAL G 681 59.30 -8.58 -5.36
N THR G 682 60.21 -8.76 -4.42
CA THR G 682 60.60 -10.07 -3.93
C THR G 682 60.04 -10.26 -2.53
N VAL G 683 59.36 -11.37 -2.31
CA VAL G 683 58.73 -11.69 -1.03
C VAL G 683 59.48 -12.86 -0.42
N ARG G 684 60.01 -12.68 0.77
CA ARG G 684 60.70 -13.72 1.50
C ARG G 684 59.91 -14.10 2.73
N GLU G 685 59.98 -15.36 3.10
CA GLU G 685 59.31 -15.84 4.31
C GLU G 685 60.12 -16.97 4.90
N GLY G 686 60.69 -16.75 6.08
CA GLY G 686 61.39 -17.77 6.81
C GLY G 686 62.37 -18.56 5.97
N GLY G 687 63.40 -17.90 5.46
CA GLY G 687 64.34 -18.58 4.60
C GLY G 687 63.98 -18.46 3.14
N LYS G 688 63.26 -19.46 2.64
CA LYS G 688 62.91 -19.55 1.23
C LYS G 688 62.23 -18.29 0.73
N THR G 689 62.35 -18.06 -0.57
CA THR G 689 61.65 -16.99 -1.26
C THR G 689 60.31 -17.50 -1.76
N VAL G 690 59.23 -16.79 -1.42
CA VAL G 690 57.91 -17.28 -1.77
C VAL G 690 57.39 -16.71 -3.08
N ALA G 691 57.95 -15.60 -3.56
CA ALA G 691 57.49 -15.00 -4.80
C ALA G 691 58.54 -14.02 -5.30
N LYS G 692 58.48 -13.76 -6.60
CA LYS G 692 59.30 -12.74 -7.24
C LYS G 692 58.40 -12.09 -8.29
N VAL G 693 57.74 -11.00 -7.91
CA VAL G 693 56.70 -10.39 -8.72
C VAL G 693 57.37 -9.47 -9.74
N PRO G 694 57.25 -9.74 -11.03
CA PRO G 694 57.82 -8.82 -12.03
C PRO G 694 56.95 -7.59 -12.17
N THR G 695 57.55 -6.42 -12.03
CA THR G 695 56.86 -5.15 -12.21
C THR G 695 57.46 -4.43 -13.40
N LEU G 696 56.73 -3.44 -13.90
CA LEU G 696 57.14 -2.73 -15.11
C LEU G 696 56.47 -1.38 -15.15
N LEU G 697 57.21 -0.37 -15.60
CA LEU G 697 56.65 0.93 -15.87
C LEU G 697 57.27 1.49 -17.14
N ILE G 698 56.55 2.41 -17.77
CA ILE G 698 56.97 3.02 -19.02
C ILE G 698 57.00 4.52 -18.81
N VAL G 699 58.03 5.17 -19.30
CA VAL G 699 58.20 6.61 -19.16
C VAL G 699 57.97 7.27 -20.50
N LYS G 700 57.20 8.35 -20.50
CA LYS G 700 56.77 9.06 -21.71
C LYS G 700 55.97 8.09 -22.57
N GLU G 701 56.08 8.15 -23.88
CA GLU G 701 55.27 7.33 -24.76
C GLU G 701 55.92 5.98 -25.01
N PRO G 702 55.14 4.90 -24.93
CA PRO G 702 55.70 3.57 -25.20
C PRO G 702 56.16 3.47 -26.65
N ASP G 703 57.16 2.63 -26.87
CA ASP G 703 57.75 2.46 -28.20
C ASP G 703 57.10 1.30 -28.95
N TYR G 704 55.80 1.33 -29.02
CA TYR G 704 55.10 0.29 -29.76
C TYR G 704 55.18 0.60 -31.26
N PRO G 705 55.03 -0.42 -32.10
CA PRO G 705 54.94 -0.16 -33.54
C PRO G 705 53.74 0.71 -33.84
N ARG G 706 53.99 1.83 -34.52
CA ARG G 706 52.91 2.75 -34.81
C ARG G 706 51.92 2.17 -35.81
N VAL G 707 52.38 1.30 -36.70
CA VAL G 707 51.52 0.58 -37.61
C VAL G 707 51.93 -0.88 -37.57
N THR G 708 50.94 -1.77 -37.48
CA THR G 708 51.19 -3.18 -37.25
C THR G 708 51.06 -4.02 -38.52
N SER G 709 49.97 -3.87 -39.25
CA SER G 709 49.73 -4.69 -40.43
C SER G 709 49.12 -3.85 -41.52
N ILE G 710 49.42 -4.22 -42.77
CA ILE G 710 48.86 -3.60 -43.96
C ILE G 710 48.64 -4.69 -45.00
N ASP G 711 47.50 -4.62 -45.67
CA ASP G 711 47.25 -5.48 -46.83
C ASP G 711 46.46 -4.72 -47.87
N VAL G 712 46.60 -5.15 -49.12
CA VAL G 712 45.95 -4.51 -50.26
C VAL G 712 45.12 -5.56 -50.98
N GLN G 713 43.85 -5.28 -51.17
CA GLN G 713 42.97 -6.17 -51.91
C GLN G 713 42.30 -5.39 -53.03
N ASP G 714 41.68 -6.13 -53.95
CA ASP G 714 40.98 -5.49 -55.05
C ASP G 714 39.70 -4.84 -54.53
N GLY G 715 39.41 -3.64 -55.03
CA GLY G 715 38.23 -2.93 -54.60
C GLY G 715 36.97 -3.45 -55.26
N THR G 716 35.84 -2.92 -54.79
CA THR G 716 34.56 -3.27 -55.38
C THR G 716 34.46 -2.82 -56.84
N THR G 717 35.22 -1.80 -57.23
CA THR G 717 35.27 -1.33 -58.60
C THR G 717 36.54 -1.85 -59.26
N GLN G 718 36.40 -2.39 -60.45
CA GLN G 718 37.56 -2.91 -61.17
C GLN G 718 38.57 -1.81 -61.43
N GLY G 719 39.85 -2.12 -61.22
CA GLY G 719 40.92 -1.17 -61.38
C GLY G 719 41.30 -0.40 -60.13
N THR G 720 40.48 -0.46 -59.08
CA THR G 720 40.76 0.21 -57.82
C THR G 720 41.12 -0.80 -56.76
N TYR G 721 41.62 -0.29 -55.64
CA TYR G 721 42.15 -1.13 -54.58
C TYR G 721 41.67 -0.62 -53.23
N GLN G 722 41.67 -1.51 -52.24
CA GLN G 722 41.39 -1.16 -50.87
C GLN G 722 42.59 -1.53 -50.02
N ILE G 723 43.05 -0.57 -49.22
CA ILE G 723 44.18 -0.76 -48.32
C ILE G 723 43.62 -0.85 -46.91
N GLU G 724 43.88 -1.96 -46.23
CA GLU G 724 43.45 -2.14 -44.86
C GLU G 724 44.69 -2.19 -43.97
N THR G 725 44.72 -1.32 -42.97
CA THR G 725 45.87 -1.22 -42.08
C THR G 725 45.38 -1.18 -40.64
N TYR G 726 46.26 -1.56 -39.72
CA TYR G 726 45.92 -1.54 -38.31
C TYR G 726 46.86 -0.58 -37.58
N LEU G 727 46.28 0.42 -36.93
CA LEU G 727 47.06 1.41 -36.18
C LEU G 727 46.79 1.22 -34.70
N PRO G 728 47.74 0.73 -33.92
CA PRO G 728 47.46 0.45 -32.51
C PRO G 728 47.00 1.64 -31.71
N ALA G 729 47.49 2.85 -32.01
CA ALA G 729 47.07 4.01 -31.26
C ALA G 729 46.82 5.21 -32.16
N GLY G 730 46.38 4.96 -33.39
CA GLY G 730 46.18 6.04 -34.33
C GLY G 730 47.47 6.48 -34.96
N ALA G 731 47.38 7.51 -35.77
CA ALA G 731 48.56 8.02 -36.46
C ALA G 731 48.39 9.49 -36.73
N GLU G 732 49.35 10.30 -36.28
CA GLU G 732 49.37 11.70 -36.64
C GLU G 732 49.54 11.86 -38.15
N GLU G 733 50.37 11.01 -38.75
CA GLU G 733 50.55 11.04 -40.19
C GLU G 733 50.70 9.61 -40.69
N LEU G 734 50.08 9.31 -41.82
CA LEU G 734 50.11 7.98 -42.40
C LEU G 734 50.37 8.10 -43.89
N ALA G 735 51.33 7.32 -44.39
CA ALA G 735 51.72 7.41 -45.79
C ALA G 735 51.82 6.01 -46.38
N PHE G 736 51.26 5.85 -47.56
CA PHE G 736 51.37 4.60 -48.31
C PHE G 736 52.25 4.85 -49.52
N LEU G 737 53.34 4.09 -49.62
CA LEU G 737 54.31 4.19 -50.69
C LEU G 737 54.34 2.89 -51.47
N VAL G 738 54.66 2.98 -52.75
CA VAL G 738 54.60 1.82 -53.65
C VAL G 738 56.01 1.49 -54.14
N TYR G 739 56.33 0.21 -54.15
CA TYR G 739 57.61 -0.30 -54.60
C TYR G 739 57.39 -1.34 -55.69
N ASP G 740 58.32 -1.41 -56.63
CA ASP G 740 58.20 -2.39 -57.69
C ASP G 740 58.63 -3.77 -57.18
N SER G 741 58.62 -4.75 -58.08
CA SER G 741 59.04 -6.10 -57.69
C SER G 741 60.50 -6.13 -57.26
N ASN G 742 61.31 -5.21 -57.73
CA ASN G 742 62.71 -5.11 -57.33
C ASN G 742 62.89 -4.25 -56.10
N LEU G 743 61.81 -3.90 -55.42
CA LEU G 743 61.86 -3.07 -54.21
C LEU G 743 62.50 -1.72 -54.49
N ASP G 744 62.17 -1.15 -55.64
CA ASP G 744 62.61 0.20 -56.00
C ASP G 744 61.44 1.15 -55.80
N PHE G 745 61.71 2.28 -55.15
CA PHE G 745 60.65 3.21 -54.79
C PHE G 745 60.00 3.79 -56.04
N VAL G 746 58.78 3.34 -56.34
CA VAL G 746 58.07 3.85 -57.50
C VAL G 746 57.48 5.22 -57.21
N GLY G 747 56.81 5.37 -56.07
CA GLY G 747 56.23 6.65 -55.74
C GLY G 747 55.37 6.55 -54.49
N GLN G 748 54.49 7.52 -54.34
CA GLN G 748 53.73 7.74 -53.12
C GLN G 748 52.25 7.52 -53.40
N ALA G 749 51.70 6.43 -52.87
CA ALA G 749 50.30 6.10 -53.09
C ALA G 749 49.38 7.12 -52.44
N GLY G 750 49.52 7.33 -51.14
CA GLY G 750 48.58 8.18 -50.43
C GLY G 750 49.15 8.81 -49.18
N ILE G 751 48.57 9.94 -48.79
CA ILE G 751 48.92 10.65 -47.56
C ILE G 751 47.64 10.92 -46.78
N TYR G 752 47.71 10.73 -45.46
CA TYR G 752 46.57 10.95 -44.61
C TYR G 752 47.05 11.51 -43.27
N LYS G 753 46.18 12.24 -42.60
CA LYS G 753 46.50 12.87 -41.33
C LYS G 753 45.41 12.58 -40.32
N LYS G 754 45.81 12.51 -39.05
CA LYS G 754 44.89 12.43 -37.93
C LYS G 754 43.94 11.24 -38.07
N GLN G 755 44.53 10.05 -38.08
CA GLN G 755 43.78 8.82 -38.24
C GLN G 755 43.43 8.24 -36.89
N ASP G 756 42.22 7.69 -36.79
CA ASP G 756 41.76 7.07 -35.56
C ASP G 756 42.37 5.68 -35.41
N LYS G 757 42.50 5.24 -34.15
CA LYS G 757 43.14 3.97 -33.90
C LYS G 757 42.21 2.82 -34.25
N GLY G 758 42.80 1.66 -34.46
CA GLY G 758 42.05 0.48 -34.84
C GLY G 758 42.30 0.10 -36.28
N TYR G 759 41.31 -0.49 -36.93
CA TYR G 759 41.39 -0.84 -38.34
C TYR G 759 40.97 0.34 -39.18
N GLN G 760 41.80 0.69 -40.16
CA GLN G 760 41.53 1.79 -41.07
C GLN G 760 41.53 1.26 -42.49
N TYR G 761 40.58 1.74 -43.29
CA TYR G 761 40.44 1.34 -44.68
C TYR G 761 40.52 2.57 -45.56
N PHE G 762 41.29 2.46 -46.65
CA PHE G 762 41.49 3.56 -47.57
C PHE G 762 41.30 3.07 -48.99
N ASP G 763 40.53 3.81 -49.78
CA ASP G 763 40.37 3.49 -51.19
C ASP G 763 41.50 4.13 -51.98
N TRP G 764 42.12 3.35 -52.86
CA TRP G 764 43.24 3.81 -53.65
C TRP G 764 42.96 3.53 -55.11
N ASN G 765 43.04 4.57 -55.93
CA ASN G 765 42.69 4.46 -57.35
C ASN G 765 43.81 3.86 -58.19
N GLY G 766 44.85 3.32 -57.57
CA GLY G 766 45.93 2.71 -58.32
C GLY G 766 46.88 3.68 -58.96
N LYS G 767 46.77 4.97 -58.67
CA LYS G 767 47.60 5.99 -59.32
C LYS G 767 48.56 6.60 -58.29
N VAL G 768 49.77 6.88 -58.74
CA VAL G 768 50.89 7.18 -57.87
C VAL G 768 51.25 8.65 -57.96
N ASN G 769 51.61 9.23 -56.82
CA ASN G 769 52.04 10.63 -56.72
C ASN G 769 50.95 11.59 -57.16
N GLY G 770 49.74 11.07 -57.39
CA GLY G 770 48.70 11.89 -57.95
C GLY G 770 48.72 11.80 -59.47
N ASP G 771 47.65 11.26 -60.04
CA ASP G 771 47.34 11.28 -61.48
C ASP G 771 48.36 10.53 -62.34
N THR G 772 49.32 9.83 -61.75
CA THR G 772 50.27 9.04 -62.51
C THR G 772 49.91 7.57 -62.36
N ALA G 773 49.53 6.93 -63.46
CA ALA G 773 49.09 5.54 -63.41
C ALA G 773 50.28 4.60 -63.43
N LEU G 774 50.16 3.52 -62.67
CA LEU G 774 51.23 2.54 -62.60
C LEU G 774 51.27 1.67 -63.86
N PRO G 775 52.44 1.25 -64.29
CA PRO G 775 52.53 0.19 -65.30
C PRO G 775 52.15 -1.15 -64.70
N ALA G 776 51.72 -2.05 -65.58
CA ALA G 776 51.29 -3.37 -65.13
C ALA G 776 52.47 -4.16 -64.58
N GLY G 777 52.23 -4.89 -63.50
CA GLY G 777 53.29 -5.66 -62.87
C GLY G 777 52.91 -6.03 -61.45
N GLU G 778 53.94 -6.35 -60.67
CA GLU G 778 53.80 -6.80 -59.30
C GLU G 778 54.41 -5.76 -58.37
N TYR G 779 53.70 -5.40 -57.32
CA TYR G 779 54.09 -4.27 -56.49
C TYR G 779 53.95 -4.61 -55.01
N TYR G 780 54.74 -3.91 -54.20
CA TYR G 780 54.66 -3.95 -52.75
C TYR G 780 54.22 -2.58 -52.26
N MET G 781 53.61 -2.55 -51.08
CA MET G 781 53.24 -1.27 -50.49
C MET G 781 53.78 -1.19 -49.07
N LEU G 782 54.32 -0.03 -48.74
CA LEU G 782 54.88 0.25 -47.42
C LEU G 782 53.99 1.27 -46.73
N ALA G 783 53.58 0.96 -45.51
CA ALA G 783 52.84 1.88 -44.69
C ALA G 783 53.79 2.49 -43.67
N TYR G 784 53.85 3.81 -43.64
CA TYR G 784 54.68 4.56 -42.72
C TYR G 784 53.75 5.39 -41.84
N ALA G 785 53.71 5.07 -40.55
CA ALA G 785 52.85 5.78 -39.62
C ALA G 785 53.71 6.48 -38.58
N ALA G 786 53.43 7.76 -38.36
CA ALA G 786 54.11 8.56 -37.36
C ALA G 786 53.10 9.05 -36.35
N ASN G 787 53.39 8.82 -35.07
CA ASN G 787 52.48 9.16 -33.99
C ASN G 787 53.29 9.44 -32.74
N LYS G 788 52.95 10.52 -32.05
CA LYS G 788 53.46 10.82 -30.71
C LYS G 788 54.98 10.71 -30.64
N GLY G 789 55.64 11.24 -31.66
CA GLY G 789 57.08 11.33 -31.63
C GLY G 789 57.83 10.09 -32.02
N LYS G 790 57.16 9.07 -32.57
CA LYS G 790 57.88 7.94 -33.11
C LYS G 790 57.18 7.47 -34.37
N SER G 791 57.95 6.90 -35.28
CA SER G 791 57.42 6.44 -36.54
C SER G 791 57.80 4.99 -36.75
N SER G 792 56.91 4.26 -37.42
CA SER G 792 57.11 2.87 -37.73
C SER G 792 56.66 2.62 -39.16
N GLN G 793 57.11 1.50 -39.72
CA GLN G 793 56.75 1.16 -41.07
C GLN G 793 56.56 -0.34 -41.18
N VAL G 794 55.75 -0.75 -42.14
CA VAL G 794 55.47 -2.17 -42.37
C VAL G 794 55.25 -2.38 -43.86
N LEU G 795 55.82 -3.45 -44.39
CA LEU G 795 55.76 -3.75 -45.81
C LEU G 795 54.79 -4.90 -46.05
N THR G 796 54.04 -4.81 -47.14
CA THR G 796 53.09 -5.86 -47.51
C THR G 796 53.86 -7.04 -48.08
N GLU G 797 53.84 -8.17 -47.38
CA GLU G 797 54.22 -9.41 -48.03
C GLU G 797 53.11 -9.84 -48.99
N LYS G 798 53.43 -10.82 -49.84
CA LYS G 798 52.48 -11.26 -50.86
C LYS G 798 52.11 -10.10 -51.77
N PRO G 799 53.00 -9.69 -52.66
CA PRO G 799 52.79 -8.46 -53.44
C PRO G 799 51.49 -8.51 -54.23
N PHE G 800 50.86 -7.35 -54.36
CA PHE G 800 49.65 -7.22 -55.14
C PHE G 800 49.98 -6.88 -56.59
N ILE G 801 49.02 -7.18 -57.47
CA ILE G 801 49.24 -7.13 -58.91
C ILE G 801 48.43 -5.99 -59.51
N ILE G 802 49.08 -5.21 -60.38
CA ILE G 802 48.39 -4.15 -61.11
C ILE G 802 47.88 -4.70 -62.44
N MET H 158 71.41 -22.20 42.55
CA MET H 158 70.20 -21.47 42.90
C MET H 158 70.30 -20.85 44.27
N ASP H 159 71.33 -21.25 45.03
CA ASP H 159 71.58 -20.68 46.33
C ASP H 159 72.62 -19.57 46.31
N ASP H 160 73.25 -19.31 45.17
CA ASP H 160 74.22 -18.24 45.03
C ASP H 160 73.89 -17.24 43.95
N SER H 161 73.23 -17.68 42.87
CA SER H 161 72.86 -16.76 41.79
C SER H 161 71.71 -15.85 42.19
N ALA H 162 70.70 -16.40 42.85
CA ALA H 162 69.58 -15.56 43.29
C ALA H 162 70.00 -14.46 44.26
N PRO H 163 70.84 -14.71 45.28
CA PRO H 163 71.37 -13.58 46.04
C PRO H 163 72.11 -12.57 45.19
N TYR H 164 72.81 -13.04 44.15
CA TYR H 164 73.61 -12.14 43.33
C TYR H 164 72.74 -11.19 42.54
N ILE H 165 71.70 -11.71 41.89
CA ILE H 165 70.84 -10.84 41.09
C ILE H 165 69.94 -9.99 41.97
N GLY H 166 69.79 -10.33 43.24
CA GLY H 166 69.03 -9.51 44.17
C GLY H 166 67.67 -10.08 44.49
N ALA H 167 67.53 -11.41 44.42
CA ALA H 167 66.24 -12.04 44.66
C ALA H 167 65.85 -11.95 46.13
N ASN H 168 66.78 -12.28 47.03
CA ASN H 168 66.46 -12.28 48.45
C ASN H 168 66.06 -10.90 48.94
N ASP H 169 66.78 -9.87 48.48
CA ASP H 169 66.45 -8.51 48.88
C ASP H 169 65.03 -8.14 48.46
N ALA H 170 64.63 -8.57 47.27
CA ALA H 170 63.26 -8.36 46.83
C ALA H 170 62.28 -9.15 47.70
N TRP H 171 62.66 -10.35 48.12
CA TRP H 171 61.78 -11.14 48.96
C TRP H 171 61.52 -10.45 50.29
N LYS H 172 62.56 -9.90 50.91
CA LYS H 172 62.36 -9.21 52.17
C LYS H 172 61.52 -7.94 52.01
N LEU H 173 61.36 -7.45 50.80
CA LEU H 173 60.41 -6.38 50.52
C LEU H 173 59.00 -6.90 50.25
N GLY H 174 58.82 -8.22 50.26
CA GLY H 174 57.54 -8.84 50.03
C GLY H 174 57.30 -9.25 48.59
N TYR H 175 58.15 -8.81 47.67
CA TYR H 175 57.97 -9.11 46.26
C TYR H 175 58.55 -10.49 45.96
N THR H 176 57.69 -11.48 45.85
CA THR H 176 58.10 -12.84 45.54
C THR H 176 57.43 -13.39 44.30
N GLY H 177 56.69 -12.59 43.56
CA GLY H 177 56.01 -13.05 42.37
C GLY H 177 54.62 -13.59 42.58
N LYS H 178 54.03 -13.37 43.76
CA LYS H 178 52.70 -13.90 44.03
C LYS H 178 51.68 -13.32 43.06
N GLY H 179 50.84 -14.18 42.51
CA GLY H 179 49.81 -13.80 41.58
C GLY H 179 50.26 -13.77 40.14
N VAL H 180 51.56 -13.75 39.90
CA VAL H 180 52.08 -13.75 38.55
C VAL H 180 52.14 -15.18 38.03
N LYS H 181 51.81 -15.36 36.77
CA LYS H 181 51.71 -16.68 36.16
C LYS H 181 52.82 -16.81 35.12
N VAL H 182 53.66 -17.82 35.27
CA VAL H 182 54.81 -18.04 34.40
C VAL H 182 54.61 -19.35 33.64
N ALA H 183 54.77 -19.28 32.32
CA ALA H 183 54.69 -20.43 31.45
C ALA H 183 56.09 -20.86 31.06
N ILE H 184 56.32 -22.17 31.02
CA ILE H 184 57.62 -22.74 30.74
C ILE H 184 57.47 -23.60 29.49
N ILE H 185 57.83 -23.07 28.32
CA ILE H 185 57.72 -23.84 27.09
C ILE H 185 59.05 -24.55 26.87
N ASP H 186 59.11 -25.79 27.36
CA ASP H 186 60.30 -26.63 27.30
C ASP H 186 59.83 -28.07 27.12
N THR H 187 60.71 -29.01 27.44
CA THR H 187 60.44 -30.44 27.31
C THR H 187 59.42 -30.95 28.32
N GLY H 188 58.76 -30.08 29.05
CA GLY H 188 57.81 -30.48 30.07
C GLY H 188 58.41 -30.38 31.47
N VAL H 189 57.53 -30.37 32.44
CA VAL H 189 57.91 -30.15 33.84
C VAL H 189 57.37 -31.29 34.68
N GLU H 190 58.22 -31.84 35.54
CA GLU H 190 57.79 -32.83 36.52
C GLU H 190 57.10 -32.08 37.65
N TYR H 191 55.78 -31.91 37.53
CA TYR H 191 55.03 -31.16 38.53
C TYR H 191 54.66 -32.00 39.74
N LYS H 192 55.62 -32.76 40.25
CA LYS H 192 55.42 -33.50 41.48
C LYS H 192 56.64 -33.42 42.36
N HIS H 193 57.69 -32.76 41.91
CA HIS H 193 58.83 -32.46 42.76
C HIS H 193 58.34 -31.67 43.96
N PRO H 194 58.71 -32.05 45.18
CA PRO H 194 58.19 -31.35 46.37
C PRO H 194 58.48 -29.86 46.35
N ASP H 195 59.54 -29.43 45.68
CA ASP H 195 59.85 -28.01 45.56
C ASP H 195 58.96 -27.30 44.55
N LEU H 196 58.31 -28.04 43.65
CA LEU H 196 57.46 -27.46 42.64
C LEU H 196 55.98 -27.77 42.84
N LYS H 197 55.63 -28.59 43.82
CA LYS H 197 54.27 -29.09 43.93
C LYS H 197 53.28 -27.96 44.17
N LYS H 198 53.59 -27.05 45.08
CA LYS H 198 52.63 -26.04 45.47
C LYS H 198 52.61 -24.83 44.54
N ASN H 199 53.60 -24.71 43.65
CA ASN H 199 53.58 -23.61 42.70
C ASN H 199 52.73 -23.91 41.48
N PHE H 200 52.34 -25.16 41.27
CA PHE H 200 51.47 -25.50 40.16
C PHE H 200 50.02 -25.44 40.61
N GLY H 201 49.18 -24.81 39.79
CA GLY H 201 47.77 -24.71 40.10
C GLY H 201 47.05 -26.00 39.79
N GLN H 202 45.74 -25.94 39.63
CA GLN H 202 44.98 -27.14 39.30
C GLN H 202 45.32 -27.58 37.89
N TYR H 203 45.21 -26.67 36.93
CA TYR H 203 45.54 -26.96 35.55
C TYR H 203 47.04 -26.76 35.32
N LYS H 204 47.74 -27.84 35.02
CA LYS H 204 49.20 -27.80 34.97
C LYS H 204 49.74 -27.30 33.64
N GLY H 205 49.01 -27.49 32.56
CA GLY H 205 49.48 -27.07 31.26
C GLY H 205 49.02 -28.04 30.20
N TYR H 206 49.78 -28.08 29.12
CA TYR H 206 49.43 -28.90 27.98
C TYR H 206 50.68 -29.59 27.43
N ASP H 207 50.45 -30.69 26.73
CA ASP H 207 51.52 -31.52 26.20
C ASP H 207 51.28 -31.66 24.70
N PHE H 208 51.96 -30.82 23.92
CA PHE H 208 51.72 -30.76 22.49
C PHE H 208 52.32 -31.92 21.73
N VAL H 209 53.41 -32.52 22.22
CA VAL H 209 53.98 -33.67 21.53
C VAL H 209 53.18 -34.94 21.74
N ASP H 210 52.24 -34.93 22.67
CA ASP H 210 51.40 -36.08 22.95
C ASP H 210 49.91 -35.77 22.94
N ASN H 211 49.54 -34.49 22.97
CA ASN H 211 48.14 -34.06 22.91
C ASN H 211 47.34 -34.60 24.08
N ASP H 212 47.87 -34.40 25.29
CA ASP H 212 47.15 -34.70 26.51
C ASP H 212 47.47 -33.61 27.52
N TYR H 213 46.72 -33.61 28.62
CA TYR H 213 46.86 -32.58 29.64
C TYR H 213 47.82 -32.98 30.74
N ASP H 214 48.81 -33.81 30.41
CA ASP H 214 49.82 -34.29 31.35
C ASP H 214 51.19 -33.90 30.81
N PRO H 215 51.69 -32.71 31.13
CA PRO H 215 52.98 -32.24 30.61
C PRO H 215 54.17 -32.80 31.39
N GLU H 216 54.15 -34.10 31.65
CA GLU H 216 55.27 -34.74 32.31
C GLU H 216 56.46 -34.82 31.38
N GLU H 217 57.65 -34.89 31.96
CA GLU H 217 58.85 -35.03 31.16
C GLU H 217 58.87 -36.39 30.47
N THR H 218 59.75 -36.53 29.50
CA THR H 218 59.87 -37.79 28.77
C THR H 218 60.40 -38.87 29.70
N PRO H 219 59.70 -39.98 29.86
CA PRO H 219 60.18 -41.02 30.78
C PRO H 219 61.40 -41.72 30.24
N SER H 220 62.08 -42.50 31.08
CA SER H 220 63.19 -43.31 30.62
C SER H 220 62.67 -44.50 29.82
N GLY H 221 63.38 -44.84 28.75
CA GLY H 221 62.97 -45.94 27.90
C GLY H 221 61.81 -45.56 26.99
N ASP H 222 62.01 -44.53 26.18
CA ASP H 222 61.02 -44.10 25.20
C ASP H 222 61.55 -44.40 23.81
N PRO H 223 60.80 -45.14 22.98
CA PRO H 223 61.30 -45.47 21.64
C PRO H 223 61.66 -44.25 20.80
N ARG H 224 60.95 -43.14 20.95
CA ARG H 224 61.17 -41.99 20.09
C ARG H 224 62.40 -41.17 20.47
N GLY H 225 62.95 -41.37 21.66
CA GLY H 225 64.11 -40.58 22.06
C GLY H 225 64.62 -40.91 23.44
N ALA H 226 65.20 -39.92 24.12
CA ALA H 226 65.79 -40.10 25.43
C ALA H 226 65.04 -39.27 26.46
N SER H 227 65.15 -39.67 27.72
CA SER H 227 64.48 -38.96 28.80
C SER H 227 65.06 -37.55 28.93
N THR H 228 64.22 -36.64 29.40
CA THR H 228 64.57 -35.23 29.47
C THR H 228 64.39 -34.71 30.89
N ASP H 229 65.19 -33.71 31.24
CA ASP H 229 65.06 -33.05 32.54
C ASP H 229 65.25 -31.53 32.42
N HIS H 230 65.27 -30.99 31.22
CA HIS H 230 65.54 -29.57 31.03
C HIS H 230 64.41 -28.71 31.62
N GLY H 231 63.17 -29.07 31.33
CA GLY H 231 62.05 -28.24 31.76
C GLY H 231 61.90 -28.17 33.25
N THR H 232 62.10 -29.29 33.95
CA THR H 232 62.00 -29.27 35.40
C THR H 232 63.09 -28.41 36.01
N HIS H 233 64.29 -28.48 35.45
CA HIS H 233 65.38 -27.63 35.95
C HIS H 233 65.05 -26.16 35.73
N VAL H 234 64.51 -25.83 34.57
CA VAL H 234 64.14 -24.43 34.30
C VAL H 234 63.06 -23.97 35.26
N ALA H 235 62.04 -24.79 35.48
CA ALA H 235 60.96 -24.42 36.37
C ALA H 235 61.44 -24.26 37.80
N GLY H 236 62.35 -25.12 38.27
CA GLY H 236 62.92 -24.94 39.58
C GLY H 236 63.72 -23.67 39.68
N THR H 237 64.45 -23.31 38.62
CA THR H 237 65.18 -22.04 38.64
C THR H 237 64.23 -20.86 38.75
N VAL H 238 63.11 -20.90 38.01
CA VAL H 238 62.18 -19.78 38.03
C VAL H 238 61.51 -19.66 39.39
N ALA H 239 60.77 -20.69 39.80
CA ALA H 239 59.95 -20.59 41.00
C ALA H 239 59.91 -21.96 41.66
N ALA H 240 60.82 -22.19 42.60
CA ALA H 240 60.83 -23.40 43.40
C ALA H 240 60.81 -22.98 44.86
N ASN H 241 59.87 -23.52 45.61
CA ASN H 241 59.73 -23.21 47.03
C ASN H 241 60.04 -24.46 47.84
N GLY H 242 61.01 -24.35 48.73
CA GLY H 242 61.40 -25.48 49.54
C GLY H 242 62.88 -25.50 49.85
N THR H 243 63.52 -26.66 49.61
CA THR H 243 64.95 -26.77 49.84
C THR H 243 65.73 -25.80 48.96
N ILE H 244 65.36 -25.72 47.68
CA ILE H 244 65.91 -24.75 46.76
C ILE H 244 64.86 -23.68 46.53
N LYS H 245 65.27 -22.42 46.58
CA LYS H 245 64.35 -21.29 46.40
C LYS H 245 64.63 -20.65 45.04
N GLY H 246 63.63 -20.65 44.17
CA GLY H 246 63.76 -20.03 42.88
C GLY H 246 63.75 -18.52 42.99
N VAL H 247 63.89 -17.87 41.84
CA VAL H 247 63.98 -16.40 41.83
C VAL H 247 62.69 -15.79 42.33
N ALA H 248 61.55 -16.38 41.97
CA ALA H 248 60.24 -15.87 42.34
C ALA H 248 59.43 -16.99 42.96
N PRO H 249 59.76 -17.39 44.18
CA PRO H 249 59.19 -18.61 44.73
C PRO H 249 57.76 -18.44 45.23
N ASP H 250 56.93 -17.74 44.47
CA ASP H 250 55.51 -17.67 44.76
C ASP H 250 54.67 -17.61 43.49
N ALA H 251 55.29 -17.70 42.32
CA ALA H 251 54.57 -17.56 41.07
C ALA H 251 53.92 -18.87 40.68
N THR H 252 52.74 -18.77 40.08
CA THR H 252 52.09 -19.93 39.51
C THR H 252 52.82 -20.36 38.25
N LEU H 253 52.83 -21.66 37.99
CA LEU H 253 53.57 -22.21 36.87
C LEU H 253 52.62 -22.94 35.93
N LEU H 254 52.93 -22.87 34.64
CA LEU H 254 52.25 -23.67 33.63
C LEU H 254 53.30 -24.35 32.78
N ALA H 255 53.11 -25.64 32.53
CA ALA H 255 54.05 -26.41 31.73
C ALA H 255 53.48 -26.70 30.35
N TYR H 256 54.30 -26.53 29.34
CA TYR H 256 53.88 -26.75 27.96
C TYR H 256 54.95 -27.61 27.30
N ARG H 257 54.66 -28.90 27.16
CA ARG H 257 55.61 -29.83 26.56
C ARG H 257 55.53 -29.70 25.05
N VAL H 258 56.46 -28.94 24.47
CA VAL H 258 56.52 -28.79 23.03
C VAL H 258 57.72 -29.50 22.43
N LEU H 259 58.76 -29.79 23.21
CA LEU H 259 59.93 -30.50 22.74
C LEU H 259 59.78 -31.98 23.10
N GLY H 260 59.79 -32.84 22.09
CA GLY H 260 59.57 -34.24 22.31
C GLY H 260 60.77 -34.91 22.94
N PRO H 261 60.76 -36.24 22.96
CA PRO H 261 61.92 -36.98 23.48
C PRO H 261 63.17 -36.63 22.70
N GLY H 262 64.28 -36.50 23.42
CA GLY H 262 65.54 -36.11 22.84
C GLY H 262 65.77 -34.62 22.82
N GLY H 263 64.77 -33.82 23.16
CA GLY H 263 64.89 -32.39 23.17
C GLY H 263 64.62 -31.69 21.86
N SER H 264 64.08 -32.40 20.88
CA SER H 264 63.81 -31.83 19.57
C SER H 264 62.30 -31.65 19.38
N GLY H 265 61.93 -30.50 18.82
CA GLY H 265 60.52 -30.21 18.61
C GLY H 265 60.26 -29.40 17.36
N THR H 266 59.11 -29.64 16.73
CA THR H 266 58.76 -28.92 15.52
C THR H 266 58.48 -27.45 15.84
N THR H 267 58.72 -26.60 14.85
CA THR H 267 58.43 -25.18 15.02
C THR H 267 56.95 -24.94 15.25
N GLU H 268 56.09 -25.70 14.58
CA GLU H 268 54.65 -25.55 14.77
C GLU H 268 54.24 -25.84 16.20
N ASN H 269 54.84 -26.84 16.84
CA ASN H 269 54.56 -27.10 18.24
C ASN H 269 54.98 -25.95 19.13
N VAL H 270 56.11 -25.32 18.86
CA VAL H 270 56.54 -24.19 19.68
C VAL H 270 55.60 -23.01 19.50
N ILE H 271 55.16 -22.76 18.26
CA ILE H 271 54.20 -21.68 18.04
C ILE H 271 52.90 -21.97 18.77
N ALA H 272 52.44 -23.22 18.71
CA ALA H 272 51.23 -23.60 19.41
C ALA H 272 51.38 -23.42 20.92
N GLY H 273 52.55 -23.77 21.45
CA GLY H 273 52.81 -23.59 22.86
C GLY H 273 52.78 -22.13 23.27
N ILE H 274 53.39 -21.28 22.46
CA ILE H 274 53.38 -19.84 22.76
C ILE H 274 51.96 -19.30 22.75
N GLU H 275 51.19 -19.65 21.72
CA GLU H 275 49.82 -19.16 21.63
C GLU H 275 48.94 -19.69 22.75
N ARG H 276 49.11 -20.96 23.12
CA ARG H 276 48.33 -21.51 24.23
C ARG H 276 48.74 -20.90 25.56
N ALA H 277 50.02 -20.57 25.73
CA ALA H 277 50.43 -19.87 26.93
C ALA H 277 49.82 -18.48 27.01
N VAL H 278 49.68 -17.81 25.86
CA VAL H 278 48.98 -16.53 25.85
C VAL H 278 47.50 -16.73 26.18
N GLN H 279 46.90 -17.81 25.69
CA GLN H 279 45.53 -18.13 26.04
C GLN H 279 45.35 -18.27 27.54
N ASP H 280 46.21 -19.05 28.17
CA ASP H 280 46.03 -19.42 29.56
C ASP H 280 46.34 -18.29 30.53
N GLY H 281 46.52 -17.07 30.05
CA GLY H 281 46.71 -15.94 30.92
C GLY H 281 48.09 -15.82 31.53
N ALA H 282 49.08 -16.52 30.98
CA ALA H 282 50.43 -16.41 31.51
C ALA H 282 50.92 -14.98 31.38
N ASP H 283 51.47 -14.44 32.47
CA ASP H 283 52.02 -13.10 32.45
C ASP H 283 53.47 -13.08 32.00
N VAL H 284 54.23 -14.12 32.32
CA VAL H 284 55.62 -14.23 31.90
C VAL H 284 55.79 -15.54 31.17
N MET H 285 56.61 -15.53 30.14
CA MET H 285 56.80 -16.69 29.27
C MET H 285 58.29 -16.98 29.20
N ASN H 286 58.66 -18.25 29.25
CA ASN H 286 60.06 -18.65 29.23
C ASN H 286 60.32 -19.65 28.12
N LEU H 287 61.24 -19.30 27.22
CA LEU H 287 61.65 -20.16 26.12
C LEU H 287 63.16 -20.42 26.24
N SER H 288 63.51 -21.60 26.72
CA SER H 288 64.89 -22.05 26.78
C SER H 288 65.22 -22.99 25.62
N LEU H 289 64.49 -22.88 24.53
CA LEU H 289 64.76 -23.63 23.32
C LEU H 289 65.32 -22.69 22.26
N GLY H 290 65.57 -23.24 21.08
CA GLY H 290 66.00 -22.41 19.97
C GLY H 290 66.94 -23.10 19.01
N ASN H 291 66.80 -22.80 17.73
CA ASN H 291 67.71 -23.31 16.73
C ASN H 291 68.86 -22.31 16.56
N SER H 292 69.66 -22.46 15.51
CA SER H 292 70.83 -21.61 15.32
C SER H 292 70.76 -20.89 13.98
N VAL H 293 69.61 -20.34 13.65
CA VAL H 293 69.45 -19.53 12.45
C VAL H 293 69.32 -18.08 12.87
N ASN H 294 70.30 -17.26 12.48
CA ASN H 294 70.30 -15.84 12.82
C ASN H 294 69.36 -15.10 11.88
N ASN H 295 68.07 -15.31 12.10
CA ASN H 295 67.03 -14.67 11.29
C ASN H 295 66.02 -14.03 12.23
N PRO H 296 65.84 -12.71 12.19
CA PRO H 296 64.86 -12.08 13.08
C PRO H 296 63.43 -12.38 12.72
N ASP H 297 63.17 -12.92 11.53
CA ASP H 297 61.83 -13.20 11.07
C ASP H 297 61.58 -14.69 10.94
N TRP H 298 62.14 -15.46 11.87
CA TRP H 298 61.75 -16.85 11.96
C TRP H 298 60.34 -16.94 12.53
N ALA H 299 59.72 -18.11 12.35
CA ALA H 299 58.35 -18.26 12.81
C ALA H 299 58.25 -18.13 14.32
N THR H 300 59.21 -18.71 15.05
CA THR H 300 59.19 -18.61 16.50
C THR H 300 59.45 -17.18 16.98
N SER H 301 60.20 -16.39 16.22
CA SER H 301 60.40 -15.00 16.57
C SER H 301 59.17 -14.15 16.27
N THR H 302 58.48 -14.41 15.17
CA THR H 302 57.23 -13.72 14.90
C THR H 302 56.19 -14.05 15.97
N ALA H 303 56.11 -15.32 16.37
CA ALA H 303 55.19 -15.68 17.44
C ALA H 303 55.55 -15.01 18.75
N LEU H 304 56.84 -14.83 19.02
CA LEU H 304 57.26 -14.17 20.24
C LEU H 304 56.99 -12.67 20.20
N ASP H 305 57.03 -12.06 19.02
CA ASP H 305 56.63 -10.67 18.87
C ASP H 305 55.13 -10.50 18.88
N TRP H 306 54.36 -11.55 18.60
CA TRP H 306 52.91 -11.45 18.75
C TRP H 306 52.54 -11.31 20.22
N ALA H 307 53.08 -12.19 21.07
CA ALA H 307 53.14 -11.87 22.49
C ALA H 307 54.10 -10.70 22.68
N MET H 308 54.17 -10.18 23.90
CA MET H 308 54.84 -8.92 24.20
C MET H 308 54.06 -7.78 23.58
N SER H 309 53.03 -8.13 22.80
CA SER H 309 52.00 -7.19 22.39
C SER H 309 50.63 -7.59 22.87
N GLU H 310 50.41 -8.87 23.18
CA GLU H 310 49.25 -9.29 23.96
C GLU H 310 49.59 -9.33 25.43
N GLY H 311 50.26 -8.29 25.90
CA GLY H 311 50.56 -8.11 27.31
C GLY H 311 51.28 -9.24 28.01
N VAL H 312 52.12 -9.99 27.30
CA VAL H 312 52.83 -11.12 27.91
C VAL H 312 54.32 -10.93 27.71
N THR H 313 55.05 -10.76 28.80
CA THR H 313 56.50 -10.66 28.74
C THR H 313 57.09 -11.98 28.28
N ALA H 314 58.06 -11.92 27.37
CA ALA H 314 58.65 -13.11 26.78
C ALA H 314 60.16 -13.08 26.98
N VAL H 315 60.67 -14.04 27.75
CA VAL H 315 62.09 -14.16 28.02
C VAL H 315 62.60 -15.41 27.34
N THR H 316 63.69 -15.28 26.58
CA THR H 316 64.21 -16.39 25.82
C THR H 316 65.72 -16.44 25.97
N SER H 317 66.25 -17.64 25.78
CA SER H 317 67.70 -17.81 25.79
C SER H 317 68.30 -17.27 24.50
N ASN H 318 69.54 -16.79 24.60
CA ASN H 318 70.26 -16.32 23.44
C ASN H 318 70.77 -17.45 22.55
N GLY H 319 70.97 -18.64 23.11
CA GLY H 319 71.54 -19.75 22.38
C GLY H 319 72.91 -20.12 22.91
N ASN H 320 73.35 -21.31 22.51
CA ASN H 320 74.58 -21.89 23.02
C ASN H 320 75.56 -22.06 21.85
N SER H 321 76.31 -21.00 21.57
CA SER H 321 77.33 -21.04 20.54
C SER H 321 78.56 -20.33 21.03
N GLY H 322 79.72 -20.80 20.61
CA GLY H 322 80.99 -20.33 21.13
C GLY H 322 81.18 -18.85 20.93
N PRO H 323 82.30 -18.33 21.41
CA PRO H 323 82.48 -16.88 21.35
C PRO H 323 82.68 -16.44 19.92
N ASN H 324 81.62 -15.90 19.32
CA ASN H 324 81.61 -15.58 17.91
C ASN H 324 80.41 -14.70 17.61
N ASN H 325 80.62 -13.59 16.94
CA ASN H 325 79.51 -12.71 16.63
C ASN H 325 78.60 -13.37 15.61
N TRP H 326 77.35 -12.91 15.56
CA TRP H 326 76.37 -13.34 14.59
C TRP H 326 75.96 -14.80 14.79
N THR H 327 75.94 -15.27 16.02
CA THR H 327 75.58 -16.66 16.30
C THR H 327 74.34 -16.78 17.16
N VAL H 328 73.54 -15.72 17.28
CA VAL H 328 72.37 -15.75 18.14
C VAL H 328 71.29 -16.59 17.49
N GLY H 329 70.53 -17.32 18.31
CA GLY H 329 69.56 -18.28 17.82
C GLY H 329 68.29 -17.64 17.30
N SER H 330 67.37 -18.51 16.85
CA SER H 330 66.20 -18.01 16.13
C SER H 330 65.19 -17.32 17.04
N PRO H 331 64.64 -17.96 18.06
CA PRO H 331 63.69 -17.23 18.92
C PRO H 331 64.34 -16.09 19.66
N GLY H 332 65.64 -16.14 19.87
CA GLY H 332 66.35 -15.09 20.56
C GLY H 332 66.76 -13.95 19.66
N THR H 333 66.28 -13.96 18.42
CA THR H 333 66.49 -12.84 17.50
C THR H 333 65.26 -11.97 17.38
N SER H 334 64.21 -12.26 18.12
CA SER H 334 62.98 -11.50 18.02
C SER H 334 63.20 -10.06 18.44
N ARG H 335 62.49 -9.15 17.76
CA ARG H 335 62.68 -7.73 18.02
C ARG H 335 62.17 -7.32 19.39
N GLU H 336 61.10 -7.95 19.87
CA GLU H 336 60.50 -7.59 21.15
C GLU H 336 60.46 -8.83 22.03
N ALA H 337 61.57 -9.10 22.71
CA ALA H 337 61.66 -10.19 23.68
C ALA H 337 62.99 -10.06 24.39
N ILE H 338 63.00 -10.37 25.68
CA ILE H 338 64.23 -10.25 26.46
C ILE H 338 65.06 -11.50 26.19
N SER H 339 66.16 -11.34 25.45
CA SER H 339 67.09 -12.42 25.22
C SER H 339 68.20 -12.35 26.24
N VAL H 340 68.54 -13.50 26.82
CA VAL H 340 69.43 -13.56 27.96
C VAL H 340 70.68 -14.34 27.60
N GLY H 341 71.84 -13.77 27.90
CA GLY H 341 73.10 -14.47 27.83
C GLY H 341 73.51 -14.99 29.20
N ALA H 342 74.54 -15.83 29.19
CA ALA H 342 74.97 -16.55 30.38
C ALA H 342 76.25 -15.95 30.94
N THR H 343 76.34 -15.85 32.26
CA THR H 343 77.51 -15.33 32.94
C THR H 343 77.99 -16.32 33.99
N GLN H 344 79.26 -16.20 34.34
CA GLN H 344 79.85 -16.96 35.43
C GLN H 344 79.90 -16.09 36.68
N LEU H 345 79.47 -16.65 37.80
CA LEU H 345 79.50 -15.90 39.05
C LEU H 345 80.94 -15.66 39.47
N PRO H 346 81.19 -14.59 40.22
CA PRO H 346 82.56 -14.28 40.64
C PRO H 346 83.16 -15.42 41.45
N LEU H 347 84.22 -16.01 40.92
CA LEU H 347 84.90 -17.13 41.56
C LEU H 347 86.34 -16.76 41.87
N ASN H 348 86.89 -17.42 42.89
CA ASN H 348 88.23 -17.12 43.36
C ASN H 348 89.26 -18.02 42.68
N LYS H 477 93.90 -15.23 42.12
CA LYS H 477 93.32 -14.08 41.44
C LYS H 477 91.81 -14.21 41.34
N SER H 478 91.11 -13.62 42.30
CA SER H 478 89.65 -13.61 42.28
C SER H 478 89.13 -12.80 41.11
N LEU H 479 88.18 -13.36 40.38
CA LEU H 479 87.59 -12.71 39.22
C LEU H 479 86.20 -12.18 39.54
N THR H 480 85.81 -11.14 38.82
CA THR H 480 84.45 -10.62 38.90
C THR H 480 83.55 -11.45 38.00
N GLU H 481 82.33 -10.99 37.77
CA GLU H 481 81.43 -11.70 36.88
C GLU H 481 81.98 -11.70 35.46
N GLN H 482 81.78 -12.81 34.77
CA GLN H 482 82.35 -12.97 33.44
C GLN H 482 81.36 -13.72 32.57
N MET H 483 81.27 -13.32 31.31
CA MET H 483 80.37 -14.03 30.42
C MET H 483 80.97 -15.38 30.04
N ALA H 484 80.11 -16.40 30.05
CA ALA H 484 80.54 -17.72 29.60
C ALA H 484 80.85 -17.69 28.11
N ASP H 485 81.73 -18.58 27.69
CA ASP H 485 82.21 -18.60 26.31
C ASP H 485 81.33 -19.45 25.41
N PHE H 486 80.16 -19.86 25.86
CA PHE H 486 79.22 -20.56 25.01
C PHE H 486 77.98 -19.74 24.72
N SER H 487 77.84 -18.55 25.28
CA SER H 487 76.69 -17.72 24.98
C SER H 487 76.77 -17.24 23.54
N SER H 488 75.65 -17.35 22.84
CA SER H 488 75.59 -16.80 21.49
C SER H 488 75.71 -15.29 21.54
N ARG H 489 76.25 -14.72 20.48
CA ARG H 489 76.52 -13.30 20.43
C ARG H 489 75.86 -12.69 19.20
N GLY H 490 75.43 -11.45 19.34
CA GLY H 490 74.80 -10.75 18.24
C GLY H 490 75.83 -10.24 17.28
N PRO H 491 75.43 -9.31 16.41
CA PRO H 491 74.10 -8.72 16.25
C PRO H 491 73.15 -9.63 15.50
N VAL H 492 71.88 -9.24 15.41
CA VAL H 492 70.94 -9.97 14.58
C VAL H 492 71.11 -9.58 13.13
N MET H 493 70.99 -10.54 12.23
CA MET H 493 71.09 -10.26 10.81
C MET H 493 69.88 -9.49 10.35
N ASP H 494 70.08 -8.62 9.36
CA ASP H 494 69.01 -7.91 8.65
C ASP H 494 68.33 -6.86 9.52
N THR H 495 68.65 -6.82 10.81
CA THR H 495 68.21 -5.74 11.69
C THR H 495 69.33 -5.15 12.50
N TRP H 496 70.47 -5.83 12.62
CA TRP H 496 71.66 -5.31 13.29
C TRP H 496 71.36 -4.94 14.73
N MET H 497 70.37 -5.58 15.32
CA MET H 497 69.98 -5.32 16.70
C MET H 497 71.00 -5.93 17.64
N ILE H 498 71.23 -5.25 18.77
CA ILE H 498 72.18 -5.74 19.76
C ILE H 498 71.54 -6.88 20.53
N LYS H 499 72.19 -8.03 20.54
CA LYS H 499 71.74 -9.15 21.35
C LYS H 499 72.97 -9.85 21.92
N PRO H 500 72.87 -10.42 23.13
CA PRO H 500 71.69 -10.62 23.98
C PRO H 500 71.15 -9.32 24.51
N ASP H 501 69.92 -9.28 24.98
CA ASP H 501 69.43 -8.05 25.60
C ASP H 501 70.02 -7.86 26.99
N VAL H 502 70.02 -8.91 27.81
CA VAL H 502 70.59 -8.84 29.14
C VAL H 502 71.33 -10.15 29.40
N SER H 503 72.28 -10.14 30.31
CA SER H 503 72.92 -11.36 30.76
C SER H 503 72.53 -11.69 32.19
N ALA H 504 72.65 -12.96 32.54
CA ALA H 504 72.26 -13.44 33.86
C ALA H 504 73.10 -14.66 34.19
N PRO H 505 73.19 -15.03 35.47
CA PRO H 505 73.99 -16.21 35.84
C PRO H 505 73.45 -17.47 35.19
N GLY H 506 74.31 -18.13 34.43
CA GLY H 506 73.89 -19.33 33.72
C GLY H 506 74.92 -20.42 33.65
N VAL H 507 75.88 -20.42 34.58
CA VAL H 507 76.93 -21.43 34.63
C VAL H 507 76.87 -22.10 35.97
N ASN H 508 76.78 -23.43 35.96
CA ASN H 508 76.75 -24.24 37.18
C ASN H 508 75.57 -23.85 38.07
N ILE H 509 74.38 -24.01 37.52
CA ILE H 509 73.14 -23.71 38.23
C ILE H 509 72.55 -25.01 38.73
N VAL H 510 72.36 -25.13 40.03
CA VAL H 510 71.75 -26.32 40.61
C VAL H 510 70.26 -26.05 40.80
N SER H 511 69.45 -27.03 40.45
CA SER H 511 68.00 -26.86 40.52
C SER H 511 67.34 -28.23 40.47
N THR H 512 66.02 -28.22 40.60
CA THR H 512 65.26 -29.45 40.70
C THR H 512 65.27 -30.22 39.39
N ILE H 513 65.51 -31.53 39.47
CA ILE H 513 65.46 -32.40 38.31
C ILE H 513 64.70 -33.66 38.66
N PRO H 514 64.13 -34.36 37.69
CA PRO H 514 63.71 -35.74 37.93
C PRO H 514 64.88 -36.68 37.73
N THR H 515 65.05 -37.59 38.67
CA THR H 515 66.12 -38.58 38.57
C THR H 515 65.75 -39.72 37.64
N HIS H 516 64.50 -39.80 37.20
CA HIS H 516 64.02 -40.88 36.35
C HIS H 516 64.30 -42.24 36.99
N ASP H 517 64.18 -42.28 38.31
CA ASP H 517 64.40 -43.49 39.09
C ASP H 517 63.16 -43.72 39.92
N PRO H 518 62.46 -44.84 39.75
CA PRO H 518 61.26 -45.10 40.57
C PRO H 518 61.55 -45.13 42.07
N ALA H 519 62.76 -45.47 42.48
CA ALA H 519 63.09 -45.49 43.90
C ALA H 519 62.99 -44.10 44.52
N ASP H 520 63.53 -43.09 43.84
CA ASP H 520 63.39 -41.69 44.25
C ASP H 520 63.37 -40.82 43.01
N PRO H 521 62.20 -40.35 42.60
CA PRO H 521 62.09 -39.71 41.28
C PRO H 521 62.55 -38.27 41.25
N TYR H 522 62.74 -37.62 42.39
CA TYR H 522 63.05 -36.20 42.45
C TYR H 522 64.41 -35.97 43.08
N GLY H 523 65.16 -35.05 42.53
CA GLY H 523 66.46 -34.72 43.08
C GLY H 523 66.91 -33.36 42.60
N TYR H 524 68.19 -33.09 42.79
CA TYR H 524 68.77 -31.83 42.36
C TYR H 524 69.96 -32.09 41.47
N GLY H 525 70.13 -31.24 40.47
CA GLY H 525 71.22 -31.41 39.53
C GLY H 525 71.72 -30.06 39.06
N SER H 526 72.98 -30.05 38.66
CA SER H 526 73.65 -28.84 38.20
C SER H 526 73.77 -28.88 36.69
N LYS H 527 73.17 -27.90 36.03
CA LYS H 527 73.25 -27.77 34.59
C LYS H 527 73.77 -26.38 34.25
N GLN H 528 74.31 -26.26 33.04
CA GLN H 528 74.91 -25.04 32.55
C GLN H 528 74.45 -24.78 31.13
N GLY H 529 74.30 -23.52 30.80
CA GLY H 529 73.88 -23.15 29.46
C GLY H 529 73.16 -21.83 29.45
N THR H 530 73.15 -21.21 28.28
CA THR H 530 72.38 -19.99 28.09
C THR H 530 70.90 -20.25 28.32
N SER H 531 70.46 -21.48 28.08
CA SER H 531 69.07 -21.84 28.35
C SER H 531 68.74 -21.78 29.82
N MET H 532 69.73 -21.73 30.69
CA MET H 532 69.47 -21.58 32.12
C MET H 532 69.83 -20.21 32.66
N ALA H 533 70.24 -19.28 31.82
CA ALA H 533 70.29 -17.89 32.24
C ALA H 533 68.93 -17.22 32.11
N SER H 534 68.15 -17.60 31.09
CA SER H 534 66.84 -17.00 30.91
C SER H 534 65.89 -17.21 32.09
N PRO H 535 65.85 -18.36 32.76
CA PRO H 535 64.90 -18.49 33.89
C PRO H 535 65.13 -17.47 34.99
N HIS H 536 66.37 -17.04 35.21
CA HIS H 536 66.60 -15.98 36.18
C HIS H 536 65.88 -14.71 35.77
N VAL H 537 65.96 -14.34 34.50
CA VAL H 537 65.28 -13.14 34.04
C VAL H 537 63.78 -13.33 34.04
N ALA H 538 63.30 -14.54 33.80
CA ALA H 538 61.85 -14.78 33.89
C ALA H 538 61.36 -14.60 35.31
N GLY H 539 62.10 -15.13 36.28
CA GLY H 539 61.74 -14.90 37.67
C GLY H 539 61.83 -13.43 38.05
N ALA H 540 62.84 -12.74 37.54
CA ALA H 540 62.96 -11.31 37.79
C ALA H 540 61.77 -10.56 37.22
N ALA H 541 61.33 -10.92 36.02
CA ALA H 541 60.17 -10.28 35.43
C ALA H 541 58.92 -10.56 36.24
N ALA H 542 58.78 -11.78 36.76
CA ALA H 542 57.63 -12.07 37.61
C ALA H 542 57.65 -11.22 38.86
N VAL H 543 58.82 -11.10 39.50
CA VAL H 543 58.92 -10.29 40.71
C VAL H 543 58.59 -8.84 40.41
N ILE H 544 59.13 -8.31 39.32
CA ILE H 544 58.87 -6.92 38.95
C ILE H 544 57.39 -6.71 38.66
N LYS H 545 56.78 -7.64 37.93
CA LYS H 545 55.36 -7.50 37.63
C LYS H 545 54.51 -7.53 38.89
N GLN H 546 54.93 -8.30 39.91
CA GLN H 546 54.26 -8.18 41.19
C GLN H 546 54.49 -6.80 41.80
N ALA H 547 55.71 -6.29 41.69
CA ALA H 547 56.02 -4.99 42.30
C ALA H 547 55.38 -3.85 41.55
N LYS H 548 55.45 -3.86 40.22
CA LYS H 548 54.88 -2.82 39.37
C LYS H 548 53.79 -3.43 38.52
N PRO H 549 52.54 -3.47 39.00
CA PRO H 549 51.49 -4.18 38.25
C PRO H 549 51.02 -3.45 37.01
N LYS H 550 51.41 -2.20 36.82
CA LYS H 550 50.93 -1.43 35.68
C LYS H 550 51.91 -1.40 34.52
N TRP H 551 53.09 -1.98 34.66
CA TRP H 551 54.09 -1.90 33.61
C TRP H 551 53.75 -2.85 32.46
N SER H 552 53.92 -2.36 31.25
CA SER H 552 53.73 -3.16 30.05
C SER H 552 54.92 -4.08 29.86
N PRO H 553 54.82 -5.10 28.99
CA PRO H 553 56.00 -5.95 28.76
C PRO H 553 57.21 -5.18 28.26
N GLU H 554 57.01 -4.17 27.42
CA GLU H 554 58.14 -3.36 26.97
C GLU H 554 58.71 -2.50 28.08
N GLN H 555 57.89 -2.02 29.00
CA GLN H 555 58.39 -1.29 30.15
C GLN H 555 59.22 -2.17 31.08
N ILE H 556 58.82 -3.42 31.27
CA ILE H 556 59.63 -4.34 32.07
C ILE H 556 60.96 -4.60 31.38
N LYS H 557 60.93 -4.79 30.07
CA LYS H 557 62.18 -5.01 29.35
C LYS H 557 63.10 -3.80 29.47
N ALA H 558 62.55 -2.60 29.35
CA ALA H 558 63.34 -1.40 29.51
C ALA H 558 63.85 -1.21 30.92
N ALA H 559 63.11 -1.64 31.93
CA ALA H 559 63.56 -1.52 33.32
C ALA H 559 64.64 -2.51 33.67
N LEU H 560 64.54 -3.75 33.20
CA LEU H 560 65.63 -4.69 33.37
C LEU H 560 66.87 -4.23 32.64
N MET H 561 66.70 -3.73 31.43
CA MET H 561 67.85 -3.40 30.60
C MET H 561 68.51 -2.11 31.04
N ASN H 562 67.76 -1.20 31.65
CA ASN H 562 68.30 0.08 32.06
C ASN H 562 69.21 -0.06 33.26
N THR H 563 68.76 -0.80 34.27
CA THR H 563 69.48 -0.97 35.52
C THR H 563 70.21 -2.31 35.47
N ALA H 564 71.37 -2.31 34.82
CA ALA H 564 72.16 -3.52 34.67
C ALA H 564 73.63 -3.16 34.78
N GLU H 565 74.39 -4.01 35.46
CA GLU H 565 75.80 -3.74 35.74
C GLU H 565 76.66 -4.22 34.58
N THR H 566 77.42 -3.31 34.00
CA THR H 566 78.35 -3.67 32.96
C THR H 566 79.42 -4.61 33.50
N LEU H 567 79.84 -5.55 32.67
CA LEU H 567 80.78 -6.59 33.06
C LEU H 567 82.11 -6.37 32.36
N THR H 568 83.19 -6.43 33.12
CA THR H 568 84.53 -6.38 32.56
C THR H 568 85.18 -7.76 32.61
N ASP H 569 86.00 -8.05 31.62
CA ASP H 569 86.64 -9.35 31.53
C ASP H 569 87.84 -9.40 32.48
N ALA H 570 88.66 -10.44 32.34
CA ALA H 570 89.76 -10.64 33.28
C ALA H 570 90.78 -9.51 33.19
N ASP H 571 91.15 -9.11 31.98
CA ASP H 571 92.18 -8.08 31.81
C ASP H 571 91.70 -6.73 32.34
N GLY H 572 90.42 -6.43 32.15
CA GLY H 572 89.88 -5.18 32.63
C GLY H 572 89.16 -4.40 31.56
N ASP H 573 88.86 -5.06 30.44
CA ASP H 573 88.15 -4.43 29.34
C ASP H 573 86.67 -4.76 29.41
N VAL H 574 85.83 -3.76 29.16
CA VAL H 574 84.40 -4.00 29.13
C VAL H 574 84.08 -4.97 28.00
N TYR H 575 83.25 -5.96 28.30
CA TYR H 575 82.83 -6.90 27.29
C TYR H 575 82.07 -6.17 26.17
N PRO H 576 82.24 -6.59 24.93
CA PRO H 576 81.53 -5.93 23.83
C PRO H 576 80.02 -6.00 24.04
N HIS H 577 79.31 -5.06 23.42
CA HIS H 577 77.87 -4.98 23.61
C HIS H 577 77.17 -6.22 23.08
N ASN H 578 77.63 -6.77 21.97
CA ASN H 578 77.06 -8.04 21.51
C ASN H 578 77.78 -9.21 22.13
N ALA H 579 78.08 -9.09 23.41
CA ALA H 579 78.45 -10.21 24.26
C ALA H 579 77.83 -10.06 25.63
N GLN H 580 77.32 -8.90 25.95
CA GLN H 580 76.82 -8.50 27.25
C GLN H 580 75.39 -8.00 27.20
N GLY H 581 75.06 -7.27 26.15
CA GLY H 581 73.77 -6.65 25.99
C GLY H 581 73.67 -5.36 26.76
N ALA H 582 73.49 -5.47 28.06
CA ALA H 582 73.51 -4.31 28.92
C ALA H 582 74.13 -4.63 30.27
N GLY H 583 74.56 -5.86 30.48
CA GLY H 583 75.13 -6.29 31.73
C GLY H 583 74.22 -7.29 32.43
N SER H 584 74.59 -7.60 33.66
CA SER H 584 73.82 -8.55 34.45
C SER H 584 72.61 -7.86 35.07
N ILE H 585 71.52 -8.61 35.23
CA ILE H 585 70.33 -8.04 35.84
C ILE H 585 70.63 -7.66 37.28
N ARG H 586 69.88 -6.68 37.78
CA ARG H 586 69.87 -6.33 39.20
C ARG H 586 68.41 -6.09 39.56
N ILE H 587 67.77 -7.10 40.15
CA ILE H 587 66.34 -7.02 40.39
C ILE H 587 66.01 -5.87 41.32
N MET H 588 66.87 -5.63 42.32
CA MET H 588 66.57 -4.59 43.30
C MET H 588 66.58 -3.21 42.67
N LYS H 589 67.55 -2.93 41.80
CA LYS H 589 67.57 -1.65 41.12
C LYS H 589 66.39 -1.51 40.18
N ALA H 590 66.03 -2.59 39.48
CA ALA H 590 64.91 -2.52 38.55
C ALA H 590 63.60 -2.27 39.27
N ILE H 591 63.41 -2.89 40.44
CA ILE H 591 62.18 -2.72 41.19
C ILE H 591 62.01 -1.29 41.67
N LYS H 592 63.10 -0.60 41.97
CA LYS H 592 63.06 0.76 42.48
C LYS H 592 63.61 1.65 41.38
N ALA H 593 62.73 1.99 40.44
CA ALA H 593 63.11 2.80 39.29
C ALA H 593 61.92 3.66 38.91
N ASP H 594 62.11 4.98 38.97
CA ASP H 594 61.05 5.91 38.65
C ASP H 594 61.25 6.58 37.31
N SER H 595 62.24 6.16 36.54
CA SER H 595 62.46 6.69 35.20
C SER H 595 62.81 5.54 34.29
N LEU H 596 62.14 5.47 33.14
CA LEU H 596 62.36 4.41 32.18
C LEU H 596 62.79 5.00 30.84
N VAL H 597 63.89 4.52 30.30
CA VAL H 597 64.38 4.96 29.01
C VAL H 597 64.15 3.84 28.01
N ALA H 598 63.43 4.13 26.94
CA ALA H 598 63.09 3.14 25.95
C ALA H 598 63.38 3.66 24.54
N PRO H 599 63.89 2.82 23.65
CA PRO H 599 64.21 1.41 23.83
C PRO H 599 65.47 1.25 24.66
N GLY H 600 65.62 0.15 25.38
CA GLY H 600 66.78 0.00 26.24
C GLY H 600 68.09 -0.05 25.49
N SER H 601 68.06 -0.45 24.22
CA SER H 601 69.23 -0.44 23.37
C SER H 601 68.78 -0.13 21.96
N TYR H 602 69.60 0.60 21.23
CA TYR H 602 69.26 0.99 19.88
C TYR H 602 70.41 0.69 18.94
N SER H 603 70.08 0.38 17.70
CA SER H 603 71.07 0.10 16.67
C SER H 603 70.80 1.01 15.47
N TYR H 604 71.82 1.73 15.04
CA TYR H 604 71.65 2.67 13.95
C TYR H 604 71.71 2.03 12.58
N GLY H 605 71.94 0.73 12.51
CA GLY H 605 71.99 0.07 11.23
C GLY H 605 73.36 0.19 10.58
N THR H 606 73.36 0.31 9.26
CA THR H 606 74.58 0.33 8.49
C THR H 606 74.73 1.65 7.76
N PHE H 607 75.98 2.06 7.54
CA PHE H 607 76.32 3.26 6.80
C PHE H 607 77.10 2.83 5.57
N MET H 608 76.47 2.95 4.40
CA MET H 608 77.00 2.38 3.18
C MET H 608 77.60 3.41 2.23
N LYS H 609 77.53 4.69 2.56
CA LYS H 609 77.98 5.72 1.63
C LYS H 609 79.47 5.60 1.36
N ASP H 610 79.84 5.66 0.08
CA ASP H 610 81.24 5.57 -0.30
C ASP H 610 81.98 6.87 0.01
N LYS H 611 81.34 8.01 -0.21
CA LYS H 611 81.94 9.30 0.08
C LYS H 611 80.88 10.23 0.66
N GLY H 612 81.33 11.21 1.41
CA GLY H 612 80.44 12.14 2.05
C GLY H 612 80.17 11.77 3.50
N ASN H 613 79.23 12.49 4.09
CA ASN H 613 78.84 12.29 5.47
C ASN H 613 77.39 11.80 5.52
N GLU H 614 77.14 10.79 6.34
CA GLU H 614 75.80 10.25 6.49
C GLU H 614 75.35 10.44 7.94
N THR H 615 74.15 10.96 8.11
CA THR H 615 73.61 11.28 9.43
C THR H 615 72.35 10.46 9.67
N LYS H 616 72.28 9.84 10.84
CA LYS H 616 71.08 9.15 11.28
C LYS H 616 70.70 9.67 12.64
N LYS H 617 69.43 9.49 13.01
CA LYS H 617 68.99 9.97 14.30
C LYS H 617 67.94 9.03 14.86
N GLU H 618 67.87 9.00 16.18
CA GLU H 618 66.91 8.18 16.91
C GLU H 618 66.28 9.02 18.00
N THR H 619 65.06 8.67 18.38
CA THR H 619 64.33 9.34 19.44
C THR H 619 64.12 8.36 20.57
N PHE H 620 64.87 8.54 21.65
CA PHE H 620 64.63 7.79 22.86
C PHE H 620 63.57 8.48 23.69
N THR H 621 62.86 7.70 24.48
CA THR H 621 61.74 8.17 25.27
C THR H 621 62.01 7.93 26.74
N ILE H 622 61.92 8.98 27.54
CA ILE H 622 62.13 8.90 28.97
C ILE H 622 60.79 9.11 29.65
N GLU H 623 60.36 8.13 30.43
CA GLU H 623 59.13 8.20 31.20
C GLU H 623 59.49 8.52 32.64
N ASN H 624 58.91 9.59 33.16
CA ASN H 624 59.16 10.06 34.53
C ASN H 624 58.05 9.53 35.41
N GLN H 625 58.26 8.33 35.95
CA GLN H 625 57.24 7.67 36.75
C GLN H 625 57.05 8.31 38.12
N SER H 626 57.91 9.24 38.51
CA SER H 626 57.84 9.84 39.84
C SER H 626 56.79 10.93 39.88
N SER H 627 56.60 11.50 41.07
CA SER H 627 55.61 12.54 41.31
C SER H 627 56.21 13.93 41.27
N ILE H 628 57.44 14.07 40.81
CA ILE H 628 58.19 15.31 40.89
C ILE H 628 58.81 15.58 39.52
N ARG H 629 58.79 16.84 39.10
CA ARG H 629 59.37 17.21 37.82
C ARG H 629 60.89 17.06 37.88
N LYS H 630 61.46 16.37 36.90
CA LYS H 630 62.87 16.05 36.93
C LYS H 630 63.57 16.55 35.69
N SER H 631 64.90 16.63 35.79
CA SER H 631 65.75 17.06 34.70
C SER H 631 66.75 15.94 34.40
N TYR H 632 66.70 15.41 33.19
CA TYR H 632 67.56 14.32 32.77
C TYR H 632 68.66 14.87 31.87
N GLN H 633 69.85 14.32 32.03
CA GLN H 633 71.05 14.78 31.36
C GLN H 633 71.63 13.65 30.52
N LEU H 634 71.90 13.93 29.26
CA LEU H 634 72.30 12.91 28.30
C LEU H 634 73.76 13.06 27.93
N GLU H 635 74.48 11.94 27.95
CA GLU H 635 75.86 11.90 27.46
C GLU H 635 75.96 10.84 26.39
N TYR H 636 76.32 11.24 25.18
CA TYR H 636 76.44 10.35 24.05
C TYR H 636 77.91 10.09 23.76
N SER H 637 78.27 8.83 23.54
CA SER H 637 79.63 8.48 23.20
C SER H 637 79.63 7.38 22.16
N PHE H 638 80.66 7.37 21.33
CA PHE H 638 80.90 6.30 20.38
C PHE H 638 82.40 6.04 20.30
N ASN H 639 82.76 4.77 20.18
CA ASN H 639 84.15 4.41 19.95
C ASN H 639 84.47 4.50 18.47
N GLY H 640 85.74 4.71 18.16
CA GLY H 640 86.12 4.80 16.77
C GLY H 640 86.14 6.23 16.27
N THR H 641 87.02 6.48 15.31
CA THR H 641 87.23 7.81 14.77
C THR H 641 86.32 8.05 13.57
N GLY H 642 85.98 9.31 13.35
CA GLY H 642 85.12 9.69 12.27
C GLY H 642 83.64 9.60 12.57
N ILE H 643 83.27 9.27 13.80
CA ILE H 643 81.88 9.19 14.24
C ILE H 643 81.65 10.30 15.24
N THR H 644 80.76 11.22 14.92
CA THR H 644 80.43 12.33 15.80
C THR H 644 78.99 12.18 16.27
N VAL H 645 78.80 12.26 17.58
CA VAL H 645 77.49 12.02 18.17
C VAL H 645 77.05 13.27 18.91
N SER H 646 75.78 13.60 18.79
CA SER H 646 75.23 14.80 19.40
C SER H 646 73.76 14.56 19.69
N GLY H 647 73.07 15.59 20.11
CA GLY H 647 71.65 15.51 20.35
C GLY H 647 71.27 16.29 21.58
N THR H 648 70.05 16.05 22.04
CA THR H 648 69.52 16.76 23.20
C THR H 648 70.34 16.47 24.45
N ASP H 649 71.03 17.49 24.95
CA ASP H 649 71.88 17.33 26.11
C ASP H 649 71.16 17.42 27.45
N ARG H 650 69.88 17.80 27.44
CA ARG H 650 69.12 17.93 28.68
C ARG H 650 67.65 18.03 28.36
N VAL H 651 66.83 17.32 29.12
CA VAL H 651 65.39 17.46 29.03
C VAL H 651 64.83 17.68 30.43
N VAL H 652 63.69 18.34 30.49
CA VAL H 652 62.95 18.51 31.72
C VAL H 652 61.59 17.87 31.50
N ILE H 653 61.24 16.91 32.33
CA ILE H 653 60.01 16.13 32.19
C ILE H 653 59.16 16.35 33.44
N PRO H 654 57.91 16.77 33.30
CA PRO H 654 57.04 16.91 34.46
C PRO H 654 56.70 15.58 35.08
N ALA H 655 55.98 15.60 36.20
CA ALA H 655 55.65 14.36 36.88
C ALA H 655 54.70 13.52 36.05
N HIS H 656 54.91 12.21 36.07
CA HIS H 656 54.03 11.25 35.41
C HIS H 656 53.83 11.60 33.94
N GLN H 657 54.93 11.95 33.27
CA GLN H 657 54.88 12.35 31.88
C GLN H 657 56.04 11.72 31.14
N THR H 658 56.25 12.18 29.91
CA THR H 658 57.16 11.57 28.97
C THR H 658 57.88 12.63 28.16
N GLY H 659 59.20 12.46 28.00
CA GLY H 659 59.98 13.35 27.19
C GLY H 659 60.73 12.56 26.13
N LYS H 660 61.15 13.29 25.10
CA LYS H 660 61.84 12.69 23.96
C LYS H 660 63.22 13.32 23.82
N VAL H 661 64.23 12.48 23.63
CA VAL H 661 65.59 12.93 23.39
C VAL H 661 66.00 12.45 22.02
N ASN H 662 66.54 13.36 21.21
CA ASN H 662 66.88 13.08 19.83
C ASN H 662 68.39 12.88 19.74
N ALA H 663 68.82 11.64 19.85
CA ALA H 663 70.22 11.32 19.63
C ALA H 663 70.50 11.33 18.14
N LYS H 664 71.69 11.76 17.76
CA LYS H 664 72.04 11.91 16.36
C LYS H 664 73.48 11.47 16.17
N VAL H 665 73.71 10.64 15.17
CA VAL H 665 75.05 10.15 14.86
C VAL H 665 75.38 10.56 13.43
N LYS H 666 76.66 10.87 13.21
CA LYS H 666 77.11 11.31 11.90
C LYS H 666 78.44 10.64 11.60
N VAL H 667 78.49 9.96 10.46
CA VAL H 667 79.65 9.17 10.06
C VAL H 667 80.27 9.82 8.83
N ASN H 668 81.56 10.11 8.92
CA ASN H 668 82.33 10.67 7.82
C ASN H 668 82.94 9.51 7.06
N ALA H 669 82.39 9.21 5.87
CA ALA H 669 82.82 8.05 5.11
C ALA H 669 84.29 8.12 4.72
N LYS H 670 84.88 9.30 4.69
CA LYS H 670 86.26 9.44 4.25
C LYS H 670 87.25 9.13 5.37
N LYS H 671 86.79 9.05 6.62
CA LYS H 671 87.69 8.89 7.75
C LYS H 671 87.46 7.60 8.54
N VAL H 672 86.36 6.91 8.31
CA VAL H 672 85.95 5.80 9.18
C VAL H 672 86.38 4.48 8.54
N LYS H 673 87.09 3.66 9.29
CA LYS H 673 87.38 2.31 8.87
C LYS H 673 86.14 1.44 9.01
N ALA H 674 85.94 0.55 8.05
CA ALA H 674 84.78 -0.34 8.10
C ALA H 674 84.86 -1.24 9.32
N GLY H 675 83.71 -1.52 9.91
CA GLY H 675 83.64 -2.35 11.09
C GLY H 675 82.41 -2.02 11.90
N THR H 676 82.30 -2.71 13.03
CA THR H 676 81.19 -2.54 13.95
C THR H 676 81.65 -1.71 15.14
N TYR H 677 80.97 -0.59 15.39
CA TYR H 677 81.34 0.31 16.45
C TYR H 677 80.23 0.37 17.49
N GLU H 678 80.62 0.40 18.75
CA GLU H 678 79.68 0.38 19.86
C GLU H 678 79.70 1.72 20.56
N GLY H 679 78.51 2.29 20.76
CA GLY H 679 78.37 3.54 21.48
C GLY H 679 77.49 3.35 22.70
N THR H 680 77.20 4.47 23.35
CA THR H 680 76.40 4.44 24.57
C THR H 680 75.75 5.80 24.79
N VAL H 681 74.49 5.77 25.20
CA VAL H 681 73.77 6.95 25.66
C VAL H 681 73.53 6.77 27.14
N THR H 682 74.08 7.67 27.95
CA THR H 682 73.95 7.60 29.40
C THR H 682 73.02 8.69 29.87
N VAL H 683 72.04 8.31 30.68
CA VAL H 683 71.04 9.23 31.20
C VAL H 683 71.25 9.36 32.70
N ARG H 684 71.48 10.58 33.15
CA ARG H 684 71.65 10.88 34.55
C ARG H 684 70.49 11.72 35.05
N GLU H 685 70.13 11.51 36.32
CA GLU H 685 69.06 12.29 36.92
C GLU H 685 69.36 12.44 38.40
N GLY H 686 69.62 13.67 38.83
CA GLY H 686 69.82 13.99 40.23
C GLY H 686 70.75 13.03 40.95
N GLY H 687 72.01 13.00 40.54
CA GLY H 687 72.94 12.08 41.14
C GLY H 687 73.04 10.78 40.39
N LYS H 688 72.26 9.80 40.82
CA LYS H 688 72.29 8.45 40.27
C LYS H 688 72.10 8.45 38.75
N THR H 689 72.62 7.40 38.14
CA THR H 689 72.44 7.14 36.71
C THR H 689 71.20 6.30 36.51
N VAL H 690 70.28 6.76 35.65
CA VAL H 690 69.03 6.04 35.48
C VAL H 690 69.06 5.05 34.33
N ALA H 691 69.98 5.19 33.41
CA ALA H 691 70.05 4.27 32.27
C ALA H 691 71.40 4.39 31.61
N LYS H 692 71.77 3.34 30.89
CA LYS H 692 72.97 3.31 30.06
C LYS H 692 72.58 2.53 28.80
N VAL H 693 72.16 3.24 27.77
CA VAL H 693 71.56 2.64 26.59
C VAL H 693 72.70 2.22 25.66
N PRO H 694 72.87 0.93 25.37
CA PRO H 694 73.89 0.52 24.42
C PRO H 694 73.44 0.80 22.99
N THR H 695 74.26 1.51 22.25
CA THR H 695 74.00 1.78 20.85
C THR H 695 75.06 1.12 20.00
N LEU H 696 74.78 1.00 18.71
CA LEU H 696 75.67 0.29 17.81
C LEU H 696 75.39 0.73 16.38
N LEU H 697 76.47 0.87 15.61
CA LEU H 697 76.35 1.11 14.17
C LEU H 697 77.41 0.30 13.46
N ILE H 698 77.15 0.03 12.19
CA ILE H 698 78.04 -0.76 11.35
C ILE H 698 78.40 0.08 10.13
N VAL H 699 79.66 0.06 9.75
CA VAL H 699 80.14 0.83 8.62
C VAL H 699 80.47 -0.12 7.47
N LYS H 700 80.03 0.24 6.27
CA LYS H 700 80.14 -0.59 5.07
C LYS H 700 79.38 -1.89 5.34
N GLU H 701 79.85 -3.02 4.84
CA GLU H 701 79.11 -4.27 4.95
C GLU H 701 79.43 -4.98 6.25
N PRO H 702 78.42 -5.47 6.95
CA PRO H 702 78.68 -6.21 8.18
C PRO H 702 79.46 -7.48 7.91
N ASP H 703 80.23 -7.91 8.91
CA ASP H 703 81.10 -9.08 8.77
C ASP H 703 80.40 -10.33 9.28
N TYR H 704 79.22 -10.56 8.79
CA TYR H 704 78.51 -11.78 9.17
C TYR H 704 79.06 -12.97 8.40
N PRO H 705 78.88 -14.18 8.92
CA PRO H 705 79.25 -15.37 8.14
C PRO H 705 78.45 -15.42 6.85
N ARG H 706 79.15 -15.52 5.73
CA ARG H 706 78.46 -15.52 4.45
C ARG H 706 77.66 -16.81 4.25
N VAL H 707 78.11 -17.90 4.84
CA VAL H 707 77.38 -19.16 4.85
C VAL H 707 77.36 -19.70 6.26
N THR H 708 76.19 -20.13 6.72
CA THR H 708 76.01 -20.51 8.12
C THR H 708 76.02 -22.01 8.34
N SER H 709 75.23 -22.75 7.57
CA SER H 709 75.13 -24.19 7.78
C SER H 709 75.06 -24.89 6.43
N ILE H 710 75.59 -26.11 6.41
CA ILE H 710 75.55 -26.99 5.25
C ILE H 710 75.35 -28.42 5.73
N ASP H 711 74.48 -29.15 5.04
CA ASP H 711 74.35 -30.58 5.29
C ASP H 711 74.09 -31.30 3.96
N VAL H 712 74.44 -32.58 3.94
CA VAL H 712 74.31 -33.41 2.75
C VAL H 712 73.47 -34.62 3.11
N GLN H 713 72.40 -34.85 2.35
CA GLN H 713 71.56 -36.01 2.55
C GLN H 713 71.45 -36.78 1.25
N ASP H 714 70.94 -38.00 1.33
CA ASP H 714 70.75 -38.80 0.14
C ASP H 714 69.59 -38.25 -0.67
N GLY H 715 69.76 -38.22 -1.99
CA GLY H 715 68.73 -37.69 -2.85
C GLY H 715 67.61 -38.67 -3.09
N THR H 716 66.56 -38.19 -3.77
CA THR H 716 65.44 -39.05 -4.12
C THR H 716 65.87 -40.18 -5.06
N THR H 717 66.93 -39.98 -5.83
CA THR H 717 67.47 -41.00 -6.72
C THR H 717 68.70 -41.61 -6.07
N GLN H 718 68.76 -42.95 -6.07
CA GLN H 718 69.89 -43.64 -5.49
C GLN H 718 71.18 -43.26 -6.19
N GLY H 719 72.22 -43.02 -5.40
CA GLY H 719 73.51 -42.60 -5.91
C GLY H 719 73.72 -41.11 -5.99
N THR H 720 72.66 -40.31 -5.84
CA THR H 720 72.75 -38.86 -5.87
C THR H 720 72.55 -38.29 -4.48
N TYR H 721 72.83 -37.01 -4.35
CA TYR H 721 72.82 -36.34 -3.06
C TYR H 721 72.15 -34.99 -3.18
N GLN H 722 71.65 -34.51 -2.05
CA GLN H 722 71.12 -33.16 -1.95
C GLN H 722 71.90 -32.39 -0.90
N ILE H 723 72.36 -31.20 -1.28
CA ILE H 723 73.11 -30.32 -0.40
C ILE H 723 72.19 -29.18 -0.02
N GLU H 724 71.97 -29.02 1.28
CA GLU H 724 71.15 -27.93 1.79
C GLU H 724 72.04 -26.98 2.57
N THR H 725 72.03 -25.71 2.20
CA THR H 725 72.87 -24.72 2.82
C THR H 725 72.04 -23.49 3.15
N TYR H 726 72.52 -22.70 4.11
CA TYR H 726 71.83 -21.48 4.50
C TYR H 726 72.75 -20.29 4.25
N LEU H 727 72.30 -19.36 3.41
CA LEU H 727 73.06 -18.16 3.10
C LEU H 727 72.37 -16.96 3.71
N PRO H 728 72.91 -16.33 4.75
CA PRO H 728 72.20 -15.24 5.41
C PRO H 728 71.86 -14.08 4.49
N ALA H 729 72.71 -13.76 3.52
CA ALA H 729 72.41 -12.65 2.63
C ALA H 729 72.73 -12.98 1.19
N GLY H 730 72.59 -14.23 0.80
CA GLY H 730 72.93 -14.64 -0.55
C GLY H 730 74.42 -14.83 -0.70
N ALA H 731 74.83 -15.13 -1.92
CA ALA H 731 76.23 -15.35 -2.20
C ALA H 731 76.52 -14.99 -3.64
N GLU H 732 77.50 -14.10 -3.83
CA GLU H 732 77.98 -13.83 -5.18
C GLU H 732 78.59 -15.08 -5.80
N GLU H 733 79.31 -15.86 -5.00
CA GLU H 733 79.87 -17.11 -5.48
C GLU H 733 79.77 -18.15 -4.38
N LEU H 734 79.41 -19.38 -4.74
CA LEU H 734 79.26 -20.46 -3.79
C LEU H 734 79.94 -21.70 -4.34
N ALA H 735 80.76 -22.34 -3.52
CA ALA H 735 81.53 -23.49 -3.96
C ALA H 735 81.42 -24.61 -2.94
N PHE H 736 81.18 -25.81 -3.41
CA PHE H 736 81.15 -27.00 -2.57
C PHE H 736 82.37 -27.85 -2.92
N LEU H 737 83.20 -28.11 -1.92
CA LEU H 737 84.42 -28.89 -2.05
C LEU H 737 84.34 -30.13 -1.20
N VAL H 738 84.99 -31.20 -1.63
CA VAL H 738 84.90 -32.50 -0.98
C VAL H 738 86.23 -32.88 -0.39
N TYR H 739 86.21 -33.40 0.84
CA TYR H 739 87.39 -33.84 1.55
C TYR H 739 87.21 -35.29 1.99
N ASP H 740 88.31 -36.03 2.03
CA ASP H 740 88.24 -37.41 2.45
C ASP H 740 88.13 -37.48 3.97
N SER H 741 88.12 -38.71 4.50
CA SER H 741 88.06 -38.88 5.95
C SER H 741 89.29 -38.31 6.64
N ASN H 742 90.41 -38.21 5.95
CA ASN H 742 91.62 -37.62 6.49
C ASN H 742 91.69 -36.12 6.25
N LEU H 743 90.58 -35.51 5.83
CA LEU H 743 90.51 -34.08 5.56
C LEU H 743 91.53 -33.66 4.51
N ASP H 744 91.69 -34.49 3.49
CA ASP H 744 92.52 -34.17 2.34
C ASP H 744 91.64 -33.74 1.19
N PHE H 745 92.00 -32.64 0.54
CA PHE H 745 91.16 -32.08 -0.50
C PHE H 745 91.04 -33.04 -1.67
N VAL H 746 89.88 -33.66 -1.82
CA VAL H 746 89.67 -34.58 -2.93
C VAL H 746 89.39 -33.82 -4.21
N GLY H 747 88.50 -32.83 -4.16
CA GLY H 747 88.20 -32.06 -5.35
C GLY H 747 87.04 -31.12 -5.11
N GLN H 748 86.44 -30.68 -6.20
CA GLN H 748 85.45 -29.61 -6.21
C GLN H 748 84.10 -30.17 -6.63
N ALA H 749 83.17 -30.23 -5.68
CA ALA H 749 81.85 -30.77 -5.97
C ALA H 749 81.08 -29.88 -6.94
N GLY H 750 80.91 -28.61 -6.60
CA GLY H 750 80.06 -27.74 -7.40
C GLY H 750 80.42 -26.28 -7.28
N ILE H 751 80.06 -25.53 -8.33
CA ILE H 751 80.24 -24.09 -8.37
C ILE H 751 78.92 -23.45 -8.76
N TYR H 752 78.58 -22.34 -8.11
CA TYR H 752 77.34 -21.64 -8.39
C TYR H 752 77.57 -20.15 -8.20
N LYS H 753 76.77 -19.35 -8.91
CA LYS H 753 76.89 -17.90 -8.88
C LYS H 753 75.52 -17.29 -8.63
N LYS H 754 75.54 -16.12 -7.99
CA LYS H 754 74.34 -15.29 -7.83
C LYS H 754 73.21 -16.07 -7.17
N GLN H 755 73.46 -16.50 -5.95
CA GLN H 755 72.48 -17.28 -5.20
C GLN H 755 71.63 -16.36 -4.32
N ASP H 756 70.35 -16.68 -4.23
CA ASP H 756 69.44 -15.93 -3.40
C ASP H 756 69.60 -16.29 -1.94
N LYS H 757 69.28 -15.35 -1.06
CA LYS H 757 69.47 -15.57 0.36
C LYS H 757 68.40 -16.51 0.91
N GLY H 758 68.71 -17.11 2.04
CA GLY H 758 67.82 -18.07 2.66
C GLY H 758 68.34 -19.47 2.55
N TYR H 759 67.44 -20.45 2.49
CA TYR H 759 67.81 -21.84 2.32
C TYR H 759 67.95 -22.15 0.83
N GLN H 760 69.08 -22.74 0.46
CA GLN H 760 69.35 -23.13 -0.91
C GLN H 760 69.60 -24.63 -0.96
N TYR H 761 69.06 -25.26 -2.00
CA TYR H 761 69.20 -26.69 -2.20
C TYR H 761 69.83 -26.95 -3.56
N PHE H 762 70.81 -27.85 -3.59
CA PHE H 762 71.52 -28.18 -4.81
C PHE H 762 71.60 -29.68 -4.96
N ASP H 763 71.30 -30.18 -6.15
CA ASP H 763 71.44 -31.59 -6.44
C ASP H 763 72.87 -31.87 -6.89
N TRP H 764 73.48 -32.89 -6.32
CA TRP H 764 74.86 -33.24 -6.62
C TRP H 764 74.91 -34.71 -7.02
N ASN H 765 75.48 -34.99 -8.19
CA ASN H 765 75.52 -36.34 -8.72
C ASN H 765 76.62 -37.20 -8.12
N GLY H 766 77.28 -36.73 -7.07
CA GLY H 766 78.32 -37.50 -6.44
C GLY H 766 79.64 -37.53 -7.17
N LYS H 767 79.79 -36.74 -8.22
CA LYS H 767 80.99 -36.75 -9.04
C LYS H 767 81.75 -35.44 -8.88
N VAL H 768 83.08 -35.55 -8.86
CA VAL H 768 83.97 -34.49 -8.42
C VAL H 768 84.69 -33.89 -9.62
N ASN H 769 84.88 -32.57 -9.57
CA ASN H 769 85.60 -31.81 -10.60
C ASN H 769 84.96 -31.95 -11.97
N GLY H 770 83.77 -32.55 -12.02
CA GLY H 770 83.16 -32.85 -13.29
C GLY H 770 83.56 -34.22 -13.76
N ASP H 771 82.59 -35.13 -13.87
CA ASP H 771 82.69 -36.44 -14.50
C ASP H 771 83.68 -37.39 -13.82
N THR H 772 84.23 -37.03 -12.67
CA THR H 772 85.12 -37.92 -11.93
C THR H 772 84.37 -38.46 -10.72
N ALA H 773 84.14 -39.77 -10.70
CA ALA H 773 83.36 -40.39 -9.64
C ALA H 773 84.23 -40.65 -8.41
N LEU H 774 83.64 -40.45 -7.24
CA LEU H 774 84.36 -40.65 -6.00
C LEU H 774 84.51 -42.15 -5.69
N PRO H 775 85.61 -42.54 -5.07
CA PRO H 775 85.69 -43.89 -4.50
C PRO H 775 84.84 -43.98 -3.25
N ALA H 776 84.44 -45.21 -2.93
CA ALA H 776 83.59 -45.45 -1.78
C ALA H 776 84.33 -45.12 -0.49
N GLY H 777 83.63 -44.49 0.44
CA GLY H 777 84.24 -44.13 1.71
C GLY H 777 83.40 -43.07 2.41
N GLU H 778 84.06 -42.37 3.33
CA GLU H 778 83.45 -41.36 4.16
C GLU H 778 84.04 -39.99 3.81
N TYR H 779 83.18 -39.00 3.63
CA TYR H 779 83.61 -37.72 3.10
C TYR H 779 82.99 -36.57 3.87
N TYR H 780 83.69 -35.44 3.83
CA TYR H 780 83.21 -34.17 4.38
C TYR H 780 83.02 -33.21 3.22
N MET H 781 82.15 -32.23 3.40
CA MET H 781 81.97 -31.20 2.39
C MET H 781 82.11 -29.83 3.01
N LEU H 782 82.82 -28.95 2.30
CA LEU H 782 83.06 -27.58 2.74
C LEU H 782 82.31 -26.66 1.79
N ALA H 783 81.52 -25.76 2.37
CA ALA H 783 80.84 -24.73 1.61
C ALA H 783 81.61 -23.42 1.77
N TYR H 784 82.00 -22.83 0.65
CA TYR H 784 82.72 -21.56 0.63
C TYR H 784 81.83 -20.56 -0.08
N ALA H 785 81.36 -19.55 0.64
CA ALA H 785 80.49 -18.54 0.08
C ALA H 785 81.18 -17.18 0.14
N ALA H 786 81.19 -16.48 -0.99
CA ALA H 786 81.77 -15.14 -1.09
C ALA H 786 80.67 -14.18 -1.49
N ASN H 787 80.55 -13.10 -0.74
CA ASN H 787 79.49 -12.12 -0.96
C ASN H 787 79.98 -10.76 -0.45
N LYS H 788 79.75 -9.73 -1.26
CA LYS H 788 79.95 -8.34 -0.85
C LYS H 788 81.31 -8.10 -0.21
N GLY H 789 82.33 -8.70 -0.81
CA GLY H 789 83.69 -8.43 -0.39
C GLY H 789 84.16 -9.20 0.81
N LYS H 790 83.44 -10.22 1.26
CA LYS H 790 83.95 -11.09 2.30
C LYS H 790 83.53 -12.51 2.00
N SER H 791 84.34 -13.46 2.44
CA SER H 791 84.07 -14.86 2.19
C SER H 791 84.10 -15.63 3.50
N SER H 792 83.28 -16.65 3.58
CA SER H 792 83.18 -17.50 4.75
C SER H 792 83.09 -18.94 4.29
N GLN H 793 83.36 -19.86 5.21
CA GLN H 793 83.31 -21.27 4.89
C GLN H 793 82.78 -22.03 6.09
N VAL H 794 82.18 -23.18 5.81
CA VAL H 794 81.63 -24.03 6.86
C VAL H 794 81.76 -25.48 6.43
N LEU H 795 82.16 -26.33 7.36
CA LEU H 795 82.41 -27.73 7.09
C LEU H 795 81.28 -28.59 7.66
N THR H 796 80.90 -29.62 6.92
CA THR H 796 79.85 -30.53 7.37
C THR H 796 80.42 -31.44 8.46
N GLU H 797 79.91 -31.31 9.68
CA GLU H 797 80.13 -32.37 10.65
C GLU H 797 79.24 -33.56 10.29
N LYS H 798 79.52 -34.70 10.95
CA LYS H 798 78.80 -35.94 10.64
C LYS H 798 79.01 -36.28 9.16
N PRO H 799 80.18 -36.78 8.80
CA PRO H 799 80.51 -36.99 7.38
C PRO H 799 79.50 -37.90 6.68
N PHE H 800 79.24 -37.59 5.41
CA PHE H 800 78.36 -38.41 4.59
C PHE H 800 79.14 -39.51 3.90
N ILE H 801 78.43 -40.55 3.50
CA ILE H 801 79.03 -41.80 3.02
C ILE H 801 78.74 -41.95 1.53
N ILE H 802 79.76 -42.30 0.77
CA ILE H 802 79.60 -42.60 -0.64
C ILE H 802 79.35 -44.09 -0.84
N MET I 158 68.40 45.11 60.58
CA MET I 158 67.37 45.56 59.65
C MET I 158 67.25 47.08 59.64
N ASP I 159 67.90 47.71 60.62
CA ASP I 159 67.93 49.17 60.69
C ASP I 159 69.18 49.77 60.08
N ASP I 160 70.14 48.95 59.66
CA ASP I 160 71.35 49.43 59.02
C ASP I 160 71.59 48.84 57.65
N SER I 161 71.15 47.60 57.40
CA SER I 161 71.33 46.99 56.10
C SER I 161 70.39 47.57 55.05
N ALA I 162 69.14 47.79 55.42
CA ALA I 162 68.19 48.38 54.47
C ALA I 162 68.60 49.78 54.02
N PRO I 163 69.05 50.69 54.89
CA PRO I 163 69.62 51.94 54.38
C PRO I 163 70.80 51.72 53.45
N TYR I 164 71.61 50.69 53.72
CA TYR I 164 72.80 50.47 52.91
C TYR I 164 72.45 50.04 51.49
N ILE I 165 71.53 49.09 51.36
CA ILE I 165 71.17 48.64 50.02
C ILE I 165 70.31 49.66 49.28
N GLY I 166 69.74 50.63 50.00
CA GLY I 166 68.99 51.69 49.36
C GLY I 166 67.50 51.55 49.51
N ALA I 167 67.05 50.88 50.58
CA ALA I 167 65.62 50.65 50.76
C ALA I 167 64.89 51.94 51.10
N ASN I 168 65.42 52.73 52.03
CA ASN I 168 64.74 53.96 52.44
C ASN I 168 64.59 54.93 51.28
N ASP I 169 65.65 55.07 50.47
CA ASP I 169 65.58 55.98 49.33
C ASP I 169 64.47 55.55 48.37
N ALA I 170 64.31 54.24 48.17
CA ALA I 170 63.21 53.76 47.35
C ALA I 170 61.87 54.05 48.01
N TRP I 171 61.80 53.95 49.34
CA TRP I 171 60.55 54.24 50.04
C TRP I 171 60.13 55.68 49.82
N LYS I 172 61.06 56.62 49.93
CA LYS I 172 60.71 58.03 49.72
C LYS I 172 60.31 58.31 48.29
N LEU I 173 60.61 57.41 47.35
CA LEU I 173 60.07 57.50 46.01
C LEU I 173 58.71 56.83 45.88
N GLY I 174 58.19 56.25 46.96
CA GLY I 174 56.92 55.59 46.96
C GLY I 174 56.98 54.10 46.72
N TYR I 175 58.13 53.58 46.30
CA TYR I 175 58.26 52.17 45.97
C TYR I 175 58.54 51.40 47.25
N THR I 176 57.49 50.75 47.78
CA THR I 176 57.62 49.95 48.98
C THR I 176 57.20 48.50 48.79
N GLY I 177 56.91 48.09 47.56
CA GLY I 177 56.49 46.73 47.30
C GLY I 177 55.00 46.49 47.36
N LYS I 178 54.19 47.56 47.39
CA LYS I 178 52.75 47.38 47.48
C LYS I 178 52.21 46.64 46.28
N GLY I 179 51.36 45.64 46.53
CA GLY I 179 50.75 44.84 45.52
C GLY I 179 51.56 43.63 45.12
N VAL I 180 52.84 43.61 45.46
CA VAL I 180 53.70 42.47 45.15
C VAL I 180 53.52 41.41 46.22
N LYS I 181 53.51 40.16 45.79
CA LYS I 181 53.25 39.03 46.69
C LYS I 181 54.53 38.21 46.80
N VAL I 182 55.00 38.03 48.02
CA VAL I 182 56.25 37.31 48.28
C VAL I 182 55.94 36.05 49.06
N ALA I 183 56.46 34.92 48.59
CA ALA I 183 56.33 33.63 49.23
C ALA I 183 57.62 33.29 49.95
N ILE I 184 57.51 32.73 51.15
CA ILE I 184 58.65 32.41 51.99
C ILE I 184 58.63 30.91 52.21
N ILE I 185 59.41 30.15 51.46
CA ILE I 185 59.45 28.70 51.63
C ILE I 185 60.55 28.39 52.63
N ASP I 186 60.16 28.30 53.90
CA ASP I 186 61.07 28.04 55.01
C ASP I 186 60.32 27.21 56.04
N THR I 187 60.81 27.21 57.27
CA THR I 187 60.23 26.43 58.36
C THR I 187 58.88 26.97 58.82
N GLY I 188 58.29 27.90 58.11
CA GLY I 188 57.03 28.51 58.50
C GLY I 188 57.24 29.87 59.12
N VAL I 189 56.15 30.64 59.17
CA VAL I 189 56.20 32.02 59.62
C VAL I 189 55.17 32.20 60.73
N GLU I 190 55.58 32.84 61.82
CA GLU I 190 54.67 33.23 62.88
C GLU I 190 53.91 34.47 62.41
N TYR I 191 52.77 34.25 61.76
CA TYR I 191 51.99 35.36 61.21
C TYR I 191 51.11 36.01 62.25
N LYS I 192 51.66 36.29 63.43
CA LYS I 192 50.96 37.04 64.45
C LYS I 192 51.87 38.04 65.12
N HIS I 193 53.14 38.06 64.74
CA HIS I 193 54.04 39.10 65.18
C HIS I 193 53.46 40.45 64.78
N PRO I 194 53.38 41.42 65.69
CA PRO I 194 52.76 42.71 65.33
C PRO I 194 53.41 43.37 64.14
N ASP I 195 54.69 43.11 63.89
CA ASP I 195 55.37 43.66 62.72
C ASP I 195 54.99 42.94 61.44
N LEU I 196 54.45 41.73 61.52
CA LEU I 196 54.08 40.95 60.35
C LEU I 196 52.58 40.80 60.18
N LYS I 197 51.78 41.27 61.14
CA LYS I 197 50.36 40.96 61.14
C LYS I 197 49.66 41.51 59.91
N LYS I 198 49.94 42.76 59.55
CA LYS I 198 49.20 43.42 58.49
C LYS I 198 49.74 43.12 57.10
N ASN I 199 50.92 42.51 57.01
CA ASN I 199 51.45 42.12 55.71
C ASN I 199 50.91 40.80 55.22
N PHE I 200 50.29 40.01 56.10
CA PHE I 200 49.69 38.75 55.70
C PHE I 200 48.24 38.97 55.30
N GLY I 201 47.85 38.41 54.17
CA GLY I 201 46.47 38.52 53.71
C GLY I 201 45.56 37.58 54.48
N GLN I 202 44.40 37.29 53.90
CA GLN I 202 43.48 36.37 54.56
C GLN I 202 44.06 34.97 54.55
N TYR I 203 44.46 34.49 53.37
CA TYR I 203 45.06 33.18 53.23
C TYR I 203 46.56 33.29 53.49
N LYS I 204 47.02 32.64 54.56
CA LYS I 204 48.39 32.82 55.01
C LYS I 204 49.38 31.92 54.28
N GLY I 205 48.95 30.78 53.80
CA GLY I 205 49.84 29.88 53.11
C GLY I 205 49.46 28.45 53.41
N TYR I 206 50.45 27.57 53.31
CA TYR I 206 50.22 26.15 53.49
C TYR I 206 51.35 25.53 54.31
N ASP I 207 51.05 24.40 54.93
CA ASP I 207 51.96 23.72 55.83
C ASP I 207 52.12 22.30 55.31
N PHE I 208 53.18 22.06 54.54
CA PHE I 208 53.35 20.77 53.87
C PHE I 208 53.82 19.67 54.81
N VAL I 209 54.55 20.02 55.89
CA VAL I 209 54.98 18.98 56.82
C VAL I 209 53.85 18.51 57.72
N ASP I 210 52.72 19.22 57.73
CA ASP I 210 51.58 18.84 58.54
C ASP I 210 50.28 18.76 57.75
N ASN I 211 50.25 19.28 56.52
CA ASN I 211 49.08 19.22 55.65
C ASN I 211 47.88 19.93 56.27
N ASP I 212 48.10 21.15 56.72
CA ASP I 212 47.02 22.01 57.18
C ASP I 212 47.32 23.43 56.71
N TYR I 213 46.33 24.31 56.86
CA TYR I 213 46.44 25.68 56.39
C TYR I 213 46.94 26.61 57.47
N ASP I 214 47.74 26.11 58.41
CA ASP I 214 48.30 26.88 59.51
C ASP I 214 49.81 26.76 59.45
N PRO I 215 50.49 27.62 58.71
CA PRO I 215 51.95 27.55 58.56
C PRO I 215 52.71 28.16 59.74
N GLU I 216 52.28 27.83 60.94
CA GLU I 216 52.98 28.31 62.13
C GLU I 216 54.32 27.60 62.26
N GLU I 217 55.24 28.26 62.95
CA GLU I 217 56.54 27.65 63.20
C GLU I 217 56.39 26.46 64.13
N THR I 218 57.44 25.66 64.20
CA THR I 218 57.42 24.49 65.06
C THR I 218 57.39 24.92 66.52
N PRO I 219 56.42 24.49 67.30
CA PRO I 219 56.34 24.93 68.69
C PRO I 219 57.45 24.31 69.53
N SER I 220 57.64 24.82 70.74
CA SER I 220 58.60 24.21 71.66
C SER I 220 58.03 22.91 72.20
N GLY I 221 58.88 21.92 72.37
CA GLY I 221 58.46 20.62 72.86
C GLY I 221 57.73 19.81 71.80
N ASP I 222 58.40 19.56 70.68
CA ASP I 222 57.85 18.74 69.61
C ASP I 222 58.63 17.43 69.55
N PRO I 223 57.98 16.29 69.62
CA PRO I 223 58.72 15.02 69.59
C PRO I 223 59.59 14.85 68.36
N ARG I 224 59.18 15.35 67.20
CA ARG I 224 59.91 15.11 65.97
C ARG I 224 61.15 15.98 65.82
N GLY I 225 61.30 17.04 66.62
CA GLY I 225 62.46 17.90 66.49
C GLY I 225 62.48 19.06 67.45
N ALA I 226 63.09 20.16 67.03
CA ALA I 226 63.23 21.35 67.88
C ALA I 226 62.47 22.51 67.27
N SER I 227 62.13 23.48 68.13
CA SER I 227 61.40 24.65 67.67
C SER I 227 62.25 25.46 66.69
N THR I 228 61.59 26.15 65.79
CA THR I 228 62.26 26.87 64.72
C THR I 228 61.83 28.33 64.72
N ASP I 229 62.74 29.20 64.25
CA ASP I 229 62.44 30.62 64.12
C ASP I 229 63.03 31.20 62.84
N HIS I 230 63.51 30.36 61.92
CA HIS I 230 64.18 30.85 60.73
C HIS I 230 63.21 31.57 59.81
N GLY I 231 62.02 30.99 59.59
CA GLY I 231 61.09 31.57 58.64
C GLY I 231 60.55 32.92 59.07
N THR I 232 60.27 33.08 60.36
CA THR I 232 59.78 34.37 60.84
C THR I 232 60.85 35.43 60.69
N HIS I 233 62.11 35.08 60.96
CA HIS I 233 63.20 36.03 60.79
C HIS I 233 63.32 36.44 59.33
N VAL I 234 63.22 35.46 58.41
CA VAL I 234 63.31 35.77 56.99
C VAL I 234 62.16 36.68 56.57
N ALA I 235 60.95 36.37 57.01
CA ALA I 235 59.80 37.18 56.64
C ALA I 235 59.90 38.59 57.19
N GLY I 236 60.39 38.75 58.42
CA GLY I 236 60.63 40.08 58.94
C GLY I 236 61.66 40.84 58.14
N THR I 237 62.72 40.16 57.70
CA THR I 237 63.71 40.83 56.86
C THR I 237 63.10 41.29 55.55
N VAL I 238 62.25 40.47 54.94
CA VAL I 238 61.66 40.83 53.65
C VAL I 238 60.71 42.00 53.81
N ALA I 239 59.65 41.81 54.59
CA ALA I 239 58.59 42.81 54.66
C ALA I 239 58.02 42.81 56.08
N ALA I 240 58.56 43.67 56.93
CA ALA I 240 58.04 43.87 58.28
C ALA I 240 57.74 45.34 58.44
N ASN I 241 56.51 45.66 58.86
CA ASN I 241 56.09 47.03 59.05
C ASN I 241 55.84 47.26 60.53
N GLY I 242 56.53 48.23 61.11
CA GLY I 242 56.38 48.52 62.51
C GLY I 242 57.67 48.99 63.15
N THR I 243 58.03 48.38 64.29
CA THR I 243 59.26 48.73 64.96
C THR I 243 60.48 48.47 64.07
N ILE I 244 60.50 47.32 63.40
CA ILE I 244 61.51 46.99 62.42
C ILE I 244 60.86 47.09 61.04
N LYS I 245 61.55 47.75 60.11
CA LYS I 245 61.04 47.94 58.76
C LYS I 245 61.83 47.06 57.81
N GLY I 246 61.13 46.13 57.15
CA GLY I 246 61.76 45.27 56.18
C GLY I 246 62.11 46.02 54.92
N VAL I 247 62.72 45.29 53.97
CA VAL I 247 63.18 45.93 52.75
C VAL I 247 62.00 46.45 51.94
N ALA I 248 60.88 45.72 51.93
CA ALA I 248 59.70 46.09 51.16
C ALA I 248 58.50 46.05 52.09
N PRO I 249 58.37 47.01 52.99
CA PRO I 249 57.38 46.88 54.06
C PRO I 249 55.97 47.21 53.60
N ASP I 250 55.58 46.71 52.43
CA ASP I 250 54.20 46.80 51.98
C ASP I 250 53.78 45.57 51.19
N ALA I 251 54.64 44.59 51.04
CA ALA I 251 54.36 43.43 50.22
C ALA I 251 53.52 42.42 50.98
N THR I 252 52.61 41.77 50.28
CA THR I 252 51.86 40.67 50.84
C THR I 252 52.77 39.47 51.01
N LEU I 253 52.52 38.67 52.04
CA LEU I 253 53.36 37.54 52.37
C LEU I 253 52.56 36.25 52.33
N LEU I 254 53.21 35.18 51.91
CA LEU I 254 52.65 33.84 51.98
C LEU I 254 53.68 32.94 52.64
N ALA I 255 53.24 32.12 53.58
CA ALA I 255 54.13 31.21 54.29
C ALA I 255 53.90 29.78 53.84
N TYR I 256 54.98 29.06 53.60
CA TYR I 256 54.91 27.68 53.16
C TYR I 256 55.86 26.87 54.02
N ARG I 257 55.30 26.16 54.99
CA ARG I 257 56.11 25.35 55.90
C ARG I 257 56.47 24.06 55.20
N VAL I 258 57.68 24.00 54.66
CA VAL I 258 58.17 22.78 54.03
C VAL I 258 59.26 22.11 54.84
N LEU I 259 59.94 22.84 55.73
CA LEU I 259 60.97 22.27 56.58
C LEU I 259 60.35 21.94 57.93
N GLY I 260 60.42 20.67 58.31
CA GLY I 260 59.80 20.22 59.53
C GLY I 260 60.58 20.65 60.75
N PRO I 261 60.22 20.10 61.90
CA PRO I 261 60.96 20.41 63.13
C PRO I 261 62.43 20.04 62.98
N GLY I 262 63.30 20.89 63.51
CA GLY I 262 64.72 20.72 63.39
C GLY I 262 65.32 21.38 62.17
N GLY I 263 64.51 21.88 61.26
CA GLY I 263 64.98 22.54 60.07
C GLY I 263 65.26 21.63 58.90
N SER I 264 64.85 20.36 58.96
CA SER I 264 65.09 19.41 57.89
C SER I 264 63.79 19.11 57.15
N GLY I 265 63.89 19.05 55.84
CA GLY I 265 62.72 18.79 55.02
C GLY I 265 63.01 17.99 53.77
N THR I 266 62.06 17.16 53.36
CA THR I 266 62.24 16.36 52.17
C THR I 266 62.27 17.22 50.92
N THR I 267 62.98 16.75 49.91
CA THR I 267 63.03 17.47 48.64
C THR I 267 61.65 17.57 48.00
N GLU I 268 60.84 16.52 48.12
CA GLU I 268 59.49 16.56 47.57
C GLU I 268 58.65 17.65 48.19
N ASN I 269 58.78 17.87 49.50
CA ASN I 269 58.07 18.97 50.14
C ASN I 269 58.51 20.32 49.62
N VAL I 270 59.80 20.51 49.36
CA VAL I 270 60.27 21.79 48.83
C VAL I 270 59.75 22.00 47.42
N ILE I 271 59.73 20.95 46.60
CA ILE I 271 59.18 21.08 45.25
C ILE I 271 57.70 21.42 45.32
N ALA I 272 56.97 20.76 46.22
CA ALA I 272 55.56 21.06 46.39
C ALA I 272 55.34 22.49 46.84
N GLY I 273 56.19 22.99 47.74
CA GLY I 273 56.10 24.36 48.18
C GLY I 273 56.33 25.33 47.07
N ILE I 274 57.33 25.08 46.23
CA ILE I 274 57.61 25.96 45.11
C ILE I 274 56.43 25.99 44.15
N GLU I 275 55.91 24.80 43.80
CA GLU I 275 54.78 24.75 42.88
C GLU I 275 53.53 25.39 43.44
N ARG I 276 53.26 25.20 44.73
CA ARG I 276 52.10 25.84 45.35
C ARG I 276 52.27 27.34 45.45
N ALA I 277 53.50 27.82 45.66
CA ALA I 277 53.74 29.26 45.63
C ALA I 277 53.51 29.83 44.25
N VAL I 278 53.86 29.08 43.20
CA VAL I 278 53.54 29.53 41.86
C VAL I 278 52.02 29.53 41.64
N GLN I 279 51.33 28.54 42.19
CA GLN I 279 49.87 28.52 42.12
C GLN I 279 49.27 29.77 42.72
N ASP I 280 49.70 30.12 43.92
CA ASP I 280 49.06 31.17 44.70
C ASP I 280 49.37 32.57 44.18
N GLY I 281 49.98 32.68 43.01
CA GLY I 281 50.21 33.98 42.41
C GLY I 281 51.36 34.76 43.00
N ALA I 282 52.24 34.12 43.76
CA ALA I 282 53.38 34.83 44.31
C ALA I 282 54.24 35.39 43.20
N ASP I 283 54.59 36.68 43.32
CA ASP I 283 55.45 37.31 42.34
C ASP I 283 56.93 37.13 42.66
N VAL I 284 57.28 37.08 43.94
CA VAL I 284 58.66 36.85 44.36
C VAL I 284 58.67 35.65 45.28
N MET I 285 59.72 34.85 45.18
CA MET I 285 59.83 33.61 45.93
C MET I 285 61.16 33.62 46.67
N ASN I 286 61.16 33.17 47.92
CA ASN I 286 62.37 33.19 48.73
C ASN I 286 62.65 31.80 49.27
N LEU I 287 63.84 31.28 48.98
CA LEU I 287 64.30 29.99 49.45
C LEU I 287 65.59 30.18 50.23
N SER I 288 65.49 30.16 51.56
CA SER I 288 66.65 30.20 52.44
C SER I 288 67.03 28.82 52.94
N LEU I 289 66.67 27.79 52.21
CA LEU I 289 67.06 26.42 52.51
C LEU I 289 68.10 25.97 51.50
N GLY I 290 68.51 24.71 51.62
CA GLY I 290 69.42 24.14 50.65
C GLY I 290 70.37 23.13 51.22
N ASN I 291 70.67 22.09 50.46
CA ASN I 291 71.66 21.10 50.84
C ASN I 291 73.01 21.55 50.30
N SER I 292 74.01 20.66 50.32
CA SER I 292 75.37 21.02 49.92
C SER I 292 75.85 20.13 48.79
N VAL I 293 75.01 19.91 47.80
CA VAL I 293 75.38 19.17 46.61
C VAL I 293 75.53 20.15 45.45
N ASN I 294 76.75 20.30 44.94
CA ASN I 294 77.03 21.21 43.84
C ASN I 294 76.60 20.56 42.53
N ASN I 295 75.29 20.48 42.34
CA ASN I 295 74.70 19.90 41.15
C ASN I 295 73.67 20.87 40.59
N PRO I 296 73.85 21.38 39.37
CA PRO I 296 72.86 22.31 38.82
C PRO I 296 71.56 21.65 38.45
N ASP I 297 71.50 20.33 38.39
CA ASP I 297 70.31 19.60 38.00
C ASP I 297 69.73 18.81 39.16
N TRP I 298 69.81 19.38 40.35
CA TRP I 298 69.07 18.81 41.46
C TRP I 298 67.58 19.08 41.27
N ALA I 299 66.75 18.33 41.98
CA ALA I 299 65.31 18.48 41.82
C ALA I 299 64.85 19.87 42.22
N THR I 300 65.38 20.39 43.32
CA THR I 300 65.01 21.74 43.75
C THR I 300 65.49 22.81 42.79
N SER I 301 66.59 22.58 42.08
CA SER I 301 67.02 23.53 41.06
C SER I 301 66.20 23.46 39.81
N THR I 302 65.78 22.26 39.39
CA THR I 302 64.87 22.15 38.27
C THR I 302 63.53 22.81 38.58
N ALA I 303 63.02 22.60 39.79
CA ALA I 303 61.79 23.27 40.19
C ALA I 303 61.94 24.78 40.20
N LEU I 304 63.11 25.29 40.60
CA LEU I 304 63.34 26.71 40.61
C LEU I 304 63.48 27.29 39.21
N ASP I 305 64.00 26.51 38.27
CA ASP I 305 64.02 26.92 36.87
C ASP I 305 62.67 26.79 36.21
N TRP I 306 61.76 25.97 36.74
CA TRP I 306 60.40 25.95 36.22
C TRP I 306 59.70 27.27 36.51
N ALA I 307 59.74 27.72 37.76
CA ALA I 307 59.50 29.13 38.02
C ALA I 307 60.64 29.94 37.41
N MET I 308 60.50 31.27 37.44
CA MET I 308 61.37 32.16 36.68
C MET I 308 61.10 31.99 35.19
N SER I 309 60.27 31.01 34.86
CA SER I 309 59.66 30.90 33.55
C SER I 309 58.16 30.97 33.60
N GLU I 310 57.55 30.65 34.74
CA GLU I 310 56.15 31.00 34.98
C GLU I 310 56.05 32.35 35.68
N GLY I 311 56.82 33.31 35.18
CA GLY I 311 56.75 34.69 35.64
C GLY I 311 56.96 34.93 37.12
N VAL I 312 57.73 34.09 37.81
CA VAL I 312 57.94 34.24 39.25
C VAL I 312 59.42 34.34 39.52
N THR I 313 59.84 35.51 40.02
CA THR I 313 61.24 35.69 40.41
C THR I 313 61.57 34.79 41.59
N ALA I 314 62.74 34.15 41.55
CA ALA I 314 63.14 33.19 42.56
C ALA I 314 64.49 33.59 43.13
N VAL I 315 64.51 33.94 44.40
CA VAL I 315 65.73 34.33 45.10
C VAL I 315 66.06 33.25 46.12
N THR I 316 67.31 32.79 46.10
CA THR I 316 67.72 31.70 46.96
C THR I 316 69.07 32.02 47.58
N SER I 317 69.31 31.41 48.73
CA SER I 317 70.60 31.55 49.38
C SER I 317 71.65 30.73 48.65
N ASN I 318 72.90 31.20 48.70
CA ASN I 318 74.00 30.46 48.12
C ASN I 318 74.42 29.26 48.95
N GLY I 319 74.15 29.26 50.24
CA GLY I 319 74.60 28.22 51.13
C GLY I 319 75.63 28.73 52.13
N ASN I 320 75.84 27.92 53.15
CA ASN I 320 76.70 28.29 54.27
C ASN I 320 77.88 27.32 54.33
N SER I 321 78.92 27.63 53.56
CA SER I 321 80.13 26.83 53.57
C SER I 321 81.33 27.76 53.55
N GLY I 322 82.40 27.34 54.22
CA GLY I 322 83.55 28.18 54.44
C GLY I 322 84.17 28.67 53.15
N PRO I 323 85.20 29.48 53.26
CA PRO I 323 85.77 30.07 52.04
C PRO I 323 86.45 29.01 51.21
N ASN I 324 85.77 28.57 50.17
CA ASN I 324 86.22 27.45 49.36
C ASN I 324 85.41 27.40 48.08
N ASN I 325 86.07 27.31 46.95
CA ASN I 325 85.34 27.26 45.70
C ASN I 325 84.60 25.93 45.58
N TRP I 326 83.58 25.91 44.73
CA TRP I 326 82.81 24.71 44.42
C TRP I 326 82.02 24.21 45.61
N THR I 327 81.54 25.11 46.47
CA THR I 327 80.78 24.70 47.64
C THR I 327 79.36 25.24 47.63
N VAL I 328 78.87 25.70 46.48
CA VAL I 328 77.54 26.28 46.42
C VAL I 328 76.49 25.19 46.53
N GLY I 329 75.38 25.49 47.21
CA GLY I 329 74.37 24.51 47.52
C GLY I 329 73.49 24.15 46.35
N SER I 330 72.53 23.25 46.61
CA SER I 330 71.78 22.64 45.51
C SER I 330 70.77 23.61 44.90
N PRO I 331 69.81 24.17 45.64
CA PRO I 331 68.89 25.12 45.00
C PRO I 331 69.58 26.36 44.50
N GLY I 332 70.72 26.71 45.07
CA GLY I 332 71.45 27.89 44.65
C GLY I 332 72.37 27.62 43.49
N THR I 333 72.26 26.45 42.87
CA THR I 333 72.99 26.15 41.65
C THR I 333 72.11 26.24 40.42
N SER I 334 70.85 26.64 40.58
CA SER I 334 69.93 26.68 39.46
C SER I 334 70.39 27.71 38.44
N ARG I 335 70.15 27.41 37.17
CA ARG I 335 70.61 28.27 36.10
C ARG I 335 69.88 29.59 36.07
N GLU I 336 68.60 29.61 36.42
CA GLU I 336 67.78 30.82 36.37
C GLU I 336 67.20 31.06 37.75
N ALA I 337 67.98 31.70 38.61
CA ALA I 337 67.51 32.11 39.93
C ALA I 337 68.59 32.99 40.55
N ILE I 338 68.17 34.01 41.28
CA ILE I 338 69.13 34.92 41.89
C ILE I 338 69.66 34.26 43.15
N SER I 339 70.91 33.84 43.13
CA SER I 339 71.57 33.28 44.30
C SER I 339 72.34 34.38 44.99
N VAL I 340 72.21 34.44 46.32
CA VAL I 340 72.71 35.57 47.10
C VAL I 340 73.77 35.07 48.06
N GLY I 341 74.90 35.76 48.08
CA GLY I 341 75.91 35.57 49.10
C GLY I 341 75.80 36.62 50.19
N ALA I 342 76.54 36.40 51.27
CA ALA I 342 76.43 37.22 52.47
C ALA I 342 77.63 38.14 52.60
N THR I 343 77.37 39.38 53.03
CA THR I 343 78.41 40.37 53.22
C THR I 343 78.32 40.95 54.63
N GLN I 344 79.44 41.50 55.09
CA GLN I 344 79.49 42.22 56.35
C GLN I 344 79.42 43.71 56.06
N LEU I 345 78.58 44.41 56.80
CA LEU I 345 78.46 45.85 56.63
C LEU I 345 79.75 46.54 57.06
N PRO I 346 80.05 47.70 56.50
CA PRO I 346 81.29 48.40 56.86
C PRO I 346 81.34 48.71 58.35
N LEU I 347 82.31 48.13 59.03
CA LEU I 347 82.48 48.32 60.47
C LEU I 347 83.84 48.95 60.75
N ASN I 348 83.90 49.66 61.88
CA ASN I 348 85.09 50.38 62.26
C ASN I 348 86.00 49.54 63.14
N LYS I 477 91.17 50.90 62.13
CA LYS I 477 91.11 50.71 60.68
C LYS I 477 89.70 50.36 60.23
N SER I 478 88.94 51.37 59.83
CA SER I 478 87.60 51.14 59.32
C SER I 478 87.65 50.37 58.00
N LEU I 479 86.81 49.35 57.90
CA LEU I 479 86.74 48.52 56.71
C LEU I 479 85.50 48.84 55.89
N THR I 480 85.59 48.59 54.60
CA THR I 480 84.45 48.70 53.72
C THR I 480 83.64 47.41 53.79
N GLU I 481 82.69 47.23 52.88
CA GLU I 481 81.91 46.01 52.87
C GLU I 481 82.80 44.81 52.54
N GLN I 482 82.53 43.69 53.17
CA GLN I 482 83.37 42.52 53.03
C GLN I 482 82.49 41.28 53.02
N MET I 483 82.85 40.31 52.18
CA MET I 483 82.08 39.09 52.16
C MET I 483 82.39 38.26 53.40
N ALA I 484 81.34 37.69 53.99
CA ALA I 484 81.52 36.79 55.11
C ALA I 484 82.21 35.52 54.65
N ASP I 485 82.92 34.88 55.58
CA ASP I 485 83.73 33.71 55.25
C ASP I 485 82.95 32.42 55.35
N PHE I 486 81.63 32.49 55.47
CA PHE I 486 80.81 31.29 55.44
C PHE I 486 79.93 31.21 54.20
N SER I 487 79.97 32.20 53.33
CA SER I 487 79.19 32.14 52.11
C SER I 487 79.77 31.07 51.18
N SER I 488 78.90 30.23 50.64
CA SER I 488 79.35 29.26 49.66
C SER I 488 79.83 29.98 48.41
N ARG I 489 80.77 29.36 47.72
CA ARG I 489 81.40 29.97 46.56
C ARG I 489 81.27 29.04 45.36
N GLY I 490 81.14 29.64 44.18
CA GLY I 490 81.04 28.87 42.97
C GLY I 490 82.38 28.38 42.52
N PRO I 491 82.49 27.95 41.26
CA PRO I 491 81.44 27.88 40.24
C PRO I 491 80.54 26.69 40.42
N VAL I 492 79.48 26.59 39.62
CA VAL I 492 78.65 25.41 39.63
C VAL I 492 79.30 24.30 38.80
N MET I 493 79.18 23.07 39.28
CA MET I 493 79.73 21.94 38.56
C MET I 493 78.92 21.69 37.29
N ASP I 494 79.60 21.22 36.25
CA ASP I 494 78.98 20.74 35.01
C ASP I 494 78.39 21.88 34.19
N THR I 495 78.33 23.09 34.74
CA THR I 495 77.97 24.27 33.97
C THR I 495 78.94 25.41 34.14
N TRP I 496 79.80 25.38 35.17
CA TRP I 496 80.85 26.37 35.37
C TRP I 496 80.28 27.77 35.47
N MET I 497 79.04 27.87 35.90
CA MET I 497 78.37 29.16 36.04
C MET I 497 78.90 29.89 37.26
N ILE I 498 78.98 31.21 37.17
CA ILE I 498 79.48 32.02 38.28
C ILE I 498 78.38 32.13 39.33
N LYS I 499 78.69 31.73 40.55
CA LYS I 499 77.78 31.90 41.67
C LYS I 499 78.57 32.29 42.90
N PRO I 500 78.01 33.10 43.80
CA PRO I 500 76.64 33.61 43.87
C PRO I 500 76.32 34.57 42.76
N ASP I 501 75.06 34.83 42.47
CA ASP I 501 74.76 35.84 41.47
C ASP I 501 74.97 37.25 42.01
N VAL I 502 74.48 37.51 43.21
CA VAL I 502 74.69 38.82 43.84
C VAL I 502 74.95 38.58 45.32
N SER I 503 75.59 39.53 45.97
CA SER I 503 75.76 39.49 47.41
C SER I 503 74.92 40.57 48.08
N ALA I 504 74.62 40.36 49.35
CA ALA I 504 73.77 41.26 50.12
C ALA I 504 74.15 41.16 51.58
N PRO I 505 73.79 42.15 52.40
CA PRO I 505 74.13 42.09 53.82
C PRO I 505 73.49 40.89 54.50
N GLY I 506 74.32 40.04 55.09
CA GLY I 506 73.82 38.84 55.71
C GLY I 506 74.52 38.45 56.99
N VAL I 507 75.15 39.40 57.65
CA VAL I 507 75.86 39.16 58.91
C VAL I 507 75.27 40.06 59.97
N ASN I 508 74.85 39.47 61.09
CA ASN I 508 74.29 40.20 62.22
C ASN I 508 73.05 41.00 61.79
N ILE I 509 72.05 40.27 61.33
CA ILE I 509 70.79 40.87 60.89
C ILE I 509 69.77 40.66 62.00
N VAL I 510 69.22 41.74 62.51
CA VAL I 510 68.18 41.65 63.54
C VAL I 510 66.82 41.73 62.86
N SER I 511 65.90 40.87 63.30
CA SER I 511 64.59 40.81 62.68
C SER I 511 63.64 40.08 63.62
N THR I 512 62.39 40.01 63.21
CA THR I 512 61.33 39.47 64.05
C THR I 512 61.50 37.98 64.24
N ILE I 513 61.37 37.51 65.48
CA ILE I 513 61.41 36.09 65.80
C ILE I 513 60.29 35.76 66.76
N PRO I 514 59.85 34.50 66.81
CA PRO I 514 59.04 34.07 67.95
C PRO I 514 59.94 33.64 69.09
N THR I 515 59.62 34.12 70.28
CA THR I 515 60.38 33.74 71.47
C THR I 515 60.01 32.38 71.99
N HIS I 516 58.93 31.78 71.47
CA HIS I 516 58.44 30.48 71.93
C HIS I 516 58.19 30.51 73.43
N ASP I 517 57.71 31.65 73.91
CA ASP I 517 57.39 31.85 75.31
C ASP I 517 55.95 32.33 75.39
N PRO I 518 55.06 31.59 76.06
CA PRO I 518 53.66 32.04 76.17
C PRO I 518 53.51 33.40 76.83
N ALA I 519 54.45 33.79 77.69
CA ALA I 519 54.36 35.10 78.34
C ALA I 519 54.45 36.23 77.33
N ASP I 520 55.40 36.13 76.39
CA ASP I 520 55.52 37.09 75.29
C ASP I 520 56.06 36.35 74.09
N PRO I 521 55.20 36.02 73.12
CA PRO I 521 55.62 35.12 72.04
C PRO I 521 56.42 35.77 70.94
N TYR I 522 56.44 37.09 70.87
CA TYR I 522 57.09 37.80 69.76
C TYR I 522 58.24 38.66 70.27
N GLY I 523 59.32 38.67 69.53
CA GLY I 523 60.46 39.49 69.89
C GLY I 523 61.35 39.71 68.70
N TYR I 524 62.56 40.18 68.97
CA TYR I 524 63.54 40.42 67.92
C TYR I 524 64.83 39.68 68.23
N GLY I 525 65.47 39.19 67.19
CA GLY I 525 66.69 38.42 67.36
C GLY I 525 67.63 38.65 66.20
N SER I 526 68.90 38.47 66.48
CA SER I 526 69.96 38.69 65.50
C SER I 526 70.46 37.34 65.02
N LYS I 527 70.34 37.09 63.73
CA LYS I 527 70.84 35.87 63.11
C LYS I 527 71.77 36.24 61.97
N GLN I 528 72.62 35.29 61.62
CA GLN I 528 73.63 35.48 60.59
C GLN I 528 73.64 34.26 59.69
N GLY I 529 73.92 34.48 58.41
CA GLY I 529 73.99 33.38 57.47
C GLY I 529 73.65 33.84 56.08
N THR I 530 74.13 33.07 55.11
CA THR I 530 73.78 33.32 53.72
C THR I 530 72.27 33.20 53.51
N SER I 531 71.61 32.40 54.35
CA SER I 531 70.16 32.29 54.27
C SER I 531 69.47 33.58 54.64
N MET I 532 70.16 34.51 55.26
CA MET I 532 69.58 35.81 55.56
C MET I 532 70.11 36.94 54.70
N ALA I 533 70.96 36.65 53.73
CA ALA I 533 71.25 37.62 52.69
C ALA I 533 70.19 37.60 51.60
N SER I 534 69.64 36.44 51.29
CA SER I 534 68.63 36.34 50.25
C SER I 534 67.38 37.17 50.53
N PRO I 535 66.86 37.27 51.76
CA PRO I 535 65.65 38.09 51.96
C PRO I 535 65.82 39.53 51.56
N HIS I 536 67.02 40.09 51.69
CA HIS I 536 67.24 41.45 51.21
C HIS I 536 67.00 41.54 49.71
N VAL I 537 67.52 40.57 48.96
CA VAL I 537 67.33 40.58 47.53
C VAL I 537 65.88 40.29 47.16
N ALA I 538 65.19 39.47 47.96
CA ALA I 538 63.76 39.25 47.71
C ALA I 538 62.96 40.53 47.89
N GLY I 539 63.25 41.27 48.96
CA GLY I 539 62.61 42.56 49.14
C GLY I 539 62.96 43.54 48.04
N ALA I 540 64.22 43.53 47.61
CA ALA I 540 64.62 44.39 46.50
C ALA I 540 63.87 44.03 45.23
N ALA I 541 63.68 42.75 44.96
CA ALA I 541 62.93 42.33 43.79
C ALA I 541 61.48 42.76 43.89
N ALA I 542 60.90 42.67 45.09
CA ALA I 542 59.53 43.14 45.26
C ALA I 542 59.43 44.63 44.99
N VAL I 543 60.37 45.41 45.52
CA VAL I 543 60.35 46.86 45.30
C VAL I 543 60.48 47.17 43.82
N ILE I 544 61.42 46.50 43.14
CA ILE I 544 61.63 46.74 41.73
C ILE I 544 60.39 46.36 40.93
N LYS I 545 59.78 45.23 41.25
CA LYS I 545 58.58 44.82 40.54
C LYS I 545 57.44 45.81 40.73
N GLN I 546 57.37 46.43 41.90
CA GLN I 546 56.42 47.54 42.03
C GLN I 546 56.83 48.71 41.16
N ALA I 547 58.12 49.00 41.08
CA ALA I 547 58.58 50.15 40.30
C ALA I 547 58.48 49.89 38.81
N LYS I 548 58.90 48.70 38.36
CA LYS I 548 58.87 48.32 36.96
C LYS I 548 57.92 47.14 36.79
N PRO I 549 56.63 47.38 36.58
CA PRO I 549 55.67 46.27 36.55
C PRO I 549 55.75 45.41 35.31
N LYS I 550 56.49 45.82 34.29
CA LYS I 550 56.55 45.08 33.05
C LYS I 550 57.78 44.19 32.93
N TRP I 551 58.69 44.24 33.89
CA TRP I 551 59.91 43.48 33.79
C TRP I 551 59.67 42.00 34.07
N SER I 552 60.29 41.15 33.26
CA SER I 552 60.23 39.71 33.44
C SER I 552 61.15 39.31 34.60
N PRO I 553 61.02 38.09 35.12
CA PRO I 553 61.96 37.66 36.17
C PRO I 553 63.42 37.73 35.75
N GLU I 554 63.73 37.39 34.50
CA GLU I 554 65.10 37.50 34.03
C GLU I 554 65.55 38.94 33.88
N GLN I 555 64.66 39.84 33.52
CA GLN I 555 65.00 41.26 33.48
C GLN I 555 65.30 41.82 34.85
N ILE I 556 64.55 41.41 35.87
CA ILE I 556 64.85 41.82 37.24
C ILE I 556 66.21 41.29 37.67
N LYS I 557 66.49 40.03 37.35
CA LYS I 557 67.79 39.47 37.71
C LYS I 557 68.92 40.23 37.02
N ALA I 558 68.75 40.56 35.75
CA ALA I 558 69.74 41.34 35.04
C ALA I 558 69.88 42.75 35.56
N ALA I 559 68.81 43.36 36.05
CA ALA I 559 68.89 44.70 36.60
C ALA I 559 69.55 44.74 37.96
N LEU I 560 69.25 43.78 38.83
CA LEU I 560 69.98 43.69 40.09
C LEU I 560 71.45 43.41 39.85
N MET I 561 71.75 42.51 38.91
CA MET I 561 73.13 42.08 38.72
C MET I 561 73.94 43.13 38.00
N ASN I 562 73.32 43.95 37.16
CA ASN I 562 74.04 44.94 36.39
C ASN I 562 74.52 46.08 37.26
N THR I 563 73.65 46.59 38.13
CA THR I 563 73.93 47.74 38.98
C THR I 563 74.28 47.22 40.37
N ALA I 564 75.53 46.81 40.53
CA ALA I 564 76.00 46.26 41.79
C ALA I 564 77.42 46.73 42.03
N GLU I 565 77.73 47.07 43.28
CA GLU I 565 79.03 47.63 43.63
C GLU I 565 80.01 46.51 43.91
N THR I 566 81.11 46.50 43.17
CA THR I 566 82.18 45.54 43.43
C THR I 566 82.77 45.78 44.80
N LEU I 567 83.14 44.68 45.47
CA LEU I 567 83.65 44.71 46.83
C LEU I 567 85.13 44.37 46.84
N THR I 568 85.91 45.18 47.55
CA THR I 568 87.32 44.89 47.75
C THR I 568 87.55 44.43 49.19
N ASP I 569 88.51 43.54 49.36
CA ASP I 569 88.80 42.99 50.67
C ASP I 569 89.64 43.98 51.48
N ALA I 570 90.17 43.52 52.61
CA ALA I 570 90.89 44.42 53.50
C ALA I 570 92.15 44.98 52.84
N ASP I 571 92.93 44.11 52.18
CA ASP I 571 94.18 44.56 51.59
C ASP I 571 93.95 45.54 50.44
N GLY I 572 92.88 45.33 49.68
CA GLY I 572 92.57 46.22 48.58
C GLY I 572 92.39 45.50 47.27
N ASP I 573 92.24 44.18 47.32
CA ASP I 573 92.05 43.37 46.14
C ASP I 573 90.57 43.08 45.94
N VAL I 574 90.11 43.17 44.69
CA VAL I 574 88.73 42.83 44.40
C VAL I 574 88.49 41.37 44.71
N TYR I 575 87.39 41.09 45.39
CA TYR I 575 87.03 39.72 45.69
C TYR I 575 86.81 38.95 44.40
N PRO I 576 87.19 37.68 44.36
CA PRO I 576 87.00 36.89 43.15
C PRO I 576 85.53 36.82 42.77
N HIS I 577 85.28 36.59 41.48
CA HIS I 577 83.91 36.58 40.99
C HIS I 577 83.09 35.48 41.63
N ASN I 578 83.68 34.31 41.85
CA ASN I 578 82.95 33.28 42.59
C ASN I 578 83.15 33.42 44.07
N ALA I 579 83.11 34.66 44.55
CA ALA I 579 82.94 34.99 45.95
C ALA I 579 82.03 36.18 46.11
N GLN I 580 81.76 36.90 45.04
CA GLN I 580 81.05 38.16 45.00
C GLN I 580 79.87 38.12 44.06
N GLY I 581 80.03 37.46 42.92
CA GLY I 581 79.03 37.41 41.89
C GLY I 581 79.07 38.63 41.02
N ALA I 582 78.51 39.72 41.53
CA ALA I 582 78.60 40.99 40.84
C ALA I 582 78.73 42.14 41.82
N GLY I 583 78.75 41.86 43.11
CA GLY I 583 78.84 42.86 44.14
C GLY I 583 77.55 42.92 44.95
N SER I 584 77.48 43.93 45.80
CA SER I 584 76.31 44.13 46.64
C SER I 584 75.20 44.81 45.85
N ILE I 585 73.95 44.47 46.17
CA ILE I 585 72.83 45.10 45.50
C ILE I 585 72.81 46.59 45.81
N ARG I 586 72.23 47.35 44.88
CA ARG I 586 71.92 48.76 45.09
C ARG I 586 70.54 48.98 44.51
N ILE I 587 69.53 48.98 45.37
CA ILE I 587 68.14 49.03 44.90
C ILE I 587 67.89 50.31 44.14
N MET I 588 68.48 51.41 44.58
CA MET I 588 68.20 52.70 43.95
C MET I 588 68.73 52.74 42.52
N LYS I 589 69.94 52.22 42.31
CA LYS I 589 70.47 52.17 40.95
C LYS I 589 69.66 51.23 40.08
N ALA I 590 69.24 50.09 40.62
CA ALA I 590 68.47 49.13 39.85
C ALA I 590 67.12 49.70 39.44
N ILE I 591 66.48 50.44 40.34
CA ILE I 591 65.17 51.02 40.05
C ILE I 591 65.25 52.04 38.92
N LYS I 592 66.36 52.76 38.81
CA LYS I 592 66.53 53.79 37.80
C LYS I 592 67.56 53.27 36.82
N ALA I 593 67.09 52.45 35.88
CA ALA I 593 67.96 51.83 34.90
C ALA I 593 67.18 51.70 33.60
N ASP I 594 67.68 52.35 32.56
CA ASP I 594 67.02 52.32 31.26
C ASP I 594 67.73 51.44 30.26
N SER I 595 68.75 50.71 30.68
CA SER I 595 69.46 49.78 29.81
C SER I 595 69.73 48.51 30.60
N LEU I 596 69.41 47.37 30.00
CA LEU I 596 69.60 46.08 30.66
C LEU I 596 70.50 45.21 29.80
N VAL I 597 71.56 44.68 30.40
CA VAL I 597 72.47 43.78 29.71
C VAL I 597 72.24 42.37 30.24
N ALA I 598 71.93 41.45 29.34
CA ALA I 598 71.63 40.08 29.72
C ALA I 598 72.41 39.11 28.86
N PRO I 599 72.92 38.02 29.43
CA PRO I 599 72.81 37.61 30.84
C PRO I 599 73.71 38.47 31.70
N GLY I 600 73.38 38.65 32.98
CA GLY I 600 74.18 39.51 33.81
C GLY I 600 75.58 39.00 34.04
N SER I 601 75.79 37.70 33.92
CA SER I 601 77.11 37.12 34.00
C SER I 601 77.16 35.92 33.07
N TYR I 602 78.31 35.70 32.44
CA TYR I 602 78.45 34.62 31.49
C TYR I 602 79.70 33.81 31.81
N SER I 603 79.65 32.52 31.50
CA SER I 603 80.77 31.63 31.71
C SER I 603 81.08 30.92 30.41
N TYR I 604 82.33 30.98 29.98
CA TYR I 604 82.70 30.40 28.70
C TYR I 604 82.96 28.91 28.77
N GLY I 605 82.87 28.32 29.96
CA GLY I 605 83.09 26.90 30.08
C GLY I 605 84.57 26.57 30.20
N THR I 606 84.96 25.44 29.62
CA THR I 606 86.30 24.93 29.74
C THR I 606 86.98 24.88 28.38
N PHE I 607 88.30 25.03 28.39
CA PHE I 607 89.12 24.94 27.19
C PHE I 607 90.06 23.76 27.38
N MET I 608 89.83 22.69 26.64
CA MET I 608 90.50 21.42 26.87
C MET I 608 91.58 21.11 25.84
N LYS I 609 91.76 21.95 24.83
CA LYS I 609 92.68 21.63 23.75
C LYS I 609 94.11 21.54 24.27
N ASP I 610 94.82 20.48 23.88
CA ASP I 610 96.20 20.30 24.29
C ASP I 610 97.13 21.24 23.54
N LYS I 611 96.89 21.44 22.25
CA LYS I 611 97.70 22.34 21.45
C LYS I 611 96.79 23.11 20.50
N GLY I 612 97.25 24.27 20.08
CA GLY I 612 96.49 25.13 19.19
C GLY I 612 95.76 26.22 19.95
N ASN I 613 94.91 26.92 19.22
CA ASN I 613 94.12 28.01 19.77
C ASN I 613 92.65 27.64 19.71
N GLU I 614 91.92 27.90 20.79
CA GLU I 614 90.50 27.61 20.85
C GLU I 614 89.75 28.91 21.06
N THR I 615 88.72 29.12 20.26
CA THR I 615 87.94 30.36 20.28
C THR I 615 86.50 30.05 20.64
N LYS I 616 85.96 30.81 21.59
CA LYS I 616 84.56 30.73 21.93
C LYS I 616 83.96 32.12 21.85
N LYS I 617 82.64 32.19 21.70
CA LYS I 617 82.00 33.49 21.61
C LYS I 617 80.63 33.44 22.25
N GLU I 618 80.20 34.59 22.74
CA GLU I 618 78.91 34.75 23.39
C GLU I 618 78.24 36.00 22.85
N THR I 619 76.92 36.00 22.87
CA THR I 619 76.13 37.13 22.41
C THR I 619 75.37 37.70 23.60
N PHE I 620 75.82 38.84 24.09
CA PHE I 620 75.09 39.57 25.12
C PHE I 620 74.06 40.45 24.45
N THR I 621 72.98 40.72 25.18
CA THR I 621 71.85 41.46 24.66
C THR I 621 71.64 42.71 25.50
N ILE I 622 71.61 43.86 24.85
CA ILE I 622 71.39 45.14 25.52
C ILE I 622 70.02 45.64 25.13
N GLU I 623 69.16 45.85 26.11
CA GLU I 623 67.83 46.40 25.91
C GLU I 623 67.86 47.86 26.28
N ASN I 624 67.44 48.72 25.35
CA ASN I 624 67.44 50.16 25.52
C ASN I 624 66.03 50.57 25.92
N GLN I 625 65.77 50.57 27.23
CA GLN I 625 64.44 50.85 27.74
C GLN I 625 64.06 52.32 27.61
N SER I 626 64.99 53.19 27.25
CA SER I 626 64.72 54.61 27.20
C SER I 626 64.00 54.98 25.90
N SER I 627 63.65 56.25 25.78
CA SER I 627 62.94 56.78 24.63
C SER I 627 63.86 57.43 23.61
N ILE I 628 65.17 57.25 23.76
CA ILE I 628 66.16 57.96 22.96
C ILE I 628 67.17 56.95 22.44
N ARG I 629 67.59 57.12 21.19
CA ARG I 629 68.57 56.21 20.61
C ARG I 629 69.91 56.41 21.28
N LYS I 630 70.54 55.33 21.71
CA LYS I 630 71.76 55.41 22.49
C LYS I 630 72.88 54.63 21.84
N SER I 631 74.10 54.94 22.27
CA SER I 631 75.30 54.27 21.79
C SER I 631 76.01 53.66 23.00
N TYR I 632 76.16 52.35 22.99
CA TYR I 632 76.80 51.62 24.08
C TYR I 632 78.20 51.21 23.66
N GLN I 633 79.12 51.28 24.61
CA GLN I 633 80.53 51.05 24.38
C GLN I 633 81.00 49.91 25.25
N LEU I 634 81.67 48.93 24.63
CA LEU I 634 82.04 47.70 25.30
C LEU I 634 83.54 47.64 25.54
N GLU I 635 83.92 47.27 26.76
CA GLU I 635 85.31 47.01 27.10
C GLU I 635 85.43 45.61 27.66
N TYR I 636 86.19 44.76 26.99
CA TYR I 636 86.38 43.39 27.39
C TYR I 636 87.76 43.22 28.02
N SER I 637 87.82 42.54 29.15
CA SER I 637 89.10 42.27 29.79
C SER I 637 89.09 40.86 30.35
N PHE I 638 90.28 40.27 30.43
CA PHE I 638 90.48 39.00 31.10
C PHE I 638 91.82 39.02 31.81
N ASN I 639 91.87 38.42 32.99
CA ASN I 639 93.13 38.25 33.69
C ASN I 639 93.85 37.01 33.18
N GLY I 640 95.16 37.02 33.33
CA GLY I 640 95.92 35.87 32.86
C GLY I 640 96.44 36.04 31.46
N THR I 641 97.58 35.41 31.20
CA THR I 641 98.25 35.53 29.92
C THR I 641 97.79 34.44 28.96
N GLY I 642 97.87 34.74 27.67
CA GLY I 642 97.44 33.82 26.65
C GLY I 642 95.97 33.85 26.34
N ILE I 643 95.22 34.75 26.94
CA ILE I 643 93.80 34.91 26.70
C ILE I 643 93.59 36.25 26.02
N THR I 644 93.07 36.23 24.79
CA THR I 644 92.82 37.45 24.04
C THR I 644 91.32 37.60 23.85
N VAL I 645 90.81 38.77 24.19
CA VAL I 645 89.37 39.02 24.17
C VAL I 645 89.08 40.15 23.20
N SER I 646 88.02 40.00 22.43
CA SER I 646 87.65 41.00 21.43
C SER I 646 86.14 40.94 21.24
N GLY I 647 85.65 41.67 20.26
CA GLY I 647 84.25 41.65 19.94
C GLY I 647 83.76 43.02 19.57
N THR I 648 82.44 43.16 19.53
CA THR I 648 81.82 44.42 19.16
C THR I 648 82.17 45.52 20.15
N ASP I 649 82.94 46.50 19.68
CA ASP I 649 83.37 47.60 20.53
C ASP I 649 82.36 48.72 20.70
N ARG I 650 81.27 48.71 19.93
CA ARG I 650 80.27 49.76 20.01
C ARG I 650 79.02 49.30 19.30
N VAL I 651 77.87 49.57 19.91
CA VAL I 651 76.59 49.34 19.26
C VAL I 651 75.75 50.60 19.39
N VAL I 652 74.85 50.79 18.43
CA VAL I 652 73.86 51.85 18.49
C VAL I 652 72.51 51.18 18.49
N ILE I 653 71.70 51.47 19.51
CA ILE I 653 70.41 50.83 19.70
C ILE I 653 69.34 51.92 19.68
N PRO I 654 68.32 51.79 18.84
CA PRO I 654 67.24 52.77 18.84
C PRO I 654 66.41 52.69 20.10
N ALA I 655 65.44 53.60 20.24
CA ALA I 655 64.63 53.63 21.45
C ALA I 655 63.77 52.39 21.54
N HIS I 656 63.62 51.88 22.76
CA HIS I 656 62.73 50.75 23.04
C HIS I 656 63.04 49.56 22.13
N GLN I 657 64.33 49.27 21.97
CA GLN I 657 64.76 48.20 21.10
C GLN I 657 65.88 47.42 21.78
N THR I 658 66.52 46.57 20.99
CA THR I 658 67.46 45.59 21.50
C THR I 658 68.62 45.43 20.53
N GLY I 659 69.84 45.39 21.07
CA GLY I 659 71.02 45.17 20.28
C GLY I 659 71.80 43.99 20.83
N LYS I 660 72.66 43.44 19.98
CA LYS I 660 73.45 42.27 20.31
C LYS I 660 74.93 42.60 20.19
N VAL I 661 75.70 42.22 21.20
CA VAL I 661 77.15 42.40 21.18
C VAL I 661 77.77 41.01 21.23
N ASN I 662 78.73 40.77 20.34
CA ASN I 662 79.34 39.46 20.20
C ASN I 662 80.71 39.50 20.85
N ALA I 663 80.77 39.13 22.12
CA ALA I 663 82.05 38.99 22.79
C ALA I 663 82.71 37.71 22.34
N LYS I 664 84.03 37.73 22.24
CA LYS I 664 84.77 36.59 21.72
C LYS I 664 86.04 36.43 22.53
N VAL I 665 86.32 35.21 22.96
CA VAL I 665 87.53 34.92 23.73
C VAL I 665 88.32 33.88 22.98
N LYS I 666 89.65 33.98 23.06
CA LYS I 666 90.53 33.07 22.36
C LYS I 666 91.67 32.70 23.29
N VAL I 667 91.86 31.40 23.48
CA VAL I 667 92.84 30.86 24.41
C VAL I 667 93.91 30.14 23.63
N ASN I 668 95.16 30.52 23.84
CA ASN I 668 96.31 29.89 23.22
C ASN I 668 96.79 28.79 24.17
N ALA I 669 96.53 27.53 23.79
CA ALA I 669 96.84 26.42 24.68
C ALA I 669 98.32 26.31 24.98
N LYS I 670 99.18 26.87 24.13
CA LYS I 670 100.61 26.74 24.34
C LYS I 670 101.15 27.74 25.36
N LYS I 671 100.37 28.75 25.71
CA LYS I 671 100.85 29.81 26.59
C LYS I 671 100.10 29.93 27.91
N VAL I 672 98.96 29.27 28.05
CA VAL I 672 98.07 29.50 29.18
C VAL I 672 98.30 28.43 30.23
N LYS I 673 98.55 28.85 31.46
CA LYS I 673 98.59 27.92 32.58
C LYS I 673 97.17 27.51 32.95
N ALA I 674 97.02 26.24 33.30
CA ALA I 674 95.70 25.73 33.69
C ALA I 674 95.21 26.44 34.94
N GLY I 675 93.92 26.68 35.00
CA GLY I 675 93.33 27.37 36.13
C GLY I 675 92.05 28.07 35.71
N THR I 676 91.46 28.75 36.68
CA THR I 676 90.23 29.49 36.49
C THR I 676 90.54 30.97 36.37
N TYR I 677 90.14 31.58 35.27
CA TYR I 677 90.42 32.97 34.99
C TYR I 677 89.12 33.76 34.94
N GLU I 678 89.15 34.96 35.51
CA GLU I 678 87.98 35.81 35.60
C GLU I 678 88.14 37.01 34.71
N GLY I 679 87.13 37.27 33.88
CA GLY I 679 87.12 38.43 33.01
C GLY I 679 85.93 39.32 33.32
N THR I 680 85.77 40.33 32.49
CA THR I 680 84.70 41.30 32.68
C THR I 680 84.37 41.98 31.37
N VAL I 681 83.09 42.16 31.11
CA VAL I 681 82.60 42.97 30.00
C VAL I 681 81.93 44.19 30.62
N THR I 682 82.45 45.37 30.32
CA THR I 682 81.94 46.61 30.87
C THR I 682 81.21 47.38 29.78
N VAL I 683 79.98 47.80 30.06
CA VAL I 683 79.15 48.51 29.11
C VAL I 683 78.98 49.93 29.62
N ARG I 684 79.37 50.90 28.80
CA ARG I 684 79.23 52.30 29.11
C ARG I 684 78.23 52.94 28.18
N GLU I 685 77.50 53.93 28.69
CA GLU I 685 76.54 54.65 27.86
C GLU I 685 76.46 56.08 28.39
N GLY I 686 76.91 57.03 27.56
CA GLY I 686 76.79 58.45 27.87
C GLY I 686 77.22 58.79 29.28
N GLY I 687 78.49 58.60 29.59
CA GLY I 687 78.96 58.88 30.93
C GLY I 687 78.92 57.65 31.81
N LYS I 688 77.82 57.51 32.55
CA LYS I 688 77.65 56.44 33.51
C LYS I 688 77.89 55.06 32.90
N THR I 689 78.28 54.12 33.76
CA THR I 689 78.42 52.73 33.40
C THR I 689 77.11 52.01 33.63
N VAL I 690 76.61 51.31 32.61
CA VAL I 690 75.31 50.68 32.74
C VAL I 690 75.39 49.22 33.19
N ALA I 691 76.54 48.58 33.05
CA ALA I 691 76.66 47.19 33.45
C ALA I 691 78.14 46.84 33.57
N LYS I 692 78.41 45.79 34.35
CA LYS I 692 79.74 45.21 34.48
C LYS I 692 79.52 43.71 34.56
N VAL I 693 79.58 43.04 33.43
CA VAL I 693 79.20 41.63 33.31
C VAL I 693 80.39 40.78 33.72
N PRO I 694 80.30 40.00 34.79
CA PRO I 694 81.40 39.12 35.15
C PRO I 694 81.44 37.90 34.24
N THR I 695 82.59 37.66 33.63
CA THR I 695 82.79 36.49 32.80
C THR I 695 83.84 35.60 33.43
N LEU I 696 83.89 34.36 32.96
CA LEU I 696 84.77 33.37 33.55
C LEU I 696 85.02 32.26 32.55
N LEU I 697 86.27 31.77 32.52
CA LEU I 697 86.60 30.59 31.75
C LEU I 697 87.58 29.75 32.55
N ILE I 698 87.61 28.46 32.23
CA ILE I 698 88.46 27.49 32.91
C ILE I 698 89.34 26.82 31.88
N VAL I 699 90.61 26.66 32.19
CA VAL I 699 91.56 26.04 31.27
C VAL I 699 91.92 24.66 31.80
N LYS I 700 91.93 23.69 30.89
CA LYS I 700 92.15 22.27 31.21
C LYS I 700 91.04 21.84 32.16
N GLU I 701 91.32 20.98 33.12
CA GLU I 701 90.29 20.43 33.99
C GLU I 701 90.05 21.33 35.19
N PRO I 702 88.80 21.60 35.53
CA PRO I 702 88.51 22.41 36.71
C PRO I 702 88.99 21.73 37.97
N ASP I 703 89.33 22.55 38.97
CA ASP I 703 89.87 22.03 40.23
C ASP I 703 88.76 21.85 41.26
N TYR I 704 87.74 21.15 40.87
CA TYR I 704 86.67 20.86 41.82
C TYR I 704 87.09 19.74 42.75
N PRO I 705 86.47 19.66 43.93
CA PRO I 705 86.72 18.50 44.81
C PRO I 705 86.30 17.22 44.11
N ARG I 706 87.24 16.28 44.03
CA ARG I 706 86.95 15.04 43.33
C ARG I 706 85.94 14.20 44.09
N VAL I 707 85.91 14.31 45.41
CA VAL I 707 84.90 13.67 46.24
C VAL I 707 84.37 14.70 47.22
N THR I 708 83.05 14.75 47.36
CA THR I 708 82.40 15.81 48.12
C THR I 708 81.97 15.36 49.51
N SER I 709 81.25 14.24 49.61
CA SER I 709 80.74 13.79 50.88
C SER I 709 80.86 12.28 50.97
N ILE I 710 81.04 11.81 52.21
CA ILE I 710 81.09 10.39 52.53
C ILE I 710 80.41 10.18 53.86
N ASP I 711 79.61 9.12 53.96
CA ASP I 711 79.05 8.70 55.24
C ASP I 711 78.99 7.18 55.29
N VAL I 712 79.00 6.65 56.51
CA VAL I 712 78.99 5.21 56.75
C VAL I 712 77.80 4.89 57.64
N GLN I 713 76.95 3.98 57.19
CA GLN I 713 75.82 3.54 57.99
C GLN I 713 75.87 2.02 58.13
N ASP I 714 75.06 1.50 59.04
CA ASP I 714 75.00 0.07 59.23
C ASP I 714 74.29 -0.59 58.06
N GLY I 715 74.81 -1.72 57.61
CA GLY I 715 74.22 -2.41 56.49
C GLY I 715 72.99 -3.20 56.87
N THR I 716 72.33 -3.74 55.84
CA THR I 716 71.17 -4.59 56.07
C THR I 716 71.52 -5.85 56.85
N THR I 717 72.77 -6.30 56.76
CA THR I 717 73.25 -7.45 57.50
C THR I 717 74.06 -6.97 58.69
N GLN I 718 73.78 -7.54 59.87
CA GLN I 718 74.49 -7.16 61.07
C GLN I 718 75.98 -7.44 60.92
N GLY I 719 76.79 -6.48 61.38
CA GLY I 719 78.23 -6.57 61.27
C GLY I 719 78.82 -5.98 60.01
N THR I 720 78.01 -5.64 59.02
CA THR I 720 78.47 -5.04 57.78
C THR I 720 78.05 -3.58 57.73
N TYR I 721 78.61 -2.87 56.76
CA TYR I 721 78.42 -1.43 56.65
C TYR I 721 78.17 -1.06 55.20
N GLN I 722 77.53 0.09 55.02
CA GLN I 722 77.34 0.69 53.71
C GLN I 722 78.00 2.06 53.70
N ILE I 723 78.83 2.31 52.69
CA ILE I 723 79.51 3.57 52.51
C ILE I 723 78.84 4.28 51.35
N GLU I 724 78.33 5.48 51.61
CA GLU I 724 77.71 6.29 50.57
C GLU I 724 78.57 7.51 50.35
N THR I 725 78.98 7.73 49.10
CA THR I 725 79.85 8.84 48.75
C THR I 725 79.30 9.54 47.53
N TYR I 726 79.68 10.80 47.36
CA TYR I 726 79.25 11.58 46.21
C TYR I 726 80.48 12.00 45.40
N LEU I 727 80.52 11.59 44.14
CA LEU I 727 81.63 11.94 43.25
C LEU I 727 81.12 12.90 42.19
N PRO I 728 81.50 14.18 42.23
CA PRO I 728 80.94 15.14 41.27
C PRO I 728 81.17 14.78 39.82
N ALA I 729 82.30 14.16 39.48
CA ALA I 729 82.55 13.81 38.09
C ALA I 729 83.16 12.43 37.96
N GLY I 730 82.81 11.52 38.86
CA GLY I 730 83.39 10.19 38.83
C GLY I 730 84.76 10.18 39.45
N ALA I 731 85.39 9.02 39.40
CA ALA I 731 86.71 8.88 39.98
C ALA I 731 87.47 7.79 39.24
N GLU I 732 88.65 8.14 38.74
CA GLU I 732 89.53 7.12 38.17
C GLU I 732 89.94 6.12 39.24
N GLU I 733 90.19 6.60 40.45
CA GLU I 733 90.53 5.71 41.55
C GLU I 733 89.87 6.23 42.83
N LEU I 734 89.33 5.32 43.62
CA LEU I 734 88.65 5.68 44.86
C LEU I 734 89.11 4.75 45.97
N ALA I 735 89.50 5.32 47.10
CA ALA I 735 90.03 4.54 48.20
C ALA I 735 89.37 4.96 49.50
N PHE I 736 88.96 3.98 50.29
CA PHE I 736 88.41 4.21 51.62
C PHE I 736 89.41 3.70 52.64
N LEU I 737 89.85 4.59 53.52
CA LEU I 737 90.82 4.31 54.56
C LEU I 737 90.19 4.52 55.92
N VAL I 738 90.65 3.77 56.91
CA VAL I 738 90.05 3.78 58.25
C VAL I 738 91.03 4.33 59.25
N TYR I 739 90.55 5.19 60.14
CA TYR I 739 91.33 5.80 61.18
C TYR I 739 90.68 5.55 62.53
N ASP I 740 91.51 5.42 63.56
CA ASP I 740 90.97 5.18 64.89
C ASP I 740 90.44 6.49 65.47
N SER I 741 89.98 6.43 66.72
CA SER I 741 89.48 7.63 67.38
C SER I 741 90.58 8.68 67.56
N ASN I 742 91.84 8.25 67.61
CA ASN I 742 92.97 9.17 67.72
C ASN I 742 93.48 9.61 66.35
N LEU I 743 92.72 9.34 65.29
CA LEU I 743 93.09 9.71 63.93
C LEU I 743 94.43 9.10 63.53
N ASP I 744 94.64 7.85 63.93
CA ASP I 744 95.81 7.09 63.53
C ASP I 744 95.41 6.12 62.43
N PHE I 745 96.20 6.07 61.36
CA PHE I 745 95.84 5.27 60.21
C PHE I 745 95.81 3.79 60.56
N VAL I 746 94.60 3.23 60.66
CA VAL I 746 94.47 1.81 60.97
C VAL I 746 94.76 0.96 59.75
N GLY I 747 94.17 1.31 58.61
CA GLY I 747 94.40 0.53 57.41
C GLY I 747 93.51 1.00 56.28
N GLN I 748 93.36 0.13 55.29
CA GLN I 748 92.71 0.45 54.03
C GLN I 748 91.43 -0.36 53.89
N ALA I 749 90.30 0.32 53.97
CA ALA I 749 89.01 -0.36 53.88
C ALA I 749 88.78 -0.93 52.49
N GLY I 750 88.86 -0.11 51.45
CA GLY I 750 88.51 -0.56 50.12
C GLY I 750 89.18 0.22 49.02
N ILE I 751 89.33 -0.44 47.87
CA ILE I 751 89.87 0.16 46.66
C ILE I 751 88.91 -0.10 45.51
N TYR I 752 88.70 0.92 44.68
CA TYR I 752 87.80 0.81 43.54
C TYR I 752 88.35 1.64 42.39
N LYS I 753 88.01 1.24 41.18
CA LYS I 753 88.48 1.92 39.98
C LYS I 753 87.30 2.21 39.06
N LYS I 754 87.44 3.29 38.30
CA LYS I 754 86.50 3.62 37.22
C LYS I 754 85.07 3.72 37.74
N GLN I 755 84.85 4.66 38.65
CA GLN I 755 83.55 4.85 39.26
C GLN I 755 82.76 5.90 38.50
N ASP I 756 81.46 5.67 38.37
CA ASP I 756 80.59 6.60 37.69
C ASP I 756 80.26 7.77 38.61
N LYS I 757 79.96 8.91 37.99
CA LYS I 757 79.69 10.10 38.77
C LYS I 757 78.31 10.04 39.41
N GLY I 758 78.14 10.83 40.46
CA GLY I 758 76.90 10.85 41.20
C GLY I 758 77.05 10.22 42.57
N TYR I 759 75.99 9.61 43.06
CA TYR I 759 76.02 8.92 44.34
C TYR I 759 76.47 7.48 44.12
N GLN I 760 77.46 7.05 44.89
CA GLN I 760 77.99 5.70 44.82
C GLN I 760 77.86 5.04 46.17
N TYR I 761 77.47 3.77 46.16
CA TYR I 761 77.29 2.99 47.38
C TYR I 761 78.18 1.76 47.31
N PHE I 762 78.86 1.48 48.42
CA PHE I 762 79.77 0.35 48.50
C PHE I 762 79.50 -0.42 49.78
N ASP I 763 79.42 -1.74 49.67
CA ASP I 763 79.27 -2.59 50.84
C ASP I 763 80.64 -2.91 51.40
N TRP I 764 80.80 -2.75 52.71
CA TRP I 764 82.07 -2.99 53.38
C TRP I 764 81.84 -3.96 54.51
N ASN I 765 82.61 -5.04 54.52
CA ASN I 765 82.45 -6.10 55.51
C ASN I 765 83.09 -5.77 56.85
N GLY I 766 83.55 -4.54 57.06
CA GLY I 766 84.14 -4.17 58.32
C GLY I 766 85.56 -4.65 58.53
N LYS I 767 86.19 -5.22 57.51
CA LYS I 767 87.52 -5.80 57.63
C LYS I 767 88.51 -4.97 56.82
N VAL I 768 89.72 -4.82 57.38
CA VAL I 768 90.69 -3.85 56.92
C VAL I 768 91.84 -4.54 56.23
N ASN I 769 92.33 -3.91 55.16
CA ASN I 769 93.48 -4.40 54.38
C ASN I 769 93.21 -5.77 53.79
N GLY I 770 91.97 -6.24 53.87
CA GLY I 770 91.68 -7.59 53.45
C GLY I 770 91.83 -8.54 54.62
N ASP I 771 90.72 -9.16 55.02
CA ASP I 771 90.65 -10.29 55.96
C ASP I 771 91.14 -9.95 57.37
N THR I 772 91.44 -8.69 57.67
CA THR I 772 91.83 -8.29 59.02
C THR I 772 90.67 -7.56 59.67
N ALA I 773 90.11 -8.13 60.72
CA ALA I 773 88.95 -7.56 61.38
C ALA I 773 89.36 -6.46 62.35
N LEU I 774 88.54 -5.41 62.40
CA LEU I 774 88.83 -4.29 63.28
C LEU I 774 88.50 -4.64 64.73
N PRO I 775 89.25 -4.10 65.68
CA PRO I 775 88.83 -4.16 67.08
C PRO I 775 87.66 -3.21 67.33
N ALA I 776 86.91 -3.51 68.37
CA ALA I 776 85.74 -2.70 68.70
C ALA I 776 86.17 -1.31 69.14
N GLY I 777 85.42 -0.31 68.71
CA GLY I 777 85.74 1.06 69.05
C GLY I 777 85.05 2.03 68.10
N GLU I 778 85.59 3.24 68.06
CA GLU I 778 85.05 4.33 67.28
C GLU I 778 86.05 4.69 66.18
N TYR I 779 85.54 4.84 64.96
CA TYR I 779 86.42 4.97 63.81
C TYR I 779 85.93 6.08 62.88
N TYR I 780 86.88 6.63 62.12
CA TYR I 780 86.61 7.58 61.06
C TYR I 780 87.00 6.95 59.74
N MET I 781 86.39 7.41 58.66
CA MET I 781 86.76 6.92 57.34
C MET I 781 87.07 8.09 56.43
N LEU I 782 88.15 7.94 55.66
CA LEU I 782 88.60 8.95 54.71
C LEU I 782 88.39 8.41 53.30
N ALA I 783 87.74 9.19 52.47
CA ALA I 783 87.57 8.87 51.06
C ALA I 783 88.58 9.69 50.27
N TYR I 784 89.39 9.01 49.47
CA TYR I 784 90.38 9.63 48.62
C TYR I 784 90.01 9.30 47.18
N ALA I 785 89.64 10.31 46.41
CA ALA I 785 89.24 10.12 45.03
C ALA I 785 90.21 10.86 44.12
N ALA I 786 90.70 10.17 43.10
CA ALA I 786 91.61 10.74 42.11
C ALA I 786 90.95 10.63 40.76
N ASN I 787 90.91 11.77 40.04
CA ASN I 787 90.23 11.84 38.76
C ASN I 787 90.90 12.94 37.94
N LYS I 788 91.16 12.63 36.67
CA LYS I 788 91.59 13.62 35.68
C LYS I 788 92.74 14.49 36.18
N GLY I 789 93.70 13.85 36.83
CA GLY I 789 94.91 14.53 37.22
C GLY I 789 94.83 15.33 38.49
N LYS I 790 93.78 15.19 39.28
CA LYS I 790 93.75 15.81 40.60
C LYS I 790 93.08 14.87 41.57
N SER I 791 93.47 14.97 42.83
CA SER I 791 92.93 14.10 43.86
C SER I 791 92.41 14.95 45.01
N SER I 792 91.36 14.45 45.64
CA SER I 792 90.74 15.12 46.77
C SER I 792 90.41 14.07 47.82
N GLN I 793 90.18 14.54 49.03
CA GLN I 793 89.86 13.64 50.13
C GLN I 793 88.85 14.30 51.03
N VAL I 794 88.07 13.47 51.72
CA VAL I 794 87.06 13.96 52.65
C VAL I 794 86.94 12.96 53.79
N LEU I 795 86.83 13.48 55.01
CA LEU I 795 86.78 12.68 56.22
C LEU I 795 85.36 12.66 56.77
N THR I 796 84.94 11.51 57.26
CA THR I 796 83.61 11.36 57.85
C THR I 796 83.61 12.01 59.23
N GLU I 797 82.84 13.08 59.39
CA GLU I 797 82.51 13.53 60.72
C GLU I 797 81.49 12.56 61.33
N LYS I 798 81.27 12.69 62.64
CA LYS I 798 80.39 11.78 63.36
C LYS I 798 80.87 10.35 63.19
N PRO I 799 81.94 9.98 63.90
CA PRO I 799 82.57 8.67 63.66
C PRO I 799 81.59 7.51 63.85
N PHE I 800 81.77 6.48 63.04
CA PHE I 800 80.97 5.28 63.14
C PHE I 800 81.60 4.29 64.10
N ILE I 801 80.78 3.38 64.62
CA ILE I 801 81.14 2.50 65.72
C ILE I 801 81.24 1.08 65.21
N ILE I 802 82.31 0.38 65.59
CA ILE I 802 82.46 -1.03 65.28
C ILE I 802 81.90 -1.88 66.41
N MET J 158 19.11 -53.81 15.12
CA MET J 158 17.97 -53.35 15.90
C MET J 158 18.28 -53.34 17.38
N ASP J 159 19.41 -53.96 17.75
CA ASP J 159 19.86 -53.98 19.13
C ASP J 159 20.89 -52.90 19.42
N ASP J 160 21.34 -52.15 18.42
CA ASP J 160 22.29 -51.07 18.61
C ASP J 160 21.80 -49.73 18.09
N SER J 161 20.97 -49.72 17.04
CA SER J 161 20.45 -48.47 16.52
C SER J 161 19.38 -47.87 17.41
N ALA J 162 18.48 -48.70 17.92
CA ALA J 162 17.45 -48.20 18.82
C ALA J 162 18.01 -47.57 20.09
N PRO J 163 18.99 -48.16 20.77
CA PRO J 163 19.64 -47.42 21.87
C PRO J 163 20.25 -46.12 21.41
N TYR J 164 20.78 -46.07 20.19
CA TYR J 164 21.45 -44.86 19.73
C TYR J 164 20.47 -43.72 19.53
N ILE J 165 19.34 -43.98 18.87
CA ILE J 165 18.38 -42.91 18.65
C ILE J 165 17.63 -42.55 19.91
N GLY J 166 17.67 -43.41 20.94
CA GLY J 166 17.06 -43.09 22.21
C GLY J 166 15.76 -43.82 22.46
N ALA J 167 15.61 -45.01 21.85
CA ALA J 167 14.37 -45.75 21.99
C ALA J 167 14.20 -46.31 23.40
N ASN J 168 15.25 -46.93 23.94
CA ASN J 168 15.16 -47.54 25.26
C ASN J 168 14.84 -46.50 26.33
N ASP J 169 15.49 -45.34 26.25
CA ASP J 169 15.23 -44.29 27.23
C ASP J 169 13.77 -43.86 27.20
N ALA J 170 13.19 -43.78 26.01
CA ALA J 170 11.77 -43.49 25.90
C ALA J 170 10.93 -44.62 26.48
N TRP J 171 11.37 -45.87 26.30
CA TRP J 171 10.62 -47.00 26.84
C TRP J 171 10.56 -46.92 28.36
N LYS J 172 11.69 -46.62 29.01
CA LYS J 172 11.68 -46.52 30.46
C LYS J 172 10.84 -45.36 30.96
N LEU J 173 10.49 -44.42 30.10
CA LEU J 173 9.52 -43.39 30.43
C LEU J 173 8.09 -43.84 30.17
N GLY J 174 7.90 -45.05 29.65
CA GLY J 174 6.60 -45.59 29.36
C GLY J 174 6.14 -45.38 27.93
N TYR J 175 6.85 -44.56 27.17
CA TYR J 175 6.45 -44.25 25.80
C TYR J 175 6.97 -45.33 24.88
N THR J 176 6.10 -46.25 24.49
CA THR J 176 6.45 -47.33 23.58
C THR J 176 5.60 -47.37 22.33
N GLY J 177 4.76 -46.37 22.11
CA GLY J 177 3.91 -46.34 20.93
C GLY J 177 2.56 -46.99 21.10
N LYS J 178 2.15 -47.31 22.33
CA LYS J 178 0.88 -47.99 22.54
C LYS J 178 -0.28 -47.12 22.06
N GLY J 179 -1.19 -47.72 21.31
CA GLY J 179 -2.35 -47.05 20.79
C GLY J 179 -2.13 -46.40 19.43
N VAL J 180 -0.88 -46.20 19.05
CA VAL J 180 -0.56 -45.62 17.76
C VAL J 180 -0.59 -46.69 16.70
N LYS J 181 -1.11 -46.35 15.53
CA LYS J 181 -1.30 -47.31 14.45
C LYS J 181 -0.36 -46.93 13.31
N VAL J 182 0.48 -47.86 12.90
CA VAL J 182 1.48 -47.63 11.86
C VAL J 182 1.17 -48.51 10.66
N ALA J 183 1.12 -47.89 9.50
CA ALA J 183 0.91 -48.58 8.24
C ALA J 183 2.23 -48.73 7.51
N ILE J 184 2.44 -49.89 6.90
CA ILE J 184 3.68 -50.22 6.21
C ILE J 184 3.34 -50.48 4.76
N ILE J 185 3.52 -49.49 3.89
CA ILE J 185 3.22 -49.69 2.47
C ILE J 185 4.50 -50.18 1.79
N ASP J 186 4.62 -51.49 1.71
CA ASP J 186 5.78 -52.15 1.12
C ASP J 186 5.30 -53.42 0.44
N THR J 187 6.21 -54.36 0.20
CA THR J 187 5.91 -55.61 -0.47
C THR J 187 5.06 -56.55 0.36
N GLY J 188 4.51 -56.11 1.47
CA GLY J 188 3.73 -56.95 2.35
C GLY J 188 4.54 -57.40 3.57
N VAL J 189 3.81 -57.85 4.58
CA VAL J 189 4.41 -58.20 5.85
C VAL J 189 3.99 -59.62 6.21
N GLU J 190 4.96 -60.43 6.63
CA GLU J 190 4.68 -61.77 7.15
C GLU J 190 4.17 -61.59 8.58
N TYR J 191 2.85 -61.46 8.73
CA TYR J 191 2.27 -61.24 10.04
C TYR J 191 2.08 -62.53 10.83
N LYS J 192 3.10 -63.37 10.84
CA LYS J 192 3.09 -64.57 11.66
C LYS J 192 4.43 -64.78 12.33
N HIS J 193 5.40 -63.93 12.04
CA HIS J 193 6.65 -63.94 12.77
C HIS J 193 6.35 -63.76 14.25
N PRO J 194 6.91 -64.60 15.13
CA PRO J 194 6.58 -64.48 16.56
C PRO J 194 6.87 -63.10 17.12
N ASP J 195 7.82 -62.37 16.56
CA ASP J 195 8.11 -61.01 17.00
C ASP J 195 7.08 -60.00 16.51
N LEU J 196 6.30 -60.34 15.48
CA LEU J 196 5.31 -59.43 14.94
C LEU J 196 3.88 -59.89 15.20
N LYS J 197 3.68 -61.07 15.79
CA LYS J 197 2.35 -61.65 15.87
C LYS J 197 1.41 -60.78 16.69
N LYS J 198 1.86 -60.31 17.84
CA LYS J 198 0.97 -59.61 18.76
C LYS J 198 0.82 -58.13 18.43
N ASN J 199 1.65 -57.58 17.55
CA ASN J 199 1.50 -56.20 17.14
C ASN J 199 0.47 -56.01 16.05
N PHE J 200 0.05 -57.09 15.40
CA PHE J 200 -0.98 -56.99 14.38
C PHE J 200 -2.34 -57.21 15.01
N GLY J 201 -3.29 -56.33 14.67
CA GLY J 201 -4.64 -56.48 15.17
C GLY J 201 -5.40 -57.56 14.45
N GLN J 202 -6.73 -57.51 14.52
CA GLN J 202 -7.54 -58.50 13.83
C GLN J 202 -7.41 -58.30 12.33
N TYR J 203 -7.66 -57.09 11.86
CA TYR J 203 -7.55 -56.75 10.46
C TYR J 203 -6.10 -56.39 10.14
N LYS J 204 -5.46 -57.20 9.31
CA LYS J 204 -4.03 -57.06 9.08
C LYS J 204 -3.69 -56.02 8.02
N GLY J 205 -4.57 -55.80 7.07
CA GLY J 205 -4.30 -54.84 6.02
C GLY J 205 -4.93 -55.31 4.73
N TYR J 206 -4.34 -54.85 3.64
CA TYR J 206 -4.86 -55.15 2.31
C TYR J 206 -3.72 -55.47 1.35
N ASP J 207 -4.05 -56.19 0.30
CA ASP J 207 -3.09 -56.68 -0.69
C ASP J 207 -3.54 -56.18 -2.05
N PHE J 208 -2.98 -55.06 -2.49
CA PHE J 208 -3.44 -54.43 -3.72
C PHE J 208 -2.97 -55.13 -4.97
N VAL J 209 -1.82 -55.80 -4.93
CA VAL J 209 -1.36 -56.53 -6.11
C VAL J 209 -2.13 -57.82 -6.34
N ASP J 210 -2.92 -58.25 -5.36
CA ASP J 210 -3.71 -59.47 -5.49
C ASP J 210 -5.18 -59.26 -5.16
N ASN J 211 -5.54 -58.14 -4.54
CA ASN J 211 -6.93 -57.80 -4.22
C ASN J 211 -7.54 -58.83 -3.27
N ASP J 212 -6.84 -59.12 -2.19
CA ASP J 212 -7.36 -59.94 -1.12
C ASP J 212 -6.89 -59.34 0.21
N TYR J 213 -7.47 -59.84 1.29
CA TYR J 213 -7.17 -59.33 2.62
C TYR J 213 -6.05 -60.09 3.30
N ASP J 214 -5.12 -60.65 2.52
CA ASP J 214 -3.99 -61.41 3.03
C ASP J 214 -2.72 -60.76 2.51
N PRO J 215 -2.17 -59.78 3.22
CA PRO J 215 -0.97 -59.07 2.78
C PRO J 215 0.33 -59.82 3.08
N GLU J 216 0.33 -61.11 2.77
CA GLU J 216 1.54 -61.90 2.93
C GLU J 216 2.58 -61.52 1.90
N GLU J 217 3.84 -61.75 2.22
CA GLU J 217 4.90 -61.48 1.28
C GLU J 217 4.81 -62.42 0.09
N THR J 218 5.54 -62.10 -0.97
CA THR J 218 5.53 -62.93 -2.15
C THR J 218 6.19 -64.26 -1.86
N PRO J 219 5.53 -65.38 -2.08
CA PRO J 219 6.13 -66.68 -1.75
C PRO J 219 7.25 -67.01 -2.71
N SER J 220 8.05 -68.04 -2.38
CA SER J 220 9.07 -68.52 -3.28
C SER J 220 8.43 -69.28 -4.42
N GLY J 221 8.97 -69.12 -5.62
CA GLY J 221 8.42 -69.78 -6.79
C GLY J 221 7.15 -69.13 -7.29
N ASP J 222 7.23 -67.84 -7.61
CA ASP J 222 6.11 -67.11 -8.16
C ASP J 222 6.41 -66.79 -9.62
N PRO J 223 5.54 -67.14 -10.56
CA PRO J 223 5.83 -66.86 -11.98
C PRO J 223 6.07 -65.38 -12.27
N ARG J 224 5.39 -64.49 -11.57
CA ARG J 224 5.48 -63.06 -11.89
C ARG J 224 6.75 -62.41 -11.38
N GLY J 225 7.49 -63.05 -10.47
CA GLY J 225 8.70 -62.44 -9.95
C GLY J 225 9.41 -63.27 -8.91
N ALA J 226 10.08 -62.61 -7.97
CA ALA J 226 10.87 -63.29 -6.95
C ALA J 226 10.28 -63.00 -5.58
N SER J 227 10.58 -63.89 -4.63
CA SER J 227 10.09 -63.73 -3.27
C SER J 227 10.69 -62.47 -2.64
N THR J 228 9.94 -61.88 -1.72
CA THR J 228 10.30 -60.61 -1.12
C THR J 228 10.33 -60.74 0.40
N ASP J 229 11.19 -59.93 1.03
CA ASP J 229 11.26 -59.87 2.48
C ASP J 229 11.44 -58.45 2.99
N HIS J 230 11.28 -57.45 2.13
CA HIS J 230 11.52 -56.07 2.53
C HIS J 230 10.51 -55.60 3.56
N GLY J 231 9.23 -55.88 3.32
CA GLY J 231 8.19 -55.36 4.21
C GLY J 231 8.27 -55.93 5.61
N THR J 232 8.56 -57.23 5.74
CA THR J 232 8.68 -57.82 7.06
C THR J 232 9.86 -57.21 7.81
N HIS J 233 10.96 -56.98 7.12
CA HIS J 233 12.12 -56.36 7.76
C HIS J 233 11.77 -54.96 8.24
N VAL J 234 11.05 -54.19 7.41
CA VAL J 234 10.66 -52.83 7.79
C VAL J 234 9.74 -52.87 9.01
N ALA J 235 8.76 -53.78 8.99
CA ALA J 235 7.83 -53.88 10.11
C ALA J 235 8.53 -54.30 11.39
N GLY J 236 9.48 -55.22 11.31
CA GLY J 236 10.25 -55.56 12.49
C GLY J 236 11.07 -54.39 13.01
N THR J 237 11.63 -53.59 12.11
CA THR J 237 12.36 -52.41 12.55
C THR J 237 11.44 -51.44 13.27
N VAL J 238 10.22 -51.24 12.75
CA VAL J 238 9.31 -50.28 13.36
C VAL J 238 8.86 -50.77 14.73
N ALA J 239 8.18 -51.92 14.77
CA ALA J 239 7.55 -52.38 16.00
C ALA J 239 7.61 -53.90 16.03
N ALA J 240 8.65 -54.44 16.64
CA ALA J 240 8.77 -55.87 16.86
C ALA J 240 8.98 -56.09 18.35
N ASN J 241 8.16 -56.95 18.94
CA ASN J 241 8.24 -57.26 20.35
C ASN J 241 8.66 -58.71 20.51
N GLY J 242 9.76 -58.93 21.22
CA GLY J 242 10.26 -60.27 21.42
C GLY J 242 11.77 -60.33 21.48
N THR J 243 12.37 -61.24 20.70
CA THR J 243 13.81 -61.36 20.65
C THR J 243 14.45 -60.06 20.15
N ILE J 244 13.89 -59.48 19.10
CA ILE J 244 14.30 -58.18 18.60
C ILE J 244 13.23 -57.17 18.98
N LYS J 245 13.64 -56.03 19.51
CA LYS J 245 12.72 -54.99 19.94
C LYS J 245 12.79 -53.83 18.96
N GLY J 246 11.67 -53.52 18.31
CA GLY J 246 11.61 -52.42 17.39
C GLY J 246 11.63 -51.09 18.12
N VAL J 247 11.59 -50.02 17.35
CA VAL J 247 11.69 -48.68 17.94
C VAL J 247 10.48 -48.40 18.82
N ALA J 248 9.30 -48.86 18.41
CA ALA J 248 8.06 -48.63 19.14
C ALA J 248 7.36 -49.95 19.35
N PRO J 249 7.86 -50.80 20.24
CA PRO J 249 7.37 -52.17 20.28
C PRO J 249 6.05 -52.31 21.01
N ASP J 250 5.11 -51.41 20.72
CA ASP J 250 3.75 -51.54 21.22
C ASP J 250 2.73 -51.02 20.22
N ALA J 251 3.16 -50.57 19.05
CA ALA J 251 2.27 -49.97 18.09
C ALA J 251 1.55 -51.03 17.28
N THR J 252 0.30 -50.77 16.95
CA THR J 252 -0.44 -51.63 16.04
C THR J 252 0.09 -51.45 14.63
N LEU J 253 0.05 -52.52 13.85
CA LEU J 253 0.61 -52.51 12.52
C LEU J 253 -0.47 -52.85 11.49
N LEU J 254 -0.36 -52.23 10.32
CA LEU J 254 -1.19 -52.57 9.17
C LEU J 254 -0.28 -52.78 7.98
N ALA J 255 -0.52 -53.85 7.24
CA ALA J 255 0.29 -54.17 6.07
C ALA J 255 -0.49 -53.90 4.80
N TYR J 256 0.17 -53.27 3.84
CA TYR J 256 -0.45 -52.93 2.57
C TYR J 256 0.50 -53.37 1.47
N ARG J 257 0.19 -54.50 0.85
CA ARG J 257 1.03 -55.04 -0.21
C ARG J 257 0.72 -54.29 -1.50
N VAL J 258 1.55 -53.31 -1.83
CA VAL J 258 1.40 -52.58 -3.08
C VAL J 258 2.49 -52.91 -4.08
N LEU J 259 3.63 -53.42 -3.64
CA LEU J 259 4.72 -53.81 -4.53
C LEU J 259 4.61 -55.31 -4.79
N GLY J 260 4.47 -55.67 -6.06
CA GLY J 260 4.27 -57.05 -6.42
C GLY J 260 5.55 -57.84 -6.32
N PRO J 261 5.54 -59.06 -6.85
CA PRO J 261 6.76 -59.88 -6.86
C PRO J 261 7.89 -59.17 -7.59
N GLY J 262 9.09 -59.28 -7.04
CA GLY J 262 10.25 -58.61 -7.57
C GLY J 262 10.48 -57.23 -7.00
N GLY J 263 9.54 -56.70 -6.22
CA GLY J 263 9.68 -55.40 -5.62
C GLY J 263 9.21 -54.24 -6.47
N SER J 264 8.52 -54.50 -7.58
CA SER J 264 8.06 -53.46 -8.47
C SER J 264 6.55 -53.32 -8.35
N GLY J 265 6.09 -52.06 -8.33
CA GLY J 265 4.68 -51.79 -8.20
C GLY J 265 4.23 -50.56 -8.94
N THR J 266 3.00 -50.59 -9.45
CA THR J 266 2.47 -49.45 -10.17
C THR J 266 2.25 -48.26 -9.24
N THR J 267 2.34 -47.07 -9.80
CA THR J 267 2.09 -45.85 -9.02
C THR J 267 0.66 -45.83 -8.50
N GLU J 268 -0.30 -46.29 -9.30
CA GLU J 268 -1.69 -46.31 -8.87
C GLU J 268 -1.88 -47.20 -7.65
N ASN J 269 -1.19 -48.33 -7.58
CA ASN J 269 -1.26 -49.17 -6.39
C ASN J 269 -0.71 -48.47 -5.16
N VAL J 270 0.37 -47.72 -5.30
CA VAL J 270 0.93 -47.01 -4.15
C VAL J 270 -0.02 -45.91 -3.69
N ILE J 271 -0.65 -45.20 -4.63
CA ILE J 271 -1.62 -44.18 -4.25
C ILE J 271 -2.80 -44.83 -3.53
N ALA J 272 -3.27 -45.97 -4.06
CA ALA J 272 -4.36 -46.67 -3.41
C ALA J 272 -3.97 -47.13 -2.02
N GLY J 273 -2.74 -47.60 -1.83
CA GLY J 273 -2.27 -48.00 -0.53
C GLY J 273 -2.24 -46.85 0.45
N ILE J 274 -1.75 -45.70 0.00
CA ILE J 274 -1.71 -44.53 0.87
C ILE J 274 -3.11 -44.11 1.28
N GLU J 275 -4.03 -44.05 0.32
CA GLU J 275 -5.39 -43.65 0.64
C GLU J 275 -6.09 -44.65 1.54
N ARG J 276 -5.88 -45.94 1.33
CA ARG J 276 -6.48 -46.95 2.19
C ARG J 276 -5.87 -46.93 3.59
N ALA J 277 -4.58 -46.61 3.70
CA ALA J 277 -3.99 -46.45 5.02
C ALA J 277 -4.57 -45.25 5.74
N VAL J 278 -4.88 -44.18 5.02
CA VAL J 278 -5.57 -43.06 5.65
C VAL J 278 -6.98 -43.47 6.06
N GLN J 279 -7.65 -44.28 5.25
CA GLN J 279 -8.96 -44.80 5.62
C GLN J 279 -8.91 -45.55 6.94
N ASP J 280 -7.97 -46.48 7.06
CA ASP J 280 -7.93 -47.40 8.18
C ASP J 280 -7.47 -46.76 9.47
N GLY J 281 -7.37 -45.44 9.52
CA GLY J 281 -7.04 -44.75 10.75
C GLY J 281 -5.59 -44.82 11.15
N ALA J 282 -4.70 -45.17 10.24
CA ALA J 282 -3.28 -45.22 10.57
C ALA J 282 -2.80 -43.83 10.98
N ASP J 283 -2.10 -43.76 12.11
CA ASP J 283 -1.55 -42.50 12.57
C ASP J 283 -0.18 -42.21 11.98
N VAL J 284 0.61 -43.24 11.73
CA VAL J 284 1.93 -43.09 11.11
C VAL J 284 1.98 -43.97 9.88
N MET J 285 2.63 -43.48 8.83
CA MET J 285 2.68 -44.15 7.56
C MET J 285 4.14 -44.30 7.16
N ASN J 286 4.51 -45.46 6.62
CA ASN J 286 5.89 -45.73 6.24
C ASN J 286 5.96 -46.16 4.79
N LEU J 287 6.74 -45.42 4.01
CA LEU J 287 6.98 -45.72 2.60
C LEU J 287 8.48 -45.91 2.38
N SER J 288 8.90 -47.16 2.27
CA SER J 288 10.27 -47.51 1.94
C SER J 288 10.42 -47.87 0.47
N LEU J 289 9.53 -47.36 -0.37
CA LEU J 289 9.61 -47.52 -1.81
C LEU J 289 10.01 -46.20 -2.44
N GLY J 290 10.07 -46.19 -3.77
CA GLY J 290 10.33 -44.96 -4.47
C GLY J 290 11.11 -45.12 -5.75
N ASN J 291 10.78 -44.34 -6.77
CA ASN J 291 11.53 -44.33 -8.01
C ASN J 291 12.63 -43.27 -7.89
N SER J 292 13.27 -42.93 -9.01
CA SER J 292 14.40 -42.01 -8.99
C SER J 292 14.14 -40.81 -9.87
N VAL J 293 12.95 -40.24 -9.78
CA VAL J 293 12.61 -39.02 -10.50
C VAL J 293 12.56 -37.88 -9.49
N ASN J 294 13.47 -36.92 -9.64
CA ASN J 294 13.53 -35.77 -8.74
C ASN J 294 12.46 -34.76 -9.15
N ASN J 295 11.22 -35.11 -8.85
CA ASN J 295 10.07 -34.26 -9.17
C ASN J 295 9.22 -34.13 -7.91
N PRO J 296 9.04 -32.93 -7.37
CA PRO J 296 8.21 -32.79 -6.17
C PRO J 296 6.74 -32.99 -6.42
N ASP J 297 6.30 -33.00 -7.67
CA ASP J 297 4.90 -33.13 -8.02
C ASP J 297 4.63 -34.46 -8.72
N TRP J 298 5.32 -35.50 -8.29
CA TRP J 298 4.95 -36.83 -8.73
C TRP J 298 3.64 -37.24 -8.06
N ALA J 299 2.99 -38.25 -8.63
CA ALA J 299 1.70 -38.68 -8.10
C ALA J 299 1.84 -39.18 -6.67
N THR J 300 2.88 -39.96 -6.39
CA THR J 300 3.10 -40.46 -5.04
C THR J 300 3.43 -39.36 -4.05
N SER J 301 4.06 -38.28 -4.50
CA SER J 301 4.31 -37.15 -3.63
C SER J 301 3.05 -36.32 -3.37
N THR J 302 2.21 -36.15 -4.38
CA THR J 302 0.93 -35.48 -4.15
C THR J 302 0.07 -36.29 -3.19
N ALA J 303 0.03 -37.60 -3.35
CA ALA J 303 -0.71 -38.43 -2.41
C ALA J 303 -0.15 -38.34 -1.01
N LEU J 304 1.17 -38.22 -0.86
CA LEU J 304 1.77 -38.09 0.45
C LEU J 304 1.51 -36.74 1.08
N ASP J 305 1.38 -35.69 0.26
CA ASP J 305 0.96 -34.39 0.77
C ASP J 305 -0.52 -34.32 1.06
N TRP J 306 -1.33 -35.21 0.47
CA TRP J 306 -2.74 -35.27 0.85
C TRP J 306 -2.88 -35.77 2.28
N ALA J 307 -2.22 -36.89 2.60
CA ALA J 307 -1.95 -37.18 3.99
C ALA J 307 -0.96 -36.14 4.53
N MET J 308 -0.70 -36.18 5.84
CA MET J 308 0.01 -35.12 6.53
C MET J 308 -0.85 -33.86 6.56
N SER J 309 -1.99 -33.92 5.87
CA SER J 309 -3.07 -32.96 6.03
C SER J 309 -4.35 -33.61 6.49
N GLU J 310 -4.52 -34.90 6.25
CA GLU J 310 -5.56 -35.67 6.94
C GLU J 310 -5.00 -36.32 8.20
N GLY J 311 -4.25 -35.52 8.97
CA GLY J 311 -3.75 -35.92 10.27
C GLY J 311 -2.94 -37.20 10.32
N VAL J 312 -2.21 -37.54 9.25
CA VAL J 312 -1.42 -38.77 9.22
C VAL J 312 0.02 -38.43 8.91
N THR J 313 0.90 -38.68 9.87
CA THR J 313 2.33 -38.47 9.64
C THR J 313 2.84 -39.45 8.59
N ALA J 314 3.66 -38.96 7.67
CA ALA J 314 4.14 -39.77 6.56
C ALA J 314 5.67 -39.73 6.53
N VAL J 315 6.28 -40.88 6.76
CA VAL J 315 7.73 -41.02 6.75
C VAL J 315 8.12 -41.86 5.55
N THR J 316 9.08 -41.36 4.78
CA THR J 316 9.48 -42.02 3.55
C THR J 316 11.00 -42.03 3.44
N SER J 317 11.49 -43.02 2.70
CA SER J 317 12.92 -43.08 2.44
C SER J 317 13.32 -42.02 1.43
N ASN J 318 14.57 -41.57 1.54
CA ASN J 318 15.10 -40.61 0.59
C ASN J 318 15.46 -41.24 -0.74
N GLY J 319 15.73 -42.52 -0.77
CA GLY J 319 16.19 -43.20 -1.97
C GLY J 319 17.62 -43.68 -1.84
N ASN J 320 17.99 -44.57 -2.76
CA ASN J 320 19.29 -45.24 -2.73
C ASN J 320 20.07 -44.85 -3.97
N SER J 321 20.77 -43.72 -3.89
CA SER J 321 21.62 -43.27 -4.97
C SER J 321 22.92 -42.76 -4.40
N GLY J 322 24.00 -42.95 -5.14
CA GLY J 322 25.33 -42.66 -4.66
C GLY J 322 25.50 -41.22 -4.24
N PRO J 323 26.68 -40.88 -3.75
CA PRO J 323 26.86 -39.53 -3.22
C PRO J 323 26.84 -38.52 -4.36
N ASN J 324 25.71 -37.85 -4.51
CA ASN J 324 25.48 -36.96 -5.65
C ASN J 324 24.26 -36.12 -5.37
N ASN J 325 24.37 -34.82 -5.55
CA ASN J 325 23.22 -33.96 -5.30
C ASN J 325 22.16 -34.19 -6.37
N TRP J 326 20.93 -33.81 -6.04
CA TRP J 326 19.81 -33.87 -6.96
C TRP J 326 19.43 -35.30 -7.33
N THR J 327 19.60 -36.25 -6.42
CA THR J 327 19.28 -37.65 -6.70
C THR J 327 18.17 -38.19 -5.80
N VAL J 328 17.42 -37.31 -5.14
CA VAL J 328 16.38 -37.76 -4.22
C VAL J 328 15.21 -38.32 -5.01
N GLY J 329 14.59 -39.37 -4.47
CA GLY J 329 13.55 -40.10 -5.17
C GLY J 329 12.22 -39.38 -5.19
N SER J 330 11.23 -40.03 -5.82
CA SER J 330 9.97 -39.34 -6.10
C SER J 330 9.11 -39.16 -4.86
N PRO J 331 8.72 -40.20 -4.13
CA PRO J 331 7.92 -39.96 -2.92
C PRO J 331 8.67 -39.18 -1.87
N GLY J 332 10.00 -39.24 -1.90
CA GLY J 332 10.80 -38.53 -0.92
C GLY J 332 11.08 -37.10 -1.31
N THR J 333 10.41 -36.61 -2.36
CA THR J 333 10.49 -35.22 -2.74
C THR J 333 9.26 -34.43 -2.33
N SER J 334 8.33 -35.08 -1.63
CA SER J 334 7.10 -34.41 -1.23
C SER J 334 7.39 -33.26 -0.28
N ARG J 335 6.59 -32.21 -0.42
CA ARG J 335 6.82 -31.01 0.39
C ARG J 335 6.53 -31.23 1.85
N GLU J 336 5.55 -32.07 2.18
CA GLU J 336 5.15 -32.31 3.57
C GLU J 336 5.24 -33.81 3.83
N ALA J 337 6.44 -34.27 4.18
CA ALA J 337 6.66 -35.64 4.58
C ALA J 337 8.09 -35.75 5.09
N ILE J 338 8.29 -36.56 6.11
CA ILE J 338 9.62 -36.70 6.68
C ILE J 338 10.40 -37.68 5.80
N SER J 339 11.38 -37.16 5.06
CA SER J 339 12.26 -37.99 4.26
C SER J 339 13.51 -38.28 5.06
N VAL J 340 13.92 -39.55 5.05
CA VAL J 340 14.99 -40.03 5.92
C VAL J 340 16.15 -40.51 5.09
N GLY J 341 17.35 -40.05 5.45
CA GLY J 341 18.58 -40.58 4.91
C GLY J 341 19.19 -41.60 5.86
N ALA J 342 20.21 -42.30 5.37
CA ALA J 342 20.81 -43.41 6.07
C ALA J 342 22.16 -43.02 6.64
N THR J 343 22.44 -43.48 7.86
CA THR J 343 23.71 -43.21 8.52
C THR J 343 24.34 -44.53 8.98
N GLN J 344 25.65 -44.48 9.17
CA GLN J 344 26.40 -45.60 9.75
C GLN J 344 26.64 -45.32 11.22
N LEU J 345 26.38 -46.31 12.06
CA LEU J 345 26.60 -46.15 13.48
C LEU J 345 28.09 -46.02 13.77
N PRO J 346 28.46 -45.35 14.85
CA PRO J 346 29.88 -45.16 15.16
C PRO J 346 30.59 -46.50 15.33
N LEU J 347 31.55 -46.75 14.45
CA LEU J 347 32.31 -47.98 14.46
C LEU J 347 33.79 -47.69 14.69
N ASN J 348 34.48 -48.68 15.26
CA ASN J 348 35.88 -48.53 15.62
C ASN J 348 36.79 -49.00 14.49
N LYS J 477 41.31 -45.97 14.51
CA LYS J 477 40.64 -44.68 14.46
C LYS J 477 39.13 -44.83 14.53
N SER J 478 38.58 -44.74 15.74
CA SER J 478 37.14 -44.81 15.93
C SER J 478 36.45 -43.61 15.28
N LEU J 479 35.40 -43.88 14.53
CA LEU J 479 34.64 -42.84 13.85
C LEU J 479 33.32 -42.58 14.54
N THR J 480 32.82 -41.35 14.39
CA THR J 480 31.50 -41.00 14.87
C THR J 480 30.47 -41.44 13.84
N GLU J 481 29.23 -40.99 14.00
CA GLU J 481 28.20 -41.33 13.03
C GLU J 481 28.52 -40.70 11.69
N GLN J 482 28.22 -41.43 10.61
CA GLN J 482 28.58 -40.99 9.27
C GLN J 482 27.47 -41.37 8.33
N MET J 483 27.19 -40.50 7.38
CA MET J 483 26.16 -40.82 6.40
C MET J 483 26.69 -41.86 5.42
N ALA J 484 25.84 -42.84 5.11
CA ALA J 484 26.19 -43.82 4.10
C ALA J 484 26.27 -43.16 2.73
N ASP J 485 27.07 -43.75 1.86
CA ASP J 485 27.33 -43.15 0.54
C ASP J 485 26.33 -43.61 -0.50
N PHE J 486 25.24 -44.25 -0.09
CA PHE J 486 24.17 -44.58 -1.02
C PHE J 486 22.90 -43.79 -0.78
N SER J 487 22.86 -42.94 0.25
CA SER J 487 21.68 -42.13 0.49
C SER J 487 21.54 -41.10 -0.60
N SER J 488 20.33 -40.97 -1.13
CA SER J 488 20.07 -39.93 -2.10
C SER J 488 20.20 -38.56 -1.44
N ARG J 489 20.58 -37.58 -2.23
CA ARG J 489 20.85 -36.25 -1.71
C ARG J 489 20.01 -35.22 -2.47
N GLY J 490 19.61 -34.17 -1.77
CA GLY J 490 18.82 -33.13 -2.37
C GLY J 490 19.69 -32.19 -3.16
N PRO J 491 19.18 -31.02 -3.50
CA PRO J 491 17.84 -30.50 -3.20
C PRO J 491 16.78 -31.06 -4.13
N VAL J 492 15.52 -30.75 -3.87
CA VAL J 492 14.46 -31.13 -4.79
C VAL J 492 14.41 -30.15 -5.95
N MET J 493 14.15 -30.67 -7.15
CA MET J 493 14.03 -29.83 -8.32
C MET J 493 12.76 -29.00 -8.24
N ASP J 494 12.82 -27.78 -8.78
CA ASP J 494 11.66 -26.92 -8.97
C ASP J 494 11.13 -26.36 -7.66
N THR J 495 11.62 -26.85 -6.54
CA THR J 495 11.34 -26.25 -5.23
C THR J 495 12.57 -25.98 -4.41
N TRP J 496 13.72 -26.58 -4.75
CA TRP J 496 14.99 -26.32 -4.10
C TRP J 496 14.92 -26.59 -2.61
N MET J 497 14.02 -27.48 -2.21
CA MET J 497 13.86 -27.84 -0.82
C MET J 497 15.00 -28.73 -0.36
N ILE J 498 15.40 -28.57 0.90
CA ILE J 498 16.49 -29.36 1.46
C ILE J 498 15.97 -30.75 1.77
N LYS J 499 16.61 -31.77 1.20
CA LYS J 499 16.29 -33.14 1.52
C LYS J 499 17.58 -33.94 1.57
N PRO J 500 17.66 -34.97 2.42
CA PRO J 500 16.62 -35.57 3.26
C PRO J 500 16.18 -34.65 4.37
N ASP J 501 15.02 -34.87 4.98
CA ASP J 501 14.65 -34.04 6.11
C ASP J 501 15.44 -34.41 7.35
N VAL J 502 15.56 -35.70 7.65
CA VAL J 502 16.34 -36.16 8.79
C VAL J 502 17.09 -37.40 8.37
N SER J 503 18.17 -37.73 9.07
CA SER J 503 18.86 -38.98 8.86
C SER J 503 18.69 -39.90 10.06
N ALA J 504 18.86 -41.19 9.84
CA ALA J 504 18.67 -42.19 10.86
C ALA J 504 19.54 -43.39 10.54
N PRO J 505 19.82 -44.25 11.52
CA PRO J 505 20.66 -45.42 11.26
C PRO J 505 20.03 -46.34 10.21
N GLY J 506 20.76 -46.57 9.13
CA GLY J 506 20.23 -47.38 8.06
C GLY J 506 21.24 -48.28 7.39
N VAL J 507 22.32 -48.61 8.09
CA VAL J 507 23.36 -49.48 7.56
C VAL J 507 23.51 -50.66 8.50
N ASN J 508 23.41 -51.87 7.94
CA ASN J 508 23.56 -53.11 8.70
C ASN J 508 22.53 -53.19 9.82
N ILE J 509 21.27 -53.19 9.43
CA ILE J 509 20.16 -53.28 10.38
C ILE J 509 19.64 -54.70 10.35
N VAL J 510 19.65 -55.35 11.50
CA VAL J 510 19.12 -56.71 11.60
C VAL J 510 17.69 -56.64 12.09
N SER J 511 16.82 -57.43 11.48
CA SER J 511 15.41 -57.39 11.82
C SER J 511 14.74 -58.65 11.29
N THR J 512 13.46 -58.78 11.60
CA THR J 512 12.71 -59.99 11.28
C THR J 512 12.52 -60.13 9.78
N ILE J 513 12.77 -61.35 9.28
CA ILE J 513 12.53 -61.66 7.87
C ILE J 513 11.83 -63.00 7.77
N PRO J 514 11.11 -63.26 6.68
CA PRO J 514 10.73 -64.63 6.38
C PRO J 514 11.85 -65.33 5.63
N THR J 515 12.16 -66.54 6.08
CA THR J 515 13.19 -67.34 5.42
C THR J 515 12.69 -68.01 4.16
N HIS J 516 11.38 -67.98 3.91
CA HIS J 516 10.77 -68.63 2.76
C HIS J 516 11.14 -70.11 2.73
N ASP J 517 11.23 -70.71 3.91
CA ASP J 517 11.55 -72.11 4.08
C ASP J 517 10.45 -72.75 4.91
N PRO J 518 9.73 -73.73 4.37
CA PRO J 518 8.67 -74.38 5.18
C PRO J 518 9.17 -75.00 6.46
N ALA J 519 10.44 -75.41 6.52
CA ALA J 519 10.98 -76.00 7.74
C ALA J 519 10.98 -75.00 8.89
N ASP J 520 11.41 -73.77 8.63
CA ASP J 520 11.35 -72.68 9.61
C ASP J 520 11.15 -71.38 8.85
N PRO J 521 9.92 -70.85 8.84
CA PRO J 521 9.62 -69.73 7.95
C PRO J 521 10.08 -68.38 8.46
N TYR J 522 10.43 -68.25 9.73
CA TYR J 522 10.76 -66.96 10.33
C TYR J 522 12.21 -66.95 10.81
N GLY J 523 12.87 -65.82 10.60
CA GLY J 523 14.23 -65.69 11.05
C GLY J 523 14.61 -64.23 11.12
N TYR J 524 15.91 -63.98 11.23
CA TYR J 524 16.43 -62.62 11.28
C TYR J 524 17.47 -62.42 10.21
N GLY J 525 17.49 -61.22 9.66
CA GLY J 525 18.41 -60.92 8.57
C GLY J 525 18.85 -59.48 8.65
N SER J 526 20.03 -59.22 8.11
CA SER J 526 20.64 -57.89 8.12
C SER J 526 20.52 -57.30 6.73
N LYS J 527 19.83 -56.17 6.64
CA LYS J 527 19.69 -55.45 5.38
C LYS J 527 20.16 -54.01 5.59
N GLN J 528 20.51 -53.37 4.47
CA GLN J 528 21.04 -52.03 4.47
C GLN J 528 20.37 -51.23 3.38
N GLY J 529 20.17 -49.95 3.62
CA GLY J 529 19.56 -49.10 2.63
C GLY J 529 18.85 -47.94 3.27
N THR J 530 18.67 -46.88 2.48
CA THR J 530 17.89 -45.74 2.93
C THR J 530 16.45 -46.15 3.23
N SER J 531 15.98 -47.21 2.57
CA SER J 531 14.64 -47.72 2.85
C SER J 531 14.54 -48.30 4.25
N MET J 532 15.65 -48.56 4.91
CA MET J 532 15.62 -49.03 6.29
C MET J 532 16.06 -47.99 7.30
N ALA J 533 16.34 -46.77 6.87
CA ALA J 533 16.45 -45.68 7.82
C ALA J 533 15.09 -45.09 8.17
N SER J 534 14.17 -45.07 7.22
CA SER J 534 12.85 -44.52 7.50
C SER J 534 12.09 -45.26 8.60
N PRO J 535 12.14 -46.59 8.72
CA PRO J 535 11.39 -47.23 9.82
C PRO J 535 11.78 -46.74 11.19
N HIS J 536 13.03 -46.37 11.40
CA HIS J 536 13.42 -45.80 12.69
C HIS J 536 12.64 -44.51 12.95
N VAL J 537 12.54 -43.65 11.95
CA VAL J 537 11.80 -42.41 12.14
C VAL J 537 10.31 -42.66 12.26
N ALA J 538 9.79 -43.69 11.60
CA ALA J 538 8.38 -44.04 11.78
C ALA J 538 8.11 -44.50 13.21
N GLY J 539 8.98 -45.33 13.76
CA GLY J 539 8.85 -45.72 15.15
C GLY J 539 9.00 -44.54 16.09
N ALA J 540 9.92 -43.64 15.79
CA ALA J 540 10.09 -42.44 16.59
C ALA J 540 8.83 -41.59 16.56
N ALA J 541 8.21 -41.45 15.39
CA ALA J 541 6.97 -40.69 15.29
C ALA J 541 5.86 -41.35 16.08
N ALA J 542 5.79 -42.68 16.05
CA ALA J 542 4.78 -43.37 16.85
C ALA J 542 5.00 -43.12 18.33
N VAL J 543 6.25 -43.20 18.78
CA VAL J 543 6.55 -42.97 20.20
C VAL J 543 6.17 -41.54 20.58
N ILE J 544 6.55 -40.58 19.74
CA ILE J 544 6.24 -39.18 20.04
C ILE J 544 4.74 -38.95 20.08
N LYS J 545 4.01 -39.53 19.12
CA LYS J 545 2.57 -39.37 19.10
C LYS J 545 1.92 -39.97 20.34
N GLN J 546 2.49 -41.05 20.87
CA GLN J 546 2.01 -41.52 22.16
C GLN J 546 2.34 -40.51 23.26
N ALA J 547 3.53 -39.92 23.21
CA ALA J 547 3.94 -38.99 24.25
C ALA J 547 3.20 -37.66 24.15
N LYS J 548 3.07 -37.12 22.93
CA LYS J 548 2.39 -35.87 22.69
C LYS J 548 1.17 -36.13 21.82
N PRO J 549 0.01 -36.44 22.41
CA PRO J 549 -1.15 -36.84 21.60
C PRO J 549 -1.80 -35.69 20.85
N LYS J 550 -1.43 -34.44 21.14
CA LYS J 550 -2.08 -33.30 20.52
C LYS J 550 -1.29 -32.73 19.35
N TRP J 551 -0.10 -33.25 19.07
CA TRP J 551 0.73 -32.69 18.02
C TRP J 551 0.21 -33.09 16.65
N SER J 552 0.21 -32.14 15.73
CA SER J 552 -0.18 -32.37 14.35
C SER J 552 0.97 -33.06 13.63
N PRO J 553 0.73 -33.64 12.44
CA PRO J 553 1.85 -34.24 11.70
C PRO J 553 2.98 -33.27 11.41
N GLU J 554 2.67 -32.01 11.11
CA GLU J 554 3.72 -31.03 10.88
C GLU J 554 4.46 -30.67 12.16
N GLN J 555 3.79 -30.66 13.29
CA GLN J 555 4.46 -30.45 14.56
C GLN J 555 5.41 -31.57 14.92
N ILE J 556 5.04 -32.82 14.63
CA ILE J 556 5.95 -33.93 14.84
C ILE J 556 7.17 -33.81 13.93
N LYS J 557 6.94 -33.44 12.67
CA LYS J 557 8.07 -33.27 11.76
C LYS J 557 9.00 -32.17 12.25
N ALA J 558 8.44 -31.05 12.72
CA ALA J 558 9.25 -29.98 13.25
C ALA J 558 9.97 -30.37 14.53
N ALA J 559 9.39 -31.22 15.36
CA ALA J 559 10.04 -31.65 16.59
C ALA J 559 11.17 -32.64 16.33
N LEU J 560 10.98 -33.57 15.42
CA LEU J 560 12.09 -34.45 15.03
C LEU J 560 13.21 -33.65 14.38
N MET J 561 12.86 -32.69 13.52
CA MET J 561 13.87 -31.98 12.77
C MET J 561 14.59 -30.96 13.61
N ASN J 562 13.94 -30.42 14.64
CA ASN J 562 14.55 -29.40 15.47
C ASN J 562 15.62 -29.97 16.36
N THR J 563 15.34 -31.10 17.01
CA THR J 563 16.24 -31.73 17.97
C THR J 563 16.94 -32.87 17.26
N ALA J 564 17.99 -32.54 16.51
CA ALA J 564 18.74 -33.52 15.76
C ALA J 564 20.21 -33.16 15.81
N GLU J 565 21.07 -34.16 15.96
CA GLU J 565 22.50 -33.96 16.12
C GLU J 565 23.17 -33.86 14.76
N THR J 566 23.84 -32.75 14.52
CA THR J 566 24.61 -32.58 13.30
C THR J 566 25.74 -33.60 13.24
N LEU J 567 26.02 -34.08 12.04
CA LEU J 567 27.00 -35.14 11.83
C LEU J 567 28.21 -34.57 11.11
N THR J 568 29.40 -34.88 11.61
CA THR J 568 30.64 -34.52 10.95
C THR J 568 31.28 -35.75 10.33
N ASP J 569 31.94 -35.55 9.19
CA ASP J 569 32.55 -36.66 8.48
C ASP J 569 33.88 -37.03 9.15
N ALA J 570 34.66 -37.87 8.47
CA ALA J 570 35.89 -38.37 9.07
C ALA J 570 36.90 -37.25 9.32
N ASP J 571 37.08 -36.36 8.35
CA ASP J 571 38.08 -35.30 8.50
C ASP J 571 37.69 -34.32 9.59
N GLY J 572 36.40 -34.05 9.74
CA GLY J 572 35.94 -33.14 10.76
C GLY J 572 35.06 -32.03 10.23
N ASP J 573 34.60 -32.18 8.99
CA ASP J 573 33.74 -31.19 8.37
C ASP J 573 32.28 -31.61 8.49
N VAL J 574 31.42 -30.65 8.81
CA VAL J 574 30.00 -30.94 8.87
C VAL J 574 29.50 -31.37 7.51
N TYR J 575 28.72 -32.45 7.48
CA TYR J 575 28.15 -32.91 6.24
C TYR J 575 27.24 -31.82 5.65
N PRO J 576 27.21 -31.68 4.34
CA PRO J 576 26.34 -30.66 3.72
C PRO J 576 24.88 -30.91 4.08
N HIS J 577 24.10 -29.83 4.03
CA HIS J 577 22.70 -29.93 4.43
C HIS J 577 21.93 -30.88 3.55
N ASN J 578 22.21 -30.89 2.24
CA ASN J 578 21.57 -31.88 1.39
C ASN J 578 22.37 -33.16 1.35
N ALA J 579 22.86 -33.57 2.50
CA ALA J 579 23.35 -34.91 2.74
C ALA J 579 22.95 -35.38 4.12
N GLN J 580 22.49 -34.49 4.97
CA GLN J 580 22.20 -34.70 6.38
C GLN J 580 20.79 -34.31 6.72
N GLY J 581 20.30 -33.22 6.15
CA GLY J 581 19.00 -32.67 6.45
C GLY J 581 19.03 -31.83 7.69
N ALA J 582 19.04 -32.48 8.84
CA ALA J 582 19.20 -31.77 10.09
C ALA J 582 20.02 -32.59 11.08
N GLY J 583 20.47 -33.77 10.69
CA GLY J 583 21.21 -34.64 11.56
C GLY J 583 20.42 -35.90 11.88
N SER J 584 20.97 -36.68 12.81
CA SER J 584 20.32 -37.90 13.23
C SER J 584 19.23 -37.61 14.25
N ILE J 585 18.17 -38.41 14.22
CA ILE J 585 17.09 -38.22 15.18
C ILE J 585 17.60 -38.46 16.59
N ARG J 586 16.95 -37.82 17.56
CA ARG J 586 17.15 -38.09 18.97
C ARG J 586 15.77 -38.11 19.60
N ILE J 587 15.21 -39.30 19.80
CA ILE J 587 13.84 -39.43 20.25
C ILE J 587 13.66 -38.78 21.62
N MET J 588 14.66 -38.92 22.48
CA MET J 588 14.52 -38.41 23.84
C MET J 588 14.45 -36.89 23.86
N LYS J 589 15.27 -36.23 23.06
CA LYS J 589 15.19 -34.77 22.97
C LYS J 589 13.88 -34.33 22.36
N ALA J 590 13.42 -35.03 21.33
CA ALA J 590 12.17 -34.66 20.68
C ALA J 590 10.98 -34.80 21.62
N ILE J 591 10.97 -35.87 22.43
CA ILE J 591 9.87 -36.10 23.35
C ILE J 591 9.78 -35.01 24.40
N LYS J 592 10.91 -34.44 24.80
CA LYS J 592 10.96 -33.42 25.84
C LYS J 592 11.33 -32.12 25.14
N ALA J 593 10.33 -31.47 24.56
CA ALA J 593 10.53 -30.24 23.83
C ALA J 593 9.30 -29.37 24.01
N ASP J 594 9.51 -28.19 24.59
CA ASP J 594 8.41 -27.27 24.84
C ASP J 594 8.41 -26.10 23.88
N SER J 595 9.27 -26.10 22.88
CA SER J 595 9.28 -25.05 21.88
C SER J 595 9.48 -25.70 20.52
N LEU J 596 8.65 -25.32 19.56
CA LEU J 596 8.72 -25.88 18.22
C LEU J 596 8.94 -24.76 17.21
N VAL J 597 9.94 -24.90 16.37
CA VAL J 597 10.24 -23.93 15.32
C VAL J 597 9.85 -24.56 13.99
N ALA J 598 8.97 -23.88 13.25
CA ALA J 598 8.48 -24.40 11.99
C ALA J 598 8.56 -23.32 10.91
N PRO J 599 8.92 -23.68 9.69
CA PRO J 599 9.27 -25.03 9.21
C PRO J 599 10.64 -25.43 9.72
N GLY J 600 10.89 -26.73 9.88
CA GLY J 600 12.16 -27.15 10.43
C GLY J 600 13.34 -26.81 9.55
N SER J 601 13.11 -26.65 8.25
CA SER J 601 14.15 -26.22 7.33
C SER J 601 13.49 -25.38 6.25
N TYR J 602 14.19 -24.36 5.78
CA TYR J 602 13.65 -23.48 4.79
C TYR J 602 14.65 -23.28 3.66
N SER J 603 14.13 -23.07 2.46
CA SER J 603 14.95 -22.83 1.29
C SER J 603 14.51 -21.54 0.62
N TYR J 604 15.45 -20.64 0.40
CA TYR J 604 15.12 -19.34 -0.16
C TYR J 604 14.97 -19.36 -1.67
N GLY J 605 15.19 -20.50 -2.30
CA GLY J 605 15.03 -20.55 -3.74
C GLY J 605 16.29 -20.10 -4.47
N THR J 606 16.09 -19.44 -5.60
CA THR J 606 17.18 -19.03 -6.45
C THR J 606 17.23 -17.52 -6.57
N PHE J 607 18.43 -16.99 -6.77
CA PHE J 607 18.66 -15.56 -6.98
C PHE J 607 19.24 -15.40 -8.38
N MET J 608 18.44 -14.85 -9.29
CA MET J 608 18.77 -14.83 -10.71
C MET J 608 19.23 -13.47 -11.21
N LYS J 609 19.22 -12.43 -10.36
CA LYS J 609 19.52 -11.10 -10.82
C LYS J 609 20.96 -11.01 -11.32
N ASP J 610 21.13 -10.39 -12.50
CA ASP J 610 22.45 -10.23 -13.08
C ASP J 610 23.24 -9.14 -12.37
N LYS J 611 22.58 -8.05 -12.00
CA LYS J 611 23.22 -6.96 -11.28
C LYS J 611 22.27 -6.43 -10.22
N GLY J 612 22.82 -5.82 -9.20
CA GLY J 612 22.05 -5.29 -8.09
C GLY J 612 22.01 -6.25 -6.92
N ASN J 613 21.16 -5.89 -5.96
CA ASN J 613 20.98 -6.67 -4.75
C ASN J 613 19.57 -7.22 -4.70
N GLU J 614 19.43 -8.49 -4.36
CA GLU J 614 18.13 -9.13 -4.26
C GLU J 614 17.91 -9.58 -2.83
N THR J 615 16.75 -9.25 -2.28
CA THR J 615 16.42 -9.54 -0.90
C THR J 615 15.21 -10.46 -0.84
N LYS J 616 15.31 -11.50 -0.04
CA LYS J 616 14.19 -12.39 0.23
C LYS J 616 14.02 -12.51 1.72
N LYS J 617 12.82 -12.89 2.15
CA LYS J 617 12.58 -13.02 3.58
C LYS J 617 11.62 -14.16 3.84
N GLU J 618 11.75 -14.75 5.03
CA GLU J 618 10.92 -15.86 5.46
C GLU J 618 10.46 -15.58 6.88
N THR J 619 9.31 -16.13 7.24
CA THR J 619 8.75 -16.00 8.58
C THR J 619 8.71 -17.37 9.21
N PHE J 620 9.61 -17.61 10.16
CA PHE J 620 9.57 -18.81 10.96
C PHE J 620 8.65 -18.59 12.14
N THR J 621 8.06 -19.67 12.62
CA THR J 621 7.07 -19.62 13.68
C THR J 621 7.56 -20.45 14.86
N ILE J 622 7.60 -19.83 16.04
CA ILE J 622 8.02 -20.49 17.26
C ILE J 622 6.80 -20.65 18.15
N GLU J 623 6.49 -21.90 18.48
CA GLU J 623 5.39 -22.22 19.38
C GLU J 623 5.97 -22.50 20.76
N ASN J 624 5.48 -21.78 21.76
CA ASN J 624 5.94 -21.90 23.13
C ASN J 624 4.97 -22.83 23.87
N GLN J 625 5.26 -24.12 23.82
CA GLN J 625 4.37 -25.11 24.41
C GLN J 625 4.39 -25.10 25.93
N SER J 626 5.30 -24.37 26.55
CA SER J 626 5.44 -24.39 27.99
C SER J 626 4.41 -23.48 28.64
N SER J 627 4.40 -23.47 29.97
CA SER J 627 3.47 -22.68 30.76
C SER J 627 4.06 -21.36 31.22
N ILE J 628 5.21 -20.98 30.69
CA ILE J 628 5.97 -19.83 31.18
C ILE J 628 6.38 -18.99 29.98
N ARG J 629 6.30 -17.67 30.14
CA ARG J 629 6.69 -16.78 29.06
C ARG J 629 8.18 -16.84 28.83
N LYS J 630 8.60 -17.02 27.59
CA LYS J 630 10.00 -17.25 27.28
C LYS J 630 10.51 -16.23 26.29
N SER J 631 11.83 -16.13 26.22
CA SER J 631 12.52 -15.23 25.30
C SER J 631 13.45 -16.06 24.43
N TYR J 632 13.21 -16.05 23.13
CA TYR J 632 13.99 -16.80 22.17
C TYR J 632 14.95 -15.88 21.44
N GLN J 633 16.15 -16.38 21.18
CA GLN J 633 17.23 -15.61 20.61
C GLN J 633 17.67 -16.25 19.31
N LEU J 634 17.75 -15.46 18.25
CA LEU J 634 17.99 -15.96 16.92
C LEU J 634 19.38 -15.58 16.44
N GLU J 635 20.09 -16.56 15.88
CA GLU J 635 21.37 -16.31 15.24
C GLU J 635 21.31 -16.83 13.82
N TYR J 636 21.48 -15.93 12.85
CA TYR J 636 21.43 -16.28 11.45
C TYR J 636 22.83 -16.30 10.87
N SER J 637 23.14 -17.34 10.10
CA SER J 637 24.44 -17.42 9.45
C SER J 637 24.27 -17.99 8.06
N PHE J 638 25.18 -17.61 7.16
CA PHE J 638 25.26 -18.17 5.84
C PHE J 638 26.73 -18.28 5.44
N ASN J 639 27.07 -19.36 4.75
CA ASN J 639 28.39 -19.51 4.20
C ASN J 639 28.49 -18.79 2.87
N GLY J 640 29.70 -18.41 2.51
CA GLY J 640 29.86 -17.72 1.23
C GLY J 640 29.81 -16.21 1.38
N THR J 641 30.54 -15.54 0.49
CA THR J 641 30.67 -14.09 0.54
C THR J 641 29.59 -13.43 -0.30
N GLY J 642 29.23 -12.21 0.07
CA GLY J 642 28.21 -11.48 -0.62
C GLY J 642 26.80 -11.76 -0.17
N ILE J 643 26.62 -12.60 0.85
CA ILE J 643 25.31 -12.94 1.39
C ILE J 643 25.24 -12.36 2.80
N THR J 644 24.31 -11.45 3.02
CA THR J 644 24.13 -10.82 4.31
C THR J 644 22.78 -11.23 4.87
N VAL J 645 22.78 -11.71 6.11
CA VAL J 645 21.59 -12.26 6.72
C VAL J 645 21.26 -11.45 7.96
N SER J 646 19.98 -11.17 8.18
CA SER J 646 19.55 -10.38 9.30
C SER J 646 18.13 -10.80 9.67
N GLY J 647 17.52 -10.08 10.58
CA GLY J 647 16.16 -10.34 10.96
C GLY J 647 15.96 -10.16 12.44
N THR J 648 14.83 -10.64 12.93
CA THR J 648 14.49 -10.51 14.34
C THR J 648 15.48 -11.24 15.22
N ASP J 649 16.25 -10.49 15.99
CA ASP J 649 17.27 -11.06 16.86
C ASP J 649 16.75 -11.58 18.19
N ARG J 650 15.49 -11.31 18.54
CA ARG J 650 14.94 -11.75 19.80
C ARG J 650 13.43 -11.60 19.75
N VAL J 651 12.74 -12.62 20.26
CA VAL J 651 11.30 -12.54 20.44
C VAL J 651 10.95 -12.95 21.86
N VAL J 652 9.84 -12.43 22.36
CA VAL J 652 9.29 -12.85 23.64
C VAL J 652 7.92 -13.40 23.37
N ILE J 653 7.69 -14.66 23.75
CA ILE J 653 6.45 -15.37 23.47
C ILE J 653 5.80 -15.74 24.80
N PRO J 654 4.55 -15.39 25.01
CA PRO J 654 3.87 -15.78 26.25
C PRO J 654 3.61 -17.27 26.29
N ALA J 655 3.07 -17.75 27.40
CA ALA J 655 2.84 -19.19 27.55
C ALA J 655 1.77 -19.65 26.58
N HIS J 656 1.98 -20.85 26.02
CA HIS J 656 1.00 -21.49 25.15
C HIS J 656 0.59 -20.58 24.00
N GLN J 657 1.57 -19.92 23.40
CA GLN J 657 1.32 -18.99 22.33
C GLN J 657 2.35 -19.18 21.23
N THR J 658 2.37 -18.24 20.30
CA THR J 658 3.13 -18.36 19.06
C THR J 658 3.72 -17.01 18.68
N GLY J 659 4.99 -17.02 18.29
CA GLY J 659 5.65 -15.84 17.82
C GLY J 659 6.23 -16.06 16.44
N LYS J 660 6.49 -14.95 15.75
CA LYS J 660 6.99 -14.98 14.39
C LYS J 660 8.34 -14.27 14.34
N VAL J 661 9.31 -14.90 13.67
CA VAL J 661 10.62 -14.30 13.46
C VAL J 661 10.81 -14.14 11.96
N ASN J 662 11.22 -12.95 11.55
CA ASN J 662 11.35 -12.61 10.13
C ASN J 662 12.82 -12.66 9.76
N ALA J 663 13.27 -13.81 9.29
CA ALA J 663 14.61 -13.92 8.76
C ALA J 663 14.66 -13.28 7.38
N LYS J 664 15.78 -12.67 7.06
CA LYS J 664 15.91 -11.93 5.82
C LYS J 664 17.31 -12.17 5.27
N VAL J 665 17.39 -12.49 3.98
CA VAL J 665 18.66 -12.72 3.32
C VAL J 665 18.78 -11.75 2.16
N LYS J 666 20.00 -11.29 1.91
CA LYS J 666 20.25 -10.32 0.85
C LYS J 666 21.51 -10.73 0.12
N VAL J 667 21.40 -10.88 -1.20
CA VAL J 667 22.47 -11.36 -2.04
C VAL J 667 22.90 -10.23 -2.96
N ASN J 668 24.19 -9.92 -2.95
CA ASN J 668 24.78 -8.91 -3.81
C ASN J 668 25.27 -9.60 -5.07
N ALA J 669 24.54 -9.42 -6.17
CA ALA J 669 24.85 -10.13 -7.40
C ALA J 669 26.24 -9.82 -7.93
N LYS J 670 26.82 -8.70 -7.54
CA LYS J 670 28.12 -8.31 -8.06
C LYS J 670 29.27 -9.00 -7.33
N LYS J 671 29.01 -9.61 -6.18
CA LYS J 671 30.07 -10.18 -5.37
C LYS J 671 29.95 -11.68 -5.16
N VAL J 672 28.83 -12.30 -5.50
CA VAL J 672 28.55 -13.68 -5.14
C VAL J 672 28.86 -14.58 -6.32
N LYS J 673 29.68 -15.60 -6.08
CA LYS J 673 29.90 -16.63 -7.08
C LYS J 673 28.68 -17.55 -7.14
N ALA J 674 28.34 -17.98 -8.34
CA ALA J 674 27.20 -18.87 -8.51
C ALA J 674 27.45 -20.19 -7.79
N GLY J 675 26.40 -20.76 -7.23
CA GLY J 675 26.52 -22.00 -6.51
C GLY J 675 25.43 -22.11 -5.47
N THR J 676 25.49 -23.21 -4.73
CA THR J 676 24.52 -23.50 -3.68
C THR J 676 25.16 -23.22 -2.33
N TYR J 677 24.54 -22.36 -1.55
CA TYR J 677 25.07 -21.94 -0.26
C TYR J 677 24.13 -22.40 0.85
N GLU J 678 24.71 -22.87 1.94
CA GLU J 678 23.95 -23.40 3.06
C GLU J 678 24.08 -22.47 4.25
N GLY J 679 22.94 -22.11 4.84
CA GLY J 679 22.91 -21.28 6.02
C GLY J 679 22.23 -22.01 7.16
N THR J 680 22.04 -21.28 8.25
CA THR J 680 21.44 -21.86 9.45
C THR J 680 20.83 -20.76 10.29
N VAL J 681 19.65 -21.03 10.82
CA VAL J 681 19.02 -20.19 11.84
C VAL J 681 19.01 -20.98 13.13
N THR J 682 19.67 -20.46 14.16
CA THR J 682 19.77 -21.14 15.44
C THR J 682 18.92 -20.40 16.45
N VAL J 683 18.07 -21.13 17.15
CA VAL J 683 17.17 -20.58 18.14
C VAL J 683 17.61 -21.06 19.51
N ARG J 684 17.90 -20.13 20.40
CA ARG J 684 18.29 -20.43 21.76
C ARG J 684 17.22 -19.95 22.72
N GLU J 685 17.05 -20.68 23.82
CA GLU J 685 16.10 -20.29 24.84
C GLU J 685 16.62 -20.75 26.19
N GLY J 686 16.94 -19.78 27.05
CA GLY J 686 17.36 -20.08 28.40
C GLY J 686 18.38 -21.19 28.52
N GLY J 687 19.57 -20.97 27.97
CA GLY J 687 20.58 -22.00 28.00
C GLY J 687 20.54 -22.85 26.75
N LYS J 688 19.83 -23.97 26.85
CA LYS J 688 19.77 -24.96 25.79
C LYS J 688 19.36 -24.35 24.45
N THR J 689 19.78 -25.01 23.38
CA THR J 689 19.37 -24.66 22.03
C THR J 689 18.11 -25.43 21.66
N VAL J 690 17.08 -24.71 21.21
CA VAL J 690 15.82 -25.37 20.94
C VAL J 690 15.67 -25.79 19.49
N ALA J 691 16.44 -25.23 18.58
CA ALA J 691 16.33 -25.58 17.17
C ALA J 691 17.56 -25.11 16.44
N LYS J 692 17.81 -25.75 15.30
CA LYS J 692 18.88 -25.36 14.37
C LYS J 692 18.30 -25.58 12.97
N VAL J 693 17.73 -24.53 12.41
CA VAL J 693 16.96 -24.62 11.17
C VAL J 693 17.93 -24.55 10.01
N PRO J 694 18.05 -25.59 9.19
CA PRO J 694 18.92 -25.50 8.01
C PRO J 694 18.26 -24.69 6.91
N THR J 695 18.95 -23.68 6.44
CA THR J 695 18.49 -22.87 5.33
C THR J 695 19.41 -23.06 4.14
N LEU J 696 18.93 -22.65 2.97
CA LEU J 696 19.66 -22.87 1.74
C LEU J 696 19.18 -21.88 0.68
N LEU J 697 20.13 -21.38 -0.11
CA LEU J 697 19.79 -20.57 -1.27
C LEU J 697 20.73 -20.94 -2.40
N ILE J 698 20.28 -20.69 -3.62
CA ILE J 698 21.03 -21.00 -4.83
C ILE J 698 21.20 -19.72 -5.62
N VAL J 699 22.39 -19.50 -6.15
CA VAL J 699 22.70 -18.30 -6.91
C VAL J 699 22.84 -18.68 -8.37
N LYS J 700 22.23 -17.88 -9.24
CA LYS J 700 22.15 -18.12 -10.68
C LYS J 700 21.43 -19.45 -10.88
N GLU J 701 21.81 -20.24 -11.87
CA GLU J 701 21.10 -21.48 -12.20
C GLU J 701 21.61 -22.63 -11.37
N PRO J 702 20.72 -23.43 -10.80
CA PRO J 702 21.15 -24.60 -10.04
C PRO J 702 21.88 -25.60 -10.92
N ASP J 703 22.79 -26.35 -10.32
CA ASP J 703 23.62 -27.30 -11.06
C ASP J 703 23.00 -28.70 -11.03
N TYR J 704 21.75 -28.77 -11.40
CA TYR J 704 21.11 -30.07 -11.47
C TYR J 704 21.53 -30.80 -12.72
N PRO J 705 21.42 -32.13 -12.75
CA PRO J 705 21.67 -32.87 -13.99
C PRO J 705 20.67 -32.43 -15.06
N ARG J 706 21.20 -32.01 -16.20
CA ARG J 706 20.33 -31.53 -17.26
C ARG J 706 19.51 -32.65 -17.86
N VAL J 707 20.03 -33.88 -17.85
CA VAL J 707 19.30 -35.05 -18.28
C VAL J 707 19.50 -36.13 -17.22
N THR J 708 18.41 -36.79 -16.83
CA THR J 708 18.43 -37.71 -15.71
C THR J 708 18.47 -39.16 -16.14
N SER J 709 17.57 -39.58 -17.04
CA SER J 709 17.50 -40.97 -17.44
C SER J 709 17.22 -41.05 -18.92
N ILE J 710 17.73 -42.12 -19.54
CA ILE J 710 17.51 -42.44 -20.94
C ILE J 710 17.38 -43.95 -21.07
N ASP J 711 16.42 -44.39 -21.88
CA ASP J 711 16.31 -45.78 -22.25
C ASP J 711 15.86 -45.91 -23.69
N VAL J 712 16.20 -47.04 -24.30
CA VAL J 712 15.88 -47.30 -25.70
C VAL J 712 15.10 -48.61 -25.77
N GLN J 713 13.93 -48.57 -26.38
CA GLN J 713 13.13 -49.76 -26.58
C GLN J 713 12.81 -49.91 -28.05
N ASP J 714 12.31 -51.09 -28.41
CA ASP J 714 11.93 -51.33 -29.80
C ASP J 714 10.67 -50.56 -30.14
N GLY J 715 10.64 -49.98 -31.33
CA GLY J 715 9.49 -49.21 -31.73
C GLY J 715 8.34 -50.07 -32.21
N THR J 716 7.21 -49.41 -32.46
CA THR J 716 6.05 -50.11 -32.99
C THR J 716 6.32 -50.71 -34.36
N THR J 717 7.25 -50.15 -35.11
CA THR J 717 7.65 -50.67 -36.40
C THR J 717 8.95 -51.44 -36.25
N GLN J 718 9.01 -52.63 -36.83
CA GLN J 718 10.21 -53.45 -36.75
C GLN J 718 11.38 -52.73 -37.40
N GLY J 719 12.54 -52.78 -36.74
CA GLY J 719 13.73 -52.11 -37.20
C GLY J 719 13.93 -50.71 -36.68
N THR J 720 12.92 -50.12 -36.06
CA THR J 720 13.01 -48.78 -35.50
C THR J 720 13.02 -48.85 -33.98
N TYR J 721 13.32 -47.72 -33.36
CA TYR J 721 13.52 -47.65 -31.93
C TYR J 721 12.83 -46.41 -31.38
N GLN J 722 12.51 -46.47 -30.09
CA GLN J 722 12.01 -45.32 -29.36
C GLN J 722 12.95 -45.00 -28.21
N ILE J 723 13.35 -43.74 -28.11
CA ILE J 723 14.23 -43.27 -27.07
C ILE J 723 13.38 -42.45 -26.11
N GLU J 724 13.36 -42.84 -24.84
CA GLU J 724 12.64 -42.12 -23.81
C GLU J 724 13.65 -41.54 -22.84
N THR J 725 13.58 -40.23 -22.65
CA THR J 725 14.51 -39.53 -21.79
C THR J 725 13.74 -38.60 -20.86
N TYR J 726 14.36 -38.25 -19.74
CA TYR J 726 13.75 -37.34 -18.78
C TYR J 726 14.62 -36.11 -18.63
N LEU J 727 14.05 -34.94 -18.93
CA LEU J 727 14.77 -33.68 -18.82
C LEU J 727 14.19 -32.88 -17.67
N PRO J 728 14.88 -32.71 -16.56
CA PRO J 728 14.28 -32.03 -15.40
C PRO J 728 13.82 -30.62 -15.69
N ALA J 729 14.51 -29.88 -16.55
CA ALA J 729 14.08 -28.51 -16.83
C ALA J 729 14.18 -28.20 -18.32
N GLY J 730 13.98 -29.18 -19.17
CA GLY J 730 14.11 -28.98 -20.60
C GLY J 730 15.55 -29.00 -21.02
N ALA J 731 15.77 -28.74 -22.30
CA ALA J 731 17.11 -28.74 -22.85
C ALA J 731 17.18 -27.80 -24.02
N GLU J 732 18.13 -26.86 -23.97
CA GLU J 732 18.40 -26.02 -25.12
C GLU J 732 18.90 -26.87 -26.28
N GLU J 733 19.73 -27.86 -25.99
CA GLU J 733 20.20 -28.76 -27.03
C GLU J 733 20.27 -30.17 -26.46
N LEU J 734 19.86 -31.16 -27.25
CA LEU J 734 19.85 -32.54 -26.83
C LEU J 734 20.42 -33.40 -27.93
N ALA J 735 21.36 -34.27 -27.58
CA ALA J 735 22.04 -35.09 -28.57
C ALA J 735 22.09 -36.53 -28.10
N PHE J 736 21.77 -37.45 -29.00
CA PHE J 736 21.87 -38.88 -28.74
C PHE J 736 23.01 -39.42 -29.58
N LEU J 737 23.98 -40.04 -28.91
CA LEU J 737 25.17 -40.60 -29.53
C LEU J 737 25.21 -42.10 -29.26
N VAL J 738 25.78 -42.85 -30.20
CA VAL J 738 25.78 -44.31 -30.14
C VAL J 738 27.19 -44.83 -29.95
N TYR J 739 27.35 -45.80 -29.06
CA TYR J 739 28.62 -46.42 -28.78
C TYR J 739 28.50 -47.93 -28.96
N ASP J 740 29.60 -48.56 -29.39
CA ASP J 740 29.58 -49.99 -29.59
C ASP J 740 29.71 -50.70 -28.24
N SER J 741 29.77 -52.03 -28.27
CA SER J 741 29.93 -52.79 -27.04
C SER J 741 31.25 -52.48 -26.34
N ASN J 742 32.26 -52.04 -27.09
CA ASN J 742 33.54 -51.66 -26.52
C ASN J 742 33.58 -50.19 -26.11
N LEU J 743 32.42 -49.53 -26.09
CA LEU J 743 32.32 -48.13 -25.72
C LEU J 743 33.17 -47.25 -26.63
N ASP J 744 33.17 -47.57 -27.92
CA ASP J 744 33.82 -46.75 -28.93
C ASP J 744 32.77 -45.93 -29.66
N PHE J 745 33.03 -44.64 -29.83
CA PHE J 745 32.05 -43.75 -30.41
C PHE J 745 31.75 -44.14 -31.84
N VAL J 746 30.57 -44.72 -32.07
CA VAL J 746 30.19 -45.11 -33.43
C VAL J 746 29.72 -43.89 -34.22
N GLY J 747 28.86 -43.08 -33.64
CA GLY J 747 28.39 -41.90 -34.33
C GLY J 747 27.28 -41.22 -33.56
N GLN J 748 26.52 -40.40 -34.28
CA GLN J 748 25.55 -39.49 -33.70
C GLN J 748 24.15 -39.90 -34.12
N ALA J 749 23.37 -40.40 -33.17
CA ALA J 749 22.02 -40.85 -33.47
C ALA J 749 21.12 -39.69 -33.84
N GLY J 750 21.01 -38.69 -32.99
CA GLY J 750 20.05 -37.61 -33.23
C GLY J 750 20.43 -36.32 -32.57
N ILE J 751 19.92 -35.22 -33.13
CA ILE J 751 20.10 -33.88 -32.60
C ILE J 751 18.73 -33.21 -32.49
N TYR J 752 18.51 -32.50 -31.40
CA TYR J 752 17.24 -31.82 -31.17
C TYR J 752 17.50 -30.53 -30.43
N LYS J 753 16.61 -29.56 -30.61
CA LYS J 753 16.74 -28.26 -29.99
C LYS J 753 15.43 -27.87 -29.32
N LYS J 754 15.55 -27.08 -28.25
CA LYS J 754 14.40 -26.47 -27.59
C LYS J 754 13.37 -27.51 -27.18
N GLN J 755 13.80 -28.40 -26.30
CA GLN J 755 12.94 -29.47 -25.81
C GLN J 755 12.25 -29.05 -24.53
N ASP J 756 10.99 -29.46 -24.40
CA ASP J 756 10.21 -29.16 -23.21
C ASP J 756 10.59 -30.10 -22.07
N LYS J 757 10.42 -29.62 -20.85
CA LYS J 757 10.82 -30.40 -19.69
C LYS J 757 9.84 -31.54 -19.44
N GLY J 758 10.32 -32.55 -18.72
CA GLY J 758 9.52 -33.72 -18.44
C GLY J 758 10.02 -34.93 -19.20
N TYR J 759 9.11 -35.84 -19.54
CA TYR J 759 9.45 -37.01 -20.33
C TYR J 759 9.36 -36.67 -21.80
N GLN J 760 10.41 -36.99 -22.54
CA GLN J 760 10.48 -36.75 -23.98
C GLN J 760 10.71 -38.07 -24.69
N TYR J 761 10.01 -38.25 -25.81
CA TYR J 761 10.11 -39.46 -26.62
C TYR J 761 10.53 -39.09 -28.02
N PHE J 762 11.48 -39.84 -28.56
CA PHE J 762 12.00 -39.58 -29.89
C PHE J 762 12.05 -40.89 -30.67
N ASP J 763 11.57 -40.86 -31.91
CA ASP J 763 11.66 -42.02 -32.77
C ASP J 763 13.00 -41.99 -33.49
N TRP J 764 13.69 -43.13 -33.49
CA TRP J 764 15.00 -43.24 -34.11
C TRP J 764 14.98 -44.41 -35.09
N ASN J 765 15.37 -44.14 -36.33
CA ASN J 765 15.32 -45.14 -37.37
C ASN J 765 16.49 -46.10 -37.35
N GLY J 766 17.31 -46.07 -36.31
CA GLY J 766 18.43 -46.99 -36.21
C GLY J 766 19.62 -46.62 -37.07
N LYS J 767 19.62 -45.45 -37.70
CA LYS J 767 20.67 -45.05 -38.61
C LYS J 767 21.46 -43.90 -38.02
N VAL J 768 22.78 -43.92 -38.24
CA VAL J 768 23.72 -43.08 -37.52
C VAL J 768 24.26 -42.00 -38.44
N ASN J 769 24.46 -40.81 -37.87
CA ASN J 769 25.03 -39.66 -38.58
C ASN J 769 24.18 -39.25 -39.77
N GLY J 770 22.99 -39.84 -39.90
CA GLY J 770 22.19 -39.62 -41.08
C GLY J 770 22.52 -40.66 -42.14
N ASP J 771 21.54 -41.48 -42.48
CA ASP J 771 21.53 -42.41 -43.61
C ASP J 771 22.61 -43.50 -43.55
N THR J 772 23.33 -43.62 -42.44
CA THR J 772 24.32 -44.68 -42.27
C THR J 772 23.76 -45.71 -41.31
N ALA J 773 23.52 -46.92 -41.80
CA ALA J 773 22.91 -47.97 -40.99
C ALA J 773 23.96 -48.67 -40.13
N LEU J 774 23.55 -49.00 -38.91
CA LEU J 774 24.45 -49.67 -37.98
C LEU J 774 24.64 -51.13 -38.35
N PRO J 775 25.82 -51.69 -38.12
CA PRO J 775 25.98 -53.14 -38.18
C PRO J 775 25.31 -53.80 -36.97
N ALA J 776 24.97 -55.06 -37.15
CA ALA J 776 24.30 -55.81 -36.09
C ALA J 776 25.24 -56.00 -34.90
N GLY J 777 24.69 -55.86 -33.70
CA GLY J 777 25.48 -56.02 -32.50
C GLY J 777 24.77 -55.39 -31.32
N GLU J 778 25.57 -55.11 -30.28
CA GLU J 778 25.08 -54.57 -29.03
C GLU J 778 25.63 -53.15 -28.86
N TYR J 779 24.75 -52.22 -28.48
CA TYR J 779 25.10 -50.81 -28.49
C TYR J 779 24.61 -50.12 -27.22
N TYR J 780 25.30 -49.04 -26.88
CA TYR J 780 24.92 -48.14 -25.80
C TYR J 780 24.56 -46.80 -26.41
N MET J 781 23.73 -46.04 -25.72
CA MET J 781 23.41 -44.70 -26.17
C MET J 781 23.64 -43.70 -25.05
N LEU J 782 24.25 -42.57 -25.41
CA LEU J 782 24.55 -41.49 -24.50
C LEU J 782 23.67 -40.30 -24.84
N ALA J 783 22.99 -39.77 -23.85
CA ALA J 783 22.20 -38.56 -23.99
C ALA J 783 23.00 -37.40 -23.41
N TYR J 784 23.21 -36.37 -24.21
CA TYR J 784 23.92 -35.17 -23.80
C TYR J 784 22.94 -34.02 -23.91
N ALA J 785 22.60 -33.42 -22.77
CA ALA J 785 21.66 -32.32 -22.73
C ALA J 785 22.35 -31.07 -22.21
N ALA J 786 22.19 -29.97 -22.92
CA ALA J 786 22.76 -28.69 -22.53
C ALA J 786 21.62 -27.71 -22.34
N ASN J 787 21.62 -27.04 -21.18
CA ASN J 787 20.54 -26.13 -20.82
C ASN J 787 21.11 -25.08 -19.87
N LYS J 788 20.76 -23.81 -20.13
CA LYS J 788 21.02 -22.70 -19.22
C LYS J 788 22.47 -22.68 -18.74
N GLY J 789 23.38 -22.91 -19.65
CA GLY J 789 24.79 -22.77 -19.36
C GLY J 789 25.44 -23.94 -18.67
N LYS J 790 24.79 -25.09 -18.59
CA LYS J 790 25.45 -26.28 -18.09
C LYS J 790 24.98 -27.48 -18.89
N SER J 791 25.84 -28.47 -19.01
CA SER J 791 25.53 -29.66 -19.79
C SER J 791 25.76 -30.89 -18.93
N SER J 792 24.95 -31.91 -19.19
CA SER J 792 25.03 -33.16 -18.48
C SER J 792 24.86 -34.29 -19.47
N GLN J 793 25.26 -35.48 -19.07
CA GLN J 793 25.16 -36.64 -19.94
C GLN J 793 24.81 -37.86 -19.11
N VAL J 794 24.17 -38.82 -19.76
CA VAL J 794 23.79 -40.06 -19.10
C VAL J 794 23.84 -41.19 -20.12
N LEU J 795 24.37 -42.33 -19.69
CA LEU J 795 24.58 -43.47 -20.56
C LEU J 795 23.54 -44.55 -20.24
N THR J 796 23.04 -45.21 -21.27
CA THR J 796 22.07 -46.28 -21.11
C THR J 796 22.79 -47.52 -20.60
N GLU J 797 22.48 -47.94 -19.38
CA GLU J 797 22.83 -49.29 -18.98
C GLU J 797 21.90 -50.28 -19.68
N LYS J 798 22.26 -51.56 -19.61
CA LYS J 798 21.50 -52.61 -20.31
C LYS J 798 21.47 -52.30 -21.80
N PRO J 799 22.59 -52.54 -22.50
CA PRO J 799 22.69 -52.11 -23.91
C PRO J 799 21.59 -52.71 -24.77
N PHE J 800 21.14 -51.92 -25.74
CA PHE J 800 20.14 -52.37 -26.70
C PHE J 800 20.80 -53.04 -27.89
N ILE J 801 20.04 -53.87 -28.59
CA ILE J 801 20.54 -54.76 -29.62
C ILE J 801 20.03 -54.29 -30.98
N ILE J 802 20.93 -54.24 -31.96
CA ILE J 802 20.55 -53.93 -33.33
C ILE J 802 20.26 -55.22 -34.09
N MET K 158 -3.90 -38.16 -48.85
CA MET K 158 -4.63 -38.94 -47.85
C MET K 158 -3.81 -40.14 -47.39
N ASP K 159 -2.74 -40.44 -48.11
CA ASP K 159 -1.84 -41.51 -47.74
C ASP K 159 -0.63 -41.05 -46.96
N ASP K 160 -0.46 -39.74 -46.77
CA ASP K 160 0.64 -39.20 -46.00
C ASP K 160 0.20 -38.30 -44.86
N SER K 161 -0.93 -37.60 -45.01
CA SER K 161 -1.42 -36.73 -43.95
C SER K 161 -2.03 -37.52 -42.80
N ALA K 162 -2.80 -38.55 -43.11
CA ALA K 162 -3.38 -39.37 -42.05
C ALA K 162 -2.32 -40.06 -41.18
N PRO K 163 -1.26 -40.66 -41.73
CA PRO K 163 -0.18 -41.12 -40.84
C PRO K 163 0.41 -40.00 -40.00
N TYR K 164 0.49 -38.79 -40.55
CA TYR K 164 1.12 -37.70 -39.83
C TYR K 164 0.30 -37.28 -38.62
N ILE K 165 -1.01 -37.13 -38.80
CA ILE K 165 -1.83 -36.71 -37.66
C ILE K 165 -2.04 -37.85 -36.67
N GLY K 166 -1.77 -39.08 -37.07
CA GLY K 166 -1.85 -40.21 -36.16
C GLY K 166 -3.07 -41.07 -36.38
N ALA K 167 -3.59 -41.09 -37.61
CA ALA K 167 -4.80 -41.85 -37.88
C ALA K 167 -4.55 -43.35 -37.82
N ASN K 168 -3.47 -43.82 -38.46
CA ASN K 168 -3.19 -45.24 -38.49
C ASN K 168 -2.97 -45.80 -37.10
N ASP K 169 -2.23 -45.07 -36.26
CA ASP K 169 -1.99 -45.53 -34.90
C ASP K 169 -3.30 -45.69 -34.15
N ALA K 170 -4.23 -44.77 -34.35
CA ALA K 170 -5.55 -44.92 -33.74
C ALA K 170 -6.29 -46.12 -34.31
N TRP K 171 -6.12 -46.40 -35.61
CA TRP K 171 -6.78 -47.55 -36.21
C TRP K 171 -6.31 -48.84 -35.57
N LYS K 172 -5.00 -48.98 -35.38
CA LYS K 172 -4.49 -50.19 -34.76
C LYS K 172 -4.93 -50.34 -33.31
N LEU K 173 -5.42 -49.28 -32.69
CA LEU K 173 -6.06 -49.38 -31.39
C LEU K 173 -7.54 -49.70 -31.50
N GLY K 174 -8.07 -49.83 -32.72
CA GLY K 174 -9.45 -50.14 -32.95
C GLY K 174 -10.34 -48.93 -33.16
N TYR K 175 -9.83 -47.73 -32.90
CA TYR K 175 -10.63 -46.52 -33.02
C TYR K 175 -10.61 -46.06 -34.46
N THR K 176 -11.69 -46.34 -35.19
CA THR K 176 -11.83 -45.93 -36.57
C THR K 176 -13.05 -45.07 -36.83
N GLY K 177 -13.77 -44.67 -35.80
CA GLY K 177 -14.95 -43.86 -35.96
C GLY K 177 -16.25 -44.63 -36.12
N LYS K 178 -16.24 -45.93 -35.86
CA LYS K 178 -17.45 -46.73 -36.03
C LYS K 178 -18.56 -46.24 -35.11
N GLY K 179 -19.76 -46.08 -35.68
CA GLY K 179 -20.92 -45.64 -34.96
C GLY K 179 -21.08 -44.14 -34.94
N VAL K 180 -20.03 -43.40 -35.24
CA VAL K 180 -20.10 -41.95 -35.27
C VAL K 180 -20.64 -41.51 -36.62
N LYS K 181 -21.48 -40.48 -36.60
CA LYS K 181 -22.16 -40.00 -37.79
C LYS K 181 -21.63 -38.61 -38.11
N VAL K 182 -21.12 -38.45 -39.33
CA VAL K 182 -20.51 -37.19 -39.77
C VAL K 182 -21.34 -36.61 -40.91
N ALA K 183 -21.69 -35.34 -40.77
CA ALA K 183 -22.43 -34.61 -41.79
C ALA K 183 -21.48 -33.70 -42.55
N ILE K 184 -21.65 -33.63 -43.85
CA ILE K 184 -20.78 -32.86 -44.74
C ILE K 184 -21.63 -31.80 -45.41
N ILE K 185 -21.63 -30.58 -44.89
CA ILE K 185 -22.42 -29.51 -45.50
C ILE K 185 -21.54 -28.80 -46.53
N ASP K 186 -21.64 -29.26 -47.77
CA ASP K 186 -20.85 -28.75 -48.89
C ASP K 186 -21.72 -28.84 -50.13
N THR K 187 -21.08 -28.80 -51.30
CA THR K 187 -21.77 -28.84 -52.58
C THR K 187 -22.41 -30.17 -52.88
N GLY K 188 -22.47 -31.09 -51.94
CA GLY K 188 -23.01 -32.41 -52.16
C GLY K 188 -21.90 -33.44 -52.33
N VAL K 189 -22.29 -34.70 -52.17
CA VAL K 189 -21.36 -35.82 -52.18
C VAL K 189 -21.82 -36.84 -53.20
N GLU K 190 -20.89 -37.30 -54.03
CA GLU K 190 -21.15 -38.40 -54.94
C GLU K 190 -21.11 -39.69 -54.14
N TYR K 191 -22.26 -40.10 -53.61
CA TYR K 191 -22.32 -41.29 -52.77
C TYR K 191 -22.41 -42.57 -53.58
N LYS K 192 -21.58 -42.69 -54.60
CA LYS K 192 -21.47 -43.91 -55.37
C LYS K 192 -20.03 -44.24 -55.68
N HIS K 193 -19.10 -43.38 -55.28
CA HIS K 193 -17.69 -43.69 -55.37
C HIS K 193 -17.44 -44.97 -54.59
N PRO K 194 -16.74 -45.95 -55.16
CA PRO K 194 -16.53 -47.22 -54.45
C PRO K 194 -15.88 -47.04 -53.10
N ASP K 195 -15.09 -46.00 -52.90
CA ASP K 195 -14.48 -45.72 -51.62
C ASP K 195 -15.45 -45.13 -50.61
N LEU K 196 -16.58 -44.58 -51.08
CA LEU K 196 -17.56 -43.97 -50.20
C LEU K 196 -18.86 -44.75 -50.12
N LYS K 197 -19.00 -45.82 -50.91
CA LYS K 197 -20.30 -46.48 -51.03
C LYS K 197 -20.77 -47.06 -49.71
N LYS K 198 -19.89 -47.75 -48.99
CA LYS K 198 -20.29 -48.45 -47.79
C LYS K 198 -20.34 -47.58 -46.55
N ASN K 199 -19.79 -46.36 -46.62
CA ASN K 199 -19.88 -45.45 -45.49
C ASN K 199 -21.19 -44.69 -45.43
N PHE K 200 -21.96 -44.69 -46.52
CA PHE K 200 -23.24 -44.04 -46.53
C PHE K 200 -24.33 -45.02 -46.12
N GLY K 201 -25.21 -44.59 -45.22
CA GLY K 201 -26.30 -45.43 -44.79
C GLY K 201 -27.41 -45.47 -45.81
N GLN K 202 -28.61 -45.85 -45.38
CA GLN K 202 -29.73 -45.89 -46.31
C GLN K 202 -30.11 -44.47 -46.71
N TYR K 203 -30.33 -43.61 -45.73
CA TYR K 203 -30.66 -42.21 -45.97
C TYR K 203 -29.38 -41.41 -46.16
N LYS K 204 -29.18 -40.89 -47.36
CA LYS K 204 -27.91 -40.26 -47.71
C LYS K 204 -27.82 -38.81 -47.26
N GLY K 205 -28.93 -38.12 -47.16
CA GLY K 205 -28.91 -36.73 -46.76
C GLY K 205 -30.00 -35.97 -47.49
N TYR K 206 -29.76 -34.67 -47.64
CA TYR K 206 -30.74 -33.79 -48.24
C TYR K 206 -30.06 -32.81 -49.19
N ASP K 207 -30.83 -32.30 -50.13
CA ASP K 207 -30.34 -31.41 -51.17
C ASP K 207 -31.17 -30.13 -51.11
N PHE K 208 -30.64 -29.12 -50.42
CA PHE K 208 -31.40 -27.90 -50.18
C PHE K 208 -31.49 -27.00 -51.39
N VAL K 209 -30.51 -27.04 -52.29
CA VAL K 209 -30.59 -26.21 -53.49
C VAL K 209 -31.56 -26.77 -54.52
N ASP K 210 -32.02 -28.00 -54.34
CA ASP K 210 -32.96 -28.62 -55.24
C ASP K 210 -34.19 -29.19 -54.54
N ASN K 211 -34.16 -29.32 -53.22
CA ASN K 211 -35.29 -29.82 -52.44
C ASN K 211 -35.68 -31.24 -52.84
N ASP K 212 -34.69 -32.11 -52.89
CA ASP K 212 -34.92 -33.53 -53.09
C ASP K 212 -33.95 -34.30 -52.21
N TYR K 213 -34.17 -35.61 -52.10
CA TYR K 213 -33.37 -36.45 -51.24
C TYR K 213 -32.20 -37.08 -51.97
N ASP K 214 -31.69 -36.41 -52.99
CA ASP K 214 -30.57 -36.89 -53.79
C ASP K 214 -29.47 -35.84 -53.75
N PRO K 215 -28.58 -35.90 -52.76
CA PRO K 215 -27.52 -34.89 -52.61
C PRO K 215 -26.33 -35.14 -53.52
N GLU K 216 -26.60 -35.43 -54.78
CA GLU K 216 -25.54 -35.61 -55.76
C GLU K 216 -24.88 -34.28 -56.07
N GLU K 217 -23.63 -34.35 -56.51
CA GLU K 217 -22.93 -33.14 -56.90
C GLU K 217 -23.56 -32.54 -58.15
N THR K 218 -23.20 -31.31 -58.44
CA THR K 218 -23.73 -30.63 -59.61
C THR K 218 -23.20 -31.30 -60.87
N PRO K 219 -24.05 -31.76 -61.77
CA PRO K 219 -23.56 -32.45 -62.97
C PRO K 219 -22.88 -31.48 -63.92
N SER K 220 -22.19 -32.00 -64.92
CA SER K 220 -21.62 -31.17 -65.96
C SER K 220 -22.71 -30.68 -66.89
N GLY K 221 -22.60 -29.43 -67.32
CA GLY K 221 -23.60 -28.84 -68.19
C GLY K 221 -24.87 -28.46 -67.45
N ASP K 222 -24.72 -27.60 -66.44
CA ASP K 222 -25.85 -27.09 -65.68
C ASP K 222 -26.02 -25.62 -66.00
N PRO K 223 -27.20 -25.18 -66.44
CA PRO K 223 -27.38 -23.75 -66.78
C PRO K 223 -27.06 -22.80 -65.64
N ARG K 224 -27.31 -23.19 -64.39
CA ARG K 224 -27.14 -22.28 -63.28
C ARG K 224 -25.69 -22.12 -62.84
N GLY K 225 -24.79 -22.99 -63.28
CA GLY K 225 -23.40 -22.88 -62.87
C GLY K 225 -22.50 -23.94 -63.43
N ALA K 226 -21.46 -24.31 -62.68
CA ALA K 226 -20.48 -25.27 -63.12
C ALA K 226 -20.50 -26.50 -62.21
N SER K 227 -20.02 -27.62 -62.74
CA SER K 227 -19.98 -28.85 -61.97
C SER K 227 -19.04 -28.70 -60.78
N THR K 228 -19.34 -29.43 -59.71
CA THR K 228 -18.62 -29.32 -58.46
C THR K 228 -18.08 -30.67 -58.03
N ASP K 229 -16.96 -30.65 -57.31
CA ASP K 229 -16.38 -31.86 -56.74
C ASP K 229 -15.84 -31.63 -55.34
N HIS K 230 -16.15 -30.50 -54.71
CA HIS K 230 -15.59 -30.19 -53.41
C HIS K 230 -16.12 -31.14 -52.34
N GLY K 231 -17.42 -31.39 -52.33
CA GLY K 231 -18.01 -32.19 -51.27
C GLY K 231 -17.53 -33.63 -51.28
N THR K 232 -17.40 -34.22 -52.47
CA THR K 232 -16.91 -35.60 -52.54
C THR K 232 -15.48 -35.68 -52.06
N HIS K 233 -14.66 -34.70 -52.39
CA HIS K 233 -13.28 -34.69 -51.91
C HIS K 233 -13.24 -34.59 -50.40
N VAL K 234 -14.08 -33.72 -49.83
CA VAL K 234 -14.12 -33.57 -48.37
C VAL K 234 -14.56 -34.87 -47.73
N ALA K 235 -15.61 -35.50 -48.26
CA ALA K 235 -16.10 -36.75 -47.69
C ALA K 235 -15.07 -37.86 -47.78
N GLY K 236 -14.33 -37.94 -48.90
CA GLY K 236 -13.27 -38.91 -48.98
C GLY K 236 -12.17 -38.65 -47.97
N THR K 237 -11.85 -37.38 -47.73
CA THR K 237 -10.85 -37.07 -46.72
C THR K 237 -11.32 -37.51 -45.34
N VAL K 238 -12.60 -37.29 -45.03
CA VAL K 238 -13.11 -37.63 -43.70
C VAL K 238 -13.12 -39.14 -43.52
N ALA K 239 -13.89 -39.85 -44.34
CA ALA K 239 -14.12 -41.27 -44.13
C ALA K 239 -14.27 -41.93 -45.50
N ALA K 240 -13.17 -42.44 -46.03
CA ALA K 240 -13.18 -43.20 -47.27
C ALA K 240 -12.51 -44.54 -46.98
N ASN K 241 -13.19 -45.63 -47.31
CA ASN K 241 -12.67 -46.97 -47.08
C ASN K 241 -12.43 -47.62 -48.43
N GLY K 242 -11.18 -48.05 -48.67
CA GLY K 242 -10.85 -48.67 -49.92
C GLY K 242 -9.44 -48.35 -50.37
N THR K 243 -9.29 -47.93 -51.62
CA THR K 243 -7.97 -47.57 -52.12
C THR K 243 -7.37 -46.42 -51.33
N ILE K 244 -8.17 -45.40 -51.05
CA ILE K 244 -7.78 -44.30 -50.18
C ILE K 244 -8.50 -44.47 -48.86
N LYS K 245 -7.77 -44.32 -47.76
CA LYS K 245 -8.33 -44.48 -46.42
C LYS K 245 -8.44 -43.11 -45.76
N GLY K 246 -9.67 -42.71 -45.42
CA GLY K 246 -9.88 -41.45 -44.76
C GLY K 246 -9.43 -41.51 -43.32
N VAL K 247 -9.58 -40.39 -42.63
CA VAL K 247 -9.10 -40.29 -41.26
C VAL K 247 -9.87 -41.25 -40.35
N ALA K 248 -11.18 -41.39 -40.59
CA ALA K 248 -12.04 -42.23 -39.78
C ALA K 248 -12.81 -43.17 -40.69
N PRO K 249 -12.16 -44.16 -41.26
CA PRO K 249 -12.78 -44.94 -42.35
C PRO K 249 -13.79 -45.95 -41.84
N ASP K 250 -14.62 -45.56 -40.88
CA ASP K 250 -15.74 -46.40 -40.45
C ASP K 250 -16.95 -45.57 -40.08
N ALA K 251 -16.90 -44.25 -40.22
CA ALA K 251 -17.97 -43.38 -39.79
C ALA K 251 -19.06 -43.32 -40.85
N THR K 252 -20.30 -43.25 -40.39
CA THR K 252 -21.42 -43.02 -41.29
C THR K 252 -21.39 -41.59 -41.78
N LEU K 253 -21.85 -41.38 -43.02
CA LEU K 253 -21.78 -40.08 -43.64
C LEU K 253 -23.18 -39.62 -44.02
N LEU K 254 -23.40 -38.31 -43.93
CA LEU K 254 -24.61 -37.67 -44.43
C LEU K 254 -24.21 -36.50 -45.30
N ALA K 255 -24.83 -36.38 -46.46
CA ALA K 255 -24.54 -35.31 -47.39
C ALA K 255 -25.66 -34.29 -47.40
N TYR K 256 -25.29 -33.02 -47.37
CA TYR K 256 -26.25 -31.93 -47.36
C TYR K 256 -25.81 -30.93 -48.41
N ARG K 257 -26.47 -30.96 -49.57
CA ARG K 257 -26.13 -30.05 -50.66
C ARG K 257 -26.76 -28.70 -50.38
N VAL K 258 -25.96 -27.78 -49.85
CA VAL K 258 -26.43 -26.41 -49.61
C VAL K 258 -25.81 -25.41 -50.56
N LEU K 259 -24.67 -25.73 -51.17
CA LEU K 259 -24.02 -24.84 -52.13
C LEU K 259 -24.42 -25.29 -53.53
N GLY K 260 -25.04 -24.39 -54.28
CA GLY K 260 -25.54 -24.72 -55.59
C GLY K 260 -24.42 -24.83 -56.60
N PRO K 261 -24.80 -24.89 -57.88
CA PRO K 261 -23.78 -24.94 -58.94
C PRO K 261 -22.89 -23.70 -58.88
N GLY K 262 -21.60 -23.92 -59.11
CA GLY K 262 -20.61 -22.88 -59.02
C GLY K 262 -20.00 -22.72 -57.64
N GLY K 263 -20.53 -23.40 -56.64
CA GLY K 263 -20.02 -23.33 -55.29
C GLY K 263 -20.58 -22.21 -54.44
N SER K 264 -21.63 -21.54 -54.89
CA SER K 264 -22.23 -20.43 -54.17
C SER K 264 -23.56 -20.86 -53.58
N GLY K 265 -23.80 -20.45 -52.33
CA GLY K 265 -25.04 -20.82 -51.66
C GLY K 265 -25.53 -19.76 -50.71
N THR K 266 -26.86 -19.64 -50.59
CA THR K 266 -27.44 -18.65 -49.70
C THR K 266 -27.16 -19.01 -48.25
N THR K 267 -27.09 -17.98 -47.41
CA THR K 267 -26.89 -18.20 -45.98
C THR K 267 -28.04 -19.01 -45.37
N GLU K 268 -29.26 -18.75 -45.82
CA GLU K 268 -30.40 -19.50 -45.31
C GLU K 268 -30.29 -20.98 -45.59
N ASN K 269 -29.79 -21.35 -46.77
CA ASN K 269 -29.56 -22.77 -47.06
C ASN K 269 -28.52 -23.39 -46.14
N VAL K 270 -27.45 -22.66 -45.81
CA VAL K 270 -26.45 -23.20 -44.92
C VAL K 270 -27.02 -23.38 -43.52
N ILE K 271 -27.82 -22.41 -43.05
CA ILE K 271 -28.45 -22.56 -41.74
C ILE K 271 -29.39 -23.75 -41.74
N ALA K 272 -30.17 -23.92 -42.81
CA ALA K 272 -31.06 -25.06 -42.91
C ALA K 272 -30.28 -26.36 -42.91
N GLY K 273 -29.14 -26.40 -43.59
CA GLY K 273 -28.31 -27.59 -43.61
C GLY K 273 -27.78 -27.93 -42.24
N ILE K 274 -27.33 -26.92 -41.50
CA ILE K 274 -26.82 -27.15 -40.16
C ILE K 274 -27.92 -27.69 -39.26
N GLU K 275 -29.10 -27.06 -39.30
CA GLU K 275 -30.20 -27.52 -38.46
C GLU K 275 -30.68 -28.91 -38.83
N ARG K 276 -30.74 -29.23 -40.13
CA ARG K 276 -31.13 -30.56 -40.54
C ARG K 276 -30.09 -31.60 -40.18
N ALA K 277 -28.81 -31.24 -40.21
CA ALA K 277 -27.78 -32.16 -39.74
C ALA K 277 -27.90 -32.42 -38.25
N VAL K 278 -28.29 -31.41 -37.47
CA VAL K 278 -28.56 -31.64 -36.06
C VAL K 278 -29.78 -32.54 -35.89
N GLN K 279 -30.80 -32.35 -36.73
CA GLN K 279 -31.96 -33.24 -36.70
C GLN K 279 -31.56 -34.69 -36.91
N ASP K 280 -30.77 -34.95 -37.95
CA ASP K 280 -30.49 -36.31 -38.37
C ASP K 280 -29.53 -37.03 -37.44
N GLY K 281 -29.23 -36.48 -36.28
CA GLY K 281 -28.40 -37.16 -35.32
C GLY K 281 -26.92 -37.17 -35.62
N ALA K 282 -26.46 -36.31 -36.51
CA ALA K 282 -25.04 -36.25 -36.80
C ALA K 282 -24.26 -35.88 -35.55
N ASP K 283 -23.20 -36.65 -35.27
CA ASP K 283 -22.36 -36.36 -34.12
C ASP K 283 -21.25 -35.37 -34.45
N VAL K 284 -20.75 -35.39 -35.68
CA VAL K 284 -19.72 -34.47 -36.12
C VAL K 284 -20.22 -33.76 -37.36
N MET K 285 -19.91 -32.49 -37.49
CA MET K 285 -20.39 -31.66 -38.57
C MET K 285 -19.20 -31.00 -39.24
N ASN K 286 -19.21 -30.94 -40.57
CA ASN K 286 -18.09 -30.39 -41.31
C ASN K 286 -18.58 -29.29 -42.25
N LEU K 287 -18.02 -28.10 -42.08
CA LEU K 287 -18.33 -26.95 -42.93
C LEU K 287 -17.03 -26.46 -43.59
N SER K 288 -16.86 -26.80 -44.86
CA SER K 288 -15.75 -26.31 -45.66
C SER K 288 -16.17 -25.15 -46.55
N LEU K 289 -17.21 -24.44 -46.17
CA LEU K 289 -17.66 -23.24 -46.86
C LEU K 289 -17.32 -22.02 -46.02
N GLY K 290 -17.72 -20.85 -46.51
CA GLY K 290 -17.55 -19.64 -45.74
C GLY K 290 -17.29 -18.41 -46.57
N ASN K 291 -17.83 -17.28 -46.14
CA ASN K 291 -17.56 -16.01 -46.80
C ASN K 291 -16.34 -15.37 -46.12
N SER K 292 -16.09 -14.09 -46.38
CA SER K 292 -14.90 -13.43 -45.86
C SER K 292 -15.29 -12.20 -45.05
N VAL K 293 -16.27 -12.34 -44.18
CA VAL K 293 -16.66 -11.28 -43.26
C VAL K 293 -16.21 -11.67 -41.86
N ASN K 294 -15.28 -10.90 -41.30
CA ASN K 294 -14.75 -11.16 -39.97
C ASN K 294 -15.74 -10.65 -38.93
N ASN K 295 -16.85 -11.38 -38.81
CA ASN K 295 -17.90 -11.04 -37.85
C ASN K 295 -18.24 -12.28 -37.05
N PRO K 296 -18.05 -12.28 -35.73
CA PRO K 296 -18.38 -13.47 -34.94
C PRO K 296 -19.87 -13.71 -34.82
N ASP K 297 -20.70 -12.75 -35.16
CA ASP K 297 -22.15 -12.86 -35.04
C ASP K 297 -22.82 -12.89 -36.40
N TRP K 298 -22.18 -13.54 -37.36
CA TRP K 298 -22.87 -13.83 -38.60
C TRP K 298 -23.90 -14.92 -38.37
N ALA K 299 -24.85 -15.02 -39.30
CA ALA K 299 -25.92 -16.00 -39.13
C ALA K 299 -25.37 -17.42 -39.10
N THR K 300 -24.42 -17.73 -39.97
CA THR K 300 -23.83 -19.06 -39.99
C THR K 300 -23.02 -19.35 -38.73
N SER K 301 -22.44 -18.33 -38.10
CA SER K 301 -21.74 -18.53 -36.84
C SER K 301 -22.70 -18.72 -35.68
N THR K 302 -23.81 -18.00 -35.66
CA THR K 302 -24.83 -18.23 -34.64
C THR K 302 -25.41 -19.63 -34.77
N ALA K 303 -25.69 -20.07 -36.00
CA ALA K 303 -26.16 -21.43 -36.20
C ALA K 303 -25.15 -22.46 -35.75
N LEU K 304 -23.86 -22.20 -35.95
CA LEU K 304 -22.83 -23.13 -35.52
C LEU K 304 -22.67 -23.15 -34.01
N ASP K 305 -22.92 -22.03 -33.34
CA ASP K 305 -22.95 -22.01 -31.89
C ASP K 305 -24.22 -22.61 -31.31
N TRP K 306 -25.30 -22.70 -32.10
CA TRP K 306 -26.48 -23.41 -31.63
C TRP K 306 -26.19 -24.89 -31.52
N ALA K 307 -25.63 -25.48 -32.58
CA ALA K 307 -24.93 -26.75 -32.41
C ALA K 307 -23.69 -26.51 -31.55
N MET K 308 -23.02 -27.59 -31.18
CA MET K 308 -21.95 -27.55 -30.17
C MET K 308 -22.57 -27.26 -28.81
N SER K 309 -23.87 -26.97 -28.81
CA SER K 309 -24.68 -26.97 -27.60
C SER K 309 -25.80 -27.97 -27.66
N GLU K 310 -26.23 -28.38 -28.86
CA GLU K 310 -27.07 -29.57 -29.01
C GLU K 310 -26.20 -30.79 -29.28
N GLY K 311 -25.13 -30.92 -28.49
CA GLY K 311 -24.27 -32.10 -28.52
C GLY K 311 -23.67 -32.47 -29.85
N VAL K 312 -23.42 -31.52 -30.73
CA VAL K 312 -22.87 -31.82 -32.06
C VAL K 312 -21.60 -31.03 -32.25
N THR K 313 -20.48 -31.74 -32.36
CA THR K 313 -19.20 -31.09 -32.65
C THR K 313 -19.23 -30.48 -34.05
N ALA K 314 -18.71 -29.26 -34.17
CA ALA K 314 -18.76 -28.52 -35.42
C ALA K 314 -17.35 -28.10 -35.81
N VAL K 315 -16.86 -28.64 -36.92
CA VAL K 315 -15.54 -28.32 -37.44
C VAL K 315 -15.71 -27.54 -38.73
N THR K 316 -15.02 -26.41 -38.83
CA THR K 316 -15.16 -25.53 -39.97
C THR K 316 -13.79 -25.05 -40.43
N SER K 317 -13.73 -24.72 -41.71
CA SER K 317 -12.50 -24.15 -42.25
C SER K 317 -12.33 -22.71 -41.78
N ASN K 318 -11.07 -22.30 -41.67
CA ASN K 318 -10.76 -20.93 -41.30
C ASN K 318 -10.98 -19.95 -42.45
N GLY K 319 -10.91 -20.41 -43.68
CA GLY K 319 -11.00 -19.56 -44.85
C GLY K 319 -9.69 -19.51 -45.61
N ASN K 320 -9.79 -19.00 -46.84
CA ASN K 320 -8.67 -18.99 -47.77
C ASN K 320 -8.32 -17.54 -48.08
N SER K 321 -7.48 -16.94 -47.25
CA SER K 321 -7.00 -15.59 -47.48
C SER K 321 -5.53 -15.54 -47.15
N GLY K 322 -4.80 -14.71 -47.89
CA GLY K 322 -3.36 -14.66 -47.81
C GLY K 322 -2.86 -14.36 -46.43
N PRO K 323 -1.55 -14.33 -46.26
CA PRO K 323 -1.01 -14.16 -44.91
C PRO K 323 -1.28 -12.75 -44.43
N ASN K 324 -2.28 -12.61 -43.57
CA ASN K 324 -2.75 -11.31 -43.15
C ASN K 324 -3.68 -11.49 -41.96
N ASN K 325 -3.46 -10.76 -40.89
CA ASN K 325 -4.32 -10.89 -39.72
C ASN K 325 -5.70 -10.33 -40.03
N TRP K 326 -6.68 -10.77 -39.24
CA TRP K 326 -8.04 -10.29 -39.33
C TRP K 326 -8.73 -10.67 -40.64
N THR K 327 -8.39 -11.84 -41.19
CA THR K 327 -8.98 -12.27 -42.46
C THR K 327 -9.77 -13.57 -42.31
N VAL K 328 -10.13 -13.95 -41.09
CA VAL K 328 -10.83 -15.21 -40.87
C VAL K 328 -12.27 -15.07 -41.34
N GLY K 329 -12.81 -16.15 -41.92
CA GLY K 329 -14.12 -16.11 -42.54
C GLY K 329 -15.26 -16.13 -41.55
N SER K 330 -16.48 -16.12 -42.09
CA SER K 330 -17.65 -15.90 -41.24
C SER K 330 -18.00 -17.11 -40.38
N PRO K 331 -18.26 -18.29 -40.94
CA PRO K 331 -18.55 -19.45 -40.07
C PRO K 331 -17.38 -19.82 -39.20
N GLY K 332 -16.16 -19.49 -39.62
CA GLY K 332 -14.98 -19.83 -38.84
C GLY K 332 -14.66 -18.79 -37.79
N THR K 333 -15.57 -17.85 -37.56
CA THR K 333 -15.43 -16.89 -36.47
C THR K 333 -16.32 -17.23 -35.30
N SER K 334 -17.03 -18.35 -35.36
CA SER K 334 -17.95 -18.72 -34.29
C SER K 334 -17.19 -18.96 -33.00
N ARG K 335 -17.83 -18.61 -31.89
CA ARG K 335 -17.17 -18.72 -30.59
C ARG K 335 -16.97 -20.17 -30.19
N GLU K 336 -17.89 -21.06 -30.53
CA GLU K 336 -17.81 -22.46 -30.14
C GLU K 336 -17.85 -23.32 -31.40
N ALA K 337 -16.68 -23.50 -32.01
CA ALA K 337 -16.53 -24.39 -33.14
C ALA K 337 -15.04 -24.51 -33.44
N ILE K 338 -14.61 -25.70 -33.85
CA ILE K 338 -13.20 -25.91 -34.12
C ILE K 338 -12.92 -25.38 -35.52
N SER K 339 -12.20 -24.26 -35.59
CA SER K 339 -11.77 -23.70 -36.87
C SER K 339 -10.38 -24.20 -37.19
N VAL K 340 -10.18 -24.63 -38.42
CA VAL K 340 -8.95 -25.32 -38.81
C VAL K 340 -8.22 -24.51 -39.86
N GLY K 341 -6.93 -24.31 -39.65
CA GLY K 341 -6.04 -23.77 -40.65
C GLY K 341 -5.29 -24.87 -41.37
N ALA K 342 -4.62 -24.47 -42.45
CA ALA K 342 -3.97 -25.43 -43.35
C ALA K 342 -2.46 -25.40 -43.16
N THR K 343 -1.85 -26.57 -43.20
CA THR K 343 -0.41 -26.71 -43.07
C THR K 343 0.15 -27.52 -44.23
N GLN K 344 1.44 -27.33 -44.48
CA GLN K 344 2.17 -28.12 -45.47
C GLN K 344 2.94 -29.21 -44.74
N LEU K 345 2.85 -30.43 -45.25
CA LEU K 345 3.57 -31.53 -44.64
C LEU K 345 5.07 -31.34 -44.83
N PRO K 346 5.88 -31.90 -43.93
CA PRO K 346 7.33 -31.72 -44.04
C PRO K 346 7.86 -32.26 -45.36
N LEU K 347 8.43 -31.37 -46.16
CA LEU K 347 8.96 -31.72 -47.47
C LEU K 347 10.45 -31.41 -47.52
N ASN K 348 11.14 -32.15 -48.38
CA ASN K 348 12.58 -32.04 -48.50
C ASN K 348 12.97 -31.03 -49.57
N LYS K 477 17.60 -28.59 -48.08
CA LYS K 477 17.15 -28.17 -46.77
C LYS K 477 15.74 -28.67 -46.47
N SER K 478 15.67 -29.82 -45.81
CA SER K 478 14.38 -30.37 -45.41
C SER K 478 13.69 -29.47 -44.39
N LEU K 479 12.41 -29.21 -44.61
CA LEU K 479 11.62 -28.36 -43.74
C LEU K 479 10.67 -29.19 -42.90
N THR K 480 10.34 -28.66 -41.73
CA THR K 480 9.32 -29.27 -40.88
C THR K 480 7.95 -28.82 -41.37
N GLU K 481 6.92 -29.09 -40.58
CA GLU K 481 5.58 -28.65 -40.95
C GLU K 481 5.50 -27.13 -40.97
N GLN K 482 4.76 -26.61 -41.93
CA GLN K 482 4.69 -25.17 -42.13
C GLN K 482 3.28 -24.79 -42.51
N MET K 483 2.81 -23.66 -42.00
CA MET K 483 1.48 -23.22 -42.37
C MET K 483 1.48 -22.68 -43.79
N ALA K 484 0.45 -23.05 -44.55
CA ALA K 484 0.28 -22.52 -45.88
C ALA K 484 -0.02 -21.02 -45.82
N ASP K 485 0.34 -20.32 -46.88
CA ASP K 485 0.22 -18.86 -46.91
C ASP K 485 -1.14 -18.41 -47.42
N PHE K 486 -2.10 -19.31 -47.54
CA PHE K 486 -3.45 -18.92 -47.89
C PHE K 486 -4.44 -19.12 -46.74
N SER K 487 -4.00 -19.66 -45.61
CA SER K 487 -4.90 -19.82 -44.48
C SER K 487 -5.27 -18.46 -43.92
N SER K 488 -6.55 -18.26 -43.67
CA SER K 488 -6.98 -17.03 -43.02
C SER K 488 -6.44 -16.99 -41.61
N ARG K 489 -6.22 -15.78 -41.11
CA ARG K 489 -5.61 -15.58 -39.82
C ARG K 489 -6.50 -14.70 -38.96
N GLY K 490 -6.49 -14.96 -37.66
CA GLY K 490 -7.27 -14.19 -36.74
C GLY K 490 -6.61 -12.87 -36.42
N PRO K 491 -7.04 -12.21 -35.35
CA PRO K 491 -8.10 -12.58 -34.43
C PRO K 491 -9.48 -12.29 -34.98
N VAL K 492 -10.52 -12.70 -34.26
CA VAL K 492 -11.88 -12.34 -34.66
C VAL K 492 -12.19 -10.93 -34.19
N MET K 493 -12.92 -10.18 -35.01
CA MET K 493 -13.30 -8.84 -34.66
C MET K 493 -14.34 -8.87 -33.55
N ASP K 494 -14.30 -7.87 -32.68
CA ASP K 494 -15.32 -7.63 -31.67
C ASP K 494 -15.29 -8.65 -30.54
N THR K 495 -14.51 -9.72 -30.70
CA THR K 495 -14.24 -10.65 -29.62
C THR K 495 -12.78 -10.93 -29.42
N TRP K 496 -11.92 -10.60 -30.39
CA TRP K 496 -10.47 -10.73 -30.25
C TRP K 496 -10.06 -12.16 -29.94
N MET K 497 -10.88 -13.11 -30.35
CA MET K 497 -10.60 -14.52 -30.10
C MET K 497 -9.51 -15.01 -31.03
N ILE K 498 -8.68 -15.92 -30.54
CA ILE K 498 -7.59 -16.47 -31.34
C ILE K 498 -8.16 -17.47 -32.33
N LYS K 499 -7.91 -17.25 -33.61
CA LYS K 499 -8.30 -18.21 -34.64
C LYS K 499 -7.19 -18.26 -35.68
N PRO K 500 -6.97 -19.42 -36.31
CA PRO K 500 -7.72 -20.68 -36.26
C PRO K 500 -7.63 -21.35 -34.90
N ASP K 501 -8.52 -22.27 -34.57
CA ASP K 501 -8.36 -22.98 -33.32
C ASP K 501 -7.25 -24.01 -33.41
N VAL K 502 -7.22 -24.80 -34.48
CA VAL K 502 -6.17 -25.79 -34.68
C VAL K 502 -5.79 -25.77 -36.15
N SER K 503 -4.59 -26.24 -36.47
CA SER K 503 -4.19 -26.42 -37.86
C SER K 503 -4.07 -27.91 -38.18
N ALA K 504 -4.17 -28.22 -39.47
CA ALA K 504 -4.14 -29.59 -39.94
C ALA K 504 -3.60 -29.61 -41.36
N PRO K 505 -3.13 -30.75 -41.84
CA PRO K 505 -2.60 -30.81 -43.21
C PRO K 505 -3.68 -30.46 -44.23
N GLY K 506 -3.41 -29.45 -45.03
CA GLY K 506 -4.38 -29.00 -46.01
C GLY K 506 -3.80 -28.56 -47.33
N VAL K 507 -2.60 -29.02 -47.65
CA VAL K 507 -1.94 -28.68 -48.90
C VAL K 507 -1.65 -29.97 -49.66
N ASN K 508 -2.10 -30.03 -50.91
CA ASN K 508 -1.87 -31.17 -51.78
C ASN K 508 -2.45 -32.45 -51.16
N ILE K 509 -3.76 -32.43 -50.96
CA ILE K 509 -4.48 -33.57 -50.39
C ILE K 509 -5.17 -34.29 -51.53
N VAL K 510 -4.85 -35.57 -51.70
CA VAL K 510 -5.50 -36.38 -52.73
C VAL K 510 -6.66 -37.14 -52.10
N SER K 511 -7.78 -37.17 -52.79
CA SER K 511 -8.97 -37.80 -52.25
C SER K 511 -9.95 -38.07 -53.38
N THR K 512 -11.05 -38.71 -53.03
CA THR K 512 -12.03 -39.15 -54.02
C THR K 512 -12.74 -37.97 -54.65
N ILE K 513 -12.86 -37.99 -55.98
CA ILE K 513 -13.60 -36.97 -56.71
C ILE K 513 -14.48 -37.65 -57.76
N PRO K 514 -15.56 -36.99 -58.19
CA PRO K 514 -16.20 -37.42 -59.42
C PRO K 514 -15.52 -36.80 -60.62
N THR K 515 -15.25 -37.62 -61.62
CA THR K 515 -14.63 -37.13 -62.84
C THR K 515 -15.63 -36.46 -63.77
N HIS K 516 -16.92 -36.56 -63.48
CA HIS K 516 -17.97 -36.01 -64.31
C HIS K 516 -17.85 -36.52 -65.75
N ASP K 517 -17.44 -37.78 -65.87
CA ASP K 517 -17.28 -38.45 -67.15
C ASP K 517 -18.11 -39.72 -67.12
N PRO K 518 -19.10 -39.88 -67.99
CA PRO K 518 -19.90 -41.12 -67.99
C PRO K 518 -19.08 -42.37 -68.21
N ALA K 519 -17.94 -42.28 -68.90
CA ALA K 519 -17.10 -43.45 -69.12
C ALA K 519 -16.57 -44.01 -67.80
N ASP K 520 -16.08 -43.14 -66.93
CA ASP K 520 -15.65 -43.53 -65.59
C ASP K 520 -15.92 -42.36 -64.65
N PRO K 521 -16.98 -42.45 -63.85
CA PRO K 521 -17.41 -41.27 -63.09
C PRO K 521 -16.62 -41.01 -61.82
N TYR K 522 -15.84 -41.97 -61.34
CA TYR K 522 -15.15 -41.84 -60.06
C TYR K 522 -13.63 -41.88 -60.27
N GLY K 523 -12.94 -41.04 -59.52
CA GLY K 523 -11.50 -41.02 -59.61
C GLY K 523 -10.91 -40.36 -58.38
N TYR K 524 -9.64 -40.01 -58.47
CA TYR K 524 -8.95 -39.34 -57.38
C TYR K 524 -8.31 -38.06 -57.88
N GLY K 525 -8.32 -37.05 -57.01
CA GLY K 525 -7.79 -35.76 -57.39
C GLY K 525 -7.16 -35.08 -56.19
N SER K 526 -6.22 -34.21 -56.48
CA SER K 526 -5.46 -33.50 -55.46
C SER K 526 -5.97 -32.06 -55.40
N LYS K 527 -6.48 -31.67 -54.24
CA LYS K 527 -6.94 -30.31 -54.02
C LYS K 527 -6.23 -29.74 -52.80
N GLN K 528 -6.20 -28.42 -52.73
CA GLN K 528 -5.52 -27.69 -51.68
C GLN K 528 -6.41 -26.57 -51.18
N GLY K 529 -6.33 -26.29 -49.90
CA GLY K 529 -7.11 -25.22 -49.33
C GLY K 529 -7.39 -25.46 -47.88
N THR K 530 -7.68 -24.36 -47.18
CA THR K 530 -8.10 -24.46 -45.78
C THR K 530 -9.37 -25.27 -45.65
N SER K 531 -10.20 -25.27 -46.70
CA SER K 531 -11.41 -26.07 -46.70
C SER K 531 -11.11 -27.56 -46.67
N MET K 532 -9.88 -27.96 -46.97
CA MET K 532 -9.51 -29.36 -46.86
C MET K 532 -8.60 -29.68 -45.69
N ALA K 533 -8.32 -28.71 -44.83
CA ALA K 533 -7.73 -29.03 -43.55
C ALA K 533 -8.79 -29.43 -42.53
N SER K 534 -9.97 -28.83 -42.61
CA SER K 534 -11.03 -29.17 -41.67
C SER K 534 -11.46 -30.63 -41.72
N PRO K 535 -11.55 -31.30 -42.87
CA PRO K 535 -11.97 -32.72 -42.83
C PRO K 535 -11.06 -33.60 -42.01
N HIS K 536 -9.77 -33.29 -41.94
CA HIS K 536 -8.89 -34.06 -41.07
C HIS K 536 -9.34 -33.93 -39.62
N VAL K 537 -9.66 -32.72 -39.18
CA VAL K 537 -10.10 -32.54 -37.81
C VAL K 537 -11.48 -33.14 -37.59
N ALA K 538 -12.33 -33.15 -38.61
CA ALA K 538 -13.63 -33.81 -38.47
C ALA K 538 -13.45 -35.31 -38.28
N GLY K 539 -12.57 -35.92 -39.06
CA GLY K 539 -12.27 -37.33 -38.86
C GLY K 539 -11.65 -37.59 -37.51
N ALA K 540 -10.76 -36.70 -37.07
CA ALA K 540 -10.17 -36.84 -35.75
C ALA K 540 -11.23 -36.77 -34.66
N ALA K 541 -12.18 -35.86 -34.80
CA ALA K 541 -13.26 -35.76 -33.83
C ALA K 541 -14.12 -37.00 -33.83
N ALA K 542 -14.37 -37.57 -35.00
CA ALA K 542 -15.13 -38.82 -35.06
C ALA K 542 -14.38 -39.94 -34.34
N VAL K 543 -13.08 -40.05 -34.59
CA VAL K 543 -12.29 -41.09 -33.94
C VAL K 543 -12.30 -40.91 -32.43
N ILE K 544 -12.11 -39.67 -31.98
CA ILE K 544 -12.09 -39.40 -30.54
C ILE K 544 -13.44 -39.72 -29.93
N LYS K 545 -14.53 -39.33 -30.59
CA LYS K 545 -15.85 -39.60 -30.07
C LYS K 545 -16.11 -41.10 -29.97
N GLN K 546 -15.55 -41.88 -30.90
CA GLN K 546 -15.61 -43.33 -30.71
C GLN K 546 -14.79 -43.76 -29.51
N ALA K 547 -13.62 -43.15 -29.32
CA ALA K 547 -12.75 -43.55 -28.21
C ALA K 547 -13.29 -43.07 -26.87
N LYS K 548 -13.75 -41.82 -26.80
CA LYS K 548 -14.30 -41.25 -25.59
C LYS K 548 -15.76 -40.92 -25.80
N PRO K 549 -16.67 -41.86 -25.55
CA PRO K 549 -18.08 -41.63 -25.89
C PRO K 549 -18.78 -40.65 -24.97
N LYS K 550 -18.17 -40.27 -23.86
CA LYS K 550 -18.83 -39.40 -22.89
C LYS K 550 -18.41 -37.94 -23.02
N TRP K 551 -17.48 -37.63 -23.91
CA TRP K 551 -17.00 -36.26 -24.01
C TRP K 551 -18.00 -35.37 -24.73
N SER K 552 -18.19 -34.17 -24.21
CA SER K 552 -19.05 -33.18 -24.82
C SER K 552 -18.34 -32.56 -26.02
N PRO K 553 -19.04 -31.84 -26.89
CA PRO K 553 -18.34 -31.18 -28.01
C PRO K 553 -17.26 -30.21 -27.54
N GLU K 554 -17.47 -29.49 -26.45
CA GLU K 554 -16.44 -28.60 -25.94
C GLU K 554 -15.27 -29.36 -25.36
N GLN K 555 -15.49 -30.52 -24.76
CA GLN K 555 -14.41 -31.35 -24.28
C GLN K 555 -13.56 -31.89 -25.41
N ILE K 556 -14.18 -32.28 -26.53
CA ILE K 556 -13.41 -32.71 -27.69
C ILE K 556 -12.58 -31.56 -28.24
N LYS K 557 -13.17 -30.37 -28.31
CA LYS K 557 -12.42 -29.22 -28.79
C LYS K 557 -11.23 -28.93 -27.88
N ALA K 558 -11.43 -29.00 -26.57
CA ALA K 558 -10.34 -28.79 -25.64
C ALA K 558 -9.29 -29.88 -25.71
N ALA K 559 -9.66 -31.12 -26.01
CA ALA K 559 -8.70 -32.19 -26.12
C ALA K 559 -7.88 -32.11 -27.40
N LEU K 560 -8.50 -31.77 -28.52
CA LEU K 560 -7.73 -31.53 -29.73
C LEU K 560 -6.79 -30.35 -29.56
N MET K 561 -7.28 -29.28 -28.93
CA MET K 561 -6.51 -28.05 -28.84
C MET K 561 -5.40 -28.16 -27.82
N ASN K 562 -5.57 -28.98 -26.80
CA ASN K 562 -4.58 -29.10 -25.74
C ASN K 562 -3.35 -29.86 -26.22
N THR K 563 -3.55 -30.96 -26.91
CA THR K 563 -2.47 -31.84 -27.36
C THR K 563 -2.23 -31.54 -28.83
N ALA K 564 -1.47 -30.48 -29.09
CA ALA K 564 -1.16 -30.06 -30.44
C ALA K 564 0.27 -29.58 -30.50
N GLU K 565 0.97 -29.92 -31.58
CA GLU K 565 2.39 -29.60 -31.72
C GLU K 565 2.56 -28.22 -32.30
N THR K 566 3.25 -27.35 -31.58
CA THR K 566 3.56 -26.03 -32.08
C THR K 566 4.45 -26.13 -33.33
N LEU K 567 4.23 -25.23 -34.27
CA LEU K 567 4.92 -25.25 -35.56
C LEU K 567 5.88 -24.07 -35.63
N THR K 568 7.11 -24.34 -36.05
CA THR K 568 8.08 -23.29 -36.30
C THR K 568 8.29 -23.12 -37.80
N ASP K 569 8.54 -21.89 -38.21
CA ASP K 569 8.71 -21.59 -39.63
C ASP K 569 10.12 -21.99 -40.07
N ALA K 570 10.50 -21.57 -41.28
CA ALA K 570 11.77 -21.99 -41.83
C ALA K 570 12.95 -21.47 -41.02
N ASP K 571 12.91 -20.19 -40.62
CA ASP K 571 14.03 -19.61 -39.90
C ASP K 571 14.19 -20.23 -38.52
N GLY K 572 13.08 -20.57 -37.88
CA GLY K 572 13.13 -21.19 -36.57
C GLY K 572 12.29 -20.46 -35.54
N ASP K 573 11.41 -19.58 -36.00
CA ASP K 573 10.54 -18.83 -35.12
C ASP K 573 9.17 -19.49 -35.06
N VAL K 574 8.61 -19.57 -33.85
CA VAL K 574 7.28 -20.12 -33.69
C VAL K 574 6.29 -19.25 -34.44
N TYR K 575 5.40 -19.88 -35.20
CA TYR K 575 4.38 -19.15 -35.91
C TYR K 575 3.49 -18.41 -34.91
N PRO K 576 3.02 -17.22 -35.26
CA PRO K 576 2.15 -16.47 -34.34
C PRO K 576 0.89 -17.27 -34.03
N HIS K 577 0.29 -16.96 -32.88
CA HIS K 577 -0.88 -17.70 -32.45
C HIS K 577 -2.04 -17.54 -33.40
N ASN K 578 -2.23 -16.34 -33.97
CA ASN K 578 -3.26 -16.20 -34.99
C ASN K 578 -2.71 -16.51 -36.35
N ALA K 579 -1.91 -17.56 -36.44
CA ALA K 579 -1.56 -18.23 -37.67
C ALA K 579 -1.53 -19.72 -37.48
N GLN K 580 -1.54 -20.18 -36.25
CA GLN K 580 -1.35 -21.56 -35.85
C GLN K 580 -2.49 -22.06 -34.99
N GLY K 581 -2.99 -21.22 -34.11
CA GLY K 581 -4.01 -21.57 -33.16
C GLY K 581 -3.44 -22.27 -31.96
N ALA K 582 -3.12 -23.55 -32.12
CA ALA K 582 -2.44 -24.29 -31.08
C ALA K 582 -1.46 -25.28 -31.67
N GLY K 583 -1.34 -25.35 -32.98
CA GLY K 583 -0.48 -26.28 -33.65
C GLY K 583 -1.27 -27.31 -34.44
N SER K 584 -0.55 -28.30 -34.93
CA SER K 584 -1.18 -29.36 -35.70
C SER K 584 -1.81 -30.39 -34.77
N ILE K 585 -2.92 -30.99 -35.21
CA ILE K 585 -3.56 -32.01 -34.40
C ILE K 585 -2.62 -33.20 -34.23
N ARG K 586 -2.82 -33.93 -33.14
CA ARG K 586 -2.18 -35.22 -32.91
C ARG K 586 -3.25 -36.12 -32.32
N ILE K 587 -3.86 -36.95 -33.17
CA ILE K 587 -5.00 -37.75 -32.74
C ILE K 587 -4.61 -38.69 -31.62
N MET K 588 -3.40 -39.25 -31.70
CA MET K 588 -2.99 -40.24 -30.71
C MET K 588 -2.84 -39.62 -29.33
N LYS K 589 -2.25 -38.42 -29.26
CA LYS K 589 -2.15 -37.75 -27.98
C LYS K 589 -3.52 -37.36 -27.44
N ALA K 590 -4.40 -36.89 -28.32
CA ALA K 590 -5.73 -36.49 -27.89
C ALA K 590 -6.53 -37.67 -27.35
N ILE K 591 -6.41 -38.82 -28.00
CA ILE K 591 -7.15 -40.00 -27.57
C ILE K 591 -6.72 -40.47 -26.19
N LYS K 592 -5.45 -40.28 -25.85
CA LYS K 592 -4.91 -40.73 -24.57
C LYS K 592 -4.62 -39.47 -23.77
N ALA K 593 -5.66 -38.95 -23.13
CA ALA K 593 -5.55 -37.72 -22.36
C ALA K 593 -6.51 -37.82 -21.18
N ASP K 594 -5.95 -37.75 -19.97
CA ASP K 594 -6.75 -37.86 -18.77
C ASP K 594 -6.92 -36.53 -18.07
N SER K 595 -6.47 -35.43 -18.67
CA SER K 595 -6.65 -34.11 -18.11
C SER K 595 -7.02 -33.17 -19.24
N LEU K 596 -8.07 -32.38 -19.02
CA LEU K 596 -8.55 -31.44 -20.03
C LEU K 596 -8.54 -30.04 -19.46
N VAL K 597 -7.91 -29.12 -20.17
CA VAL K 597 -7.86 -27.72 -19.77
C VAL K 597 -8.77 -26.93 -20.70
N ALA K 598 -9.74 -26.23 -20.14
CA ALA K 598 -10.70 -25.48 -20.92
C ALA K 598 -10.85 -24.07 -20.38
N PRO K 599 -10.98 -23.07 -21.25
CA PRO K 599 -11.02 -23.15 -22.70
C PRO K 599 -9.64 -23.41 -23.25
N GLY K 600 -9.52 -24.05 -24.41
CA GLY K 600 -8.22 -24.38 -24.94
C GLY K 600 -7.38 -23.17 -25.26
N SER K 601 -8.01 -22.04 -25.55
CA SER K 601 -7.30 -20.79 -25.77
C SER K 601 -8.17 -19.66 -25.24
N TYR K 602 -7.53 -18.64 -24.69
CA TYR K 602 -8.26 -17.53 -24.11
C TYR K 602 -7.69 -16.22 -24.63
N SER K 603 -8.56 -15.22 -24.73
CA SER K 603 -8.16 -13.89 -25.17
C SER K 603 -8.62 -12.88 -24.15
N TYR K 604 -7.70 -12.05 -23.68
CA TYR K 604 -8.02 -11.09 -22.64
C TYR K 604 -8.67 -9.84 -23.16
N GLY K 605 -8.86 -9.71 -24.47
CA GLY K 605 -9.50 -8.54 -25.00
C GLY K 605 -8.52 -7.39 -25.20
N THR K 606 -9.00 -6.18 -24.98
CA THR K 606 -8.22 -4.98 -25.22
C THR K 606 -8.01 -4.22 -23.93
N PHE K 607 -6.88 -3.51 -23.86
CA PHE K 607 -6.54 -2.66 -22.72
C PHE K 607 -6.47 -1.23 -23.25
N MET K 608 -7.44 -0.41 -22.86
CA MET K 608 -7.62 0.91 -23.45
C MET K 608 -7.17 2.04 -22.54
N LYS K 609 -6.75 1.76 -21.31
CA LYS K 609 -6.44 2.82 -20.37
C LYS K 609 -5.27 3.66 -20.86
N ASP K 610 -5.43 4.98 -20.78
CA ASP K 610 -4.37 5.89 -21.22
C ASP K 610 -3.24 5.94 -20.20
N LYS K 611 -3.58 5.92 -18.91
CA LYS K 611 -2.58 5.94 -17.85
C LYS K 611 -3.03 5.01 -16.74
N GLY K 612 -2.06 4.53 -15.96
CA GLY K 612 -2.34 3.61 -14.88
C GLY K 612 -2.11 2.17 -15.29
N ASN K 613 -2.51 1.27 -14.40
CA ASN K 613 -2.37 -0.16 -14.60
C ASN K 613 -3.75 -0.79 -14.69
N GLU K 614 -3.93 -1.68 -15.67
CA GLU K 614 -5.20 -2.37 -15.84
C GLU K 614 -4.97 -3.86 -15.66
N THR K 615 -5.82 -4.48 -14.86
CA THR K 615 -5.68 -5.89 -14.52
C THR K 615 -6.92 -6.64 -14.99
N LYS K 616 -6.69 -7.77 -15.67
CA LYS K 616 -7.77 -8.66 -16.05
C LYS K 616 -7.43 -10.06 -15.56
N LYS K 617 -8.44 -10.90 -15.42
CA LYS K 617 -8.20 -12.25 -14.95
C LYS K 617 -9.15 -13.21 -15.63
N GLU K 618 -8.71 -14.46 -15.75
CA GLU K 618 -9.49 -15.52 -16.34
C GLU K 618 -9.39 -16.75 -15.46
N THR K 619 -10.41 -17.59 -15.51
CA THR K 619 -10.45 -18.83 -14.75
C THR K 619 -10.46 -19.99 -15.73
N PHE K 620 -9.33 -20.67 -15.84
CA PHE K 620 -9.27 -21.90 -16.61
C PHE K 620 -9.68 -23.06 -15.72
N THR K 621 -10.21 -24.10 -16.36
CA THR K 621 -10.76 -25.25 -15.67
C THR K 621 -10.02 -26.49 -16.10
N ILE K 622 -9.49 -27.24 -15.12
CA ILE K 622 -8.77 -28.47 -15.38
C ILE K 622 -9.62 -29.62 -14.88
N GLU K 623 -9.96 -30.54 -15.77
CA GLU K 623 -10.72 -31.73 -15.45
C GLU K 623 -9.75 -32.89 -15.36
N ASN K 624 -9.76 -33.58 -14.21
CA ASN K 624 -8.88 -34.70 -13.94
C ASN K 624 -9.65 -35.98 -14.24
N GLN K 625 -9.59 -36.42 -15.49
CA GLN K 625 -10.35 -37.59 -15.91
C GLN K 625 -9.80 -38.90 -15.36
N SER K 626 -8.64 -38.87 -14.72
CA SER K 626 -8.02 -40.10 -14.25
C SER K 626 -8.63 -40.53 -12.92
N SER K 627 -8.17 -41.68 -12.43
CA SER K 627 -8.66 -42.25 -11.18
C SER K 627 -7.76 -41.94 -10.00
N ILE K 628 -6.82 -41.03 -10.16
CA ILE K 628 -5.79 -40.75 -9.17
C ILE K 628 -5.70 -39.25 -8.96
N ARG K 629 -5.54 -38.84 -7.71
CA ARG K 629 -5.43 -37.41 -7.41
C ARG K 629 -4.12 -36.87 -7.96
N LYS K 630 -4.19 -35.76 -8.68
CA LYS K 630 -3.02 -35.24 -9.38
C LYS K 630 -2.76 -33.81 -8.97
N SER K 631 -1.53 -33.37 -9.26
CA SER K 631 -1.09 -32.01 -8.99
C SER K 631 -0.64 -31.38 -10.29
N TYR K 632 -1.31 -30.31 -10.69
CA TYR K 632 -1.02 -29.61 -11.93
C TYR K 632 -0.25 -28.32 -11.62
N GLN K 633 0.71 -28.02 -12.48
CA GLN K 633 1.62 -26.92 -12.30
C GLN K 633 1.49 -25.96 -13.48
N LEU K 634 1.31 -24.68 -13.17
CA LEU K 634 1.00 -23.67 -14.17
C LEU K 634 2.19 -22.74 -14.38
N GLU K 635 2.51 -22.50 -15.64
CA GLU K 635 3.52 -21.51 -16.02
C GLU K 635 2.89 -20.51 -16.97
N TYR K 636 2.85 -19.26 -16.58
CA TYR K 636 2.27 -18.19 -17.38
C TYR K 636 3.37 -17.36 -17.99
N SER K 637 3.25 -17.05 -19.27
CA SER K 637 4.22 -16.20 -19.95
C SER K 637 3.50 -15.29 -20.91
N PHE K 638 4.09 -14.11 -21.13
CA PHE K 638 3.63 -13.19 -22.16
C PHE K 638 4.84 -12.52 -22.79
N ASN K 639 4.76 -12.30 -24.10
CA ASN K 639 5.79 -11.55 -24.78
C ASN K 639 5.51 -10.06 -24.66
N GLY K 640 6.57 -9.27 -24.77
CA GLY K 640 6.38 -7.84 -24.67
C GLY K 640 6.60 -7.32 -23.26
N THR K 641 7.06 -6.08 -23.18
CA THR K 641 7.40 -5.46 -21.90
C THR K 641 6.20 -4.73 -21.34
N GLY K 642 6.17 -4.61 -20.02
CA GLY K 642 5.09 -3.95 -19.33
C GLY K 642 3.89 -4.84 -19.05
N ILE K 643 3.96 -6.12 -19.37
CA ILE K 643 2.88 -7.07 -19.12
C ILE K 643 3.38 -8.05 -18.08
N THR K 644 2.72 -8.09 -16.93
CA THR K 644 3.09 -8.99 -15.85
C THR K 644 1.97 -9.99 -15.64
N VAL K 645 2.33 -11.27 -15.63
CA VAL K 645 1.36 -12.35 -15.57
C VAL K 645 1.60 -13.15 -14.30
N SER K 646 0.52 -13.53 -13.64
CA SER K 646 0.61 -14.28 -12.39
C SER K 646 -0.63 -15.15 -12.26
N GLY K 647 -0.78 -15.78 -11.11
CA GLY K 647 -1.96 -16.56 -10.84
C GLY K 647 -1.60 -17.82 -10.09
N THR K 648 -2.56 -18.73 -10.03
CA THR K 648 -2.37 -19.98 -9.32
C THR K 648 -1.24 -20.82 -9.91
N ASP K 649 -0.16 -20.95 -9.15
CA ASP K 649 1.00 -21.69 -9.63
C ASP K 649 0.91 -23.21 -9.46
N ARG K 650 -0.11 -23.70 -8.77
CA ARG K 650 -0.25 -25.13 -8.54
C ARG K 650 -1.64 -25.42 -8.02
N VAL K 651 -2.25 -26.47 -8.56
CA VAL K 651 -3.52 -26.95 -8.03
C VAL K 651 -3.40 -28.45 -7.78
N VAL K 652 -4.19 -28.94 -6.84
CA VAL K 652 -4.32 -30.37 -6.60
C VAL K 652 -5.77 -30.72 -6.82
N ILE K 653 -6.02 -31.66 -7.73
CA ILE K 653 -7.37 -32.03 -8.14
C ILE K 653 -7.56 -33.51 -7.80
N PRO K 654 -8.60 -33.86 -7.08
CA PRO K 654 -8.87 -35.27 -6.79
C PRO K 654 -9.30 -36.02 -8.04
N ALA K 655 -9.49 -37.33 -7.92
CA ALA K 655 -9.85 -38.14 -9.07
C ALA K 655 -11.25 -37.77 -9.56
N HIS K 656 -11.41 -37.75 -10.88
CA HIS K 656 -12.71 -37.53 -11.51
C HIS K 656 -13.36 -36.25 -11.00
N GLN K 657 -12.57 -35.19 -10.90
CA GLN K 657 -13.04 -33.91 -10.39
C GLN K 657 -12.48 -32.79 -11.24
N THR K 658 -12.66 -31.57 -10.74
CA THR K 658 -12.39 -30.37 -11.51
C THR K 658 -11.78 -29.30 -10.61
N GLY K 659 -10.74 -28.64 -11.11
CA GLY K 659 -10.12 -27.56 -10.39
C GLY K 659 -10.09 -26.31 -11.25
N LYS K 660 -9.93 -25.17 -10.59
CA LYS K 660 -9.94 -23.87 -11.24
C LYS K 660 -8.60 -23.18 -11.00
N VAL K 661 -8.03 -22.63 -12.06
CA VAL K 661 -6.80 -21.85 -11.96
C VAL K 661 -7.11 -20.43 -12.42
N ASN K 662 -6.70 -19.46 -11.62
CA ASN K 662 -7.02 -18.06 -11.87
C ASN K 662 -5.79 -17.38 -12.44
N ALA K 663 -5.71 -17.35 -13.77
CA ALA K 663 -4.65 -16.60 -14.43
C ALA K 663 -4.99 -15.12 -14.37
N LYS K 664 -3.97 -14.29 -14.23
CA LYS K 664 -4.18 -12.86 -14.08
C LYS K 664 -3.11 -12.13 -14.86
N VAL K 665 -3.52 -11.13 -15.64
CA VAL K 665 -2.60 -10.33 -16.44
C VAL K 665 -2.76 -8.89 -16.01
N LYS K 666 -1.64 -8.16 -16.03
CA LYS K 666 -1.63 -6.77 -15.61
C LYS K 666 -0.77 -5.98 -16.59
N VAL K 667 -1.36 -4.94 -17.17
CA VAL K 667 -0.72 -4.13 -18.20
C VAL K 667 -0.48 -2.74 -17.64
N ASN K 668 0.77 -2.30 -17.71
CA ASN K 668 1.17 -0.97 -17.29
C ASN K 668 1.09 -0.05 -18.50
N ALA K 669 0.06 0.79 -18.53
CA ALA K 669 -0.18 1.63 -19.71
C ALA K 669 0.98 2.58 -20.00
N LYS K 670 1.80 2.88 -19.01
CA LYS K 670 2.89 3.82 -19.21
C LYS K 670 4.11 3.19 -19.86
N LYS K 671 4.17 1.86 -19.92
CA LYS K 671 5.35 1.19 -20.42
C LYS K 671 5.11 0.33 -21.64
N VAL K 672 3.86 0.08 -22.01
CA VAL K 672 3.53 -0.91 -23.04
C VAL K 672 3.29 -0.20 -24.36
N LYS K 673 3.99 -0.63 -25.40
CA LYS K 673 3.70 -0.17 -26.74
C LYS K 673 2.43 -0.82 -27.25
N ALA K 674 1.63 -0.05 -27.99
CA ALA K 674 0.39 -0.58 -28.53
C ALA K 674 0.69 -1.70 -29.52
N GLY K 675 -0.17 -2.70 -29.53
CA GLY K 675 0.01 -3.84 -30.41
C GLY K 675 -0.66 -5.06 -29.83
N THR K 676 -0.51 -6.17 -30.55
CA THR K 676 -1.08 -7.44 -30.17
C THR K 676 0.02 -8.33 -29.60
N TYR K 677 -0.17 -8.79 -28.37
CA TYR K 677 0.82 -9.59 -27.68
C TYR K 677 0.26 -10.98 -27.43
N GLU K 678 1.11 -11.98 -27.60
CA GLU K 678 0.72 -13.38 -27.46
C GLU K 678 1.38 -13.97 -26.23
N GLY K 679 0.57 -14.61 -25.39
CA GLY K 679 1.07 -15.29 -24.22
C GLY K 679 0.73 -16.76 -24.27
N THR K 680 1.03 -17.44 -23.17
CA THR K 680 0.81 -18.88 -23.09
C THR K 680 0.69 -19.29 -21.63
N VAL K 681 -0.26 -20.17 -21.35
CA VAL K 681 -0.39 -20.85 -20.07
C VAL K 681 -0.06 -22.31 -20.31
N THR K 682 0.98 -22.80 -19.65
CA THR K 682 1.42 -24.17 -19.81
C THR K 682 1.09 -24.95 -18.55
N VAL K 683 0.44 -26.09 -18.71
CA VAL K 683 0.01 -26.94 -17.61
C VAL K 683 0.83 -28.22 -17.67
N ARG K 684 1.54 -28.52 -16.58
CA ARG K 684 2.32 -29.72 -16.47
C ARG K 684 1.73 -30.62 -15.40
N GLU K 685 1.85 -31.92 -15.61
CA GLU K 685 1.36 -32.88 -14.62
C GLU K 685 2.25 -34.11 -14.68
N GLY K 686 2.99 -34.36 -13.61
CA GLY K 686 3.80 -35.55 -13.48
C GLY K 686 4.62 -35.87 -14.70
N GLY K 687 5.57 -34.99 -15.02
CA GLY K 687 6.37 -35.20 -16.21
C GLY K 687 5.79 -34.52 -17.42
N LYS K 688 5.01 -35.25 -18.19
CA LYS K 688 4.45 -34.78 -19.44
C LYS K 688 3.69 -33.47 -19.26
N THR K 689 3.62 -32.72 -20.37
CA THR K 689 2.82 -31.50 -20.44
C THR K 689 1.42 -31.84 -20.90
N VAL K 690 0.41 -31.40 -20.16
CA VAL K 690 -0.95 -31.77 -20.50
C VAL K 690 -1.65 -30.73 -21.36
N ALA K 691 -1.16 -29.51 -21.40
CA ALA K 691 -1.80 -28.47 -22.20
C ALA K 691 -0.85 -27.32 -22.39
N LYS K 692 -1.09 -26.55 -23.44
CA LYS K 692 -0.37 -25.30 -23.72
C LYS K 692 -1.42 -24.34 -24.26
N VAL K 693 -2.00 -23.54 -23.37
CA VAL K 693 -3.15 -22.71 -23.70
C VAL K 693 -2.64 -21.42 -24.33
N PRO K 694 -2.95 -21.14 -25.58
CA PRO K 694 -2.54 -19.86 -26.17
C PRO K 694 -3.41 -18.73 -25.68
N THR K 695 -2.79 -17.69 -25.13
CA THR K 695 -3.49 -16.51 -24.69
C THR K 695 -3.08 -15.32 -25.54
N LEU K 696 -3.87 -14.26 -25.47
CA LEU K 696 -3.63 -13.10 -26.31
C LEU K 696 -4.31 -11.88 -25.70
N LEU K 697 -3.63 -10.74 -25.79
CA LEU K 697 -4.23 -9.47 -25.41
C LEU K 697 -3.80 -8.42 -26.40
N ILE K 698 -4.60 -7.36 -26.49
CA ILE K 698 -4.37 -6.26 -27.41
C ILE K 698 -4.30 -4.98 -26.60
N VAL K 699 -3.35 -4.13 -26.93
CA VAL K 699 -3.15 -2.87 -26.22
C VAL K 699 -3.58 -1.73 -27.13
N LYS K 700 -4.33 -0.79 -26.57
CA LYS K 700 -4.94 0.33 -27.29
C LYS K 700 -5.86 -0.25 -28.36
N GLU K 701 -5.96 0.36 -29.52
CA GLU K 701 -6.91 -0.07 -30.54
C GLU K 701 -6.31 -1.17 -31.42
N PRO K 702 -7.06 -2.22 -31.68
CA PRO K 702 -6.56 -3.28 -32.56
C PRO K 702 -6.33 -2.76 -33.97
N ASP K 703 -5.37 -3.38 -34.66
CA ASP K 703 -4.99 -2.94 -36.00
C ASP K 703 -5.75 -3.72 -37.07
N TYR K 704 -7.05 -3.74 -36.93
CA TYR K 704 -7.85 -4.42 -37.94
C TYR K 704 -8.00 -3.53 -39.17
N PRO K 705 -8.29 -4.12 -40.32
CA PRO K 705 -8.60 -3.29 -41.50
C PRO K 705 -9.83 -2.44 -41.24
N ARG K 706 -9.67 -1.13 -41.43
CA ARG K 706 -10.77 -0.23 -41.14
C ARG K 706 -11.91 -0.41 -42.15
N VAL K 707 -11.58 -0.81 -43.37
CA VAL K 707 -12.58 -1.14 -44.38
C VAL K 707 -12.18 -2.46 -45.00
N THR K 708 -13.16 -3.36 -45.16
CA THR K 708 -12.87 -4.73 -45.57
C THR K 708 -13.19 -4.97 -47.04
N SER K 709 -14.39 -4.61 -47.49
CA SER K 709 -14.79 -4.87 -48.85
C SER K 709 -15.57 -3.69 -49.40
N ILE K 710 -15.46 -3.50 -50.71
CA ILE K 710 -16.19 -2.48 -51.44
C ILE K 710 -16.57 -3.05 -52.80
N ASP K 711 -17.81 -2.78 -53.23
CA ASP K 711 -18.22 -3.10 -54.59
C ASP K 711 -19.16 -2.02 -55.09
N VAL K 712 -19.22 -1.89 -56.42
CA VAL K 712 -20.03 -0.88 -57.08
C VAL K 712 -20.96 -1.58 -58.04
N GLN K 713 -22.26 -1.32 -57.92
CA GLN K 713 -23.23 -1.88 -58.84
C GLN K 713 -24.06 -0.75 -59.43
N ASP K 714 -24.81 -1.07 -60.47
CA ASP K 714 -25.67 -0.08 -61.10
C ASP K 714 -26.85 0.22 -60.19
N GLY K 715 -27.21 1.50 -60.10
CA GLY K 715 -28.31 1.90 -59.25
C GLY K 715 -29.66 1.63 -59.88
N THR K 716 -30.70 1.85 -59.08
CA THR K 716 -32.06 1.70 -59.58
C THR K 716 -32.37 2.70 -60.69
N THR K 717 -31.68 3.83 -60.72
CA THR K 717 -31.83 4.84 -61.76
C THR K 717 -30.67 4.71 -62.74
N GLN K 718 -30.99 4.70 -64.03
CA GLN K 718 -29.96 4.58 -65.05
C GLN K 718 -29.00 5.76 -64.96
N GLY K 719 -27.70 5.45 -65.08
CA GLY K 719 -26.66 6.45 -64.98
C GLY K 719 -26.10 6.65 -63.59
N THR K 720 -26.74 6.12 -62.56
CA THR K 720 -26.28 6.23 -61.19
C THR K 720 -25.76 4.89 -60.70
N TYR K 721 -25.10 4.92 -59.55
CA TYR K 721 -24.42 3.75 -59.01
C TYR K 721 -24.68 3.64 -57.53
N GLN K 722 -24.55 2.42 -57.02
CA GLN K 722 -24.60 2.16 -55.59
C GLN K 722 -23.29 1.54 -55.15
N ILE K 723 -22.71 2.10 -54.11
CA ILE K 723 -21.46 1.63 -53.53
C ILE K 723 -21.80 0.93 -52.23
N GLU K 724 -21.44 -0.33 -52.11
CA GLU K 724 -21.66 -1.10 -50.90
C GLU K 724 -20.31 -1.42 -50.29
N THR K 725 -20.12 -1.04 -49.03
CA THR K 725 -18.86 -1.26 -48.36
C THR K 725 -19.13 -1.85 -46.98
N TYR K 726 -18.11 -2.51 -46.42
CA TYR K 726 -18.23 -3.10 -45.10
C TYR K 726 -17.19 -2.47 -44.18
N LEU K 727 -17.65 -1.86 -43.10
CA LEU K 727 -16.77 -1.23 -42.13
C LEU K 727 -16.81 -2.02 -40.83
N PRO K 728 -15.76 -2.74 -40.47
CA PRO K 728 -15.82 -3.60 -39.28
C PRO K 728 -16.15 -2.86 -38.01
N ALA K 729 -15.71 -1.62 -37.84
CA ALA K 729 -16.01 -0.89 -36.62
C ALA K 729 -16.38 0.56 -36.91
N GLY K 730 -17.00 0.81 -38.04
CA GLY K 730 -17.34 2.16 -38.41
C GLY K 730 -16.15 2.90 -38.98
N ALA K 731 -16.36 4.17 -39.26
CA ALA K 731 -15.29 4.98 -39.83
C ALA K 731 -15.50 6.43 -39.43
N GLU K 732 -14.47 7.02 -38.82
CA GLU K 732 -14.50 8.45 -38.58
C GLU K 732 -14.56 9.22 -39.89
N GLU K 733 -13.83 8.75 -40.90
CA GLU K 733 -13.87 9.38 -42.21
C GLU K 733 -13.81 8.30 -43.28
N LEU K 734 -14.61 8.46 -44.33
CA LEU K 734 -14.66 7.48 -45.40
C LEU K 734 -14.63 8.22 -46.73
N ALA K 735 -13.76 7.78 -47.63
CA ALA K 735 -13.58 8.45 -48.91
C ALA K 735 -13.58 7.44 -50.03
N PHE K 736 -14.31 7.74 -51.10
CA PHE K 736 -14.33 6.92 -52.29
C PHE K 736 -13.64 7.70 -53.40
N LEU K 737 -12.59 7.11 -53.96
CA LEU K 737 -11.78 7.70 -55.01
C LEU K 737 -11.87 6.83 -56.26
N VAL K 738 -11.76 7.46 -57.43
CA VAL K 738 -11.94 6.78 -58.70
C VAL K 738 -10.64 6.76 -59.47
N TYR K 739 -10.33 5.61 -60.06
CA TYR K 739 -9.14 5.42 -60.86
C TYR K 739 -9.53 4.90 -62.24
N ASP K 740 -8.74 5.28 -63.24
CA ASP K 740 -9.02 4.82 -64.59
C ASP K 740 -8.54 3.39 -64.76
N SER K 741 -8.68 2.86 -65.98
CA SER K 741 -8.22 1.50 -66.25
C SER K 741 -6.71 1.37 -66.08
N ASN K 742 -5.97 2.47 -66.24
CA ASN K 742 -4.53 2.47 -66.02
C ASN K 742 -4.15 2.76 -64.59
N LEU K 743 -5.13 2.73 -63.68
CA LEU K 743 -4.89 2.98 -62.25
C LEU K 743 -4.29 4.37 -62.04
N ASP K 744 -4.78 5.35 -62.79
CA ASP K 744 -4.41 6.74 -62.61
C ASP K 744 -5.52 7.46 -61.87
N PHE K 745 -5.15 8.22 -60.85
CA PHE K 745 -6.14 8.86 -60.00
C PHE K 745 -6.97 9.86 -60.78
N VAL K 746 -8.22 9.51 -61.07
CA VAL K 746 -9.09 10.41 -61.81
C VAL K 746 -9.63 11.51 -60.89
N GLY K 747 -10.12 11.13 -59.72
CA GLY K 747 -10.63 12.12 -58.79
C GLY K 747 -11.30 11.47 -57.60
N GLN K 748 -12.14 12.25 -56.93
CA GLN K 748 -12.71 11.89 -55.64
C GLN K 748 -14.21 11.72 -55.78
N ALA K 749 -14.67 10.48 -55.67
CA ALA K 749 -16.10 10.20 -55.82
C ALA K 749 -16.90 10.80 -54.68
N GLY K 750 -16.57 10.46 -53.44
CA GLY K 750 -17.38 10.88 -52.32
C GLY K 750 -16.63 10.97 -51.01
N ILE K 751 -17.14 11.80 -50.11
CA ILE K 751 -16.60 11.97 -48.77
C ILE K 751 -17.74 11.82 -47.77
N TYR K 752 -17.47 11.12 -46.67
CA TYR K 752 -18.48 10.89 -45.65
C TYR K 752 -17.80 10.87 -44.29
N LYS K 753 -18.55 11.22 -43.26
CA LYS K 753 -18.03 11.28 -41.90
C LYS K 753 -18.97 10.53 -40.97
N LYS K 754 -18.38 9.98 -39.90
CA LYS K 754 -19.13 9.38 -38.80
C LYS K 754 -20.09 8.31 -39.29
N GLN K 755 -19.51 7.27 -39.89
CA GLN K 755 -20.29 6.17 -40.43
C GLN K 755 -20.43 5.06 -39.41
N ASP K 756 -21.61 4.45 -39.38
CA ASP K 756 -21.88 3.35 -38.47
C ASP K 756 -21.27 2.07 -38.99
N LYS K 757 -20.94 1.16 -38.07
CA LYS K 757 -20.29 -0.07 -38.45
C LYS K 757 -21.27 -1.02 -39.12
N GLY K 758 -20.72 -1.96 -39.88
CA GLY K 758 -21.53 -2.92 -40.61
C GLY K 758 -21.50 -2.65 -42.10
N TYR K 759 -22.58 -2.98 -42.78
CA TYR K 759 -22.71 -2.72 -44.21
C TYR K 759 -23.25 -1.31 -44.41
N GLN K 760 -22.57 -0.55 -45.25
CA GLN K 760 -22.97 0.81 -45.58
C GLN K 760 -23.19 0.91 -47.09
N TYR K 761 -24.25 1.62 -47.47
CA TYR K 761 -24.60 1.82 -48.86
C TYR K 761 -24.64 3.31 -49.16
N PHE K 762 -24.05 3.70 -50.28
CA PHE K 762 -23.99 5.09 -50.68
C PHE K 762 -24.39 5.22 -52.14
N ASP K 763 -25.26 6.18 -52.43
CA ASP K 763 -25.64 6.45 -53.81
C ASP K 763 -24.64 7.43 -54.42
N TRP K 764 -24.16 7.11 -55.61
CA TRP K 764 -23.17 7.94 -56.29
C TRP K 764 -23.68 8.26 -57.68
N ASN K 765 -23.72 9.55 -58.00
CA ASN K 765 -24.27 10.01 -59.27
C ASN K 765 -23.31 9.88 -60.43
N GLY K 766 -22.18 9.20 -60.24
CA GLY K 766 -21.23 9.01 -61.31
C GLY K 766 -20.37 10.22 -61.63
N LYS K 767 -20.43 11.26 -60.81
CA LYS K 767 -19.71 12.49 -61.08
C LYS K 767 -18.61 12.68 -60.04
N VAL K 768 -17.47 13.20 -60.50
CA VAL K 768 -16.22 13.18 -59.75
C VAL K 768 -15.89 14.58 -59.27
N ASN K 769 -15.35 14.66 -58.05
CA ASN K 769 -14.90 15.91 -57.43
C ASN K 769 -16.04 16.89 -57.28
N GLY K 770 -17.27 16.45 -57.53
CA GLY K 770 -18.39 17.37 -57.55
C GLY K 770 -18.59 17.91 -58.95
N ASP K 771 -19.74 17.60 -59.55
CA ASP K 771 -20.26 18.18 -60.78
C ASP K 771 -19.39 17.92 -62.01
N THR K 772 -18.36 17.10 -61.91
CA THR K 772 -17.53 16.74 -63.06
C THR K 772 -17.87 15.32 -63.48
N ALA K 773 -18.43 15.17 -64.67
CA ALA K 773 -18.86 13.86 -65.15
C ALA K 773 -17.69 13.09 -65.73
N LEU K 774 -17.69 11.78 -65.48
CA LEU K 774 -16.63 10.92 -65.98
C LEU K 774 -16.79 10.66 -67.47
N PRO K 775 -15.69 10.51 -68.19
CA PRO K 775 -15.77 9.97 -69.56
C PRO K 775 -16.06 8.49 -69.53
N ALA K 776 -16.62 8.01 -70.63
CA ALA K 776 -16.98 6.60 -70.72
C ALA K 776 -15.73 5.73 -70.71
N GLY K 777 -15.81 4.61 -70.01
CA GLY K 777 -14.68 3.70 -69.92
C GLY K 777 -14.85 2.76 -68.73
N GLU K 778 -13.71 2.20 -68.32
CA GLU K 778 -13.65 1.22 -67.25
C GLU K 778 -12.89 1.82 -66.07
N TYR K 779 -13.45 1.67 -64.87
CA TYR K 779 -12.92 2.38 -63.71
C TYR K 779 -12.84 1.45 -62.51
N TYR K 780 -11.93 1.80 -61.60
CA TYR K 780 -11.79 1.16 -60.30
C TYR K 780 -12.14 2.18 -59.23
N MET K 781 -12.57 1.69 -58.08
CA MET K 781 -12.84 2.58 -56.96
C MET K 781 -12.09 2.10 -55.72
N LEU K 782 -11.50 3.06 -55.02
CA LEU K 782 -10.74 2.81 -53.80
C LEU K 782 -11.52 3.39 -52.63
N ALA K 783 -11.74 2.58 -51.61
CA ALA K 783 -12.34 3.04 -50.37
C ALA K 783 -11.24 3.23 -49.34
N TYR K 784 -11.18 4.43 -48.77
CA TYR K 784 -10.21 4.78 -47.75
C TYR K 784 -10.99 5.11 -46.49
N ALA K 785 -10.84 4.30 -45.45
CA ALA K 785 -11.54 4.50 -44.21
C ALA K 785 -10.54 4.76 -43.10
N ALA K 786 -10.77 5.81 -42.33
CA ALA K 786 -9.93 6.17 -41.20
C ALA K 786 -10.79 6.14 -39.94
N ASN K 787 -10.30 5.43 -38.93
CA ASN K 787 -11.04 5.24 -37.69
C ASN K 787 -10.05 5.02 -36.56
N LYS K 788 -10.28 5.70 -35.44
CA LYS K 788 -9.57 5.45 -34.18
C LYS K 788 -8.05 5.41 -34.38
N GLY K 789 -7.55 6.34 -35.17
CA GLY K 789 -6.13 6.51 -35.31
C GLY K 789 -5.45 5.57 -36.27
N LYS K 790 -6.19 4.85 -37.09
CA LYS K 790 -5.57 4.07 -38.16
C LYS K 790 -6.46 4.12 -39.39
N SER K 791 -5.84 4.02 -40.55
CA SER K 791 -6.55 4.09 -41.80
C SER K 791 -6.23 2.88 -42.65
N SER K 792 -7.20 2.45 -43.43
CA SER K 792 -7.06 1.31 -44.32
C SER K 792 -7.72 1.65 -45.63
N GLN K 793 -7.38 0.89 -46.66
CA GLN K 793 -7.93 1.12 -47.98
C GLN K 793 -8.15 -0.21 -48.67
N VAL K 794 -9.10 -0.24 -49.60
CA VAL K 794 -9.40 -1.44 -50.34
C VAL K 794 -9.85 -1.04 -51.74
N LEU K 795 -9.38 -1.76 -52.75
CA LEU K 795 -9.65 -1.45 -54.14
C LEU K 795 -10.65 -2.45 -54.70
N THR K 796 -11.56 -1.97 -55.53
CA THR K 796 -12.56 -2.83 -56.17
C THR K 796 -11.89 -3.61 -57.28
N GLU K 797 -11.82 -4.93 -57.13
CA GLU K 797 -11.54 -5.77 -58.27
C GLU K 797 -12.79 -5.83 -59.16
N LYS K 798 -12.61 -6.35 -60.38
CA LYS K 798 -13.70 -6.39 -61.35
C LYS K 798 -14.19 -4.98 -61.62
N PRO K 799 -13.44 -4.19 -62.38
CA PRO K 799 -13.77 -2.76 -62.54
C PRO K 799 -15.17 -2.56 -63.09
N PHE K 800 -15.81 -1.48 -62.63
CA PHE K 800 -17.13 -1.11 -63.11
C PHE K 800 -17.02 -0.20 -64.31
N ILE K 801 -18.09 -0.14 -65.10
CA ILE K 801 -18.10 0.49 -66.41
C ILE K 801 -18.97 1.73 -66.35
N ILE K 802 -18.48 2.84 -66.90
CA ILE K 802 -19.25 4.06 -67.03
C ILE K 802 -19.96 4.08 -68.37
N MET L 158 -45.03 18.00 -52.23
CA MET L 158 -45.47 16.62 -52.36
C MET L 158 -44.73 15.90 -53.47
N ASP L 159 -44.01 16.68 -54.29
CA ASP L 159 -43.21 16.12 -55.36
C ASP L 159 -41.75 15.94 -54.97
N ASP L 160 -41.34 16.41 -53.80
CA ASP L 160 -39.97 16.24 -53.32
C ASP L 160 -39.88 15.54 -51.98
N SER L 161 -40.88 15.68 -51.11
CA SER L 161 -40.84 15.02 -49.81
C SER L 161 -41.11 13.52 -49.93
N ALA L 162 -42.10 13.15 -50.75
CA ALA L 162 -42.38 11.73 -50.94
C ALA L 162 -41.20 10.95 -51.52
N PRO L 163 -40.48 11.43 -52.53
CA PRO L 163 -39.24 10.75 -52.91
C PRO L 163 -38.24 10.66 -51.78
N TYR L 164 -38.19 11.68 -50.92
CA TYR L 164 -37.21 11.68 -49.84
C TYR L 164 -37.49 10.61 -48.81
N ILE L 165 -38.76 10.50 -48.37
CA ILE L 165 -39.06 9.49 -47.37
C ILE L 165 -39.08 8.09 -47.96
N GLY L 166 -39.14 7.96 -49.29
CA GLY L 166 -39.05 6.67 -49.93
C GLY L 166 -40.39 6.17 -50.44
N ALA L 167 -41.29 7.09 -50.77
CA ALA L 167 -42.61 6.69 -51.23
C ALA L 167 -42.57 6.06 -52.61
N ASN L 168 -41.85 6.68 -53.55
CA ASN L 168 -41.81 6.16 -54.91
C ASN L 168 -41.19 4.77 -54.95
N ASP L 169 -40.13 4.55 -54.19
CA ASP L 169 -39.50 3.23 -54.17
C ASP L 169 -40.48 2.18 -53.67
N ALA L 170 -41.29 2.51 -52.69
CA ALA L 170 -42.32 1.59 -52.24
C ALA L 170 -43.37 1.37 -53.31
N TRP L 171 -43.70 2.42 -54.08
CA TRP L 171 -44.68 2.27 -55.15
C TRP L 171 -44.20 1.28 -56.20
N LYS L 172 -42.94 1.38 -56.61
CA LYS L 172 -42.42 0.45 -57.59
C LYS L 172 -42.36 -0.98 -57.07
N LEU L 173 -42.45 -1.17 -55.77
CA LEU L 173 -42.61 -2.50 -55.20
C LEU L 173 -44.07 -2.93 -55.13
N GLY L 174 -44.98 -2.06 -55.55
CA GLY L 174 -46.40 -2.35 -55.54
C GLY L 174 -47.13 -1.87 -54.31
N TYR L 175 -46.40 -1.45 -53.27
CA TYR L 175 -47.01 -1.02 -52.03
C TYR L 175 -47.43 0.43 -52.15
N THR L 176 -48.71 0.66 -52.38
CA THR L 176 -49.26 2.00 -52.49
C THR L 176 -50.37 2.29 -51.49
N GLY L 177 -50.63 1.38 -50.55
CA GLY L 177 -51.68 1.58 -49.58
C GLY L 177 -53.03 1.06 -49.97
N LYS L 178 -53.12 0.26 -51.04
CA LYS L 178 -54.41 -0.25 -51.49
C LYS L 178 -55.06 -1.10 -50.42
N GLY L 179 -56.34 -0.85 -50.17
CA GLY L 179 -57.11 -1.56 -49.19
C GLY L 179 -57.06 -0.98 -47.80
N VAL L 180 -56.08 -0.13 -47.53
CA VAL L 180 -55.94 0.51 -46.24
C VAL L 180 -56.86 1.72 -46.19
N LYS L 181 -57.48 1.94 -45.04
CA LYS L 181 -58.45 3.00 -44.88
C LYS L 181 -57.88 4.03 -43.90
N VAL L 182 -57.79 5.27 -44.34
CA VAL L 182 -57.22 6.35 -43.55
C VAL L 182 -58.28 7.37 -43.23
N ALA L 183 -58.40 7.73 -41.95
CA ALA L 183 -59.33 8.73 -41.48
C ALA L 183 -58.57 10.02 -41.20
N ILE L 184 -59.17 11.14 -41.57
CA ILE L 184 -58.56 12.46 -41.44
C ILE L 184 -59.44 13.27 -40.52
N ILE L 185 -59.08 13.37 -39.24
CA ILE L 185 -59.88 14.16 -38.30
C ILE L 185 -59.32 15.57 -38.30
N ASP L 186 -59.89 16.42 -39.13
CA ASP L 186 -59.47 17.81 -39.30
C ASP L 186 -60.72 18.63 -39.59
N THR L 187 -60.52 19.81 -40.17
CA THR L 187 -61.61 20.73 -40.48
C THR L 187 -62.49 20.26 -41.61
N GLY L 188 -62.35 19.02 -42.06
CA GLY L 188 -63.11 18.50 -43.18
C GLY L 188 -62.29 18.48 -44.45
N VAL L 189 -62.77 17.70 -45.40
CA VAL L 189 -62.06 17.46 -46.66
C VAL L 189 -62.98 17.79 -47.82
N GLU L 190 -62.46 18.54 -48.78
CA GLU L 190 -63.18 18.78 -50.03
C GLU L 190 -63.04 17.53 -50.89
N TYR L 191 -63.99 16.61 -50.75
CA TYR L 191 -63.92 15.35 -51.49
C TYR L 191 -64.46 15.48 -52.90
N LYS L 192 -64.05 16.52 -53.61
CA LYS L 192 -64.39 16.68 -55.00
C LYS L 192 -63.20 17.17 -55.80
N HIS L 193 -62.09 17.44 -55.14
CA HIS L 193 -60.85 17.74 -55.83
C HIS L 193 -60.52 16.57 -56.75
N PRO L 194 -60.21 16.81 -58.02
CA PRO L 194 -59.95 15.70 -58.94
C PRO L 194 -58.85 14.77 -58.46
N ASP L 195 -57.89 15.27 -57.67
CA ASP L 195 -56.85 14.43 -57.12
C ASP L 195 -57.34 13.57 -55.96
N LEU L 196 -58.47 13.92 -55.34
CA LEU L 196 -59.00 13.18 -54.21
C LEU L 196 -60.28 12.44 -54.53
N LYS L 197 -60.84 12.61 -55.73
CA LYS L 197 -62.17 12.12 -56.02
C LYS L 197 -62.23 10.60 -55.92
N LYS L 198 -61.26 9.90 -56.49
CA LYS L 198 -61.33 8.45 -56.58
C LYS L 198 -60.82 7.75 -55.33
N ASN L 199 -60.17 8.47 -54.42
CA ASN L 199 -59.73 7.88 -53.17
C ASN L 199 -60.83 7.82 -52.13
N PHE L 200 -61.91 8.57 -52.32
CA PHE L 200 -63.03 8.54 -51.39
C PHE L 200 -64.03 7.48 -51.82
N GLY L 201 -64.47 6.66 -50.87
CA GLY L 201 -65.45 5.65 -51.17
C GLY L 201 -66.84 6.24 -51.28
N GLN L 202 -67.87 5.39 -51.14
CA GLN L 202 -69.23 5.89 -51.21
C GLN L 202 -69.51 6.76 -49.99
N TYR L 203 -69.27 6.22 -48.81
CA TYR L 203 -69.47 6.95 -47.57
C TYR L 203 -68.23 7.79 -47.27
N LYS L 204 -68.38 9.11 -47.29
CA LYS L 204 -67.23 10.00 -47.20
C LYS L 204 -66.79 10.27 -45.78
N GLY L 205 -67.69 10.20 -44.82
CA GLY L 205 -67.35 10.47 -43.44
C GLY L 205 -68.50 11.15 -42.74
N TYR L 206 -68.16 11.90 -41.70
CA TYR L 206 -69.14 12.55 -40.88
C TYR L 206 -68.70 13.97 -40.54
N ASP L 207 -69.67 14.81 -40.21
CA ASP L 207 -69.45 16.22 -39.95
C ASP L 207 -70.01 16.51 -38.56
N PHE L 208 -69.15 16.48 -37.55
CA PHE L 208 -69.60 16.62 -36.17
C PHE L 208 -69.97 18.03 -35.79
N VAL L 209 -69.38 19.04 -36.42
CA VAL L 209 -69.75 20.42 -36.10
C VAL L 209 -71.08 20.81 -36.71
N ASP L 210 -71.62 20.01 -37.62
CA ASP L 210 -72.89 20.28 -38.25
C ASP L 210 -73.87 19.12 -38.18
N ASN L 211 -73.40 17.92 -37.82
CA ASN L 211 -74.25 16.74 -37.66
C ASN L 211 -74.95 16.38 -38.97
N ASP L 212 -74.17 16.29 -40.04
CA ASP L 212 -74.65 15.79 -41.31
C ASP L 212 -73.55 14.94 -41.93
N TYR L 213 -73.91 14.23 -42.99
CA TYR L 213 -72.99 13.31 -43.64
C TYR L 213 -72.24 13.97 -44.78
N ASP L 214 -72.02 15.27 -44.70
CA ASP L 214 -71.33 16.06 -45.73
C ASP L 214 -70.15 16.74 -45.07
N PRO L 215 -68.99 16.09 -45.00
CA PRO L 215 -67.81 16.66 -44.34
C PRO L 215 -67.04 17.66 -45.22
N GLU L 216 -67.77 18.55 -45.86
CA GLU L 216 -67.15 19.58 -46.67
C GLU L 216 -66.46 20.60 -45.78
N GLU L 217 -65.45 21.27 -46.33
CA GLU L 217 -64.76 22.30 -45.58
C GLU L 217 -65.70 23.49 -45.34
N THR L 218 -65.29 24.36 -44.45
CA THR L 218 -66.09 25.53 -44.14
C THR L 218 -66.12 26.47 -45.34
N PRO L 219 -67.29 26.82 -45.84
CA PRO L 219 -67.34 27.69 -47.03
C PRO L 219 -66.91 29.10 -46.70
N SER L 220 -66.67 29.91 -47.72
CA SER L 220 -66.38 31.33 -47.52
C SER L 220 -67.65 32.06 -47.13
N GLY L 221 -67.52 33.00 -46.20
CA GLY L 221 -68.67 33.76 -45.74
C GLY L 221 -69.54 32.97 -44.77
N ASP L 222 -68.93 32.50 -43.69
CA ASP L 222 -69.65 31.78 -42.64
C ASP L 222 -69.72 32.65 -41.40
N PRO L 223 -70.90 32.92 -40.85
CA PRO L 223 -70.98 33.78 -39.66
C PRO L 223 -70.16 33.29 -38.49
N ARG L 224 -70.03 31.98 -38.30
CA ARG L 224 -69.36 31.46 -37.12
C ARG L 224 -67.84 31.52 -37.21
N GLY L 225 -67.28 31.75 -38.40
CA GLY L 225 -65.83 31.80 -38.51
C GLY L 225 -65.33 32.05 -39.92
N ALA L 226 -64.15 31.51 -40.24
CA ALA L 226 -63.53 31.72 -41.54
C ALA L 226 -63.42 30.40 -42.28
N SER L 227 -63.30 30.48 -43.60
CA SER L 227 -63.18 29.29 -44.42
C SER L 227 -61.87 28.57 -44.11
N THR L 228 -61.89 27.25 -44.28
CA THR L 228 -60.77 26.40 -43.92
C THR L 228 -60.31 25.58 -45.11
N ASP L 229 -59.02 25.25 -45.12
CA ASP L 229 -58.46 24.39 -46.15
C ASP L 229 -57.45 23.41 -45.58
N HIS L 230 -57.36 23.28 -44.26
CA HIS L 230 -56.35 22.43 -43.66
C HIS L 230 -56.59 20.96 -43.96
N GLY L 231 -57.84 20.51 -43.83
CA GLY L 231 -58.13 19.10 -44.00
C GLY L 231 -57.89 18.61 -45.41
N THR L 232 -58.26 19.41 -46.41
CA THR L 232 -58.02 19.01 -47.79
C THR L 232 -56.53 18.90 -48.08
N HIS L 233 -55.75 19.84 -47.54
CA HIS L 233 -54.31 19.77 -47.73
C HIS L 233 -53.74 18.52 -47.09
N VAL L 234 -54.20 18.19 -45.89
CA VAL L 234 -53.73 16.99 -45.21
C VAL L 234 -54.09 15.74 -46.00
N ALA L 235 -55.34 15.67 -46.48
CA ALA L 235 -55.78 14.52 -47.26
C ALA L 235 -55.00 14.38 -48.56
N GLY L 236 -54.71 15.48 -49.23
CA GLY L 236 -53.87 15.40 -50.41
C GLY L 236 -52.47 14.93 -50.11
N THR L 237 -51.92 15.36 -48.98
CA THR L 237 -50.61 14.86 -48.60
C THR L 237 -50.63 13.36 -48.35
N VAL L 238 -51.68 12.86 -47.69
CA VAL L 238 -51.74 11.45 -47.38
C VAL L 238 -51.90 10.63 -48.65
N ALA L 239 -53.00 10.84 -49.37
CA ALA L 239 -53.34 9.98 -50.50
C ALA L 239 -54.04 10.83 -51.55
N ALA L 240 -53.27 11.36 -52.49
CA ALA L 240 -53.81 12.08 -53.63
C ALA L 240 -53.28 11.42 -54.90
N ASN L 241 -54.18 11.06 -55.80
CA ASN L 241 -53.80 10.43 -57.04
C ASN L 241 -54.13 11.37 -58.20
N GLY L 242 -53.11 11.70 -58.99
CA GLY L 242 -53.32 12.60 -60.10
C GLY L 242 -52.11 13.47 -60.36
N THR L 243 -52.34 14.78 -60.48
CA THR L 243 -51.24 15.71 -60.71
C THR L 243 -50.25 15.68 -59.55
N ILE L 244 -50.75 15.67 -58.32
CA ILE L 244 -49.95 15.51 -57.13
C ILE L 244 -50.18 14.11 -56.60
N LYS L 245 -49.10 13.40 -56.26
CA LYS L 245 -49.20 12.03 -55.75
C LYS L 245 -48.89 12.03 -54.28
N GLY L 246 -49.84 11.60 -53.46
CA GLY L 246 -49.64 11.51 -52.04
C GLY L 246 -48.73 10.37 -51.68
N VAL L 247 -48.47 10.22 -50.38
CA VAL L 247 -47.55 9.19 -49.93
C VAL L 247 -48.09 7.81 -50.23
N ALA L 248 -49.40 7.62 -50.09
CA ALA L 248 -50.05 6.33 -50.32
C ALA L 248 -51.21 6.52 -51.29
N PRO L 249 -50.94 6.74 -52.55
CA PRO L 249 -52.00 7.18 -53.46
C PRO L 249 -52.90 6.04 -53.92
N ASP L 250 -53.29 5.18 -52.99
CA ASP L 250 -54.30 4.17 -53.27
C ASP L 250 -55.17 3.89 -52.07
N ALA L 251 -54.98 4.60 -50.97
CA ALA L 251 -55.72 4.33 -49.75
C ALA L 251 -57.09 4.99 -49.79
N THR L 252 -58.08 4.32 -49.22
CA THR L 252 -59.38 4.90 -49.05
C THR L 252 -59.33 5.96 -47.97
N LEU L 253 -60.15 7.00 -48.11
CA LEU L 253 -60.12 8.12 -47.20
C LEU L 253 -61.49 8.30 -46.56
N LEU L 254 -61.48 8.73 -45.29
CA LEU L 254 -62.69 9.12 -44.59
C LEU L 254 -62.45 10.49 -43.98
N ALA L 255 -63.41 11.39 -44.12
CA ALA L 255 -63.30 12.73 -43.59
C ALA L 255 -64.20 12.90 -42.38
N TYR L 256 -63.67 13.52 -41.34
CA TYR L 256 -64.42 13.74 -40.11
C TYR L 256 -64.22 15.20 -39.71
N ARG L 257 -65.23 16.01 -39.99
CA ARG L 257 -65.17 17.44 -39.68
C ARG L 257 -65.47 17.62 -38.20
N VAL L 258 -64.42 17.77 -37.40
CA VAL L 258 -64.58 18.04 -35.99
C VAL L 258 -64.18 19.45 -35.61
N LEU L 259 -63.39 20.13 -36.42
CA LEU L 259 -63.00 21.50 -36.16
C LEU L 259 -63.91 22.42 -36.96
N GLY L 260 -64.61 23.30 -36.27
CA GLY L 260 -65.57 24.16 -36.90
C GLY L 260 -64.90 25.28 -37.68
N PRO L 261 -65.69 26.25 -38.11
CA PRO L 261 -65.11 27.41 -38.81
C PRO L 261 -64.09 28.11 -37.94
N GLY L 262 -63.00 28.55 -38.55
CA GLY L 262 -61.91 29.17 -37.86
C GLY L 262 -60.85 28.21 -37.37
N GLY L 263 -61.09 26.91 -37.48
CA GLY L 263 -60.14 25.91 -37.04
C GLY L 263 -60.22 25.52 -35.59
N SER L 264 -61.26 25.93 -34.88
CA SER L 264 -61.41 25.64 -33.47
C SER L 264 -62.51 24.60 -33.26
N GLY L 265 -62.24 23.65 -32.39
CA GLY L 265 -63.21 22.59 -32.12
C GLY L 265 -63.20 22.10 -30.70
N THR L 266 -64.37 21.71 -30.20
CA THR L 266 -64.47 21.21 -28.83
C THR L 266 -63.76 19.88 -28.69
N THR L 267 -63.27 19.61 -27.48
CA THR L 267 -62.62 18.34 -27.21
C THR L 267 -63.59 17.17 -27.39
N GLU L 268 -64.85 17.36 -27.01
CA GLU L 268 -65.83 16.30 -27.17
C GLU L 268 -66.03 15.93 -28.63
N ASN L 269 -66.02 16.91 -29.53
CA ASN L 269 -66.10 16.62 -30.95
C ASN L 269 -64.91 15.83 -31.44
N VAL L 270 -63.71 16.12 -30.97
CA VAL L 270 -62.54 15.36 -31.38
C VAL L 270 -62.62 13.93 -30.87
N ILE L 271 -63.07 13.74 -29.63
CA ILE L 271 -63.22 12.39 -29.11
C ILE L 271 -64.26 11.63 -29.92
N ALA L 272 -65.38 12.29 -30.25
CA ALA L 272 -66.39 11.66 -31.06
C ALA L 272 -65.86 11.29 -32.44
N GLY L 273 -65.04 12.15 -33.03
CA GLY L 273 -64.44 11.86 -34.31
C GLY L 273 -63.52 10.66 -34.25
N ILE L 274 -62.70 10.58 -33.20
CA ILE L 274 -61.81 9.44 -33.06
C ILE L 274 -62.59 8.15 -32.91
N GLU L 275 -63.61 8.16 -32.04
CA GLU L 275 -64.41 6.95 -31.84
C GLU L 275 -65.18 6.55 -33.09
N ARG L 276 -65.71 7.53 -33.84
CA ARG L 276 -66.42 7.20 -35.07
C ARG L 276 -65.47 6.69 -36.14
N ALA L 277 -64.24 7.20 -36.17
CA ALA L 277 -63.25 6.67 -37.09
C ALA L 277 -62.90 5.24 -36.75
N VAL L 278 -62.84 4.91 -35.46
CA VAL L 278 -62.63 3.51 -35.08
C VAL L 278 -63.84 2.66 -35.48
N GLN L 279 -65.05 3.21 -35.35
CA GLN L 279 -66.24 2.51 -35.82
C GLN L 279 -66.14 2.16 -37.29
N ASP L 280 -65.80 3.14 -38.12
CA ASP L 280 -65.87 3.00 -39.56
C ASP L 280 -64.77 2.12 -40.12
N GLY L 281 -64.01 1.43 -39.28
CA GLY L 281 -63.01 0.51 -39.76
C GLY L 281 -61.74 1.14 -40.27
N ALA L 282 -61.48 2.41 -39.95
CA ALA L 282 -60.26 3.05 -40.39
C ALA L 282 -59.05 2.32 -39.81
N ASP L 283 -58.10 2.02 -40.68
CA ASP L 283 -56.87 1.36 -40.23
C ASP L 283 -55.82 2.36 -39.77
N VAL L 284 -55.78 3.53 -40.38
CA VAL L 284 -54.84 4.58 -39.99
C VAL L 284 -55.64 5.83 -39.68
N MET L 285 -55.21 6.57 -38.68
CA MET L 285 -55.92 7.74 -38.21
C MET L 285 -54.95 8.92 -38.20
N ASN L 286 -55.40 10.09 -38.63
CA ASN L 286 -54.55 11.26 -38.70
C ASN L 286 -55.17 12.41 -37.94
N LEU L 287 -54.43 12.94 -36.98
CA LEU L 287 -54.83 14.10 -36.17
C LEU L 287 -53.80 15.20 -36.33
N SER L 288 -54.12 16.19 -37.14
CA SER L 288 -53.30 17.38 -37.30
C SER L 288 -53.82 18.55 -36.49
N LEU L 289 -54.56 18.26 -35.43
CA LEU L 289 -55.05 19.26 -34.50
C LEU L 289 -54.28 19.15 -33.19
N GLY L 290 -54.65 19.98 -32.24
CA GLY L 290 -54.06 19.88 -30.91
C GLY L 290 -53.93 21.20 -30.20
N ASN L 291 -54.13 21.19 -28.89
CA ASN L 291 -53.93 22.36 -28.06
C ASN L 291 -52.47 22.37 -27.58
N SER L 292 -52.16 23.22 -26.61
CA SER L 292 -50.78 23.36 -26.14
C SER L 292 -50.69 23.09 -24.66
N VAL L 293 -51.32 22.02 -24.20
CA VAL L 293 -51.23 21.59 -22.80
C VAL L 293 -50.38 20.33 -22.76
N ASN L 294 -49.22 20.42 -22.12
CA ASN L 294 -48.30 19.29 -22.01
C ASN L 294 -48.80 18.35 -20.90
N ASN L 295 -49.88 17.66 -21.20
CA ASN L 295 -50.48 16.71 -20.26
C ASN L 295 -50.70 15.39 -20.99
N PRO L 296 -50.07 14.30 -20.55
CA PRO L 296 -50.27 13.01 -21.23
C PRO L 296 -51.64 12.42 -21.00
N ASP L 297 -52.40 12.93 -20.04
CA ASP L 297 -53.72 12.40 -19.71
C ASP L 297 -54.81 13.40 -20.06
N TRP L 298 -54.64 14.11 -21.16
CA TRP L 298 -55.74 14.88 -21.68
C TRP L 298 -56.78 13.95 -22.29
N ALA L 299 -57.99 14.47 -22.48
CA ALA L 299 -59.07 13.63 -23.00
C ALA L 299 -58.74 13.12 -24.39
N THR L 300 -58.19 13.98 -25.24
CA THR L 300 -57.84 13.57 -26.59
C THR L 300 -56.71 12.56 -26.61
N SER L 301 -55.81 12.61 -25.63
CA SER L 301 -54.76 11.61 -25.53
C SER L 301 -55.27 10.28 -25.02
N THR L 302 -56.19 10.29 -24.06
CA THR L 302 -56.82 9.06 -23.63
C THR L 302 -57.60 8.40 -24.76
N ALA L 303 -58.33 9.21 -25.53
CA ALA L 303 -59.04 8.67 -26.68
C ALA L 303 -58.08 8.09 -27.71
N LEU L 304 -56.93 8.70 -27.89
CA LEU L 304 -55.96 8.20 -28.84
C LEU L 304 -55.28 6.92 -28.34
N ASP L 305 -55.13 6.76 -27.04
CA ASP L 305 -54.66 5.50 -26.47
C ASP L 305 -55.73 4.42 -26.46
N TRP L 306 -57.01 4.80 -26.53
CA TRP L 306 -58.05 3.78 -26.68
C TRP L 306 -57.94 3.13 -28.04
N ALA L 307 -57.86 3.92 -29.11
CA ALA L 307 -57.33 3.40 -30.35
C ALA L 307 -55.85 3.08 -30.16
N MET L 308 -55.25 2.46 -31.16
CA MET L 308 -53.92 1.87 -31.04
C MET L 308 -53.98 0.67 -30.11
N SER L 309 -55.15 0.46 -29.51
CA SER L 309 -55.48 -0.79 -28.85
C SER L 309 -56.69 -1.45 -29.47
N GLU L 310 -57.55 -0.71 -30.15
CA GLU L 310 -58.54 -1.30 -31.04
C GLU L 310 -57.99 -1.38 -32.46
N GLY L 311 -56.75 -1.85 -32.57
CA GLY L 311 -56.14 -2.12 -33.85
C GLY L 311 -56.09 -0.98 -34.84
N VAL L 312 -56.03 0.27 -34.39
CA VAL L 312 -56.02 1.42 -35.29
C VAL L 312 -54.78 2.25 -35.01
N THR L 313 -53.88 2.33 -35.98
CA THR L 313 -52.70 3.18 -35.85
C THR L 313 -53.12 4.64 -35.81
N ALA L 314 -52.51 5.41 -34.92
CA ALA L 314 -52.89 6.80 -34.70
C ALA L 314 -51.65 7.68 -34.86
N VAL L 315 -51.66 8.53 -35.87
CA VAL L 315 -50.56 9.45 -36.13
C VAL L 315 -51.05 10.86 -35.86
N THR L 316 -50.28 11.62 -35.08
CA THR L 316 -50.69 12.94 -34.67
C THR L 316 -49.51 13.90 -34.80
N SER L 317 -49.83 15.17 -34.98
CA SER L 317 -48.80 16.18 -35.01
C SER L 317 -48.28 16.45 -33.60
N ASN L 318 -47.01 16.85 -33.53
CA ASN L 318 -46.41 17.22 -32.26
C ASN L 318 -46.87 18.58 -31.75
N GLY L 319 -47.30 19.45 -32.63
CA GLY L 319 -47.66 20.81 -32.28
C GLY L 319 -46.71 21.83 -32.87
N ASN L 320 -47.15 23.08 -32.84
CA ASN L 320 -46.42 24.18 -33.47
C ASN L 320 -46.00 25.17 -32.40
N SER L 321 -44.85 24.91 -31.79
CA SER L 321 -44.30 25.82 -30.79
C SER L 321 -42.80 25.93 -31.02
N GLY L 322 -42.27 27.13 -30.75
CA GLY L 322 -40.90 27.45 -31.07
C GLY L 322 -39.91 26.50 -30.42
N PRO L 323 -38.64 26.70 -30.69
CA PRO L 323 -37.65 25.75 -30.18
C PRO L 323 -37.54 25.87 -28.68
N ASN L 324 -38.16 24.94 -27.98
CA ASN L 324 -38.27 25.01 -26.53
C ASN L 324 -38.76 23.68 -26.01
N ASN L 325 -38.07 23.13 -25.02
CA ASN L 325 -38.48 21.85 -24.48
C ASN L 325 -39.80 22.00 -23.73
N TRP L 326 -40.50 20.88 -23.57
CA TRP L 326 -41.74 20.82 -22.80
C TRP L 326 -42.86 21.61 -23.43
N THR L 327 -42.90 21.67 -24.77
CA THR L 327 -43.95 22.42 -25.46
C THR L 327 -44.81 21.53 -26.35
N VAL L 328 -44.78 20.22 -26.14
CA VAL L 328 -45.53 19.31 -26.99
C VAL L 328 -47.01 19.41 -26.66
N GLY L 329 -47.86 19.30 -27.69
CA GLY L 329 -49.28 19.52 -27.52
C GLY L 329 -50.00 18.36 -26.87
N SER L 330 -51.32 18.53 -26.73
CA SER L 330 -52.10 17.59 -25.91
C SER L 330 -52.29 16.23 -26.58
N PRO L 331 -52.89 16.13 -27.77
CA PRO L 331 -53.02 14.81 -28.39
C PRO L 331 -51.68 14.19 -28.72
N GLY L 332 -50.65 15.01 -28.90
CA GLY L 332 -49.33 14.49 -29.24
C GLY L 332 -48.53 14.12 -28.01
N THR L 333 -49.16 14.09 -26.84
CA THR L 333 -48.54 13.60 -25.63
C THR L 333 -49.01 12.21 -25.26
N SER L 334 -49.84 11.60 -26.09
CA SER L 334 -50.38 10.28 -25.78
C SER L 334 -49.27 9.25 -25.73
N ARG L 335 -49.43 8.29 -24.83
CA ARG L 335 -48.39 7.29 -24.63
C ARG L 335 -48.25 6.35 -25.82
N GLU L 336 -49.36 6.04 -26.50
CA GLU L 336 -49.35 5.11 -27.62
C GLU L 336 -49.93 5.82 -28.83
N ALA L 337 -49.07 6.56 -29.54
CA ALA L 337 -49.45 7.19 -30.79
C ALA L 337 -48.20 7.77 -31.41
N ILE L 338 -48.10 7.72 -32.72
CA ILE L 338 -46.91 8.23 -33.40
C ILE L 338 -47.05 9.74 -33.51
N SER L 339 -46.26 10.48 -32.74
CA SER L 339 -46.21 11.92 -32.82
C SER L 339 -45.10 12.33 -33.76
N VAL L 340 -45.39 13.26 -34.65
CA VAL L 340 -44.49 13.61 -35.74
C VAL L 340 -44.05 15.06 -35.60
N GLY L 341 -42.76 15.28 -35.70
CA GLY L 341 -42.20 16.62 -35.82
C GLY L 341 -41.90 16.96 -37.27
N ALA L 342 -41.60 18.22 -37.49
CA ALA L 342 -41.43 18.76 -38.85
C ALA L 342 -39.96 18.99 -39.16
N THR L 343 -39.57 18.66 -40.39
CA THR L 343 -38.20 18.86 -40.84
C THR L 343 -38.20 19.66 -42.14
N GLN L 344 -37.06 20.29 -42.41
CA GLN L 344 -36.83 20.97 -43.67
C GLN L 344 -36.02 20.07 -44.59
N LEU L 345 -36.45 19.96 -45.83
CA LEU L 345 -35.73 19.14 -46.79
C LEU L 345 -34.37 19.77 -47.08
N PRO L 346 -33.38 18.96 -47.47
CA PRO L 346 -32.04 19.50 -47.75
C PRO L 346 -32.08 20.54 -48.85
N LEU L 347 -31.71 21.76 -48.50
CA LEU L 347 -31.72 22.88 -49.44
C LEU L 347 -30.31 23.43 -49.59
N ASN L 348 -30.05 24.02 -50.75
CA ASN L 348 -28.74 24.54 -51.07
C ASN L 348 -28.61 26.01 -50.69
N LYS L 477 -23.46 26.97 -49.21
CA LYS L 477 -23.37 25.89 -48.23
C LYS L 477 -24.64 25.06 -48.19
N SER L 478 -24.65 23.97 -48.94
CA SER L 478 -25.79 23.05 -48.95
C SER L 478 -25.95 22.38 -47.59
N LEU L 479 -27.18 22.37 -47.10
CA LEU L 479 -27.49 21.78 -45.80
C LEU L 479 -28.20 20.45 -45.98
N THR L 480 -28.04 19.59 -44.98
CA THR L 480 -28.77 18.33 -44.93
C THR L 480 -30.15 18.59 -44.35
N GLU L 481 -30.89 17.54 -44.02
CA GLU L 481 -32.19 17.71 -43.40
C GLU L 481 -32.05 18.36 -42.04
N GLN L 482 -33.00 19.24 -41.72
CA GLN L 482 -32.93 20.01 -40.50
C GLN L 482 -34.33 20.14 -39.92
N MET L 483 -34.43 20.07 -38.61
CA MET L 483 -35.74 20.25 -37.98
C MET L 483 -36.15 21.71 -38.03
N ALA L 484 -37.41 21.94 -38.37
CA ALA L 484 -37.96 23.29 -38.33
C ALA L 484 -37.99 23.80 -36.90
N ASP L 485 -37.92 25.12 -36.75
CA ASP L 485 -37.85 25.74 -35.43
C ASP L 485 -39.22 26.03 -34.86
N PHE L 486 -40.29 25.50 -35.45
CA PHE L 486 -41.60 25.63 -34.86
C PHE L 486 -42.16 24.30 -34.36
N SER L 487 -41.44 23.20 -34.54
CA SER L 487 -41.91 21.93 -34.02
C SER L 487 -41.87 21.95 -32.50
N SER L 488 -42.95 21.49 -31.88
CA SER L 488 -42.95 21.35 -30.44
C SER L 488 -41.96 20.28 -30.02
N ARG L 489 -41.41 20.44 -28.83
CA ARG L 489 -40.38 19.56 -28.34
C ARG L 489 -40.78 18.97 -27.00
N GLY L 490 -40.37 17.74 -26.75
CA GLY L 490 -40.66 17.08 -25.52
C GLY L 490 -39.75 17.55 -24.41
N PRO L 491 -39.70 16.80 -23.31
CA PRO L 491 -40.43 15.57 -23.02
C PRO L 491 -41.86 15.82 -22.60
N VAL L 492 -42.64 14.77 -22.42
CA VAL L 492 -43.97 14.91 -21.87
C VAL L 492 -43.91 15.04 -20.36
N MET L 493 -44.76 15.89 -19.81
CA MET L 493 -44.81 16.08 -18.37
C MET L 493 -45.40 14.83 -17.72
N ASP L 494 -44.93 14.53 -16.51
CA ASP L 494 -45.49 13.50 -15.65
C ASP L 494 -45.22 12.10 -16.16
N THR L 495 -44.69 11.97 -17.37
CA THR L 495 -44.21 10.69 -17.88
C THR L 495 -42.81 10.77 -18.45
N TRP L 496 -42.30 11.96 -18.74
CA TRP L 496 -40.93 12.16 -19.20
C TRP L 496 -40.64 11.37 -20.46
N MET L 497 -41.68 11.11 -21.24
CA MET L 497 -41.54 10.36 -22.48
C MET L 497 -40.91 11.23 -23.55
N ILE L 498 -40.10 10.61 -24.40
CA ILE L 498 -39.44 11.35 -25.48
C ILE L 498 -40.44 11.62 -26.58
N LYS L 499 -40.61 12.89 -26.93
CA LYS L 499 -41.46 13.27 -28.05
C LYS L 499 -40.79 14.42 -28.78
N PRO L 500 -40.96 14.52 -30.11
CA PRO L 500 -41.82 13.73 -31.00
C PRO L 500 -41.36 12.30 -31.13
N ASP L 501 -42.20 11.39 -31.58
CA ASP L 501 -41.73 10.03 -31.80
C ASP L 501 -40.87 9.95 -33.05
N VAL L 502 -41.32 10.54 -34.15
CA VAL L 502 -40.55 10.55 -35.39
C VAL L 502 -40.70 11.92 -36.01
N SER L 503 -39.76 12.31 -36.86
CA SER L 503 -39.89 13.52 -37.65
C SER L 503 -40.09 13.20 -39.12
N ALA L 504 -40.67 14.14 -39.85
CA ALA L 504 -41.00 13.96 -41.25
C ALA L 504 -40.99 15.32 -41.93
N PRO L 505 -40.88 15.36 -43.25
CA PRO L 505 -40.87 16.65 -43.95
C PRO L 505 -42.17 17.41 -43.74
N GLY L 506 -42.05 18.61 -43.19
CA GLY L 506 -43.23 19.40 -42.89
C GLY L 506 -43.08 20.88 -43.14
N VAL L 507 -42.14 21.27 -44.00
CA VAL L 507 -41.91 22.66 -44.33
C VAL L 507 -42.08 22.83 -45.83
N ASN L 508 -42.93 23.78 -46.23
CA ASN L 508 -43.18 24.08 -47.63
C ASN L 508 -43.68 22.84 -48.38
N ILE L 509 -44.83 22.34 -47.93
CA ILE L 509 -45.45 21.18 -48.54
C ILE L 509 -46.60 21.67 -49.43
N VAL L 510 -46.54 21.34 -50.70
CA VAL L 510 -47.60 21.72 -51.63
C VAL L 510 -48.56 20.55 -51.76
N SER L 511 -49.85 20.84 -51.75
CA SER L 511 -50.86 19.80 -51.79
C SER L 511 -52.19 20.42 -52.18
N THR L 512 -53.20 19.56 -52.32
CA THR L 512 -54.49 19.98 -52.83
C THR L 512 -55.20 20.86 -51.81
N ILE L 513 -55.77 21.96 -52.27
CA ILE L 513 -56.57 22.85 -51.44
C ILE L 513 -57.84 23.24 -52.18
N PRO L 514 -58.90 23.63 -51.48
CA PRO L 514 -59.98 24.34 -52.14
C PRO L 514 -59.67 25.81 -52.21
N THR L 515 -59.88 26.39 -53.39
CA THR L 515 -59.66 27.82 -53.56
C THR L 515 -60.80 28.66 -53.04
N HIS L 516 -61.92 28.03 -52.67
CA HIS L 516 -63.11 28.73 -52.21
C HIS L 516 -63.56 29.77 -53.22
N ASP L 517 -63.40 29.44 -54.49
CA ASP L 517 -63.78 30.29 -55.61
C ASP L 517 -64.72 29.50 -56.50
N PRO L 518 -65.97 29.94 -56.69
CA PRO L 518 -66.87 29.20 -57.58
C PRO L 518 -66.36 29.06 -59.00
N ALA L 519 -65.52 29.97 -59.47
CA ALA L 519 -64.98 29.87 -60.83
C ALA L 519 -64.11 28.63 -60.99
N ASP L 520 -63.24 28.37 -60.02
CA ASP L 520 -62.44 27.15 -60.00
C ASP L 520 -62.20 26.77 -58.54
N PRO L 521 -62.92 25.78 -58.03
CA PRO L 521 -62.89 25.53 -56.59
C PRO L 521 -61.69 24.75 -56.10
N TYR L 522 -60.93 24.12 -56.98
CA TYR L 522 -59.84 23.24 -56.60
C TYR L 522 -58.51 23.79 -57.11
N GLY L 523 -57.48 23.69 -56.27
CA GLY L 523 -56.17 24.13 -56.68
C GLY L 523 -55.11 23.51 -55.79
N TYR L 524 -53.91 24.05 -55.86
CA TYR L 524 -52.81 23.58 -55.05
C TYR L 524 -52.21 24.72 -54.26
N GLY L 525 -51.78 24.41 -53.05
CA GLY L 525 -51.24 25.44 -52.17
C GLY L 525 -50.16 24.85 -51.30
N SER L 526 -49.25 25.73 -50.88
CA SER L 526 -48.09 25.34 -50.08
C SER L 526 -48.34 25.79 -48.64
N LYS L 527 -48.38 24.83 -47.73
CA LYS L 527 -48.52 25.11 -46.32
C LYS L 527 -47.37 24.48 -45.55
N GLN L 528 -47.14 25.00 -44.35
CA GLN L 528 -46.04 24.57 -43.51
C GLN L 528 -46.55 24.40 -42.09
N GLY L 529 -45.99 23.44 -41.38
CA GLY L 529 -46.37 23.22 -40.01
C GLY L 529 -46.16 21.78 -39.61
N THR L 530 -46.04 21.58 -38.30
CA THR L 530 -45.96 20.23 -37.77
C THR L 530 -47.22 19.44 -38.09
N SER L 531 -48.34 20.14 -38.26
CA SER L 531 -49.58 19.48 -38.65
C SER L 531 -49.51 18.89 -40.04
N MET L 532 -48.52 19.28 -40.84
CA MET L 532 -48.33 18.69 -42.15
C MET L 532 -47.13 17.76 -42.24
N ALA L 533 -46.44 17.51 -41.15
CA ALA L 533 -45.50 16.41 -41.12
C ALA L 533 -46.19 15.10 -40.81
N SER L 534 -47.22 15.12 -39.99
CA SER L 534 -47.94 13.88 -39.65
C SER L 534 -48.56 13.19 -40.86
N PRO L 535 -49.14 13.86 -41.86
CA PRO L 535 -49.70 13.11 -42.99
C PRO L 535 -48.70 12.25 -43.72
N HIS L 536 -47.43 12.65 -43.77
CA HIS L 536 -46.42 11.78 -44.37
C HIS L 536 -46.32 10.47 -43.60
N VAL L 537 -46.32 10.55 -42.27
CA VAL L 537 -46.22 9.32 -41.48
C VAL L 537 -47.50 8.52 -41.57
N ALA L 538 -48.65 9.19 -41.72
CA ALA L 538 -49.89 8.44 -41.91
C ALA L 538 -49.88 7.68 -43.22
N GLY L 539 -49.41 8.31 -44.29
CA GLY L 539 -49.26 7.60 -45.55
C GLY L 539 -48.26 6.48 -45.46
N ALA L 540 -47.16 6.71 -44.74
CA ALA L 540 -46.17 5.66 -44.53
C ALA L 540 -46.77 4.48 -43.79
N ALA L 541 -47.58 4.75 -42.77
CA ALA L 541 -48.23 3.69 -42.03
C ALA L 541 -49.20 2.93 -42.92
N ALA L 542 -49.93 3.63 -43.79
CA ALA L 542 -50.82 2.94 -44.72
C ALA L 542 -50.04 2.03 -45.64
N VAL L 543 -48.93 2.52 -46.18
CA VAL L 543 -48.11 1.71 -47.09
C VAL L 543 -47.58 0.49 -46.37
N ILE L 544 -47.08 0.68 -45.15
CA ILE L 544 -46.54 -0.44 -44.39
C ILE L 544 -47.62 -1.46 -44.08
N LYS L 545 -48.80 -0.99 -43.68
CA LYS L 545 -49.89 -1.90 -43.38
C LYS L 545 -50.30 -2.69 -44.60
N GLN L 546 -50.22 -2.09 -45.79
CA GLN L 546 -50.41 -2.90 -47.00
C GLN L 546 -49.29 -3.91 -47.16
N ALA L 547 -48.05 -3.51 -46.86
CA ALA L 547 -46.91 -4.42 -47.04
C ALA L 547 -46.90 -5.51 -45.98
N LYS L 548 -47.13 -5.14 -44.73
CA LYS L 548 -47.13 -6.09 -43.61
C LYS L 548 -48.53 -6.13 -43.01
N PRO L 549 -49.42 -6.98 -43.51
CA PRO L 549 -50.81 -6.94 -43.04
C PRO L 549 -51.01 -7.50 -41.65
N LYS L 550 -50.00 -8.15 -41.06
CA LYS L 550 -50.16 -8.76 -39.76
C LYS L 550 -49.62 -7.92 -38.62
N TRP L 551 -49.01 -6.77 -38.91
CA TRP L 551 -48.40 -5.97 -37.87
C TRP L 551 -49.47 -5.22 -37.07
N SER L 552 -49.29 -5.19 -35.76
CA SER L 552 -50.16 -4.45 -34.86
C SER L 552 -49.82 -2.97 -34.95
N PRO L 553 -50.68 -2.08 -34.45
CA PRO L 553 -50.32 -0.66 -34.45
C PRO L 553 -49.02 -0.37 -33.72
N GLU L 554 -48.75 -1.04 -32.61
CA GLU L 554 -47.49 -0.84 -31.92
C GLU L 554 -46.30 -1.38 -32.69
N GLN L 555 -46.47 -2.46 -33.44
CA GLN L 555 -45.42 -2.95 -34.30
C GLN L 555 -45.09 -2.00 -35.42
N ILE L 556 -46.10 -1.35 -36.01
CA ILE L 556 -45.85 -0.33 -37.02
C ILE L 556 -45.10 0.85 -36.43
N LYS L 557 -45.51 1.27 -35.24
CA LYS L 557 -44.81 2.38 -34.59
C LYS L 557 -43.36 2.03 -34.33
N ALA L 558 -43.11 0.81 -33.84
CA ALA L 558 -41.74 0.38 -33.61
C ALA L 558 -40.94 0.23 -34.89
N ALA L 559 -41.56 -0.15 -36.00
CA ALA L 559 -40.85 -0.27 -37.26
C ALA L 559 -40.52 1.08 -37.88
N LEU L 560 -41.43 2.04 -37.82
CA LEU L 560 -41.10 3.39 -38.26
C LEU L 560 -40.01 3.98 -37.39
N MET L 561 -40.10 3.78 -36.08
CA MET L 561 -39.19 4.44 -35.17
C MET L 561 -37.81 3.79 -35.18
N ASN L 562 -37.74 2.49 -35.49
CA ASN L 562 -36.47 1.79 -35.47
C ASN L 562 -35.60 2.19 -36.65
N THR L 563 -36.18 2.25 -37.84
CA THR L 563 -35.45 2.53 -39.08
C THR L 563 -35.69 4.00 -39.42
N ALA L 564 -34.92 4.87 -38.77
CA ALA L 564 -35.05 6.30 -38.98
C ALA L 564 -33.66 6.92 -38.96
N GLU L 565 -33.43 7.89 -39.85
CA GLU L 565 -32.12 8.50 -39.99
C GLU L 565 -31.97 9.66 -39.03
N THR L 566 -30.96 9.58 -38.17
CA THR L 566 -30.65 10.68 -37.27
C THR L 566 -30.26 11.93 -38.06
N LEU L 567 -30.67 13.08 -37.55
CA LEU L 567 -30.47 14.35 -38.20
C LEU L 567 -29.44 15.18 -37.46
N THR L 568 -28.49 15.73 -38.17
CA THR L 568 -27.52 16.65 -37.60
C THR L 568 -27.82 18.07 -38.06
N ASP L 569 -27.56 19.03 -37.18
CA ASP L 569 -27.85 20.42 -37.48
C ASP L 569 -26.75 20.99 -38.37
N ALA L 570 -26.74 22.31 -38.55
CA ALA L 570 -25.81 22.94 -39.47
C ALA L 570 -24.36 22.76 -39.01
N ASP L 571 -24.09 22.96 -37.72
CA ASP L 571 -22.71 22.88 -37.25
C ASP L 571 -22.18 21.46 -37.33
N GLY L 572 -23.04 20.47 -37.10
CA GLY L 572 -22.62 19.09 -37.18
C GLY L 572 -22.96 18.29 -35.93
N ASP L 573 -23.80 18.85 -35.08
CA ASP L 573 -24.21 18.18 -33.85
C ASP L 573 -25.55 17.50 -34.05
N VAL L 574 -25.67 16.28 -33.53
CA VAL L 574 -26.93 15.57 -33.60
C VAL L 574 -27.99 16.35 -32.83
N TYR L 575 -29.16 16.50 -33.44
CA TYR L 575 -30.25 17.17 -32.77
C TYR L 575 -30.64 16.41 -31.51
N PRO L 576 -31.03 17.10 -30.45
CA PRO L 576 -31.41 16.41 -29.21
C PRO L 576 -32.59 15.48 -29.46
N HIS L 577 -32.70 14.47 -28.61
CA HIS L 577 -33.75 13.46 -28.80
C HIS L 577 -35.14 14.08 -28.68
N ASN L 578 -35.34 15.03 -27.78
CA ASN L 578 -36.62 15.72 -27.75
C ASN L 578 -36.62 16.90 -28.68
N ALA L 579 -36.05 16.72 -29.86
CA ALA L 579 -36.25 17.59 -31.00
C ALA L 579 -36.36 16.79 -32.27
N GLN L 580 -36.01 15.52 -32.23
CA GLN L 580 -35.89 14.62 -33.36
C GLN L 580 -36.72 13.36 -33.18
N GLY L 581 -36.76 12.84 -31.96
CA GLY L 581 -37.44 11.61 -31.65
C GLY L 581 -36.59 10.42 -31.99
N ALA L 582 -36.53 10.09 -33.27
CA ALA L 582 -35.64 9.03 -33.73
C ALA L 582 -35.08 9.36 -35.09
N GLY L 583 -35.43 10.50 -35.66
CA GLY L 583 -34.98 10.89 -36.97
C GLY L 583 -36.12 10.92 -37.96
N SER L 584 -35.78 11.10 -39.22
CA SER L 584 -36.76 11.15 -40.29
C SER L 584 -37.17 9.73 -40.69
N ILE L 585 -38.43 9.57 -41.09
CA ILE L 585 -38.90 8.27 -41.53
C ILE L 585 -38.14 7.85 -42.77
N ARG L 586 -38.04 6.54 -42.97
CA ARG L 586 -37.55 5.94 -44.21
C ARG L 586 -38.48 4.77 -44.50
N ILE L 587 -39.45 4.99 -45.38
CA ILE L 587 -40.48 3.98 -45.63
C ILE L 587 -39.86 2.70 -46.17
N MET L 588 -38.84 2.83 -47.02
CA MET L 588 -38.25 1.66 -47.65
C MET L 588 -37.56 0.77 -46.62
N LYS L 589 -36.81 1.38 -45.70
CA LYS L 589 -36.18 0.58 -44.65
C LYS L 589 -37.22 -0.06 -43.74
N ALA L 590 -38.28 0.68 -43.41
CA ALA L 590 -39.30 0.14 -42.53
C ALA L 590 -40.03 -1.03 -43.17
N ILE L 591 -40.30 -0.95 -44.47
CA ILE L 591 -41.01 -2.02 -45.16
C ILE L 591 -40.19 -3.29 -45.18
N LYS L 592 -38.87 -3.19 -45.24
CA LYS L 592 -37.99 -4.35 -45.30
C LYS L 592 -37.27 -4.43 -43.97
N ALA L 593 -37.95 -5.01 -42.99
CA ALA L 593 -37.41 -5.12 -41.65
C ALA L 593 -37.91 -6.43 -41.04
N ASP L 594 -36.98 -7.30 -40.69
CA ASP L 594 -37.31 -8.59 -40.13
C ASP L 594 -37.05 -8.66 -38.64
N SER L 595 -36.68 -7.55 -38.01
CA SER L 595 -36.47 -7.51 -36.57
C SER L 595 -37.08 -6.23 -36.05
N LEU L 596 -37.87 -6.33 -34.99
CA LEU L 596 -38.52 -5.18 -34.39
C LEU L 596 -38.13 -5.05 -32.93
N VAL L 597 -37.65 -3.88 -32.54
CA VAL L 597 -37.28 -3.61 -31.15
C VAL L 597 -38.32 -2.68 -30.56
N ALA L 598 -38.94 -3.12 -29.47
CA ALA L 598 -40.00 -2.37 -28.83
C ALA L 598 -39.75 -2.26 -27.34
N PRO L 599 -40.04 -1.11 -26.73
CA PRO L 599 -40.58 0.11 -27.33
C PRO L 599 -39.52 0.82 -28.13
N GLY L 600 -39.91 1.58 -29.16
CA GLY L 600 -38.92 2.22 -30.00
C GLY L 600 -38.08 3.25 -29.27
N SER L 601 -38.61 3.81 -28.19
CA SER L 601 -37.85 4.73 -27.35
C SER L 601 -38.32 4.54 -25.93
N TYR L 602 -37.40 4.67 -24.98
CA TYR L 602 -37.72 4.47 -23.58
C TYR L 602 -37.19 5.63 -22.77
N SER L 603 -37.88 5.93 -21.68
CA SER L 603 -37.50 6.99 -20.77
C SER L 603 -37.42 6.42 -19.36
N TYR L 604 -36.28 6.62 -18.71
CA TYR L 604 -36.08 6.05 -17.38
C TYR L 604 -36.70 6.88 -16.28
N GLY L 605 -37.31 8.01 -16.60
CA GLY L 605 -37.93 8.83 -15.58
C GLY L 605 -36.92 9.73 -14.90
N THR L 606 -37.12 9.95 -13.61
CA THR L 606 -36.32 10.88 -12.84
C THR L 606 -35.57 10.14 -11.74
N PHE L 607 -34.40 10.67 -11.38
CA PHE L 607 -33.58 10.15 -10.30
C PHE L 607 -33.49 11.24 -9.24
N MET L 608 -34.14 11.03 -8.11
CA MET L 608 -34.33 12.06 -7.11
C MET L 608 -33.44 11.88 -5.88
N LYS L 609 -32.67 10.81 -5.80
CA LYS L 609 -31.91 10.53 -4.58
C LYS L 609 -30.87 11.62 -4.34
N ASP L 610 -30.82 12.08 -3.09
CA ASP L 610 -29.85 13.11 -2.72
C ASP L 610 -28.44 12.55 -2.61
N LYS L 611 -28.32 11.33 -2.06
CA LYS L 611 -27.03 10.68 -1.92
C LYS L 611 -27.19 9.19 -2.22
N GLY L 612 -26.10 8.57 -2.63
CA GLY L 612 -26.11 7.17 -2.98
C GLY L 612 -26.24 6.95 -4.47
N ASN L 613 -26.42 5.69 -4.83
CA ASN L 613 -26.57 5.28 -6.22
C ASN L 613 -27.97 4.74 -6.44
N GLU L 614 -28.59 5.14 -7.53
CA GLU L 614 -29.92 4.67 -7.88
C GLU L 614 -29.86 3.94 -9.20
N THR L 615 -30.46 2.74 -9.24
CA THR L 615 -30.41 1.88 -10.40
C THR L 615 -31.82 1.64 -10.91
N LYS L 616 -32.01 1.80 -12.22
CA LYS L 616 -33.26 1.48 -12.87
C LYS L 616 -32.97 0.53 -14.02
N LYS L 617 -33.99 -0.22 -14.44
CA LYS L 617 -33.78 -1.14 -15.54
C LYS L 617 -35.04 -1.22 -16.39
N GLU L 618 -34.84 -1.55 -17.65
CA GLU L 618 -35.92 -1.69 -18.61
C GLU L 618 -35.69 -2.96 -19.41
N THR L 619 -36.78 -3.55 -19.89
CA THR L 619 -36.72 -4.75 -20.71
C THR L 619 -37.22 -4.40 -22.10
N PHE L 620 -36.31 -4.32 -23.06
CA PHE L 620 -36.68 -4.17 -24.45
C PHE L 620 -36.94 -5.54 -25.04
N THR L 621 -37.78 -5.58 -26.05
CA THR L 621 -38.21 -6.82 -26.68
C THR L 621 -37.85 -6.80 -28.15
N ILE L 622 -37.13 -7.83 -28.59
CA ILE L 622 -36.72 -7.95 -29.98
C ILE L 622 -37.50 -9.10 -30.59
N GLU L 623 -38.25 -8.82 -31.63
CA GLU L 623 -39.01 -9.81 -32.37
C GLU L 623 -38.24 -10.15 -33.64
N ASN L 624 -37.96 -11.44 -33.82
CA ASN L 624 -37.20 -11.93 -34.96
C ASN L 624 -38.19 -12.43 -36.00
N GLN L 625 -38.63 -11.53 -36.87
CA GLN L 625 -39.64 -11.86 -37.86
C GLN L 625 -39.13 -12.76 -38.97
N SER L 626 -37.82 -13.01 -39.03
CA SER L 626 -37.25 -13.79 -40.12
C SER L 626 -37.43 -15.28 -39.85
N SER L 627 -36.98 -16.09 -40.81
CA SER L 627 -37.09 -17.54 -40.73
C SER L 627 -35.82 -18.20 -40.26
N ILE L 628 -34.86 -17.42 -39.76
CA ILE L 628 -33.53 -17.90 -39.43
C ILE L 628 -33.17 -17.40 -38.04
N ARG L 629 -32.53 -18.26 -37.25
CA ARG L 629 -32.13 -17.88 -35.90
C ARG L 629 -31.03 -16.85 -35.98
N LYS L 630 -31.19 -15.75 -35.24
CA LYS L 630 -30.27 -14.63 -35.34
C LYS L 630 -29.68 -14.29 -33.98
N SER L 631 -28.58 -13.54 -34.03
CA SER L 631 -27.88 -13.07 -32.84
C SER L 631 -27.83 -11.55 -32.89
N TYR L 632 -28.43 -10.92 -31.90
CA TYR L 632 -28.49 -9.48 -31.81
C TYR L 632 -27.51 -8.99 -30.76
N GLN L 633 -26.86 -7.86 -31.06
CA GLN L 633 -25.80 -7.30 -30.25
C GLN L 633 -26.18 -5.91 -29.79
N LEU L 634 -26.07 -5.66 -28.50
CA LEU L 634 -26.56 -4.44 -27.89
C LEU L 634 -25.40 -3.55 -27.47
N GLU L 635 -25.50 -2.27 -27.80
CA GLU L 635 -24.55 -1.27 -27.32
C GLU L 635 -25.32 -0.17 -26.62
N TYR L 636 -25.05 0.03 -25.34
CA TYR L 636 -25.72 1.04 -24.54
C TYR L 636 -24.79 2.21 -24.31
N SER L 637 -25.30 3.41 -24.49
CA SER L 637 -24.51 4.61 -24.24
C SER L 637 -25.38 5.66 -23.58
N PHE L 638 -24.75 6.51 -22.77
CA PHE L 638 -25.40 7.68 -22.20
C PHE L 638 -24.41 8.82 -22.17
N ASN L 639 -24.88 10.02 -22.43
CA ASN L 639 -24.07 11.21 -22.29
C ASN L 639 -24.07 11.68 -20.85
N GLY L 640 -23.02 12.39 -20.46
CA GLY L 640 -22.97 12.87 -19.11
C GLY L 640 -22.20 11.94 -18.19
N THR L 641 -21.57 12.52 -17.18
CA THR L 641 -20.74 11.77 -16.25
C THR L 641 -21.56 11.30 -15.06
N GLY L 642 -21.10 10.20 -14.47
CA GLY L 642 -21.79 9.62 -13.34
C GLY L 642 -22.93 8.69 -13.69
N ILE L 643 -23.16 8.43 -14.98
CA ILE L 643 -24.19 7.53 -15.45
C ILE L 643 -23.51 6.32 -16.07
N THR L 644 -23.74 5.15 -15.50
CA THR L 644 -23.16 3.91 -16.00
C THR L 644 -24.26 3.02 -16.51
N VAL L 645 -24.10 2.54 -17.75
CA VAL L 645 -25.14 1.78 -18.42
C VAL L 645 -24.58 0.40 -18.73
N SER L 646 -25.41 -0.63 -18.55
CA SER L 646 -25.00 -2.00 -18.78
C SER L 646 -26.24 -2.81 -19.15
N GLY L 647 -26.07 -4.10 -19.27
CA GLY L 647 -27.18 -4.98 -19.55
C GLY L 647 -26.76 -6.09 -20.48
N THR L 648 -27.76 -6.77 -21.02
CA THR L 648 -27.52 -7.89 -21.92
C THR L 648 -26.78 -7.45 -23.18
N ASP L 649 -25.53 -7.89 -23.32
CA ASP L 649 -24.73 -7.50 -24.46
C ASP L 649 -24.97 -8.33 -25.72
N ARG L 650 -25.73 -9.41 -25.63
CA ARG L 650 -25.99 -10.25 -26.78
C ARG L 650 -27.15 -11.18 -26.47
N VAL L 651 -28.05 -11.33 -27.44
CA VAL L 651 -29.11 -12.32 -27.34
C VAL L 651 -29.12 -13.15 -28.61
N VAL L 652 -29.60 -14.38 -28.49
CA VAL L 652 -29.84 -15.24 -29.63
C VAL L 652 -31.31 -15.57 -29.64
N ILE L 653 -31.99 -15.26 -30.74
CA ILE L 653 -33.43 -15.41 -30.86
C ILE L 653 -33.70 -16.39 -32.00
N PRO L 654 -34.46 -17.43 -31.76
CA PRO L 654 -34.81 -18.36 -32.85
C PRO L 654 -35.74 -17.72 -33.85
N ALA L 655 -36.06 -18.44 -34.92
CA ALA L 655 -36.91 -17.88 -35.97
C ALA L 655 -38.32 -17.66 -35.45
N HIS L 656 -38.92 -16.55 -35.86
CA HIS L 656 -40.31 -16.24 -35.54
C HIS L 656 -40.56 -16.29 -34.05
N GLN L 657 -39.65 -15.71 -33.29
CA GLN L 657 -39.73 -15.72 -31.84
C GLN L 657 -39.35 -14.35 -31.30
N THR L 658 -39.18 -14.30 -29.99
CA THR L 658 -39.02 -13.05 -29.26
C THR L 658 -37.99 -13.21 -28.14
N GLY L 659 -37.11 -12.23 -28.03
CA GLY L 659 -36.14 -12.22 -26.96
C GLY L 659 -36.23 -10.93 -26.18
N LYS L 660 -35.69 -10.96 -24.97
CA LYS L 660 -35.74 -9.83 -24.05
C LYS L 660 -34.33 -9.41 -23.69
N VAL L 661 -34.07 -8.10 -23.75
CA VAL L 661 -32.80 -7.54 -23.35
C VAL L 661 -33.04 -6.61 -22.18
N ASN L 662 -32.26 -6.77 -21.12
CA ASN L 662 -32.45 -6.03 -19.89
C ASN L 662 -31.40 -4.93 -19.83
N ALA L 663 -31.78 -3.75 -20.30
CA ALA L 663 -30.92 -2.59 -20.16
C ALA L 663 -31.01 -2.08 -18.73
N LYS L 664 -29.90 -1.58 -18.23
CA LYS L 664 -29.83 -1.15 -16.84
C LYS L 664 -29.01 0.12 -16.76
N VAL L 665 -29.52 1.12 -16.06
CA VAL L 665 -28.83 2.38 -15.89
C VAL L 665 -28.63 2.62 -14.40
N LYS L 666 -27.49 3.23 -14.05
CA LYS L 666 -27.15 3.48 -12.67
C LYS L 666 -26.57 4.88 -12.56
N VAL L 667 -27.17 5.69 -11.69
CA VAL L 667 -26.82 7.09 -11.52
C VAL L 667 -26.21 7.27 -10.14
N ASN L 668 -25.01 7.83 -10.11
CA ASN L 668 -24.31 8.15 -8.86
C ASN L 668 -24.67 9.57 -8.48
N ALA L 669 -25.52 9.71 -7.47
CA ALA L 669 -26.04 11.02 -7.09
C ALA L 669 -24.93 11.98 -6.67
N LYS L 670 -23.78 11.47 -6.26
CA LYS L 670 -22.71 12.33 -5.77
C LYS L 670 -21.90 12.93 -6.91
N LYS L 671 -22.03 12.42 -8.13
CA LYS L 671 -21.20 12.85 -9.23
C LYS L 671 -21.97 13.49 -10.38
N VAL L 672 -23.29 13.37 -10.41
CA VAL L 672 -24.08 13.75 -11.57
C VAL L 672 -24.66 15.13 -11.36
N LYS L 673 -24.43 16.02 -12.32
CA LYS L 673 -25.09 17.32 -12.32
C LYS L 673 -26.54 17.15 -12.75
N ALA L 674 -27.43 17.91 -12.11
CA ALA L 674 -28.83 17.83 -12.46
C ALA L 674 -29.05 18.28 -13.89
N GLY L 675 -30.00 17.64 -14.56
CA GLY L 675 -30.29 17.96 -15.94
C GLY L 675 -30.89 16.76 -16.64
N THR L 676 -31.15 16.93 -17.93
CA THR L 676 -31.72 15.91 -18.77
C THR L 676 -30.63 15.32 -19.64
N TYR L 677 -30.45 14.00 -19.55
CA TYR L 677 -29.40 13.31 -20.28
C TYR L 677 -30.03 12.34 -21.28
N GLU L 678 -29.44 12.27 -22.46
CA GLU L 678 -29.95 11.45 -23.54
C GLU L 678 -29.00 10.29 -23.80
N GLY L 679 -29.55 9.08 -23.84
CA GLY L 679 -28.77 7.90 -24.14
C GLY L 679 -29.31 7.21 -25.38
N THR L 680 -28.75 6.05 -25.66
CA THR L 680 -29.13 5.30 -26.85
C THR L 680 -28.80 3.83 -26.65
N VAL L 681 -29.71 2.97 -27.07
CA VAL L 681 -29.48 1.54 -27.17
C VAL L 681 -29.46 1.18 -28.64
N THR L 682 -28.34 0.67 -29.12
CA THR L 682 -28.17 0.32 -30.52
C THR L 682 -28.16 -1.19 -30.66
N VAL L 683 -28.98 -1.70 -31.57
CA VAL L 683 -29.12 -3.13 -31.79
C VAL L 683 -28.55 -3.43 -33.18
N ARG L 684 -27.57 -4.32 -33.23
CA ARG L 684 -26.96 -4.74 -34.48
C ARG L 684 -27.28 -6.21 -34.72
N GLU L 685 -27.41 -6.56 -35.98
CA GLU L 685 -27.66 -7.96 -36.35
C GLU L 685 -27.03 -8.21 -37.70
N GLY L 686 -26.00 -9.07 -37.73
CA GLY L 686 -25.38 -9.49 -38.97
C GLY L 686 -25.07 -8.35 -39.91
N GLY L 687 -24.18 -7.45 -39.51
CA GLY L 687 -23.88 -6.32 -40.36
C GLY L 687 -24.73 -5.12 -40.02
N LYS L 688 -25.84 -4.97 -40.76
CA LYS L 688 -26.72 -3.83 -40.65
C LYS L 688 -27.17 -3.60 -39.21
N THR L 689 -27.51 -2.35 -38.93
CA THR L 689 -28.10 -1.96 -37.65
C THR L 689 -29.62 -2.05 -37.75
N VAL L 690 -30.23 -2.77 -36.81
CA VAL L 690 -31.67 -2.98 -36.90
C VAL L 690 -32.48 -1.96 -36.11
N ALA L 691 -31.86 -1.27 -35.16
CA ALA L 691 -32.59 -0.30 -34.36
C ALA L 691 -31.60 0.62 -33.67
N LYS L 692 -32.09 1.79 -33.29
CA LYS L 692 -31.34 2.75 -32.49
C LYS L 692 -32.37 3.38 -31.55
N VAL L 693 -32.49 2.80 -30.35
CA VAL L 693 -33.55 3.16 -29.43
C VAL L 693 -33.11 4.40 -28.64
N PRO L 694 -33.80 5.52 -28.77
CA PRO L 694 -33.43 6.69 -27.96
C PRO L 694 -33.92 6.53 -26.53
N THR L 695 -33.02 6.67 -25.58
CA THR L 695 -33.35 6.62 -24.17
C THR L 695 -33.09 7.98 -23.54
N LEU L 696 -33.65 8.18 -22.36
CA LEU L 696 -33.57 9.47 -21.70
C LEU L 696 -33.81 9.29 -20.21
N LEU L 697 -33.06 10.03 -19.41
CA LEU L 697 -33.29 10.11 -17.98
C LEU L 697 -33.09 11.53 -17.52
N ILE L 698 -33.71 11.86 -16.39
CA ILE L 698 -33.67 13.20 -15.82
C ILE L 698 -33.15 13.07 -14.40
N VAL L 699 -32.26 13.97 -14.02
CA VAL L 699 -31.66 13.95 -12.69
C VAL L 699 -32.21 15.12 -11.89
N LYS L 700 -32.59 14.85 -10.65
CA LYS L 700 -33.24 15.81 -9.75
C LYS L 700 -34.54 16.24 -10.42
N GLU L 701 -34.95 17.49 -10.28
CA GLU L 701 -36.23 17.95 -10.77
C GLU L 701 -36.13 18.37 -12.23
N PRO L 702 -37.07 17.95 -13.07
CA PRO L 702 -37.06 18.39 -14.47
C PRO L 702 -37.25 19.89 -14.58
N ASP L 703 -36.69 20.46 -15.64
CA ASP L 703 -36.73 21.91 -15.85
C ASP L 703 -37.92 22.30 -16.74
N TYR L 704 -39.08 21.84 -16.36
CA TYR L 704 -40.26 22.22 -17.10
C TYR L 704 -40.69 23.62 -16.73
N PRO L 705 -41.44 24.30 -17.60
CA PRO L 705 -42.01 25.59 -17.22
C PRO L 705 -42.94 25.42 -16.04
N ARG L 706 -42.68 26.18 -14.97
CA ARG L 706 -43.49 26.05 -13.78
C ARG L 706 -44.90 26.56 -13.99
N VAL L 707 -45.09 27.53 -14.89
CA VAL L 707 -46.40 28.00 -15.28
C VAL L 707 -46.44 28.07 -16.80
N THR L 708 -47.51 27.56 -17.40
CA THR L 708 -47.58 27.40 -18.84
C THR L 708 -48.42 28.48 -19.51
N SER L 709 -49.63 28.72 -19.03
CA SER L 709 -50.52 29.68 -19.66
C SER L 709 -51.26 30.47 -18.59
N ILE L 710 -51.58 31.72 -18.95
CA ILE L 710 -52.36 32.60 -18.11
C ILE L 710 -53.27 33.44 -19.01
N ASP L 711 -54.52 33.61 -18.59
CA ASP L 711 -55.42 34.53 -19.26
C ASP L 711 -56.32 35.21 -18.24
N VAL L 712 -56.80 36.39 -18.60
CA VAL L 712 -57.64 37.20 -17.71
C VAL L 712 -58.93 37.49 -18.45
N GLN L 713 -60.05 37.17 -17.83
CA GLN L 713 -61.36 37.46 -18.39
C GLN L 713 -62.17 38.26 -17.39
N ASP L 714 -63.27 38.83 -17.86
CA ASP L 714 -64.14 39.57 -16.96
C ASP L 714 -64.89 38.63 -16.05
N GLY L 715 -65.01 39.01 -14.78
CA GLY L 715 -65.68 38.17 -13.81
C GLY L 715 -67.19 38.25 -13.93
N THR L 716 -67.86 37.39 -13.15
CA THR L 716 -69.31 37.42 -13.10
C THR L 716 -69.84 38.73 -12.54
N THR L 717 -69.05 39.42 -11.73
CA THR L 717 -69.41 40.72 -11.17
C THR L 717 -68.69 41.81 -11.96
N GLN L 718 -69.44 42.84 -12.36
CA GLN L 718 -68.84 43.93 -13.11
C GLN L 718 -67.75 44.61 -12.30
N GLY L 719 -66.63 44.91 -12.96
CA GLY L 719 -65.49 45.52 -12.32
C GLY L 719 -64.46 44.55 -11.78
N THR L 720 -64.78 43.26 -11.70
CA THR L 720 -63.86 42.24 -11.21
C THR L 720 -63.41 41.37 -12.38
N TYR L 721 -62.39 40.56 -12.10
CA TYR L 721 -61.74 39.77 -13.13
C TYR L 721 -61.49 38.37 -12.60
N GLN L 722 -61.36 37.43 -13.54
CA GLN L 722 -60.96 36.06 -13.24
C GLN L 722 -59.68 35.75 -13.98
N ILE L 723 -58.70 35.23 -13.25
CA ILE L 723 -57.40 34.86 -13.80
C ILE L 723 -57.37 33.34 -13.84
N GLU L 724 -57.18 32.78 -15.03
CA GLU L 724 -57.07 31.34 -15.20
C GLU L 724 -55.66 31.02 -15.63
N THR L 725 -54.99 30.14 -14.88
CA THR L 725 -53.61 29.79 -15.16
C THR L 725 -53.47 28.27 -15.11
N TYR L 726 -52.44 27.76 -15.77
CA TYR L 726 -52.17 26.33 -15.78
C TYR L 726 -50.80 26.07 -15.16
N LEU L 727 -50.78 25.29 -14.10
CA LEU L 727 -49.54 24.95 -13.42
C LEU L 727 -49.24 23.48 -13.63
N PRO L 728 -48.23 23.11 -14.42
CA PRO L 728 -48.01 21.70 -14.73
C PRO L 728 -47.77 20.83 -13.52
N ALA L 729 -47.13 21.35 -12.47
CA ALA L 729 -46.89 20.53 -11.29
C ALA L 729 -47.13 21.31 -10.01
N GLY L 730 -48.06 22.25 -10.03
CA GLY L 730 -48.31 23.06 -8.87
C GLY L 730 -47.30 24.17 -8.74
N ALA L 731 -47.42 24.92 -7.67
CA ALA L 731 -46.51 26.04 -7.44
C ALA L 731 -46.37 26.27 -5.95
N GLU L 732 -45.12 26.26 -5.48
CA GLU L 732 -44.87 26.66 -4.09
C GLU L 732 -45.26 28.11 -3.89
N GLU L 733 -44.99 28.97 -4.87
CA GLU L 733 -45.39 30.36 -4.78
C GLU L 733 -45.85 30.82 -6.14
N LEU L 734 -46.93 31.61 -6.18
CA LEU L 734 -47.48 32.10 -7.43
C LEU L 734 -47.81 33.57 -7.27
N ALA L 735 -47.37 34.38 -8.23
CA ALA L 735 -47.55 35.82 -8.14
C ALA L 735 -48.07 36.35 -9.46
N PHE L 736 -49.08 37.21 -9.39
CA PHE L 736 -49.61 37.89 -10.55
C PHE L 736 -49.25 39.36 -10.46
N LEU L 737 -48.54 39.85 -11.47
CA LEU L 737 -48.07 41.23 -11.54
C LEU L 737 -48.71 41.91 -12.75
N VAL L 738 -48.91 43.22 -12.65
CA VAL L 738 -49.63 43.97 -13.67
C VAL L 738 -48.68 44.96 -14.33
N TYR L 739 -48.75 45.06 -15.65
CA TYR L 739 -47.94 45.96 -16.44
C TYR L 739 -48.84 46.83 -17.29
N ASP L 740 -48.42 48.06 -17.54
CA ASP L 740 -49.20 48.95 -18.37
C ASP L 740 -49.01 48.61 -19.84
N SER L 741 -49.64 49.39 -20.71
CA SER L 741 -49.49 49.16 -22.15
C SER L 741 -48.04 49.34 -22.61
N ASN L 742 -47.25 50.13 -21.90
CA ASN L 742 -45.85 50.31 -22.21
C ASN L 742 -44.97 49.29 -21.52
N LEU L 743 -45.56 48.24 -20.95
CA LEU L 743 -44.81 47.19 -20.26
C LEU L 743 -43.99 47.76 -19.11
N ASP L 744 -44.57 48.70 -18.38
CA ASP L 744 -43.96 49.25 -17.18
C ASP L 744 -44.64 48.64 -15.96
N PHE L 745 -43.85 48.18 -15.01
CA PHE L 745 -44.38 47.47 -13.86
C PHE L 745 -45.29 48.38 -13.04
N VAL L 746 -46.59 48.16 -13.12
CA VAL L 746 -47.53 48.96 -12.34
C VAL L 746 -47.56 48.50 -10.90
N GLY L 747 -47.66 47.20 -10.66
CA GLY L 747 -47.69 46.71 -9.31
C GLY L 747 -47.98 45.22 -9.28
N GLN L 748 -48.43 44.77 -8.10
CA GLN L 748 -48.56 43.35 -7.79
C GLN L 748 -50.03 43.02 -7.60
N ALA L 749 -50.61 42.27 -8.54
CA ALA L 749 -52.02 41.91 -8.45
C ALA L 749 -52.29 40.97 -7.28
N GLY L 750 -51.60 39.85 -7.23
CA GLY L 750 -51.91 38.86 -6.21
C GLY L 750 -50.75 37.96 -5.86
N ILE L 751 -50.80 37.42 -4.65
CA ILE L 751 -49.82 36.45 -4.15
C ILE L 751 -50.56 35.24 -3.62
N TYR L 752 -50.03 34.05 -3.91
CA TYR L 752 -50.64 32.82 -3.46
C TYR L 752 -49.54 31.81 -3.16
N LYS L 753 -49.84 30.87 -2.26
CA LYS L 753 -48.89 29.86 -1.86
C LYS L 753 -49.53 28.49 -1.93
N LYS L 754 -48.71 27.48 -2.18
CA LYS L 754 -49.10 26.08 -2.11
C LYS L 754 -50.31 25.80 -2.99
N GLN L 755 -50.13 26.00 -4.29
CA GLN L 755 -51.19 25.81 -5.26
C GLN L 755 -51.12 24.40 -5.83
N ASP L 756 -52.31 23.81 -6.04
CA ASP L 756 -52.40 22.47 -6.62
C ASP L 756 -52.18 22.53 -8.12
N LYS L 757 -51.69 21.42 -8.66
CA LYS L 757 -51.38 21.39 -10.08
C LYS L 757 -52.65 21.29 -10.91
N GLY L 758 -52.53 21.68 -12.18
CA GLY L 758 -53.66 21.70 -13.08
C GLY L 758 -54.11 23.10 -13.39
N TYR L 759 -55.40 23.28 -13.64
CA TYR L 759 -55.97 24.59 -13.90
C TYR L 759 -56.34 25.24 -12.58
N GLN L 760 -55.90 26.47 -12.39
CA GLN L 760 -56.20 27.24 -11.20
C GLN L 760 -56.90 28.53 -11.59
N TYR L 761 -57.92 28.90 -10.82
CA TYR L 761 -58.69 30.11 -11.06
C TYR L 761 -58.63 31.00 -9.84
N PHE L 762 -58.41 32.29 -10.06
CA PHE L 762 -58.29 33.25 -8.98
C PHE L 762 -59.15 34.46 -9.30
N ASP L 763 -59.93 34.91 -8.32
CA ASP L 763 -60.71 36.12 -8.48
C ASP L 763 -59.86 37.32 -8.11
N TRP L 764 -59.87 38.35 -8.95
CA TRP L 764 -59.07 39.54 -8.74
C TRP L 764 -59.96 40.75 -8.81
N ASN L 765 -59.93 41.58 -7.78
CA ASN L 765 -60.82 42.73 -7.68
C ASN L 765 -60.33 43.93 -8.49
N GLY L 766 -59.32 43.75 -9.34
CA GLY L 766 -58.84 44.85 -10.15
C GLY L 766 -57.98 45.85 -9.42
N LYS L 767 -57.61 45.59 -8.18
CA LYS L 767 -56.86 46.54 -7.37
C LYS L 767 -55.45 46.00 -7.12
N VAL L 768 -54.48 46.91 -7.14
CA VAL L 768 -53.07 46.56 -7.21
C VAL L 768 -52.38 46.85 -5.88
N ASN L 769 -51.46 45.96 -5.51
CA ASN L 769 -50.66 46.09 -4.29
C ASN L 769 -51.53 46.10 -3.05
N GLY L 770 -52.82 45.81 -3.20
CA GLY L 770 -53.74 45.94 -2.09
C GLY L 770 -54.33 47.33 -2.07
N ASP L 771 -55.65 47.42 -2.26
CA ASP L 771 -56.48 48.61 -2.06
C ASP L 771 -56.13 49.77 -2.96
N THR L 772 -55.24 49.59 -3.94
CA THR L 772 -54.92 50.65 -4.91
C THR L 772 -55.58 50.30 -6.23
N ALA L 773 -56.52 51.14 -6.66
CA ALA L 773 -57.27 50.88 -7.88
C ALA L 773 -56.49 51.33 -9.10
N LEU L 774 -56.59 50.54 -10.17
CA LEU L 774 -55.89 50.87 -11.40
C LEU L 774 -56.59 52.00 -12.15
N PRO L 775 -55.84 52.85 -12.83
CA PRO L 775 -56.46 53.77 -13.80
C PRO L 775 -56.92 53.03 -15.03
N ALA L 776 -57.89 53.63 -15.71
CA ALA L 776 -58.46 53.00 -16.91
C ALA L 776 -57.41 52.93 -18.01
N GLY L 777 -57.40 51.82 -18.73
CA GLY L 777 -56.44 51.64 -19.80
C GLY L 777 -56.32 50.17 -20.16
N GLU L 778 -55.20 49.85 -20.81
CA GLU L 778 -54.91 48.52 -21.30
C GLU L 778 -53.72 47.96 -20.55
N TYR L 779 -53.84 46.71 -20.09
CA TYR L 779 -52.86 46.15 -19.17
C TYR L 779 -52.50 44.73 -19.58
N TYR L 780 -51.30 44.32 -19.17
CA TYR L 780 -50.82 42.96 -19.31
C TYR L 780 -50.63 42.39 -17.92
N MET L 781 -50.70 41.07 -17.81
CA MET L 781 -50.44 40.42 -16.53
C MET L 781 -49.39 39.34 -16.71
N LEU L 782 -48.46 39.29 -15.76
CA LEU L 782 -47.39 38.32 -15.74
C LEU L 782 -47.61 37.37 -14.58
N ALA L 783 -47.58 36.07 -14.86
CA ALA L 783 -47.65 35.06 -13.84
C ALA L 783 -46.25 34.52 -13.58
N TYR L 784 -45.83 34.57 -12.32
CA TYR L 784 -44.53 34.08 -11.90
C TYR L 784 -44.78 32.94 -10.92
N ALA L 785 -44.39 31.73 -11.32
CA ALA L 785 -44.59 30.55 -10.49
C ALA L 785 -43.24 29.97 -10.12
N ALA L 786 -43.05 29.70 -8.82
CA ALA L 786 -41.84 29.09 -8.32
C ALA L 786 -42.20 27.77 -7.67
N ASN L 787 -41.50 26.72 -8.05
CA ASN L 787 -41.79 25.37 -7.56
C ASN L 787 -40.51 24.55 -7.61
N LYS L 788 -40.24 23.83 -6.53
CA LYS L 788 -39.19 22.81 -6.49
C LYS L 788 -37.86 23.34 -7.00
N GLY L 789 -37.54 24.56 -6.59
CA GLY L 789 -36.23 25.12 -6.89
C GLY L 789 -36.06 25.72 -8.25
N LYS L 790 -37.14 25.92 -9.01
CA LYS L 790 -37.03 26.66 -10.25
C LYS L 790 -38.28 27.51 -10.42
N SER L 791 -38.10 28.64 -11.10
CA SER L 791 -39.19 29.57 -11.31
C SER L 791 -39.35 29.86 -12.78
N SER L 792 -40.58 30.10 -13.19
CA SER L 792 -40.91 30.41 -14.56
C SER L 792 -41.94 31.53 -14.57
N GLN L 793 -42.07 32.18 -15.72
CA GLN L 793 -43.01 33.27 -15.86
C GLN L 793 -43.62 33.24 -17.24
N VAL L 794 -44.82 33.78 -17.34
CA VAL L 794 -45.54 33.83 -18.61
C VAL L 794 -46.38 35.10 -18.63
N LEU L 795 -46.38 35.78 -19.78
CA LEU L 795 -47.07 37.05 -19.94
C LEU L 795 -48.33 36.84 -20.77
N THR L 796 -49.40 37.54 -20.40
CA THR L 796 -50.66 37.46 -21.12
C THR L 796 -50.53 38.24 -22.42
N GLU L 797 -50.59 37.56 -23.55
CA GLU L 797 -50.85 38.26 -24.80
C GLU L 797 -52.31 38.68 -24.84
N LYS L 798 -52.64 39.56 -25.80
CA LYS L 798 -53.99 40.10 -25.90
C LYS L 798 -54.35 40.82 -24.61
N PRO L 799 -53.80 42.02 -24.39
CA PRO L 799 -53.96 42.69 -23.09
C PRO L 799 -55.42 42.90 -22.73
N PHE L 800 -55.70 42.80 -21.44
CA PHE L 800 -57.04 43.04 -20.92
C PHE L 800 -57.23 44.52 -20.58
N ILE L 801 -58.50 44.94 -20.54
CA ILE L 801 -58.86 46.35 -20.45
C ILE L 801 -59.48 46.61 -19.09
N ILE L 802 -59.05 47.70 -18.45
CA ILE L 802 -59.64 48.14 -17.20
C ILE L 802 -60.77 49.12 -17.48
N MET M 158 -76.49 34.55 8.01
CA MET M 158 -77.14 33.95 6.84
C MET M 158 -76.94 34.80 5.61
N ASP M 159 -76.45 36.02 5.80
CA ASP M 159 -76.15 36.92 4.70
C ASP M 159 -74.69 36.89 4.29
N ASP M 160 -73.84 36.17 5.02
CA ASP M 160 -72.43 36.04 4.67
C ASP M 160 -71.97 34.61 4.50
N SER M 161 -72.58 33.65 5.22
CA SER M 161 -72.20 32.25 5.09
C SER M 161 -72.70 31.64 3.79
N ALA M 162 -73.94 31.94 3.42
CA ALA M 162 -74.47 31.42 2.17
C ALA M 162 -73.69 31.89 0.94
N PRO M 163 -73.31 33.17 0.81
CA PRO M 163 -72.38 33.51 -0.28
C PRO M 163 -71.08 32.75 -0.21
N TYR M 164 -70.59 32.46 0.99
CA TYR M 164 -69.30 31.79 1.12
C TYR M 164 -69.36 30.36 0.62
N ILE M 165 -70.40 29.60 1.01
CA ILE M 165 -70.48 28.23 0.56
C ILE M 165 -70.89 28.13 -0.90
N GLY M 166 -71.42 29.21 -1.47
CA GLY M 166 -71.75 29.22 -2.88
C GLY M 166 -73.24 29.12 -3.16
N ALA M 167 -74.06 29.57 -2.21
CA ALA M 167 -75.50 29.45 -2.37
C ALA M 167 -76.03 30.39 -3.45
N ASN M 168 -75.60 31.65 -3.43
CA ASN M 168 -76.10 32.61 -4.40
C ASN M 168 -75.75 32.22 -5.82
N ASP M 169 -74.52 31.74 -6.03
CA ASP M 169 -74.11 31.32 -7.36
C ASP M 169 -75.00 30.18 -7.87
N ALA M 170 -75.36 29.26 -6.98
CA ALA M 170 -76.29 28.21 -7.37
C ALA M 170 -77.68 28.79 -7.66
N TRP M 171 -78.09 29.81 -6.93
CA TRP M 171 -79.39 30.41 -7.18
C TRP M 171 -79.45 31.02 -8.57
N LYS M 172 -78.40 31.75 -8.97
CA LYS M 172 -78.40 32.34 -10.30
C LYS M 172 -78.36 31.29 -11.40
N LEU M 173 -78.02 30.04 -11.08
CA LEU M 173 -78.17 28.94 -12.02
C LEU M 173 -79.56 28.33 -11.97
N GLY M 174 -80.44 28.83 -11.11
CA GLY M 174 -81.78 28.33 -10.97
C GLY M 174 -81.96 27.28 -9.90
N TYR M 175 -80.87 26.76 -9.35
CA TYR M 175 -80.94 25.70 -8.35
C TYR M 175 -81.17 26.33 -6.98
N THR M 176 -82.41 26.28 -6.51
CA THR M 176 -82.76 26.81 -5.21
C THR M 176 -83.41 25.80 -4.30
N GLY M 177 -83.45 24.53 -4.69
CA GLY M 177 -84.06 23.50 -3.89
C GLY M 177 -85.53 23.27 -4.13
N LYS M 178 -86.09 23.82 -5.19
CA LYS M 178 -87.51 23.67 -5.47
C LYS M 178 -87.87 22.20 -5.67
N GLY M 179 -88.94 21.76 -5.00
CA GLY M 179 -89.41 20.41 -5.09
C GLY M 179 -88.79 19.48 -4.07
N VAL M 180 -87.67 19.87 -3.49
CA VAL M 180 -87.02 19.05 -2.47
C VAL M 180 -87.67 19.30 -1.13
N LYS M 181 -87.83 18.23 -0.36
CA LYS M 181 -88.52 18.29 0.93
C LYS M 181 -87.51 18.04 2.03
N VAL M 182 -87.41 18.97 2.96
CA VAL M 182 -86.44 18.90 4.05
C VAL M 182 -87.18 18.78 5.37
N ALA M 183 -86.79 17.81 6.18
CA ALA M 183 -87.35 17.58 7.50
C ALA M 183 -86.37 18.10 8.54
N ILE M 184 -86.90 18.75 9.57
CA ILE M 184 -86.10 19.35 10.62
C ILE M 184 -86.48 18.69 11.92
N ILE M 185 -85.70 17.71 12.38
CA ILE M 185 -86.00 17.02 13.63
C ILE M 185 -85.28 17.77 14.75
N ASP M 186 -85.98 18.71 15.36
CA ASP M 186 -85.46 19.56 16.42
C ASP M 186 -86.60 19.85 17.39
N THR M 187 -86.45 20.90 18.18
CA THR M 187 -87.43 21.29 19.18
C THR M 187 -88.71 21.84 18.58
N GLY M 188 -88.91 21.74 17.28
CA GLY M 188 -90.07 22.28 16.61
C GLY M 188 -89.75 23.58 15.91
N VAL M 189 -90.64 23.96 15.00
CA VAL M 189 -90.45 25.11 14.14
C VAL M 189 -91.66 26.02 14.27
N GLU M 190 -91.41 27.31 14.45
CA GLU M 190 -92.47 28.31 14.41
C GLU M 190 -92.81 28.57 12.94
N TYR M 191 -93.77 27.80 12.43
CA TYR M 191 -94.14 27.91 11.02
C TYR M 191 -95.11 29.06 10.76
N LYS M 192 -94.83 30.22 11.33
CA LYS M 192 -95.60 31.41 11.05
C LYS M 192 -94.71 32.62 10.89
N HIS M 193 -93.40 32.44 11.06
CA HIS M 193 -92.46 33.49 10.74
C HIS M 193 -92.63 33.87 9.27
N PRO M 194 -92.74 35.16 8.95
CA PRO M 194 -92.97 35.54 7.55
C PRO M 194 -91.92 35.01 6.61
N ASP M 195 -90.70 34.78 7.08
CA ASP M 195 -89.66 34.20 6.25
C ASP M 195 -89.83 32.71 6.04
N LEU M 196 -90.61 32.04 6.87
CA LEU M 196 -90.81 30.60 6.77
C LEU M 196 -92.23 30.23 6.34
N LYS M 197 -93.13 31.20 6.21
CA LYS M 197 -94.54 30.89 6.02
C LYS M 197 -94.78 30.14 4.71
N LYS M 198 -94.17 30.60 3.62
CA LYS M 198 -94.46 30.02 2.32
C LYS M 198 -93.66 28.77 2.01
N ASN M 199 -92.64 28.46 2.81
CA ASN M 199 -91.89 27.24 2.61
C ASN M 199 -92.55 26.03 3.24
N PHE M 200 -93.52 26.24 4.12
CA PHE M 200 -94.23 25.14 4.73
C PHE M 200 -95.46 24.80 3.90
N GLY M 201 -95.65 23.51 3.63
CA GLY M 201 -96.82 23.07 2.89
C GLY M 201 -98.06 23.07 3.75
N GLN M 202 -99.08 22.32 3.32
CA GLN M 202 -100.30 22.25 4.11
C GLN M 202 -100.03 21.49 5.40
N TYR M 203 -99.46 20.30 5.29
CA TYR M 203 -99.11 19.50 6.45
C TYR M 203 -97.74 19.91 6.96
N LYS M 204 -97.70 20.46 8.18
CA LYS M 204 -96.48 21.06 8.69
C LYS M 204 -95.54 20.04 9.32
N GLY M 205 -96.06 18.96 9.86
CA GLY M 205 -95.23 17.97 10.50
C GLY M 205 -95.96 17.36 11.67
N TYR M 206 -95.17 16.88 12.62
CA TYR M 206 -95.72 16.19 13.78
C TYR M 206 -94.98 16.61 15.04
N ASP M 207 -95.65 16.44 16.17
CA ASP M 207 -95.15 16.88 17.47
C ASP M 207 -95.16 15.65 18.38
N PHE M 208 -94.02 14.99 18.49
CA PHE M 208 -93.94 13.74 19.22
C PHE M 208 -93.96 13.92 20.73
N VAL M 209 -93.48 15.06 21.25
CA VAL M 209 -93.52 15.27 22.68
C VAL M 209 -94.91 15.63 23.18
N ASP M 210 -95.83 15.93 22.27
CA ASP M 210 -97.19 16.26 22.63
C ASP M 210 -98.24 15.45 21.89
N ASN M 211 -97.85 14.75 20.82
CA ASN M 211 -98.75 13.88 20.06
C ASN M 211 -99.90 14.68 19.46
N ASP M 212 -99.56 15.77 18.77
CA ASP M 212 -100.52 16.53 17.99
C ASP M 212 -99.83 16.98 16.71
N TYR M 213 -100.63 17.50 15.79
CA TYR M 213 -100.13 17.91 14.49
C TYR M 213 -99.73 19.38 14.46
N ASP M 214 -99.32 19.93 15.60
CA ASP M 214 -98.92 21.32 15.73
C ASP M 214 -97.50 21.35 16.27
N PRO M 215 -96.49 21.31 15.40
CA PRO M 215 -95.09 21.29 15.83
C PRO M 215 -94.55 22.67 16.19
N GLU M 216 -95.31 23.42 16.95
CA GLU M 216 -94.87 24.73 17.41
C GLU M 216 -93.78 24.57 18.45
N GLU M 217 -92.94 25.59 18.58
CA GLU M 217 -91.91 25.57 19.59
C GLU M 217 -92.52 25.64 20.98
N THR M 218 -91.71 25.33 21.98
CA THR M 218 -92.18 25.36 23.35
C THR M 218 -92.49 26.80 23.75
N PRO M 219 -93.70 27.09 24.21
CA PRO M 219 -94.03 28.47 24.56
C PRO M 219 -93.32 28.91 25.83
N SER M 220 -93.34 30.20 26.11
CA SER M 220 -92.80 30.69 27.36
C SER M 220 -93.74 30.35 28.51
N GLY M 221 -93.17 30.00 29.65
CA GLY M 221 -93.96 29.62 30.80
C GLY M 221 -94.55 28.22 30.68
N ASP M 222 -93.68 27.23 30.49
CA ASP M 222 -94.09 25.83 30.43
C ASP M 222 -93.60 25.12 31.67
N PRO M 223 -94.47 24.46 32.43
CA PRO M 223 -94.01 23.77 33.65
C PRO M 223 -92.91 22.76 33.42
N ARG M 224 -92.91 22.08 32.28
CA ARG M 224 -91.95 21.00 32.05
C ARG M 224 -90.56 21.50 31.67
N GLY M 225 -90.41 22.76 31.29
CA GLY M 225 -89.11 23.25 30.91
C GLY M 225 -89.10 24.70 30.48
N ALA M 226 -88.20 25.05 29.57
CA ALA M 226 -88.03 26.42 29.12
C ALA M 226 -88.37 26.53 27.64
N SER M 227 -88.71 27.74 27.20
CA SER M 227 -89.05 27.97 25.81
C SER M 227 -87.82 27.73 24.93
N THR M 228 -88.08 27.31 23.69
CA THR M 228 -87.03 26.91 22.77
C THR M 228 -87.14 27.71 21.47
N ASP M 229 -86.00 27.92 20.83
CA ASP M 229 -85.95 28.58 19.53
C ASP M 229 -84.95 27.92 18.59
N HIS M 230 -84.44 26.76 18.93
CA HIS M 230 -83.41 26.12 18.13
C HIS M 230 -83.95 25.69 16.76
N GLY M 231 -85.12 25.07 16.75
CA GLY M 231 -85.65 24.53 15.51
C GLY M 231 -85.99 25.60 14.50
N THR M 232 -86.56 26.72 14.95
CA THR M 232 -86.88 27.80 14.03
C THR M 232 -85.61 28.38 13.43
N HIS M 233 -84.57 28.53 14.24
CA HIS M 233 -83.30 29.04 13.72
C HIS M 233 -82.73 28.09 12.69
N VAL M 234 -82.79 26.79 12.95
CA VAL M 234 -82.28 25.80 12.00
C VAL M 234 -83.07 25.86 10.70
N ALA M 235 -84.40 25.93 10.80
CA ALA M 235 -85.23 25.99 9.60
C ALA M 235 -84.98 27.25 8.79
N GLY M 236 -84.80 28.38 9.46
CA GLY M 236 -84.44 29.59 8.74
C GLY M 236 -83.10 29.48 8.05
N THR M 237 -82.14 28.83 8.69
CA THR M 237 -80.85 28.63 8.03
C THR M 237 -81.01 27.76 6.78
N VAL M 238 -81.81 26.71 6.87
CA VAL M 238 -81.97 25.81 5.73
C VAL M 238 -82.67 26.52 4.58
N ALA M 239 -83.91 26.95 4.80
CA ALA M 239 -84.73 27.48 3.72
C ALA M 239 -85.63 28.57 4.28
N ALA M 240 -85.17 29.81 4.21
CA ALA M 240 -85.96 30.97 4.60
C ALA M 240 -85.99 31.91 3.41
N ASN M 241 -87.18 32.31 3.00
CA ASN M 241 -87.36 33.22 1.87
C ASN M 241 -87.93 34.53 2.39
N GLY M 242 -87.22 35.62 2.12
CA GLY M 242 -87.66 36.92 2.58
C GLY M 242 -86.51 37.83 2.94
N THR M 243 -86.59 38.43 4.13
CA THR M 243 -85.51 39.31 4.58
C THR M 243 -84.19 38.55 4.70
N ILE M 244 -84.24 37.36 5.27
CA ILE M 244 -83.10 36.46 5.33
C ILE M 244 -83.33 35.34 4.34
N LYS M 245 -82.32 35.01 3.55
CA LYS M 245 -82.42 33.98 2.53
C LYS M 245 -81.61 32.77 2.99
N GLY M 246 -82.29 31.64 3.15
CA GLY M 246 -81.62 30.41 3.54
C GLY M 246 -80.82 29.85 2.39
N VAL M 247 -80.16 28.73 2.67
CA VAL M 247 -79.28 28.13 1.66
C VAL M 247 -80.08 27.66 0.46
N ALA M 248 -81.28 27.13 0.70
CA ALA M 248 -82.13 26.60 -0.36
C ALA M 248 -83.51 27.21 -0.22
N PRO M 249 -83.67 28.48 -0.56
CA PRO M 249 -84.90 29.18 -0.21
C PRO M 249 -86.06 28.86 -1.14
N ASP M 250 -86.22 27.58 -1.47
CA ASP M 250 -87.40 27.14 -2.21
C ASP M 250 -87.84 25.74 -1.78
N ALA M 251 -87.19 25.14 -0.80
CA ALA M 251 -87.48 23.79 -0.39
C ALA M 251 -88.67 23.76 0.54
N THR M 252 -89.49 22.72 0.41
CA THR M 252 -90.56 22.49 1.35
C THR M 252 -89.98 22.01 2.68
N LEU M 253 -90.65 22.38 3.77
CA LEU M 253 -90.15 22.08 5.10
C LEU M 253 -91.17 21.24 5.85
N LEU M 254 -90.67 20.34 6.69
CA LEU M 254 -91.49 19.59 7.63
C LEU M 254 -90.86 19.70 9.01
N ALA M 255 -91.68 19.97 10.01
CA ALA M 255 -91.20 20.11 11.37
C ALA M 255 -91.60 18.91 12.20
N TYR M 256 -90.66 18.41 12.99
CA TYR M 256 -90.89 17.25 13.83
C TYR M 256 -90.38 17.58 15.22
N ARG M 257 -91.29 17.91 16.12
CA ARG M 257 -90.92 18.27 17.49
C ARG M 257 -90.67 16.99 18.27
N VAL M 258 -89.39 16.63 18.41
CA VAL M 258 -89.02 15.47 19.20
C VAL M 258 -88.32 15.85 20.49
N LEU M 259 -87.76 17.05 20.59
CA LEU M 259 -87.11 17.52 21.80
C LEU M 259 -88.11 18.37 22.58
N GLY M 260 -88.40 17.97 23.81
CA GLY M 260 -89.39 18.65 24.60
C GLY M 260 -88.88 19.97 25.14
N PRO M 261 -89.62 20.56 26.07
CA PRO M 261 -89.17 21.81 26.68
C PRO M 261 -87.82 21.61 27.36
N GLY M 262 -86.96 22.62 27.22
CA GLY M 262 -85.61 22.56 27.74
C GLY M 262 -84.60 22.01 26.77
N GLY M 263 -85.04 21.47 25.64
CA GLY M 263 -84.15 20.91 24.65
C GLY M 263 -83.78 19.46 24.84
N SER M 264 -84.44 18.76 25.75
CA SER M 264 -84.13 17.37 26.03
C SER M 264 -85.23 16.47 25.49
N GLY M 265 -84.82 15.36 24.88
CA GLY M 265 -85.78 14.44 24.29
C GLY M 265 -85.34 13.00 24.37
N THR M 266 -86.31 12.09 24.52
CA THR M 266 -86.00 10.68 24.60
C THR M 266 -85.47 10.16 23.27
N THR M 267 -84.64 9.13 23.34
CA THR M 267 -84.12 8.51 22.13
C THR M 267 -85.25 7.92 21.27
N GLU M 268 -86.26 7.34 21.93
CA GLU M 268 -87.38 6.78 21.19
C GLU M 268 -88.12 7.83 20.39
N ASN M 269 -88.28 9.04 20.93
CA ASN M 269 -88.90 10.12 20.17
C ASN M 269 -88.07 10.51 18.96
N VAL M 270 -86.75 10.53 19.08
CA VAL M 270 -85.91 10.87 17.94
C VAL M 270 -86.01 9.79 16.87
N ILE M 271 -86.02 8.52 17.27
CA ILE M 271 -86.18 7.45 16.29
C ILE M 271 -87.53 7.55 15.60
N ALA M 272 -88.58 7.84 16.37
CA ALA M 272 -89.90 8.01 15.79
C ALA M 272 -89.93 9.18 14.81
N GLY M 273 -89.25 10.27 15.15
CA GLY M 273 -89.17 11.41 14.26
C GLY M 273 -88.47 11.08 12.96
N ILE M 274 -87.37 10.35 13.05
CA ILE M 274 -86.64 9.96 11.84
C ILE M 274 -87.50 9.07 10.96
N GLU M 275 -88.15 8.07 11.56
CA GLU M 275 -88.99 7.17 10.78
C GLU M 275 -90.19 7.89 10.17
N ARG M 276 -90.81 8.81 10.90
CA ARG M 276 -91.93 9.56 10.36
C ARG M 276 -91.50 10.52 9.27
N ALA M 277 -90.29 11.08 9.39
CA ALA M 277 -89.77 11.89 8.30
C ALA M 277 -89.52 11.08 7.06
N VAL M 278 -89.07 9.83 7.21
CA VAL M 278 -88.95 8.96 6.05
C VAL M 278 -90.33 8.64 5.47
N GLN M 279 -91.32 8.44 6.33
CA GLN M 279 -92.69 8.23 5.86
C GLN M 279 -93.16 9.39 4.99
N ASP M 280 -92.98 10.61 5.48
CA ASP M 280 -93.57 11.78 4.84
C ASP M 280 -92.86 12.18 3.55
N GLY M 281 -91.97 11.36 3.04
CA GLY M 281 -91.33 11.62 1.78
C GLY M 281 -90.24 12.66 1.82
N ALA M 282 -89.72 13.00 2.99
CA ALA M 282 -88.65 13.97 3.07
C ALA M 282 -87.43 13.46 2.30
N ASP M 283 -86.88 14.33 1.46
CA ASP M 283 -85.68 13.98 0.71
C ASP M 283 -84.40 14.28 1.47
N VAL M 284 -84.41 15.32 2.30
CA VAL M 284 -83.26 15.67 3.12
C VAL M 284 -83.72 15.74 4.56
N MET M 285 -82.87 15.30 5.47
CA MET M 285 -83.20 15.21 6.88
C MET M 285 -82.13 15.96 7.66
N ASN M 286 -82.53 16.71 8.67
CA ASN M 286 -81.60 17.50 9.46
C ASN M 286 -81.76 17.18 10.93
N LEU M 287 -80.65 16.75 11.55
CA LEU M 287 -80.60 16.46 12.98
C LEU M 287 -79.53 17.33 13.63
N SER M 288 -79.97 18.38 14.31
CA SER M 288 -79.09 19.24 15.09
C SER M 288 -79.14 18.90 16.57
N LEU M 289 -79.50 17.67 16.90
CA LEU M 289 -79.49 17.17 18.26
C LEU M 289 -78.34 16.19 18.42
N GLY M 290 -78.24 15.61 19.61
CA GLY M 290 -77.24 14.58 19.84
C GLY M 290 -76.69 14.56 21.24
N ASN M 291 -76.42 13.37 21.76
CA ASN M 291 -75.79 13.22 23.06
C ASN M 291 -74.28 13.16 22.83
N SER M 292 -73.52 12.78 23.85
CA SER M 292 -72.06 12.79 23.79
C SER M 292 -71.50 11.40 24.05
N VAL M 293 -72.08 10.39 23.45
CA VAL M 293 -71.57 9.02 23.54
C VAL M 293 -70.95 8.67 22.20
N ASN M 294 -69.63 8.44 22.19
CA ASN M 294 -68.91 8.09 20.98
C ASN M 294 -69.12 6.61 20.69
N ASN M 295 -70.32 6.29 20.25
CA ASN M 295 -70.69 4.93 19.90
C ASN M 295 -71.34 4.93 18.52
N PRO M 296 -70.75 4.24 17.54
CA PRO M 296 -71.35 4.22 16.20
C PRO M 296 -72.63 3.42 16.13
N ASP M 297 -72.93 2.61 17.13
CA ASP M 297 -74.11 1.76 17.13
C ASP M 297 -75.11 2.21 18.19
N TRP M 298 -75.23 3.51 18.39
CA TRP M 298 -76.31 4.01 19.19
C TRP M 298 -77.62 3.87 18.40
N ALA M 299 -78.74 3.94 19.13
CA ALA M 299 -80.03 3.76 18.49
C ALA M 299 -80.29 4.83 17.44
N THR M 300 -79.96 6.08 17.75
CA THR M 300 -80.15 7.16 16.80
C THR M 300 -79.24 7.03 15.58
N SER M 301 -78.06 6.43 15.74
CA SER M 301 -77.19 6.19 14.60
C SER M 301 -77.68 5.04 13.74
N THR M 302 -78.21 3.99 14.34
CA THR M 302 -78.81 2.91 13.57
C THR M 302 -80.02 3.42 12.79
N ALA M 303 -80.86 4.24 13.43
CA ALA M 303 -81.98 4.83 12.73
C ALA M 303 -81.54 5.71 11.57
N LEU M 304 -80.43 6.43 11.75
CA LEU M 304 -79.93 7.28 10.68
C LEU M 304 -79.32 6.48 9.54
N ASP M 305 -78.75 5.31 9.84
CA ASP M 305 -78.29 4.42 8.78
C ASP M 305 -79.43 3.66 8.12
N TRP M 306 -80.59 3.56 8.78
CA TRP M 306 -81.75 2.98 8.10
C TRP M 306 -82.22 3.90 6.98
N ALA M 307 -82.40 5.18 7.28
CA ALA M 307 -82.41 6.18 6.23
C ALA M 307 -81.02 6.25 5.62
N MET M 308 -80.89 7.02 4.53
CA MET M 308 -79.69 7.01 3.69
C MET M 308 -79.60 5.67 2.98
N SER M 309 -80.50 4.75 3.32
CA SER M 309 -80.77 3.56 2.54
C SER M 309 -82.19 3.49 2.04
N GLU M 310 -83.12 4.19 2.70
CA GLU M 310 -84.44 4.44 2.11
C GLU M 310 -84.43 5.78 1.38
N GLY M 311 -83.38 6.00 0.58
CA GLY M 311 -83.28 7.15 -0.29
C GLY M 311 -83.42 8.51 0.36
N VAL M 312 -83.03 8.66 1.62
CA VAL M 312 -83.18 9.94 2.31
C VAL M 312 -81.81 10.37 2.83
N THR M 313 -81.30 11.48 2.30
CA THR M 313 -80.04 12.03 2.79
C THR M 313 -80.21 12.52 4.22
N ALA M 314 -79.23 12.23 5.07
CA ALA M 314 -79.30 12.55 6.48
C ALA M 314 -78.09 13.38 6.87
N VAL M 315 -78.32 14.61 7.27
CA VAL M 315 -77.27 15.52 7.70
C VAL M 315 -77.43 15.77 9.19
N THR M 316 -76.34 15.61 9.93
CA THR M 316 -76.39 15.73 11.38
C THR M 316 -75.20 16.55 11.87
N SER M 317 -75.40 17.16 13.02
CA SER M 317 -74.30 17.90 13.64
C SER M 317 -73.29 16.93 14.24
N ASN M 318 -72.04 17.36 14.29
CA ASN M 318 -70.99 16.57 14.92
C ASN M 318 -71.05 16.59 16.43
N GLY M 319 -71.63 17.63 17.02
CA GLY M 319 -71.65 17.81 18.45
C GLY M 319 -70.82 19.00 18.88
N ASN M 320 -71.04 19.40 20.13
CA ASN M 320 -70.44 20.61 20.69
C ASN M 320 -69.53 20.21 21.84
N SER M 321 -68.29 19.87 21.52
CA SER M 321 -67.31 19.54 22.55
C SER M 321 -65.99 20.17 22.16
N GLY M 322 -65.23 20.58 23.17
CA GLY M 322 -64.02 21.35 22.98
C GLY M 322 -63.01 20.63 22.10
N PRO M 323 -61.90 21.29 21.83
CA PRO M 323 -60.94 20.69 20.91
C PRO M 323 -60.30 19.47 21.53
N ASN M 324 -60.76 18.30 21.13
CA ASN M 324 -60.36 17.05 21.74
C ASN M 324 -60.81 15.90 20.87
N ASN M 325 -59.91 14.98 20.55
CA ASN M 325 -60.30 13.86 19.72
C ASN M 325 -61.23 12.94 20.48
N TRP M 326 -61.99 12.13 19.73
CA TRP M 326 -62.87 11.13 20.29
C TRP M 326 -64.03 11.72 21.07
N THR M 327 -64.52 12.90 20.65
CA THR M 327 -65.62 13.55 21.35
C THR M 327 -66.86 13.72 20.47
N VAL M 328 -66.94 12.98 19.36
CA VAL M 328 -68.06 13.13 18.44
C VAL M 328 -69.30 12.50 19.06
N GLY M 329 -70.46 13.13 18.82
CA GLY M 329 -71.69 12.72 19.45
C GLY M 329 -72.30 11.47 18.86
N SER M 330 -73.45 11.08 19.41
CA SER M 330 -74.01 9.77 19.08
C SER M 330 -74.62 9.72 17.69
N PRO M 331 -75.59 10.55 17.33
CA PRO M 331 -76.12 10.49 15.95
C PRO M 331 -75.09 10.86 14.92
N GLY M 332 -74.07 11.62 15.30
CA GLY M 332 -73.04 12.03 14.38
C GLY M 332 -71.93 11.02 14.26
N THR M 333 -72.11 9.83 14.84
CA THR M 333 -71.18 8.74 14.67
C THR M 333 -71.68 7.70 13.67
N SER M 334 -72.83 7.94 13.06
CA SER M 334 -73.40 6.96 12.15
C SER M 334 -72.50 6.77 10.94
N ARG M 335 -72.47 5.53 10.45
CA ARG M 335 -71.58 5.19 9.34
C ARG M 335 -72.01 5.86 8.06
N GLU M 336 -73.31 6.03 7.82
CA GLU M 336 -73.81 6.60 6.58
C GLU M 336 -74.68 7.81 6.94
N ALA M 337 -74.03 8.96 7.11
CA ALA M 337 -74.72 10.22 7.33
C ALA M 337 -73.68 11.32 7.28
N ILE M 338 -74.05 12.46 6.73
CA ILE M 338 -73.11 13.57 6.62
C ILE M 338 -73.07 14.28 7.96
N SER M 339 -71.96 14.13 8.68
CA SER M 339 -71.75 14.83 9.94
C SER M 339 -70.97 16.11 9.65
N VAL M 340 -71.42 17.21 10.25
CA VAL M 340 -70.92 18.53 9.92
C VAL M 340 -70.27 19.14 11.14
N GLY M 341 -69.05 19.66 10.95
CA GLY M 341 -68.40 20.48 11.94
C GLY M 341 -68.58 21.95 11.65
N ALA M 342 -68.19 22.78 12.62
CA ALA M 342 -68.43 24.21 12.56
C ALA M 342 -67.14 24.96 12.25
N THR M 343 -67.24 25.99 11.41
CA THR M 343 -66.11 26.82 11.06
C THR M 343 -66.44 28.29 11.30
N GLN M 344 -65.39 29.08 11.45
CA GLN M 344 -65.51 30.53 11.55
C GLN M 344 -65.20 31.15 10.19
N LEU M 345 -66.05 32.07 9.76
CA LEU M 345 -65.82 32.73 8.48
C LEU M 345 -64.57 33.60 8.56
N PRO M 346 -63.91 33.84 7.43
CA PRO M 346 -62.69 34.65 7.45
C PRO M 346 -62.96 36.05 7.99
N LEU M 347 -62.33 36.36 9.11
CA LEU M 347 -62.49 37.65 9.76
C LEU M 347 -61.16 38.39 9.83
N ASN M 348 -61.24 39.71 9.87
CA ASN M 348 -60.06 40.55 9.86
C ASN M 348 -59.60 40.87 11.27
N LYS M 477 -54.17 41.33 11.27
CA LYS M 477 -53.91 40.04 10.64
C LYS M 477 -55.19 39.33 10.26
N SER M 478 -55.61 39.51 9.01
CA SER M 478 -56.79 38.83 8.50
C SER M 478 -56.57 37.33 8.44
N LEU M 479 -57.54 36.57 8.94
CA LEU M 479 -57.47 35.12 8.96
C LEU M 479 -58.38 34.52 7.90
N THR M 480 -58.01 33.33 7.45
CA THR M 480 -58.85 32.56 6.55
C THR M 480 -59.89 31.80 7.38
N GLU M 481 -60.59 30.87 6.75
CA GLU M 481 -61.57 30.09 7.47
C GLU M 481 -60.88 29.22 8.52
N GLN M 482 -61.53 29.08 9.66
CA GLN M 482 -60.94 28.38 10.78
C GLN M 482 -62.01 27.57 11.48
N MET M 483 -61.66 26.37 11.93
CA MET M 483 -62.63 25.57 12.66
C MET M 483 -62.82 26.14 14.05
N ALA M 484 -64.08 26.20 14.49
CA ALA M 484 -64.38 26.61 15.85
C ALA M 484 -63.86 25.58 16.83
N ASP M 485 -63.56 26.04 18.04
CA ASP M 485 -62.94 25.19 19.04
C ASP M 485 -63.97 24.45 19.89
N PHE M 486 -65.23 24.47 19.49
CA PHE M 486 -66.24 23.67 20.18
C PHE M 486 -66.76 22.53 19.33
N SER M 487 -66.32 22.40 18.09
CA SER M 487 -66.75 21.28 17.27
C SER M 487 -66.19 19.98 17.82
N SER M 488 -67.04 18.97 17.92
CA SER M 488 -66.57 17.66 18.33
C SER M 488 -65.65 17.09 17.25
N ARG M 489 -64.71 16.27 17.68
CA ARG M 489 -63.70 15.74 16.78
C ARG M 489 -63.70 14.21 16.86
N GLY M 490 -63.40 13.58 15.73
CA GLY M 490 -63.35 12.15 15.67
C GLY M 490 -62.06 11.62 16.24
N PRO M 491 -61.73 10.37 15.97
CA PRO M 491 -62.47 9.40 15.17
C PRO M 491 -63.62 8.77 15.94
N VAL M 492 -64.43 7.96 15.27
CA VAL M 492 -65.46 7.22 15.96
C VAL M 492 -64.86 5.98 16.61
N MET M 493 -65.34 5.64 17.80
CA MET M 493 -64.87 4.47 18.48
C MET M 493 -65.36 3.21 17.79
N ASP M 494 -64.55 2.16 17.82
CA ASP M 494 -64.92 0.82 17.36
C ASP M 494 -65.05 0.74 15.84
N THR M 495 -64.98 1.87 15.15
CA THR M 495 -64.89 1.88 13.71
C THR M 495 -63.79 2.77 13.18
N TRP M 496 -63.24 3.67 14.01
CA TRP M 496 -62.10 4.50 13.65
C TRP M 496 -62.38 5.33 12.41
N MET M 497 -63.65 5.63 12.17
CA MET M 497 -64.05 6.40 11.02
C MET M 497 -63.72 7.88 11.23
N ILE M 498 -63.35 8.56 10.15
CA ILE M 498 -63.00 9.97 10.24
C ILE M 498 -64.28 10.79 10.36
N LYS M 499 -64.38 11.58 11.41
CA LYS M 499 -65.49 12.50 11.58
C LYS M 499 -64.97 13.81 12.16
N PRO M 500 -65.57 14.94 11.81
CA PRO M 500 -66.79 15.17 11.02
C PRO M 500 -66.61 14.77 9.58
N ASP M 501 -67.68 14.57 8.82
CA ASP M 501 -67.50 14.29 7.40
C ASP M 501 -67.15 15.56 6.64
N VAL M 502 -67.86 16.65 6.89
CA VAL M 502 -67.57 17.93 6.25
C VAL M 502 -67.73 19.02 7.29
N SER M 503 -67.11 20.16 7.07
CA SER M 503 -67.32 21.32 7.91
C SER M 503 -68.07 22.40 7.14
N ALA M 504 -68.72 23.29 7.87
CA ALA M 504 -69.53 24.35 7.28
C ALA M 504 -69.57 25.52 8.25
N PRO M 505 -69.91 26.71 7.77
CA PRO M 505 -69.96 27.87 8.68
C PRO M 505 -70.99 27.68 9.78
N GLY M 506 -70.52 27.75 11.02
CA GLY M 506 -71.40 27.53 12.15
C GLY M 506 -71.14 28.42 13.34
N VAL M 507 -70.51 29.57 13.12
CA VAL M 507 -70.21 30.51 14.19
C VAL M 507 -70.86 31.84 13.83
N ASN M 508 -71.66 32.37 14.76
CA ASN M 508 -72.33 33.66 14.60
C ASN M 508 -73.23 33.65 13.35
N ILE M 509 -74.21 32.75 13.39
CA ILE M 509 -75.17 32.61 12.29
C ILE M 509 -76.46 33.29 12.71
N VAL M 510 -76.89 34.28 11.96
CA VAL M 510 -78.14 34.96 12.24
C VAL M 510 -79.25 34.33 11.40
N SER M 511 -80.39 34.11 12.02
CA SER M 511 -81.50 33.45 11.36
C SER M 511 -82.78 33.71 12.12
N THR M 512 -83.88 33.21 11.57
CA THR M 512 -85.20 33.48 12.12
C THR M 512 -85.38 32.80 13.46
N ILE M 513 -85.92 33.53 14.43
CA ILE M 513 -86.25 32.98 15.73
C ILE M 513 -87.63 33.47 16.15
N PRO M 514 -88.31 32.75 17.05
CA PRO M 514 -89.44 33.34 17.74
C PRO M 514 -88.97 34.13 18.94
N THR M 515 -89.49 35.34 19.08
CA THR M 515 -89.14 36.16 20.24
C THR M 515 -89.91 35.77 21.48
N HIS M 516 -90.90 34.90 21.35
CA HIS M 516 -91.76 34.49 22.47
C HIS M 516 -92.37 35.70 23.16
N ASP M 517 -92.70 36.70 22.36
CA ASP M 517 -93.32 37.93 22.82
C ASP M 517 -94.61 38.13 22.04
N PRO M 518 -95.77 38.16 22.70
CA PRO M 518 -97.03 38.37 21.96
C PRO M 518 -97.06 39.67 21.18
N ALA M 519 -96.32 40.69 21.60
CA ALA M 519 -96.30 41.96 20.88
C ALA M 519 -95.73 41.79 19.48
N ASP M 520 -94.62 41.06 19.36
CA ASP M 520 -94.04 40.72 18.06
C ASP M 520 -93.36 39.37 18.19
N PRO M 521 -94.00 38.31 17.68
CA PRO M 521 -93.51 36.96 17.98
C PRO M 521 -92.34 36.51 17.13
N TYR M 522 -92.03 37.20 16.03
CA TYR M 522 -91.00 36.78 15.11
C TYR M 522 -89.87 37.79 15.05
N GLY M 523 -88.65 37.29 14.98
CA GLY M 523 -87.51 38.17 14.88
C GLY M 523 -86.31 37.41 14.35
N TYR M 524 -85.14 38.01 14.49
CA TYR M 524 -83.90 37.39 14.06
C TYR M 524 -82.91 37.35 15.22
N GLY M 525 -82.13 36.28 15.26
CA GLY M 525 -81.19 36.10 16.34
C GLY M 525 -79.96 35.38 15.83
N SER M 526 -78.86 35.62 16.52
CA SER M 526 -77.56 35.05 16.17
C SER M 526 -77.24 33.94 17.15
N LYS M 527 -77.08 32.73 16.63
CA LYS M 527 -76.69 31.58 17.43
C LYS M 527 -75.45 30.95 16.84
N GLN M 528 -74.74 30.20 17.67
CA GLN M 528 -73.50 29.57 17.30
C GLN M 528 -73.50 28.13 17.80
N GLY M 529 -72.87 27.25 17.05
CA GLY M 529 -72.79 25.86 17.45
C GLY M 529 -72.65 24.95 16.26
N THR M 530 -72.12 23.77 16.52
CA THR M 530 -72.05 22.75 15.49
C THR M 530 -73.44 22.37 15.01
N SER M 531 -74.44 22.52 15.87
CA SER M 531 -75.82 22.25 15.48
C SER M 531 -76.30 23.23 14.42
N MET M 532 -75.62 24.34 14.21
CA MET M 532 -75.98 25.27 13.16
C MET M 532 -75.03 25.26 11.98
N ALA M 533 -74.04 24.38 11.97
CA ALA M 533 -73.31 24.13 10.74
C ALA M 533 -74.03 23.12 9.86
N SER M 534 -74.71 22.15 10.47
CA SER M 534 -75.43 21.16 9.67
C SER M 534 -76.52 21.73 8.78
N PRO M 535 -77.30 22.74 9.18
CA PRO M 535 -78.32 23.25 8.26
C PRO M 535 -77.77 23.76 6.95
N HIS M 536 -76.56 24.31 6.95
CA HIS M 536 -75.95 24.72 5.69
C HIS M 536 -75.77 23.51 4.77
N VAL M 537 -75.29 22.40 5.30
CA VAL M 537 -75.10 21.22 4.48
C VAL M 537 -76.45 20.62 4.09
N ALA M 538 -77.46 20.73 4.93
CA ALA M 538 -78.79 20.26 4.53
C ALA M 538 -79.34 21.07 3.37
N GLY M 539 -79.19 22.39 3.42
CA GLY M 539 -79.58 23.21 2.29
C GLY M 539 -78.77 22.91 1.05
N ALA M 540 -77.48 22.67 1.23
CA ALA M 540 -76.63 22.30 0.09
C ALA M 540 -77.10 21.00 -0.53
N ALA M 541 -77.46 20.02 0.30
CA ALA M 541 -77.96 18.75 -0.20
C ALA M 541 -79.28 18.94 -0.95
N ALA M 542 -80.15 19.81 -0.43
CA ALA M 542 -81.39 20.09 -1.14
C ALA M 542 -81.12 20.71 -2.51
N VAL M 543 -80.20 21.68 -2.56
CA VAL M 543 -79.88 22.32 -3.83
C VAL M 543 -79.31 21.31 -4.80
N ILE M 544 -78.39 20.46 -4.33
CA ILE M 544 -77.78 19.46 -5.20
C ILE M 544 -78.83 18.48 -5.70
N LYS M 545 -79.71 18.03 -4.81
CA LYS M 545 -80.75 17.10 -5.23
C LYS M 545 -81.67 17.71 -6.27
N GLN M 546 -81.91 19.02 -6.19
CA GLN M 546 -82.62 19.66 -7.29
C GLN M 546 -81.78 19.66 -8.56
N ALA M 547 -80.48 19.88 -8.43
CA ALA M 547 -79.62 19.95 -9.60
C ALA M 547 -79.38 18.57 -10.20
N LYS M 548 -79.11 17.58 -9.36
CA LYS M 548 -78.87 16.20 -9.80
C LYS M 548 -79.95 15.32 -9.24
N PRO M 549 -81.08 15.15 -9.94
CA PRO M 549 -82.20 14.40 -9.36
C PRO M 549 -81.98 12.91 -9.29
N LYS M 550 -80.94 12.38 -9.93
CA LYS M 550 -80.72 10.95 -9.97
C LYS M 550 -79.70 10.46 -8.95
N TRP M 551 -79.08 11.37 -8.20
CA TRP M 551 -78.05 10.96 -7.26
C TRP M 551 -78.65 10.33 -6.02
N SER M 552 -78.03 9.25 -5.57
CA SER M 552 -78.42 8.55 -4.35
C SER M 552 -77.93 9.35 -3.15
N PRO M 553 -78.42 9.08 -1.94
CA PRO M 553 -77.89 9.79 -0.77
C PRO M 553 -76.39 9.62 -0.59
N GLU M 554 -75.85 8.43 -0.87
CA GLU M 554 -74.41 8.24 -0.78
C GLU M 554 -73.65 8.99 -1.86
N GLN M 555 -74.22 9.13 -3.05
CA GLN M 555 -73.61 9.94 -4.09
C GLN M 555 -73.56 11.41 -3.73
N ILE M 556 -74.61 11.93 -3.09
CA ILE M 556 -74.59 13.31 -2.62
C ILE M 556 -73.52 13.49 -1.56
N LYS M 557 -73.43 12.54 -0.63
CA LYS M 557 -72.40 12.63 0.40
C LYS M 557 -71.01 12.62 -0.22
N ALA M 558 -70.78 11.75 -1.19
CA ALA M 558 -69.50 11.71 -1.86
C ALA M 558 -69.22 12.96 -2.67
N ALA M 559 -70.23 13.60 -3.24
CA ALA M 559 -70.03 14.82 -4.00
C ALA M 559 -69.74 16.01 -3.11
N LEU M 560 -70.43 16.15 -1.98
CA LEU M 560 -70.08 17.20 -1.03
C LEU M 560 -68.69 16.98 -0.48
N MET M 561 -68.34 15.73 -0.16
CA MET M 561 -67.08 15.46 0.51
C MET M 561 -65.91 15.54 -0.45
N ASN M 562 -66.13 15.28 -1.74
CA ASN M 562 -65.05 15.28 -2.70
C ASN M 562 -64.59 16.70 -3.01
N THR M 563 -65.53 17.61 -3.24
CA THR M 563 -65.24 18.98 -3.62
C THR M 563 -65.37 19.85 -2.37
N ALA M 564 -64.32 19.87 -1.57
CA ALA M 564 -64.30 20.62 -0.33
C ALA M 564 -62.92 21.22 -0.14
N GLU M 565 -62.88 22.47 0.33
CA GLU M 565 -61.63 23.21 0.47
C GLU M 565 -60.99 22.89 1.82
N THR M 566 -59.77 22.39 1.79
CA THR M 566 -59.01 22.15 3.00
C THR M 566 -58.76 23.46 3.72
N LEU M 567 -58.79 23.41 5.05
CA LEU M 567 -58.66 24.59 5.89
C LEU M 567 -57.33 24.55 6.63
N THR M 568 -56.60 25.66 6.60
CA THR M 568 -55.39 25.81 7.37
C THR M 568 -55.62 26.73 8.55
N ASP M 569 -54.94 26.46 9.65
CA ASP M 569 -55.11 27.24 10.87
C ASP M 569 -54.32 28.54 10.75
N ALA M 570 -54.20 29.26 11.87
CA ALA M 570 -53.56 30.57 11.84
C ALA M 570 -52.09 30.47 11.45
N ASP M 571 -51.36 29.51 12.03
CA ASP M 571 -49.93 29.41 11.76
C ASP M 571 -49.67 29.02 10.30
N GLY M 572 -50.52 28.16 9.75
CA GLY M 572 -50.36 27.75 8.37
C GLY M 572 -50.34 26.24 8.20
N ASP M 573 -50.76 25.52 9.23
CA ASP M 573 -50.81 24.08 9.20
C ASP M 573 -52.21 23.61 8.87
N VAL M 574 -52.31 22.59 8.01
CA VAL M 574 -53.61 22.04 7.69
C VAL M 574 -54.21 21.42 8.95
N TYR M 575 -55.49 21.72 9.18
CA TYR M 575 -56.18 21.15 10.31
C TYR M 575 -56.21 19.62 10.19
N PRO M 576 -56.10 18.91 11.31
CA PRO M 576 -56.14 17.45 11.24
C PRO M 576 -57.44 16.96 10.64
N HIS M 577 -57.40 15.75 10.08
CA HIS M 577 -58.57 15.22 9.40
C HIS M 577 -59.73 15.03 10.35
N ASN M 578 -59.47 14.60 11.58
CA ASN M 578 -60.55 14.54 12.56
C ASN M 578 -60.71 15.85 13.28
N ALA M 579 -60.62 16.94 12.54
CA ALA M 579 -61.07 18.25 12.95
C ALA M 579 -61.73 18.98 11.81
N GLN M 580 -61.56 18.49 10.59
CA GLN M 580 -61.97 19.11 9.35
C GLN M 580 -62.86 18.20 8.52
N GLY M 581 -62.55 16.92 8.51
CA GLY M 581 -63.24 15.95 7.70
C GLY M 581 -62.75 15.94 6.28
N ALA M 582 -63.18 16.92 5.51
CA ALA M 582 -62.66 17.10 4.16
C ALA M 582 -62.56 18.57 3.81
N GLY M 583 -62.92 19.45 4.71
CA GLY M 583 -62.90 20.88 4.46
C GLY M 583 -64.31 21.45 4.45
N SER M 584 -64.39 22.72 4.05
CA SER M 584 -65.67 23.39 3.98
C SER M 584 -66.38 23.03 2.69
N ILE M 585 -67.72 22.99 2.74
CA ILE M 585 -68.48 22.68 1.54
C ILE M 585 -68.27 23.78 0.51
N ARG M 586 -68.43 23.40 -0.76
CA ARG M 586 -68.49 24.35 -1.87
C ARG M 586 -69.61 23.87 -2.77
N ILE M 587 -70.78 24.47 -2.63
CA ILE M 587 -71.96 23.99 -3.34
C ILE M 587 -71.75 24.07 -4.85
N MET M 588 -71.08 25.12 -5.31
CA MET M 588 -70.92 25.31 -6.75
C MET M 588 -70.05 24.23 -7.36
N LYS M 589 -68.96 23.87 -6.68
CA LYS M 589 -68.12 22.78 -7.19
C LYS M 589 -68.86 21.46 -7.14
N ALA M 590 -69.62 21.21 -6.08
CA ALA M 590 -70.35 19.96 -5.96
C ALA M 590 -71.40 19.82 -7.05
N ILE M 591 -72.10 20.91 -7.36
CA ILE M 591 -73.14 20.88 -8.38
C ILE M 591 -72.58 20.55 -9.75
N LYS M 592 -71.35 20.98 -10.03
CA LYS M 592 -70.72 20.77 -11.33
C LYS M 592 -69.60 19.77 -11.11
N ALA M 593 -69.97 18.49 -11.09
CA ALA M 593 -69.03 17.41 -10.85
C ALA M 593 -69.47 16.20 -11.66
N ASP M 594 -68.60 15.77 -12.56
CA ASP M 594 -68.90 14.64 -13.42
C ASP M 594 -68.15 13.39 -13.01
N SER M 595 -67.44 13.42 -11.89
CA SER M 595 -66.74 12.25 -11.39
C SER M 595 -66.93 12.18 -9.90
N LEU M 596 -67.32 11.02 -9.39
CA LEU M 596 -67.56 10.83 -7.97
C LEU M 596 -66.67 9.72 -7.43
N VAL M 597 -65.93 10.01 -6.38
CA VAL M 597 -65.07 9.03 -5.74
C VAL M 597 -65.71 8.63 -4.42
N ALA M 598 -65.96 7.35 -4.24
CA ALA M 598 -66.62 6.85 -3.05
C ALA M 598 -65.86 5.66 -2.48
N PRO M 599 -65.75 5.55 -1.17
CA PRO M 599 -66.29 6.45 -0.14
C PRO M 599 -65.48 7.74 -0.09
N GLY M 600 -66.09 8.85 0.32
CA GLY M 600 -65.37 10.10 0.32
C GLY M 600 -64.19 10.12 1.27
N SER M 601 -64.23 9.30 2.31
CA SER M 601 -63.12 9.17 3.24
C SER M 601 -63.08 7.73 3.71
N TYR M 602 -61.88 7.21 3.92
CA TYR M 602 -61.72 5.83 4.33
C TYR M 602 -60.78 5.74 5.52
N SER M 603 -61.01 4.75 6.36
CA SER M 603 -60.18 4.52 7.54
C SER M 603 -59.71 3.08 7.52
N TYR M 604 -58.40 2.89 7.63
CA TYR M 604 -57.84 1.55 7.54
C TYR M 604 -57.92 0.79 8.85
N GLY M 605 -58.43 1.40 9.91
CA GLY M 605 -58.53 0.70 11.17
C GLY M 605 -57.24 0.77 11.96
N THR M 606 -56.95 -0.31 12.67
CA THR M 606 -55.80 -0.37 13.56
C THR M 606 -54.84 -1.45 13.10
N PHE M 607 -53.55 -1.23 13.39
CA PHE M 607 -52.49 -2.17 13.09
C PHE M 607 -51.89 -2.59 14.42
N MET M 608 -52.14 -3.84 14.82
CA MET M 608 -51.82 -4.31 16.16
C MET M 608 -50.60 -5.23 16.20
N LYS M 609 -50.00 -5.56 15.05
CA LYS M 609 -48.92 -6.53 15.04
C LYS M 609 -47.72 -6.01 15.83
N ASP M 610 -47.16 -6.87 16.67
CA ASP M 610 -46.00 -6.50 17.47
C ASP M 610 -44.74 -6.49 16.62
N LYS M 611 -44.60 -7.45 15.71
CA LYS M 611 -43.44 -7.51 14.82
C LYS M 611 -43.90 -7.94 13.44
N GLY M 612 -43.13 -7.57 12.44
CA GLY M 612 -43.45 -7.88 11.07
C GLY M 612 -44.11 -6.71 10.37
N ASN M 613 -44.60 -6.98 9.16
CA ASN M 613 -45.26 -5.99 8.33
C ASN M 613 -46.71 -6.40 8.15
N GLU M 614 -47.62 -5.43 8.27
CA GLU M 614 -49.04 -5.68 8.10
C GLU M 614 -49.54 -4.85 6.94
N THR M 615 -50.27 -5.48 6.03
CA THR M 615 -50.75 -4.83 4.82
C THR M 615 -52.28 -4.85 4.81
N LYS M 616 -52.87 -3.71 4.52
CA LYS M 616 -54.31 -3.60 4.34
C LYS M 616 -54.57 -2.94 3.00
N LYS M 617 -55.76 -3.15 2.45
CA LYS M 617 -56.09 -2.54 1.18
C LYS M 617 -57.55 -2.17 1.14
N GLU M 618 -57.85 -1.15 0.34
CA GLU M 618 -59.20 -0.66 0.14
C GLU M 618 -59.44 -0.45 -1.34
N THR M 619 -60.70 -0.57 -1.74
CA THR M 619 -61.11 -0.37 -3.12
C THR M 619 -62.01 0.86 -3.18
N PHE M 620 -61.47 1.95 -3.70
CA PHE M 620 -62.28 3.13 -3.97
C PHE M 620 -62.91 2.98 -5.34
N THR M 621 -64.06 3.63 -5.51
CA THR M 621 -64.84 3.53 -6.72
C THR M 621 -65.01 4.90 -7.34
N ILE M 622 -64.64 5.03 -8.61
CA ILE M 622 -64.75 6.28 -9.35
C ILE M 622 -65.85 6.12 -10.38
N GLU M 623 -66.87 6.95 -10.29
CA GLU M 623 -67.97 6.97 -11.24
C GLU M 623 -67.74 8.12 -12.21
N ASN M 624 -67.72 7.80 -13.50
CA ASN M 624 -67.48 8.76 -14.56
C ASN M 624 -68.84 9.19 -15.12
N GLN M 625 -69.41 10.22 -14.50
CA GLN M 625 -70.74 10.67 -14.88
C GLN M 625 -70.77 11.38 -16.24
N SER M 626 -69.62 11.67 -16.83
CA SER M 626 -69.58 12.42 -18.07
C SER M 626 -69.85 11.49 -19.25
N SER M 627 -69.89 12.09 -20.44
CA SER M 627 -70.17 11.38 -21.68
C SER M 627 -68.91 11.02 -22.44
N ILE M 628 -67.75 11.16 -21.82
CA ILE M 628 -66.46 11.01 -22.50
C ILE M 628 -65.58 10.11 -21.65
N ARG M 629 -64.83 9.23 -22.30
CA ARG M 629 -63.94 8.33 -21.58
C ARG M 629 -62.80 9.12 -20.98
N LYS M 630 -62.54 8.91 -19.69
CA LYS M 630 -61.56 9.72 -18.97
C LYS M 630 -60.50 8.85 -18.34
N SER M 631 -59.39 9.49 -17.98
CA SER M 631 -58.27 8.84 -17.33
C SER M 631 -58.02 9.54 -16.01
N TYR M 632 -58.15 8.80 -14.91
CA TYR M 632 -57.97 9.33 -13.58
C TYR M 632 -56.62 8.89 -13.02
N GLN M 633 -55.97 9.80 -12.31
CA GLN M 633 -54.62 9.61 -11.81
C GLN M 633 -54.63 9.71 -10.30
N LEU M 634 -54.04 8.72 -9.63
CA LEU M 634 -54.11 8.59 -8.19
C LEU M 634 -52.77 8.91 -7.55
N GLU M 635 -52.79 9.72 -6.51
CA GLU M 635 -51.61 9.98 -5.70
C GLU M 635 -51.93 9.65 -4.26
N TYR M 636 -51.20 8.69 -3.69
CA TYR M 636 -51.41 8.26 -2.32
C TYR M 636 -50.30 8.81 -1.45
N SER M 637 -50.66 9.35 -0.29
CA SER M 637 -49.67 9.84 0.65
C SER M 637 -50.11 9.49 2.06
N PHE M 638 -49.12 9.33 2.94
CA PHE M 638 -49.36 9.17 4.37
C PHE M 638 -48.26 9.88 5.13
N ASN M 639 -48.64 10.51 6.24
CA ASN M 639 -47.66 11.10 7.13
C ASN M 639 -47.10 10.06 8.06
N GLY M 640 -45.89 10.30 8.55
CA GLY M 640 -45.30 9.35 9.46
C GLY M 640 -44.41 8.34 8.75
N THR M 641 -43.40 7.89 9.47
CA THR M 641 -42.41 6.98 8.91
C THR M 641 -42.82 5.53 9.14
N GLY M 642 -42.36 4.66 8.25
CA GLY M 642 -42.68 3.26 8.32
C GLY M 642 -43.99 2.87 7.67
N ILE M 643 -44.68 3.82 7.05
CA ILE M 643 -45.93 3.57 6.35
C ILE M 643 -45.68 3.76 4.87
N THR M 644 -45.86 2.70 4.08
CA THR M 644 -45.67 2.76 2.64
C THR M 644 -47.00 2.54 1.96
N VAL M 645 -47.34 3.44 1.04
CA VAL M 645 -48.64 3.42 0.40
C VAL M 645 -48.44 3.25 -1.10
N SER M 646 -49.28 2.44 -1.71
CA SER M 646 -49.18 2.15 -3.13
C SER M 646 -50.57 1.82 -3.66
N GLY M 647 -50.63 1.40 -4.90
CA GLY M 647 -51.88 0.98 -5.48
C GLY M 647 -51.97 1.42 -6.92
N THR M 648 -53.18 1.34 -7.46
CA THR M 648 -53.42 1.70 -8.85
C THR M 648 -53.12 3.17 -9.11
N ASP M 649 -52.08 3.42 -9.89
CA ASP M 649 -51.66 4.78 -10.18
C ASP M 649 -52.43 5.45 -11.30
N ARG M 650 -53.27 4.72 -12.03
CA ARG M 650 -54.02 5.29 -13.13
C ARG M 650 -55.12 4.33 -13.53
N VAL M 651 -56.30 4.86 -13.78
CA VAL M 651 -57.40 4.08 -14.33
C VAL M 651 -57.97 4.82 -15.52
N VAL M 652 -58.55 4.06 -16.45
CA VAL M 652 -59.28 4.63 -17.57
C VAL M 652 -60.69 4.11 -17.47
N ILE M 653 -61.66 5.03 -17.40
CA ILE M 653 -63.06 4.70 -17.19
C ILE M 653 -63.84 5.18 -18.40
N PRO M 654 -64.62 4.34 -19.06
CA PRO M 654 -65.45 4.79 -20.18
C PRO M 654 -66.57 5.69 -19.72
N ALA M 655 -67.33 6.23 -20.66
CA ALA M 655 -68.40 7.15 -20.31
C ALA M 655 -69.49 6.44 -19.54
N HIS M 656 -70.04 7.13 -18.54
CA HIS M 656 -71.18 6.62 -17.78
C HIS M 656 -70.90 5.24 -17.20
N GLN M 657 -69.70 5.06 -16.66
CA GLN M 657 -69.29 3.78 -16.13
C GLN M 657 -68.55 3.99 -14.82
N THR M 658 -67.93 2.94 -14.34
CA THR M 658 -67.36 2.88 -13.00
C THR M 658 -66.05 2.11 -13.02
N GLY M 659 -65.04 2.65 -12.34
CA GLY M 659 -63.77 1.99 -12.21
C GLY M 659 -63.41 1.84 -10.74
N LYS M 660 -62.49 0.91 -10.48
CA LYS M 660 -62.07 0.59 -9.13
C LYS M 660 -60.57 0.83 -9.00
N VAL M 661 -60.17 1.51 -7.93
CA VAL M 661 -58.76 1.73 -7.63
C VAL M 661 -58.46 1.05 -6.30
N ASN M 662 -57.39 0.27 -6.28
CA ASN M 662 -57.03 -0.53 -5.13
C ASN M 662 -55.89 0.16 -4.40
N ALA M 663 -56.23 0.99 -3.43
CA ALA M 663 -55.22 1.59 -2.57
C ALA M 663 -54.74 0.55 -1.57
N LYS M 664 -53.47 0.60 -1.23
CA LYS M 664 -52.87 -0.40 -0.37
C LYS M 664 -51.90 0.29 0.57
N VAL M 665 -51.99 -0.03 1.85
CA VAL M 665 -51.11 0.55 2.86
C VAL M 665 -50.37 -0.59 3.54
N LYS M 666 -49.12 -0.33 3.91
CA LYS M 666 -48.28 -1.33 4.54
C LYS M 666 -47.52 -0.69 5.68
N VAL M 667 -47.65 -1.25 6.87
CA VAL M 667 -47.07 -0.70 8.08
C VAL M 667 -46.01 -1.66 8.58
N ASN M 668 -44.80 -1.13 8.77
CA ASN M 668 -43.68 -1.89 9.31
C ASN M 668 -43.68 -1.71 10.83
N ALA M 669 -44.10 -2.75 11.55
CA ALA M 669 -44.26 -2.64 13.00
C ALA M 669 -42.95 -2.31 13.70
N LYS M 670 -41.81 -2.59 13.08
CA LYS M 670 -40.54 -2.36 13.73
C LYS M 670 -40.08 -0.91 13.64
N LYS M 671 -40.71 -0.12 12.78
CA LYS M 671 -40.26 1.25 12.54
C LYS M 671 -41.28 2.32 12.89
N VAL M 672 -42.53 1.95 13.14
CA VAL M 672 -43.61 2.91 13.27
C VAL M 672 -43.88 3.18 14.74
N LYS M 673 -43.87 4.45 15.12
CA LYS M 673 -44.31 4.84 16.46
C LYS M 673 -45.82 4.76 16.54
N ALA M 674 -46.32 4.31 17.70
CA ALA M 674 -47.76 4.22 17.88
C ALA M 674 -48.39 5.59 17.81
N GLY M 675 -49.59 5.65 17.26
CA GLY M 675 -50.30 6.91 17.12
C GLY M 675 -51.26 6.84 15.96
N THR M 676 -51.91 7.97 15.73
CA THR M 676 -52.89 8.11 14.65
C THR M 676 -52.26 8.88 13.51
N TYR M 677 -52.24 8.29 12.33
CA TYR M 677 -51.62 8.89 11.16
C TYR M 677 -52.68 9.18 10.11
N GLU M 678 -52.55 10.32 9.46
CA GLU M 678 -53.52 10.78 8.47
C GLU M 678 -52.88 10.75 7.09
N GLY M 679 -53.58 10.12 6.15
CA GLY M 679 -53.13 10.07 4.77
C GLY M 679 -54.16 10.72 3.86
N THR M 680 -53.90 10.60 2.57
CA THR M 680 -54.76 11.21 1.56
C THR M 680 -54.60 10.50 0.24
N VAL M 681 -55.71 10.26 -0.44
CA VAL M 681 -55.73 9.79 -1.81
C VAL M 681 -56.27 10.92 -2.67
N THR M 682 -55.47 11.40 -3.60
CA THR M 682 -55.84 12.51 -4.46
C THR M 682 -56.10 11.98 -5.86
N VAL M 683 -57.24 12.33 -6.43
CA VAL M 683 -57.65 11.88 -7.75
C VAL M 683 -57.65 13.09 -8.67
N ARG M 684 -56.87 13.01 -9.74
CA ARG M 684 -56.81 14.07 -10.74
C ARG M 684 -57.38 13.57 -12.05
N GLU M 685 -58.00 14.48 -12.79
CA GLU M 685 -58.55 14.13 -14.09
C GLU M 685 -58.48 15.35 -14.98
N GLY M 686 -57.66 15.27 -16.03
CA GLY M 686 -57.55 16.32 -17.02
C GLY M 686 -57.44 17.71 -16.43
N GLY M 687 -56.35 17.97 -15.73
CA GLY M 687 -56.20 19.27 -15.11
C GLY M 687 -56.71 19.28 -13.69
N LYS M 688 -57.95 19.69 -13.53
CA LYS M 688 -58.58 19.86 -12.22
C LYS M 688 -58.48 18.60 -11.37
N THR M 689 -58.52 18.80 -10.06
CA THR M 689 -58.57 17.71 -9.10
C THR M 689 -60.02 17.37 -8.81
N VAL M 690 -60.37 16.09 -8.94
CA VAL M 690 -61.76 15.71 -8.78
C VAL M 690 -62.09 15.25 -7.36
N ALA M 691 -61.10 14.88 -6.56
CA ALA M 691 -61.36 14.43 -5.20
C ALA M 691 -60.08 14.46 -4.41
N LYS M 692 -60.23 14.53 -3.09
CA LYS M 692 -59.12 14.43 -2.15
C LYS M 692 -59.66 13.63 -0.97
N VAL M 693 -59.44 12.31 -1.01
CA VAL M 693 -60.06 11.39 -0.07
C VAL M 693 -59.20 11.35 1.19
N PRO M 694 -59.72 11.77 2.33
CA PRO M 694 -58.95 11.66 3.58
C PRO M 694 -58.93 10.23 4.07
N THR M 695 -57.74 9.70 4.30
CA THR M 695 -57.56 8.38 4.86
C THR M 695 -56.91 8.48 6.22
N LEU M 696 -57.00 7.40 6.99
CA LEU M 696 -56.51 7.40 8.35
C LEU M 696 -56.25 5.98 8.80
N LEU M 697 -55.16 5.79 9.55
CA LEU M 697 -54.89 4.53 10.20
C LEU M 697 -54.34 4.79 11.58
N ILE M 698 -54.49 3.80 12.45
CA ILE M 698 -54.06 3.89 13.84
C ILE M 698 -53.10 2.74 14.09
N VAL M 699 -52.01 3.02 14.79
CA VAL M 699 -51.00 2.01 15.09
C VAL M 699 -51.06 1.69 16.57
N LYS M 700 -51.03 0.40 16.88
CA LYS M 700 -51.18 -0.13 18.25
C LYS M 700 -52.56 0.29 18.74
N GLU M 701 -52.72 0.60 20.01
CA GLU M 701 -54.03 0.91 20.58
C GLU M 701 -54.37 2.37 20.42
N PRO M 702 -55.58 2.68 19.99
CA PRO M 702 -56.00 4.07 19.87
C PRO M 702 -56.00 4.77 21.22
N ASP M 703 -55.77 6.08 21.19
CA ASP M 703 -55.68 6.87 22.42
C ASP M 703 -57.03 7.50 22.77
N TYR M 704 -58.04 6.68 22.81
CA TYR M 704 -59.34 7.18 23.20
C TYR M 704 -59.42 7.35 24.70
N PRO M 705 -60.32 8.19 25.19
CA PRO M 705 -60.53 8.27 26.64
C PRO M 705 -61.00 6.93 27.17
N ARG M 706 -60.29 6.41 28.16
CA ARG M 706 -60.65 5.10 28.70
C ARG M 706 -61.96 5.16 29.45
N VAL M 707 -62.30 6.30 30.03
CA VAL M 707 -63.60 6.50 30.67
C VAL M 707 -64.14 7.84 30.19
N THR M 708 -65.42 7.86 29.82
CA THR M 708 -66.00 9.02 29.18
C THR M 708 -66.85 9.85 30.11
N SER M 709 -67.79 9.23 30.83
CA SER M 709 -68.68 9.96 31.71
C SER M 709 -68.90 9.18 32.99
N ILE M 710 -69.14 9.94 34.06
CA ILE M 710 -69.46 9.39 35.37
C ILE M 710 -70.49 10.30 36.03
N ASP M 711 -71.48 9.70 36.67
CA ASP M 711 -72.41 10.43 37.50
C ASP M 711 -72.80 9.61 38.71
N VAL M 712 -73.21 10.30 39.77
CA VAL M 712 -73.57 9.67 41.04
C VAL M 712 -74.98 10.10 41.39
N GLN M 713 -75.86 9.13 41.63
CA GLN M 713 -77.22 9.42 42.03
C GLN M 713 -77.50 8.67 43.33
N ASP M 714 -78.61 9.04 43.97
CA ASP M 714 -79.01 8.37 45.19
C ASP M 714 -79.52 6.97 44.88
N GLY M 715 -79.14 6.01 45.71
CA GLY M 715 -79.55 4.64 45.49
C GLY M 715 -80.96 4.39 45.93
N THR M 716 -81.44 3.17 45.62
CA THR M 716 -82.77 2.76 46.07
C THR M 716 -82.88 2.70 47.58
N THR M 717 -81.77 2.50 48.28
CA THR M 717 -81.74 2.50 49.73
C THR M 717 -81.19 3.83 50.22
N GLN M 718 -81.86 4.43 51.20
CA GLN M 718 -81.42 5.70 51.74
C GLN M 718 -80.03 5.56 52.34
N GLY M 719 -79.18 6.55 52.07
CA GLY M 719 -77.81 6.55 52.53
C GLY M 719 -76.81 5.93 51.59
N THR M 720 -77.26 5.22 50.55
CA THR M 720 -76.39 4.61 49.57
C THR M 720 -76.48 5.36 48.25
N TYR M 721 -75.56 5.03 47.36
CA TYR M 721 -75.42 5.75 46.10
C TYR M 721 -75.20 4.76 44.96
N GLN M 722 -75.54 5.20 43.76
CA GLN M 722 -75.26 4.45 42.55
C GLN M 722 -74.37 5.29 41.65
N ILE M 723 -73.28 4.68 41.19
CA ILE M 723 -72.33 5.33 40.30
C ILE M 723 -72.53 4.73 38.93
N GLU M 724 -72.83 5.57 37.94
CA GLU M 724 -72.99 5.12 36.58
C GLU M 724 -71.87 5.72 35.75
N THR M 725 -71.12 4.87 35.05
CA THR M 725 -69.99 5.31 34.26
C THR M 725 -70.06 4.66 32.89
N TYR M 726 -69.39 5.27 31.92
CA TYR M 726 -69.35 4.73 30.57
C TYR M 726 -67.91 4.44 30.18
N LEU M 727 -67.63 3.19 29.87
CA LEU M 727 -66.29 2.77 29.48
C LEU M 727 -66.30 2.40 28.00
N PRO M 728 -65.69 3.19 27.12
CA PRO M 728 -65.78 2.91 25.69
C PRO M 728 -65.27 1.54 25.29
N ALA M 729 -64.24 1.02 25.95
CA ALA M 729 -63.72 -0.29 25.58
C ALA M 729 -63.39 -1.12 26.81
N GLY M 730 -64.13 -0.94 27.89
CA GLY M 730 -63.85 -1.67 29.11
C GLY M 730 -62.71 -1.03 29.87
N ALA M 731 -62.34 -1.68 30.97
CA ALA M 731 -61.26 -1.16 31.79
C ALA M 731 -60.58 -2.31 32.50
N GLU M 732 -59.26 -2.41 32.33
CA GLU M 732 -58.49 -3.35 33.11
C GLU M 732 -58.58 -3.02 34.59
N GLU M 733 -58.55 -1.74 34.93
CA GLU M 733 -58.69 -1.32 36.32
C GLU M 733 -59.53 -0.05 36.36
N LEU M 734 -60.43 0.03 37.32
CA LEU M 734 -61.31 1.18 37.47
C LEU M 734 -61.35 1.60 38.93
N ALA M 735 -61.16 2.88 39.18
CA ALA M 735 -61.09 3.39 40.54
C ALA M 735 -61.96 4.62 40.68
N PHE M 736 -62.74 4.67 41.75
CA PHE M 736 -63.55 5.83 42.08
C PHE M 736 -62.97 6.46 43.33
N LEU M 737 -62.60 7.74 43.21
CA LEU M 737 -62.00 8.52 44.28
C LEU M 737 -62.89 9.68 44.62
N VAL M 738 -62.87 10.11 45.88
CA VAL M 738 -63.77 11.14 46.38
C VAL M 738 -62.99 12.37 46.77
N TYR M 739 -63.50 13.54 46.39
CA TYR M 739 -62.90 14.82 46.70
C TYR M 739 -63.91 15.70 47.41
N ASP M 740 -63.42 16.56 48.30
CA ASP M 740 -64.31 17.45 49.01
C ASP M 740 -64.69 18.62 48.12
N SER M 741 -65.46 19.56 48.66
CA SER M 741 -65.85 20.73 47.90
C SER M 741 -64.64 21.58 47.50
N ASN M 742 -63.55 21.51 48.26
CA ASN M 742 -62.33 22.22 47.93
C ASN M 742 -61.41 21.41 47.03
N LEU M 743 -61.91 20.31 46.46
CA LEU M 743 -61.14 19.46 45.57
C LEU M 743 -59.90 18.92 46.27
N ASP M 744 -60.05 18.54 47.53
CA ASP M 744 -59.00 17.89 48.29
C ASP M 744 -59.29 16.41 48.37
N PHE M 745 -58.29 15.59 48.09
CA PHE M 745 -58.49 14.16 48.02
C PHE M 745 -58.92 13.60 49.37
N VAL M 746 -60.19 13.24 49.49
CA VAL M 746 -60.68 12.67 50.74
C VAL M 746 -60.27 11.21 50.87
N GLY M 747 -60.47 10.43 49.82
CA GLY M 747 -60.09 9.03 49.88
C GLY M 747 -60.56 8.28 48.64
N GLN M 748 -60.64 6.97 48.78
CA GLN M 748 -60.86 6.06 47.66
C GLN M 748 -62.20 5.37 47.84
N ALA M 749 -63.15 5.71 46.99
CA ALA M 749 -64.48 5.13 47.07
C ALA M 749 -64.46 3.64 46.74
N GLY M 750 -63.96 3.28 45.57
CA GLY M 750 -64.04 1.89 45.14
C GLY M 750 -62.97 1.50 44.15
N ILE M 751 -62.68 0.21 44.11
CA ILE M 751 -61.73 -0.38 43.18
C ILE M 751 -62.40 -1.56 42.49
N TYR M 752 -62.18 -1.67 41.18
CA TYR M 752 -62.76 -2.76 40.40
C TYR M 752 -61.79 -3.16 39.32
N LYS M 753 -61.89 -4.41 38.88
CA LYS M 753 -61.00 -4.96 37.87
C LYS M 753 -61.82 -5.66 36.79
N LYS M 754 -61.28 -5.65 35.58
CA LYS M 754 -61.83 -6.42 34.46
C LYS M 754 -63.29 -6.09 34.22
N GLN M 755 -63.53 -4.83 33.89
CA GLN M 755 -64.89 -4.35 33.64
C GLN M 755 -65.22 -4.44 32.16
N ASP M 756 -66.47 -4.81 31.88
CA ASP M 756 -66.94 -4.91 30.50
C ASP M 756 -67.25 -3.53 29.95
N LYS M 757 -67.14 -3.41 28.63
CA LYS M 757 -67.35 -2.12 28.00
C LYS M 757 -68.83 -1.77 27.97
N GLY M 758 -69.10 -0.47 27.82
CA GLY M 758 -70.46 0.01 27.81
C GLY M 758 -70.79 0.78 29.07
N TYR M 759 -72.04 0.74 29.48
CA TYR M 759 -72.48 1.38 30.72
C TYR M 759 -72.28 0.42 31.88
N GLN M 760 -71.62 0.90 32.93
CA GLN M 760 -71.38 0.13 34.13
C GLN M 760 -71.98 0.85 35.32
N TYR M 761 -72.61 0.07 36.21
CA TYR M 761 -73.24 0.59 37.41
C TYR M 761 -72.63 -0.07 38.63
N PHE M 762 -72.32 0.74 39.63
CA PHE M 762 -71.71 0.25 40.86
C PHE M 762 -72.45 0.82 42.06
N ASP M 763 -72.76 -0.03 43.01
CA ASP M 763 -73.38 0.43 44.25
C ASP M 763 -72.29 0.84 45.22
N TRP M 764 -72.44 2.01 45.84
CA TRP M 764 -71.45 2.53 46.76
C TRP M 764 -72.15 2.89 48.06
N ASN M 765 -71.64 2.36 49.16
CA ASN M 765 -72.26 2.55 50.46
C ASN M 765 -71.93 3.88 51.10
N GLY M 766 -71.30 4.80 50.38
CA GLY M 766 -70.99 6.09 50.92
C GLY M 766 -69.79 6.12 51.85
N LYS M 767 -69.06 5.03 51.97
CA LYS M 767 -67.95 4.93 52.90
C LYS M 767 -66.64 4.84 52.13
N VAL M 768 -65.61 5.50 52.67
CA VAL M 768 -64.37 5.77 51.96
C VAL M 768 -63.25 4.92 52.52
N ASN M 769 -62.38 4.46 51.60
CA ASN M 769 -61.20 3.66 51.94
C ASN M 769 -61.58 2.36 52.64
N GLY M 770 -62.87 2.04 52.67
CA GLY M 770 -63.32 0.90 53.43
C GLY M 770 -63.66 1.32 54.84
N ASP M 771 -64.93 1.18 55.21
CA ASP M 771 -65.47 1.31 56.57
C ASP M 771 -65.29 2.69 57.19
N THR M 772 -64.84 3.68 56.44
CA THR M 772 -64.72 5.06 56.94
C THR M 772 -65.84 5.89 56.33
N ALA M 773 -66.75 6.37 57.17
CA ALA M 773 -67.90 7.12 56.70
C ALA M 773 -67.53 8.57 56.45
N LEU M 774 -68.11 9.14 55.39
CA LEU M 774 -67.84 10.52 55.05
C LEU M 774 -68.58 11.47 55.98
N PRO M 775 -68.01 12.63 56.28
CA PRO M 775 -68.77 13.69 56.93
C PRO M 775 -69.74 14.32 55.94
N ALA M 776 -70.79 14.93 56.49
CA ALA M 776 -71.81 15.55 55.65
C ALA M 776 -71.24 16.74 54.91
N GLY M 777 -71.63 16.88 53.65
CA GLY M 777 -71.15 17.99 52.84
C GLY M 777 -71.36 17.69 51.37
N GLU M 778 -70.59 18.41 50.55
CA GLU M 778 -70.68 18.34 49.10
C GLU M 778 -69.39 17.75 48.55
N TYR M 779 -69.52 16.78 47.64
CA TYR M 779 -68.37 16.00 47.20
C TYR M 779 -68.38 15.83 45.69
N TYR M 780 -67.18 15.62 45.15
CA TYR M 780 -66.97 15.28 43.76
C TYR M 780 -66.40 13.87 43.70
N MET M 781 -66.61 13.20 42.58
CA MET M 781 -66.02 11.88 42.40
C MET M 781 -65.26 11.83 41.08
N LEU M 782 -64.08 11.23 41.14
CA LEU M 782 -63.20 11.08 39.98
C LEU M 782 -63.15 9.60 39.61
N ALA M 783 -63.40 9.31 38.35
CA ALA M 783 -63.27 7.95 37.83
C ALA M 783 -61.95 7.87 37.07
N TYR M 784 -61.13 6.91 37.45
CA TYR M 784 -59.83 6.67 36.82
C TYR M 784 -59.89 5.27 36.22
N ALA M 785 -59.84 5.19 34.90
CA ALA M 785 -59.90 3.91 34.21
C ALA M 785 -58.60 3.68 33.44
N ALA M 786 -58.02 2.50 33.62
CA ALA M 786 -56.80 2.12 32.93
C ALA M 786 -57.10 0.89 32.09
N ASN M 787 -56.73 0.95 30.82
CA ASN M 787 -57.02 -0.12 29.88
C ASN M 787 -55.96 -0.10 28.79
N LYS M 788 -55.45 -1.28 28.45
CA LYS M 788 -54.59 -1.49 27.28
C LYS M 788 -53.46 -0.47 27.21
N GLY M 789 -52.85 -0.22 28.35
CA GLY M 789 -51.66 0.61 28.39
C GLY M 789 -51.90 2.10 28.39
N LYS M 790 -53.12 2.56 28.59
CA LYS M 790 -53.35 3.98 28.77
C LYS M 790 -54.44 4.18 29.81
N SER M 791 -54.36 5.29 30.51
CA SER M 791 -55.31 5.59 31.57
C SER M 791 -55.92 6.96 31.33
N SER M 792 -57.17 7.08 31.74
CA SER M 792 -57.92 8.33 31.60
C SER M 792 -58.71 8.56 32.87
N GLN M 793 -59.14 9.79 33.07
CA GLN M 793 -59.90 10.13 34.25
C GLN M 793 -60.95 11.15 33.88
N VAL M 794 -62.03 11.17 34.67
CA VAL M 794 -63.12 12.11 34.44
C VAL M 794 -63.73 12.46 35.79
N LEU M 795 -64.03 13.74 35.98
CA LEU M 795 -64.55 14.25 37.24
C LEU M 795 -66.04 14.55 37.10
N THR M 796 -66.80 14.26 38.14
CA THR M 796 -68.23 14.53 38.15
C THR M 796 -68.45 16.02 38.36
N GLU M 797 -69.00 16.69 37.35
CA GLU M 797 -69.56 18.00 37.58
C GLU M 797 -70.88 17.85 38.35
N LYS M 798 -71.39 18.97 38.86
CA LYS M 798 -72.59 18.95 39.68
C LYS M 798 -72.39 18.04 40.88
N PRO M 799 -71.63 18.50 41.88
CA PRO M 799 -71.24 17.63 43.00
C PRO M 799 -72.44 17.02 43.71
N PHE M 800 -72.27 15.79 44.17
CA PHE M 800 -73.30 15.10 44.93
C PHE M 800 -73.15 15.40 46.41
N ILE M 801 -74.24 15.22 47.15
CA ILE M 801 -74.35 15.65 48.54
C ILE M 801 -74.42 14.42 49.44
N ILE M 802 -73.65 14.44 50.52
CA ILE M 802 -73.71 13.40 51.53
C ILE M 802 -74.70 13.78 52.61
N MET N 158 -82.67 -18.30 53.12
CA MET N 158 -83.76 -17.71 52.34
C MET N 158 -83.87 -16.22 52.58
N ASP N 159 -83.18 -15.74 53.62
CA ASP N 159 -83.16 -14.32 53.93
C ASP N 159 -81.95 -13.60 53.35
N ASP N 160 -81.01 -14.33 52.75
CA ASP N 160 -79.84 -13.74 52.13
C ASP N 160 -79.67 -14.09 50.66
N SER N 161 -80.12 -15.27 50.25
CA SER N 161 -80.01 -15.66 48.84
C SER N 161 -81.01 -14.93 47.96
N ALA N 162 -82.25 -14.79 48.43
CA ALA N 162 -83.25 -14.07 47.65
C ALA N 162 -82.87 -12.62 47.41
N PRO N 163 -82.39 -11.85 48.40
CA PRO N 163 -81.85 -10.52 48.06
C PRO N 163 -80.73 -10.58 47.05
N TYR N 164 -79.90 -11.62 47.09
CA TYR N 164 -78.75 -11.69 46.20
C TYR N 164 -79.18 -11.89 44.75
N ILE N 165 -80.11 -12.81 44.51
CA ILE N 165 -80.54 -13.05 43.14
C ILE N 165 -81.44 -11.93 42.64
N GLY N 166 -81.98 -11.10 43.53
CA GLY N 166 -82.77 -9.96 43.12
C GLY N 166 -84.25 -10.15 43.32
N ALA N 167 -84.63 -10.98 44.29
CA ALA N 167 -86.04 -11.27 44.52
C ALA N 167 -86.77 -10.06 45.10
N ASN N 168 -86.19 -9.43 46.11
CA ASN N 168 -86.85 -8.29 46.76
C ASN N 168 -87.07 -7.15 45.78
N ASP N 169 -86.06 -6.86 44.96
CA ASP N 169 -86.20 -5.79 43.98
C ASP N 169 -87.36 -6.06 43.03
N ALA N 170 -87.52 -7.31 42.63
CA ALA N 170 -88.67 -7.68 41.80
C ALA N 170 -89.97 -7.52 42.58
N TRP N 171 -89.96 -7.83 43.87
CA TRP N 171 -91.17 -7.68 44.68
C TRP N 171 -91.62 -6.23 44.72
N LYS N 172 -90.68 -5.32 44.94
CA LYS N 172 -91.05 -3.90 44.97
C LYS N 172 -91.54 -3.39 43.63
N LEU N 173 -91.29 -4.11 42.54
CA LEU N 173 -91.91 -3.82 41.27
C LEU N 173 -93.27 -4.48 41.10
N GLY N 174 -93.71 -5.24 42.11
CA GLY N 174 -94.99 -5.90 42.07
C GLY N 174 -94.93 -7.33 41.58
N TYR N 175 -93.80 -7.75 41.02
CA TYR N 175 -93.68 -9.10 40.46
C TYR N 175 -93.33 -10.06 41.58
N THR N 176 -94.32 -10.80 42.05
CA THR N 176 -94.13 -11.80 43.10
C THR N 176 -94.56 -13.19 42.70
N GLY N 177 -94.91 -13.41 41.43
CA GLY N 177 -95.34 -14.70 40.97
C GLY N 177 -96.82 -14.97 41.08
N LYS N 178 -97.63 -13.95 41.33
CA LYS N 178 -99.07 -14.15 41.48
C LYS N 178 -99.67 -14.70 40.20
N GLY N 179 -100.50 -15.74 40.34
CA GLY N 179 -101.16 -16.37 39.23
C GLY N 179 -100.36 -17.49 38.60
N VAL N 180 -99.07 -17.55 38.86
CA VAL N 180 -98.23 -18.60 38.32
C VAL N 180 -98.34 -19.83 39.21
N LYS N 181 -98.36 -20.99 38.59
CA LYS N 181 -98.56 -22.26 39.30
C LYS N 181 -97.28 -23.07 39.20
N VAL N 182 -96.73 -23.44 40.34
CA VAL N 182 -95.46 -24.17 40.42
C VAL N 182 -95.72 -25.55 40.99
N ALA N 183 -95.21 -26.56 40.31
CA ALA N 183 -95.31 -27.95 40.74
C ALA N 183 -93.97 -28.38 41.32
N ILE N 184 -94.02 -29.13 42.41
CA ILE N 184 -92.83 -29.56 43.12
C ILE N 184 -92.82 -31.09 43.10
N ILE N 185 -92.08 -31.70 42.19
CA ILE N 185 -92.03 -33.15 42.12
C ILE N 185 -90.86 -33.61 43.00
N ASP N 186 -91.17 -33.91 44.25
CA ASP N 186 -90.21 -34.33 45.25
C ASP N 186 -90.89 -35.34 46.16
N THR N 187 -90.33 -35.53 47.35
CA THR N 187 -90.84 -36.47 48.33
C THR N 187 -92.16 -36.05 48.95
N GLY N 188 -92.81 -35.02 48.43
CA GLY N 188 -94.04 -34.51 48.99
C GLY N 188 -93.80 -33.25 49.81
N VAL N 189 -94.89 -32.53 50.04
CA VAL N 189 -94.83 -31.23 50.71
C VAL N 189 -95.79 -31.26 51.90
N GLU N 190 -95.32 -30.79 53.04
CA GLU N 190 -96.17 -30.60 54.22
C GLU N 190 -96.96 -29.32 53.99
N TYR N 191 -98.14 -29.45 53.38
CA TYR N 191 -98.95 -28.27 53.07
C TYR N 191 -99.78 -27.80 54.26
N LYS N 192 -99.16 -27.72 55.42
CA LYS N 192 -99.80 -27.17 56.59
C LYS N 192 -98.86 -26.27 57.36
N HIS N 193 -97.61 -26.17 56.92
CA HIS N 193 -96.70 -25.20 57.48
C HIS N 193 -97.31 -23.81 57.33
N PRO N 194 -97.34 -23.00 58.39
CA PRO N 194 -97.99 -21.68 58.29
C PRO N 194 -97.41 -20.83 57.19
N ASP N 195 -96.15 -21.02 56.82
CA ASP N 195 -95.54 -20.27 55.72
C ASP N 195 -95.99 -20.78 54.36
N LEU N 196 -96.52 -22.00 54.27
CA LEU N 196 -96.95 -22.58 53.02
C LEU N 196 -98.46 -22.73 52.91
N LYS N 197 -99.21 -22.43 53.98
CA LYS N 197 -100.62 -22.76 54.01
C LYS N 197 -101.39 -22.02 52.92
N LYS N 198 -101.15 -20.73 52.77
CA LYS N 198 -101.94 -19.92 51.86
C LYS N 198 -101.49 -19.99 50.42
N ASN N 199 -100.31 -20.55 50.16
CA ASN N 199 -99.85 -20.71 48.79
C ASN N 199 -100.42 -21.94 48.13
N PHE N 200 -100.98 -22.87 48.89
CA PHE N 200 -101.59 -24.05 48.33
C PHE N 200 -103.06 -23.80 48.05
N GLY N 201 -103.53 -24.17 46.87
CA GLY N 201 -104.92 -24.01 46.52
C GLY N 201 -105.78 -25.07 47.16
N GLN N 202 -106.97 -25.29 46.61
CA GLN N 202 -107.85 -26.31 47.16
C GLN N 202 -107.25 -27.68 46.89
N TYR N 203 -106.93 -27.96 45.64
CA TYR N 203 -106.32 -29.23 45.24
C TYR N 203 -104.81 -29.14 45.42
N LYS N 204 -104.29 -29.94 46.35
CA LYS N 204 -102.89 -29.81 46.74
C LYS N 204 -101.94 -30.56 45.82
N GLY N 205 -102.39 -31.62 45.19
CA GLY N 205 -101.53 -32.39 44.31
C GLY N 205 -101.90 -33.85 44.39
N TYR N 206 -100.91 -34.68 44.10
CA TYR N 206 -101.11 -36.12 44.06
C TYR N 206 -99.94 -36.85 44.69
N ASP N 207 -100.20 -38.07 45.13
CA ASP N 207 -99.23 -38.87 45.86
C ASP N 207 -99.09 -40.19 45.10
N PHE N 208 -98.08 -40.28 44.25
CA PHE N 208 -97.93 -41.44 43.38
C PHE N 208 -97.40 -42.67 44.09
N VAL N 209 -96.62 -42.50 45.16
CA VAL N 209 -96.13 -43.66 45.88
C VAL N 209 -97.20 -44.29 46.76
N ASP N 210 -98.33 -43.62 46.95
CA ASP N 210 -99.42 -44.13 47.76
C ASP N 210 -100.77 -44.10 47.03
N ASN N 211 -100.87 -43.38 45.92
CA ASN N 211 -102.09 -43.32 45.11
C ASN N 211 -103.26 -42.75 45.91
N ASP N 212 -103.02 -41.60 46.54
CA ASP N 212 -104.07 -40.86 47.20
C ASP N 212 -103.81 -39.37 46.95
N TYR N 213 -104.79 -38.55 47.28
CA TYR N 213 -104.72 -37.12 47.05
C TYR N 213 -104.16 -36.36 48.23
N ASP N 214 -103.31 -37.00 49.03
CA ASP N 214 -102.69 -36.41 50.21
C ASP N 214 -101.18 -36.50 50.04
N PRO N 215 -100.55 -35.51 49.42
CA PRO N 215 -99.11 -35.54 49.18
C PRO N 215 -98.28 -35.11 50.39
N GLU N 216 -98.64 -35.64 51.56
CA GLU N 216 -97.87 -35.36 52.76
C GLU N 216 -96.52 -36.06 52.70
N GLU N 217 -95.56 -35.51 53.43
CA GLU N 217 -94.25 -36.12 53.50
C GLU N 217 -94.34 -37.46 54.23
N THR N 218 -93.28 -38.24 54.11
CA THR N 218 -93.24 -39.54 54.77
C THR N 218 -93.19 -39.35 56.27
N PRO N 219 -94.12 -39.92 57.03
CA PRO N 219 -94.11 -39.72 58.48
C PRO N 219 -92.95 -40.44 59.13
N SER N 220 -92.69 -40.14 60.40
CA SER N 220 -91.69 -40.87 61.15
C SER N 220 -92.21 -42.25 61.51
N GLY N 221 -91.34 -43.25 61.46
CA GLY N 221 -91.73 -44.61 61.75
C GLY N 221 -92.52 -45.25 60.63
N ASP N 222 -91.91 -45.30 59.44
CA ASP N 222 -92.51 -45.95 58.29
C ASP N 222 -91.73 -47.20 57.97
N PRO N 223 -92.37 -48.37 57.89
CA PRO N 223 -91.63 -49.60 57.61
C PRO N 223 -90.82 -49.56 56.32
N ARG N 224 -91.31 -48.86 55.28
CA ARG N 224 -90.65 -48.90 53.99
C ARG N 224 -89.43 -48.00 53.91
N GLY N 225 -89.24 -47.09 54.86
CA GLY N 225 -88.09 -46.20 54.81
C GLY N 225 -88.02 -45.20 55.95
N ALA N 226 -87.45 -44.04 55.68
CA ALA N 226 -87.26 -43.01 56.70
C ALA N 226 -88.06 -41.77 56.34
N SER N 227 -88.36 -40.96 57.35
CA SER N 227 -89.12 -39.74 57.14
C SER N 227 -88.32 -38.77 56.27
N THR N 228 -89.05 -37.95 55.52
CA THR N 228 -88.45 -37.05 54.55
C THR N 228 -88.89 -35.61 54.82
N ASP N 229 -88.01 -34.67 54.45
CA ASP N 229 -88.32 -33.26 54.56
C ASP N 229 -87.81 -32.47 53.36
N HIS N 230 -87.38 -33.14 52.30
CA HIS N 230 -86.79 -32.45 51.16
C HIS N 230 -87.82 -31.60 50.43
N GLY N 231 -89.01 -32.16 50.18
CA GLY N 231 -90.00 -31.44 49.40
C GLY N 231 -90.51 -30.20 50.07
N THR N 232 -90.73 -30.25 51.39
CA THR N 232 -91.19 -29.06 52.10
C THR N 232 -90.14 -27.97 52.06
N HIS N 233 -88.87 -28.34 52.21
CA HIS N 233 -87.80 -27.36 52.13
C HIS N 233 -87.76 -26.72 50.75
N VAL N 234 -87.91 -27.53 49.70
CA VAL N 234 -87.90 -27.00 48.34
C VAL N 234 -89.08 -26.05 48.14
N ALA N 235 -90.26 -26.45 48.59
CA ALA N 235 -91.44 -25.60 48.43
C ALA N 235 -91.31 -24.30 49.19
N GLY N 236 -90.74 -24.34 50.40
CA GLY N 236 -90.50 -23.10 51.11
C GLY N 236 -89.51 -22.21 50.40
N THR N 237 -88.48 -22.80 49.79
CA THR N 237 -87.54 -21.98 49.03
C THR N 237 -88.23 -21.32 47.84
N VAL N 238 -89.11 -22.05 47.15
CA VAL N 238 -89.77 -21.50 45.98
C VAL N 238 -90.71 -20.37 46.37
N ALA N 239 -91.73 -20.70 47.18
CA ALA N 239 -92.79 -19.74 47.47
C ALA N 239 -93.27 -19.99 48.90
N ALA N 240 -92.70 -19.27 49.85
CA ALA N 240 -93.14 -19.31 51.23
C ALA N 240 -93.44 -17.88 51.65
N ASN N 241 -94.63 -17.66 52.18
CA ASN N 241 -95.06 -16.34 52.62
C ASN N 241 -95.23 -16.36 54.14
N GLY N 242 -94.51 -15.49 54.82
CA GLY N 242 -94.58 -15.43 56.26
C GLY N 242 -93.25 -15.06 56.90
N THR N 243 -92.83 -15.84 57.89
CA THR N 243 -91.55 -15.58 58.54
C THR N 243 -90.40 -15.67 57.56
N ILE N 244 -90.41 -16.69 56.71
CA ILE N 244 -89.45 -16.85 55.62
C ILE N 244 -90.18 -16.53 54.32
N LYS N 245 -89.55 -15.72 53.48
CA LYS N 245 -90.14 -15.32 52.20
C LYS N 245 -89.40 -16.02 51.08
N GLY N 246 -90.13 -16.84 50.31
CA GLY N 246 -89.55 -17.52 49.18
C GLY N 246 -89.28 -16.57 48.04
N VAL N 247 -88.73 -17.12 46.96
CA VAL N 247 -88.34 -16.28 45.83
C VAL N 247 -89.57 -15.66 45.19
N ALA N 248 -90.68 -16.40 45.12
CA ALA N 248 -91.91 -15.92 44.50
C ALA N 248 -93.05 -16.13 45.47
N PRO N 249 -93.13 -15.34 46.52
CA PRO N 249 -94.06 -15.65 47.61
C PRO N 249 -95.50 -15.28 47.29
N ASP N 250 -95.95 -15.59 46.08
CA ASP N 250 -97.35 -15.44 45.73
C ASP N 250 -97.82 -16.53 44.77
N ALA N 251 -96.96 -17.46 44.41
CA ALA N 251 -97.28 -18.48 43.43
C ALA N 251 -98.06 -19.61 44.07
N THR N 252 -99.01 -20.14 43.32
CA THR N 252 -99.72 -21.34 43.74
C THR N 252 -98.79 -22.54 43.65
N LEU N 253 -98.98 -23.50 44.55
CA LEU N 253 -98.10 -24.65 44.63
C LEU N 253 -98.91 -25.92 44.44
N LEU N 254 -98.28 -26.91 43.81
CA LEU N 254 -98.82 -28.25 43.70
C LEU N 254 -97.75 -29.23 44.13
N ALA N 255 -98.13 -30.20 44.96
CA ALA N 255 -97.20 -31.19 45.46
C ALA N 255 -97.45 -32.53 44.78
N TYR N 256 -96.37 -33.19 44.38
CA TYR N 256 -96.46 -34.48 43.72
C TYR N 256 -95.46 -35.41 44.37
N ARG N 257 -95.96 -36.28 45.25
CA ARG N 257 -95.09 -37.21 45.97
C ARG N 257 -94.77 -38.37 45.04
N VAL N 258 -93.59 -38.32 44.43
CA VAL N 258 -93.13 -39.42 43.58
C VAL N 258 -91.98 -40.19 44.21
N LEU N 259 -91.26 -39.61 45.17
CA LEU N 259 -90.18 -40.29 45.85
C LEU N 259 -90.72 -40.85 47.16
N GLY N 260 -90.62 -42.16 47.33
CA GLY N 260 -91.17 -42.81 48.49
C GLY N 260 -90.32 -42.57 49.72
N PRO N 261 -90.61 -43.31 50.78
CA PRO N 261 -89.80 -43.20 52.00
C PRO N 261 -88.34 -43.52 51.72
N GLY N 262 -87.45 -42.74 52.32
CA GLY N 262 -86.03 -42.87 52.10
C GLY N 262 -85.50 -42.02 50.97
N GLY N 263 -86.38 -41.38 50.20
CA GLY N 263 -85.97 -40.53 49.11
C GLY N 263 -85.76 -41.23 47.79
N SER N 264 -86.16 -42.49 47.67
CA SER N 264 -85.97 -43.26 46.45
C SER N 264 -87.31 -43.45 45.74
N GLY N 265 -87.29 -43.30 44.42
CA GLY N 265 -88.51 -43.43 43.65
C GLY N 265 -88.28 -44.01 42.27
N THR N 266 -89.25 -44.78 41.78
CA THR N 266 -89.14 -45.38 40.47
C THR N 266 -89.18 -44.32 39.38
N THR N 267 -88.53 -44.61 38.26
CA THR N 267 -88.55 -43.69 37.12
C THR N 267 -89.97 -43.51 36.60
N GLU N 268 -90.77 -44.57 36.58
CA GLU N 268 -92.14 -44.47 36.12
C GLU N 268 -92.96 -43.51 36.97
N ASN N 269 -92.75 -43.50 38.28
CA ASN N 269 -93.43 -42.54 39.13
C ASN N 269 -93.03 -41.11 38.82
N VAL N 270 -91.76 -40.86 38.53
CA VAL N 270 -91.33 -39.50 38.18
C VAL N 270 -91.94 -39.07 36.86
N ILE N 271 -91.98 -39.97 35.88
CA ILE N 271 -92.62 -39.63 34.60
C ILE N 271 -94.10 -39.34 34.82
N ALA N 272 -94.77 -40.15 35.63
CA ALA N 272 -96.17 -39.90 35.93
C ALA N 272 -96.36 -38.57 36.62
N GLY N 273 -95.47 -38.21 37.53
CA GLY N 273 -95.54 -36.93 38.20
C GLY N 273 -95.39 -35.78 37.25
N ILE N 274 -94.43 -35.89 36.33
CA ILE N 274 -94.23 -34.82 35.35
C ILE N 274 -95.45 -34.67 34.47
N GLU N 275 -95.99 -35.77 33.97
CA GLU N 275 -97.17 -35.70 33.12
C GLU N 275 -98.39 -35.18 33.86
N ARG N 276 -98.59 -35.57 35.10
CA ARG N 276 -99.71 -35.06 35.87
C ARG N 276 -99.54 -33.60 36.22
N ALA N 277 -98.30 -33.14 36.43
CA ALA N 277 -98.07 -31.71 36.63
C ALA N 277 -98.39 -30.93 35.36
N VAL N 278 -98.10 -31.49 34.20
CA VAL N 278 -98.50 -30.83 32.96
C VAL N 278 -100.03 -30.82 32.84
N GLN N 279 -100.68 -31.90 33.25
CA GLN N 279 -102.14 -31.93 33.26
C GLN N 279 -102.72 -30.80 34.10
N ASP N 280 -102.21 -30.65 35.32
CA ASP N 280 -102.81 -29.75 36.28
C ASP N 280 -102.54 -28.28 35.98
N GLY N 281 -102.00 -27.97 34.81
CA GLY N 281 -101.81 -26.60 34.43
C GLY N 281 -100.64 -25.90 35.07
N ALA N 282 -99.71 -26.64 35.66
CA ALA N 282 -98.55 -26.01 36.26
C ALA N 282 -97.75 -25.26 35.21
N ASP N 283 -97.40 -24.01 35.51
CA ASP N 283 -96.61 -23.21 34.61
C ASP N 283 -95.11 -23.42 34.81
N VAL N 284 -94.69 -23.68 36.04
CA VAL N 284 -93.29 -23.94 36.33
C VAL N 284 -93.21 -25.28 37.05
N MET N 285 -92.17 -26.04 36.76
CA MET N 285 -92.00 -27.38 37.28
C MET N 285 -90.63 -27.46 37.94
N ASN N 286 -90.56 -28.11 39.10
CA ASN N 286 -89.31 -28.21 39.83
C ASN N 286 -89.00 -29.67 40.13
N LEU N 287 -87.82 -30.11 39.68
CA LEU N 287 -87.32 -31.45 39.91
C LEU N 287 -85.97 -31.37 40.64
N SER N 288 -86.00 -31.62 41.95
CA SER N 288 -84.80 -31.69 42.76
C SER N 288 -84.39 -33.13 43.01
N LEU N 289 -84.78 -34.04 42.13
CA LEU N 289 -84.37 -35.43 42.18
C LEU N 289 -83.38 -35.70 41.05
N GLY N 290 -82.96 -36.95 40.94
CA GLY N 290 -82.10 -37.34 39.85
C GLY N 290 -81.11 -38.43 40.18
N ASN N 291 -80.85 -39.32 39.25
CA ASN N 291 -79.83 -40.34 39.41
C ASN N 291 -78.52 -39.79 38.87
N SER N 292 -77.51 -40.65 38.70
CA SER N 292 -76.19 -40.20 38.28
C SER N 292 -75.77 -40.89 37.00
N VAL N 293 -76.66 -40.95 36.02
CA VAL N 293 -76.35 -41.50 34.71
C VAL N 293 -76.28 -40.34 33.73
N ASN N 294 -75.09 -40.08 33.18
CA ASN N 294 -74.89 -39.01 32.23
C ASN N 294 -75.39 -39.44 30.86
N ASN N 295 -76.71 -39.50 30.74
CA ASN N 295 -77.36 -39.89 29.49
C ASN N 295 -78.42 -38.86 29.16
N PRO N 296 -78.32 -38.15 28.03
CA PRO N 296 -79.34 -37.17 27.69
C PRO N 296 -80.66 -37.77 27.30
N ASP N 297 -80.71 -39.07 27.03
CA ASP N 297 -81.92 -39.74 26.59
C ASP N 297 -82.43 -40.72 27.64
N TRP N 298 -82.29 -40.35 28.90
CA TRP N 298 -82.96 -41.10 29.94
C TRP N 298 -84.45 -40.83 29.87
N ALA N 299 -85.23 -41.70 30.51
CA ALA N 299 -86.68 -41.55 30.45
C ALA N 299 -87.12 -40.25 31.10
N THR N 300 -86.54 -39.90 32.23
CA THR N 300 -86.89 -38.65 32.91
C THR N 300 -86.48 -37.43 32.11
N SER N 301 -85.42 -37.52 31.31
CA SER N 301 -85.04 -36.42 30.44
C SER N 301 -85.96 -36.29 29.24
N THR N 302 -86.38 -37.42 28.66
CA THR N 302 -87.36 -37.36 27.58
C THR N 302 -88.67 -36.77 28.08
N ALA N 303 -89.11 -37.18 29.27
CA ALA N 303 -90.32 -36.61 29.83
C ALA N 303 -90.18 -35.12 30.08
N LEU N 304 -88.99 -34.67 30.49
CA LEU N 304 -88.77 -33.25 30.73
C LEU N 304 -88.71 -32.46 29.43
N ASP N 305 -88.25 -33.07 28.34
CA ASP N 305 -88.31 -32.44 27.04
C ASP N 305 -89.70 -32.47 26.44
N TRP N 306 -90.57 -33.39 26.88
CA TRP N 306 -91.95 -33.34 26.44
C TRP N 306 -92.65 -32.10 26.98
N ALA N 307 -92.53 -31.85 28.28
CA ALA N 307 -92.77 -30.52 28.78
C ALA N 307 -91.67 -29.60 28.25
N MET N 308 -91.82 -28.29 28.50
CA MET N 308 -91.00 -27.26 27.86
C MET N 308 -91.35 -27.20 26.39
N SER N 309 -92.20 -28.13 25.93
CA SER N 309 -92.88 -28.03 24.66
C SER N 309 -94.38 -27.99 24.81
N GLU N 310 -94.92 -28.50 25.91
CA GLU N 310 -96.30 -28.22 26.29
C GLU N 310 -96.37 -27.00 27.21
N GLY N 311 -95.64 -25.95 26.83
CA GLY N 311 -95.68 -24.68 27.51
C GLY N 311 -95.39 -24.69 28.99
N VAL N 312 -94.58 -25.61 29.48
CA VAL N 312 -94.30 -25.70 30.92
C VAL N 312 -92.79 -25.61 31.12
N THR N 313 -92.35 -24.54 31.78
CA THR N 313 -90.93 -24.41 32.11
C THR N 313 -90.53 -25.47 33.11
N ALA N 314 -89.37 -26.08 32.89
CA ALA N 314 -88.90 -27.19 33.72
C ALA N 314 -87.51 -26.86 34.26
N VAL N 315 -87.42 -26.73 35.58
CA VAL N 315 -86.17 -26.44 36.26
C VAL N 315 -85.77 -27.67 37.07
N THR N 316 -84.53 -28.10 36.90
CA THR N 316 -84.06 -29.31 37.55
C THR N 316 -82.67 -29.07 38.13
N SER N 317 -82.37 -29.86 39.16
CA SER N 317 -81.04 -29.80 39.74
C SER N 317 -80.03 -30.48 38.83
N ASN N 318 -78.79 -30.01 38.89
CA ASN N 318 -77.71 -30.63 38.13
C ASN N 318 -77.24 -31.94 38.72
N GLY N 319 -77.43 -32.15 40.01
CA GLY N 319 -76.93 -33.32 40.69
C GLY N 319 -75.84 -32.97 41.70
N ASN N 320 -75.57 -33.93 42.57
CA ASN N 320 -74.65 -33.73 43.68
C ASN N 320 -73.47 -34.67 43.50
N SER N 321 -72.46 -34.24 42.74
CA SER N 321 -71.25 -35.00 42.56
C SER N 321 -70.07 -34.06 42.63
N GLY N 322 -68.96 -34.57 43.16
CA GLY N 322 -67.80 -33.76 43.44
C GLY N 322 -67.26 -33.06 42.22
N PRO N 323 -66.22 -32.26 42.39
CA PRO N 323 -65.74 -31.47 41.27
C PRO N 323 -65.10 -32.37 40.24
N ASN N 324 -65.84 -32.63 39.17
CA ASN N 324 -65.42 -33.60 38.17
C ASN N 324 -66.31 -33.46 36.96
N ASN N 325 -65.72 -33.35 35.78
CA ASN N 325 -66.51 -33.22 34.57
C ASN N 325 -67.25 -34.52 34.29
N TRP N 326 -68.32 -34.41 33.50
CA TRP N 326 -69.10 -35.56 33.04
C TRP N 326 -69.82 -36.26 34.18
N THR N 327 -70.25 -35.53 35.20
CA THR N 327 -70.94 -36.13 36.34
C THR N 327 -72.36 -35.61 36.50
N VAL N 328 -72.92 -34.98 35.46
CA VAL N 328 -74.26 -34.41 35.56
C VAL N 328 -75.29 -35.53 35.56
N GLY N 329 -76.36 -35.35 36.34
CA GLY N 329 -77.34 -36.40 36.55
C GLY N 329 -78.29 -36.57 35.38
N SER N 330 -79.22 -37.51 35.54
CA SER N 330 -80.04 -37.94 34.40
C SER N 330 -81.09 -36.91 34.01
N PRO N 331 -82.00 -36.49 34.89
CA PRO N 331 -82.97 -35.46 34.47
C PRO N 331 -82.32 -34.15 34.14
N GLY N 332 -81.14 -33.88 34.70
CA GLY N 332 -80.44 -32.63 34.44
C GLY N 332 -79.59 -32.69 33.19
N THR N 333 -79.73 -33.75 32.40
CA THR N 333 -79.07 -33.83 31.10
C THR N 333 -80.03 -33.56 29.95
N SER N 334 -81.27 -33.22 30.26
CA SER N 334 -82.26 -33.00 29.22
C SER N 334 -81.86 -31.81 28.35
N ARG N 335 -82.18 -31.91 27.06
CA ARG N 335 -81.78 -30.88 26.12
C ARG N 335 -82.53 -29.57 26.36
N GLU N 336 -83.78 -29.64 26.77
CA GLU N 336 -84.60 -28.45 26.97
C GLU N 336 -85.11 -28.45 28.41
N ALA N 337 -84.29 -27.93 29.31
CA ALA N 337 -84.68 -27.75 30.71
C ALA N 337 -83.57 -26.98 31.39
N ILE N 338 -83.95 -26.10 32.30
CA ILE N 338 -82.96 -25.29 33.00
C ILE N 338 -82.36 -26.13 34.11
N SER N 339 -81.10 -26.53 33.94
CA SER N 339 -80.38 -27.26 34.97
C SER N 339 -79.57 -26.27 35.79
N VAL N 340 -79.64 -26.43 37.11
CA VAL N 340 -79.09 -25.44 38.03
C VAL N 340 -77.98 -26.06 38.84
N GLY N 341 -76.85 -25.37 38.91
CA GLY N 341 -75.78 -25.71 39.82
C GLY N 341 -75.84 -24.86 41.08
N ALA N 342 -75.03 -25.24 42.06
CA ALA N 342 -75.07 -24.64 43.38
C ALA N 342 -73.88 -23.72 43.59
N THR N 343 -74.12 -22.58 44.23
CA THR N 343 -73.07 -21.62 44.53
C THR N 343 -73.08 -21.28 46.01
N GLN N 344 -71.95 -20.80 46.50
CA GLN N 344 -71.82 -20.28 47.85
C GLN N 344 -71.92 -18.76 47.82
N LEU N 345 -72.72 -18.21 48.72
CA LEU N 345 -72.86 -16.76 48.78
C LEU N 345 -71.55 -16.14 49.25
N PRO N 346 -71.29 -14.89 48.88
CA PRO N 346 -70.03 -14.25 49.28
C PRO N 346 -69.91 -14.17 50.79
N LEU N 347 -68.88 -14.84 51.31
CA LEU N 347 -68.63 -14.90 52.74
C LEU N 347 -67.27 -14.30 53.05
N ASN N 348 -67.15 -13.78 54.28
CA ASN N 348 -65.94 -13.11 54.70
C ASN N 348 -64.98 -14.07 55.38
N LYS N 477 -59.88 -12.48 54.32
CA LYS N 477 -60.02 -12.43 52.86
C LYS N 477 -61.45 -12.74 52.44
N SER N 478 -62.24 -11.68 52.25
CA SER N 478 -63.61 -11.84 51.78
C SER N 478 -63.64 -12.39 50.36
N LEU N 479 -64.47 -13.39 50.13
CA LEU N 479 -64.60 -14.02 48.83
C LEU N 479 -65.89 -13.60 48.15
N THR N 480 -65.87 -13.62 46.83
CA THR N 480 -67.07 -13.39 46.04
C THR N 480 -67.86 -14.69 45.95
N GLU N 481 -68.86 -14.73 45.08
CA GLU N 481 -69.63 -15.95 44.91
C GLU N 481 -68.76 -17.04 44.33
N GLN N 482 -68.98 -18.27 44.80
CA GLN N 482 -68.14 -19.39 44.42
C GLN N 482 -69.02 -20.62 44.25
N MET N 483 -68.70 -21.43 43.25
CA MET N 483 -69.46 -22.65 43.07
C MET N 483 -69.08 -23.67 44.13
N ALA N 484 -70.09 -24.34 44.69
CA ALA N 484 -69.84 -25.40 45.63
C ALA N 484 -69.16 -26.58 44.92
N ASP N 485 -68.40 -27.34 45.69
CA ASP N 485 -67.61 -28.42 45.14
C ASP N 485 -68.37 -29.74 45.07
N PHE N 486 -69.68 -29.71 45.28
CA PHE N 486 -70.50 -30.89 45.09
C PHE N 486 -71.44 -30.80 43.91
N SER N 487 -71.46 -29.66 43.21
CA SER N 487 -72.31 -29.54 42.03
C SER N 487 -71.78 -30.44 40.93
N SER N 488 -72.68 -31.18 40.30
CA SER N 488 -72.28 -31.97 39.15
C SER N 488 -71.88 -31.05 38.00
N ARG N 489 -70.97 -31.54 37.17
CA ARG N 489 -70.42 -30.74 36.10
C ARG N 489 -70.61 -31.46 34.77
N GLY N 490 -70.81 -30.68 33.72
CA GLY N 490 -70.98 -31.24 32.40
C GLY N 490 -69.66 -31.63 31.80
N PRO N 491 -69.62 -31.85 30.49
CA PRO N 491 -70.73 -31.76 29.53
C PRO N 491 -71.61 -32.99 29.56
N VAL N 492 -72.71 -32.97 28.82
CA VAL N 492 -73.54 -34.16 28.67
C VAL N 492 -72.93 -35.09 27.65
N MET N 493 -73.01 -36.39 27.92
CA MET N 493 -72.50 -37.38 26.99
C MET N 493 -73.38 -37.43 25.75
N ASP N 494 -72.76 -37.71 24.61
CA ASP N 494 -73.45 -37.99 23.35
C ASP N 494 -74.09 -36.74 22.76
N THR N 495 -74.12 -35.64 23.49
CA THR N 495 -74.53 -34.36 22.95
C THR N 495 -73.56 -33.25 23.25
N TRP N 496 -72.65 -33.43 24.21
CA TRP N 496 -71.59 -32.47 24.51
C TRP N 496 -72.17 -31.11 24.87
N MET N 497 -73.38 -31.10 25.39
CA MET N 497 -74.04 -29.87 25.77
C MET N 497 -73.45 -29.33 27.07
N ILE N 498 -73.38 -28.02 27.19
CA ILE N 498 -72.83 -27.39 28.39
C ILE N 498 -73.86 -27.48 29.50
N LYS N 499 -73.48 -28.06 30.62
CA LYS N 499 -74.34 -28.08 31.79
C LYS N 499 -73.47 -27.89 33.03
N PRO N 500 -73.98 -27.25 34.08
CA PRO N 500 -75.35 -26.79 34.31
C PRO N 500 -75.74 -25.66 33.39
N ASP N 501 -77.02 -25.37 33.23
CA ASP N 501 -77.37 -24.22 32.42
C ASP N 501 -77.14 -22.92 33.17
N VAL N 502 -77.56 -22.86 34.43
CA VAL N 502 -77.34 -21.66 35.25
C VAL N 502 -76.98 -22.14 36.65
N SER N 503 -76.31 -21.29 37.41
CA SER N 503 -76.06 -21.57 38.81
C SER N 503 -76.86 -20.62 39.70
N ALA N 504 -77.09 -21.05 40.94
CA ALA N 504 -77.89 -20.30 41.88
C ALA N 504 -77.43 -20.63 43.29
N PRO N 505 -77.74 -19.80 44.27
CA PRO N 505 -77.32 -20.09 45.65
C PRO N 505 -77.92 -21.38 46.16
N GLY N 506 -77.05 -22.31 46.54
CA GLY N 506 -77.50 -23.60 46.99
C GLY N 506 -76.73 -24.18 48.15
N VAL N 507 -76.07 -23.34 48.93
CA VAL N 507 -75.28 -23.77 50.07
C VAL N 507 -75.82 -23.07 51.30
N ASN N 508 -76.17 -23.84 52.33
CA ASN N 508 -76.67 -23.32 53.60
C ASN N 508 -77.92 -22.48 53.38
N ILE N 509 -78.95 -23.13 52.85
CA ILE N 509 -80.24 -22.50 52.60
C ILE N 509 -81.19 -22.91 53.71
N VAL N 510 -81.72 -21.93 54.43
CA VAL N 510 -82.69 -22.20 55.48
C VAL N 510 -84.09 -22.03 54.90
N SER N 511 -84.98 -22.96 55.24
CA SER N 511 -86.32 -22.94 54.70
C SER N 511 -87.21 -23.82 55.56
N THR N 512 -88.49 -23.85 55.22
CA THR N 512 -89.49 -24.53 56.02
C THR N 512 -89.29 -26.04 55.95
N ILE N 513 -89.35 -26.69 57.10
CA ILE N 513 -89.28 -28.15 57.17
C ILE N 513 -90.35 -28.65 58.13
N PRO N 514 -90.78 -29.91 58.00
CA PRO N 514 -91.51 -30.54 59.09
C PRO N 514 -90.55 -31.13 60.10
N THR N 515 -90.81 -30.85 61.37
CA THR N 515 -89.97 -31.41 62.42
C THR N 515 -90.31 -32.86 62.74
N HIS N 516 -91.41 -33.37 62.19
CA HIS N 516 -91.87 -34.74 62.46
C HIS N 516 -92.03 -34.96 63.95
N ASP N 517 -92.49 -33.92 64.64
CA ASP N 517 -92.72 -33.94 66.07
C ASP N 517 -94.16 -33.52 66.31
N PRO N 518 -95.00 -34.37 66.90
CA PRO N 518 -96.40 -33.96 67.17
C PRO N 518 -96.51 -32.73 68.05
N ALA N 519 -95.54 -32.47 68.91
CA ALA N 519 -95.59 -31.29 69.76
C ALA N 519 -95.56 -30.00 68.95
N ASP N 520 -94.67 -29.93 67.96
CA ASP N 520 -94.62 -28.80 67.02
C ASP N 520 -94.15 -29.34 65.68
N PRO N 521 -95.06 -29.51 64.72
CA PRO N 521 -94.70 -30.23 63.49
C PRO N 521 -93.97 -29.38 62.47
N TYR N 522 -93.95 -28.06 62.61
CA TYR N 522 -93.39 -27.18 61.60
C TYR N 522 -92.21 -26.40 62.19
N GLY N 523 -91.17 -26.24 61.38
CA GLY N 523 -90.02 -25.49 61.81
C GLY N 523 -89.20 -25.06 60.63
N TYR N 524 -87.98 -24.62 60.90
CA TYR N 524 -87.06 -24.20 59.85
C TYR N 524 -85.76 -24.96 59.97
N GLY N 525 -85.17 -25.26 58.82
CA GLY N 525 -83.94 -26.03 58.80
C GLY N 525 -83.07 -25.60 57.64
N SER N 526 -81.78 -25.80 57.82
CA SER N 526 -80.78 -25.41 56.83
C SER N 526 -80.30 -26.66 56.11
N LYS N 527 -80.50 -26.69 54.80
CA LYS N 527 -80.03 -27.78 53.96
C LYS N 527 -79.17 -27.21 52.84
N GLN N 528 -78.34 -28.08 52.29
CA GLN N 528 -77.39 -27.72 51.25
C GLN N 528 -77.42 -28.78 50.17
N GLY N 529 -77.22 -28.34 48.93
CA GLY N 529 -77.20 -29.27 47.83
C GLY N 529 -77.62 -28.59 46.55
N THR N 530 -77.20 -29.19 45.44
CA THR N 530 -77.64 -28.72 44.12
C THR N 530 -79.14 -28.83 43.99
N SER N 531 -79.75 -29.77 44.71
CA SER N 531 -81.20 -29.89 44.71
C SER N 531 -81.88 -28.68 45.32
N MET N 532 -81.16 -27.85 46.05
CA MET N 532 -81.73 -26.63 46.59
C MET N 532 -81.25 -25.36 45.89
N ALA N 533 -80.46 -25.49 44.84
CA ALA N 533 -80.24 -24.35 43.96
C ALA N 533 -81.36 -24.21 42.94
N SER N 534 -81.92 -25.32 42.48
CA SER N 534 -82.99 -25.25 41.50
C SER N 534 -84.23 -24.51 41.99
N PRO N 535 -84.67 -24.61 43.23
CA PRO N 535 -85.88 -23.86 43.64
C PRO N 535 -85.73 -22.36 43.47
N HIS N 536 -84.53 -21.81 43.63
CA HIS N 536 -84.35 -20.39 43.36
C HIS N 536 -84.67 -20.07 41.91
N VAL N 537 -84.19 -20.90 40.98
CA VAL N 537 -84.48 -20.64 39.58
C VAL N 537 -85.94 -20.90 39.26
N ALA N 538 -86.58 -21.84 39.95
CA ALA N 538 -88.01 -22.04 39.74
C ALA N 538 -88.80 -20.82 40.18
N GLY N 539 -88.46 -20.26 41.34
CA GLY N 539 -89.10 -19.03 41.77
C GLY N 539 -88.82 -17.88 40.83
N ALA N 540 -87.59 -17.80 40.32
CA ALA N 540 -87.25 -16.77 39.35
C ALA N 540 -88.08 -16.91 38.09
N ALA N 541 -88.27 -18.15 37.62
CA ALA N 541 -89.09 -18.38 36.44
C ALA N 541 -90.53 -18.00 36.69
N ALA N 542 -91.04 -18.29 37.89
CA ALA N 542 -92.40 -17.87 38.21
C ALA N 542 -92.53 -16.36 38.19
N VAL N 543 -91.56 -15.66 38.79
CA VAL N 543 -91.61 -14.20 38.82
C VAL N 543 -91.56 -13.65 37.40
N ILE N 544 -90.66 -14.18 36.57
CA ILE N 544 -90.53 -13.71 35.20
C ILE N 544 -91.81 -13.97 34.42
N LYS N 545 -92.40 -15.15 34.59
CA LYS N 545 -93.63 -15.46 33.89
C LYS N 545 -94.76 -14.53 34.31
N GLN N 546 -94.77 -14.10 35.57
CA GLN N 546 -95.72 -13.05 35.94
C GLN N 546 -95.37 -11.74 35.22
N ALA N 547 -94.09 -11.42 35.13
CA ALA N 547 -93.68 -10.16 34.53
C ALA N 547 -93.86 -10.18 33.02
N LYS N 548 -93.46 -11.27 32.36
CA LYS N 548 -93.57 -11.41 30.92
C LYS N 548 -94.52 -12.57 30.62
N PRO N 549 -95.83 -12.32 30.52
CA PRO N 549 -96.78 -13.42 30.38
C PRO N 549 -96.76 -14.06 29.00
N LYS N 550 -96.09 -13.48 28.02
CA LYS N 550 -96.10 -14.00 26.66
C LYS N 550 -94.87 -14.84 26.33
N TRP N 551 -93.91 -14.94 27.24
CA TRP N 551 -92.68 -15.67 26.95
C TRP N 551 -92.90 -17.17 26.99
N SER N 552 -92.33 -17.87 26.02
CA SER N 552 -92.37 -19.32 25.97
C SER N 552 -91.38 -19.88 26.98
N PRO N 553 -91.47 -21.18 27.31
CA PRO N 553 -90.46 -21.74 28.22
C PRO N 553 -89.04 -21.59 27.73
N GLU N 554 -88.80 -21.72 26.43
CA GLU N 554 -87.46 -21.52 25.91
C GLU N 554 -87.02 -20.07 25.97
N GLN N 555 -87.94 -19.12 25.82
CA GLN N 555 -87.61 -17.72 25.99
C GLN N 555 -87.24 -17.38 27.42
N ILE N 556 -87.93 -17.97 28.40
CA ILE N 556 -87.55 -17.78 29.79
C ILE N 556 -86.16 -18.35 30.05
N LYS N 557 -85.88 -19.54 29.52
CA LYS N 557 -84.57 -20.13 29.70
C LYS N 557 -83.49 -19.25 29.09
N ALA N 558 -83.74 -18.72 27.90
CA ALA N 558 -82.79 -17.83 27.27
C ALA N 558 -82.63 -16.51 28.02
N ALA N 559 -83.68 -16.00 28.66
CA ALA N 559 -83.57 -14.77 29.41
C ALA N 559 -82.84 -14.94 30.72
N LEU N 560 -83.07 -16.04 31.44
CA LEU N 560 -82.27 -16.33 32.62
C LEU N 560 -80.81 -16.55 32.26
N MET N 561 -80.56 -17.27 31.17
CA MET N 561 -79.20 -17.64 30.83
C MET N 561 -78.43 -16.48 30.24
N ASN N 562 -79.11 -15.54 29.60
CA ASN N 562 -78.44 -14.42 28.95
C ASN N 562 -77.93 -13.42 29.98
N THR N 563 -78.75 -13.08 30.96
CA THR N 563 -78.42 -12.08 31.96
C THR N 563 -77.99 -12.82 33.22
N ALA N 564 -76.73 -13.25 33.25
CA ALA N 564 -76.18 -13.98 34.38
C ALA N 564 -74.75 -13.53 34.60
N GLU N 565 -74.37 -13.39 35.88
CA GLU N 565 -73.06 -12.88 36.24
C GLU N 565 -72.05 -14.01 36.28
N THR N 566 -71.00 -13.88 35.48
CA THR N 566 -69.92 -14.86 35.52
C THR N 566 -69.24 -14.84 36.88
N LEU N 567 -68.82 -16.03 37.33
CA LEU N 567 -68.24 -16.21 38.65
C LEU N 567 -66.76 -16.52 38.52
N THR N 568 -65.94 -15.83 39.32
CA THR N 568 -64.53 -16.12 39.39
C THR N 568 -64.21 -16.81 40.71
N ASP N 569 -63.23 -17.70 40.68
CA ASP N 569 -62.86 -18.46 41.87
C ASP N 569 -61.98 -17.60 42.77
N ALA N 570 -61.39 -18.22 43.78
CA ALA N 570 -60.62 -17.46 44.77
C ALA N 570 -59.40 -16.80 44.14
N ASP N 571 -58.66 -17.53 43.30
CA ASP N 571 -57.45 -16.97 42.72
C ASP N 571 -57.75 -15.83 41.78
N GLY N 572 -58.86 -15.93 41.04
CA GLY N 572 -59.24 -14.87 40.12
C GLY N 572 -59.50 -15.37 38.73
N ASP N 573 -59.63 -16.68 38.57
CA ASP N 573 -59.89 -17.29 37.28
C ASP N 573 -61.37 -17.57 37.12
N VAL N 574 -61.90 -17.28 35.93
CA VAL N 574 -63.30 -17.58 35.66
C VAL N 574 -63.51 -19.09 35.75
N TYR N 575 -64.57 -19.48 36.44
CA TYR N 575 -64.90 -20.89 36.53
C TYR N 575 -65.18 -21.44 35.13
N PRO N 576 -64.80 -22.69 34.87
CA PRO N 576 -65.06 -23.27 33.56
C PRO N 576 -66.55 -23.30 33.26
N HIS N 577 -66.87 -23.32 31.97
CA HIS N 577 -68.27 -23.26 31.56
C HIS N 577 -69.05 -24.47 32.05
N ASN N 578 -68.44 -25.65 32.04
CA ASN N 578 -69.12 -26.80 32.64
C ASN N 578 -68.83 -26.90 34.12
N ALA N 579 -68.85 -25.76 34.79
CA ALA N 579 -68.94 -25.67 36.23
C ALA N 579 -69.84 -24.53 36.63
N GLN N 580 -70.18 -23.65 35.72
CA GLN N 580 -70.90 -22.42 35.92
C GLN N 580 -72.13 -22.31 35.06
N GLY N 581 -72.03 -22.78 33.82
CA GLY N 581 -73.09 -22.68 32.85
C GLY N 581 -73.12 -21.32 32.19
N ALA N 582 -73.64 -20.35 32.90
CA ALA N 582 -73.61 -18.97 32.42
C ALA N 582 -73.43 -18.00 33.58
N GLY N 583 -73.32 -18.49 34.80
CA GLY N 583 -73.19 -17.66 35.97
C GLY N 583 -74.43 -17.76 36.85
N SER N 584 -74.46 -16.89 37.85
CA SER N 584 -75.58 -16.86 38.78
C SER N 584 -76.73 -16.08 38.18
N ILE N 585 -77.96 -16.49 38.51
CA ILE N 585 -79.12 -15.78 38.02
C ILE N 585 -79.13 -14.36 38.56
N ARG N 586 -79.76 -13.46 37.81
CA ARG N 586 -80.07 -12.11 38.27
C ARG N 586 -81.49 -11.82 37.81
N ILE N 587 -82.45 -11.98 38.71
CA ILE N 587 -83.87 -11.87 38.34
C ILE N 587 -84.17 -10.49 37.80
N MET N 588 -83.56 -9.46 38.39
CA MET N 588 -83.88 -8.09 38.00
C MET N 588 -83.43 -7.81 36.57
N LYS N 589 -82.24 -8.27 36.20
CA LYS N 589 -81.78 -8.10 34.83
C LYS N 589 -82.64 -8.89 33.86
N ALA N 590 -83.02 -10.10 34.24
CA ALA N 590 -83.82 -10.94 33.35
C ALA N 590 -85.20 -10.33 33.12
N ILE N 591 -85.80 -9.76 34.18
CA ILE N 591 -87.12 -9.17 34.04
C ILE N 591 -87.12 -7.97 33.10
N LYS N 592 -86.01 -7.23 33.05
CA LYS N 592 -85.91 -6.04 32.22
C LYS N 592 -84.93 -6.38 31.11
N ALA N 593 -85.45 -7.04 30.08
CA ALA N 593 -84.64 -7.48 28.96
C ALA N 593 -85.49 -7.42 27.69
N ASP N 594 -85.06 -6.59 26.75
CA ASP N 594 -85.80 -6.41 25.51
C ASP N 594 -85.13 -7.11 24.33
N SER N 595 -84.08 -7.89 24.58
CA SER N 595 -83.43 -8.65 23.53
C SER N 595 -83.10 -10.02 24.07
N LEU N 596 -83.46 -11.06 23.32
CA LEU N 596 -83.22 -12.43 23.74
C LEU N 596 -82.36 -13.14 22.71
N VAL N 597 -81.27 -13.75 23.14
CA VAL N 597 -80.39 -14.50 22.27
C VAL N 597 -80.58 -15.98 22.58
N ALA N 598 -80.93 -16.75 21.56
CA ALA N 598 -81.20 -18.17 21.72
C ALA N 598 -80.47 -18.97 20.68
N PRO N 599 -79.93 -20.13 21.03
CA PRO N 599 -79.95 -20.77 22.35
C PRO N 599 -79.01 -20.06 23.29
N GLY N 600 -79.27 -20.08 24.60
CA GLY N 600 -78.42 -19.36 25.52
C GLY N 600 -77.00 -19.87 25.58
N SER N 601 -76.79 -21.14 25.23
CA SER N 601 -75.46 -21.71 25.14
C SER N 601 -75.47 -22.73 24.02
N TYR N 602 -74.36 -22.83 23.31
CA TYR N 602 -74.26 -23.74 22.19
C TYR N 602 -72.99 -24.57 22.29
N SER N 603 -73.06 -25.78 21.78
CA SER N 603 -71.91 -26.68 21.78
C SER N 603 -71.68 -27.17 20.37
N TYR N 604 -70.46 -27.01 19.87
CA TYR N 604 -70.16 -27.38 18.51
C TYR N 604 -69.89 -28.85 18.33
N GLY N 605 -69.91 -29.63 19.40
CA GLY N 605 -69.67 -31.06 19.26
C GLY N 605 -68.19 -31.37 19.25
N THR N 606 -67.82 -32.39 18.48
CA THR N 606 -66.47 -32.89 18.43
C THR N 606 -65.87 -32.71 17.05
N PHE N 607 -64.55 -32.53 17.00
CA PHE N 607 -63.79 -32.41 15.76
C PHE N 607 -62.85 -33.59 15.71
N MET N 608 -63.11 -34.54 14.81
CA MET N 608 -62.42 -35.82 14.79
C MET N 608 -61.40 -35.93 13.66
N LYS N 609 -61.29 -34.94 12.80
CA LYS N 609 -60.43 -35.07 11.63
C LYS N 609 -58.97 -35.22 12.05
N ASP N 610 -58.28 -36.18 11.45
CA ASP N 610 -56.88 -36.41 11.74
C ASP N 610 -56.00 -35.35 11.11
N LYS N 611 -56.31 -34.94 9.88
CA LYS N 611 -55.56 -33.90 9.20
C LYS N 611 -56.52 -33.01 8.43
N GLY N 612 -56.09 -31.79 8.18
CA GLY N 612 -56.91 -30.81 7.50
C GLY N 612 -57.60 -29.87 8.46
N ASN N 613 -58.50 -29.07 7.90
CA ASN N 613 -59.27 -28.10 8.67
C ASN N 613 -60.74 -28.48 8.63
N GLU N 614 -61.40 -28.41 9.78
CA GLU N 614 -62.81 -28.73 9.88
C GLU N 614 -63.56 -27.49 10.34
N THR N 615 -64.63 -27.17 9.64
CA THR N 615 -65.41 -25.96 9.91
C THR N 615 -66.83 -26.35 10.30
N LYS N 616 -67.32 -25.76 11.38
CA LYS N 616 -68.70 -25.91 11.78
C LYS N 616 -69.31 -24.54 11.97
N LYS N 617 -70.63 -24.47 11.90
CA LYS N 617 -71.29 -23.19 12.06
C LYS N 617 -72.61 -23.36 12.78
N GLU N 618 -73.03 -22.31 13.47
CA GLU N 618 -74.27 -22.28 14.20
C GLU N 618 -74.99 -20.97 13.91
N THR N 619 -76.30 -20.99 14.00
CA THR N 619 -77.13 -19.80 13.78
C THR N 619 -77.81 -19.46 15.10
N PHE N 620 -77.34 -18.40 15.74
CA PHE N 620 -78.02 -17.87 16.91
C PHE N 620 -79.09 -16.91 16.45
N THR N 621 -80.13 -16.77 17.27
CA THR N 621 -81.29 -15.96 16.95
C THR N 621 -81.46 -14.88 17.99
N ILE N 622 -81.54 -13.63 17.55
CA ILE N 622 -81.72 -12.49 18.43
C ILE N 622 -83.12 -11.95 18.20
N GLU N 623 -83.92 -11.92 19.25
CA GLU N 623 -85.26 -11.37 19.21
C GLU N 623 -85.22 -9.98 19.82
N ASN N 624 -85.69 -9.00 19.06
CA ASN N 624 -85.70 -7.60 19.47
C ASN N 624 -87.09 -7.28 20.02
N GLN N 625 -87.26 -7.50 21.32
CA GLN N 625 -88.57 -7.32 21.94
C GLN N 625 -88.96 -5.87 22.08
N SER N 626 -88.06 -4.93 21.81
CA SER N 626 -88.34 -3.52 22.01
C SER N 626 -89.13 -2.96 20.83
N SER N 627 -89.50 -1.69 20.94
CA SER N 627 -90.28 -0.99 19.93
C SER N 627 -89.42 -0.17 18.99
N ILE N 628 -88.11 -0.34 19.03
CA ILE N 628 -87.17 0.49 18.30
C ILE N 628 -86.18 -0.40 17.57
N ARG N 629 -85.84 -0.02 16.34
CA ARG N 629 -84.89 -0.81 15.57
C ARG N 629 -83.50 -0.70 16.19
N LYS N 630 -82.85 -1.83 16.40
CA LYS N 630 -81.59 -1.86 17.11
C LYS N 630 -80.51 -2.51 16.28
N SER N 631 -79.26 -2.26 16.68
CA SER N 631 -78.09 -2.82 16.04
C SER N 631 -77.30 -3.60 17.07
N TYR N 632 -77.15 -4.90 16.86
CA TYR N 632 -76.45 -5.77 17.77
C TYR N 632 -75.07 -6.09 17.20
N GLN N 633 -74.09 -6.17 18.11
CA GLN N 633 -72.70 -6.33 17.76
C GLN N 633 -72.17 -7.60 18.40
N LEU N 634 -71.53 -8.45 17.60
CA LEU N 634 -71.12 -9.77 18.03
C LEU N 634 -69.61 -9.84 18.17
N GLU N 635 -69.15 -10.41 19.29
CA GLU N 635 -67.74 -10.69 19.50
C GLU N 635 -67.59 -12.16 19.82
N TYR N 636 -66.86 -12.87 18.98
CA TYR N 636 -66.64 -14.30 19.14
C TYR N 636 -65.23 -14.53 19.65
N SER N 637 -65.09 -15.40 20.65
CA SER N 637 -63.78 -15.74 21.16
C SER N 637 -63.74 -17.22 21.50
N PHE N 638 -62.55 -17.81 21.41
CA PHE N 638 -62.31 -19.17 21.84
C PHE N 638 -60.92 -19.24 22.46
N ASN N 639 -60.80 -20.03 23.53
CA ASN N 639 -59.51 -20.28 24.11
C ASN N 639 -58.81 -21.41 23.37
N GLY N 640 -57.48 -21.42 23.44
CA GLY N 640 -56.75 -22.47 22.75
C GLY N 640 -56.32 -22.05 21.37
N THR N 641 -55.19 -22.62 20.95
CA THR N 641 -54.59 -22.27 19.66
C THR N 641 -55.10 -23.20 18.57
N GLY N 642 -55.10 -22.69 17.35
CA GLY N 642 -55.58 -23.44 16.22
C GLY N 642 -57.06 -23.38 15.99
N ILE N 643 -57.79 -22.60 16.78
CA ILE N 643 -59.23 -22.43 16.65
C ILE N 643 -59.48 -21.00 16.21
N THR N 644 -60.07 -20.82 15.04
CA THR N 644 -60.37 -19.50 14.50
C THR N 644 -61.87 -19.35 14.42
N VAL N 645 -62.38 -18.26 14.98
CA VAL N 645 -63.81 -18.03 15.08
C VAL N 645 -64.16 -16.76 14.32
N SER N 646 -65.27 -16.80 13.61
CA SER N 646 -65.70 -15.66 12.80
C SER N 646 -67.22 -15.70 12.70
N GLY N 647 -67.77 -14.84 11.87
CA GLY N 647 -69.19 -14.83 11.63
C GLY N 647 -69.70 -13.42 11.52
N THR N 648 -71.02 -13.30 11.58
CA THR N 648 -71.67 -12.00 11.47
C THR N 648 -71.28 -11.07 12.58
N ASP N 649 -70.54 -10.01 12.25
CA ASP N 649 -70.07 -9.06 13.25
C ASP N 649 -71.07 -8.00 13.64
N ARG N 650 -72.20 -7.90 12.95
CA ARG N 650 -73.20 -6.90 13.25
C ARG N 650 -74.50 -7.25 12.55
N VAL N 651 -75.60 -7.10 13.26
CA VAL N 651 -76.92 -7.25 12.65
C VAL N 651 -77.76 -6.04 13.04
N VAL N 652 -78.72 -5.71 12.18
CA VAL N 652 -79.70 -4.69 12.47
C VAL N 652 -81.05 -5.36 12.43
N ILE N 653 -81.80 -5.27 13.53
CA ILE N 653 -83.08 -5.94 13.69
C ILE N 653 -84.15 -4.89 13.89
N PRO N 654 -85.21 -4.89 13.11
CA PRO N 654 -86.30 -3.94 13.33
C PRO N 654 -87.06 -4.23 14.61
N ALA N 655 -88.02 -3.38 14.95
CA ALA N 655 -88.76 -3.55 16.18
C ALA N 655 -89.61 -4.81 16.12
N HIS N 656 -89.68 -5.52 17.25
CA HIS N 656 -90.54 -6.69 17.40
C HIS N 656 -90.28 -7.71 16.29
N GLN N 657 -89.00 -7.95 16.01
CA GLN N 657 -88.61 -8.85 14.95
C GLN N 657 -87.45 -9.71 15.42
N THR N 658 -86.86 -10.43 14.47
CA THR N 658 -85.87 -11.46 14.77
C THR N 658 -84.77 -11.44 13.72
N GLY N 659 -83.53 -11.54 14.18
CA GLY N 659 -82.40 -11.62 13.30
C GLY N 659 -81.58 -12.85 13.59
N LYS N 660 -80.77 -13.24 12.62
CA LYS N 660 -79.95 -14.45 12.71
C LYS N 660 -78.48 -14.07 12.57
N VAL N 661 -77.65 -14.60 13.45
CA VAL N 661 -76.21 -14.40 13.38
C VAL N 661 -75.57 -15.76 13.17
N ASN N 662 -74.67 -15.85 12.20
CA ASN N 662 -74.06 -17.11 11.80
C ASN N 662 -72.66 -17.15 12.37
N ALA N 663 -72.52 -17.72 13.57
CA ALA N 663 -71.20 -17.94 14.14
C ALA N 663 -70.56 -19.14 13.44
N LYS N 664 -69.25 -19.07 13.27
CA LYS N 664 -68.54 -20.10 12.54
C LYS N 664 -67.22 -20.37 13.23
N VAL N 665 -66.90 -21.63 13.44
CA VAL N 665 -65.66 -22.03 14.09
C VAL N 665 -64.90 -22.93 13.12
N LYS N 666 -63.57 -22.81 13.14
CA LYS N 666 -62.72 -23.59 12.25
C LYS N 666 -61.53 -24.09 13.04
N VAL N 667 -61.32 -25.40 13.01
CA VAL N 667 -60.29 -26.06 13.79
C VAL N 667 -59.26 -26.63 12.82
N ASN N 668 -58.00 -26.27 13.04
CA ASN N 668 -56.88 -26.77 12.26
C ASN N 668 -56.34 -28.01 12.98
N ALA N 669 -56.62 -29.19 12.42
CA ALA N 669 -56.26 -30.42 13.09
C ALA N 669 -54.76 -30.56 13.29
N LYS N 670 -53.95 -29.86 12.50
CA LYS N 670 -52.51 -30.00 12.60
C LYS N 670 -51.92 -29.17 13.74
N LYS N 671 -52.68 -28.25 14.31
CA LYS N 671 -52.15 -27.34 15.30
C LYS N 671 -52.83 -27.44 16.67
N VAL N 672 -53.96 -28.13 16.77
CA VAL N 672 -54.79 -28.10 17.96
C VAL N 672 -54.49 -29.33 18.81
N LYS N 673 -54.17 -29.11 20.08
CA LYS N 673 -54.06 -30.21 21.02
C LYS N 673 -55.45 -30.70 21.39
N ALA N 674 -55.57 -32.01 21.55
CA ALA N 674 -56.86 -32.59 21.93
C ALA N 674 -57.28 -32.10 23.30
N GLY N 675 -58.57 -31.90 23.47
CA GLY N 675 -59.10 -31.42 24.73
C GLY N 675 -60.40 -30.68 24.50
N THR N 676 -60.94 -30.18 25.61
CA THR N 676 -62.19 -29.43 25.60
C THR N 676 -61.89 -27.94 25.70
N TYR N 677 -62.36 -27.17 24.74
CA TYR N 677 -62.10 -25.75 24.68
C TYR N 677 -63.41 -24.98 24.84
N GLU N 678 -63.35 -23.89 25.59
CA GLU N 678 -64.52 -23.09 25.90
C GLU N 678 -64.41 -21.75 25.19
N GLY N 679 -65.47 -21.38 24.49
CA GLY N 679 -65.54 -20.10 23.82
C GLY N 679 -66.72 -19.28 24.34
N THR N 680 -66.93 -18.15 23.69
CA THR N 680 -68.00 -17.25 24.10
C THR N 680 -68.40 -16.37 22.93
N VAL N 681 -69.70 -16.17 22.78
CA VAL N 681 -70.26 -15.19 21.85
C VAL N 681 -70.90 -14.10 22.70
N THR N 682 -70.40 -12.88 22.57
CA THR N 682 -70.90 -11.75 23.34
C THR N 682 -71.68 -10.83 22.44
N VAL N 683 -72.89 -10.49 22.85
CA VAL N 683 -73.79 -9.63 22.08
C VAL N 683 -73.94 -8.31 22.82
N ARG N 684 -73.60 -7.22 22.15
CA ARG N 684 -73.73 -5.89 22.70
C ARG N 684 -74.78 -5.12 21.94
N GLU N 685 -75.49 -4.25 22.65
CA GLU N 685 -76.50 -3.41 22.01
C GLU N 685 -76.56 -2.09 22.75
N GLY N 686 -76.17 -1.01 22.07
CA GLY N 686 -76.27 0.32 22.62
C GLY N 686 -75.77 0.45 24.04
N GLY N 687 -74.47 0.23 24.25
CA GLY N 687 -73.93 0.29 25.59
C GLY N 687 -73.92 -1.07 26.25
N LYS N 688 -74.97 -1.34 27.02
CA LYS N 688 -75.07 -2.55 27.81
C LYS N 688 -74.86 -3.81 26.96
N THR N 689 -74.42 -4.87 27.63
CA THR N 689 -74.29 -6.19 27.03
C THR N 689 -75.58 -6.96 27.22
N VAL N 690 -76.13 -7.48 26.13
CA VAL N 690 -77.42 -8.15 26.22
C VAL N 690 -77.30 -9.65 26.43
N ALA N 691 -76.16 -10.25 26.12
CA ALA N 691 -76.01 -11.68 26.27
C ALA N 691 -74.53 -12.03 26.26
N LYS N 692 -74.21 -13.17 26.83
CA LYS N 692 -72.87 -13.76 26.79
C LYS N 692 -73.07 -15.26 26.65
N VAL N 693 -73.07 -15.73 25.40
CA VAL N 693 -73.45 -17.10 25.09
C VAL N 693 -72.23 -17.99 25.28
N PRO N 694 -72.26 -18.94 26.21
CA PRO N 694 -71.13 -19.86 26.36
C PRO N 694 -71.14 -20.90 25.27
N THR N 695 -70.03 -21.02 24.55
CA THR N 695 -69.87 -22.03 23.53
C THR N 695 -68.78 -23.00 23.94
N LEU N 696 -68.75 -24.15 23.28
CA LEU N 696 -67.83 -25.21 23.65
C LEU N 696 -67.63 -26.14 22.47
N LEU N 697 -66.38 -26.59 22.30
CA LEU N 697 -66.08 -27.63 21.32
C LEU N 697 -65.06 -28.57 21.92
N ILE N 698 -65.04 -29.79 21.40
CA ILE N 698 -64.15 -30.84 21.86
C ILE N 698 -63.33 -31.32 20.67
N VAL N 699 -62.04 -31.51 20.88
CA VAL N 699 -61.14 -31.96 19.83
C VAL N 699 -60.74 -33.39 20.09
N LYS N 700 -60.78 -34.21 19.04
CA LYS N 700 -60.53 -35.66 19.10
C LYS N 700 -61.58 -36.25 20.05
N GLU N 701 -61.24 -37.27 20.83
CA GLU N 701 -62.21 -37.96 21.65
C GLU N 701 -62.38 -37.28 23.00
N PRO N 702 -63.62 -37.08 23.44
CA PRO N 702 -63.84 -36.48 24.75
C PRO N 702 -63.29 -37.34 25.86
N ASP N 703 -62.90 -36.70 26.95
CA ASP N 703 -62.28 -37.39 28.08
C ASP N 703 -63.32 -37.77 29.13
N TYR N 704 -64.36 -38.42 28.69
CA TYR N 704 -65.37 -38.86 29.64
C TYR N 704 -64.89 -40.12 30.35
N PRO N 705 -65.44 -40.40 31.53
CA PRO N 705 -65.14 -41.68 32.19
C PRO N 705 -65.59 -42.84 31.32
N ARG N 706 -64.65 -43.74 31.02
CA ARG N 706 -64.98 -44.85 30.15
C ARG N 706 -65.94 -45.83 30.82
N VAL N 707 -65.89 -45.93 32.14
CA VAL N 707 -66.84 -46.72 32.91
C VAL N 707 -67.32 -45.86 34.07
N THR N 708 -68.63 -45.86 34.29
CA THR N 708 -69.23 -44.95 35.25
C THR N 708 -69.59 -45.62 36.58
N SER N 709 -70.29 -46.75 36.52
CA SER N 709 -70.72 -47.42 37.73
C SER N 709 -70.59 -48.92 37.58
N ILE N 710 -70.33 -49.58 38.70
CA ILE N 710 -70.26 -51.03 38.78
C ILE N 710 -70.86 -51.48 40.10
N ASP N 711 -71.65 -52.55 40.07
CA ASP N 711 -72.12 -53.17 41.29
C ASP N 711 -72.18 -54.68 41.10
N VAL N 712 -72.09 -55.40 42.21
CA VAL N 712 -72.08 -56.86 42.21
C VAL N 712 -73.21 -57.34 43.10
N GLN N 713 -74.07 -58.19 42.56
CA GLN N 713 -75.16 -58.77 43.33
C GLN N 713 -75.09 -60.28 43.22
N ASP N 714 -75.85 -60.95 44.07
CA ASP N 714 -75.89 -62.41 44.03
C ASP N 714 -76.67 -62.87 42.81
N GLY N 715 -76.16 -63.91 42.15
CA GLY N 715 -76.81 -64.41 40.97
C GLY N 715 -78.02 -65.27 41.29
N THR N 716 -78.73 -65.65 40.22
CA THR N 716 -79.87 -66.55 40.38
C THR N 716 -79.46 -67.90 40.91
N THR N 717 -78.22 -68.31 40.68
CA THR N 717 -77.69 -69.56 41.19
C THR N 717 -76.82 -69.27 42.41
N GLN N 718 -77.03 -70.03 43.48
CA GLN N 718 -76.25 -69.84 44.69
C GLN N 718 -74.77 -70.07 44.41
N GLY N 719 -73.94 -69.18 44.97
CA GLY N 719 -72.50 -69.24 44.77
C GLY N 719 -71.99 -68.44 43.60
N THR N 720 -72.86 -67.96 42.72
CA THR N 720 -72.48 -67.15 41.57
C THR N 720 -72.91 -65.71 41.78
N TYR N 721 -72.41 -64.84 40.92
CA TYR N 721 -72.61 -63.41 41.05
C TYR N 721 -72.95 -62.80 39.71
N GLN N 722 -73.61 -61.66 39.75
CA GLN N 722 -73.88 -60.85 38.57
C GLN N 722 -73.23 -59.49 38.74
N ILE N 723 -72.46 -59.07 37.74
CA ILE N 723 -71.80 -57.78 37.73
C ILE N 723 -72.54 -56.90 36.75
N GLU N 724 -73.04 -55.77 37.22
CA GLU N 724 -73.72 -54.82 36.37
C GLU N 724 -72.89 -53.55 36.30
N THR N 725 -72.55 -53.13 35.09
CA THR N 725 -71.71 -51.97 34.89
C THR N 725 -72.33 -51.09 33.82
N TYR N 726 -71.97 -49.81 33.84
CA TYR N 726 -72.47 -48.86 32.85
C TYR N 726 -71.30 -48.29 32.06
N LEU N 727 -71.32 -48.48 30.75
CA LEU N 727 -70.28 -47.98 29.87
C LEU N 727 -70.84 -46.87 29.01
N PRO N 728 -70.47 -45.61 29.23
CA PRO N 728 -71.09 -44.51 28.48
C PRO N 728 -70.94 -44.63 26.98
N ALA N 729 -69.83 -45.16 26.48
CA ALA N 729 -69.66 -45.27 25.04
C ALA N 729 -69.05 -46.61 24.65
N GLY N 730 -69.34 -47.66 25.40
CA GLY N 730 -68.76 -48.96 25.13
C GLY N 730 -67.36 -49.05 25.67
N ALA N 731 -66.72 -50.18 25.39
CA ALA N 731 -65.37 -50.40 25.86
C ALA N 731 -64.65 -51.33 24.91
N GLU N 732 -63.50 -50.89 24.41
CA GLU N 732 -62.65 -51.78 23.63
C GLU N 732 -62.17 -52.94 24.49
N GLU N 733 -61.85 -52.66 25.75
CA GLU N 733 -61.45 -53.71 26.67
C GLU N 733 -62.03 -53.42 28.04
N LEU N 734 -62.52 -54.45 28.73
CA LEU N 734 -63.13 -54.30 30.03
C LEU N 734 -62.60 -55.39 30.95
N ALA N 735 -62.16 -55.01 32.13
CA ALA N 735 -61.56 -55.96 33.06
C ALA N 735 -62.14 -55.77 34.44
N PHE N 736 -62.49 -56.88 35.08
CA PHE N 736 -62.97 -56.87 36.45
C PHE N 736 -61.90 -57.52 37.33
N LEU N 737 -61.43 -56.77 38.31
CA LEU N 737 -60.39 -57.21 39.23
C LEU N 737 -60.95 -57.24 40.65
N VAL N 738 -60.42 -58.13 41.48
CA VAL N 738 -60.94 -58.35 42.82
C VAL N 738 -59.91 -57.95 43.85
N TYR N 739 -60.35 -57.26 44.89
CA TYR N 739 -59.50 -56.81 45.98
C TYR N 739 -60.08 -57.30 47.30
N ASP N 740 -59.19 -57.59 48.25
CA ASP N 740 -59.65 -58.03 49.55
C ASP N 740 -60.15 -56.85 50.36
N SER N 741 -60.54 -57.12 51.61
CA SER N 741 -61.00 -56.05 52.49
C SER N 741 -59.90 -55.04 52.76
N ASN N 742 -58.64 -55.44 52.68
CA ASN N 742 -57.51 -54.54 52.87
C ASN N 742 -57.09 -53.87 51.57
N LEU N 743 -57.91 -53.98 50.52
CA LEU N 743 -57.61 -53.38 49.22
C LEU N 743 -56.29 -53.90 48.65
N ASP N 744 -56.05 -55.20 48.84
CA ASP N 744 -54.91 -55.86 48.25
C ASP N 744 -55.36 -56.65 47.02
N PHE N 745 -54.64 -56.50 45.92
CA PHE N 745 -55.05 -57.12 44.67
C PHE N 745 -55.06 -58.63 44.78
N VAL N 746 -56.25 -59.22 44.85
CA VAL N 746 -56.36 -60.67 44.94
C VAL N 746 -56.14 -61.30 43.58
N GLY N 747 -56.79 -60.79 42.54
CA GLY N 747 -56.63 -61.35 41.22
C GLY N 747 -57.59 -60.72 40.24
N GLN N 748 -57.79 -61.43 39.13
CA GLN N 748 -58.51 -60.91 37.97
C GLN N 748 -59.79 -61.70 37.78
N ALA N 749 -60.93 -61.06 38.03
CA ALA N 749 -62.21 -61.72 37.90
C ALA N 749 -62.52 -62.08 36.45
N GLY N 750 -62.51 -61.09 35.57
CA GLY N 750 -62.92 -61.34 34.19
C GLY N 750 -62.33 -60.37 33.21
N ILE N 751 -62.25 -60.82 31.95
CA ILE N 751 -61.77 -60.03 30.83
C ILE N 751 -62.79 -60.11 29.71
N TYR N 752 -63.06 -58.98 29.06
CA TYR N 752 -64.02 -58.92 27.98
C TYR N 752 -63.55 -57.90 26.96
N LYS N 753 -63.96 -58.09 25.72
CA LYS N 753 -63.56 -57.23 24.62
C LYS N 753 -64.80 -56.81 23.82
N LYS N 754 -64.71 -55.61 23.25
CA LYS N 754 -65.71 -55.13 22.29
C LYS N 754 -67.10 -55.14 22.90
N GLN N 755 -67.27 -54.37 23.96
CA GLN N 755 -68.54 -54.29 24.66
C GLN N 755 -69.38 -53.14 24.14
N ASP N 756 -70.68 -53.37 24.04
CA ASP N 756 -71.60 -52.35 23.58
C ASP N 756 -71.90 -51.36 24.69
N LYS N 757 -72.23 -50.13 24.29
CA LYS N 757 -72.45 -49.08 25.26
C LYS N 757 -73.79 -49.28 25.97
N GLY N 758 -73.91 -48.67 27.14
CA GLY N 758 -75.11 -48.79 27.94
C GLY N 758 -74.87 -49.64 29.17
N TYR N 759 -75.90 -50.33 29.62
CA TYR N 759 -75.79 -51.23 30.76
C TYR N 759 -75.34 -52.60 30.28
N GLN N 760 -74.30 -53.13 30.92
CA GLN N 760 -73.77 -54.44 30.59
C GLN N 760 -73.83 -55.33 31.83
N TYR N 761 -74.21 -56.58 31.63
CA TYR N 761 -74.31 -57.55 32.70
C TYR N 761 -73.41 -58.75 32.40
N PHE N 762 -72.67 -59.19 33.40
CA PHE N 762 -71.75 -60.30 33.25
C PHE N 762 -71.94 -61.27 34.39
N ASP N 763 -72.02 -62.56 34.07
CA ASP N 763 -72.10 -63.59 35.09
C ASP N 763 -70.70 -63.98 35.52
N TRP N 764 -70.46 -64.03 36.82
CA TRP N 764 -69.16 -64.35 37.36
C TRP N 764 -69.31 -65.50 38.34
N ASN N 765 -68.53 -66.56 38.13
CA ASN N 765 -68.63 -67.76 38.94
C ASN N 765 -67.91 -67.66 40.27
N GLY N 766 -67.45 -66.47 40.65
CA GLY N 766 -66.79 -66.30 41.93
C GLY N 766 -65.36 -66.78 41.97
N LYS N 767 -64.79 -67.17 40.83
CA LYS N 767 -63.45 -67.73 40.79
C LYS N 767 -62.51 -66.77 40.08
N VAL N 768 -61.28 -66.70 40.58
CA VAL N 768 -60.34 -65.64 40.24
C VAL N 768 -59.22 -66.20 39.37
N ASN N 769 -58.80 -65.40 38.40
CA ASN N 769 -57.69 -65.73 37.48
C ASN N 769 -57.99 -66.99 36.68
N GLY N 770 -59.22 -67.49 36.76
CA GLY N 770 -59.53 -68.75 36.15
C GLY N 770 -59.31 -69.88 37.13
N ASP N 771 -60.38 -70.58 37.48
CA ASP N 771 -60.39 -71.84 38.23
C ASP N 771 -59.82 -71.73 39.64
N THR N 772 -59.52 -70.54 40.14
CA THR N 772 -59.05 -70.35 41.50
C THR N 772 -60.17 -69.75 42.32
N ALA N 773 -60.66 -70.50 43.31
CA ALA N 773 -61.79 -70.06 44.11
C ALA N 773 -61.33 -69.13 45.22
N LEU N 774 -62.15 -68.12 45.50
CA LEU N 774 -61.83 -67.14 46.53
C LEU N 774 -62.06 -67.74 47.91
N PRO N 775 -61.26 -67.36 48.89
CA PRO N 775 -61.60 -67.64 50.29
C PRO N 775 -62.75 -66.77 50.75
N ALA N 776 -63.45 -67.24 51.78
CA ALA N 776 -64.60 -66.52 52.30
C ALA N 776 -64.15 -65.21 52.94
N GLY N 777 -64.93 -64.16 52.71
CA GLY N 777 -64.60 -62.87 53.26
C GLY N 777 -65.35 -61.76 52.53
N GLU N 778 -64.82 -60.56 52.66
CA GLU N 778 -65.41 -59.35 52.10
C GLU N 778 -64.48 -58.80 51.02
N TYR N 779 -65.06 -58.47 49.85
CA TYR N 779 -64.25 -58.13 48.69
C TYR N 779 -64.80 -56.90 47.99
N TYR N 780 -63.90 -56.23 47.29
CA TYR N 780 -64.24 -55.11 46.42
C TYR N 780 -63.92 -55.52 44.99
N MET N 781 -64.60 -54.90 44.03
CA MET N 781 -64.30 -55.15 42.63
C MET N 781 -64.05 -53.84 41.90
N LEU N 782 -63.02 -53.85 41.07
CA LEU N 782 -62.63 -52.70 40.27
C LEU N 782 -62.91 -53.00 38.81
N ALA N 783 -63.62 -52.10 38.15
CA ALA N 783 -63.87 -52.19 36.72
C ALA N 783 -62.91 -51.24 36.01
N TYR N 784 -62.14 -51.77 35.08
CA TYR N 784 -61.21 -51.00 34.28
C TYR N 784 -61.66 -51.09 32.84
N ALA N 785 -62.08 -49.98 32.27
CA ALA N 785 -62.55 -49.95 30.89
C ALA N 785 -61.64 -49.06 30.06
N ALA N 786 -61.21 -49.57 28.92
CA ALA N 786 -60.37 -48.83 27.99
C ALA N 786 -61.11 -48.71 26.67
N ASN N 787 -61.19 -47.49 26.16
CA ASN N 787 -61.93 -47.21 24.94
C ASN N 787 -61.33 -45.98 24.27
N LYS N 788 -61.14 -46.08 22.96
CA LYS N 788 -60.77 -44.93 22.12
C LYS N 788 -59.60 -44.14 22.70
N GLY N 789 -58.60 -44.86 23.18
CA GLY N 789 -57.38 -44.24 23.61
C GLY N 789 -57.39 -43.65 24.99
N LYS N 790 -58.39 -43.94 25.80
CA LYS N 790 -58.34 -43.54 27.20
C LYS N 790 -58.96 -44.64 28.04
N SER N 791 -58.49 -44.75 29.28
CA SER N 791 -58.97 -45.77 30.19
C SER N 791 -59.42 -45.14 31.48
N SER N 792 -60.43 -45.74 32.09
CA SER N 792 -60.99 -45.27 33.34
C SER N 792 -61.26 -46.48 34.22
N GLN N 793 -61.42 -46.23 35.51
CA GLN N 793 -61.67 -47.30 36.46
C GLN N 793 -62.63 -46.82 37.51
N VAL N 794 -63.36 -47.75 38.10
CA VAL N 794 -64.31 -47.44 39.15
C VAL N 794 -64.37 -48.61 40.12
N LEU N 795 -64.39 -48.29 41.41
CA LEU N 795 -64.38 -49.30 42.46
C LEU N 795 -65.77 -49.42 43.09
N THR N 796 -66.15 -50.65 43.40
CA THR N 796 -67.44 -50.90 44.04
C THR N 796 -67.36 -50.49 45.50
N GLU N 797 -68.13 -49.47 45.88
CA GLU N 797 -68.39 -49.25 47.29
C GLU N 797 -69.36 -50.32 47.78
N LYS N 798 -69.50 -50.41 49.11
CA LYS N 798 -70.35 -51.43 49.71
C LYS N 798 -69.86 -52.81 49.29
N PRO N 799 -68.75 -53.28 49.86
CA PRO N 799 -68.13 -54.52 49.38
C PRO N 799 -69.08 -55.71 49.43
N PHE N 800 -68.94 -56.60 48.46
CA PHE N 800 -69.73 -57.81 48.39
C PHE N 800 -69.04 -58.93 49.16
N ILE N 801 -69.82 -59.93 49.56
CA ILE N 801 -69.39 -60.97 50.48
C ILE N 801 -69.31 -62.30 49.74
N ILE N 802 -68.23 -63.02 49.94
CA ILE N 802 -68.08 -64.36 49.39
C ILE N 802 -68.57 -65.40 50.40
N MET O 158 19.19 -0.33 59.90
CA MET O 158 18.03 0.41 59.41
C MET O 158 17.92 1.77 60.04
N ASP O 159 18.71 1.99 61.09
CA ASP O 159 18.76 3.27 61.77
C ASP O 159 19.91 4.15 61.30
N ASP O 160 20.79 3.65 60.44
CA ASP O 160 21.89 4.41 59.91
C ASP O 160 21.92 4.46 58.39
N SER O 161 21.44 3.42 57.71
CA SER O 161 21.42 3.41 56.26
C SER O 161 20.34 4.32 55.70
N ALA O 162 19.15 4.28 56.29
CA ALA O 162 18.08 5.16 55.82
C ALA O 162 18.42 6.65 55.94
N PRO O 163 18.99 7.13 57.04
CA PRO O 163 19.49 8.52 57.02
C PRO O 163 20.51 8.76 55.94
N TYR O 164 21.35 7.77 55.63
CA TYR O 164 22.40 7.97 54.66
C TYR O 164 21.84 8.15 53.25
N ILE O 165 20.89 7.29 52.86
CA ILE O 165 20.34 7.42 51.52
C ILE O 165 19.39 8.60 51.41
N GLY O 166 18.93 9.14 52.53
CA GLY O 166 18.11 10.33 52.51
C GLY O 166 16.65 10.05 52.80
N ALA O 167 16.37 8.98 53.54
CA ALA O 167 14.99 8.61 53.80
C ALA O 167 14.31 9.59 54.74
N ASN O 168 14.98 9.96 55.84
CA ASN O 168 14.38 10.86 56.82
C ASN O 168 14.06 12.22 56.20
N ASP O 169 14.98 12.74 55.39
CA ASP O 169 14.74 14.03 54.75
C ASP O 169 13.51 13.97 53.87
N ALA O 170 13.31 12.86 53.17
CA ALA O 170 12.10 12.70 52.39
C ALA O 170 10.87 12.61 53.28
N TRP O 171 11.01 11.97 54.45
CA TRP O 171 9.88 11.87 55.37
C TRP O 171 9.43 13.25 55.83
N LYS O 172 10.38 14.10 56.20
CA LYS O 172 10.01 15.45 56.65
C LYS O 172 9.39 16.27 55.53
N LEU O 173 9.54 15.86 54.28
CA LEU O 173 8.80 16.47 53.18
C LEU O 173 7.44 15.84 52.98
N GLY O 174 7.09 14.83 53.77
CA GLY O 174 5.82 14.16 53.68
C GLY O 174 5.84 12.90 52.82
N TYR O 175 6.91 12.68 52.07
CA TYR O 175 6.99 11.53 51.17
C TYR O 175 7.45 10.32 51.96
N THR O 176 6.50 9.45 52.31
CA THR O 176 6.80 8.23 53.03
C THR O 176 6.34 6.98 52.31
N GLY O 177 5.88 7.09 51.07
CA GLY O 177 5.41 5.95 50.33
C GLY O 177 3.94 5.62 50.49
N LYS O 178 3.16 6.51 51.08
CA LYS O 178 1.74 6.24 51.30
C LYS O 178 1.02 6.02 49.97
N GLY O 179 0.22 4.96 49.91
CA GLY O 179 -0.54 4.62 48.74
C GLY O 179 0.20 3.73 47.77
N VAL O 180 1.51 3.65 47.89
CA VAL O 180 2.30 2.80 47.01
C VAL O 180 2.29 1.38 47.55
N LYS O 181 2.21 0.41 46.65
CA LYS O 181 2.08 -0.99 47.01
C LYS O 181 3.35 -1.70 46.59
N VAL O 182 4.01 -2.36 47.54
CA VAL O 182 5.28 -3.04 47.30
C VAL O 182 5.09 -4.53 47.52
N ALA O 183 5.53 -5.31 46.55
CA ALA O 183 5.48 -6.76 46.61
C ALA O 183 6.87 -7.30 46.92
N ILE O 184 6.93 -8.30 47.77
CA ILE O 184 8.19 -8.87 48.24
C ILE O 184 8.19 -10.33 47.82
N ILE O 185 8.85 -10.67 46.71
CA ILE O 185 8.91 -12.05 46.25
C ILE O 185 10.15 -12.69 46.87
N ASP O 186 9.96 -13.31 48.03
CA ASP O 186 11.02 -13.96 48.78
C ASP O 186 10.43 -15.18 49.47
N THR O 187 11.10 -15.67 50.50
CA THR O 187 10.68 -16.85 51.24
C THR O 187 9.43 -16.64 52.06
N GLY O 188 8.74 -15.53 51.89
CA GLY O 188 7.56 -15.21 52.68
C GLY O 188 7.87 -14.22 53.77
N VAL O 189 6.80 -13.61 54.28
CA VAL O 189 6.92 -12.54 55.27
C VAL O 189 6.07 -12.90 56.48
N GLU O 190 6.65 -12.74 57.67
CA GLU O 190 5.91 -12.89 58.91
C GLU O 190 5.10 -11.61 59.11
N TYR O 191 3.87 -11.61 58.60
CA TYR O 191 3.02 -10.42 58.68
C TYR O 191 2.31 -10.31 60.02
N LYS O 192 3.03 -10.51 61.11
CA LYS O 192 2.50 -10.31 62.44
C LYS O 192 3.51 -9.62 63.32
N HIS O 193 4.71 -9.36 62.82
CA HIS O 193 5.67 -8.55 63.52
C HIS O 193 5.04 -7.18 63.81
N PRO O 194 5.10 -6.69 65.04
CA PRO O 194 4.44 -5.41 65.34
C PRO O 194 4.91 -4.27 64.46
N ASP O 195 6.13 -4.33 63.95
CA ASP O 195 6.63 -3.30 63.04
C ASP O 195 6.06 -3.45 61.64
N LEU O 196 5.53 -4.62 61.28
CA LEU O 196 4.99 -4.86 59.96
C LEU O 196 3.47 -5.03 59.96
N LYS O 197 2.83 -5.03 61.12
CA LYS O 197 1.42 -5.41 61.19
C LYS O 197 0.55 -4.42 60.41
N LYS O 198 0.77 -3.13 60.58
CA LYS O 198 -0.11 -2.14 60.01
C LYS O 198 0.21 -1.81 58.55
N ASN O 199 1.36 -2.25 58.05
CA ASN O 199 1.68 -2.03 56.66
C ASN O 199 1.07 -3.06 55.73
N PHE O 200 0.58 -4.17 56.28
CA PHE O 200 -0.08 -5.18 55.48
C PHE O 200 -1.57 -4.91 55.42
N GLY O 201 -2.13 -4.97 54.22
CA GLY O 201 -3.55 -4.77 54.06
C GLY O 201 -4.35 -5.99 54.47
N GLN O 202 -5.58 -6.09 53.99
CA GLN O 202 -6.40 -7.25 54.33
C GLN O 202 -5.83 -8.49 53.65
N TYR O 203 -5.62 -8.40 52.35
CA TYR O 203 -5.05 -9.50 51.58
C TYR O 203 -3.53 -9.43 51.65
N LYS O 204 -2.92 -10.42 52.27
CA LYS O 204 -1.49 -10.37 52.55
C LYS O 204 -0.63 -10.82 51.39
N GLY O 205 -1.13 -11.69 50.53
CA GLY O 205 -0.35 -12.18 49.42
C GLY O 205 -0.70 -13.61 49.14
N TYR O 206 0.26 -14.31 48.55
CA TYR O 206 0.06 -15.69 48.15
C TYR O 206 1.29 -16.52 48.47
N ASP O 207 1.08 -17.83 48.59
CA ASP O 207 2.12 -18.76 48.98
C ASP O 207 2.19 -19.83 47.90
N PHE O 208 3.12 -19.66 46.95
CA PHE O 208 3.18 -20.54 45.80
C PHE O 208 3.79 -21.90 46.11
N VAL O 209 4.67 -22.00 47.12
CA VAL O 209 5.23 -23.30 47.46
C VAL O 209 4.25 -24.16 48.24
N ASP O 210 3.13 -23.59 48.70
CA ASP O 210 2.13 -24.34 49.43
C ASP O 210 0.72 -24.16 48.86
N ASN O 211 0.51 -23.17 47.99
CA ASN O 211 -0.78 -22.94 47.34
C ASN O 211 -1.87 -22.63 48.36
N ASP O 212 -1.58 -21.69 49.25
CA ASP O 212 -2.56 -21.16 50.18
C ASP O 212 -2.33 -19.66 50.30
N TYR O 213 -3.29 -18.99 50.93
CA TYR O 213 -3.24 -17.55 51.08
C TYR O 213 -2.58 -17.10 52.37
N ASP O 214 -1.65 -17.91 52.89
CA ASP O 214 -0.93 -17.63 54.12
C ASP O 214 0.56 -17.64 53.81
N PRO O 215 1.12 -16.49 53.40
CA PRO O 215 2.54 -16.42 53.04
C PRO O 215 3.47 -16.29 54.25
N GLU O 216 3.23 -17.12 55.25
CA GLU O 216 4.10 -17.14 56.42
C GLU O 216 5.44 -17.76 56.06
N GLU O 217 6.47 -17.39 56.81
CA GLU O 217 7.78 -17.98 56.60
C GLU O 217 7.77 -19.45 56.95
N THR O 218 8.81 -20.14 56.54
CA THR O 218 8.92 -21.56 56.82
C THR O 218 9.11 -21.78 58.31
N PRO O 219 8.27 -22.55 58.97
CA PRO O 219 8.41 -22.74 60.42
C PRO O 219 9.63 -23.58 60.75
N SER O 220 10.01 -23.61 62.02
CA SER O 220 11.08 -24.48 62.46
C SER O 220 10.60 -25.93 62.49
N GLY O 221 11.46 -26.84 62.09
CA GLY O 221 11.11 -28.25 62.05
C GLY O 221 10.22 -28.59 60.87
N ASP O 222 10.71 -28.31 59.67
CA ASP O 222 10.01 -28.65 58.43
C ASP O 222 10.77 -29.75 57.73
N PRO O 223 10.12 -30.87 57.40
CA PRO O 223 10.85 -31.97 56.73
C PRO O 223 11.52 -31.56 55.44
N ARG O 224 10.94 -30.64 54.68
CA ARG O 224 11.47 -30.30 53.37
C ARG O 224 12.68 -29.39 53.42
N GLY O 225 12.95 -28.74 54.56
CA GLY O 225 14.09 -27.85 54.64
C GLY O 225 14.26 -27.19 55.99
N ALA O 226 14.80 -25.97 56.00
CA ALA O 226 15.08 -25.24 57.22
C ALA O 226 14.24 -23.98 57.28
N SER O 227 14.03 -23.47 58.49
CA SER O 227 13.26 -22.26 58.67
C SER O 227 13.95 -21.08 58.03
N THR O 228 13.16 -20.10 57.58
CA THR O 228 13.66 -18.97 56.84
C THR O 228 13.25 -17.67 57.51
N ASP O 229 14.08 -16.64 57.33
CA ASP O 229 13.77 -15.31 57.84
C ASP O 229 14.16 -14.22 56.85
N HIS O 230 14.50 -14.58 55.62
CA HIS O 230 14.97 -13.59 54.65
C HIS O 230 13.88 -12.61 54.27
N GLY O 231 12.67 -13.12 54.00
CA GLY O 231 11.60 -12.26 53.51
C GLY O 231 11.15 -11.24 54.54
N THR O 232 11.06 -11.64 55.81
CA THR O 232 10.66 -10.70 56.84
C THR O 232 11.70 -9.61 57.01
N HIS O 233 12.98 -9.97 56.92
CA HIS O 233 14.03 -8.96 57.02
C HIS O 233 13.94 -7.98 55.85
N VAL O 234 13.70 -8.50 54.65
CA VAL O 234 13.57 -7.62 53.49
C VAL O 234 12.39 -6.69 53.65
N ALA O 235 11.24 -7.23 54.08
CA ALA O 235 10.05 -6.41 54.26
C ALA O 235 10.25 -5.34 55.32
N GLY O 236 10.93 -5.68 56.42
CA GLY O 236 11.23 -4.67 57.41
C GLY O 236 12.14 -3.59 56.87
N THR O 237 13.12 -3.97 56.04
CA THR O 237 13.97 -2.96 55.43
C THR O 237 13.17 -2.02 54.54
N VAL O 238 12.24 -2.58 53.76
CA VAL O 238 11.46 -1.75 52.84
C VAL O 238 10.55 -0.80 53.61
N ALA O 239 9.62 -1.36 54.37
CA ALA O 239 8.59 -0.54 55.01
C ALA O 239 8.24 -1.17 56.36
N ALA O 240 8.90 -0.71 57.41
CA ALA O 240 8.59 -1.12 58.77
C ALA O 240 8.33 0.14 59.57
N ASN O 241 7.19 0.18 60.24
CA ASN O 241 6.79 1.32 61.06
C ASN O 241 6.77 0.90 62.52
N GLY O 242 7.56 1.59 63.34
CA GLY O 242 7.62 1.26 64.75
C GLY O 242 8.99 1.49 65.34
N THR O 243 9.52 0.49 66.05
CA THR O 243 10.85 0.60 66.63
C THR O 243 11.90 0.81 65.55
N ILE O 244 11.82 0.03 64.47
CA ILE O 244 12.66 0.21 63.30
C ILE O 244 11.82 0.83 62.20
N LYS O 245 12.36 1.86 61.54
CA LYS O 245 11.65 2.56 60.48
C LYS O 245 12.28 2.19 59.15
N GLY O 246 11.49 1.59 58.27
CA GLY O 246 11.96 1.25 56.95
C GLY O 246 12.12 2.47 56.08
N VAL O 247 12.57 2.24 54.86
CA VAL O 247 12.84 3.35 53.95
C VAL O 247 11.56 4.09 53.60
N ALA O 248 10.45 3.36 53.45
CA ALA O 248 9.17 3.94 53.09
C ALA O 248 8.12 3.45 54.06
N PRO O 249 8.13 3.95 55.29
CA PRO O 249 7.31 3.33 56.34
C PRO O 249 5.85 3.73 56.26
N ASP O 250 5.29 3.73 55.06
CA ASP O 250 3.86 3.92 54.89
C ASP O 250 3.31 3.12 53.72
N ALA O 251 4.14 2.34 53.05
CA ALA O 251 3.73 1.61 51.86
C ALA O 251 3.02 0.33 52.25
N THR O 252 2.00 -0.03 51.47
CA THR O 252 1.35 -1.31 51.63
C THR O 252 2.27 -2.42 51.13
N LEU O 253 2.16 -3.57 51.77
CA LEU O 253 3.04 -4.69 51.46
C LEU O 253 2.24 -5.89 51.01
N LEU O 254 2.81 -6.66 50.08
CA LEU O 254 2.27 -7.94 49.67
C LEU O 254 3.38 -8.97 49.74
N ALA O 255 3.09 -10.13 50.31
CA ALA O 255 4.07 -11.19 50.44
C ALA O 255 3.76 -12.31 49.46
N TYR O 256 4.79 -12.80 48.80
CA TYR O 256 4.65 -13.88 47.83
C TYR O 256 5.71 -14.92 48.14
N ARG O 257 5.31 -15.99 48.78
CA ARG O 257 6.24 -17.06 49.15
C ARG O 257 6.48 -17.93 47.93
N VAL O 258 7.60 -17.69 47.24
CA VAL O 258 7.98 -18.50 46.11
C VAL O 258 9.18 -19.38 46.40
N LEU O 259 9.99 -19.05 47.41
CA LEU O 259 11.13 -19.86 47.78
C LEU O 259 10.72 -20.75 48.94
N GLY O 260 10.84 -22.06 48.75
CA GLY O 260 10.41 -23.01 49.74
C GLY O 260 11.37 -23.07 50.91
N PRO O 261 11.18 -24.08 51.76
CA PRO O 261 12.11 -24.26 52.89
C PRO O 261 13.53 -24.45 52.39
N GLY O 262 14.47 -23.84 53.10
CA GLY O 262 15.86 -23.86 52.73
C GLY O 262 16.28 -22.72 51.83
N GLY O 263 15.33 -21.94 51.34
CA GLY O 263 15.63 -20.83 50.47
C GLY O 263 15.72 -21.14 49.00
N SER O 264 15.32 -22.34 48.59
CA SER O 264 15.39 -22.76 47.20
C SER O 264 14.00 -22.79 46.59
N GLY O 265 13.89 -22.30 45.36
CA GLY O 265 12.60 -22.26 44.68
C GLY O 265 12.70 -22.46 43.19
N THR O 266 11.69 -23.08 42.61
CA THR O 266 11.69 -23.32 41.17
C THR O 266 11.53 -22.01 40.42
N THR O 267 12.08 -21.98 39.21
CA THR O 267 11.94 -20.80 38.36
C THR O 267 10.47 -20.52 38.03
N GLU O 268 9.69 -21.56 37.81
CA GLU O 268 8.28 -21.38 37.52
C GLU O 268 7.54 -20.71 38.66
N ASN O 269 7.87 -21.05 39.90
CA ASN O 269 7.27 -20.35 41.03
C ASN O 269 7.63 -18.88 41.07
N VAL O 270 8.88 -18.53 40.74
CA VAL O 270 9.26 -17.12 40.73
C VAL O 270 8.53 -16.37 39.63
N ILE O 271 8.38 -16.99 38.45
CA ILE O 271 7.63 -16.34 37.38
C ILE O 271 6.18 -16.15 37.79
N ALA O 272 5.60 -17.17 38.43
CA ALA O 272 4.23 -17.05 38.90
C ALA O 272 4.09 -15.95 39.93
N GLY O 273 5.07 -15.82 40.82
CA GLY O 273 5.05 -14.76 41.81
C GLY O 273 5.11 -13.40 41.18
N ILE O 274 5.98 -13.23 40.19
CA ILE O 274 6.08 -11.95 39.51
C ILE O 274 4.78 -11.60 38.82
N GLU O 275 4.20 -12.55 38.09
CA GLU O 275 2.95 -12.29 37.40
C GLU O 275 1.80 -12.01 38.35
N ARG O 276 1.72 -12.73 39.47
CA ARG O 276 0.68 -12.48 40.45
C ARG O 276 0.87 -11.14 41.14
N ALA O 277 2.12 -10.73 41.35
CA ALA O 277 2.35 -9.40 41.90
C ALA O 277 1.92 -8.32 40.93
N VAL O 278 2.11 -8.55 39.63
CA VAL O 278 1.58 -7.60 38.66
C VAL O 278 0.05 -7.59 38.67
N GLN O 279 -0.56 -8.77 38.85
CA GLN O 279 -2.01 -8.84 38.98
C GLN O 279 -2.51 -7.99 40.14
N ASP O 280 -1.89 -8.14 41.30
CA ASP O 280 -2.40 -7.54 42.52
C ASP O 280 -2.17 -6.05 42.59
N GLY O 281 -1.74 -5.42 41.51
CA GLY O 281 -1.59 -3.99 41.49
C GLY O 281 -0.37 -3.45 42.18
N ALA O 282 0.61 -4.29 42.46
CA ALA O 282 1.83 -3.81 43.10
C ALA O 282 2.51 -2.79 42.22
N ASP O 283 2.88 -1.65 42.82
CA ASP O 283 3.59 -0.62 42.08
C ASP O 283 5.09 -0.82 42.09
N VAL O 284 5.63 -1.39 43.16
CA VAL O 284 7.06 -1.68 43.25
C VAL O 284 7.21 -3.16 43.57
N MET O 285 8.22 -3.78 43.00
CA MET O 285 8.45 -5.21 43.13
C MET O 285 9.87 -5.43 43.62
N ASN O 286 10.06 -6.35 44.55
CA ASN O 286 11.38 -6.61 45.12
C ASN O 286 11.72 -8.08 44.99
N LEU O 287 12.85 -8.34 44.34
CA LEU O 287 13.38 -9.69 44.17
C LEU O 287 14.77 -9.76 44.76
N SER O 288 14.88 -10.34 45.95
CA SER O 288 16.16 -10.60 46.60
C SER O 288 16.60 -12.04 46.43
N LEU O 289 16.13 -12.69 45.38
CA LEU O 289 16.55 -14.04 45.02
C LEU O 289 17.42 -13.97 43.78
N GLY O 290 17.84 -15.13 43.31
CA GLY O 290 18.59 -15.20 42.08
C GLY O 290 19.62 -16.30 42.03
N ASN O 291 19.79 -16.90 40.86
CA ASN O 291 20.82 -17.91 40.65
C ASN O 291 22.08 -17.20 40.16
N SER O 292 23.06 -17.95 39.68
CA SER O 292 24.34 -17.37 39.28
C SER O 292 24.64 -17.69 37.83
N VAL O 293 23.66 -17.51 36.96
CA VAL O 293 23.85 -17.68 35.52
C VAL O 293 23.82 -16.30 34.88
N ASN O 294 24.95 -15.88 34.32
CA ASN O 294 25.06 -14.58 33.67
C ASN O 294 24.44 -14.66 32.27
N ASN O 295 23.11 -14.73 32.27
CA ASN O 295 22.35 -14.80 31.03
C ASN O 295 21.24 -13.75 31.08
N PRO O 296 21.25 -12.77 30.17
CA PRO O 296 20.19 -11.75 30.20
C PRO O 296 18.84 -12.27 29.78
N ASP O 297 18.77 -13.45 29.18
CA ASP O 297 17.53 -14.02 28.69
C ASP O 297 17.13 -15.25 29.48
N TRP O 298 17.39 -15.22 30.78
CA TRP O 298 16.83 -16.24 31.64
C TRP O 298 15.32 -16.00 31.79
N ALA O 299 14.62 -17.04 32.23
CA ALA O 299 13.17 -16.92 32.35
C ALA O 299 12.78 -15.85 33.36
N THR O 300 13.47 -15.79 34.49
CA THR O 300 13.18 -14.78 35.49
C THR O 300 13.50 -13.37 35.01
N SER O 301 14.48 -13.22 34.13
CA SER O 301 14.77 -11.93 33.55
C SER O 301 13.76 -11.51 32.51
N THR O 302 13.28 -12.45 31.70
CA THR O 302 12.20 -12.14 30.76
C THR O 302 10.93 -11.75 31.51
N ALA O 303 10.61 -12.47 32.59
CA ALA O 303 9.46 -12.10 33.39
C ALA O 303 9.62 -10.73 34.01
N LEU O 304 10.83 -10.36 34.42
CA LEU O 304 11.07 -9.05 34.99
C LEU O 304 11.00 -7.95 33.96
N ASP O 305 11.37 -8.24 32.71
CA ASP O 305 11.18 -7.28 31.62
C ASP O 305 9.74 -7.20 31.16
N TRP O 306 8.92 -8.23 31.44
CA TRP O 306 7.49 -8.10 31.15
C TRP O 306 6.85 -7.07 32.05
N ALA O 307 7.09 -7.17 33.36
CA ALA O 307 6.90 -6.02 34.21
C ALA O 307 7.93 -4.96 33.84
N MET O 308 7.80 -3.77 34.45
CA MET O 308 8.55 -2.59 34.03
C MET O 308 8.06 -2.16 32.66
N SER O 309 7.18 -2.96 32.06
CA SER O 309 6.38 -2.54 30.92
C SER O 309 4.91 -2.60 31.21
N GLU O 310 4.47 -3.39 32.19
CA GLU O 310 3.13 -3.25 32.74
C GLU O 310 3.15 -2.33 33.95
N GLY O 311 3.83 -1.20 33.80
CA GLY O 311 3.84 -0.14 34.80
C GLY O 311 4.27 -0.53 36.19
N VAL O 312 5.13 -1.53 36.36
CA VAL O 312 5.55 -1.98 37.67
C VAL O 312 7.07 -1.91 37.76
N THR O 313 7.57 -1.04 38.63
CA THR O 313 9.01 -0.94 38.86
C THR O 313 9.51 -2.23 39.50
N ALA O 314 10.65 -2.72 39.03
CA ALA O 314 11.20 -4.00 39.48
C ALA O 314 12.63 -3.79 39.97
N VAL O 315 12.84 -4.00 41.27
CA VAL O 315 14.15 -3.86 41.88
C VAL O 315 14.63 -5.25 42.30
N THR O 316 15.85 -5.58 41.91
CA THR O 316 16.38 -6.90 42.17
C THR O 316 17.82 -6.79 42.67
N SER O 317 18.22 -7.80 43.41
CA SER O 317 19.60 -7.86 43.87
C SER O 317 20.52 -8.25 42.72
N ASN O 318 21.76 -7.77 42.79
CA ASN O 318 22.76 -8.14 41.80
C ASN O 318 23.30 -9.55 41.98
N GLY O 319 23.23 -10.09 43.18
CA GLY O 319 23.80 -11.38 43.48
C GLY O 319 24.97 -11.27 44.44
N ASN O 320 25.34 -12.42 45.01
CA ASN O 320 26.36 -12.50 46.04
C ASN O 320 27.52 -13.33 45.52
N SER O 321 28.44 -12.68 44.82
CA SER O 321 29.64 -13.33 44.32
C SER O 321 30.82 -12.41 44.53
N GLY O 322 31.98 -13.01 44.80
CA GLY O 322 33.16 -12.27 45.19
C GLY O 322 33.57 -11.25 44.15
N PRO O 323 34.61 -10.49 44.44
CA PRO O 323 34.99 -9.42 43.52
C PRO O 323 35.53 -10.00 42.24
N ASN O 324 34.70 -10.00 41.20
CA ASN O 324 35.02 -10.65 39.95
C ASN O 324 34.02 -10.23 38.90
N ASN O 325 34.50 -9.80 37.75
CA ASN O 325 33.59 -9.37 36.70
C ASN O 325 32.84 -10.57 36.15
N TRP O 326 31.70 -10.29 35.52
CA TRP O 326 30.88 -11.30 34.84
C TRP O 326 30.28 -12.30 35.81
N THR O 327 29.94 -11.87 37.03
CA THR O 327 29.36 -12.76 38.02
C THR O 327 27.96 -12.35 38.44
N VAL O 328 27.31 -11.49 37.66
CA VAL O 328 25.98 -11.02 38.03
C VAL O 328 24.96 -12.13 37.82
N GLY O 329 23.97 -12.19 38.72
CA GLY O 329 23.01 -13.27 38.73
C GLY O 329 21.96 -13.17 37.64
N SER O 330 21.05 -14.14 37.64
CA SER O 330 20.13 -14.28 36.50
C SER O 330 19.05 -13.21 36.49
N PRO O 331 18.22 -13.06 37.53
CA PRO O 331 17.21 -12.00 37.48
C PRO O 331 17.82 -10.62 37.46
N GLY O 332 19.05 -10.47 37.95
CA GLY O 332 19.71 -9.19 37.98
C GLY O 332 20.44 -8.89 36.69
N THR O 333 20.23 -9.71 35.66
CA THR O 333 20.76 -9.42 34.33
C THR O 333 19.70 -8.90 33.39
N SER O 334 18.49 -8.68 33.88
CA SER O 334 17.41 -8.22 33.03
C SER O 334 17.72 -6.83 32.47
N ARG O 335 17.28 -6.61 31.24
CA ARG O 335 17.58 -5.34 30.58
C ARG O 335 16.86 -4.17 31.20
N GLU O 336 15.64 -4.38 31.70
CA GLU O 336 14.84 -3.30 32.29
C GLU O 336 14.47 -3.70 33.70
N ALA O 337 15.37 -3.42 34.64
CA ALA O 337 15.12 -3.63 36.06
C ALA O 337 16.28 -3.02 36.83
N ILE O 338 15.98 -2.42 37.97
CA ILE O 338 17.03 -1.79 38.77
C ILE O 338 17.74 -2.89 39.55
N SER O 339 18.97 -3.18 39.17
CA SER O 339 19.80 -4.14 39.90
C SER O 339 20.67 -3.38 40.88
N VAL O 340 20.74 -3.87 42.11
CA VAL O 340 21.36 -3.15 43.21
C VAL O 340 22.55 -3.93 43.72
N GLY O 341 23.68 -3.25 43.87
CA GLY O 341 24.83 -3.79 44.55
C GLY O 341 24.88 -3.30 45.99
N ALA O 342 25.78 -3.90 46.77
CA ALA O 342 25.87 -3.67 48.20
C ALA O 342 27.07 -2.80 48.53
N THR O 343 26.89 -1.87 49.47
CA THR O 343 27.95 -0.99 49.92
C THR O 343 28.07 -1.05 51.44
N GLN O 344 29.25 -0.68 51.92
CA GLN O 344 29.50 -0.54 53.34
C GLN O 344 29.40 0.93 53.73
N LEU O 345 28.68 1.20 54.80
CA LEU O 345 28.54 2.57 55.26
C LEU O 345 29.88 3.10 55.75
N PRO O 346 30.10 4.40 55.71
CA PRO O 346 31.39 4.96 56.14
C PRO O 346 31.66 4.63 57.60
N LEU O 347 32.72 3.88 57.84
CA LEU O 347 33.11 3.46 59.18
C LEU O 347 34.49 4.00 59.52
N ASN O 348 34.73 4.17 60.81
CA ASN O 348 35.97 4.76 61.28
C ASN O 348 37.00 3.67 61.60
N LYS O 477 41.96 5.63 60.54
CA LYS O 477 41.68 6.06 59.18
C LYS O 477 40.22 5.84 58.81
N SER O 478 39.41 6.87 58.99
CA SER O 478 38.00 6.81 58.62
C SER O 478 37.85 6.66 57.11
N LEU O 479 37.00 5.72 56.70
CA LEU O 479 36.75 5.45 55.29
C LEU O 479 35.40 6.01 54.87
N THR O 480 35.30 6.33 53.59
CA THR O 480 34.03 6.72 53.00
C THR O 480 33.24 5.47 52.64
N GLU O 481 32.16 5.63 51.89
CA GLU O 481 31.38 4.48 51.47
C GLU O 481 32.20 3.60 50.55
N GLN O 482 32.02 2.29 50.69
CA GLN O 482 32.83 1.33 49.95
C GLN O 482 31.95 0.16 49.55
N MET O 483 32.18 -0.35 48.34
CA MET O 483 31.41 -1.50 47.91
C MET O 483 31.89 -2.75 48.63
N ALA O 484 30.94 -3.56 49.07
CA ALA O 484 31.29 -4.84 49.68
C ALA O 484 31.90 -5.77 48.63
N ASP O 485 32.73 -6.68 49.10
CA ASP O 485 33.48 -7.56 48.21
C ASP O 485 32.71 -8.83 47.87
N PHE O 486 31.43 -8.89 48.19
CA PHE O 486 30.61 -10.02 47.77
C PHE O 486 29.55 -9.63 46.74
N SER O 487 29.46 -8.36 46.38
CA SER O 487 28.51 -7.97 45.35
C SER O 487 28.94 -8.52 44.01
N SER O 488 27.99 -9.09 43.29
CA SER O 488 28.28 -9.54 41.94
C SER O 488 28.57 -8.35 41.05
N ARG O 489 29.39 -8.57 40.03
CA ARG O 489 29.84 -7.50 39.16
C ARG O 489 29.52 -7.85 37.73
N GLY O 490 29.23 -6.83 36.93
CA GLY O 490 28.93 -7.03 35.53
C GLY O 490 30.19 -7.21 34.73
N PRO O 491 30.10 -7.07 33.42
CA PRO O 491 28.91 -6.77 32.62
C PRO O 491 28.04 -7.99 32.41
N VAL O 492 26.88 -7.80 31.80
CA VAL O 492 26.04 -8.93 31.42
C VAL O 492 26.56 -9.55 30.14
N MET O 493 26.51 -10.88 30.06
CA MET O 493 26.93 -11.57 28.86
C MET O 493 25.94 -11.32 27.73
N ASP O 494 26.45 -11.27 26.50
CA ASP O 494 25.65 -11.23 25.29
C ASP O 494 24.95 -9.90 25.10
N THR O 495 24.98 -9.02 26.10
CA THR O 495 24.51 -7.66 25.96
C THR O 495 25.50 -6.63 26.45
N TRP O 496 26.50 -7.04 27.24
CA TRP O 496 27.58 -6.16 27.69
C TRP O 496 27.04 -4.96 28.45
N MET O 497 25.87 -5.12 29.06
CA MET O 497 25.25 -4.05 29.81
C MET O 497 25.95 -3.86 31.14
N ILE O 498 26.03 -2.61 31.59
CA ILE O 498 26.69 -2.31 32.86
C ILE O 498 25.77 -2.71 34.00
N LYS O 499 26.25 -3.56 34.90
CA LYS O 499 25.53 -3.93 36.10
C LYS O 499 26.50 -4.04 37.25
N PRO O 500 26.08 -3.72 38.47
CA PRO O 500 24.74 -3.36 38.95
C PRO O 500 24.26 -2.05 38.39
N ASP O 501 22.97 -1.76 38.42
CA ASP O 501 22.53 -0.45 37.98
C ASP O 501 22.83 0.61 39.03
N VAL O 502 22.53 0.33 40.29
CA VAL O 502 22.83 1.27 41.38
C VAL O 502 23.32 0.45 42.56
N SER O 503 24.06 1.09 43.46
CA SER O 503 24.44 0.46 44.71
C SER O 503 23.72 1.12 45.88
N ALA O 504 23.61 0.37 46.97
CA ALA O 504 22.89 0.84 48.16
C ALA O 504 23.48 0.16 49.37
N PRO O 505 23.26 0.69 50.57
CA PRO O 505 23.81 0.07 51.77
C PRO O 505 23.28 -1.34 51.97
N GLY O 506 24.18 -2.30 52.02
CA GLY O 506 23.78 -3.69 52.16
C GLY O 506 24.66 -4.53 53.04
N VAL O 507 25.39 -3.90 53.95
CA VAL O 507 26.28 -4.59 54.87
C VAL O 507 25.86 -4.25 56.29
N ASN O 508 25.62 -5.28 57.10
CA ASN O 508 25.24 -5.13 58.50
C ASN O 508 23.96 -4.30 58.62
N ILE O 509 22.89 -4.82 58.03
CA ILE O 509 21.58 -4.18 58.07
C ILE O 509 20.74 -4.88 59.12
N VAL O 510 20.27 -4.15 60.11
CA VAL O 510 19.41 -4.72 61.14
C VAL O 510 17.96 -4.45 60.76
N SER O 511 17.11 -5.45 60.92
CA SER O 511 15.73 -5.34 60.53
C SER O 511 14.93 -6.44 61.19
N THR O 512 13.62 -6.40 60.97
CA THR O 512 12.71 -7.31 61.65
C THR O 512 12.90 -8.74 61.17
N ILE O 513 12.95 -9.68 62.11
CA ILE O 513 13.03 -11.09 61.79
C ILE O 513 12.07 -11.87 62.67
N PRO O 514 11.63 -13.06 62.25
CA PRO O 514 11.01 -13.97 63.20
C PRO O 514 12.07 -14.77 63.92
N THR O 515 11.93 -14.86 65.24
CA THR O 515 12.86 -15.64 66.03
C THR O 515 12.57 -17.12 65.99
N HIS O 516 11.42 -17.51 65.41
CA HIS O 516 10.99 -18.91 65.35
C HIS O 516 10.98 -19.53 66.75
N ASP O 517 10.59 -18.72 67.72
CA ASP O 517 10.48 -19.13 69.11
C ASP O 517 9.07 -18.82 69.59
N PRO O 518 8.29 -19.82 69.99
CA PRO O 518 6.93 -19.54 70.48
C PRO O 518 6.89 -18.58 71.66
N ALA O 519 7.94 -18.53 72.47
CA ALA O 519 7.96 -17.62 73.62
C ALA O 519 7.91 -16.17 73.17
N ASP O 520 8.70 -15.81 72.16
CA ASP O 520 8.65 -14.48 71.55
C ASP O 520 9.00 -14.62 70.07
N PRO O 521 8.00 -14.57 69.20
CA PRO O 521 8.25 -14.92 67.79
C PRO O 521 8.88 -13.82 66.97
N TYR O 522 8.89 -12.58 67.45
CA TYR O 522 9.37 -11.45 66.66
C TYR O 522 10.59 -10.82 67.32
N GLY O 523 11.55 -10.42 66.50
CA GLY O 523 12.73 -9.77 67.01
C GLY O 523 13.43 -9.02 65.91
N TYR O 524 14.67 -8.63 66.18
CA TYR O 524 15.48 -7.92 65.21
C TYR O 524 16.80 -8.65 65.00
N GLY O 525 17.27 -8.62 63.76
CA GLY O 525 18.49 -9.32 63.43
C GLY O 525 19.25 -8.58 62.35
N SER O 526 20.55 -8.78 62.35
CA SER O 526 21.45 -8.11 61.41
C SER O 526 21.87 -9.11 60.35
N LYS O 527 21.55 -8.80 59.10
CA LYS O 527 21.94 -9.62 57.97
C LYS O 527 22.69 -8.76 56.97
N GLN O 528 23.47 -9.43 56.13
CA GLN O 528 24.31 -8.78 55.14
C GLN O 528 24.19 -9.51 53.82
N GLY O 529 24.26 -8.76 52.74
CA GLY O 529 24.19 -9.36 51.42
C GLY O 529 23.64 -8.38 50.41
N THR O 530 23.96 -8.66 49.14
CA THR O 530 23.41 -7.87 48.06
C THR O 530 21.89 -7.98 48.04
N SER O 531 21.35 -9.10 48.54
CA SER O 531 19.91 -9.26 48.63
C SER O 531 19.29 -8.28 49.60
N MET O 532 20.07 -7.64 50.46
CA MET O 532 19.55 -6.63 51.34
C MET O 532 19.95 -5.21 50.97
N ALA O 533 20.64 -5.02 49.86
CA ALA O 533 20.77 -3.69 49.30
C ALA O 533 19.57 -3.32 48.45
N SER O 534 18.97 -4.29 47.76
CA SER O 534 17.81 -4.00 46.93
C SER O 534 16.61 -3.43 47.71
N PRO O 535 16.29 -3.89 48.93
CA PRO O 535 15.13 -3.29 49.62
C PRO O 535 15.24 -1.80 49.84
N HIS O 536 16.45 -1.29 50.03
CA HIS O 536 16.61 0.16 50.13
C HIS O 536 16.15 0.84 48.85
N VAL O 537 16.54 0.30 47.70
CA VAL O 537 16.13 0.91 46.45
C VAL O 537 14.64 0.71 46.20
N ALA O 538 14.07 -0.40 46.67
CA ALA O 538 12.63 -0.59 46.55
C ALA O 538 11.87 0.44 47.37
N GLY O 539 12.32 0.69 48.59
CA GLY O 539 11.72 1.75 49.39
C GLY O 539 11.91 3.12 48.76
N ALA O 540 13.08 3.36 48.18
CA ALA O 540 13.32 4.62 47.50
C ALA O 540 12.37 4.78 46.32
N ALA O 541 12.15 3.72 45.56
CA ALA O 541 11.23 3.77 44.44
C ALA O 541 9.81 4.04 44.92
N ALA O 542 9.42 3.43 46.03
CA ALA O 542 8.09 3.70 46.58
C ALA O 542 7.95 5.17 46.97
N VAL O 543 8.97 5.72 47.64
CA VAL O 543 8.92 7.12 48.05
C VAL O 543 8.83 8.02 46.84
N ILE O 544 9.65 7.74 45.82
CA ILE O 544 9.64 8.57 44.62
C ILE O 544 8.30 8.48 43.92
N LYS O 545 7.74 7.28 43.81
CA LYS O 545 6.44 7.13 43.17
C LYS O 545 5.35 7.88 43.92
N GLN O 546 5.46 7.97 45.24
CA GLN O 546 4.55 8.85 45.95
C GLN O 546 4.82 10.31 45.60
N ALA O 547 6.09 10.68 45.47
CA ALA O 547 6.43 12.08 45.20
C ALA O 547 6.10 12.45 43.75
N LYS O 548 6.45 11.58 42.80
CA LYS O 548 6.20 11.81 41.39
C LYS O 548 5.23 10.75 40.88
N PRO O 549 3.92 10.98 40.97
CA PRO O 549 2.97 9.92 40.62
C PRO O 549 2.86 9.66 39.13
N LYS O 550 3.43 10.51 38.28
CA LYS O 550 3.30 10.36 36.84
C LYS O 550 4.49 9.67 36.20
N TRP O 551 5.53 9.37 36.95
CA TRP O 551 6.73 8.79 36.36
C TRP O 551 6.52 7.32 36.03
N SER O 552 7.01 6.91 34.88
CA SER O 552 6.97 5.53 34.44
C SER O 552 8.05 4.75 35.17
N PRO O 553 8.00 3.41 35.15
CA PRO O 553 9.09 2.64 35.79
C PRO O 553 10.46 2.97 35.23
N GLU O 554 10.58 3.19 33.93
CA GLU O 554 11.86 3.57 33.36
C GLU O 554 12.29 4.97 33.76
N GLN O 555 11.37 5.88 33.95
CA GLN O 555 11.70 7.21 34.45
C GLN O 555 12.20 7.16 35.87
N ILE O 556 11.62 6.31 36.73
CA ILE O 556 12.13 6.15 38.08
C ILE O 556 13.53 5.57 38.06
N LYS O 557 13.77 4.57 37.21
CA LYS O 557 15.09 4.00 37.10
C LYS O 557 16.10 5.03 36.66
N ALA O 558 15.74 5.86 35.67
CA ALA O 558 16.63 6.91 35.22
C ALA O 558 16.85 7.99 36.27
N ALA O 559 15.86 8.28 37.11
CA ALA O 559 16.03 9.27 38.15
C ALA O 559 16.89 8.78 39.30
N LEU O 560 16.73 7.53 39.71
CA LEU O 560 17.64 6.96 40.70
C LEU O 560 19.05 6.90 40.16
N MET O 561 19.20 6.49 38.91
CA MET O 561 20.53 6.26 38.36
C MET O 561 21.24 7.55 38.04
N ASN O 562 20.49 8.61 37.72
CA ASN O 562 21.09 9.88 37.34
C ASN O 562 21.70 10.58 38.54
N THR O 563 20.98 10.63 39.65
CA THR O 563 21.39 11.34 40.85
C THR O 563 21.94 10.32 41.83
N ALA O 564 23.20 9.94 41.62
CA ALA O 564 23.86 8.94 42.46
C ALA O 564 25.30 9.36 42.68
N GLU O 565 25.79 9.18 43.90
CA GLU O 565 27.13 9.61 44.26
C GLU O 565 28.15 8.54 43.92
N THR O 566 29.12 8.90 43.09
CA THR O 566 30.21 7.99 42.77
C THR O 566 31.01 7.66 44.02
N LEU O 567 31.47 6.42 44.10
CA LEU O 567 32.17 5.91 45.27
C LEU O 567 33.64 5.68 44.93
N THR O 568 34.52 6.17 45.79
CA THR O 568 35.94 5.91 45.67
C THR O 568 36.39 4.91 46.72
N ASP O 569 37.36 4.08 46.37
CA ASP O 569 37.84 3.05 47.28
C ASP O 569 38.80 3.68 48.29
N ALA O 570 39.50 2.82 49.04
CA ALA O 570 40.34 3.32 50.12
C ALA O 570 41.49 4.16 49.58
N ASP O 571 42.15 3.70 48.53
CA ASP O 571 43.31 4.42 48.01
C ASP O 571 42.91 5.78 47.42
N GLY O 572 41.74 5.83 46.80
CA GLY O 572 41.26 7.09 46.22
C GLY O 572 40.88 6.96 44.77
N ASP O 573 40.74 5.73 44.28
CA ASP O 573 40.37 5.48 42.91
C ASP O 573 38.88 5.20 42.82
N VAL O 574 38.23 5.77 41.80
CA VAL O 574 36.82 5.52 41.59
C VAL O 574 36.62 4.05 41.30
N TYR O 575 35.63 3.44 41.95
CA TYR O 575 35.32 2.05 41.69
C TYR O 575 34.91 1.88 40.23
N PRO O 576 35.27 0.75 39.62
CA PRO O 576 34.89 0.53 38.22
C PRO O 576 33.38 0.54 38.06
N HIS O 577 32.94 0.85 36.84
CA HIS O 577 31.51 0.97 36.59
C HIS O 577 30.79 -0.34 36.81
N ASN O 578 31.40 -1.47 36.44
CA ASN O 578 30.78 -2.75 36.78
C ASN O 578 31.21 -3.23 38.14
N ALA O 579 31.25 -2.30 39.09
CA ALA O 579 31.29 -2.60 40.50
C ALA O 579 30.43 -1.63 41.27
N GLN O 580 30.00 -0.55 40.65
CA GLN O 580 29.30 0.56 41.25
C GLN O 580 27.99 0.85 40.55
N GLY O 581 27.98 0.73 39.23
CA GLY O 581 26.83 1.05 38.42
C GLY O 581 26.73 2.53 38.15
N ALA O 582 26.27 3.27 39.14
CA ALA O 582 26.26 4.72 39.04
C ALA O 582 26.54 5.36 40.38
N GLY O 583 26.76 4.57 41.42
CA GLY O 583 27.00 5.07 42.76
C GLY O 583 25.85 4.71 43.68
N SER O 584 25.91 5.28 44.88
CA SER O 584 24.89 5.02 45.88
C SER O 584 23.67 5.91 45.61
N ILE O 585 22.49 5.39 45.93
CA ILE O 585 21.28 6.17 45.75
C ILE O 585 21.31 7.40 46.64
N ARG O 586 20.61 8.44 46.22
CA ARG O 586 20.34 9.61 47.04
C ARG O 586 18.88 9.97 46.80
N ILE O 587 18.01 9.55 47.72
CA ILE O 587 16.57 9.71 47.52
C ILE O 587 16.21 11.18 47.40
N MET O 588 16.87 12.03 48.18
CA MET O 588 16.51 13.44 48.18
C MET O 588 16.82 14.11 46.85
N LYS O 589 17.97 13.79 46.27
CA LYS O 589 18.29 14.34 44.96
C LYS O 589 17.35 13.80 43.89
N ALA O 590 17.02 12.52 43.97
CA ALA O 590 16.14 11.92 42.98
C ALA O 590 14.74 12.52 43.04
N ILE O 591 14.24 12.79 44.24
CA ILE O 591 12.91 13.35 44.40
C ILE O 591 12.82 14.75 43.81
N LYS O 592 13.91 15.51 43.86
CA LYS O 592 13.93 16.88 43.37
C LYS O 592 14.80 16.88 42.12
N ALA O 593 14.18 16.50 41.00
CA ALA O 593 14.89 16.39 39.74
C ALA O 593 13.92 16.76 38.62
N ASP O 594 14.26 17.82 37.89
CA ASP O 594 13.41 18.29 36.82
C ASP O 594 13.96 17.94 35.45
N SER O 595 15.03 17.17 35.38
CA SER O 595 15.59 16.73 34.11
C SER O 595 15.97 15.27 34.24
N LEU O 596 15.55 14.46 33.27
CA LEU O 596 15.84 13.02 33.29
C LEU O 596 16.60 12.65 32.03
N VAL O 597 17.73 11.98 32.20
CA VAL O 597 18.53 11.50 31.08
C VAL O 597 18.37 9.99 31.00
N ALA O 598 17.93 9.50 29.85
CA ALA O 598 17.68 8.09 29.66
C ALA O 598 18.31 7.60 28.37
N PRO O 599 18.89 6.40 28.36
CA PRO O 599 19.00 5.45 29.46
C PRO O 599 20.03 5.92 30.47
N GLY O 600 19.89 5.55 31.74
CA GLY O 600 20.81 6.02 32.74
C GLY O 600 22.23 5.56 32.53
N SER O 601 22.41 4.43 31.84
CA SER O 601 23.73 3.95 31.49
C SER O 601 23.63 3.25 30.15
N TYR O 602 24.67 3.38 29.33
CA TYR O 602 24.66 2.79 28.01
C TYR O 602 25.94 2.01 27.78
N SER O 603 25.83 0.96 26.97
CA SER O 603 26.98 0.13 26.63
C SER O 603 27.08 0.04 25.12
N TYR O 604 28.24 0.35 24.58
CA TYR O 604 28.41 0.38 23.14
C TYR O 604 28.68 -1.00 22.55
N GLY O 605 28.76 -2.03 23.38
CA GLY O 605 28.99 -3.35 22.85
C GLY O 605 30.47 -3.62 22.63
N THR O 606 30.76 -4.38 21.58
CA THR O 606 32.11 -4.81 21.29
C THR O 606 32.57 -4.26 19.94
N PHE O 607 33.88 -4.03 19.83
CA PHE O 607 34.51 -3.57 18.61
C PHE O 607 35.46 -4.67 18.16
N MET O 608 35.11 -5.35 17.07
CA MET O 608 35.81 -6.55 16.65
C MET O 608 36.72 -6.35 15.45
N LYS O 609 36.74 -5.15 14.85
CA LYS O 609 37.49 -4.95 13.63
C LYS O 609 38.98 -5.15 13.86
N ASP O 610 39.61 -5.91 12.97
CA ASP O 610 41.04 -6.16 13.07
C ASP O 610 41.85 -4.95 12.66
N LYS O 611 41.42 -4.24 11.62
CA LYS O 611 42.10 -3.04 11.16
C LYS O 611 41.07 -2.01 10.76
N GLY O 612 41.47 -0.75 10.80
CA GLY O 612 40.58 0.35 10.48
C GLY O 612 39.97 0.97 11.72
N ASN O 613 39.02 1.87 11.47
CA ASN O 613 38.33 2.58 12.53
C ASN O 613 36.87 2.19 12.52
N GLU O 614 36.32 1.93 13.70
CA GLU O 614 34.92 1.56 13.85
C GLU O 614 34.22 2.60 14.68
N THR O 615 33.08 3.07 14.20
CA THR O 615 32.32 4.14 14.83
C THR O 615 30.95 3.62 15.23
N LYS O 616 30.56 3.89 16.47
CA LYS O 616 29.22 3.60 16.95
C LYS O 616 28.63 4.85 17.54
N LYS O 617 27.30 4.91 17.61
CA LYS O 617 26.66 6.08 18.17
C LYS O 617 25.41 5.69 18.92
N GLU O 618 25.06 6.51 19.90
CA GLU O 618 23.89 6.31 20.73
C GLU O 618 23.15 7.62 20.85
N THR O 619 21.84 7.54 21.06
CA THR O 619 21.00 8.71 21.23
C THR O 619 20.43 8.68 22.65
N PHE O 620 20.96 9.54 23.51
CA PHE O 620 20.39 9.73 24.83
C PHE O 620 19.28 10.76 24.74
N THR O 621 18.32 10.63 25.65
CA THR O 621 17.13 11.46 25.66
C THR O 621 17.06 12.22 26.97
N ILE O 622 16.93 13.54 26.88
CA ILE O 622 16.82 14.41 28.04
C ILE O 622 15.41 14.95 28.09
N GLU O 623 14.72 14.67 29.18
CA GLU O 623 13.37 15.18 29.41
C GLU O 623 13.47 16.36 30.36
N ASN O 624 12.91 17.50 29.93
CA ASN O 624 12.94 18.74 30.69
C ASN O 624 11.61 18.85 31.42
N GLN O 625 11.56 18.29 32.63
CA GLN O 625 10.32 18.27 33.40
C GLN O 625 9.93 19.63 33.96
N SER O 626 10.80 20.62 33.85
CA SER O 626 10.53 21.92 34.45
C SER O 626 9.63 22.75 33.54
N SER O 627 9.27 23.93 34.02
CA SER O 627 8.39 24.84 33.30
C SER O 627 9.15 25.91 32.53
N ILE O 628 10.46 25.78 32.40
CA ILE O 628 11.33 26.80 31.85
C ILE O 628 12.24 26.16 30.82
N ARG O 629 12.47 26.86 29.71
CA ARG O 629 13.34 26.34 28.68
C ARG O 629 14.77 26.31 29.16
N LYS O 630 15.45 25.19 29.01
CA LYS O 630 16.78 25.02 29.58
C LYS O 630 17.78 24.63 28.50
N SER O 631 19.06 24.81 28.85
CA SER O 631 20.17 24.47 27.98
C SER O 631 21.05 23.47 28.69
N TYR O 632 21.19 22.28 28.13
CA TYR O 632 21.98 21.22 28.71
C TYR O 632 23.30 21.09 27.97
N GLN O 633 24.35 20.83 28.71
CA GLN O 633 25.72 20.79 28.21
C GLN O 633 26.31 19.42 28.45
N LEU O 634 26.87 18.83 27.40
CA LEU O 634 27.33 17.45 27.43
C LEU O 634 28.85 17.39 27.41
N GLU O 635 29.41 16.57 28.29
CA GLU O 635 30.83 16.28 28.30
C GLU O 635 31.03 14.78 28.19
N TYR O 636 31.67 14.34 27.14
CA TYR O 636 31.92 12.93 26.89
C TYR O 636 33.37 12.61 27.19
N SER O 637 33.60 11.51 27.91
CA SER O 637 34.96 11.08 28.20
C SER O 637 35.03 9.57 28.12
N PHE O 638 36.22 9.07 27.77
CA PHE O 638 36.51 7.65 27.81
C PHE O 638 37.95 7.45 28.26
N ASN O 639 38.17 6.43 29.07
CA ASN O 639 39.52 6.06 29.45
C ASN O 639 40.14 5.19 28.37
N GLY O 640 41.47 5.20 28.32
CA GLY O 640 42.14 4.39 27.32
C GLY O 640 42.44 5.16 26.05
N THR O 641 43.52 4.77 25.39
CA THR O 641 44.00 5.45 24.21
C THR O 641 43.39 4.83 22.96
N GLY O 642 43.27 5.65 21.92
CA GLY O 642 42.69 5.20 20.67
C GLY O 642 41.20 5.27 20.61
N ILE O 643 40.54 5.80 21.64
CA ILE O 643 39.10 5.96 21.68
C ILE O 643 38.79 7.45 21.67
N THR O 644 38.10 7.90 20.63
CA THR O 644 37.74 9.31 20.50
C THR O 644 36.24 9.44 20.60
N VAL O 645 35.78 10.33 21.47
CA VAL O 645 34.36 10.48 21.76
C VAL O 645 33.94 11.89 21.39
N SER O 646 32.77 12.01 20.79
CA SER O 646 32.26 13.30 20.36
C SER O 646 30.74 13.25 20.37
N GLY O 647 30.11 14.28 19.88
CA GLY O 647 28.67 14.32 19.77
C GLY O 647 28.14 15.68 20.08
N THR O 648 26.83 15.75 20.29
CA THR O 648 26.17 17.01 20.58
C THR O 648 26.66 17.63 21.87
N ASP O 649 27.36 18.75 21.75
CA ASP O 649 27.92 19.42 22.92
C ASP O 649 26.96 20.31 23.67
N ARG O 650 25.76 20.54 23.14
CA ARG O 650 24.79 21.42 23.79
C ARG O 650 23.44 21.22 23.14
N VAL O 651 22.40 21.14 23.95
CA VAL O 651 21.04 21.13 23.45
C VAL O 651 20.23 22.17 24.20
N VAL O 652 19.19 22.68 23.57
CA VAL O 652 18.24 23.57 24.20
C VAL O 652 16.88 22.88 24.11
N ILE O 653 16.25 22.67 25.26
CA ILE O 653 15.00 21.93 25.34
C ILE O 653 13.94 22.86 25.92
N PRO O 654 12.81 23.03 25.26
CA PRO O 654 11.74 23.86 25.82
C PRO O 654 11.11 23.22 27.04
N ALA O 655 10.19 23.92 27.68
CA ALA O 655 9.57 23.41 28.88
C ALA O 655 8.72 22.19 28.57
N HIS O 656 8.76 21.20 29.47
CA HIS O 656 7.92 20.02 29.37
C HIS O 656 8.08 19.33 28.02
N GLN O 657 9.33 19.22 27.58
CA GLN O 657 9.62 18.62 26.28
C GLN O 657 10.82 17.71 26.40
N THR O 658 11.33 17.29 25.25
CA THR O 658 12.34 16.25 25.17
C THR O 658 13.34 16.57 24.08
N GLY O 659 14.62 16.39 24.38
CA GLY O 659 15.67 16.59 23.41
C GLY O 659 16.52 15.33 23.30
N LYS O 660 17.23 15.24 22.17
CA LYS O 660 18.06 14.08 21.88
C LYS O 660 19.50 14.53 21.71
N VAL O 661 20.41 13.80 22.34
CA VAL O 661 21.84 14.05 22.20
C VAL O 661 22.47 12.82 21.58
N ASN O 662 23.27 13.02 20.53
CA ASN O 662 23.85 11.92 19.77
C ASN O 662 25.30 11.77 20.19
N ALA O 663 25.55 10.92 21.16
CA ALA O 663 26.92 10.59 21.54
C ALA O 663 27.50 9.64 20.50
N LYS O 664 28.78 9.79 20.22
CA LYS O 664 29.43 9.01 19.19
C LYS O 664 30.81 8.61 19.67
N VAL O 665 31.15 7.34 19.50
CA VAL O 665 32.45 6.82 19.90
C VAL O 665 33.12 6.24 18.68
N LYS O 666 34.44 6.38 18.61
CA LYS O 666 35.21 5.90 17.47
C LYS O 666 36.48 5.24 17.98
N VAL O 667 36.68 3.99 17.60
CA VAL O 667 37.79 3.18 18.08
C VAL O 667 38.72 2.90 16.91
N ASN O 668 39.99 3.24 17.09
CA ASN O 668 41.04 2.99 16.11
C ASN O 668 41.65 1.63 16.42
N ALA O 669 41.32 0.63 15.61
CA ALA O 669 41.76 -0.73 15.89
C ALA O 669 43.27 -0.87 15.90
N LYS O 670 43.99 0.04 15.26
CA LYS O 670 45.44 -0.08 15.19
C LYS O 670 46.13 0.44 16.44
N LYS O 671 45.42 1.16 17.31
CA LYS O 671 46.04 1.79 18.46
C LYS O 671 45.49 1.31 19.80
N VAL O 672 44.38 0.59 19.81
CA VAL O 672 43.67 0.27 21.05
C VAL O 672 44.05 -1.12 21.50
N LYS O 673 44.49 -1.24 22.75
CA LYS O 673 44.69 -2.54 23.36
C LYS O 673 43.35 -3.16 23.71
N ALA O 674 43.24 -4.47 23.53
CA ALA O 674 42.00 -5.16 23.84
C ALA O 674 41.71 -5.06 25.34
N GLY O 675 40.44 -4.95 25.66
CA GLY O 675 40.03 -4.83 27.05
C GLY O 675 38.71 -4.10 27.15
N THR O 676 38.28 -3.91 28.39
CA THR O 676 37.03 -3.24 28.69
C THR O 676 37.34 -1.83 29.16
N TYR O 677 36.77 -0.83 28.48
CA TYR O 677 37.01 0.57 28.78
C TYR O 677 35.72 1.22 29.25
N GLU O 678 35.84 2.08 30.25
CA GLU O 678 34.70 2.74 30.87
C GLU O 678 34.74 4.22 30.53
N GLY O 679 33.61 4.73 30.05
CA GLY O 679 33.48 6.14 29.76
C GLY O 679 32.36 6.75 30.57
N THR O 680 32.07 8.01 30.27
CA THR O 680 31.05 8.74 30.99
C THR O 680 30.53 9.88 30.14
N VAL O 681 29.22 10.08 30.16
CA VAL O 681 28.57 11.25 29.59
C VAL O 681 28.01 12.05 30.75
N THR O 682 28.49 13.28 30.90
CA THR O 682 28.06 14.15 31.99
C THR O 682 27.19 15.26 31.42
N VAL O 683 26.02 15.45 32.02
CA VAL O 683 25.05 16.44 31.59
C VAL O 683 24.97 17.51 32.66
N ARG O 684 25.24 18.75 32.27
CA ARG O 684 25.16 19.89 33.17
C ARG O 684 24.03 20.80 32.74
N GLU O 685 23.39 21.44 33.71
CA GLU O 685 22.32 22.38 33.41
C GLU O 685 22.32 23.46 34.48
N GLY O 686 22.64 24.69 34.08
CA GLY O 686 22.59 25.83 34.97
C GLY O 686 23.22 25.59 36.32
N GLY O 687 24.53 25.36 36.34
CA GLY O 687 25.19 25.09 37.59
C GLY O 687 25.28 23.60 37.87
N LYS O 688 24.31 23.11 38.63
CA LYS O 688 24.29 21.72 39.08
C LYS O 688 24.42 20.74 37.91
N THR O 689 24.93 19.56 38.24
CA THR O 689 25.01 18.44 37.31
C THR O 689 23.74 17.62 37.40
N VAL O 690 23.09 17.38 36.26
CA VAL O 690 21.82 16.67 36.28
C VAL O 690 21.97 15.18 36.07
N ALA O 691 23.08 14.72 35.52
CA ALA O 691 23.25 13.29 35.28
C ALA O 691 24.72 13.01 35.04
N LYS O 692 25.10 11.76 35.26
CA LYS O 692 26.44 11.25 34.94
C LYS O 692 26.22 9.84 34.43
N VAL O 693 26.11 9.71 33.11
CA VAL O 693 25.71 8.45 32.47
C VAL O 693 26.95 7.59 32.32
N PRO O 694 27.01 6.43 32.97
CA PRO O 694 28.16 5.53 32.77
C PRO O 694 28.05 4.81 31.43
N THR O 695 29.08 4.92 30.62
CA THR O 695 29.16 4.22 29.36
C THR O 695 30.28 3.21 29.39
N LEU O 696 30.26 2.27 28.45
CA LEU O 696 31.21 1.18 28.44
C LEU O 696 31.31 0.60 27.05
N LEU O 697 32.53 0.25 26.65
CA LEU O 697 32.74 -0.48 25.41
C LEU O 697 33.82 -1.52 25.64
N ILE O 698 33.80 -2.56 24.82
CA ILE O 698 34.73 -3.67 24.90
C ILE O 698 35.44 -3.80 23.56
N VAL O 699 36.74 -4.00 23.60
CA VAL O 699 37.54 -4.12 22.38
C VAL O 699 37.97 -5.57 22.23
N LYS O 700 37.84 -6.08 21.00
CA LYS O 700 38.10 -7.49 20.67
C LYS O 700 37.14 -8.34 21.49
N GLU O 701 37.56 -9.50 21.96
CA GLU O 701 36.67 -10.43 22.65
C GLU O 701 36.63 -10.12 24.14
N PRO O 702 35.44 -10.09 24.73
CA PRO O 702 35.33 -9.85 26.16
C PRO O 702 36.00 -10.97 26.95
N ASP O 703 36.49 -10.62 28.13
CA ASP O 703 37.21 -11.57 28.97
C ASP O 703 36.27 -12.24 29.99
N TYR O 704 35.20 -12.78 29.48
CA TYR O 704 34.29 -13.49 30.36
C TYR O 704 34.84 -14.87 30.68
N PRO O 705 34.40 -15.47 31.77
CA PRO O 705 34.77 -16.86 32.05
C PRO O 705 34.26 -17.76 30.94
N ARG O 706 35.16 -18.53 30.33
CA ARG O 706 34.75 -19.39 29.23
C ARG O 706 33.88 -20.53 29.71
N VAL O 707 34.04 -20.97 30.94
CA VAL O 707 33.17 -21.96 31.56
C VAL O 707 32.80 -21.45 32.94
N THR O 708 31.52 -21.56 33.28
CA THR O 708 31.00 -20.95 34.50
C THR O 708 30.78 -21.95 35.61
N SER O 709 30.08 -23.05 35.34
CA SER O 709 29.77 -24.02 36.36
C SER O 709 29.90 -25.43 35.80
N ILE O 710 30.26 -26.35 36.68
CA ILE O 710 30.35 -27.76 36.37
C ILE O 710 29.88 -28.56 37.58
N ASP O 711 29.09 -29.60 37.32
CA ASP O 711 28.74 -30.55 38.37
C ASP O 711 28.67 -31.95 37.80
N VAL O 712 28.87 -32.94 38.66
CA VAL O 712 28.88 -34.34 38.28
C VAL O 712 27.84 -35.07 39.11
N GLN O 713 26.94 -35.77 38.45
CA GLN O 713 25.93 -36.57 39.13
C GLN O 713 26.00 -38.00 38.62
N ASP O 714 25.33 -38.90 39.33
CA ASP O 714 25.30 -40.29 38.90
C ASP O 714 24.41 -40.43 37.69
N GLY O 715 24.85 -41.25 36.73
CA GLY O 715 24.09 -41.44 35.52
C GLY O 715 22.93 -42.39 35.70
N THR O 716 22.12 -42.49 34.64
CA THR O 716 21.00 -43.43 34.66
C THR O 716 21.47 -44.87 34.78
N THR O 717 22.69 -45.17 34.34
CA THR O 717 23.27 -46.50 34.45
C THR O 717 24.25 -46.51 35.61
N GLN O 718 24.14 -47.52 36.46
CA GLN O 718 25.03 -47.63 37.61
C GLN O 718 26.48 -47.74 37.15
N GLY O 719 27.36 -47.01 37.84
CA GLY O 719 28.77 -46.97 37.50
C GLY O 719 29.16 -45.87 36.55
N THR O 720 28.21 -45.21 35.90
CA THR O 720 28.48 -44.11 34.99
C THR O 720 28.06 -42.79 35.60
N TYR O 721 28.47 -41.71 34.96
CA TYR O 721 28.28 -40.38 35.50
C TYR O 721 27.82 -39.44 34.39
N GLN O 722 27.15 -38.36 34.78
CA GLN O 722 26.77 -37.29 33.89
C GLN O 722 27.43 -36.00 34.36
N ILE O 723 28.09 -35.31 33.44
CA ILE O 723 28.75 -34.05 33.72
C ILE O 723 27.91 -32.96 33.06
N GLU O 724 27.45 -32.01 33.86
CA GLU O 724 26.69 -30.88 33.37
C GLU O 724 27.51 -29.63 33.56
N THR O 725 27.73 -28.89 32.47
CA THR O 725 28.54 -27.69 32.50
C THR O 725 27.81 -26.58 31.78
N TYR O 726 28.17 -25.34 32.09
CA TYR O 726 27.58 -24.18 31.44
C TYR O 726 28.66 -23.39 30.74
N LEU O 727 28.51 -23.23 29.42
CA LEU O 727 29.47 -22.48 28.62
C LEU O 727 28.82 -21.20 28.13
N PRO O 728 29.21 -20.04 28.65
CA PRO O 728 28.51 -18.80 28.27
C PRO O 728 28.52 -18.51 26.79
N ALA O 729 29.58 -18.86 26.06
CA ALA O 729 29.61 -18.59 24.64
C ALA O 729 30.19 -19.76 23.86
N GLY O 730 29.98 -20.97 24.33
CA GLY O 730 30.53 -22.13 23.67
C GLY O 730 31.99 -22.32 24.03
N ALA O 731 32.60 -23.32 23.41
CA ALA O 731 33.99 -23.61 23.69
C ALA O 731 34.62 -24.24 22.46
N GLU O 732 35.72 -23.65 21.99
CA GLU O 732 36.50 -24.29 20.94
C GLU O 732 37.06 -25.62 21.42
N GLU O 733 37.50 -25.67 22.67
CA GLU O 733 37.99 -26.92 23.25
C GLU O 733 37.53 -27.01 24.69
N LEU O 734 37.11 -28.20 25.11
CA LEU O 734 36.63 -28.41 26.46
C LEU O 734 37.25 -29.70 27.00
N ALA O 735 37.80 -29.62 28.20
CA ALA O 735 38.49 -30.76 28.78
C ALA O 735 38.04 -30.96 30.22
N PHE O 736 37.75 -32.20 30.57
CA PHE O 736 37.41 -32.57 31.93
C PHE O 736 38.55 -33.39 32.50
N LEU O 737 39.13 -32.93 33.60
CA LEU O 737 40.25 -33.55 34.28
C LEU O 737 39.82 -33.97 35.68
N VAL O 738 40.42 -35.03 36.19
CA VAL O 738 40.03 -35.61 37.47
C VAL O 738 41.16 -35.47 38.47
N TYR O 739 40.82 -35.08 39.69
CA TYR O 739 41.76 -34.91 40.78
C TYR O 739 41.32 -35.75 41.97
N ASP O 740 42.29 -36.24 42.73
CA ASP O 740 41.96 -37.04 43.90
C ASP O 740 41.54 -36.12 45.04
N SER O 741 41.27 -36.72 46.20
CA SER O 741 40.88 -35.93 47.37
C SER O 741 42.00 -35.00 47.81
N ASN O 742 43.25 -35.33 47.50
CA ASN O 742 44.38 -34.47 47.82
C ASN O 742 44.68 -33.47 46.71
N LEU O 743 43.77 -33.33 45.75
CA LEU O 743 43.93 -32.40 44.64
C LEU O 743 45.20 -32.71 43.83
N ASP O 744 45.46 -34.00 43.63
CA ASP O 744 46.55 -34.47 42.80
C ASP O 744 45.98 -34.90 41.46
N PHE O 745 46.60 -34.46 40.37
CA PHE O 745 46.07 -34.73 39.05
C PHE O 745 46.08 -36.22 38.75
N VAL O 746 44.90 -36.84 38.78
CA VAL O 746 44.82 -38.27 38.48
C VAL O 746 44.91 -38.52 36.98
N GLY O 747 44.15 -37.76 36.19
CA GLY O 747 44.19 -37.95 34.76
C GLY O 747 43.14 -37.12 34.07
N GLN O 748 42.84 -37.51 32.83
CA GLN O 748 42.01 -36.74 31.92
C GLN O 748 40.72 -37.49 31.64
N ALA O 749 39.62 -36.97 32.16
CA ALA O 749 38.32 -37.61 31.97
C ALA O 749 37.89 -37.58 30.51
N GLY O 750 37.81 -36.39 29.93
CA GLY O 750 37.27 -36.28 28.58
C GLY O 750 37.76 -35.07 27.83
N ILE O 751 37.73 -35.18 26.50
CA ILE O 751 38.09 -34.11 25.59
C ILE O 751 36.96 -33.92 24.59
N TYR O 752 36.63 -32.67 24.30
CA TYR O 752 35.57 -32.35 23.35
C TYR O 752 35.94 -31.09 22.60
N LYS O 753 35.42 -30.96 21.38
CA LYS O 753 35.70 -29.82 20.53
C LYS O 753 34.40 -29.25 19.99
N LYS O 754 34.41 -27.94 19.74
CA LYS O 754 33.34 -27.25 19.05
C LYS O 754 32.01 -27.47 19.75
N GLN O 755 31.93 -27.00 20.99
CA GLN O 755 30.74 -27.16 21.80
C GLN O 755 29.85 -25.93 21.66
N ASP O 756 28.54 -26.17 21.64
CA ASP O 756 27.58 -25.09 21.54
C ASP O 756 27.39 -24.42 22.90
N LYS O 757 27.01 -23.15 22.87
CA LYS O 757 26.87 -22.40 24.10
C LYS O 757 25.61 -22.82 24.84
N GLY O 758 25.60 -22.54 26.13
CA GLY O 758 24.48 -22.90 26.98
C GLY O 758 24.84 -24.03 27.92
N TYR O 759 23.86 -24.85 28.26
CA TYR O 759 24.09 -26.02 29.11
C TYR O 759 24.49 -27.20 28.25
N GLN O 760 25.59 -27.85 28.62
CA GLN O 760 26.09 -29.01 27.92
C GLN O 760 26.16 -30.18 28.87
N TYR O 761 25.77 -31.36 28.39
CA TYR O 761 25.77 -32.58 29.17
C TYR O 761 26.64 -33.62 28.48
N PHE O 762 27.48 -34.29 29.26
CA PHE O 762 28.39 -35.30 28.73
C PHE O 762 28.31 -36.54 29.59
N ASP O 763 28.20 -37.69 28.95
CA ASP O 763 28.23 -38.96 29.67
C ASP O 763 29.67 -39.41 29.85
N TRP O 764 30.02 -39.79 31.06
CA TRP O 764 31.37 -40.21 31.39
C TRP O 764 31.32 -41.58 32.04
N ASN O 765 32.08 -42.52 31.49
CA ASN O 765 32.05 -43.89 31.96
C ASN O 765 32.90 -44.12 33.20
N GLY O 766 33.39 -43.06 33.83
CA GLY O 766 34.17 -43.22 35.04
C GLY O 766 35.60 -43.65 34.82
N LYS O 767 36.07 -43.71 33.58
CA LYS O 767 37.39 -44.21 33.27
C LYS O 767 38.26 -43.06 32.76
N VAL O 768 39.53 -43.09 33.14
CA VAL O 768 40.43 -41.95 33.01
C VAL O 768 41.46 -42.23 31.92
N ASN O 769 41.79 -41.18 31.17
CA ASN O 769 42.80 -41.24 30.11
C ASN O 769 42.44 -42.25 29.03
N GLY O 770 41.23 -42.78 29.08
CA GLY O 770 40.86 -43.85 28.19
C GLY O 770 41.18 -45.19 28.81
N ASP O 771 40.15 -45.99 29.06
CA ASP O 771 40.21 -47.40 29.46
C ASP O 771 40.92 -47.66 30.78
N THR O 772 41.26 -46.61 31.54
CA THR O 772 41.86 -46.78 32.86
C THR O 772 40.81 -46.45 33.92
N ALA O 773 40.42 -47.45 34.71
CA ALA O 773 39.37 -47.27 35.70
C ALA O 773 39.93 -46.65 36.97
N LEU O 774 39.13 -45.76 37.57
CA LEU O 774 39.55 -45.10 38.79
C LEU O 774 39.45 -46.04 39.98
N PRO O 775 40.34 -45.90 40.95
CA PRO O 775 40.14 -46.56 42.25
C PRO O 775 39.03 -45.87 43.02
N ALA O 776 38.43 -46.62 43.95
CA ALA O 776 37.34 -46.09 44.74
C ALA O 776 37.83 -44.99 45.66
N GLY O 777 37.03 -43.93 45.79
CA GLY O 777 37.40 -42.82 46.64
C GLY O 777 36.58 -41.59 46.29
N GLU O 778 37.12 -40.44 46.69
CA GLU O 778 36.47 -39.15 46.51
C GLU O 778 37.29 -38.31 45.53
N TYR O 779 36.61 -37.70 44.56
CA TYR O 779 37.30 -37.04 43.47
C TYR O 779 36.68 -35.69 43.17
N TYR O 780 37.50 -34.82 42.58
CA TYR O 780 37.08 -33.53 42.08
C TYR O 780 37.26 -33.54 40.57
N MET O 781 36.50 -32.71 39.87
CA MET O 781 36.66 -32.58 38.44
C MET O 781 36.83 -31.12 38.07
N LEU O 782 37.78 -30.87 37.16
CA LEU O 782 38.09 -29.54 36.68
C LEU O 782 37.67 -29.46 35.21
N ALA O 783 36.90 -28.44 34.89
CA ALA O 783 36.52 -28.16 33.51
C ALA O 783 37.40 -27.03 33.00
N TYR O 784 38.07 -27.27 31.88
CA TYR O 784 38.93 -26.29 31.24
C TYR O 784 38.34 -26.02 29.86
N ALA O 785 37.87 -24.80 29.65
CA ALA O 785 37.27 -24.42 28.39
C ALA O 785 38.09 -23.32 27.74
N ALA O 786 38.42 -23.50 26.47
CA ALA O 786 39.15 -22.52 25.70
C ALA O 786 38.30 -22.08 24.53
N ASN O 787 38.16 -20.77 24.37
CA ASN O 787 37.30 -20.20 23.34
C ASN O 787 37.84 -18.83 22.97
N LYS O 788 37.91 -18.56 21.67
CA LYS O 788 38.19 -17.23 21.13
C LYS O 788 39.40 -16.58 21.78
N GLY O 789 40.44 -17.38 21.96
CA GLY O 789 41.71 -16.85 22.43
C GLY O 789 41.82 -16.64 23.92
N LYS O 790 40.90 -17.17 24.71
CA LYS O 790 41.08 -17.15 26.16
C LYS O 790 40.55 -18.44 26.73
N SER O 791 41.13 -18.86 27.85
CA SER O 791 40.75 -20.10 28.48
C SER O 791 40.41 -19.84 29.94
N SER O 792 39.47 -20.62 30.45
CA SER O 792 39.03 -20.51 31.83
C SER O 792 38.86 -21.92 32.37
N GLN O 793 38.82 -22.02 33.70
CA GLN O 793 38.66 -23.31 34.35
C GLN O 793 37.80 -23.14 35.57
N VAL O 794 37.14 -24.22 35.95
CA VAL O 794 36.29 -24.22 37.13
C VAL O 794 36.32 -25.60 37.76
N LEU O 795 36.42 -25.64 39.09
CA LEU O 795 36.54 -26.88 39.83
C LEU O 795 35.22 -27.21 40.53
N THR O 796 34.87 -28.49 40.53
CA THR O 796 33.65 -28.94 41.20
C THR O 796 33.86 -28.93 42.71
N GLU O 797 33.13 -28.06 43.40
CA GLU O 797 33.00 -28.23 44.83
C GLU O 797 32.08 -29.42 45.11
N LYS O 798 32.07 -29.86 46.38
CA LYS O 798 31.30 -31.03 46.77
C LYS O 798 31.74 -32.24 45.95
N PRO O 799 32.91 -32.81 46.28
CA PRO O 799 33.49 -33.86 45.43
C PRO O 799 32.55 -35.04 45.25
N PHE O 800 32.60 -35.64 44.06
CA PHE O 800 31.81 -36.82 43.76
C PHE O 800 32.58 -38.08 44.13
N ILE O 801 31.84 -39.16 44.33
CA ILE O 801 32.37 -40.41 44.90
C ILE O 801 32.38 -41.48 43.82
N ILE O 802 33.48 -42.20 43.73
CA ILE O 802 33.58 -43.35 42.84
C ILE O 802 33.19 -44.62 43.57
N MET P 158 20.81 62.69 30.25
CA MET P 158 20.06 62.41 29.04
C MET P 158 20.14 63.56 28.05
N ASP P 159 20.64 64.70 28.54
CA ASP P 159 20.83 65.86 27.68
C ASP P 159 22.25 65.97 27.14
N ASP P 160 23.17 65.12 27.58
CA ASP P 160 24.54 65.12 27.09
C ASP P 160 24.97 63.79 26.49
N SER P 161 24.44 62.67 26.99
CA SER P 161 24.83 61.38 26.45
C SER P 161 24.20 61.12 25.09
N ALA P 162 22.92 61.46 24.93
CA ALA P 162 22.27 61.28 23.63
C ALA P 162 22.94 62.08 22.51
N PRO P 163 23.31 63.36 22.69
CA PRO P 163 24.12 64.01 21.65
C PRO P 163 25.43 63.29 21.40
N TYR P 164 26.03 62.71 22.43
CA TYR P 164 27.32 62.06 22.26
C TYR P 164 27.22 60.82 21.39
N ILE P 165 26.24 59.96 21.67
CA ILE P 165 26.11 58.74 20.87
C ILE P 165 25.56 59.03 19.49
N GLY P 166 24.97 60.20 19.27
CA GLY P 166 24.51 60.59 17.96
C GLY P 166 23.01 60.51 17.80
N ALA P 167 22.28 60.67 18.90
CA ALA P 167 20.82 60.55 18.85
C ALA P 167 20.19 61.73 18.10
N ASN P 168 20.63 62.95 18.43
CA ASN P 168 20.02 64.13 17.80
C ASN P 168 20.25 64.13 16.30
N ASP P 169 21.45 63.76 15.86
CA ASP P 169 21.72 63.72 14.43
C ASP P 169 20.80 62.74 13.73
N ALA P 170 20.53 61.60 14.36
CA ALA P 170 19.56 60.67 13.80
C ALA P 170 18.16 61.26 13.78
N TRP P 171 17.81 62.03 14.81
CA TRP P 171 16.49 62.65 14.85
C TRP P 171 16.29 63.60 13.67
N LYS P 172 17.30 64.43 13.39
CA LYS P 172 17.17 65.36 12.27
C LYS P 172 17.11 64.64 10.94
N LEU P 173 17.48 63.37 10.88
CA LEU P 173 17.25 62.55 9.70
C LEU P 173 15.88 61.90 9.70
N GLY P 174 15.09 62.13 10.75
CA GLY P 174 13.76 61.58 10.86
C GLY P 174 13.69 60.27 11.63
N TYR P 175 14.83 59.66 11.92
CA TYR P 175 14.85 58.37 12.60
C TYR P 175 14.76 58.61 14.10
N THR P 176 13.57 58.41 14.65
CA THR P 176 13.34 58.56 16.08
C THR P 176 12.78 57.32 16.74
N GLY P 177 12.71 56.20 16.02
CA GLY P 177 12.18 54.98 16.58
C GLY P 177 10.70 54.77 16.42
N LYS P 178 10.04 55.57 15.59
CA LYS P 178 8.60 55.46 15.43
C LYS P 178 8.23 54.09 14.87
N GLY P 179 7.24 53.45 15.50
CA GLY P 179 6.76 52.16 15.10
C GLY P 179 7.47 51.00 15.76
N VAL P 180 8.64 51.26 16.32
CA VAL P 180 9.40 50.23 17.01
C VAL P 180 8.88 50.09 18.43
N LYS P 181 8.79 48.85 18.91
CA LYS P 181 8.23 48.55 20.21
C LYS P 181 9.34 48.04 21.11
N VAL P 182 9.53 48.69 22.25
CA VAL P 182 10.59 48.37 23.18
C VAL P 182 9.99 47.88 24.49
N ALA P 183 10.45 46.73 24.96
CA ALA P 183 10.02 46.15 26.22
C ALA P 183 11.10 46.40 27.27
N ILE P 184 10.67 46.74 28.48
CA ILE P 184 11.56 47.07 29.58
C ILE P 184 11.30 46.06 30.68
N ILE P 185 12.13 45.03 30.79
CA ILE P 185 11.96 44.03 31.83
C ILE P 185 12.77 44.47 33.04
N ASP P 186 12.13 45.20 33.94
CA ASP P 186 12.75 45.74 35.14
C ASP P 186 11.71 45.73 36.25
N THR P 187 11.93 46.54 37.27
CA THR P 187 11.04 46.62 38.43
C THR P 187 9.71 47.27 38.11
N GLY P 188 9.39 47.51 36.85
CA GLY P 188 8.17 48.17 36.47
C GLY P 188 8.41 49.63 36.12
N VAL P 189 7.44 50.20 35.42
CA VAL P 189 7.55 51.56 34.89
C VAL P 189 6.36 52.36 35.36
N GLU P 190 6.61 53.57 35.86
CA GLU P 190 5.55 54.51 36.19
C GLU P 190 5.07 55.13 34.88
N TYR P 191 4.07 54.51 34.27
CA TYR P 191 3.56 54.97 32.98
C TYR P 191 2.57 56.12 33.13
N LYS P 192 2.90 57.09 33.96
CA LYS P 192 2.09 58.30 34.08
C LYS P 192 2.96 59.53 34.16
N HIS P 193 4.28 59.35 34.16
CA HIS P 193 5.19 60.47 34.04
C HIS P 193 4.87 61.22 32.76
N PRO P 194 4.73 62.54 32.80
CA PRO P 194 4.36 63.28 31.58
C PRO P 194 5.32 63.05 30.44
N ASP P 195 6.58 62.74 30.72
CA ASP P 195 7.55 62.44 29.67
C ASP P 195 7.36 61.05 29.09
N LEU P 196 6.66 60.15 29.78
CA LEU P 196 6.45 58.79 29.31
C LEU P 196 5.01 58.50 28.94
N LYS P 197 4.09 59.45 29.15
CA LYS P 197 2.68 59.16 29.01
C LYS P 197 2.32 58.77 27.59
N LYS P 198 2.81 59.52 26.60
CA LYS P 198 2.39 59.31 25.23
C LYS P 198 3.17 58.21 24.53
N ASN P 199 4.26 57.73 25.11
CA ASN P 199 5.00 56.63 24.52
C ASN P 199 4.40 55.27 24.87
N PHE P 200 3.53 55.21 25.86
CA PHE P 200 2.87 53.97 26.22
C PHE P 200 1.57 53.82 25.43
N GLY P 201 1.36 52.65 24.86
CA GLY P 201 0.14 52.40 24.13
C GLY P 201 -1.01 52.12 25.07
N GLN P 202 -2.07 51.49 24.55
CA GLN P 202 -3.21 51.17 25.41
C GLN P 202 -2.81 50.11 26.42
N TYR P 203 -2.25 49.01 25.93
CA TYR P 203 -1.80 47.93 26.80
C TYR P 203 -0.38 48.23 27.28
N LYS P 204 -0.23 48.44 28.58
CA LYS P 204 1.03 48.91 29.13
C LYS P 204 2.04 47.80 29.38
N GLY P 205 1.57 46.60 29.65
CA GLY P 205 2.47 45.51 29.92
C GLY P 205 1.86 44.57 30.95
N TYR P 206 2.73 43.88 31.66
CA TYR P 206 2.30 42.90 32.64
C TYR P 206 3.15 42.99 33.90
N ASP P 207 2.59 42.51 35.00
CA ASP P 207 3.21 42.60 36.31
C ASP P 207 3.30 41.18 36.86
N PHE P 208 4.45 40.54 36.69
CA PHE P 208 4.60 39.14 37.05
C PHE P 208 4.73 38.92 38.54
N VAL P 209 5.24 39.88 39.30
CA VAL P 209 5.35 39.71 40.74
C VAL P 209 4.01 39.89 41.43
N ASP P 210 3.00 40.39 40.72
CA ASP P 210 1.68 40.58 41.29
C ASP P 210 0.57 39.95 40.46
N ASN P 211 0.86 39.58 39.21
CA ASN P 211 -0.11 38.91 38.33
C ASN P 211 -1.32 39.82 38.06
N ASP P 212 -1.04 41.05 37.67
CA ASP P 212 -2.08 41.97 37.21
C ASP P 212 -1.51 42.76 36.05
N TYR P 213 -2.40 43.49 35.37
CA TYR P 213 -2.03 44.24 34.18
C TYR P 213 -1.65 45.68 34.51
N ASP P 214 -1.13 45.91 35.71
CA ASP P 214 -0.72 47.23 36.17
C ASP P 214 0.75 47.16 36.57
N PRO P 215 1.66 47.38 35.63
CA PRO P 215 3.10 47.28 35.91
C PRO P 215 3.67 48.53 36.57
N GLU P 216 2.97 49.05 37.57
CA GLU P 216 3.45 50.19 38.33
C GLU P 216 4.64 49.79 39.18
N GLU P 217 5.49 50.77 39.49
CA GLU P 217 6.62 50.51 40.36
C GLU P 217 6.13 50.17 41.77
N THR P 218 7.04 49.65 42.58
CA THR P 218 6.70 49.30 43.95
C THR P 218 6.43 50.57 44.75
N PRO P 219 5.26 50.69 45.37
CA PRO P 219 4.96 51.92 46.11
C PRO P 219 5.79 52.02 47.38
N SER P 220 5.79 53.20 48.00
CA SER P 220 6.45 53.35 49.29
C SER P 220 5.62 52.69 50.38
N GLY P 221 6.30 52.06 51.32
CA GLY P 221 5.63 51.37 52.39
C GLY P 221 5.04 50.04 51.96
N ASP P 222 5.89 49.16 51.44
CA ASP P 222 5.48 47.82 51.04
C ASP P 222 6.09 46.81 52.00
N PRO P 223 5.30 45.95 52.62
CA PRO P 223 5.87 44.98 53.58
C PRO P 223 6.95 44.10 52.98
N ARG P 224 6.84 43.73 51.70
CA ARG P 224 7.78 42.79 51.11
C ARG P 224 9.12 43.40 50.75
N GLY P 225 9.23 44.73 50.71
CA GLY P 225 10.48 45.35 50.35
C GLY P 225 10.46 46.86 50.33
N ALA P 226 11.27 47.47 49.48
CA ALA P 226 11.38 48.92 49.39
C ALA P 226 10.91 49.40 48.03
N SER P 227 10.52 50.67 47.97
CA SER P 227 10.05 51.25 46.72
C SER P 227 11.18 51.28 45.70
N THR P 228 10.80 51.20 44.42
CA THR P 228 11.76 51.10 43.34
C THR P 228 11.53 52.21 42.33
N ASP P 229 12.60 52.62 41.65
CA ASP P 229 12.52 53.59 40.58
C ASP P 229 13.43 53.25 39.41
N HIS P 230 13.98 52.04 39.38
CA HIS P 230 14.93 51.67 38.34
C HIS P 230 14.27 51.61 36.98
N GLY P 231 13.09 50.97 36.89
CA GLY P 231 12.45 50.77 35.62
C GLY P 231 12.02 52.07 34.96
N THR P 232 11.48 53.00 35.74
CA THR P 232 11.08 54.27 35.17
C THR P 232 12.28 55.04 34.63
N HIS P 233 13.40 54.99 35.36
CA HIS P 233 14.60 55.65 34.89
C HIS P 233 15.08 55.04 33.58
N VAL P 234 15.06 53.70 33.50
CA VAL P 234 15.47 53.03 32.27
C VAL P 234 14.56 53.41 31.12
N ALA P 235 13.24 53.40 31.35
CA ALA P 235 12.30 53.75 30.30
C ALA P 235 12.46 55.19 29.84
N GLY P 236 12.71 56.12 30.76
CA GLY P 236 12.99 57.48 30.36
C GLY P 236 14.26 57.60 29.55
N THR P 237 15.28 56.82 29.89
CA THR P 237 16.49 56.84 29.10
C THR P 237 16.23 56.34 27.68
N VAL P 238 15.43 55.28 27.55
CA VAL P 238 15.18 54.71 26.23
C VAL P 238 14.36 55.68 25.39
N ALA P 239 13.15 55.99 25.83
CA ALA P 239 12.23 56.76 25.00
C ALA P 239 11.38 57.64 25.92
N ALA P 240 11.84 58.87 26.14
CA ALA P 240 11.08 59.87 26.89
C ALA P 240 10.93 61.09 26.00
N ASN P 241 9.69 61.54 25.83
CA ASN P 241 9.41 62.71 25.00
C ASN P 241 8.89 63.82 25.90
N GLY P 242 9.57 64.96 25.88
CA GLY P 242 9.17 66.08 26.70
C GLY P 242 10.34 66.89 27.18
N THR P 243 10.38 67.17 28.49
CA THR P 243 11.50 67.92 29.06
C THR P 243 12.81 67.19 28.86
N ILE P 244 12.83 65.89 29.09
CA ILE P 244 13.97 65.04 28.80
C ILE P 244 13.65 64.22 27.57
N LYS P 245 14.59 64.15 26.63
CA LYS P 245 14.39 63.41 25.38
C LYS P 245 15.24 62.16 25.42
N GLY P 246 14.60 61.00 25.35
CA GLY P 246 15.29 59.74 25.33
C GLY P 246 16.00 59.52 24.01
N VAL P 247 16.68 58.39 23.91
CA VAL P 247 17.46 58.11 22.70
C VAL P 247 16.54 57.95 21.50
N ALA P 248 15.39 57.33 21.69
CA ALA P 248 14.43 57.08 20.61
C ALA P 248 13.06 57.60 21.04
N PRO P 249 12.87 58.90 21.07
CA PRO P 249 11.67 59.45 21.70
C PRO P 249 10.44 59.35 20.83
N ASP P 250 10.24 58.20 20.19
CA ASP P 250 9.01 57.94 19.47
C ASP P 250 8.61 56.47 19.55
N ALA P 251 9.37 55.65 20.26
CA ALA P 251 9.11 54.23 20.32
C ALA P 251 8.02 53.91 21.32
N THR P 252 7.20 52.92 20.99
CA THR P 252 6.22 52.42 21.94
C THR P 252 6.92 51.63 23.03
N LEU P 253 6.36 51.67 24.23
CA LEU P 253 6.98 51.04 25.38
C LEU P 253 6.05 50.00 25.97
N LEU P 254 6.63 48.93 26.49
CA LEU P 254 5.91 47.93 27.26
C LEU P 254 6.67 47.69 28.55
N ALA P 255 5.94 47.66 29.67
CA ALA P 255 6.55 47.45 30.97
C ALA P 255 6.24 46.05 31.48
N TYR P 256 7.26 45.39 32.02
CA TYR P 256 7.10 44.04 32.53
C TYR P 256 7.75 44.01 33.91
N ARG P 257 6.92 44.06 34.94
CA ARG P 257 7.42 44.06 36.31
C ARG P 257 7.75 42.63 36.70
N VAL P 258 9.03 42.27 36.62
CA VAL P 258 9.50 40.96 37.04
C VAL P 258 10.31 41.01 38.32
N LEU P 259 10.86 42.15 38.68
CA LEU P 259 11.62 42.31 39.91
C LEU P 259 10.71 42.89 40.97
N GLY P 260 10.54 42.17 42.07
CA GLY P 260 9.63 42.58 43.10
C GLY P 260 10.18 43.72 43.92
N PRO P 261 9.53 44.02 45.03
CA PRO P 261 10.03 45.07 45.93
C PRO P 261 11.44 44.75 46.40
N GLY P 262 12.28 45.78 46.46
CA GLY P 262 13.67 45.63 46.81
C GLY P 262 14.59 45.37 45.64
N GLY P 263 14.04 45.15 44.46
CA GLY P 263 14.83 44.90 43.28
C GLY P 263 15.23 43.47 43.04
N SER P 264 14.66 42.52 43.78
CA SER P 264 15.00 41.12 43.66
C SER P 264 13.86 40.37 42.99
N GLY P 265 14.22 39.47 42.07
CA GLY P 265 13.22 38.71 41.36
C GLY P 265 13.66 37.31 41.01
N THR P 266 12.71 36.37 40.99
CA THR P 266 13.03 35.00 40.66
C THR P 266 13.43 34.87 39.20
N THR P 267 14.27 33.88 38.92
CA THR P 267 14.66 33.62 37.53
C THR P 267 13.47 33.25 36.67
N GLU P 268 12.54 32.48 37.23
CA GLU P 268 11.35 32.11 36.48
C GLU P 268 10.53 33.31 36.06
N ASN P 269 10.41 34.32 36.91
CA ASN P 269 9.73 35.55 36.53
C ASN P 269 10.43 36.27 35.40
N VAL P 270 11.77 36.30 35.40
CA VAL P 270 12.47 36.96 34.31
C VAL P 270 12.29 36.20 33.00
N ILE P 271 12.31 34.86 33.05
CA ILE P 271 12.07 34.08 31.85
C ILE P 271 10.66 34.33 31.33
N ALA P 272 9.68 34.37 32.25
CA ALA P 272 8.32 34.65 31.85
C ALA P 272 8.19 36.03 31.22
N GLY P 273 8.89 37.02 31.78
CA GLY P 273 8.88 38.35 31.23
C GLY P 273 9.45 38.40 29.84
N ILE P 274 10.57 37.70 29.63
CA ILE P 274 11.18 37.67 28.30
C ILE P 274 10.23 37.03 27.29
N GLU P 275 9.65 35.89 27.65
CA GLU P 275 8.74 35.21 26.74
C GLU P 275 7.49 36.02 26.46
N ARG P 276 6.94 36.69 27.47
CA ARG P 276 5.77 37.52 27.25
C ARG P 276 6.09 38.75 26.41
N ALA P 277 7.30 39.30 26.56
CA ALA P 277 7.72 40.39 25.69
C ALA P 277 7.85 39.94 24.25
N VAL P 278 8.31 38.71 24.03
CA VAL P 278 8.33 38.17 22.68
C VAL P 278 6.91 37.98 22.16
N GLN P 279 5.99 37.54 23.03
CA GLN P 279 4.58 37.42 22.64
C GLN P 279 4.05 38.75 22.16
N ASP P 280 4.25 39.80 22.93
CA ASP P 280 3.61 41.08 22.69
C ASP P 280 4.18 41.83 21.50
N GLY P 281 5.03 41.19 20.71
CA GLY P 281 5.54 41.81 19.51
C GLY P 281 6.62 42.83 19.72
N ALA P 282 7.25 42.87 20.89
CA ALA P 282 8.33 43.81 21.13
C ALA P 282 9.46 43.57 20.15
N ASP P 283 9.93 44.64 19.52
CA ASP P 283 11.05 44.53 18.59
C ASP P 283 12.39 44.65 19.29
N VAL P 284 12.46 45.44 20.37
CA VAL P 284 13.68 45.59 21.14
C VAL P 284 13.36 45.26 22.58
N MET P 285 14.30 44.61 23.26
CA MET P 285 14.11 44.15 24.62
C MET P 285 15.24 44.69 25.47
N ASN P 286 14.93 45.14 26.68
CA ASN P 286 15.94 45.72 27.56
C ASN P 286 15.92 45.01 28.91
N LEU P 287 17.07 44.47 29.28
CA LEU P 287 17.27 43.81 30.57
C LEU P 287 18.40 44.50 31.32
N SER P 288 18.01 45.32 32.30
CA SER P 288 18.96 45.97 33.19
C SER P 288 19.06 45.26 34.53
N LEU P 289 18.74 43.98 34.55
CA LEU P 289 18.88 43.12 35.72
C LEU P 289 20.04 42.18 35.51
N GLY P 290 20.26 41.30 36.49
CA GLY P 290 21.27 40.28 36.34
C GLY P 290 21.96 39.90 37.63
N ASN P 291 22.28 38.63 37.78
CA ASN P 291 23.04 38.16 38.93
C ASN P 291 24.53 38.21 38.57
N SER P 292 25.37 37.58 39.38
CA SER P 292 26.82 37.65 39.18
C SER P 292 27.41 36.27 39.00
N VAL P 293 26.78 35.43 38.20
CA VAL P 293 27.29 34.10 37.88
C VAL P 293 27.79 34.13 36.45
N ASN P 294 29.09 33.96 36.27
CA ASN P 294 29.71 33.97 34.94
C ASN P 294 29.47 32.61 34.28
N ASN P 295 28.23 32.39 33.88
CA ASN P 295 27.84 31.14 33.22
C ASN P 295 27.08 31.49 31.95
N PRO P 296 27.56 31.12 30.78
CA PRO P 296 26.83 31.43 29.54
C PRO P 296 25.56 30.64 29.38
N ASP P 297 25.36 29.59 30.15
CA ASP P 297 24.19 28.73 30.03
C ASP P 297 23.30 28.85 31.26
N TRP P 298 23.18 30.06 31.80
CA TRP P 298 22.17 30.30 32.80
C TRP P 298 20.80 30.32 32.14
N ALA P 299 19.76 30.17 32.95
CA ALA P 299 18.41 30.12 32.39
C ALA P 299 18.05 31.43 31.71
N THR P 300 18.41 32.56 32.31
CA THR P 300 18.12 33.86 31.71
C THR P 300 18.91 34.08 30.42
N SER P 301 20.10 33.49 30.31
CA SER P 301 20.85 33.59 29.07
C SER P 301 20.29 32.69 27.98
N THR P 302 19.83 31.49 28.33
CA THR P 302 19.16 30.66 27.35
C THR P 302 17.88 31.31 26.85
N ALA P 303 17.11 31.91 27.75
CA ALA P 303 15.91 32.63 27.34
C ALA P 303 16.25 33.80 26.44
N LEU P 304 17.35 34.48 26.69
CA LEU P 304 17.75 35.60 25.84
C LEU P 304 18.26 35.15 24.49
N ASP P 305 18.85 33.96 24.40
CA ASP P 305 19.21 33.38 23.11
C ASP P 305 18.02 32.80 22.38
N TRP P 306 16.93 32.49 23.08
CA TRP P 306 15.72 32.10 22.38
C TRP P 306 15.13 33.26 21.60
N ALA P 307 14.98 34.41 22.25
CA ALA P 307 14.87 35.64 21.51
C ALA P 307 16.19 35.92 20.81
N MET P 308 16.21 36.94 19.96
CA MET P 308 17.32 37.20 19.04
C MET P 308 17.35 36.10 18.00
N SER P 309 16.49 35.10 18.17
CA SER P 309 16.16 34.15 17.11
C SER P 309 14.69 34.18 16.76
N GLU P 310 13.82 34.64 17.65
CA GLU P 310 12.47 35.01 17.29
C GLU P 310 12.40 36.49 16.93
N GLY P 311 13.36 36.94 16.14
CA GLY P 311 13.36 38.28 15.60
C GLY P 311 13.28 39.42 16.59
N VAL P 312 13.79 39.25 17.81
CA VAL P 312 13.71 40.29 18.83
C VAL P 312 15.12 40.61 19.31
N THR P 313 15.57 41.83 19.06
CA THR P 313 16.87 42.27 19.55
C THR P 313 16.83 42.36 21.07
N ALA P 314 17.89 41.89 21.72
CA ALA P 314 17.95 41.81 23.18
C ALA P 314 19.20 42.53 23.66
N VAL P 315 19.00 43.62 24.39
CA VAL P 315 20.09 44.41 24.95
C VAL P 315 20.07 44.25 26.45
N THR P 316 21.22 43.93 27.03
CA THR P 316 21.31 43.66 28.45
C THR P 316 22.54 44.35 29.03
N SER P 317 22.46 44.63 30.32
CA SER P 317 23.60 45.20 31.01
C SER P 317 24.66 44.14 31.24
N ASN P 318 25.91 44.59 31.29
CA ASN P 318 27.02 43.69 31.58
C ASN P 318 27.11 43.31 33.04
N GLY P 319 26.58 44.13 33.94
CA GLY P 319 26.70 43.92 35.36
C GLY P 319 27.56 44.99 36.02
N ASN P 320 27.46 45.04 37.34
CA ASN P 320 28.11 46.07 38.14
C ASN P 320 29.12 45.41 39.07
N SER P 321 30.32 45.19 38.55
CA SER P 321 31.40 44.63 39.35
C SER P 321 32.69 45.38 39.04
N GLY P 322 33.54 45.53 40.05
CA GLY P 322 34.71 46.35 39.95
C GLY P 322 35.63 45.93 38.84
N PRO P 323 36.71 46.66 38.65
CA PRO P 323 37.58 46.36 37.50
C PRO P 323 38.29 45.04 37.72
N ASN P 324 37.79 44.01 37.06
CA ASN P 324 38.26 42.64 37.28
C ASN P 324 37.72 41.75 36.18
N ASN P 325 38.59 40.99 35.55
CA ASN P 325 38.14 40.12 34.49
C ASN P 325 37.29 38.99 35.06
N TRP P 326 36.47 38.40 34.19
CA TRP P 326 35.63 37.25 34.54
C TRP P 326 34.56 37.60 35.55
N THR P 327 34.03 38.81 35.51
CA THR P 327 32.99 39.22 36.45
C THR P 327 31.68 39.58 35.76
N VAL P 328 31.49 39.17 34.51
CA VAL P 328 30.29 39.53 33.78
C VAL P 328 29.11 38.72 34.31
N GLY P 329 27.94 39.35 34.35
CA GLY P 329 26.77 38.75 34.97
C GLY P 329 26.12 37.69 34.12
N SER P 330 25.02 37.13 34.65
CA SER P 330 24.43 35.93 34.03
C SER P 330 23.70 36.23 32.74
N PRO P 331 22.68 37.11 32.70
CA PRO P 331 22.04 37.39 31.42
C PRO P 331 22.97 38.06 30.43
N GLY P 332 24.01 38.73 30.91
CA GLY P 332 24.94 39.39 30.03
C GLY P 332 26.05 38.49 29.55
N THR P 333 25.93 37.19 29.80
CA THR P 333 26.84 36.20 29.26
C THR P 333 26.25 35.44 28.08
N SER P 334 25.04 35.81 27.66
CA SER P 334 24.39 35.09 26.58
C SER P 334 25.17 35.24 25.29
N ARG P 335 25.16 34.19 24.48
CA ARG P 335 25.94 34.19 23.26
C ARG P 335 25.40 35.16 22.22
N GLU P 336 24.08 35.34 22.17
CA GLU P 336 23.45 36.21 21.18
C GLU P 336 22.63 37.26 21.92
N ALA P 337 23.29 38.33 22.33
CA ALA P 337 22.61 39.47 22.94
C ALA P 337 23.64 40.57 23.09
N ILE P 338 23.21 41.82 22.90
CA ILE P 338 24.13 42.93 23.01
C ILE P 338 24.30 43.27 24.48
N SER P 339 25.47 42.96 25.03
CA SER P 339 25.80 43.31 26.40
C SER P 339 26.53 44.64 26.40
N VAL P 340 26.15 45.52 27.30
CA VAL P 340 26.61 46.90 27.30
C VAL P 340 27.38 47.19 28.58
N GLY P 341 28.55 47.77 28.43
CA GLY P 341 29.31 48.31 29.54
C GLY P 341 29.10 49.81 29.66
N ALA P 342 29.57 50.36 30.78
CA ALA P 342 29.32 51.75 31.12
C ALA P 342 30.57 52.59 30.92
N THR P 343 30.38 53.80 30.39
CA THR P 343 31.47 54.73 30.17
C THR P 343 31.16 56.07 30.82
N GLN P 344 32.22 56.82 31.08
CA GLN P 344 32.10 58.19 31.58
C GLN P 344 32.28 59.15 30.41
N LEU P 345 31.39 60.13 30.31
CA LEU P 345 31.49 61.11 29.24
C LEU P 345 32.73 61.97 29.45
N PRO P 346 33.28 62.52 28.37
CA PRO P 346 34.51 63.33 28.49
C PRO P 346 34.28 64.53 29.41
N LEU P 347 35.02 64.56 30.51
CA LEU P 347 34.90 65.62 31.50
C LEU P 347 36.23 66.34 31.63
N ASN P 348 36.15 67.62 32.03
CA ASN P 348 37.32 68.46 32.14
C ASN P 348 37.92 68.41 33.54
N LYS P 477 43.32 69.01 33.16
CA LYS P 477 43.53 67.94 32.19
C LYS P 477 42.22 67.32 31.75
N SER P 478 41.67 67.81 30.64
CA SER P 478 40.45 67.26 30.07
C SER P 478 40.67 65.83 29.59
N LEU P 479 39.76 64.94 29.96
CA LEU P 479 39.84 63.54 29.60
C LEU P 479 38.83 63.21 28.50
N THR P 480 39.17 62.19 27.71
CA THR P 480 38.25 61.67 26.72
C THR P 480 37.29 60.69 27.40
N GLU P 481 36.54 59.95 26.61
CA GLU P 481 35.63 58.96 27.19
C GLU P 481 36.42 57.87 27.89
N GLN P 482 35.88 57.42 29.01
CA GLN P 482 36.59 56.45 29.85
C GLN P 482 35.59 55.46 30.40
N MET P 483 35.98 54.19 30.48
CA MET P 483 35.09 53.21 31.06
C MET P 483 35.03 53.37 32.57
N ALA P 484 33.82 53.28 33.11
CA ALA P 484 33.65 53.31 34.55
C ALA P 484 34.27 52.07 35.17
N ASP P 485 34.69 52.20 36.43
CA ASP P 485 35.39 51.12 37.11
C ASP P 485 34.45 50.16 37.82
N PHE P 486 33.15 50.24 37.55
CA PHE P 486 32.23 49.27 38.08
C PHE P 486 31.62 48.38 37.01
N SER P 487 31.95 48.59 35.75
CA SER P 487 31.44 47.72 34.70
C SER P 487 32.06 46.34 34.83
N SER P 488 31.23 45.32 34.74
CA SER P 488 31.74 43.97 34.73
C SER P 488 32.56 43.73 33.47
N ARG P 489 33.54 42.85 33.57
CA ARG P 489 34.45 42.59 32.48
C ARG P 489 34.47 41.12 32.15
N GLY P 490 34.66 40.82 30.87
CA GLY P 490 34.72 39.45 30.43
C GLY P 490 36.06 38.84 30.72
N PRO P 491 36.36 37.70 30.09
CA PRO P 491 35.55 36.95 29.13
C PRO P 491 34.48 36.12 29.80
N VAL P 492 33.62 35.50 29.01
CA VAL P 492 32.66 34.56 29.57
C VAL P 492 33.33 33.21 29.81
N MET P 493 32.96 32.56 30.91
CA MET P 493 33.51 31.25 31.21
C MET P 493 32.95 30.22 30.25
N ASP P 494 33.77 29.22 29.92
CA ASP P 494 33.36 28.04 29.17
C ASP P 494 33.09 28.35 27.70
N THR P 495 33.07 29.64 27.34
CA THR P 495 33.02 30.03 25.93
C THR P 495 34.08 31.06 25.58
N TRP P 496 34.69 31.72 26.56
CA TRP P 496 35.80 32.65 26.33
C TRP P 496 35.39 33.77 25.39
N MET P 497 34.11 34.08 25.35
CA MET P 497 33.60 35.13 24.48
C MET P 497 33.94 36.49 25.06
N ILE P 498 34.21 37.46 24.17
CA ILE P 498 34.55 38.80 24.61
C ILE P 498 33.29 39.52 25.05
N LYS P 499 33.29 40.01 26.28
CA LYS P 499 32.19 40.82 26.79
C LYS P 499 32.76 41.93 27.64
N PRO P 500 32.12 43.11 27.67
CA PRO P 500 30.84 43.49 27.08
C PRO P 500 30.88 43.50 25.57
N ASP P 501 29.75 43.47 24.89
CA ASP P 501 29.79 43.59 23.45
C ASP P 501 30.06 45.03 23.01
N VAL P 502 29.37 45.99 23.62
CA VAL P 502 29.58 47.40 23.31
C VAL P 502 29.52 48.17 24.62
N SER P 503 30.13 49.35 24.65
CA SER P 503 29.99 50.23 25.79
C SER P 503 29.17 51.47 25.40
N ALA P 504 28.58 52.10 26.41
CA ALA P 504 27.71 53.25 26.20
C ALA P 504 27.77 54.13 27.44
N PRO P 505 27.37 55.39 27.34
CA PRO P 505 27.40 56.27 28.51
C PRO P 505 26.49 55.75 29.61
N GLY P 506 27.07 55.51 30.78
CA GLY P 506 26.31 54.98 31.88
C GLY P 506 26.67 55.52 33.24
N VAL P 507 27.28 56.70 33.28
CA VAL P 507 27.67 57.35 34.52
C VAL P 507 26.98 58.69 34.61
N ASN P 508 26.28 58.94 35.71
CA ASN P 508 25.59 60.19 35.96
C ASN P 508 24.58 60.49 34.85
N ILE P 509 23.60 59.60 34.72
CA ILE P 509 22.55 59.73 33.72
C ILE P 509 21.31 60.23 34.44
N VAL P 510 20.79 61.36 34.00
CA VAL P 510 19.57 61.92 34.57
C VAL P 510 18.40 61.49 33.71
N SER P 511 17.31 61.08 34.35
CA SER P 511 16.16 60.59 33.62
C SER P 511 14.95 60.59 34.55
N THR P 512 13.80 60.23 33.98
CA THR P 512 12.55 60.32 34.70
C THR P 512 12.49 59.29 35.83
N ILE P 513 12.05 59.73 37.00
CA ILE P 513 11.85 58.84 38.14
C ILE P 513 10.52 59.15 38.80
N PRO P 514 9.92 58.21 39.52
CA PRO P 514 8.86 58.56 40.45
C PRO P 514 9.44 59.00 41.76
N THR P 515 8.93 60.12 42.28
CA THR P 515 9.39 60.62 43.57
C THR P 515 8.75 59.89 44.74
N HIS P 516 7.74 59.05 44.47
CA HIS P 516 7.01 58.34 45.51
C HIS P 516 6.46 59.30 46.55
N ASP P 517 6.04 60.47 46.07
CA ASP P 517 5.46 61.51 46.90
C ASP P 517 4.10 61.87 46.33
N PRO P 518 3.01 61.69 47.07
CA PRO P 518 1.69 62.06 46.54
C PRO P 518 1.58 63.52 46.14
N ALA P 519 2.35 64.41 46.74
CA ALA P 519 2.30 65.83 46.39
C ALA P 519 2.74 66.05 44.95
N ASP P 520 3.83 65.42 44.54
CA ASP P 520 4.28 65.45 43.15
C ASP P 520 4.97 64.13 42.84
N PRO P 521 4.30 63.23 42.13
CA PRO P 521 4.82 61.86 42.01
C PRO P 521 5.90 61.69 40.98
N TYR P 522 6.11 62.66 40.08
CA TYR P 522 7.04 62.51 38.98
C TYR P 522 8.16 63.54 39.10
N GLY P 523 9.38 63.12 38.78
CA GLY P 523 10.50 64.03 38.82
C GLY P 523 11.64 63.47 38.00
N TYR P 524 12.82 64.05 38.19
CA TYR P 524 14.01 63.60 37.50
C TYR P 524 15.10 63.28 38.50
N GLY P 525 15.88 62.26 38.19
CA GLY P 525 16.93 61.83 39.09
C GLY P 525 18.10 61.30 38.30
N SER P 526 19.27 61.39 38.93
CA SER P 526 20.53 60.97 38.31
C SER P 526 20.95 59.65 38.93
N LYS P 527 21.07 58.62 38.09
CA LYS P 527 21.53 57.32 38.52
C LYS P 527 22.71 56.91 37.66
N GLN P 528 23.50 55.98 38.20
CA GLN P 528 24.71 55.51 37.57
C GLN P 528 24.76 53.99 37.67
N GLY P 529 25.31 53.36 36.65
CA GLY P 529 25.44 51.92 36.66
C GLY P 529 25.46 51.36 35.25
N THR P 530 26.03 50.16 35.14
CA THR P 530 26.00 49.45 33.87
C THR P 530 24.57 49.18 33.44
N SER P 531 23.65 49.07 34.40
CA SER P 531 22.25 48.88 34.07
C SER P 531 21.65 50.08 33.37
N MET P 532 22.32 51.22 33.40
CA MET P 532 21.85 52.39 32.67
C MET P 532 22.68 52.73 31.45
N ALA P 533 23.67 51.91 31.12
CA ALA P 533 24.28 52.01 29.80
C ALA P 533 23.48 51.25 28.76
N SER P 534 22.87 50.14 29.13
CA SER P 534 22.08 49.36 28.18
C SER P 534 20.91 50.12 27.57
N PRO P 535 20.17 50.97 28.30
CA PRO P 535 19.06 51.67 27.65
C PRO P 535 19.49 52.54 26.48
N HIS P 536 20.69 53.10 26.51
CA HIS P 536 21.18 53.84 25.35
C HIS P 536 21.26 52.94 24.13
N VAL P 537 21.79 51.73 24.31
CA VAL P 537 21.91 50.82 23.19
C VAL P 537 20.54 50.31 22.76
N ALA P 538 19.60 50.16 23.70
CA ALA P 538 18.25 49.78 23.32
C ALA P 538 17.59 50.85 22.47
N GLY P 539 17.74 52.11 22.85
CA GLY P 539 17.24 53.19 22.02
C GLY P 539 17.92 53.25 20.68
N ALA P 540 19.24 53.01 20.66
CA ALA P 540 19.96 52.97 19.40
C ALA P 540 19.45 51.88 18.50
N ALA P 541 19.17 50.70 19.07
CA ALA P 541 18.63 49.60 18.29
C ALA P 541 17.25 49.94 17.75
N ALA P 542 16.42 50.61 18.55
CA ALA P 542 15.12 51.03 18.06
C ALA P 542 15.25 52.00 16.89
N VAL P 543 16.16 52.97 17.02
CA VAL P 543 16.36 53.95 15.94
C VAL P 543 16.84 53.24 14.68
N ILE P 544 17.80 52.33 14.83
CA ILE P 544 18.33 51.61 13.67
C ILE P 544 17.24 50.77 13.03
N LYS P 545 16.44 50.08 13.83
CA LYS P 545 15.37 49.26 13.28
C LYS P 545 14.36 50.11 12.53
N GLN P 546 14.12 51.33 12.98
CA GLN P 546 13.30 52.23 12.17
C GLN P 546 14.02 52.58 10.86
N ALA P 547 15.34 52.81 10.93
CA ALA P 547 16.08 53.20 9.75
C ALA P 547 16.26 52.04 8.79
N LYS P 548 16.61 50.87 9.30
CA LYS P 548 16.83 49.67 8.49
C LYS P 548 15.80 48.63 8.89
N PRO P 549 14.61 48.62 8.28
CA PRO P 549 13.55 47.71 8.74
C PRO P 549 13.78 46.27 8.38
N LYS P 550 14.76 45.96 7.53
CA LYS P 550 14.98 44.59 7.08
C LYS P 550 16.09 43.88 7.85
N TRP P 551 16.78 44.57 8.75
CA TRP P 551 17.90 43.97 9.44
C TRP P 551 17.42 43.01 10.52
N SER P 552 18.08 41.86 10.61
CA SER P 552 17.81 40.86 11.64
C SER P 552 18.42 41.32 12.96
N PRO P 553 18.04 40.72 14.09
CA PRO P 553 18.68 41.11 15.35
C PRO P 553 20.19 40.94 15.33
N GLU P 554 20.70 39.90 14.70
CA GLU P 554 22.15 39.73 14.60
C GLU P 554 22.80 40.76 13.71
N GLN P 555 22.11 41.19 12.65
CA GLN P 555 22.62 42.26 11.81
C GLN P 555 22.69 43.58 12.54
N ILE P 556 21.71 43.89 13.39
CA ILE P 556 21.78 45.10 14.20
C ILE P 556 22.94 45.02 15.18
N LYS P 557 23.13 43.86 15.81
CA LYS P 557 24.25 43.70 16.72
C LYS P 557 25.58 43.89 16.01
N ALA P 558 25.70 43.32 14.82
CA ALA P 558 26.92 43.50 14.04
C ALA P 558 27.12 44.93 13.57
N ALA P 559 26.05 45.67 13.30
CA ALA P 559 26.18 47.05 12.88
C ALA P 559 26.55 47.99 14.02
N LEU P 560 25.96 47.78 15.20
CA LEU P 560 26.40 48.55 16.36
C LEU P 560 27.84 48.23 16.71
N MET P 561 28.22 46.96 16.64
CA MET P 561 29.53 46.56 17.10
C MET P 561 30.61 46.93 16.10
N ASN P 562 30.26 47.00 14.82
CA ASN P 562 31.26 47.30 13.79
C ASN P 562 31.68 48.76 13.84
N THR P 563 30.72 49.67 13.94
CA THR P 563 30.96 51.10 13.92
C THR P 563 30.94 51.61 15.36
N ALA P 564 32.07 51.43 16.03
CA ALA P 564 32.20 51.84 17.42
C ALA P 564 33.59 52.40 17.65
N GLU P 565 33.68 53.48 18.42
CA GLU P 565 34.93 54.19 18.64
C GLU P 565 35.69 53.55 19.79
N THR P 566 36.92 53.10 19.51
CA THR P 566 37.78 52.58 20.56
C THR P 566 38.11 53.66 21.57
N LEU P 567 38.20 53.26 22.83
CA LEU P 567 38.40 54.17 23.95
C LEU P 567 39.80 53.98 24.51
N THR P 568 40.50 55.08 24.72
CA THR P 568 41.80 55.05 25.38
C THR P 568 41.67 55.62 26.78
N ASP P 569 42.46 55.07 27.70
CA ASP P 569 42.39 55.51 29.10
C ASP P 569 43.17 56.82 29.26
N ALA P 570 43.40 57.21 30.51
CA ALA P 570 44.03 58.50 30.77
C ALA P 570 45.45 58.56 30.24
N ASP P 571 46.24 57.50 30.47
CA ASP P 571 47.64 57.51 30.05
C ASP P 571 47.76 57.53 28.54
N GLY P 572 46.86 56.83 27.85
CA GLY P 572 46.89 56.80 26.40
C GLY P 572 46.89 55.40 25.84
N ASP P 573 46.58 54.42 26.67
CA ASP P 573 46.54 53.03 26.26
C ASP P 573 45.10 52.63 25.95
N VAL P 574 44.93 51.88 24.86
CA VAL P 574 43.61 51.38 24.53
C VAL P 574 43.13 50.44 25.62
N TYR P 575 41.88 50.62 26.04
CA TYR P 575 41.31 49.75 27.04
C TYR P 575 41.27 48.32 26.51
N PRO P 576 41.48 47.33 27.38
CA PRO P 576 41.46 45.94 26.93
C PRO P 576 40.10 45.60 26.34
N HIS P 577 40.10 44.58 25.48
CA HIS P 577 38.86 44.20 24.79
C HIS P 577 37.79 43.74 25.76
N ASN P 578 38.17 43.01 26.81
CA ASN P 578 37.19 42.66 27.82
C ASN P 578 37.10 43.73 28.88
N ALA P 579 37.12 44.98 28.45
CA ALA P 579 36.70 46.12 29.24
C ALA P 579 35.93 47.10 28.39
N GLN P 580 35.99 46.96 27.08
CA GLN P 580 35.45 47.87 26.10
C GLN P 580 34.50 47.20 25.14
N GLY P 581 34.81 45.97 24.75
CA GLY P 581 34.05 45.23 23.78
C GLY P 581 34.41 45.62 22.38
N ALA P 582 33.90 46.76 21.94
CA ALA P 582 34.28 47.29 20.64
C ALA P 582 34.34 48.81 20.69
N GLY P 583 34.07 49.41 21.82
CA GLY P 583 34.06 50.85 21.96
C GLY P 583 32.66 51.36 22.23
N SER P 584 32.53 52.68 22.20
CA SER P 584 31.25 53.33 22.43
C SER P 584 30.42 53.30 21.16
N ILE P 585 29.10 53.19 21.31
CA ILE P 585 28.21 53.20 20.16
C ILE P 585 28.32 54.54 19.43
N ARG P 586 28.05 54.51 18.13
CA ARG P 586 27.88 55.72 17.33
C ARG P 586 26.67 55.46 16.43
N ILE P 587 25.51 55.97 16.84
CA ILE P 587 24.28 55.65 16.13
C ILE P 587 24.34 56.13 14.69
N MET P 588 24.96 57.30 14.47
CA MET P 588 24.98 57.86 13.13
C MET P 588 25.79 57.00 12.16
N LYS P 589 26.95 56.52 12.62
CA LYS P 589 27.74 55.63 11.78
C LYS P 589 27.01 54.31 11.53
N ALA P 590 26.35 53.78 12.56
CA ALA P 590 25.65 52.51 12.40
C ALA P 590 24.49 52.64 11.42
N ILE P 591 23.77 53.75 11.46
CA ILE P 591 22.63 53.96 10.58
C ILE P 591 23.08 54.02 9.12
N LYS P 592 24.26 54.55 8.85
CA LYS P 592 24.77 54.71 7.49
C LYS P 592 25.90 53.71 7.34
N ALA P 593 25.54 52.47 7.05
CA ALA P 593 26.49 51.40 6.91
C ALA P 593 26.00 50.43 5.86
N ASP P 594 26.77 50.28 4.79
CA ASP P 594 26.40 49.41 3.69
C ASP P 594 27.18 48.12 3.67
N SER P 595 28.00 47.87 4.69
CA SER P 595 28.76 46.64 4.80
C SER P 595 28.70 46.17 6.23
N LEU P 596 28.36 44.90 6.44
CA LEU P 596 28.27 44.34 7.78
C LEU P 596 29.21 43.15 7.91
N VAL P 597 30.05 43.16 8.94
CA VAL P 597 30.97 42.07 9.21
C VAL P 597 30.46 41.33 10.43
N ALA P 598 30.23 40.03 10.28
CA ALA P 598 29.69 39.21 11.34
C ALA P 598 30.51 37.94 11.50
N PRO P 599 30.75 37.49 12.73
CA PRO P 599 30.30 38.07 14.00
C PRO P 599 31.11 39.32 14.32
N GLY P 600 30.54 40.26 15.07
CA GLY P 600 31.26 41.49 15.34
C GLY P 600 32.50 41.30 16.15
N SER P 601 32.57 40.22 16.93
CA SER P 601 33.78 39.89 17.68
C SER P 601 33.86 38.37 17.75
N TYR P 602 35.07 37.85 17.69
CA TYR P 602 35.28 36.42 17.71
C TYR P 602 36.33 36.04 18.74
N SER P 603 36.18 34.86 19.31
CA SER P 603 37.13 34.35 20.29
C SER P 603 37.59 32.98 19.85
N TYR P 604 38.91 32.80 19.78
CA TYR P 604 39.46 31.56 19.29
C TYR P 604 39.51 30.48 20.35
N GLY P 605 39.10 30.77 21.58
CA GLY P 605 39.12 29.75 22.62
C GLY P 605 40.49 29.65 23.26
N THR P 606 40.85 28.43 23.63
CA THR P 606 42.07 28.16 24.37
C THR P 606 43.00 27.27 23.55
N PHE P 607 44.30 27.45 23.77
CA PHE P 607 45.33 26.65 23.13
C PHE P 607 46.06 25.91 24.24
N MET P 608 45.86 24.59 24.31
CA MET P 608 46.31 23.79 25.44
C MET P 608 47.53 22.94 25.13
N LYS P 609 48.01 22.94 23.89
CA LYS P 609 49.10 22.04 23.51
C LYS P 609 50.36 22.37 24.30
N ASP P 610 50.99 21.32 24.83
CA ASP P 610 52.23 21.50 25.58
C ASP P 610 53.41 21.78 24.66
N LYS P 611 53.46 21.10 23.51
CA LYS P 611 54.52 21.31 22.54
C LYS P 611 53.93 21.25 21.14
N GLY P 612 54.62 21.89 20.21
CA GLY P 612 54.16 21.95 18.84
C GLY P 612 53.42 23.25 18.55
N ASN P 613 52.84 23.29 17.35
CA ASN P 613 52.09 24.44 16.89
C ASN P 613 50.63 24.06 16.73
N GLU P 614 49.74 24.93 17.19
CA GLU P 614 48.31 24.70 17.09
C GLU P 614 47.69 25.80 16.24
N THR P 615 46.88 25.40 15.27
CA THR P 615 46.28 26.34 14.33
C THR P 615 44.77 26.28 14.45
N LYS P 616 44.14 27.44 14.54
CA LYS P 616 42.70 27.55 14.51
C LYS P 616 42.30 28.54 13.44
N LYS P 617 41.06 28.44 12.97
CA LYS P 617 40.62 29.36 11.93
C LYS P 617 39.16 29.68 12.13
N GLU P 618 38.77 30.87 11.66
CA GLU P 618 37.41 31.34 11.73
C GLU P 618 37.03 31.93 10.39
N THR P 619 35.73 31.89 10.08
CA THR P 619 35.21 32.45 8.84
C THR P 619 34.30 33.61 9.20
N PHE P 620 34.77 34.82 8.95
CA PHE P 620 33.94 36.00 9.08
C PHE P 620 33.17 36.21 7.78
N THR P 621 32.02 36.84 7.89
CA THR P 621 31.12 37.04 6.77
C THR P 621 30.89 38.53 6.56
N ILE P 622 31.14 39.00 5.35
CA ILE P 622 30.95 40.39 4.99
C ILE P 622 29.76 40.48 4.05
N GLU P 623 28.75 41.24 4.45
CA GLU P 623 27.56 41.47 3.65
C GLU P 623 27.70 42.84 3.00
N ASN P 624 27.59 42.88 1.67
CA ASN P 624 27.72 44.10 0.89
C ASN P 624 26.33 44.62 0.60
N GLN P 625 25.81 45.43 1.51
CA GLN P 625 24.44 45.92 1.39
C GLN P 625 24.28 46.96 0.29
N SER P 626 25.37 47.43 -0.31
CA SER P 626 25.29 48.48 -1.30
C SER P 626 24.91 47.90 -2.66
N SER P 627 24.75 48.80 -3.64
CA SER P 627 24.36 48.43 -4.99
C SER P 627 25.53 48.32 -5.93
N ILE P 628 26.75 48.32 -5.41
CA ILE P 628 27.97 48.40 -6.21
C ILE P 628 28.93 47.33 -5.72
N ARG P 629 29.62 46.68 -6.65
CA ARG P 629 30.57 45.64 -6.28
C ARG P 629 31.77 46.28 -5.59
N LYS P 630 32.15 45.75 -4.44
CA LYS P 630 33.19 46.37 -3.62
C LYS P 630 34.31 45.38 -3.34
N SER P 631 35.45 45.94 -2.94
CA SER P 631 36.63 45.17 -2.58
C SER P 631 37.00 45.50 -1.15
N TYR P 632 36.98 44.49 -0.28
CA TYR P 632 37.29 44.65 1.12
C TYR P 632 38.68 44.12 1.41
N GLN P 633 39.39 44.82 2.28
CA GLN P 633 40.79 44.55 2.59
C GLN P 633 40.92 44.25 4.07
N LEU P 634 41.58 43.14 4.39
CA LEU P 634 41.64 42.63 5.75
C LEU P 634 43.04 42.80 6.31
N GLU P 635 43.12 43.30 7.53
CA GLU P 635 44.37 43.38 8.28
C GLU P 635 44.19 42.66 9.60
N TYR P 636 44.97 41.62 9.82
CA TYR P 636 44.90 40.82 11.04
C TYR P 636 46.09 41.16 11.92
N SER P 637 45.83 41.35 13.21
CA SER P 637 46.90 41.62 14.15
C SER P 637 46.60 40.89 15.46
N PHE P 638 47.67 40.53 16.16
CA PHE P 638 47.57 40.00 17.51
C PHE P 638 48.73 40.51 18.33
N ASN P 639 48.47 40.81 19.60
CA ASN P 639 49.52 41.18 20.51
C ASN P 639 50.17 39.93 21.08
N GLY P 640 51.42 40.08 21.51
CA GLY P 640 52.10 38.92 22.08
C GLY P 640 52.92 38.18 21.04
N THR P 641 54.00 37.57 21.52
CA THR P 641 54.93 36.87 20.65
C THR P 641 54.55 35.40 20.52
N GLY P 642 54.94 34.81 19.39
CA GLY P 642 54.62 33.44 19.12
C GLY P 642 53.26 33.20 18.51
N ILE P 643 52.50 34.26 18.22
CA ILE P 643 51.20 34.16 17.60
C ILE P 643 51.30 34.76 16.21
N THR P 644 51.05 33.94 15.20
CA THR P 644 51.11 34.37 13.81
C THR P 644 49.71 34.31 13.21
N VAL P 645 49.28 35.41 12.60
CA VAL P 645 47.93 35.53 12.10
C VAL P 645 48.00 35.76 10.60
N SER P 646 47.09 35.12 9.87
CA SER P 646 47.06 35.23 8.42
C SER P 646 45.63 35.00 7.95
N GLY P 647 45.45 34.92 6.66
CA GLY P 647 44.15 34.64 6.10
C GLY P 647 43.92 35.44 4.84
N THR P 648 42.66 35.47 4.42
CA THR P 648 42.29 36.18 3.20
C THR P 648 42.57 37.67 3.32
N ASP P 649 43.53 38.16 2.54
CA ASP P 649 43.90 39.56 2.59
C ASP P 649 43.03 40.48 1.76
N ARG P 650 42.13 39.94 0.95
CA ARG P 650 41.27 40.76 0.11
C ARG P 650 40.14 39.91 -0.43
N VAL P 651 38.94 40.45 -0.42
CA VAL P 651 37.80 39.81 -1.06
C VAL P 651 37.12 40.82 -1.95
N VAL P 652 36.46 40.33 -2.98
CA VAL P 652 35.62 41.14 -3.85
C VAL P 652 34.22 40.58 -3.76
N ILE P 653 33.27 41.42 -3.37
CA ILE P 653 31.89 41.01 -3.13
C ILE P 653 30.99 41.78 -4.08
N PRO P 654 30.16 41.11 -4.86
CA PRO P 654 29.23 41.82 -5.74
C PRO P 654 28.16 42.53 -4.96
N ALA P 655 27.30 43.28 -5.64
CA ALA P 655 26.27 44.04 -4.97
C ALA P 655 25.25 43.12 -4.32
N HIS P 656 24.80 43.49 -3.13
CA HIS P 656 23.74 42.78 -2.42
C HIS P 656 24.08 41.30 -2.28
N GLN P 657 25.32 41.02 -1.91
CA GLN P 657 25.80 39.65 -1.77
C GLN P 657 26.65 39.54 -0.53
N THR P 658 27.32 38.40 -0.41
CA THR P 658 28.02 38.01 0.80
C THR P 658 29.33 37.32 0.47
N GLY P 659 30.38 37.68 1.17
CA GLY P 659 31.67 37.05 1.00
C GLY P 659 32.18 36.53 2.33
N LYS P 660 33.12 35.59 2.25
CA LYS P 660 33.67 34.94 3.43
C LYS P 660 35.16 35.18 3.48
N VAL P 661 35.67 35.55 4.65
CA VAL P 661 37.09 35.73 4.87
C VAL P 661 37.53 34.74 5.93
N ASN P 662 38.60 34.01 5.65
CA ASN P 662 39.06 32.93 6.51
C ASN P 662 40.27 33.44 7.29
N ALA P 663 40.01 33.97 8.48
CA ALA P 663 41.10 34.35 9.36
C ALA P 663 41.68 33.09 10.00
N LYS P 664 42.99 33.10 10.21
CA LYS P 664 43.66 31.92 10.73
C LYS P 664 44.72 32.36 11.73
N VAL P 665 44.75 31.72 12.88
CA VAL P 665 45.72 32.03 13.92
C VAL P 665 46.52 30.78 14.21
N LYS P 666 47.81 30.97 14.51
CA LYS P 666 48.70 29.85 14.77
C LYS P 666 49.57 30.20 15.96
N VAL P 667 49.55 29.34 16.98
CA VAL P 667 50.24 29.56 18.23
C VAL P 667 51.36 28.54 18.35
N ASN P 668 52.57 29.02 18.57
CA ASN P 668 53.74 28.19 18.79
C ASN P 668 53.88 27.96 20.29
N ALA P 669 53.54 26.75 20.74
CA ALA P 669 53.52 26.47 22.16
C ALA P 669 54.88 26.64 22.82
N LYS P 670 55.95 26.56 22.04
CA LYS P 670 57.29 26.64 22.61
C LYS P 670 57.72 28.09 22.86
N LYS P 671 57.03 29.06 22.30
CA LYS P 671 57.45 30.45 22.40
C LYS P 671 56.46 31.36 23.12
N VAL P 672 55.24 30.90 23.37
CA VAL P 672 54.17 31.77 23.85
C VAL P 672 54.04 31.62 25.36
N LYS P 673 54.08 32.75 26.06
CA LYS P 673 53.77 32.75 27.49
C LYS P 673 52.27 32.60 27.69
N ALA P 674 51.89 31.86 28.72
CA ALA P 674 50.49 31.67 29.00
C ALA P 674 49.84 33.00 29.37
N GLY P 675 48.60 33.16 28.96
CA GLY P 675 47.87 34.39 29.22
C GLY P 675 46.81 34.61 28.17
N THR P 676 46.12 35.73 28.31
CA THR P 676 45.05 36.13 27.42
C THR P 676 45.56 37.21 26.47
N TYR P 677 45.47 36.95 25.17
CA TYR P 677 45.98 37.85 24.15
C TYR P 677 44.82 38.37 23.32
N GLU P 678 44.88 39.66 22.99
CA GLU P 678 43.83 40.34 22.26
C GLU P 678 44.32 40.69 20.87
N GLY P 679 43.54 40.31 19.86
CA GLY P 679 43.85 40.65 18.49
C GLY P 679 42.74 41.48 17.87
N THR P 680 42.88 41.72 16.58
CA THR P 680 41.92 42.54 15.86
C THR P 680 41.96 42.21 14.38
N VAL P 681 40.78 42.13 13.77
CA VAL P 681 40.63 42.04 12.33
C VAL P 681 40.01 43.33 11.86
N THR P 682 40.72 44.07 11.02
CA THR P 682 40.26 45.36 10.53
C THR P 682 39.87 45.22 9.06
N VAL P 683 38.68 45.67 8.72
CA VAL P 683 38.15 45.58 7.36
C VAL P 683 38.06 46.99 6.80
N ARG P 684 38.72 47.22 5.69
CA ARG P 684 38.70 48.50 5.00
C ARG P 684 37.99 48.35 3.67
N GLU P 685 37.31 49.41 3.26
CA GLU P 685 36.63 49.40 1.96
C GLU P 685 36.63 50.82 1.43
N GLY P 686 37.34 51.05 0.33
CA GLY P 686 37.34 52.32 -0.35
C GLY P 686 37.51 53.50 0.56
N GLY P 687 38.66 53.61 1.21
CA GLY P 687 38.87 54.69 2.15
C GLY P 687 38.50 54.31 3.56
N LYS P 688 37.26 54.63 3.93
CA LYS P 688 36.76 54.43 5.29
C LYS P 688 36.96 52.99 5.76
N THR P 689 37.04 52.83 7.07
CA THR P 689 37.08 51.54 7.72
C THR P 689 35.67 51.08 8.03
N VAL P 690 35.32 49.87 7.60
CA VAL P 690 33.95 49.42 7.77
C VAL P 690 33.75 48.60 9.04
N ALA P 691 34.82 48.06 9.63
CA ALA P 691 34.69 47.25 10.82
C ALA P 691 36.05 47.11 11.49
N LYS P 692 36.01 46.82 12.78
CA LYS P 692 37.21 46.51 13.55
C LYS P 692 36.79 45.40 14.51
N VAL P 693 37.01 44.15 14.10
CA VAL P 693 36.49 42.99 14.82
C VAL P 693 37.46 42.65 15.94
N PRO P 694 37.05 42.73 17.20
CA PRO P 694 37.95 42.32 18.29
C PRO P 694 38.02 40.81 18.38
N THR P 695 39.22 40.28 18.35
CA THR P 695 39.46 38.85 18.51
C THR P 695 40.23 38.61 19.79
N LEU P 696 40.22 37.36 20.24
CA LEU P 696 40.84 37.01 21.51
C LEU P 696 41.15 35.53 21.53
N LEU P 697 42.31 35.19 22.10
CA LEU P 697 42.65 33.81 22.36
C LEU P 697 43.33 33.71 23.71
N ILE P 698 43.27 32.52 24.29
CA ILE P 698 43.83 32.25 25.61
C ILE P 698 44.80 31.10 25.47
N VAL P 699 45.95 31.22 26.10
CA VAL P 699 46.99 30.20 26.04
C VAL P 699 47.07 29.49 27.37
N LYS P 700 47.14 28.16 27.33
CA LYS P 700 47.12 27.28 28.50
C LYS P 700 45.79 27.52 29.22
N GLU P 701 45.76 27.48 30.54
CA GLU P 701 44.52 27.58 31.29
C GLU P 701 44.15 29.03 31.55
N PRO P 702 42.89 29.40 31.33
CA PRO P 702 42.47 30.77 31.62
C PRO P 702 42.59 31.08 33.10
N ASP P 703 42.82 32.35 33.41
CA ASP P 703 43.02 32.79 34.79
C ASP P 703 41.71 33.27 35.41
N TYR P 704 40.71 32.43 35.33
CA TYR P 704 39.44 32.78 35.94
C TYR P 704 39.52 32.54 37.45
N PRO P 705 38.67 33.20 38.22
CA PRO P 705 38.59 32.89 39.65
C PRO P 705 38.17 31.44 39.85
N ARG P 706 38.98 30.70 40.60
CA ARG P 706 38.68 29.29 40.80
C ARG P 706 37.44 29.09 41.65
N VAL P 707 37.15 30.02 42.55
CA VAL P 707 35.92 30.02 43.33
C VAL P 707 35.34 31.42 43.28
N THR P 708 34.03 31.50 43.04
CA THR P 708 33.38 32.77 42.78
C THR P 708 32.61 33.30 43.99
N SER P 709 31.77 32.47 44.59
CA SER P 709 30.94 32.92 45.71
C SER P 709 30.86 31.83 46.75
N ILE P 710 30.73 32.26 48.00
CA ILE P 710 30.53 31.38 49.15
C ILE P 710 29.57 32.05 50.11
N ASP P 711 28.64 31.26 50.65
CA ASP P 711 27.79 31.73 51.74
C ASP P 711 27.53 30.60 52.71
N VAL P 712 27.22 30.97 53.95
CA VAL P 712 26.98 30.03 55.03
C VAL P 712 25.61 30.31 55.60
N GLN P 713 24.77 29.29 55.65
CA GLN P 713 23.45 29.41 56.25
C GLN P 713 23.29 28.34 57.32
N ASP P 714 22.24 28.49 58.13
CA ASP P 714 21.97 27.51 59.16
C ASP P 714 21.44 26.23 58.53
N GLY P 715 21.90 25.10 59.04
CA GLY P 715 21.48 23.82 58.51
C GLY P 715 20.10 23.41 58.99
N THR P 716 19.61 22.32 58.41
CA THR P 716 18.33 21.77 58.85
C THR P 716 18.37 21.30 60.30
N THR P 717 19.54 20.96 60.81
CA THR P 717 19.71 20.57 62.19
C THR P 717 20.30 21.74 62.97
N GLN P 718 19.71 22.03 64.12
CA GLN P 718 20.21 23.12 64.95
C GLN P 718 21.64 22.88 65.37
N GLY P 719 22.46 23.92 65.29
CA GLY P 719 23.87 23.84 65.62
C GLY P 719 24.78 23.52 64.45
N THR P 720 24.24 23.10 63.31
CA THR P 720 25.01 22.80 62.12
C THR P 720 24.79 23.86 61.07
N TYR P 721 25.62 23.82 60.03
CA TYR P 721 25.64 24.84 59.01
C TYR P 721 25.74 24.20 57.63
N GLN P 722 25.30 24.94 56.62
CA GLN P 722 25.46 24.55 55.24
C GLN P 722 26.26 25.62 54.52
N ILE P 723 27.30 25.19 53.82
CA ILE P 723 28.17 26.07 53.05
C ILE P 723 27.84 25.85 51.58
N GLU P 724 27.43 26.91 50.90
CA GLU P 724 27.14 26.84 49.48
C GLU P 724 28.17 27.68 48.74
N THR P 725 28.86 27.06 47.78
CA THR P 725 29.91 27.73 47.03
C THR P 725 29.72 27.46 45.55
N TYR P 726 30.28 28.34 44.73
CA TYR P 726 30.20 28.17 43.28
C TYR P 726 31.60 28.03 42.71
N LEU P 727 31.85 26.91 42.04
CA LEU P 727 33.15 26.66 41.43
C LEU P 727 33.00 26.70 39.92
N PRO P 728 33.52 27.71 39.24
CA PRO P 728 33.29 27.81 37.79
C PRO P 728 33.77 26.62 36.99
N ALA P 729 34.86 25.97 37.39
CA ALA P 729 35.34 24.83 36.64
C ALA P 729 35.80 23.70 37.57
N GLY P 730 35.16 23.57 38.72
CA GLY P 730 35.56 22.56 39.67
C GLY P 730 36.77 22.99 40.47
N ALA P 731 37.24 22.10 41.31
CA ALA P 731 38.39 22.40 42.15
C ALA P 731 39.14 21.13 42.45
N GLU P 732 40.43 21.11 42.15
CA GLU P 732 41.28 20.01 42.57
C GLU P 732 41.33 19.94 44.09
N GLU P 733 41.39 21.09 44.75
CA GLU P 733 41.37 21.13 46.20
C GLU P 733 40.55 22.32 46.66
N LEU P 734 39.74 22.12 47.69
CA LEU P 734 38.88 23.16 48.22
C LEU P 734 38.98 23.16 49.74
N ALA P 735 39.18 24.35 50.31
CA ALA P 735 39.38 24.47 51.75
C ALA P 735 38.52 25.60 52.29
N PHE P 736 37.84 25.33 53.39
CA PHE P 736 37.07 26.34 54.09
C PHE P 736 37.76 26.64 55.41
N LEU P 737 38.12 27.91 55.60
CA LEU P 737 38.82 28.39 56.78
C LEU P 737 37.94 29.40 57.50
N VAL P 738 38.10 29.48 58.82
CA VAL P 738 37.23 30.31 59.65
C VAL P 738 38.05 31.42 60.29
N TYR P 739 37.50 32.62 60.29
CA TYR P 739 38.13 33.80 60.86
C TYR P 739 37.19 34.44 61.87
N ASP P 740 37.75 35.02 62.91
CA ASP P 740 36.93 35.68 63.91
C ASP P 740 36.47 37.04 63.40
N SER P 741 35.74 37.76 64.25
CA SER P 741 35.28 39.10 63.86
C SER P 741 36.44 40.05 63.60
N ASN P 742 37.59 39.81 64.20
CA ASN P 742 38.77 40.62 63.96
C ASN P 742 39.60 40.11 62.80
N LEU P 743 39.06 39.19 62.01
CA LEU P 743 39.75 38.62 60.85
C LEU P 743 41.05 37.95 61.27
N ASP P 744 41.02 37.25 62.39
CA ASP P 744 42.15 36.45 62.85
C ASP P 744 41.86 34.99 62.55
N PHE P 745 42.85 34.30 61.99
CA PHE P 745 42.64 32.93 61.55
C PHE P 745 42.35 32.02 62.73
N VAL P 746 41.10 31.61 62.87
CA VAL P 746 40.73 30.72 63.96
C VAL P 746 41.16 29.29 63.66
N GLY P 747 40.86 28.81 62.46
CA GLY P 747 41.24 27.45 62.11
C GLY P 747 40.66 27.05 60.77
N GLN P 748 40.60 25.75 60.55
CA GLN P 748 40.29 25.16 59.27
C GLN P 748 38.98 24.40 59.37
N ALA P 749 37.93 24.93 58.73
CA ALA P 749 36.62 24.31 58.78
C ALA P 749 36.61 22.97 58.06
N GLY P 750 37.00 22.94 56.80
CA GLY P 750 36.88 21.72 56.02
C GLY P 750 37.86 21.63 54.87
N ILE P 751 38.16 20.41 54.45
CA ILE P 751 39.01 20.12 53.31
C ILE P 751 38.28 19.14 52.40
N TYR P 752 38.37 19.39 51.09
CA TYR P 752 37.72 18.54 50.12
C TYR P 752 38.60 18.46 48.87
N LYS P 753 38.46 17.37 48.13
CA LYS P 753 39.24 17.13 46.93
C LYS P 753 38.34 16.72 45.79
N LYS P 754 38.75 17.07 44.58
CA LYS P 754 38.11 16.61 43.36
C LYS P 754 36.62 16.95 43.34
N GLN P 755 36.34 18.24 43.37
CA GLN P 755 34.97 18.74 43.39
C GLN P 755 34.50 19.02 41.98
N ASP P 756 33.24 18.71 41.72
CA ASP P 756 32.63 18.96 40.43
C ASP P 756 32.26 20.43 40.29
N LYS P 757 32.24 20.91 39.04
CA LYS P 757 31.97 22.31 38.81
C LYS P 757 30.50 22.62 39.01
N GLY P 758 30.21 23.89 39.23
CA GLY P 758 28.85 24.32 39.47
C GLY P 758 28.64 24.72 40.92
N TYR P 759 27.43 24.54 41.42
CA TYR P 759 27.11 24.81 42.82
C TYR P 759 27.42 23.59 43.66
N GLN P 760 28.17 23.79 44.73
CA GLN P 760 28.54 22.73 45.65
C GLN P 760 28.05 23.08 47.04
N TYR P 761 27.51 22.09 47.74
CA TYR P 761 26.99 22.25 49.09
C TYR P 761 27.72 21.31 50.03
N PHE P 762 28.12 21.82 51.19
CA PHE P 762 28.85 21.04 52.17
C PHE P 762 28.23 21.26 53.54
N ASP P 763 28.01 20.17 54.26
CA ASP P 763 27.51 20.27 55.63
C ASP P 763 28.70 20.43 56.57
N TRP P 764 28.59 21.39 57.47
CA TRP P 764 29.66 21.69 58.42
C TRP P 764 29.09 21.67 59.83
N ASN P 765 29.71 20.88 60.69
CA ASN P 765 29.21 20.70 62.05
C ASN P 765 29.60 21.82 62.99
N GLY P 766 30.14 22.91 62.48
CA GLY P 766 30.51 24.03 63.32
C GLY P 766 31.78 23.84 64.11
N LYS P 767 32.53 22.78 63.87
CA LYS P 767 33.73 22.47 64.63
C LYS P 767 34.97 22.63 63.75
N VAL P 768 36.03 23.14 64.35
CA VAL P 768 37.19 23.64 63.63
C VAL P 768 38.38 22.70 63.82
N ASN P 769 39.15 22.52 62.75
CA ASN P 769 40.36 21.69 62.76
C ASN P 769 40.06 20.25 63.11
N GLY P 770 38.77 19.90 63.18
CA GLY P 770 38.41 18.58 63.65
C GLY P 770 38.19 18.60 65.15
N ASP P 771 36.96 18.34 65.57
CA ASP P 771 36.56 18.07 66.96
C ASP P 771 36.79 19.26 67.90
N THR P 772 37.16 20.43 67.41
CA THR P 772 37.32 21.61 68.24
C THR P 772 36.15 22.54 67.98
N ALA P 773 35.33 22.76 69.01
CA ALA P 773 34.13 23.57 68.86
C ALA P 773 34.47 25.06 68.97
N LEU P 774 33.79 25.86 68.16
CA LEU P 774 34.02 27.29 68.17
C LEU P 774 33.37 27.94 69.39
N PRO P 775 33.96 28.99 69.94
CA PRO P 775 33.26 29.82 70.91
C PRO P 775 32.20 30.66 70.22
N ALA P 776 31.20 31.06 71.00
CA ALA P 776 30.10 31.85 70.45
C ALA P 776 30.60 33.22 70.01
N GLY P 777 30.08 33.69 68.88
CA GLY P 777 30.50 34.97 68.35
C GLY P 777 30.14 35.08 66.88
N GLU P 778 30.82 36.01 66.21
CA GLU P 778 30.59 36.32 64.82
C GLU P 778 31.82 35.93 64.01
N TYR P 779 31.62 35.25 62.90
CA TYR P 779 32.71 34.64 62.17
C TYR P 779 32.57 34.88 60.67
N TYR P 780 33.71 34.86 59.99
CA TYR P 780 33.79 34.90 58.53
C TYR P 780 34.35 33.57 58.05
N MET P 781 34.04 33.22 56.82
CA MET P 781 34.62 32.01 56.23
C MET P 781 35.25 32.34 54.89
N LEU P 782 36.43 31.78 54.67
CA LEU P 782 37.18 31.96 53.44
C LEU P 782 37.22 30.64 52.69
N ALA P 783 36.84 30.68 51.43
CA ALA P 783 36.94 29.53 50.56
C ALA P 783 38.17 29.68 49.69
N TYR P 784 39.04 28.69 49.72
CA TYR P 784 40.26 28.65 48.93
C TYR P 784 40.16 27.46 47.98
N ALA P 785 40.08 27.74 46.70
CA ALA P 785 39.96 26.69 45.69
C ALA P 785 41.18 26.71 44.78
N ALA P 786 41.78 25.55 44.59
CA ALA P 786 42.92 25.39 43.71
C ALA P 786 42.56 24.42 42.61
N ASN P 787 42.79 24.83 41.36
CA ASN P 787 42.42 24.04 40.20
C ASN P 787 43.37 24.38 39.06
N LYS P 788 43.86 23.35 38.38
CA LYS P 788 44.59 23.48 37.12
C LYS P 788 45.71 24.51 37.22
N GLY P 789 46.43 24.47 38.33
CA GLY P 789 47.61 25.30 38.48
C GLY P 789 47.38 26.72 38.90
N LYS P 790 46.16 27.08 39.32
CA LYS P 790 45.95 28.39 39.90
C LYS P 790 44.96 28.27 41.05
N SER P 791 45.11 29.16 42.02
CA SER P 791 44.27 29.14 43.19
C SER P 791 43.63 30.50 43.38
N SER P 792 42.42 30.49 43.92
CA SER P 792 41.67 31.70 44.19
C SER P 792 41.00 31.55 45.54
N GLN P 793 40.59 32.68 46.10
CA GLN P 793 39.94 32.67 47.40
C GLN P 793 38.85 33.72 47.42
N VAL P 794 37.86 33.50 48.26
CA VAL P 794 36.74 34.43 48.40
C VAL P 794 36.26 34.39 49.85
N LEU P 795 35.97 35.57 50.39
CA LEU P 795 35.58 35.71 51.78
C LEU P 795 34.08 36.00 51.86
N THR P 796 33.42 35.42 52.85
CA THR P 796 32.00 35.63 53.07
C THR P 796 31.80 37.00 53.68
N GLU P 797 31.16 37.91 52.94
CA GLU P 797 30.61 39.09 53.57
C GLU P 797 29.37 38.70 54.38
N LYS P 798 28.91 39.62 55.22
CA LYS P 798 27.78 39.35 56.11
C LYS P 798 28.11 38.17 57.01
N PRO P 799 28.95 38.37 58.02
CA PRO P 799 29.46 37.24 58.81
C PRO P 799 28.34 36.44 59.45
N PHE P 800 28.55 35.14 59.55
CA PHE P 800 27.60 34.24 60.19
C PHE P 800 27.89 34.13 61.68
N ILE P 801 26.87 33.73 62.43
CA ILE P 801 26.90 33.77 63.89
C ILE P 801 26.92 32.35 64.43
N ILE P 802 27.80 32.11 65.40
CA ILE P 802 27.84 30.83 66.10
C ILE P 802 26.94 30.88 67.33
N MET Q 158 46.50 63.46 -34.84
CA MET Q 158 46.06 62.14 -35.30
C MET Q 158 46.68 61.78 -36.62
N ASP Q 159 47.32 62.76 -37.26
CA ASP Q 159 48.02 62.52 -38.51
C ASP Q 159 49.51 62.30 -38.32
N ASP Q 160 50.03 62.44 -37.11
CA ASP Q 160 51.43 62.20 -36.82
C ASP Q 160 51.67 61.17 -35.74
N SER Q 161 50.75 61.06 -34.76
CA SER Q 161 50.91 60.07 -33.70
C SER Q 161 50.63 58.66 -34.19
N ALA Q 162 49.59 58.48 -34.99
CA ALA Q 162 49.29 57.15 -35.52
C ALA Q 162 50.41 56.59 -36.39
N PRO Q 163 51.03 57.35 -37.31
CA PRO Q 163 52.23 56.82 -37.96
C PRO Q 163 53.33 56.46 -36.99
N TYR Q 164 53.46 57.22 -35.90
CA TYR Q 164 54.55 56.98 -34.95
C TYR Q 164 54.37 55.66 -34.23
N ILE Q 165 53.16 55.40 -33.73
CA ILE Q 165 52.95 54.15 -32.99
C ILE Q 165 52.88 52.96 -33.93
N GLY Q 166 52.70 53.19 -35.23
CA GLY Q 166 52.72 52.11 -36.21
C GLY Q 166 51.35 51.72 -36.71
N ALA Q 167 50.41 52.68 -36.71
CA ALA Q 167 49.05 52.38 -37.12
C ALA Q 167 48.97 52.12 -38.62
N ASN Q 168 49.59 53.00 -39.42
CA ASN Q 168 49.51 52.85 -40.87
C ASN Q 168 50.12 51.54 -41.34
N ASP Q 169 51.26 51.17 -40.77
CA ASP Q 169 51.89 49.91 -41.14
C ASP Q 169 50.97 48.73 -40.88
N ALA Q 170 50.26 48.77 -39.76
CA ALA Q 170 49.28 47.73 -39.47
C ALA Q 170 48.13 47.78 -40.48
N TRP Q 171 47.73 48.97 -40.90
CA TRP Q 171 46.65 49.08 -41.87
C TRP Q 171 47.03 48.43 -43.19
N LYS Q 172 48.25 48.67 -43.67
CA LYS Q 172 48.67 48.05 -44.91
C LYS Q 172 48.79 46.54 -44.80
N LEU Q 173 48.83 46.00 -43.59
CA LEU Q 173 48.72 44.56 -43.38
C LEU Q 173 47.28 44.09 -43.30
N GLY Q 174 46.32 45.00 -43.39
CA GLY Q 174 44.92 44.69 -43.33
C GLY Q 174 44.31 44.80 -41.95
N TYR Q 175 45.13 44.95 -40.91
CA TYR Q 175 44.64 45.01 -39.55
C TYR Q 175 44.21 46.44 -39.23
N THR Q 176 42.91 46.68 -39.28
CA THR Q 176 42.35 47.98 -38.97
C THR Q 176 41.34 47.95 -37.84
N GLY Q 177 41.17 46.83 -37.16
CA GLY Q 177 40.23 46.73 -36.08
C GLY Q 177 38.84 46.28 -36.47
N LYS Q 178 38.65 45.80 -37.70
CA LYS Q 178 37.32 45.40 -38.15
C LYS Q 178 36.78 44.27 -37.29
N GLY Q 179 35.53 44.40 -36.86
CA GLY Q 179 34.87 43.42 -36.05
C GLY Q 179 35.06 43.62 -34.56
N VAL Q 180 36.05 44.40 -34.17
CA VAL Q 180 36.30 44.68 -32.77
C VAL Q 180 35.40 45.81 -32.31
N LYS Q 181 34.88 45.69 -31.10
CA LYS Q 181 33.92 46.64 -30.56
C LYS Q 181 34.58 47.39 -29.41
N VAL Q 182 34.62 48.71 -29.50
CA VAL Q 182 35.27 49.55 -28.51
C VAL Q 182 34.22 50.43 -27.83
N ALA Q 183 34.23 50.42 -26.50
CA ALA Q 183 33.35 51.23 -25.69
C ALA Q 183 34.12 52.42 -25.16
N ILE Q 184 33.48 53.59 -25.15
CA ILE Q 184 34.10 54.83 -24.75
C ILE Q 184 33.31 55.36 -23.55
N ILE Q 185 33.78 55.12 -22.33
CA ILE Q 185 33.08 55.60 -21.15
C ILE Q 185 33.64 56.98 -20.81
N ASP Q 186 32.97 58.01 -21.34
CA ASP Q 186 33.36 59.40 -21.17
C ASP Q 186 32.09 60.23 -21.11
N THR Q 187 32.23 61.53 -21.37
CA THR Q 187 31.11 62.47 -21.33
C THR Q 187 30.13 62.28 -22.46
N GLY Q 188 30.23 61.22 -23.23
CA GLY Q 188 29.37 60.98 -24.37
C GLY Q 188 30.06 61.33 -25.68
N VAL Q 189 29.50 60.81 -26.75
CA VAL Q 189 30.08 60.94 -28.09
C VAL Q 189 29.06 61.53 -29.03
N GLU Q 190 29.47 62.52 -29.80
CA GLU Q 190 28.64 63.07 -30.86
C GLU Q 190 28.70 62.10 -32.04
N TYR Q 191 27.78 61.15 -32.06
CA TYR Q 191 27.78 60.13 -33.11
C TYR Q 191 27.11 60.61 -34.39
N LYS Q 192 27.44 61.81 -34.82
CA LYS Q 192 26.97 62.32 -36.09
C LYS Q 192 28.07 63.04 -36.83
N HIS Q 193 29.24 63.16 -36.23
CA HIS Q 193 30.40 63.68 -36.93
C HIS Q 193 30.65 62.80 -38.14
N PRO Q 194 30.84 63.39 -39.33
CA PRO Q 194 31.02 62.56 -40.53
C PRO Q 194 32.16 61.58 -40.42
N ASP Q 195 33.18 61.87 -39.62
CA ASP Q 195 34.28 60.95 -39.40
C ASP Q 195 33.91 59.80 -38.48
N LEU Q 196 32.85 59.94 -37.69
CA LEU Q 196 32.43 58.91 -36.76
C LEU Q 196 31.12 58.24 -37.14
N LYS Q 197 30.45 58.71 -38.19
CA LYS Q 197 29.10 58.26 -38.48
C LYS Q 197 29.06 56.77 -38.79
N LYS Q 198 29.97 56.28 -39.62
CA LYS Q 198 29.90 54.91 -40.08
C LYS Q 198 30.53 53.92 -39.11
N ASN Q 199 31.27 54.40 -38.10
CA ASN Q 199 31.82 53.49 -37.11
C ASN Q 199 30.83 53.15 -36.02
N PHE Q 200 29.73 53.87 -35.91
CA PHE Q 200 28.72 53.56 -34.92
C PHE Q 200 27.68 52.63 -35.53
N GLY Q 201 27.33 51.58 -34.79
CA GLY Q 201 26.33 50.64 -35.26
C GLY Q 201 24.94 51.19 -35.08
N GLN Q 202 23.94 50.32 -35.08
CA GLN Q 202 22.57 50.77 -34.88
C GLN Q 202 22.39 51.28 -33.47
N TYR Q 203 22.77 50.46 -32.49
CA TYR Q 203 22.68 50.83 -31.09
C TYR Q 203 23.94 51.59 -30.68
N LYS Q 204 23.78 52.86 -30.34
CA LYS Q 204 24.92 53.74 -30.12
C LYS Q 204 25.50 53.63 -28.72
N GLY Q 205 24.69 53.28 -27.74
CA GLY Q 205 25.17 53.18 -26.38
C GLY Q 205 24.09 53.62 -25.42
N TYR Q 206 24.53 54.08 -24.26
CA TYR Q 206 23.61 54.46 -23.20
C TYR Q 206 24.09 55.75 -22.54
N ASP Q 207 23.14 56.44 -21.92
CA ASP Q 207 23.39 57.73 -21.30
C ASP Q 207 22.95 57.63 -19.84
N PHE Q 208 23.91 57.37 -18.96
CA PHE Q 208 23.59 57.11 -17.56
C PHE Q 208 23.25 58.36 -16.79
N VAL Q 209 23.78 59.52 -17.17
CA VAL Q 209 23.43 60.75 -16.47
C VAL Q 209 22.05 61.26 -16.82
N ASP Q 210 21.43 60.70 -17.86
CA ASP Q 210 20.10 61.10 -18.27
C ASP Q 210 19.14 59.93 -18.43
N ASN Q 211 19.65 58.69 -18.44
CA ASN Q 211 18.82 57.49 -18.53
C ASN Q 211 18.00 57.47 -19.81
N ASP Q 212 18.68 57.68 -20.93
CA ASP Q 212 18.08 57.52 -22.25
C ASP Q 212 19.11 56.91 -23.16
N TYR Q 213 18.66 56.48 -24.34
CA TYR Q 213 19.52 55.81 -25.30
C TYR Q 213 20.15 56.76 -26.29
N ASP Q 214 20.37 58.01 -25.88
CA ASP Q 214 20.96 59.05 -26.72
C ASP Q 214 22.20 59.59 -26.01
N PRO Q 215 23.36 58.97 -26.22
CA PRO Q 215 24.59 59.38 -25.54
C PRO Q 215 25.26 60.59 -26.19
N GLU Q 216 24.47 61.61 -26.51
CA GLU Q 216 25.02 62.82 -27.06
C GLU Q 216 25.78 63.60 -26.00
N GLU Q 217 26.72 64.41 -26.45
CA GLU Q 217 27.48 65.24 -25.51
C GLU Q 217 26.56 66.28 -24.89
N THR Q 218 27.05 66.90 -23.82
CA THR Q 218 26.27 67.93 -23.14
C THR Q 218 26.12 69.14 -24.05
N PRO Q 219 24.91 69.58 -24.32
CA PRO Q 219 24.74 70.73 -25.23
C PRO Q 219 25.19 72.02 -24.58
N SER Q 220 25.33 73.08 -25.37
CA SER Q 220 25.63 74.39 -24.81
C SER Q 220 24.40 74.96 -24.12
N GLY Q 221 24.61 75.63 -23.00
CA GLY Q 221 23.51 76.20 -22.24
C GLY Q 221 22.75 75.15 -21.46
N ASP Q 222 23.45 74.43 -20.59
CA ASP Q 222 22.84 73.44 -19.72
C ASP Q 222 22.89 73.95 -18.29
N PRO Q 223 21.76 74.02 -17.58
CA PRO Q 223 21.79 74.54 -16.20
C PRO Q 223 22.73 73.78 -15.28
N ARG Q 224 22.88 72.47 -15.47
CA ARG Q 224 23.67 71.67 -14.54
C ARG Q 224 25.18 71.81 -14.74
N GLY Q 225 25.62 72.36 -15.86
CA GLY Q 225 27.05 72.48 -16.10
C GLY Q 225 27.40 73.10 -17.43
N ALA Q 226 28.54 72.71 -17.99
CA ALA Q 226 29.04 73.27 -19.23
C ALA Q 226 29.09 72.21 -20.31
N SER Q 227 29.08 72.64 -21.56
CA SER Q 227 29.12 71.71 -22.68
C SER Q 227 30.46 70.98 -22.69
N THR Q 228 30.44 69.75 -23.21
CA THR Q 228 31.59 68.87 -23.19
C THR Q 228 31.93 68.41 -24.59
N ASP Q 229 33.22 68.14 -24.81
CA ASP Q 229 33.69 67.59 -26.08
C ASP Q 229 34.76 66.52 -25.88
N HIS Q 230 34.97 66.06 -24.67
CA HIS Q 230 36.04 65.11 -24.39
C HIS Q 230 35.77 63.76 -25.06
N GLY Q 231 34.54 63.26 -24.94
CA GLY Q 231 34.24 61.94 -25.46
C GLY Q 231 34.34 61.84 -26.96
N THR Q 232 33.88 62.87 -27.67
CA THR Q 232 33.98 62.85 -29.12
C THR Q 232 35.44 62.88 -29.57
N HIS Q 233 36.26 63.66 -28.87
CA HIS Q 233 37.69 63.69 -29.21
C HIS Q 233 38.32 62.32 -28.98
N VAL Q 234 37.98 61.67 -27.87
CA VAL Q 234 38.53 60.35 -27.59
C VAL Q 234 38.08 59.35 -28.64
N ALA Q 235 36.81 59.37 -29.01
CA ALA Q 235 36.30 58.45 -30.01
C ALA Q 235 36.95 58.68 -31.37
N GLY Q 236 37.17 59.94 -31.76
CA GLY Q 236 37.88 60.20 -32.99
C GLY Q 236 39.30 59.71 -32.94
N THR Q 237 39.97 59.84 -31.80
CA THR Q 237 41.32 59.30 -31.68
C THR Q 237 41.32 57.79 -31.85
N VAL Q 238 40.35 57.10 -31.25
CA VAL Q 238 40.32 55.65 -31.33
C VAL Q 238 40.04 55.19 -32.75
N ALA Q 239 38.88 55.55 -33.28
CA ALA Q 239 38.44 55.02 -34.57
C ALA Q 239 37.63 56.09 -35.28
N ALA Q 240 38.31 56.87 -36.12
CA ALA Q 240 37.66 57.86 -36.96
C ALA Q 240 38.07 57.58 -38.40
N ASN Q 241 37.09 57.44 -39.28
CA ASN Q 241 37.34 57.17 -40.68
C ASN Q 241 36.90 58.37 -41.50
N GLY Q 242 37.83 58.93 -42.27
CA GLY Q 242 37.52 60.09 -43.08
C GLY Q 242 38.69 61.04 -43.21
N THR Q 243 38.43 62.33 -42.95
CA THR Q 243 39.51 63.32 -43.01
C THR Q 243 40.61 63.01 -42.01
N ILE Q 244 40.23 62.66 -40.78
CA ILE Q 244 41.15 62.20 -39.76
C ILE Q 244 40.97 60.70 -39.61
N LYS Q 245 42.07 59.97 -39.56
CA LYS Q 245 42.04 58.52 -39.44
C LYS Q 245 42.50 58.14 -38.04
N GLY Q 246 41.62 57.47 -37.29
CA GLY Q 246 41.96 57.02 -35.97
C GLY Q 246 42.91 55.84 -36.02
N VAL Q 247 43.28 55.37 -34.84
CA VAL Q 247 44.26 54.28 -34.75
C VAL Q 247 43.69 53.01 -35.37
N ALA Q 248 42.40 52.75 -35.17
CA ALA Q 248 41.75 51.55 -35.67
C ALA Q 248 40.50 51.96 -36.43
N PRO Q 249 40.65 52.52 -37.62
CA PRO Q 249 39.51 53.14 -38.27
C PRO Q 249 38.57 52.15 -38.93
N ASP Q 250 38.27 51.05 -38.24
CA ASP Q 250 37.25 50.12 -38.69
C ASP Q 250 36.49 49.50 -37.53
N ALA Q 251 36.77 49.91 -36.30
CA ALA Q 251 36.17 49.30 -35.14
C ALA Q 251 34.80 49.91 -34.87
N THR Q 252 33.87 49.08 -34.42
CA THR Q 252 32.58 49.56 -33.98
C THR Q 252 32.74 50.29 -32.66
N LEU Q 253 31.90 51.30 -32.45
CA LEU Q 253 32.01 52.15 -31.27
C LEU Q 253 30.71 52.10 -30.48
N LEU Q 254 30.84 52.18 -29.16
CA LEU Q 254 29.71 52.35 -28.27
C LEU Q 254 30.00 53.50 -27.33
N ALA Q 255 29.02 54.38 -27.16
CA ALA Q 255 29.17 55.53 -26.29
C ALA Q 255 28.39 55.34 -25.00
N TYR Q 256 29.02 55.68 -23.89
CA TYR Q 256 28.40 55.54 -22.58
C TYR Q 256 28.61 56.85 -21.83
N ARG Q 257 27.58 57.67 -21.79
CA ARG Q 257 27.67 58.96 -21.12
C ARG Q 257 27.51 58.75 -19.62
N VAL Q 258 28.63 58.71 -18.91
CA VAL Q 258 28.60 58.58 -17.46
C VAL Q 258 29.02 59.85 -16.76
N LEU Q 259 29.74 60.75 -17.43
CA LEU Q 259 30.15 62.02 -16.85
C LEU Q 259 29.16 63.08 -17.29
N GLY Q 260 28.52 63.74 -16.32
CA GLY Q 260 27.50 64.70 -16.62
C GLY Q 260 28.08 66.00 -17.13
N PRO Q 261 27.25 67.03 -17.20
CA PRO Q 261 27.75 68.35 -17.62
C PRO Q 261 28.85 68.83 -16.69
N GLY Q 262 29.87 69.44 -17.26
CA GLY Q 262 31.02 69.90 -16.53
C GLY Q 262 32.13 68.87 -16.41
N GLY Q 263 31.89 67.64 -16.84
CA GLY Q 263 32.87 66.59 -16.78
C GLY Q 263 32.94 65.82 -15.48
N SER Q 264 31.97 66.01 -14.60
CA SER Q 264 31.96 65.33 -13.31
C SER Q 264 30.89 64.25 -13.29
N GLY Q 265 31.24 63.10 -12.73
CA GLY Q 265 30.31 61.99 -12.67
C GLY Q 265 30.46 61.14 -11.43
N THR Q 266 29.35 60.59 -10.95
CA THR Q 266 29.38 59.76 -9.76
C THR Q 266 30.12 58.45 -10.05
N THR Q 267 30.72 57.89 -9.00
CA THR Q 267 31.40 56.61 -9.14
C THR Q 267 30.42 55.51 -9.54
N GLU Q 268 29.21 55.54 -9.00
CA GLU Q 268 28.21 54.54 -9.35
C GLU Q 268 27.87 54.56 -10.83
N ASN Q 269 27.79 55.76 -11.43
CA ASN Q 269 27.57 55.84 -12.87
C ASN Q 269 28.72 55.23 -13.66
N VAL Q 270 29.96 55.43 -13.24
CA VAL Q 270 31.09 54.85 -13.96
C VAL Q 270 31.07 53.33 -13.84
N ILE Q 271 30.74 52.81 -12.65
CA ILE Q 271 30.64 51.36 -12.49
C ILE Q 271 29.54 50.81 -13.38
N ALA Q 272 28.39 51.50 -13.42
CA ALA Q 272 27.30 51.07 -14.28
C ALA Q 272 27.71 51.09 -15.74
N GLY Q 273 28.46 52.11 -16.15
CA GLY Q 273 28.94 52.19 -17.52
C GLY Q 273 29.86 51.04 -17.87
N ILE Q 274 30.78 50.72 -16.96
CA ILE Q 274 31.69 49.60 -17.20
C ILE Q 274 30.93 48.30 -17.33
N GLU Q 275 30.00 48.06 -16.41
CA GLU Q 275 29.22 46.81 -16.47
C GLU Q 275 28.35 46.73 -17.69
N ARG Q 276 27.74 47.84 -18.10
CA ARG Q 276 26.92 47.84 -19.31
C ARG Q 276 27.76 47.67 -20.56
N ALA Q 277 28.98 48.21 -20.57
CA ALA Q 277 29.87 47.96 -21.68
C ALA Q 277 30.27 46.50 -21.77
N VAL Q 278 30.45 45.85 -20.62
CA VAL Q 278 30.70 44.40 -20.64
C VAL Q 278 29.47 43.66 -21.15
N GLN Q 279 28.27 44.12 -20.77
CA GLN Q 279 27.05 43.52 -21.29
C GLN Q 279 27.00 43.58 -22.81
N ASP Q 280 27.26 44.75 -23.37
CA ASP Q 280 27.05 44.99 -24.79
C ASP Q 280 28.10 44.34 -25.67
N GLY Q 281 28.94 43.48 -25.12
CA GLY Q 281 29.90 42.74 -25.91
C GLY Q 281 31.10 43.53 -26.35
N ALA Q 282 31.38 44.67 -25.72
CA ALA Q 282 32.55 45.44 -26.08
C ALA Q 282 33.81 44.62 -25.84
N ASP Q 283 34.69 44.59 -26.83
CA ASP Q 283 35.95 43.88 -26.70
C ASP Q 283 37.04 44.75 -26.08
N VAL Q 284 37.02 46.05 -26.35
CA VAL Q 284 37.98 46.98 -25.78
C VAL Q 284 37.21 48.08 -25.08
N MET Q 285 37.73 48.54 -23.97
CA MET Q 285 37.06 49.53 -23.13
C MET Q 285 38.03 50.68 -22.90
N ASN Q 286 37.53 51.91 -22.96
CA ASN Q 286 38.37 53.08 -22.79
C ASN Q 286 37.81 53.98 -21.70
N LEU Q 287 38.64 54.25 -20.69
CA LEU Q 287 38.30 55.13 -19.59
C LEU Q 287 39.32 56.27 -19.54
N SER Q 288 38.91 57.43 -20.02
CA SER Q 288 39.71 58.65 -19.94
C SER Q 288 39.25 59.54 -18.79
N LEU Q 289 38.63 58.96 -17.79
CA LEU Q 289 38.23 59.66 -16.58
C LEU Q 289 39.12 59.24 -15.44
N GLY Q 290 38.83 59.77 -14.25
CA GLY Q 290 39.55 59.34 -13.07
C GLY Q 290 39.74 60.42 -12.03
N ASN Q 291 39.67 60.05 -10.77
CA ASN Q 291 39.94 60.99 -9.68
C ASN Q 291 41.44 60.90 -9.35
N SER Q 292 41.85 61.47 -8.22
CA SER Q 292 43.26 61.53 -7.86
C SER Q 292 43.50 60.87 -6.51
N VAL Q 293 42.91 59.70 -6.29
CA VAL Q 293 43.15 58.93 -5.08
C VAL Q 293 44.00 57.72 -5.46
N ASN Q 294 45.22 57.67 -4.92
CA ASN Q 294 46.14 56.58 -5.20
C ASN Q 294 45.76 55.38 -4.35
N ASN Q 295 44.66 54.75 -4.72
CA ASN Q 295 44.15 53.57 -4.02
C ASN Q 295 43.88 52.48 -5.05
N PRO Q 296 44.55 51.33 -4.98
CA PRO Q 296 44.29 50.27 -5.95
C PRO Q 296 42.95 49.60 -5.77
N ASP Q 297 42.28 49.81 -4.64
CA ASP Q 297 41.01 49.18 -4.34
C ASP Q 297 39.88 50.19 -4.31
N TRP Q 298 39.94 51.17 -5.19
CA TRP Q 298 38.79 52.02 -5.39
C TRP Q 298 37.71 51.25 -6.12
N ALA Q 299 36.48 51.76 -6.06
CA ALA Q 299 35.37 51.05 -6.68
C ALA Q 299 35.56 50.95 -8.18
N THR Q 300 36.02 52.03 -8.82
CA THR Q 300 36.24 52.00 -10.26
C THR Q 300 37.38 51.06 -10.65
N SER Q 301 38.36 50.88 -9.78
CA SER Q 301 39.42 49.92 -10.04
C SER Q 301 38.96 48.48 -9.85
N THR Q 302 38.14 48.22 -8.86
CA THR Q 302 37.57 46.89 -8.71
C THR Q 302 36.68 46.54 -9.90
N ALA Q 303 35.88 47.50 -10.35
CA ALA Q 303 35.06 47.26 -11.54
C ALA Q 303 35.91 47.01 -12.77
N LEU Q 304 37.05 47.68 -12.88
CA LEU Q 304 37.93 47.47 -14.02
C LEU Q 304 38.65 46.13 -13.95
N ASP Q 305 38.93 45.63 -12.74
CA ASP Q 305 39.46 44.29 -12.59
C ASP Q 305 38.40 43.22 -12.77
N TRP Q 306 37.12 43.55 -12.61
CA TRP Q 306 36.08 42.59 -12.94
C TRP Q 306 36.05 42.31 -14.43
N ALA Q 307 36.02 43.36 -15.24
CA ALA Q 307 36.43 43.20 -16.63
C ALA Q 307 37.92 42.90 -16.66
N MET Q 308 38.44 42.58 -17.85
CA MET Q 308 39.78 42.02 -18.02
C MET Q 308 39.81 40.62 -17.44
N SER Q 309 38.71 40.22 -16.81
CA SER Q 309 38.44 38.83 -16.48
C SER Q 309 37.19 38.32 -17.13
N GLU Q 310 36.26 39.19 -17.51
CA GLU Q 310 35.18 38.83 -18.44
C GLU Q 310 35.59 39.13 -19.86
N GLY Q 311 36.82 38.76 -20.21
CA GLY Q 311 37.32 38.85 -21.57
C GLY Q 311 37.26 40.22 -22.22
N VAL Q 312 37.36 41.30 -21.45
CA VAL Q 312 37.29 42.65 -22.02
C VAL Q 312 38.53 43.41 -21.64
N THR Q 313 39.33 43.78 -22.63
CA THR Q 313 40.51 44.60 -22.39
C THR Q 313 40.09 45.98 -21.92
N ALA Q 314 40.78 46.51 -20.91
CA ALA Q 314 40.42 47.77 -20.30
C ALA Q 314 41.64 48.70 -20.32
N VAL Q 315 41.53 49.79 -21.07
CA VAL Q 315 42.59 50.78 -21.18
C VAL Q 315 42.12 52.05 -20.49
N THR Q 316 42.96 52.60 -19.61
CA THR Q 316 42.59 53.75 -18.84
C THR Q 316 43.75 54.74 -18.81
N SER Q 317 43.39 56.00 -18.61
CA SER Q 317 44.41 57.03 -18.46
C SER Q 317 45.06 56.93 -17.09
N ASN Q 318 46.33 57.33 -17.03
CA ASN Q 318 47.05 57.36 -15.77
C ASN Q 318 46.63 58.52 -14.87
N GLY Q 319 46.11 59.60 -15.45
CA GLY Q 319 45.79 60.80 -14.71
C GLY Q 319 46.68 61.96 -15.09
N ASN Q 320 46.24 63.15 -14.69
CA ASN Q 320 46.89 64.39 -15.08
C ASN Q 320 47.40 65.08 -13.81
N SER Q 321 48.61 64.70 -13.40
CA SER Q 321 49.25 65.33 -12.26
C SER Q 321 50.71 65.55 -12.58
N GLY Q 322 51.27 66.63 -12.05
CA GLY Q 322 52.60 67.07 -12.40
C GLY Q 322 53.65 66.03 -12.11
N PRO Q 323 54.89 66.33 -12.44
CA PRO Q 323 55.93 65.30 -12.30
C PRO Q 323 56.18 65.03 -10.84
N ASN Q 324 55.64 63.92 -10.35
CA ASN Q 324 55.67 63.61 -8.93
C ASN Q 324 55.25 62.16 -8.74
N ASN Q 325 56.02 61.40 -8.00
CA ASN Q 325 55.66 60.01 -7.79
C ASN Q 325 54.43 59.91 -6.91
N TRP Q 326 53.75 58.77 -6.99
CA TRP Q 326 52.60 58.46 -6.16
C TRP Q 326 51.41 59.36 -6.46
N THR Q 327 51.24 59.77 -7.70
CA THR Q 327 50.13 60.65 -8.08
C THR Q 327 49.19 60.00 -9.09
N VAL Q 328 49.25 58.68 -9.25
CA VAL Q 328 48.42 58.01 -10.24
C VAL Q 328 46.98 57.97 -9.75
N GLY Q 329 46.04 58.11 -10.69
CA GLY Q 329 44.64 58.23 -10.35
C GLY Q 329 43.99 56.92 -9.96
N SER Q 330 42.68 57.01 -9.66
CA SER Q 330 42.00 55.87 -9.05
C SER Q 330 41.75 54.73 -10.04
N PRO Q 331 41.04 54.94 -11.15
CA PRO Q 331 40.86 53.81 -12.09
C PRO Q 331 42.16 53.35 -12.70
N GLY Q 332 43.17 54.21 -12.75
CA GLY Q 332 44.44 53.85 -13.32
C GLY Q 332 45.36 53.18 -12.33
N THR Q 333 44.85 52.84 -11.16
CA THR Q 333 45.60 52.05 -10.17
C THR Q 333 45.17 50.61 -10.16
N SER Q 334 44.26 50.21 -11.03
CA SER Q 334 43.76 48.85 -11.04
C SER Q 334 44.88 47.87 -11.37
N ARG Q 335 44.81 46.69 -10.75
CA ARG Q 335 45.87 45.71 -10.92
C ARG Q 335 45.89 45.13 -12.32
N GLU Q 336 44.73 44.98 -12.95
CA GLU Q 336 44.64 44.38 -14.27
C GLU Q 336 43.94 45.36 -15.20
N ALA Q 337 44.71 46.29 -15.76
CA ALA Q 337 44.21 47.23 -16.76
C ALA Q 337 45.40 47.99 -17.30
N ILE Q 338 45.38 48.28 -18.59
CA ILE Q 338 46.49 48.99 -19.22
C ILE Q 338 46.33 50.48 -18.91
N SER Q 339 47.19 51.00 -18.04
CA SER Q 339 47.22 52.41 -17.74
C SER Q 339 48.24 53.09 -18.62
N VAL Q 340 47.85 54.22 -19.21
CA VAL Q 340 48.65 54.87 -20.24
C VAL Q 340 49.08 56.24 -19.77
N GLY Q 341 50.37 56.53 -19.91
CA GLY Q 341 50.90 57.86 -19.72
C GLY Q 341 51.05 58.57 -21.05
N ALA Q 342 51.34 59.87 -20.96
CA ALA Q 342 51.36 60.75 -22.12
C ALA Q 342 52.79 61.10 -22.50
N THR Q 343 53.07 61.13 -23.80
CA THR Q 343 54.38 61.47 -24.31
C THR Q 343 54.26 62.59 -25.34
N GLN Q 344 55.36 63.30 -25.54
CA GLN Q 344 55.47 64.31 -26.59
C GLN Q 344 56.19 63.71 -27.78
N LEU Q 345 55.65 63.92 -28.97
CA LEU Q 345 56.28 63.40 -30.17
C LEU Q 345 57.60 64.13 -30.42
N PRO Q 346 58.54 63.47 -31.09
CA PRO Q 346 59.84 64.10 -31.33
C PRO Q 346 59.70 65.40 -32.11
N LEU Q 347 60.09 66.50 -31.48
CA LEU Q 347 59.99 67.83 -32.08
C LEU Q 347 61.38 68.44 -32.21
N ASN Q 348 61.51 69.34 -33.18
CA ASN Q 348 62.79 69.96 -33.48
C ASN Q 348 62.95 71.27 -32.73
N LYS Q 477 68.21 71.95 -31.52
CA LYS Q 477 68.40 70.66 -30.87
C LYS Q 477 67.14 69.82 -30.95
N SER Q 478 67.07 68.97 -31.96
CA SER Q 478 65.94 68.05 -32.11
C SER Q 478 65.91 67.04 -30.97
N LEU Q 479 64.74 66.86 -30.38
CA LEU Q 479 64.55 65.94 -29.27
C LEU Q 479 63.84 64.68 -29.73
N THR Q 480 64.10 63.59 -29.02
CA THR Q 480 63.38 62.35 -29.24
C THR Q 480 62.06 62.40 -28.48
N GLU Q 481 61.38 61.27 -28.38
CA GLU Q 481 60.13 61.23 -27.62
C GLU Q 481 60.39 61.51 -26.15
N GLN Q 482 59.47 62.23 -25.53
CA GLN Q 482 59.66 62.66 -24.16
C GLN Q 482 58.33 62.59 -23.44
N MET Q 483 58.35 62.17 -22.18
CA MET Q 483 57.11 62.14 -21.43
C MET Q 483 56.69 63.54 -21.04
N ALA Q 484 55.40 63.81 -21.19
CA ALA Q 484 54.86 65.09 -20.74
C ALA Q 484 54.94 65.19 -19.23
N ASP Q 485 55.02 66.43 -18.74
CA ASP Q 485 55.22 66.68 -17.33
C ASP Q 485 53.91 66.77 -16.56
N PHE Q 486 52.80 66.38 -17.17
CA PHE Q 486 51.54 66.31 -16.46
C PHE Q 486 51.05 64.89 -16.28
N SER Q 487 51.75 63.89 -16.81
CA SER Q 487 51.34 62.51 -16.61
C SER Q 487 51.53 62.13 -15.15
N SER Q 488 50.51 61.49 -14.59
CA SER Q 488 50.65 60.97 -13.24
C SER Q 488 51.68 59.86 -13.21
N ARG Q 489 52.34 59.71 -12.07
CA ARG Q 489 53.43 58.76 -11.94
C ARG Q 489 53.15 57.83 -10.77
N GLY Q 490 53.60 56.60 -10.90
CA GLY Q 490 53.42 55.61 -9.86
C GLY Q 490 54.42 55.81 -8.76
N PRO Q 491 54.59 54.80 -7.91
CA PRO Q 491 53.91 53.51 -7.88
C PRO Q 491 52.52 53.59 -7.28
N VAL Q 492 51.77 52.50 -7.33
CA VAL Q 492 50.49 52.46 -6.64
C VAL Q 492 50.70 52.19 -5.16
N MET Q 493 49.90 52.84 -4.33
CA MET Q 493 49.98 52.62 -2.89
C MET Q 493 49.47 51.25 -2.55
N ASP Q 494 50.05 50.65 -1.51
CA ASP Q 494 49.58 49.41 -0.90
C ASP Q 494 49.81 48.19 -1.80
N THR Q 495 50.23 48.41 -3.04
CA THR Q 495 50.66 47.33 -3.92
C THR Q 495 51.99 47.59 -4.57
N TRP Q 496 52.47 48.84 -4.58
CA TRP Q 496 53.79 49.20 -5.09
C TRP Q 496 53.96 48.78 -6.54
N MET Q 497 52.86 48.69 -7.27
CA MET Q 497 52.88 48.30 -8.66
C MET Q 497 53.40 49.45 -9.51
N ILE Q 498 54.13 49.11 -10.57
CA ILE Q 498 54.68 50.13 -11.46
C ILE Q 498 53.57 50.65 -12.35
N LYS Q 499 53.35 51.96 -12.33
CA LYS Q 499 52.40 52.59 -13.24
C LYS Q 499 52.99 53.91 -13.69
N PRO Q 500 52.69 54.35 -14.92
CA PRO Q 500 51.76 53.81 -15.91
C PRO Q 500 52.21 52.48 -16.45
N ASP Q 501 51.33 51.70 -17.06
CA ASP Q 501 51.79 50.46 -17.68
C ASP Q 501 52.53 50.73 -18.98
N VAL Q 502 51.96 51.59 -19.84
CA VAL Q 502 52.61 51.95 -21.09
C VAL Q 502 52.40 53.44 -21.31
N SER Q 503 53.24 54.06 -22.11
CA SER Q 503 53.03 55.43 -22.52
C SER Q 503 52.69 55.50 -24.00
N ALA Q 504 52.04 56.59 -24.39
CA ALA Q 504 51.59 56.77 -25.76
C ALA Q 504 51.52 58.26 -26.04
N PRO Q 505 51.51 58.66 -27.32
CA PRO Q 505 51.44 60.09 -27.64
C PRO Q 505 50.17 60.72 -27.11
N GLY Q 506 50.33 61.74 -26.28
CA GLY Q 506 49.18 62.39 -25.67
C GLY Q 506 49.30 63.88 -25.53
N VAL Q 507 50.15 64.51 -26.34
CA VAL Q 507 50.35 65.95 -26.31
C VAL Q 507 50.03 66.50 -27.68
N ASN Q 508 49.14 67.49 -27.73
CA ASN Q 508 48.75 68.15 -28.97
C ASN Q 508 48.18 67.14 -29.98
N ILE Q 509 47.09 66.51 -29.58
CA ILE Q 509 46.41 65.53 -30.42
C ILE Q 509 45.19 66.21 -31.03
N VAL Q 510 45.13 66.23 -32.35
CA VAL Q 510 43.98 66.81 -33.04
C VAL Q 510 43.02 65.68 -33.39
N SER Q 511 41.74 65.93 -33.17
CA SER Q 511 40.73 64.90 -33.41
C SER Q 511 39.36 65.56 -33.49
N THR Q 512 38.36 64.74 -33.76
CA THR Q 512 37.02 65.23 -34.02
C THR Q 512 36.40 65.79 -32.75
N ILE Q 513 35.78 66.97 -32.85
CA ILE Q 513 35.06 67.57 -31.74
C ILE Q 513 33.73 68.10 -32.23
N PRO Q 514 32.74 68.25 -31.36
CA PRO Q 514 31.59 69.09 -31.69
C PRO Q 514 31.89 70.54 -31.39
N THR Q 515 31.57 71.39 -32.35
CA THR Q 515 31.77 72.82 -32.17
C THR Q 515 30.66 73.46 -31.33
N HIS Q 516 29.59 72.72 -31.05
CA HIS Q 516 28.45 73.23 -30.30
C HIS Q 516 27.89 74.50 -30.96
N ASP Q 517 27.93 74.51 -32.29
CA ASP Q 517 27.45 75.62 -33.08
C ASP Q 517 26.43 75.07 -34.07
N PRO Q 518 25.17 75.50 -34.02
CA PRO Q 518 24.18 75.00 -34.98
C PRO Q 518 24.56 75.25 -36.44
N ALA Q 519 25.34 76.29 -36.73
CA ALA Q 519 25.75 76.57 -38.09
C ALA Q 519 26.60 75.44 -38.66
N ASP Q 520 27.57 74.96 -37.88
CA ASP Q 520 28.37 73.80 -38.25
C ASP Q 520 28.76 73.06 -36.98
N PRO Q 521 28.09 71.94 -36.69
CA PRO Q 521 28.26 71.32 -35.37
C PRO Q 521 29.51 70.48 -35.23
N TYR Q 522 30.19 70.13 -36.32
CA TYR Q 522 31.31 69.21 -36.28
C TYR Q 522 32.58 69.91 -36.74
N GLY Q 523 33.68 69.63 -36.06
CA GLY Q 523 34.95 70.20 -36.45
C GLY Q 523 36.08 69.40 -35.86
N TYR Q 524 37.27 69.98 -35.90
CA TYR Q 524 38.46 69.34 -35.35
C TYR Q 524 39.11 70.25 -34.34
N GLY Q 525 39.66 69.65 -33.29
CA GLY Q 525 40.29 70.42 -32.24
C GLY Q 525 41.46 69.66 -31.66
N SER Q 526 42.39 70.41 -31.10
CA SER Q 526 43.61 69.87 -30.53
C SER Q 526 43.50 69.91 -29.02
N LYS Q 527 43.57 68.75 -28.39
CA LYS Q 527 43.55 68.63 -26.96
C LYS Q 527 44.78 67.86 -26.50
N GLN Q 528 45.12 68.05 -25.23
CA GLN Q 528 46.29 67.45 -24.63
C GLN Q 528 45.93 66.90 -23.26
N GLY Q 529 46.55 65.80 -22.90
CA GLY Q 529 46.31 65.21 -21.60
C GLY Q 529 46.56 63.72 -21.62
N THR Q 530 46.81 63.18 -20.43
CA THR Q 530 46.95 61.74 -20.29
C THR Q 530 45.67 61.03 -20.70
N SER Q 531 44.53 61.71 -20.56
CA SER Q 531 43.26 61.15 -21.00
C SER Q 531 43.22 60.95 -22.50
N MET Q 532 44.11 61.56 -23.25
CA MET Q 532 44.18 61.34 -24.69
C MET Q 532 45.37 60.51 -25.13
N ALA Q 533 46.16 60.01 -24.21
CA ALA Q 533 47.11 58.97 -24.56
C ALA Q 533 46.46 57.59 -24.56
N SER Q 534 45.50 57.36 -23.66
CA SER Q 534 44.84 56.07 -23.61
C SER Q 534 44.11 55.69 -24.89
N PRO Q 535 43.43 56.60 -25.62
CA PRO Q 535 42.76 56.15 -26.85
C PRO Q 535 43.70 55.55 -27.87
N HIS Q 536 44.95 55.99 -27.93
CA HIS Q 536 45.90 55.34 -28.82
C HIS Q 536 46.08 53.88 -28.45
N VAL Q 537 46.22 53.59 -27.16
CA VAL Q 537 46.39 52.21 -26.74
C VAL Q 537 45.11 51.43 -26.92
N ALA Q 538 43.95 52.07 -26.78
CA ALA Q 538 42.70 51.36 -27.05
C ALA Q 538 42.59 50.97 -28.51
N GLY Q 539 42.94 51.88 -29.41
CA GLY Q 539 42.98 51.54 -30.82
C GLY Q 539 44.00 50.46 -31.13
N ALA Q 540 45.15 50.53 -30.48
CA ALA Q 540 46.17 49.49 -30.65
C ALA Q 540 45.64 48.14 -30.20
N ALA Q 541 44.93 48.10 -29.07
CA ALA Q 541 44.36 46.85 -28.59
C ALA Q 541 43.32 46.33 -29.56
N ALA Q 542 42.51 47.22 -30.13
CA ALA Q 542 41.54 46.77 -31.13
C ALA Q 542 42.23 46.17 -32.33
N VAL Q 543 43.28 46.82 -32.82
CA VAL Q 543 44.01 46.30 -33.98
C VAL Q 543 44.61 44.95 -33.66
N ILE Q 544 45.23 44.82 -32.49
CA ILE Q 544 45.85 43.56 -32.11
C ILE Q 544 44.80 42.47 -31.98
N LYS Q 545 43.67 42.78 -31.36
CA LYS Q 545 42.62 41.78 -31.23
C LYS Q 545 42.09 41.33 -32.57
N GLN Q 546 42.06 42.23 -33.56
CA GLN Q 546 41.76 41.77 -34.91
C GLN Q 546 42.86 40.86 -35.43
N ALA Q 547 44.11 41.21 -35.16
CA ALA Q 547 45.23 40.42 -35.68
C ALA Q 547 45.36 39.09 -34.96
N LYS Q 548 45.25 39.10 -33.63
CA LYS Q 548 45.36 37.89 -32.82
C LYS Q 548 44.03 37.66 -32.12
N PRO Q 549 43.10 36.94 -32.75
CA PRO Q 549 41.75 36.81 -32.16
C PRO Q 549 41.70 35.89 -30.95
N LYS Q 550 42.76 35.15 -30.66
CA LYS Q 550 42.73 34.20 -29.56
C LYS Q 550 43.37 34.73 -28.29
N TRP Q 551 43.94 35.93 -28.31
CA TRP Q 551 44.64 36.45 -27.16
C TRP Q 551 43.66 36.93 -26.09
N SER Q 552 43.96 36.60 -24.85
CA SER Q 552 43.17 37.06 -23.71
C SER Q 552 43.50 38.52 -23.43
N PRO Q 553 42.69 39.21 -22.62
CA PRO Q 553 43.05 40.61 -22.28
C PRO Q 553 44.41 40.73 -21.62
N GLU Q 554 44.79 39.79 -20.77
CA GLU Q 554 46.11 39.84 -20.16
C GLU Q 554 47.21 39.56 -21.15
N GLN Q 555 46.98 38.72 -22.14
CA GLN Q 555 47.95 38.50 -23.20
C GLN Q 555 48.16 39.74 -24.06
N ILE Q 556 47.09 40.48 -24.35
CA ILE Q 556 47.24 41.73 -25.08
C ILE Q 556 48.04 42.74 -24.26
N LYS Q 557 47.74 42.82 -22.96
CA LYS Q 557 48.49 43.74 -22.11
C LYS Q 557 49.97 43.36 -22.08
N ALA Q 558 50.27 42.07 -21.98
CA ALA Q 558 51.65 41.64 -21.99
C ALA Q 558 52.33 41.86 -23.32
N ALA Q 559 51.60 41.78 -24.43
CA ALA Q 559 52.19 42.02 -25.75
C ALA Q 559 52.46 43.48 -26.01
N LEU Q 560 51.55 44.37 -25.61
CA LEU Q 560 51.83 45.79 -25.69
C LEU Q 560 53.00 46.17 -24.81
N MET Q 561 53.03 45.62 -23.60
CA MET Q 561 54.03 46.04 -22.63
C MET Q 561 55.39 45.46 -22.94
N ASN Q 562 55.45 44.31 -23.59
CA ASN Q 562 56.71 43.66 -23.88
C ASN Q 562 57.47 44.38 -24.98
N THR Q 563 56.78 44.73 -26.06
CA THR Q 563 57.38 45.36 -27.23
C THR Q 563 57.10 46.85 -27.15
N ALA Q 564 57.92 47.55 -26.37
CA ALA Q 564 57.77 48.98 -26.17
C ALA Q 564 59.15 49.61 -26.10
N GLU Q 565 59.29 50.78 -26.72
CA GLU Q 565 60.58 51.45 -26.82
C GLU Q 565 60.81 52.32 -25.60
N THR Q 566 61.90 52.05 -24.89
CA THR Q 566 62.28 52.87 -23.76
C THR Q 566 62.59 54.29 -24.22
N LEU Q 567 62.23 55.26 -23.38
CA LEU Q 567 62.36 56.67 -23.70
C LEU Q 567 63.44 57.30 -22.84
N THR Q 568 64.34 58.05 -23.47
CA THR Q 568 65.34 58.82 -22.76
C THR Q 568 64.99 60.30 -22.80
N ASP Q 569 65.33 61.00 -21.73
CA ASP Q 569 65.01 62.41 -21.61
C ASP Q 569 66.02 63.23 -22.42
N ALA Q 570 65.99 64.54 -22.23
CA ALA Q 570 66.83 65.43 -23.04
C ALA Q 570 68.32 65.17 -22.79
N ASP Q 571 68.70 65.04 -21.52
CA ASP Q 571 70.12 64.87 -21.20
C ASP Q 571 70.65 63.54 -21.72
N GLY Q 572 69.83 62.50 -21.67
CA GLY Q 572 70.24 61.20 -22.16
C GLY Q 572 70.04 60.10 -21.15
N ASP Q 573 69.26 60.38 -20.10
CA ASP Q 573 68.98 59.41 -19.06
C ASP Q 573 67.64 58.75 -19.32
N VAL Q 574 67.58 57.44 -19.13
CA VAL Q 574 66.32 56.73 -19.28
C VAL Q 574 65.34 57.24 -18.23
N TYR Q 575 64.11 57.52 -18.67
CA TYR Q 575 63.08 57.95 -17.75
C TYR Q 575 62.82 56.87 -16.70
N PRO Q 576 62.54 57.25 -15.46
CA PRO Q 576 62.27 56.25 -14.43
C PRO Q 576 61.09 55.37 -14.82
N HIS Q 577 61.06 54.17 -14.25
CA HIS Q 577 60.01 53.22 -14.60
C HIS Q 577 58.64 53.74 -14.20
N ASN Q 578 58.52 54.41 -13.07
CA ASN Q 578 57.24 55.03 -12.73
C ASN Q 578 57.14 56.41 -13.31
N ALA Q 579 57.59 56.56 -14.54
CA ALA Q 579 57.28 57.70 -15.39
C ALA Q 579 57.06 57.25 -16.81
N GLN Q 580 57.42 56.04 -17.14
CA GLN Q 580 57.43 55.47 -18.48
C GLN Q 580 56.63 54.19 -18.57
N GLY Q 581 56.70 53.36 -17.54
CA GLY Q 581 56.07 52.08 -17.50
C GLY Q 581 56.88 51.04 -18.23
N ALA Q 582 56.82 51.06 -19.54
CA ALA Q 582 57.66 50.20 -20.34
C ALA Q 582 58.10 50.89 -21.62
N GLY Q 583 57.69 52.13 -21.83
CA GLY Q 583 58.01 52.87 -23.03
C GLY Q 583 56.76 53.12 -23.86
N SER Q 584 57.00 53.64 -25.05
CA SER Q 584 55.91 53.94 -25.97
C SER Q 584 55.47 52.67 -26.70
N ILE Q 585 54.18 52.58 -27.01
CA ILE Q 585 53.68 51.43 -27.73
C ILE Q 585 54.31 51.37 -29.12
N ARG Q 586 54.40 50.16 -29.65
CA ARG Q 586 54.77 49.94 -31.05
C ARG Q 586 53.83 48.86 -31.56
N ILE Q 587 52.78 49.28 -32.26
CA ILE Q 587 51.74 48.33 -32.67
C ILE Q 587 52.32 47.26 -33.59
N MET Q 588 53.25 47.65 -34.46
CA MET Q 588 53.77 46.70 -35.43
C MET Q 588 54.57 45.59 -34.75
N LYS Q 589 55.39 45.95 -33.76
CA LYS Q 589 56.12 44.93 -33.03
C LYS Q 589 55.18 44.05 -32.23
N ALA Q 590 54.16 44.64 -31.62
CA ALA Q 590 53.22 43.85 -30.82
C ALA Q 590 52.45 42.87 -31.68
N ILE Q 591 52.05 43.29 -32.89
CA ILE Q 591 51.29 42.42 -33.77
C ILE Q 591 52.10 41.21 -34.21
N LYS Q 592 53.41 41.37 -34.35
CA LYS Q 592 54.28 40.30 -34.81
C LYS Q 592 55.13 39.89 -33.61
N ALA Q 593 54.56 39.05 -32.77
CA ALA Q 593 55.22 38.60 -31.56
C ALA Q 593 54.79 37.17 -31.28
N ASP Q 594 55.76 36.26 -31.26
CA ASP Q 594 55.48 34.86 -31.03
C ASP Q 594 55.89 34.40 -29.65
N SER Q 595 56.31 35.32 -28.78
CA SER Q 595 56.65 34.99 -27.42
C SER Q 595 56.10 36.07 -26.51
N LEU Q 596 55.41 35.66 -25.45
CA LEU Q 596 54.81 36.59 -24.52
C LEU Q 596 55.35 36.34 -23.11
N VAL Q 597 55.85 37.37 -22.47
CA VAL Q 597 56.35 37.28 -21.11
C VAL Q 597 55.36 37.98 -20.19
N ALA Q 598 54.86 37.25 -19.21
CA ALA Q 598 53.86 37.78 -18.30
C ALA Q 598 54.25 37.49 -16.85
N PRO Q 599 54.02 38.43 -15.94
CA PRO Q 599 53.41 39.74 -16.14
C PRO Q 599 54.38 40.68 -16.82
N GLY Q 600 53.91 41.67 -17.57
CA GLY Q 600 54.81 42.54 -18.29
C GLY Q 600 55.70 43.36 -17.39
N SER Q 601 55.28 43.60 -16.15
CA SER Q 601 56.10 44.29 -15.18
C SER Q 601 55.78 43.71 -13.81
N TYR Q 602 56.79 43.62 -12.96
CA TYR Q 602 56.60 43.05 -11.65
C TYR Q 602 57.20 43.96 -10.60
N SER Q 603 56.61 43.94 -9.41
CA SER Q 603 57.09 44.74 -8.29
C SER Q 603 57.30 43.81 -7.10
N TYR Q 604 58.49 43.86 -6.52
CA TYR Q 604 58.81 42.97 -5.42
C TYR Q 604 58.30 43.46 -4.08
N GLY Q 605 57.67 44.62 -4.04
CA GLY Q 605 57.15 45.11 -2.78
C GLY Q 605 58.21 45.84 -1.97
N THR Q 606 58.13 45.70 -0.66
CA THR Q 606 59.00 46.41 0.25
C THR Q 606 59.85 45.44 1.04
N PHE Q 607 61.05 45.89 1.42
CA PHE Q 607 61.98 45.12 2.24
C PHE Q 607 62.16 45.90 3.53
N MET Q 608 61.62 45.37 4.63
CA MET Q 608 61.53 46.09 5.88
C MET Q 608 62.53 45.61 6.93
N LYS Q 609 63.31 44.59 6.65
CA LYS Q 609 64.18 44.02 7.67
C LYS Q 609 65.23 45.03 8.11
N ASP Q 610 65.41 45.16 9.42
CA ASP Q 610 66.40 46.08 9.95
C ASP Q 610 67.81 45.54 9.79
N LYS Q 611 68.00 44.24 9.98
CA LYS Q 611 69.30 43.61 9.81
C LYS Q 611 69.12 42.25 9.15
N GLY Q 612 70.16 41.79 8.50
CA GLY Q 612 70.13 40.54 7.79
C GLY Q 612 69.86 40.72 6.31
N ASN Q 613 69.64 39.60 5.64
CA ASN Q 613 69.37 39.57 4.22
C ASN Q 613 67.95 39.05 3.98
N GLU Q 614 67.23 39.72 3.10
CA GLU Q 614 65.87 39.32 2.77
C GLU Q 614 65.81 38.95 1.29
N THR Q 615 65.22 37.80 1.00
CA THR Q 615 65.16 37.27 -0.36
C THR Q 615 63.70 37.14 -0.78
N LYS Q 616 63.40 37.63 -1.96
CA LYS Q 616 62.09 37.45 -2.57
C LYS Q 616 62.27 36.85 -3.95
N LYS Q 617 61.22 36.22 -4.46
CA LYS Q 617 61.32 35.62 -5.78
C LYS Q 617 60.00 35.73 -6.49
N GLU Q 618 60.07 35.76 -7.82
CA GLU Q 618 58.91 35.84 -8.68
C GLU Q 618 59.07 34.84 -9.81
N THR Q 619 57.94 34.37 -10.33
CA THR Q 619 57.92 33.43 -11.44
C THR Q 619 57.28 34.11 -12.64
N PHE Q 620 58.09 34.48 -13.61
CA PHE Q 620 57.59 34.98 -14.87
C PHE Q 620 57.29 33.81 -15.79
N THR Q 621 56.35 34.01 -16.69
CA THR Q 621 55.87 32.98 -17.58
C THR Q 621 56.09 33.39 -19.02
N ILE Q 622 56.77 32.54 -19.78
CA ILE Q 622 57.05 32.80 -21.18
C ILE Q 622 56.22 31.82 -22.00
N GLU Q 623 55.36 32.36 -22.86
CA GLU Q 623 54.54 31.57 -23.77
C GLU Q 623 55.19 31.61 -25.14
N ASN Q 624 55.46 30.43 -25.68
CA ASN Q 624 56.11 30.27 -26.99
C ASN Q 624 55.02 30.03 -28.02
N GLN Q 625 54.50 31.13 -28.58
CA GLN Q 625 53.40 31.04 -29.52
C GLN Q 625 53.81 30.47 -30.88
N SER Q 626 55.10 30.30 -31.12
CA SER Q 626 55.57 29.84 -32.42
C SER Q 626 55.43 28.34 -32.55
N SER Q 627 55.77 27.82 -33.72
CA SER Q 627 55.69 26.40 -34.03
C SER Q 627 57.01 25.68 -33.87
N ILE Q 628 58.00 26.32 -33.26
CA ILE Q 628 59.36 25.82 -33.20
C ILE Q 628 59.85 25.94 -31.76
N ARG Q 629 60.57 24.92 -31.30
CA ARG Q 629 61.10 24.94 -29.94
C ARG Q 629 62.19 26.00 -29.83
N LYS Q 630 62.09 26.86 -28.82
CA LYS Q 630 62.99 27.99 -28.70
C LYS Q 630 63.70 27.98 -27.37
N SER Q 631 64.79 28.74 -27.31
CA SER Q 631 65.59 28.89 -26.11
C SER Q 631 65.63 30.37 -25.75
N TYR Q 632 65.12 30.71 -24.57
CA TYR Q 632 65.07 32.08 -24.09
C TYR Q 632 66.15 32.30 -23.05
N GLN Q 633 66.75 33.48 -23.10
CA GLN Q 633 67.89 33.83 -22.28
C GLN Q 633 67.54 35.04 -21.42
N LEU Q 634 67.77 34.94 -20.13
CA LEU Q 634 67.34 35.95 -19.17
C LEU Q 634 68.53 36.72 -18.63
N GLU Q 635 68.39 38.05 -18.60
CA GLU Q 635 69.38 38.91 -17.96
C GLU Q 635 68.67 39.76 -16.93
N TYR Q 636 69.06 39.62 -15.68
CA TYR Q 636 68.47 40.35 -14.58
C TYR Q 636 69.41 41.45 -14.13
N SER Q 637 68.89 42.65 -13.92
CA SER Q 637 69.69 43.76 -13.43
C SER Q 637 68.88 44.58 -12.45
N PHE Q 638 69.58 45.19 -11.51
CA PHE Q 638 68.98 46.15 -10.58
C PHE Q 638 69.97 47.27 -10.33
N ASN Q 639 69.46 48.49 -10.23
CA ASN Q 639 70.28 49.62 -9.85
C ASN Q 639 70.41 49.68 -8.34
N GLY Q 640 71.49 50.30 -7.88
CA GLY Q 640 71.68 50.41 -6.45
C GLY Q 640 72.52 49.29 -5.89
N THR Q 641 73.25 49.60 -4.83
CA THR Q 641 74.17 48.66 -4.22
C THR Q 641 73.48 47.86 -3.12
N GLY Q 642 73.98 46.65 -2.89
CA GLY Q 642 73.42 45.77 -1.90
C GLY Q 642 72.25 44.94 -2.38
N ILE Q 643 71.91 45.03 -3.66
CA ILE Q 643 70.83 44.24 -4.25
C ILE Q 643 71.46 43.27 -5.23
N THR Q 644 71.30 41.98 -4.98
CA THR Q 644 71.83 40.94 -5.84
C THR Q 644 70.68 40.19 -6.48
N VAL Q 645 70.73 40.05 -7.80
CA VAL Q 645 69.64 39.46 -8.55
C VAL Q 645 70.16 38.23 -9.28
N SER Q 646 69.36 37.18 -9.30
CA SER Q 646 69.76 35.93 -9.92
C SER Q 646 68.50 35.21 -10.39
N GLY Q 647 68.66 33.99 -10.84
CA GLY Q 647 67.53 33.19 -11.25
C GLY Q 647 67.86 32.39 -12.49
N THR Q 648 66.82 31.84 -13.09
CA THR Q 648 66.99 31.00 -14.27
C THR Q 648 67.59 31.79 -15.44
N ASP Q 649 68.82 31.43 -15.80
CA ASP Q 649 69.51 32.14 -16.87
C ASP Q 649 69.16 31.67 -18.27
N ARG Q 650 68.40 30.58 -18.40
CA ARG Q 650 68.04 30.06 -19.71
C ARG Q 650 66.93 29.06 -19.56
N VAL Q 651 65.94 29.13 -20.44
CA VAL Q 651 64.90 28.13 -20.51
C VAL Q 651 64.76 27.66 -21.95
N VAL Q 652 64.30 26.44 -22.12
CA VAL Q 652 63.97 25.90 -23.42
C VAL Q 652 62.50 25.54 -23.39
N ILE Q 653 61.72 26.11 -24.30
CA ILE Q 653 60.27 25.95 -24.33
C ILE Q 653 59.90 25.30 -25.65
N PRO Q 654 59.17 24.20 -25.64
CA PRO Q 654 58.72 23.59 -26.89
C PRO Q 654 57.69 24.45 -27.60
N ALA Q 655 57.28 24.03 -28.79
CA ALA Q 655 56.33 24.82 -29.56
C ALA Q 655 54.98 24.85 -28.88
N HIS Q 656 54.33 26.01 -28.92
CA HIS Q 656 52.97 26.18 -28.41
C HIS Q 656 52.87 25.73 -26.97
N GLN Q 657 53.86 26.11 -26.16
CA GLN Q 657 53.91 25.71 -24.77
C GLN Q 657 54.33 26.90 -23.92
N THR Q 658 54.64 26.61 -22.66
CA THR Q 658 54.85 27.62 -21.64
C THR Q 658 55.98 27.20 -20.71
N GLY Q 659 56.87 28.15 -20.41
CA GLY Q 659 57.93 27.91 -19.48
C GLY Q 659 57.91 28.95 -18.37
N LYS Q 660 58.57 28.60 -17.27
CA LYS Q 660 58.60 29.45 -16.09
C LYS Q 660 60.04 29.81 -15.76
N VAL Q 661 60.28 31.08 -15.49
CA VAL Q 661 61.59 31.57 -15.08
C VAL Q 661 61.44 32.14 -13.68
N ASN Q 662 62.34 31.73 -12.78
CA ASN Q 662 62.26 32.10 -11.38
C ASN Q 662 63.30 33.19 -11.13
N ALA Q 663 62.88 34.44 -11.24
CA ALA Q 663 63.74 35.55 -10.87
C ALA Q 663 63.79 35.65 -9.36
N LYS Q 664 64.93 36.04 -8.83
CA LYS Q 664 65.13 36.08 -7.39
C LYS Q 664 65.95 37.31 -7.05
N VAL Q 665 65.51 38.07 -6.06
CA VAL Q 665 66.20 39.27 -5.62
C VAL Q 665 66.55 39.10 -4.15
N LYS Q 666 67.70 39.64 -3.77
CA LYS Q 666 68.18 39.52 -2.40
C LYS Q 666 68.75 40.86 -1.98
N VAL Q 667 68.24 41.38 -0.87
CA VAL Q 667 68.60 42.70 -0.37
C VAL Q 667 69.34 42.52 0.95
N ASN Q 668 70.53 43.10 1.03
CA ASN Q 668 71.35 43.10 2.23
C ASN Q 668 71.01 44.36 3.01
N ALA Q 669 70.26 44.20 4.11
CA ALA Q 669 69.79 45.35 4.86
C ALA Q 669 70.93 46.19 5.43
N LYS Q 670 72.11 45.62 5.58
CA LYS Q 670 73.22 46.36 6.17
C LYS Q 670 73.92 47.26 5.17
N LYS Q 671 73.66 47.08 3.87
CA LYS Q 671 74.39 47.82 2.85
C LYS Q 671 73.51 48.71 1.98
N VAL Q 672 72.19 48.57 2.05
CA VAL Q 672 71.29 49.21 1.10
C VAL Q 672 70.73 50.48 1.74
N LYS Q 673 70.86 51.60 1.04
CA LYS Q 673 70.19 52.82 1.43
C LYS Q 673 68.71 52.73 1.11
N ALA Q 674 67.89 53.27 2.01
CA ALA Q 674 66.44 53.25 1.79
C ALA Q 674 66.08 54.05 0.55
N GLY Q 675 65.09 53.58 -0.18
CA GLY Q 675 64.66 54.24 -1.39
C GLY Q 675 64.01 53.25 -2.33
N THR Q 676 63.63 53.76 -3.48
CA THR Q 676 62.97 52.97 -4.52
C THR Q 676 63.98 52.66 -5.61
N TYR Q 677 64.18 51.38 -5.89
CA TYR Q 677 65.15 50.94 -6.87
C TYR Q 677 64.44 50.25 -8.03
N GLU Q 678 64.91 50.52 -9.23
CA GLU Q 678 64.30 50.00 -10.45
C GLU Q 678 65.23 48.98 -11.08
N GLY Q 679 64.69 47.81 -11.40
CA GLY Q 679 65.43 46.77 -12.08
C GLY Q 679 64.78 46.42 -13.40
N THR Q 680 65.32 45.39 -14.03
CA THR Q 680 64.83 44.97 -15.33
C THR Q 680 65.19 43.51 -15.57
N VAL Q 681 64.24 42.77 -16.13
CA VAL Q 681 64.47 41.42 -16.62
C VAL Q 681 64.35 41.47 -18.12
N THR Q 682 65.42 41.14 -18.82
CA THR Q 682 65.45 41.18 -20.28
C THR Q 682 65.46 39.77 -20.81
N VAL Q 683 64.56 39.48 -21.74
CA VAL Q 683 64.41 38.16 -22.34
C VAL Q 683 64.84 38.25 -23.80
N ARG Q 684 65.82 37.45 -24.18
CA ARG Q 684 66.30 37.39 -25.53
C ARG Q 684 65.98 36.03 -26.13
N GLU Q 685 65.72 36.02 -27.43
CA GLU Q 685 65.45 34.77 -28.12
C GLU Q 685 65.94 34.90 -29.56
N GLY Q 686 66.96 34.11 -29.90
CA GLY Q 686 67.48 34.05 -31.26
C GLY Q 686 67.68 35.40 -31.89
N GLY Q 687 68.60 36.19 -31.34
CA GLY Q 687 68.82 37.52 -31.88
C GLY Q 687 67.99 38.56 -31.16
N LYS Q 688 66.83 38.86 -31.73
CA LYS Q 688 65.95 39.91 -31.23
C LYS Q 688 65.63 39.74 -29.75
N THR Q 689 65.32 40.86 -29.12
CA THR Q 689 64.84 40.89 -27.73
C THR Q 689 63.33 40.77 -27.71
N VAL Q 690 62.81 39.81 -26.94
CA VAL Q 690 61.38 39.58 -26.95
C VAL Q 690 60.65 40.33 -25.85
N ALA Q 691 61.34 40.76 -24.82
CA ALA Q 691 60.69 41.47 -23.72
C ALA Q 691 61.74 42.19 -22.90
N LYS Q 692 61.29 43.21 -22.19
CA LYS Q 692 62.10 43.95 -21.22
C LYS Q 692 61.17 44.27 -20.06
N VAL Q 693 61.17 43.41 -19.05
CA VAL Q 693 60.20 43.46 -17.97
C VAL Q 693 60.70 44.45 -16.93
N PRO Q 694 60.00 45.55 -16.69
CA PRO Q 694 60.43 46.48 -15.64
C PRO Q 694 60.09 45.92 -14.26
N THR Q 695 61.08 45.84 -13.40
CA THR Q 695 60.89 45.41 -12.03
C THR Q 695 61.20 46.55 -11.09
N LEU Q 696 60.75 46.42 -9.84
CA LEU Q 696 60.90 47.49 -8.88
C LEU Q 696 60.79 46.92 -7.48
N LEU Q 697 61.62 47.45 -6.58
CA LEU Q 697 61.52 47.12 -5.16
C LEU Q 697 61.75 48.39 -4.36
N ILE Q 698 61.24 48.39 -3.14
CA ILE Q 698 61.33 49.52 -2.23
C ILE Q 698 61.99 49.04 -0.95
N VAL Q 699 62.91 49.82 -0.43
CA VAL Q 699 63.64 49.48 0.79
C VAL Q 699 63.16 50.38 1.92
N LYS Q 700 62.91 49.77 3.07
CA LYS Q 700 62.34 50.44 4.25
C LYS Q 700 60.97 50.99 3.84
N GLU Q 701 60.58 52.15 4.34
CA GLU Q 701 59.24 52.68 4.10
C GLU Q 701 59.20 53.48 2.82
N PRO Q 702 58.20 53.27 1.98
CA PRO Q 702 58.08 54.06 0.76
C PRO Q 702 57.86 55.53 1.07
N ASP Q 703 58.31 56.38 0.15
CA ASP Q 703 58.24 57.83 0.34
C ASP Q 703 56.98 58.40 -0.30
N TYR Q 704 55.86 57.82 0.05
CA TYR Q 704 54.61 58.35 -0.46
C TYR Q 704 54.20 59.59 0.31
N PRO Q 705 53.37 60.45 -0.27
CA PRO Q 705 52.83 61.58 0.50
C PRO Q 705 52.03 61.07 1.68
N ARG Q 706 52.38 61.54 2.87
CA ARG Q 706 51.69 61.06 4.06
C ARG Q 706 50.25 61.57 4.11
N VAL Q 707 49.99 62.73 3.53
CA VAL Q 707 48.64 63.25 3.39
C VAL Q 707 48.46 63.72 1.96
N THR Q 708 47.33 63.35 1.36
CA THR Q 708 47.12 63.59 -0.07
C THR Q 708 46.22 64.78 -0.35
N SER Q 709 45.06 64.84 0.30
CA SER Q 709 44.12 65.91 0.02
C SER Q 709 43.47 66.36 1.32
N ILE Q 710 43.11 67.64 1.36
CA ILE Q 710 42.40 68.26 2.46
C ILE Q 710 41.42 69.27 1.90
N ASP Q 711 40.21 69.28 2.46
CA ASP Q 711 39.25 70.33 2.14
C ASP Q 711 38.45 70.67 3.39
N VAL Q 712 37.93 71.89 3.41
CA VAL Q 712 37.17 72.41 4.54
C VAL Q 712 35.81 72.86 4.04
N GLN Q 713 34.75 72.34 4.66
CA GLN Q 713 33.40 72.74 4.31
C GLN Q 713 32.68 73.22 5.56
N ASP Q 714 31.54 73.86 5.37
CA ASP Q 714 30.75 74.31 6.49
C ASP Q 714 30.10 73.13 7.19
N GLY Q 715 30.10 73.16 8.52
CA GLY Q 715 29.53 72.07 9.28
C GLY Q 715 28.03 72.13 9.34
N THR Q 716 27.44 71.08 9.92
CA THR Q 716 25.99 71.05 10.10
C THR Q 716 25.51 72.15 11.04
N THR Q 717 26.37 72.62 11.93
CA THR Q 717 26.06 73.72 12.83
C THR Q 717 26.70 74.99 12.30
N GLN Q 718 25.92 76.07 12.27
CA GLN Q 718 26.43 77.34 11.79
C GLN Q 718 27.59 77.81 12.64
N GLY Q 719 28.63 78.31 11.99
CA GLY Q 719 29.83 78.76 12.67
C GLY Q 719 30.91 77.72 12.83
N THR Q 720 30.61 76.45 12.59
CA THR Q 720 31.57 75.36 12.69
C THR Q 720 31.93 74.85 11.31
N TYR Q 721 32.96 74.02 11.27
CA TYR Q 721 33.52 73.55 10.01
C TYR Q 721 33.82 72.07 10.11
N GLN Q 722 33.87 71.42 8.95
CA GLN Q 722 34.30 70.04 8.84
C GLN Q 722 35.51 69.97 7.93
N ILE Q 723 36.56 69.31 8.40
CA ILE Q 723 37.79 69.13 7.66
C ILE Q 723 37.83 67.67 7.21
N GLU Q 724 37.91 67.46 5.91
CA GLU Q 724 38.01 66.12 5.35
C GLU Q 724 39.38 65.97 4.71
N THR Q 725 40.12 64.94 5.13
CA THR Q 725 41.46 64.72 4.65
C THR Q 725 41.61 63.26 4.28
N TYR Q 726 42.59 62.97 3.42
CA TYR Q 726 42.86 61.60 3.00
C TYR Q 726 44.28 61.23 3.40
N LEU Q 727 44.41 60.19 4.22
CA LEU Q 727 45.72 59.71 4.66
C LEU Q 727 45.99 58.37 4.03
N PRO Q 728 46.92 58.26 3.09
CA PRO Q 728 47.12 56.99 2.39
C PRO Q 728 47.48 55.83 3.31
N ALA Q 729 48.22 56.07 4.38
CA ALA Q 729 48.57 54.98 5.28
C ALA Q 729 48.46 55.38 6.73
N GLY Q 730 47.52 56.26 7.05
CA GLY Q 730 47.38 56.73 8.41
C GLY Q 730 48.39 57.80 8.73
N ALA Q 731 48.38 58.23 9.98
CA ALA Q 731 49.29 59.27 10.41
C ALA Q 731 49.58 59.11 11.88
N GLU Q 732 50.87 59.01 12.22
CA GLU Q 732 51.25 59.04 13.63
C GLU Q 732 50.87 60.37 14.26
N GLU Q 733 51.04 61.47 13.52
CA GLU Q 733 50.65 62.78 14.01
C GLU Q 733 50.05 63.57 12.86
N LEU Q 734 48.97 64.29 13.14
CA LEU Q 734 48.29 65.08 12.13
C LEU Q 734 47.98 66.46 12.70
N ALA Q 735 48.32 67.50 11.96
CA ALA Q 735 48.14 68.86 12.44
C ALA Q 735 47.49 69.71 11.37
N PHE Q 736 46.49 70.48 11.76
CA PHE Q 736 45.84 71.44 10.87
C PHE Q 736 46.21 72.83 11.33
N LEU Q 737 46.81 73.60 10.42
CA LEU Q 737 47.26 74.96 10.66
C LEU Q 737 46.52 75.92 9.75
N VAL Q 738 46.31 77.14 10.22
CA VAL Q 738 45.51 78.12 9.50
C VAL Q 738 46.38 79.28 9.06
N TYR Q 739 46.17 79.72 7.82
CA TYR Q 739 46.90 80.82 7.23
C TYR Q 739 45.91 81.86 6.72
N ASP Q 740 46.31 83.13 6.77
CA ASP Q 740 45.44 84.19 6.29
C ASP Q 740 45.49 84.23 4.77
N SER Q 741 44.79 85.21 4.19
CA SER Q 741 44.80 85.37 2.74
C SER Q 741 46.19 85.71 2.22
N ASN Q 742 47.04 86.30 3.04
CA ASN Q 742 48.41 86.61 2.66
C ASN Q 742 49.36 85.47 2.97
N LEU Q 743 48.83 84.29 3.29
CA LEU Q 743 49.64 83.11 3.60
C LEU Q 743 50.57 83.38 4.78
N ASP Q 744 50.05 84.08 5.78
CA ASP Q 744 50.77 84.31 7.03
C ASP Q 744 50.22 83.37 8.09
N PHE Q 745 51.10 82.71 8.81
CA PHE Q 745 50.68 81.70 9.77
C PHE Q 745 49.86 82.33 10.89
N VAL Q 746 48.55 82.09 10.87
CA VAL Q 746 47.69 82.64 11.91
C VAL Q 746 47.79 81.82 13.18
N GLY Q 747 47.72 80.49 13.06
CA GLY Q 747 47.84 79.65 14.24
C GLY Q 747 47.54 78.21 13.91
N GLN Q 748 47.22 77.45 14.94
CA GLN Q 748 47.12 76.00 14.88
C GLN Q 748 45.68 75.57 15.11
N ALA Q 749 45.03 75.08 14.06
CA ALA Q 749 43.64 74.67 14.17
C ALA Q 749 43.48 73.46 15.08
N GLY Q 750 44.18 72.37 14.77
CA GLY Q 750 43.97 71.14 15.51
C GLY Q 750 45.16 70.22 15.50
N ILE Q 751 45.23 69.37 16.52
CA ILE Q 751 46.26 68.35 16.65
C ILE Q 751 45.59 67.01 16.90
N TYR Q 752 46.09 65.96 16.26
CA TYR Q 752 45.53 64.63 16.42
C TYR Q 752 46.66 63.61 16.33
N LYS Q 753 46.45 62.46 16.97
CA LYS Q 753 47.45 61.41 17.01
C LYS Q 753 46.80 60.08 16.63
N LYS Q 754 47.61 59.21 16.04
CA LYS Q 754 47.22 57.82 15.77
C LYS Q 754 45.94 57.75 14.96
N GLN Q 755 46.00 58.29 13.76
CA GLN Q 755 44.85 58.32 12.87
C GLN Q 755 44.86 57.12 11.94
N ASP Q 756 43.68 56.58 11.68
CA ASP Q 756 43.54 55.45 10.79
C ASP Q 756 43.60 55.89 9.34
N LYS Q 757 44.05 55.00 8.47
CA LYS Q 757 44.22 55.34 7.07
C LYS Q 757 42.87 55.44 6.37
N GLY Q 758 42.87 56.15 5.26
CA GLY Q 758 41.65 56.37 4.50
C GLY Q 758 41.17 57.80 4.61
N TYR Q 759 39.86 57.99 4.53
CA TYR Q 759 39.26 59.31 4.69
C TYR Q 759 39.01 59.57 6.16
N GLN Q 760 39.47 60.72 6.63
CA GLN Q 760 39.29 61.14 8.01
C GLN Q 760 38.54 62.46 8.03
N TYR Q 761 37.61 62.58 8.97
CA TYR Q 761 36.80 63.78 9.14
C TYR Q 761 36.98 64.32 10.54
N PHE Q 762 37.17 65.63 10.65
CA PHE Q 762 37.38 66.28 11.93
C PHE Q 762 36.49 67.50 12.02
N ASP Q 763 35.81 67.65 13.16
CA ASP Q 763 35.01 68.84 13.40
C ASP Q 763 35.89 69.92 14.00
N TRP Q 764 35.80 71.13 13.46
CA TRP Q 764 36.61 72.24 13.91
C TRP Q 764 35.69 73.40 14.25
N ASN Q 765 35.82 73.93 15.46
CA ASN Q 765 34.95 74.99 15.94
C ASN Q 765 35.34 76.37 15.44
N GLY Q 766 36.27 76.46 14.50
CA GLY Q 766 36.67 77.74 13.95
C GLY Q 766 37.59 78.54 14.84
N LYS Q 767 38.08 77.98 15.93
CA LYS Q 767 38.90 78.70 16.88
C LYS Q 767 40.32 78.15 16.86
N VAL Q 768 41.29 79.07 16.99
CA VAL Q 768 42.69 78.80 16.70
C VAL Q 768 43.48 78.74 18.00
N ASN Q 769 44.45 77.82 18.02
CA ASN Q 769 45.37 77.63 19.16
C ASN Q 769 44.62 77.29 20.44
N GLY Q 770 43.32 77.02 20.33
CA GLY Q 770 42.51 76.82 21.51
C GLY Q 770 41.92 78.13 21.96
N ASP Q 771 40.59 78.22 21.92
CA ASP Q 771 39.78 79.29 22.51
C ASP Q 771 40.03 80.67 21.91
N THR Q 772 40.82 80.79 20.85
CA THR Q 772 41.04 82.06 20.18
C THR Q 772 40.27 82.07 18.87
N ALA Q 773 39.27 82.95 18.77
CA ALA Q 773 38.41 82.99 17.60
C ALA Q 773 39.07 83.79 16.47
N LEU Q 774 38.87 83.31 15.25
CA LEU Q 774 39.45 83.97 14.09
C LEU Q 774 38.67 85.25 13.75
N PRO Q 775 39.35 86.26 13.24
CA PRO Q 775 38.64 87.39 12.63
C PRO Q 775 38.07 86.98 11.28
N ALA Q 776 37.03 87.71 10.87
CA ALA Q 776 36.36 87.41 9.62
C ALA Q 776 37.29 87.67 8.44
N GLY Q 777 37.24 86.78 7.46
CA GLY Q 777 38.08 86.93 6.29
C GLY Q 777 38.18 85.60 5.54
N GLU Q 778 39.23 85.51 4.73
CA GLU Q 778 39.48 84.36 3.88
C GLU Q 778 40.75 83.65 4.34
N TYR Q 779 40.67 82.33 4.47
CA TYR Q 779 41.74 81.58 5.10
C TYR Q 779 42.06 80.32 4.31
N TYR Q 780 43.30 79.87 4.47
CA TYR Q 780 43.78 78.60 3.93
C TYR Q 780 44.10 77.69 5.10
N MET Q 781 44.05 76.39 4.86
CA MET Q 781 44.44 75.43 5.88
C MET Q 781 45.47 74.47 5.33
N LEU Q 782 46.49 74.19 6.15
CA LEU Q 782 47.57 73.29 5.80
C LEU Q 782 47.45 72.06 6.69
N ALA Q 783 47.47 70.89 6.07
CA ALA Q 783 47.49 69.62 6.78
C ALA Q 783 48.92 69.09 6.76
N TYR Q 784 49.46 68.82 7.94
CA TYR Q 784 50.80 68.28 8.10
C TYR Q 784 50.65 66.90 8.75
N ALA Q 785 51.00 65.86 8.01
CA ALA Q 785 50.89 64.50 8.51
C ALA Q 785 52.27 63.87 8.59
N ALA Q 786 52.58 63.29 9.74
CA ALA Q 786 53.85 62.59 9.95
C ALA Q 786 53.55 61.14 10.27
N ASN Q 787 54.22 60.25 9.55
CA ASN Q 787 53.98 58.82 9.68
C ASN Q 787 55.26 58.08 9.29
N LYS Q 788 55.63 57.09 10.11
CA LYS Q 788 56.69 56.14 9.79
C LYS Q 788 57.97 56.83 9.32
N GLY Q 789 58.32 57.91 10.01
CA GLY Q 789 59.59 58.56 9.75
C GLY Q 789 59.62 59.51 8.59
N LYS Q 790 58.48 59.87 8.02
CA LYS Q 790 58.45 60.91 7.01
C LYS Q 790 57.20 61.75 7.20
N SER Q 791 57.30 63.01 6.82
CA SER Q 791 56.19 63.93 6.98
C SER Q 791 55.89 64.60 5.65
N SER Q 792 54.62 64.90 5.43
CA SER Q 792 54.16 65.55 4.23
C SER Q 792 53.14 66.60 4.62
N GLN Q 793 52.88 67.53 3.69
CA GLN Q 793 51.93 68.59 3.95
C GLN Q 793 51.19 68.90 2.67
N VAL Q 794 49.98 69.42 2.83
CA VAL Q 794 49.15 69.78 1.69
C VAL Q 794 48.30 70.98 2.08
N LEU Q 795 48.19 71.93 1.16
CA LEU Q 795 47.48 73.18 1.41
C LEU Q 795 46.14 73.17 0.67
N THR Q 796 45.12 73.70 1.31
CA THR Q 796 43.79 73.79 0.71
C THR Q 796 43.79 74.90 -0.34
N GLU Q 797 43.62 74.53 -1.60
CA GLU Q 797 43.24 75.53 -2.58
C GLU Q 797 41.78 75.90 -2.38
N LYS Q 798 41.35 76.99 -3.04
CA LYS Q 798 40.00 77.50 -2.87
C LYS Q 798 39.77 77.84 -1.39
N PRO Q 799 40.33 78.95 -0.92
CA PRO Q 799 40.29 79.24 0.52
C PRO Q 799 38.86 79.30 1.06
N PHE Q 800 38.70 78.86 2.30
CA PHE Q 800 37.42 78.91 2.98
C PHE Q 800 37.26 80.24 3.71
N ILE Q 801 36.01 80.59 3.99
CA ILE Q 801 35.64 81.92 4.48
C ILE Q 801 35.16 81.80 5.92
N ILE Q 802 35.64 82.68 6.78
CA ILE Q 802 35.17 82.75 8.15
C ILE Q 802 34.02 83.75 8.25
N MET R 158 88.06 9.63 -50.35
CA MET R 158 87.44 8.60 -49.53
C MET R 158 88.29 7.34 -49.47
N ASP R 159 89.30 7.28 -50.34
CA ASP R 159 90.23 6.17 -50.35
C ASP R 159 91.50 6.45 -49.57
N ASP R 160 91.69 7.67 -49.08
CA ASP R 160 92.85 8.03 -48.28
C ASP R 160 92.52 8.57 -46.92
N SER R 161 91.38 9.26 -46.77
CA SER R 161 90.99 9.80 -45.48
C SER R 161 90.50 8.72 -44.53
N ALA R 162 89.70 7.78 -45.03
CA ALA R 162 89.23 6.70 -44.18
C ALA R 162 90.36 5.84 -43.63
N PRO R 163 91.37 5.44 -44.40
CA PRO R 163 92.53 4.79 -43.77
C PRO R 163 93.20 5.66 -42.73
N TYR R 164 93.22 6.98 -42.94
CA TYR R 164 93.91 7.86 -42.01
C TYR R 164 93.21 7.92 -40.66
N ILE R 165 91.89 8.09 -40.67
CA ILE R 165 91.17 8.16 -39.40
C ILE R 165 91.07 6.80 -38.73
N GLY R 166 91.30 5.72 -39.47
CA GLY R 166 91.31 4.39 -38.88
C GLY R 166 90.08 3.58 -39.21
N ALA R 167 89.45 3.87 -40.35
CA ALA R 167 88.22 3.17 -40.70
C ALA R 167 88.48 1.72 -41.06
N ASN R 168 89.50 1.47 -41.90
CA ASN R 168 89.78 0.10 -42.34
C ASN R 168 90.13 -0.79 -41.17
N ASP R 169 90.95 -0.28 -40.23
CA ASP R 169 91.32 -1.08 -39.07
C ASP R 169 90.09 -1.47 -38.27
N ALA R 170 89.13 -0.56 -38.14
CA ALA R 170 87.88 -0.90 -37.47
C ALA R 170 87.10 -1.93 -38.27
N TRP R 171 87.14 -1.84 -39.60
CA TRP R 171 86.43 -2.81 -40.43
C TRP R 171 86.97 -4.22 -40.20
N LYS R 172 88.29 -4.37 -40.17
CA LYS R 172 88.87 -5.69 -39.94
C LYS R 172 88.56 -6.22 -38.55
N LEU R 173 88.13 -5.37 -37.62
CA LEU R 173 87.61 -5.83 -36.35
C LEU R 173 86.13 -6.16 -36.41
N GLY R 174 85.49 -5.98 -37.57
CA GLY R 174 84.09 -6.26 -37.74
C GLY R 174 83.19 -5.06 -37.55
N TYR R 175 83.71 -3.96 -37.02
CA TYR R 175 82.90 -2.78 -36.74
C TYR R 175 82.78 -1.96 -38.01
N THR R 176 81.63 -2.08 -38.68
CA THR R 176 81.37 -1.32 -39.89
C THR R 176 80.12 -0.46 -39.81
N GLY R 177 79.50 -0.36 -38.64
CA GLY R 177 78.30 0.43 -38.48
C GLY R 177 77.00 -0.31 -38.72
N LYS R 178 77.04 -1.64 -38.81
CA LYS R 178 75.83 -2.40 -39.07
C LYS R 178 74.80 -2.20 -37.98
N GLY R 179 73.56 -1.93 -38.37
CA GLY R 179 72.47 -1.73 -37.46
C GLY R 179 72.30 -0.29 -37.02
N VAL R 180 73.32 0.53 -37.21
CA VAL R 180 73.24 1.94 -36.85
C VAL R 180 72.57 2.70 -37.97
N LYS R 181 71.73 3.66 -37.60
CA LYS R 181 70.94 4.42 -38.57
C LYS R 181 71.43 5.86 -38.57
N VAL R 182 71.82 6.35 -39.73
CA VAL R 182 72.38 7.69 -39.87
C VAL R 182 71.44 8.52 -40.73
N ALA R 183 71.09 9.71 -40.25
CA ALA R 183 70.27 10.66 -40.96
C ALA R 183 71.14 11.76 -41.53
N ILE R 184 70.84 12.18 -42.76
CA ILE R 184 71.62 13.17 -43.47
C ILE R 184 70.70 14.34 -43.76
N ILE R 185 70.75 15.39 -42.95
CA ILE R 185 69.90 16.55 -43.17
C ILE R 185 70.68 17.53 -44.05
N ASP R 186 70.47 17.40 -45.36
CA ASP R 186 71.14 18.22 -46.36
C ASP R 186 70.16 18.44 -47.51
N THR R 187 70.68 18.79 -48.67
CA THR R 187 69.87 19.09 -49.86
C THR R 187 69.22 17.85 -50.44
N GLY R 188 69.25 16.72 -49.77
CA GLY R 188 68.70 15.48 -50.28
C GLY R 188 69.79 14.57 -50.81
N VAL R 189 69.43 13.29 -50.96
CA VAL R 189 70.36 12.26 -51.34
C VAL R 189 69.81 11.53 -52.56
N GLU R 190 70.66 11.32 -53.56
CA GLU R 190 70.31 10.49 -54.71
C GLU R 190 70.44 9.04 -54.28
N TYR R 191 69.34 8.47 -53.77
CA TYR R 191 69.36 7.10 -53.27
C TYR R 191 69.21 6.08 -54.39
N LYS R 192 69.94 6.25 -55.48
CA LYS R 192 69.98 5.28 -56.54
C LYS R 192 71.39 5.09 -57.06
N HIS R 193 72.34 5.84 -56.54
CA HIS R 193 73.74 5.60 -56.83
C HIS R 193 74.08 4.18 -56.44
N PRO R 194 74.72 3.40 -57.31
CA PRO R 194 75.00 1.99 -56.97
C PRO R 194 75.78 1.83 -55.69
N ASP R 195 76.58 2.82 -55.30
CA ASP R 195 77.31 2.77 -54.04
C ASP R 195 76.43 3.04 -52.84
N LEU R 196 75.26 3.65 -53.04
CA LEU R 196 74.36 3.99 -51.95
C LEU R 196 73.08 3.17 -51.97
N LYS R 197 72.86 2.34 -52.99
CA LYS R 197 71.57 1.70 -53.17
C LYS R 197 71.23 0.78 -52.01
N LYS R 198 72.18 -0.04 -51.57
CA LYS R 198 71.89 -1.05 -50.57
C LYS R 198 71.96 -0.54 -49.15
N ASN R 199 72.49 0.67 -48.94
CA ASN R 199 72.51 1.25 -47.61
C ASN R 199 71.21 1.93 -47.23
N PHE R 200 70.34 2.20 -48.21
CA PHE R 200 69.05 2.79 -47.94
C PHE R 200 68.01 1.70 -47.70
N GLY R 201 67.23 1.85 -46.64
CA GLY R 201 66.18 0.90 -46.36
C GLY R 201 64.98 1.09 -47.25
N GLN R 202 63.83 0.57 -46.82
CA GLN R 202 62.62 0.75 -47.63
C GLN R 202 62.20 2.21 -47.60
N TYR R 203 62.07 2.78 -46.41
CA TYR R 203 61.71 4.18 -46.25
C TYR R 203 62.97 5.03 -46.33
N LYS R 204 63.05 5.87 -47.36
CA LYS R 204 64.28 6.60 -47.64
C LYS R 204 64.40 7.89 -46.84
N GLY R 205 63.30 8.50 -46.46
CA GLY R 205 63.36 9.73 -45.71
C GLY R 205 62.20 10.62 -46.11
N TYR R 206 62.41 11.91 -45.94
CA TYR R 206 61.38 12.90 -46.19
C TYR R 206 61.96 14.11 -46.90
N ASP R 207 61.10 14.83 -47.60
CA ASP R 207 61.49 15.97 -48.41
C ASP R 207 60.67 17.16 -47.93
N PHE R 208 61.25 17.98 -47.06
CA PHE R 208 60.51 19.06 -46.43
C PHE R 208 60.30 20.25 -47.35
N VAL R 209 61.20 20.48 -48.32
CA VAL R 209 60.99 21.60 -49.24
C VAL R 209 59.94 21.30 -50.28
N ASP R 210 59.50 20.04 -50.40
CA ASP R 210 58.47 19.66 -51.34
C ASP R 210 57.33 18.89 -50.72
N ASN R 211 57.49 18.41 -49.48
CA ASN R 211 56.44 17.70 -48.75
C ASN R 211 56.02 16.42 -49.48
N ASP R 212 57.00 15.62 -49.85
CA ASP R 212 56.76 14.30 -50.39
C ASP R 212 57.81 13.36 -49.84
N TYR R 213 57.60 12.06 -50.06
CA TYR R 213 58.49 11.03 -49.53
C TYR R 213 59.59 10.66 -50.50
N ASP R 214 60.00 11.58 -51.36
CA ASP R 214 61.04 11.37 -52.36
C ASP R 214 62.13 12.41 -52.13
N PRO R 215 63.11 12.12 -51.28
CA PRO R 215 64.17 13.07 -50.96
C PRO R 215 65.28 13.12 -52.02
N GLU R 216 64.88 13.16 -53.28
CA GLU R 216 65.86 13.26 -54.36
C GLU R 216 66.47 14.66 -54.37
N GLU R 217 67.68 14.75 -54.91
CA GLU R 217 68.33 16.04 -55.03
C GLU R 217 67.59 16.92 -56.02
N THR R 218 67.91 18.20 -56.00
CA THR R 218 67.27 19.14 -56.90
C THR R 218 67.68 18.84 -58.34
N PRO R 219 66.75 18.60 -59.25
CA PRO R 219 67.13 18.27 -60.62
C PRO R 219 67.70 19.48 -61.34
N SER R 220 68.30 19.24 -62.50
CA SER R 220 68.77 20.35 -63.33
C SER R 220 67.59 21.04 -63.99
N GLY R 221 67.66 22.35 -64.09
CA GLY R 221 66.58 23.12 -64.68
C GLY R 221 65.38 23.27 -63.75
N ASP R 222 65.62 23.83 -62.57
CA ASP R 222 64.56 24.09 -61.61
C ASP R 222 64.35 25.59 -61.51
N PRO R 223 63.14 26.09 -61.70
CA PRO R 223 62.92 27.54 -61.63
C PRO R 223 63.35 28.17 -60.32
N ARG R 224 63.21 27.47 -59.20
CA ARG R 224 63.48 28.06 -57.90
C ARG R 224 64.96 28.15 -57.57
N GLY R 225 65.83 27.44 -58.30
CA GLY R 225 67.25 27.48 -58.01
C GLY R 225 68.10 26.62 -58.91
N ALA R 226 69.20 26.12 -58.38
CA ALA R 226 70.15 25.32 -59.15
C ALA R 226 70.21 23.91 -58.60
N SER R 227 70.65 22.98 -59.44
CA SER R 227 70.75 21.59 -59.02
C SER R 227 71.80 21.45 -57.93
N THR R 228 71.62 20.45 -57.08
CA THR R 228 72.46 20.26 -55.91
C THR R 228 73.04 18.85 -55.91
N ASP R 229 74.22 18.72 -55.30
CA ASP R 229 74.86 17.42 -55.14
C ASP R 229 75.53 17.28 -53.78
N HIS R 230 75.27 18.20 -52.85
CA HIS R 230 75.95 18.18 -51.56
C HIS R 230 75.54 16.97 -50.73
N GLY R 231 74.24 16.68 -50.68
CA GLY R 231 73.76 15.61 -49.82
C GLY R 231 74.24 14.24 -50.26
N THR R 232 74.26 13.99 -51.57
CA THR R 232 74.75 12.70 -52.04
C THR R 232 76.22 12.53 -51.73
N HIS R 233 77.00 13.59 -51.86
CA HIS R 233 78.42 13.51 -51.53
C HIS R 233 78.60 13.21 -50.05
N VAL R 234 77.81 13.88 -49.19
CA VAL R 234 77.91 13.64 -47.76
C VAL R 234 77.53 12.19 -47.43
N ALA R 235 76.44 11.70 -48.02
CA ALA R 235 76.01 10.33 -47.76
C ALA R 235 77.04 9.32 -48.23
N GLY R 236 77.66 9.55 -49.39
CA GLY R 236 78.73 8.67 -49.82
C GLY R 236 79.91 8.69 -48.89
N THR R 237 80.25 9.86 -48.36
CA THR R 237 81.34 9.92 -47.38
C THR R 237 81.00 9.12 -46.13
N VAL R 238 79.76 9.22 -45.65
CA VAL R 238 79.38 8.52 -44.43
C VAL R 238 79.39 7.02 -44.65
N ALA R 239 78.54 6.54 -45.55
CA ALA R 239 78.35 5.10 -45.71
C ALA R 239 78.07 4.81 -47.18
N ALA R 240 79.12 4.50 -47.93
CA ALA R 240 79.00 4.08 -49.32
C ALA R 240 79.70 2.74 -49.46
N ASN R 241 78.99 1.75 -50.00
CA ASN R 241 79.54 0.42 -50.18
C ASN R 241 79.66 0.15 -51.67
N GLY R 242 80.86 -0.16 -52.13
CA GLY R 242 81.09 -0.43 -53.52
C GLY R 242 82.46 0.04 -53.99
N THR R 243 82.49 0.78 -55.10
CA THR R 243 83.74 1.30 -55.61
C THR R 243 84.41 2.23 -54.60
N ILE R 244 83.64 3.11 -53.98
CA ILE R 244 84.10 3.95 -52.90
C ILE R 244 83.51 3.41 -51.61
N LYS R 245 84.34 3.30 -50.57
CA LYS R 245 83.91 2.77 -49.28
C LYS R 245 83.86 3.92 -48.28
N GLY R 246 82.67 4.18 -47.73
CA GLY R 246 82.51 5.21 -46.75
C GLY R 246 83.10 4.79 -45.42
N VAL R 247 83.01 5.69 -44.44
CA VAL R 247 83.62 5.43 -43.15
C VAL R 247 82.93 4.26 -42.46
N ALA R 248 81.62 4.13 -42.62
CA ALA R 248 80.84 3.08 -41.98
C ALA R 248 79.99 2.40 -43.03
N PRO R 249 80.59 1.61 -43.90
CA PRO R 249 79.86 1.14 -45.08
C PRO R 249 78.92 -0.01 -44.78
N ASP R 250 78.18 0.09 -43.69
CA ASP R 250 77.11 -0.86 -43.39
C ASP R 250 75.93 -0.19 -42.70
N ALA R 251 75.97 1.11 -42.50
CA ALA R 251 74.94 1.80 -41.76
C ALA R 251 73.75 2.11 -42.66
N THR R 252 72.55 2.02 -42.09
CA THR R 252 71.36 2.44 -42.79
C THR R 252 71.34 3.95 -42.90
N LEU R 253 70.76 4.46 -43.98
CA LEU R 253 70.75 5.88 -44.25
C LEU R 253 69.33 6.39 -44.36
N LEU R 254 69.11 7.62 -43.91
CA LEU R 254 67.86 8.33 -44.10
C LEU R 254 68.17 9.70 -44.67
N ALA R 255 67.44 10.10 -45.69
CA ALA R 255 67.64 11.39 -46.33
C ALA R 255 66.52 12.35 -45.97
N TYR R 256 66.89 13.57 -45.63
CA TYR R 256 65.92 14.60 -45.26
C TYR R 256 66.26 15.85 -46.04
N ARG R 257 65.49 16.10 -47.09
CA ARG R 257 65.72 17.27 -47.93
C ARG R 257 65.12 18.48 -47.26
N VAL R 258 65.96 19.26 -46.57
CA VAL R 258 65.51 20.49 -45.94
C VAL R 258 66.03 21.73 -46.64
N LEU R 259 67.11 21.62 -47.42
CA LEU R 259 67.66 22.74 -48.17
C LEU R 259 67.13 22.67 -49.59
N GLY R 260 66.44 23.72 -50.01
CA GLY R 260 65.82 23.73 -51.32
C GLY R 260 66.83 23.92 -52.42
N PRO R 261 66.34 24.18 -53.63
CA PRO R 261 67.25 24.45 -54.74
C PRO R 261 68.14 25.64 -54.45
N GLY R 262 69.41 25.54 -54.83
CA GLY R 262 70.39 26.56 -54.56
C GLY R 262 71.13 26.36 -53.25
N GLY R 263 70.70 25.42 -52.42
CA GLY R 263 71.34 25.16 -51.16
C GLY R 263 70.85 26.00 -50.00
N SER R 264 69.76 26.73 -50.16
CA SER R 264 69.23 27.59 -49.11
C SER R 264 67.95 26.98 -48.54
N GLY R 265 67.83 27.04 -47.21
CA GLY R 265 66.67 26.48 -46.55
C GLY R 265 66.26 27.24 -45.31
N THR R 266 64.95 27.28 -45.06
CA THR R 266 64.45 27.97 -43.89
C THR R 266 64.87 27.26 -42.61
N THR R 267 65.01 28.03 -41.53
CA THR R 267 65.35 27.45 -40.24
C THR R 267 64.27 26.48 -39.77
N GLU R 268 63.01 26.81 -40.02
CA GLU R 268 61.92 25.92 -39.63
C GLU R 268 62.02 24.56 -40.30
N ASN R 269 62.41 24.53 -41.58
CA ASN R 269 62.61 23.25 -42.25
C ASN R 269 63.73 22.45 -41.62
N VAL R 270 64.82 23.09 -41.21
CA VAL R 270 65.92 22.36 -40.58
C VAL R 270 65.48 21.81 -39.23
N ILE R 271 64.72 22.59 -38.46
CA ILE R 271 64.21 22.09 -37.18
C ILE R 271 63.28 20.91 -37.41
N ALA R 272 62.41 21.01 -38.41
CA ALA R 272 61.52 19.91 -38.74
C ALA R 272 62.30 18.67 -39.15
N GLY R 273 63.38 18.84 -39.92
CA GLY R 273 64.20 17.73 -40.32
C GLY R 273 64.86 17.07 -39.14
N ILE R 274 65.38 17.85 -38.21
CA ILE R 274 66.01 17.29 -37.02
C ILE R 274 65.00 16.50 -36.21
N GLU R 275 63.83 17.09 -35.97
CA GLU R 275 62.81 16.39 -35.19
C GLU R 275 62.31 15.14 -35.87
N ARG R 276 62.13 15.17 -37.19
CA ARG R 276 61.70 13.97 -37.91
C ARG R 276 62.77 12.91 -37.93
N ALA R 277 64.05 13.30 -37.97
CA ALA R 277 65.12 12.33 -37.86
C ALA R 277 65.14 11.68 -36.49
N VAL R 278 64.82 12.44 -35.44
CA VAL R 278 64.70 11.83 -34.12
C VAL R 278 63.50 10.89 -34.09
N GLN R 279 62.40 11.25 -34.75
CA GLN R 279 61.26 10.37 -34.85
C GLN R 279 61.63 9.03 -35.47
N ASP R 280 62.33 9.08 -36.60
CA ASP R 280 62.58 7.89 -37.40
C ASP R 280 63.62 6.96 -36.79
N GLY R 281 64.03 7.21 -35.55
CA GLY R 281 64.95 6.32 -34.88
C GLY R 281 66.38 6.44 -35.30
N ALA R 282 66.76 7.51 -35.98
CA ALA R 282 68.15 7.69 -36.37
C ALA R 282 69.04 7.74 -35.14
N ASP R 283 70.12 6.96 -35.17
CA ASP R 283 71.07 6.96 -34.07
C ASP R 283 72.14 8.03 -34.22
N VAL R 284 72.52 8.34 -35.45
CA VAL R 284 73.50 9.39 -35.71
C VAL R 284 72.88 10.37 -36.68
N MET R 285 73.17 11.64 -36.49
CA MET R 285 72.58 12.72 -37.27
C MET R 285 73.71 13.57 -37.85
N ASN R 286 73.57 13.97 -39.11
CA ASN R 286 74.61 14.74 -39.77
C ASN R 286 74.03 16.02 -40.33
N LEU R 287 74.59 17.15 -39.92
CA LEU R 287 74.20 18.47 -40.40
C LEU R 287 75.42 19.16 -41.01
N SER R 288 75.48 19.17 -42.34
CA SER R 288 76.51 19.88 -43.08
C SER R 288 76.00 21.22 -43.59
N LEU R 289 75.00 21.78 -42.94
CA LEU R 289 74.48 23.10 -43.25
C LEU R 289 74.89 24.06 -42.15
N GLY R 290 74.44 25.30 -42.28
CA GLY R 290 74.68 26.28 -41.23
C GLY R 290 74.86 27.69 -41.73
N ASN R 291 74.35 28.65 -40.97
CA ASN R 291 74.55 30.06 -41.28
C ASN R 291 75.82 30.53 -40.57
N SER R 292 76.04 31.84 -40.51
CA SER R 292 77.27 32.38 -39.94
C SER R 292 76.96 33.33 -38.80
N VAL R 293 76.06 32.94 -37.91
CA VAL R 293 75.74 33.71 -36.73
C VAL R 293 76.33 32.98 -35.52
N ASN R 294 77.32 33.60 -34.87
CA ASN R 294 77.96 33.02 -33.70
C ASN R 294 77.08 33.21 -32.48
N ASN R 295 75.99 32.44 -32.45
CA ASN R 295 75.03 32.49 -31.36
C ASN R 295 74.78 31.07 -30.88
N PRO R 296 75.09 30.73 -29.63
CA PRO R 296 74.84 29.37 -29.16
C PRO R 296 73.37 29.06 -28.97
N ASP R 297 72.51 30.05 -28.97
CA ASP R 297 71.08 29.87 -28.75
C ASP R 297 70.28 30.17 -30.00
N TRP R 298 70.83 29.82 -31.15
CA TRP R 298 70.03 29.86 -32.37
C TRP R 298 69.02 28.71 -32.34
N ALA R 299 68.00 28.82 -33.17
CA ALA R 299 66.95 27.80 -33.17
C ALA R 299 67.51 26.44 -33.56
N THR R 300 68.37 26.40 -34.57
CA THR R 300 68.97 25.14 -34.99
C THR R 300 69.89 24.56 -33.93
N SER R 301 70.52 25.39 -33.11
CA SER R 301 71.33 24.88 -32.02
C SER R 301 70.50 24.37 -30.87
N THR R 302 69.39 25.03 -30.55
CA THR R 302 68.48 24.50 -29.55
C THR R 302 67.89 23.17 -29.99
N ALA R 303 67.50 23.06 -31.26
CA ALA R 303 67.01 21.79 -31.76
C ALA R 303 68.07 20.71 -31.70
N LEU R 304 69.33 21.05 -31.94
CA LEU R 304 70.40 20.08 -31.86
C LEU R 304 70.71 19.66 -30.43
N ASP R 305 70.51 20.55 -29.47
CA ASP R 305 70.62 20.19 -28.06
C ASP R 305 69.41 19.42 -27.57
N TRP R 306 68.27 19.52 -28.24
CA TRP R 306 67.14 18.67 -27.89
C TRP R 306 67.45 17.21 -28.19
N ALA R 307 67.91 16.94 -29.42
CA ALA R 307 68.62 15.70 -29.64
C ALA R 307 69.94 15.74 -28.87
N MET R 308 70.66 14.62 -28.86
CA MET R 308 71.80 14.43 -27.97
C MET R 308 71.32 14.34 -26.54
N SER R 309 70.02 14.57 -26.34
CA SER R 309 69.33 14.23 -25.11
C SER R 309 68.21 13.25 -25.34
N GLU R 310 67.67 13.16 -26.55
CA GLU R 310 66.83 12.03 -26.94
C GLU R 310 67.68 10.94 -27.59
N GLY R 311 68.82 10.64 -26.97
CA GLY R 311 69.67 9.54 -27.37
C GLY R 311 70.15 9.54 -28.81
N VAL R 312 70.30 10.71 -29.43
CA VAL R 312 70.73 10.78 -30.84
C VAL R 312 71.98 11.63 -30.93
N THR R 313 73.08 11.00 -31.33
CA THR R 313 74.33 11.74 -31.54
C THR R 313 74.16 12.70 -32.71
N ALA R 314 74.66 13.92 -32.56
CA ALA R 314 74.49 14.97 -33.56
C ALA R 314 75.86 15.51 -33.96
N VAL R 315 76.24 15.31 -35.20
CA VAL R 315 77.50 15.79 -35.74
C VAL R 315 77.21 16.87 -36.75
N THR R 316 77.89 18.01 -36.61
CA THR R 316 77.63 19.15 -37.46
C THR R 316 78.95 19.77 -37.91
N SER R 317 78.88 20.44 -39.05
CA SER R 317 80.05 21.16 -39.53
C SER R 317 80.27 22.43 -38.71
N ASN R 318 81.53 22.83 -38.61
CA ASN R 318 81.86 24.07 -37.92
C ASN R 318 81.53 25.31 -38.75
N GLY R 319 81.48 25.19 -40.07
CA GLY R 319 81.28 26.32 -40.94
C GLY R 319 82.51 26.60 -41.79
N ASN R 320 82.30 27.41 -42.82
CA ASN R 320 83.32 27.70 -43.81
C ASN R 320 83.63 29.19 -43.77
N SER R 321 84.55 29.57 -42.87
CA SER R 321 84.99 30.94 -42.78
C SER R 321 86.50 30.96 -42.58
N GLY R 322 87.14 31.97 -43.14
CA GLY R 322 88.58 32.05 -43.19
C GLY R 322 89.21 31.99 -41.82
N PRO R 323 90.53 32.01 -41.76
CA PRO R 323 91.20 31.84 -40.47
C PRO R 323 90.97 33.06 -39.61
N ASN R 324 90.05 32.94 -38.67
CA ASN R 324 89.61 34.07 -37.86
C ASN R 324 88.80 33.55 -36.69
N ASN R 325 89.12 33.98 -35.49
CA ASN R 325 88.38 33.52 -34.34
C ASN R 325 86.97 34.10 -34.36
N TRP R 326 86.07 33.44 -33.64
CA TRP R 326 84.69 33.89 -33.46
C TRP R 326 83.90 33.84 -34.76
N THR R 327 84.19 32.88 -35.63
CA THR R 327 83.48 32.77 -36.90
C THR R 327 82.72 31.46 -37.04
N VAL R 328 82.49 30.76 -35.93
CA VAL R 328 81.81 29.47 -36.00
C VAL R 328 80.33 29.68 -36.28
N GLY R 329 79.74 28.78 -37.06
CA GLY R 329 78.38 28.93 -37.53
C GLY R 329 77.34 28.63 -36.48
N SER R 330 76.07 28.74 -36.89
CA SER R 330 74.98 28.70 -35.92
C SER R 330 74.73 27.29 -35.39
N PRO R 331 74.42 26.29 -36.21
CA PRO R 331 74.22 24.95 -35.64
C PRO R 331 75.47 24.39 -35.01
N GLY R 332 76.64 24.85 -35.43
CA GLY R 332 77.89 24.36 -34.89
C GLY R 332 78.30 25.10 -33.64
N THR R 333 77.41 25.92 -33.08
CA THR R 333 77.65 26.56 -31.80
C THR R 333 76.88 25.89 -30.68
N SER R 334 76.17 24.80 -30.97
CA SER R 334 75.36 24.15 -29.96
C SER R 334 76.24 23.59 -28.86
N ARG R 335 75.71 23.62 -27.63
CA ARG R 335 76.48 23.19 -26.48
C ARG R 335 76.73 21.70 -26.48
N GLU R 336 75.79 20.91 -26.98
CA GLU R 336 75.90 19.45 -26.97
C GLU R 336 75.76 18.95 -28.41
N ALA R 337 76.86 18.97 -29.14
CA ALA R 337 76.91 18.41 -30.49
C ALA R 337 78.36 18.43 -30.94
N ILE R 338 78.76 17.39 -31.68
CA ILE R 338 80.13 17.30 -32.13
C ILE R 338 80.28 18.20 -33.35
N SER R 339 80.99 19.31 -33.20
CA SER R 339 81.29 20.20 -34.30
C SER R 339 82.65 19.84 -34.86
N VAL R 340 82.74 19.77 -36.19
CA VAL R 340 83.92 19.23 -36.86
C VAL R 340 84.54 20.32 -37.71
N GLY R 341 85.85 20.48 -37.57
CA GLY R 341 86.63 21.30 -38.47
C GLY R 341 87.32 20.45 -39.52
N ALA R 342 87.89 21.13 -40.52
CA ALA R 342 88.45 20.47 -41.69
C ALA R 342 89.97 20.49 -41.64
N THR R 343 90.58 19.38 -42.04
CA THR R 343 92.03 19.26 -42.07
C THR R 343 92.48 18.81 -43.46
N GLN R 344 93.74 19.09 -43.77
CA GLN R 344 94.38 18.61 -44.98
C GLN R 344 95.22 17.39 -44.64
N LEU R 345 95.08 16.35 -45.45
CA LEU R 345 95.86 15.14 -45.22
C LEU R 345 97.34 15.42 -45.49
N PRO R 346 98.23 14.68 -44.84
CA PRO R 346 99.67 14.91 -45.03
C PRO R 346 100.07 14.76 -46.49
N LEU R 347 100.55 15.85 -47.07
CA LEU R 347 100.96 15.86 -48.47
C LEU R 347 102.43 16.22 -48.58
N ASN R 348 103.05 15.75 -49.66
CA ASN R 348 104.47 15.94 -49.86
C ASN R 348 104.76 17.20 -50.67
N LYS R 477 109.49 19.31 -49.02
CA LYS R 477 109.16 19.36 -47.59
C LYS R 477 107.80 18.74 -47.32
N SER R 478 107.79 17.46 -46.97
CA SER R 478 106.55 16.79 -46.63
C SER R 478 105.95 17.36 -45.34
N LEU R 479 104.66 17.64 -45.38
CA LEU R 479 103.95 18.20 -44.24
C LEU R 479 103.09 17.14 -43.56
N THR R 480 102.86 17.34 -42.27
CA THR R 480 101.93 16.51 -41.53
C THR R 480 100.52 17.03 -41.75
N GLU R 481 99.57 16.53 -40.97
CA GLU R 481 98.20 17.01 -41.09
C GLU R 481 98.11 18.48 -40.71
N GLN R 482 97.28 19.22 -41.41
CA GLN R 482 97.19 20.66 -41.22
C GLN R 482 95.73 21.07 -41.37
N MET R 483 95.31 22.02 -40.53
CA MET R 483 93.95 22.50 -40.65
C MET R 483 93.82 23.39 -41.88
N ALA R 484 92.72 23.21 -42.61
CA ALA R 484 92.43 24.07 -43.73
C ALA R 484 92.13 25.47 -43.25
N ASP R 485 92.39 26.45 -44.11
CA ASP R 485 92.25 27.86 -43.75
C ASP R 485 90.85 28.39 -43.99
N PHE R 486 89.89 27.52 -44.25
CA PHE R 486 88.50 27.94 -44.37
C PHE R 486 87.63 27.42 -43.24
N SER R 487 88.17 26.63 -42.34
CA SER R 487 87.39 26.15 -41.21
C SER R 487 87.07 27.30 -40.28
N SER R 488 85.81 27.40 -39.87
CA SER R 488 85.44 28.39 -38.88
C SER R 488 86.11 28.08 -37.56
N ARG R 489 86.38 29.12 -36.79
CA ARG R 489 87.11 28.99 -35.54
C ARG R 489 86.29 29.58 -34.41
N GLY R 490 86.43 28.99 -33.23
CA GLY R 490 85.73 29.47 -32.07
C GLY R 490 86.42 30.68 -31.48
N PRO R 491 86.09 31.03 -30.24
CA PRO R 491 85.12 30.39 -29.35
C PRO R 491 83.69 30.77 -29.68
N VAL R 492 82.72 30.16 -29.01
CA VAL R 492 81.34 30.57 -29.17
C VAL R 492 81.06 31.81 -28.32
N MET R 493 80.26 32.71 -28.85
CA MET R 493 79.90 33.91 -28.12
C MET R 493 78.97 33.56 -26.97
N ASP R 494 79.09 34.30 -25.88
CA ASP R 494 78.16 34.24 -24.74
C ASP R 494 78.32 32.95 -23.94
N THR R 495 79.09 31.99 -24.44
CA THR R 495 79.45 30.81 -23.68
C THR R 495 80.93 30.53 -23.69
N TRP R 496 81.69 31.13 -24.61
CA TRP R 496 83.15 31.01 -24.65
C TRP R 496 83.59 29.56 -24.75
N MET R 497 82.74 28.73 -25.32
CA MET R 497 83.04 27.32 -25.49
C MET R 497 84.04 27.12 -26.61
N ILE R 498 84.92 26.13 -26.45
CA ILE R 498 85.94 25.85 -27.46
C ILE R 498 85.28 25.13 -28.63
N LYS R 499 85.41 25.68 -29.82
CA LYS R 499 84.94 25.03 -31.03
C LYS R 499 85.94 25.26 -32.15
N PRO R 500 86.11 24.32 -33.07
CA PRO R 500 85.37 23.07 -33.28
C PRO R 500 85.59 22.08 -32.17
N ASP R 501 84.74 21.07 -32.02
CA ASP R 501 85.02 20.06 -31.02
C ASP R 501 86.12 19.12 -31.48
N VAL R 502 86.05 18.65 -32.72
CA VAL R 502 87.09 17.78 -33.26
C VAL R 502 87.31 18.19 -34.71
N SER R 503 88.48 17.87 -35.24
CA SER R 503 88.75 18.07 -36.65
C SER R 503 88.85 16.73 -37.38
N ALA R 504 88.63 16.76 -38.68
CA ALA R 504 88.62 15.56 -39.50
C ALA R 504 89.02 15.93 -40.91
N PRO R 505 89.46 14.96 -41.73
CA PRO R 505 89.85 15.29 -43.10
C PRO R 505 88.68 15.85 -43.89
N GLY R 506 88.87 17.06 -44.42
CA GLY R 506 87.80 17.71 -45.14
C GLY R 506 88.26 18.50 -46.34
N VAL R 507 89.41 18.17 -46.89
CA VAL R 507 89.96 18.85 -48.07
C VAL R 507 90.18 17.82 -49.15
N ASN R 508 89.62 18.08 -50.33
CA ASN R 508 89.77 17.20 -51.49
C ASN R 508 89.25 15.79 -51.18
N ILE R 509 87.97 15.72 -50.87
CA ILE R 509 87.32 14.45 -50.55
C ILE R 509 86.52 14.03 -51.78
N VAL R 510 86.83 12.86 -52.31
CA VAL R 510 86.09 12.33 -53.45
C VAL R 510 85.01 11.39 -52.94
N SER R 511 83.81 11.51 -53.52
CA SER R 511 82.69 10.72 -53.05
C SER R 511 81.61 10.74 -54.12
N THR R 512 80.54 10.00 -53.86
CA THR R 512 79.49 9.80 -54.84
C THR R 512 78.72 11.08 -55.08
N ILE R 513 78.47 11.41 -56.34
CA ILE R 513 77.66 12.56 -56.70
C ILE R 513 76.69 12.17 -57.80
N PRO R 514 75.57 12.88 -57.96
CA PRO R 514 74.81 12.76 -59.20
C PRO R 514 75.38 13.70 -60.24
N THR R 515 75.55 13.18 -61.45
CA THR R 515 76.05 13.99 -62.55
C THR R 515 74.98 14.85 -63.16
N HIS R 516 73.71 14.63 -62.79
CA HIS R 516 72.58 15.36 -63.36
C HIS R 516 72.57 15.24 -64.88
N ASP R 517 72.97 14.07 -65.37
CA ASP R 517 73.01 13.77 -66.78
C ASP R 517 72.19 12.50 -67.02
N PRO R 518 71.12 12.56 -67.81
CA PRO R 518 70.33 11.35 -68.06
C PRO R 518 71.14 10.21 -68.68
N ALA R 519 72.21 10.52 -69.41
CA ALA R 519 73.03 9.47 -70.01
C ALA R 519 73.69 8.60 -68.95
N ASP R 520 74.25 9.23 -67.92
CA ASP R 520 74.81 8.51 -66.77
C ASP R 520 74.63 9.37 -65.54
N PRO R 521 73.64 9.06 -64.70
CA PRO R 521 73.28 9.98 -63.62
C PRO R 521 74.19 9.92 -62.40
N TYR R 522 75.01 8.90 -62.28
CA TYR R 522 75.82 8.70 -61.07
C TYR R 522 77.31 8.77 -61.41
N GLY R 523 78.07 9.40 -60.54
CA GLY R 523 79.50 9.48 -60.74
C GLY R 523 80.19 9.81 -59.45
N TYR R 524 81.45 10.20 -59.55
CA TYR R 524 82.24 10.59 -58.39
C TYR R 524 82.81 11.98 -58.58
N GLY R 525 82.89 12.72 -57.49
CA GLY R 525 83.37 14.08 -57.55
C GLY R 525 84.11 14.44 -56.28
N SER R 526 85.01 15.38 -56.42
CA SER R 526 85.86 15.83 -55.32
C SER R 526 85.36 17.18 -54.83
N LYS R 527 84.95 17.24 -53.57
CA LYS R 527 84.51 18.48 -52.95
C LYS R 527 85.33 18.73 -51.69
N GLN R 528 85.35 19.98 -51.28
CA GLN R 528 86.13 20.42 -50.14
C GLN R 528 85.29 21.35 -49.30
N GLY R 529 85.49 21.29 -47.99
CA GLY R 529 84.75 22.16 -47.09
C GLY R 529 84.62 21.53 -45.73
N THR R 530 84.39 22.40 -44.75
CA THR R 530 84.12 21.92 -43.39
C THR R 530 82.85 21.07 -43.37
N SER R 531 81.93 21.32 -44.31
CA SER R 531 80.73 20.50 -44.40
C SER R 531 81.04 19.08 -44.80
N MET R 532 82.23 18.80 -45.30
CA MET R 532 82.62 17.44 -45.61
C MET R 532 83.64 16.85 -44.65
N ALA R 533 84.00 17.57 -43.59
CA ALA R 533 84.71 16.94 -42.49
C ALA R 533 83.75 16.25 -41.53
N SER R 534 82.56 16.81 -41.34
CA SER R 534 81.60 16.22 -40.43
C SER R 534 81.17 14.81 -40.82
N PRO R 535 80.98 14.45 -42.09
CA PRO R 535 80.58 13.07 -42.40
C PRO R 535 81.56 12.03 -41.92
N HIS R 536 82.85 12.34 -41.89
CA HIS R 536 83.81 11.39 -41.33
C HIS R 536 83.50 11.12 -39.87
N VAL R 537 83.21 12.17 -39.10
CA VAL R 537 82.91 11.98 -37.69
C VAL R 537 81.56 11.30 -37.52
N ALA R 538 80.61 11.54 -38.42
CA ALA R 538 79.34 10.82 -38.35
C ALA R 538 79.54 9.32 -38.57
N GLY R 539 80.34 8.97 -39.58
CA GLY R 539 80.66 7.57 -39.78
C GLY R 539 81.42 6.98 -38.60
N ALA R 540 82.34 7.74 -38.02
CA ALA R 540 83.06 7.28 -36.84
C ALA R 540 82.10 7.03 -35.69
N ALA R 541 81.13 7.92 -35.49
CA ALA R 541 80.15 7.74 -34.44
C ALA R 541 79.30 6.50 -34.69
N ALA R 542 78.94 6.26 -35.95
CA ALA R 542 78.19 5.04 -36.26
C ALA R 542 79.00 3.80 -35.94
N VAL R 543 80.28 3.80 -36.32
CA VAL R 543 81.14 2.64 -36.05
C VAL R 543 81.26 2.42 -34.55
N ILE R 544 81.50 3.50 -33.80
CA ILE R 544 81.64 3.39 -32.36
C ILE R 544 80.36 2.88 -31.72
N LYS R 545 79.22 3.40 -32.16
CA LYS R 545 77.95 2.95 -31.61
C LYS R 545 77.71 1.47 -31.89
N GLN R 546 78.17 0.99 -33.04
CA GLN R 546 78.14 -0.46 -33.24
C GLN R 546 79.08 -1.17 -32.27
N ALA R 547 80.25 -0.59 -32.03
CA ALA R 547 81.23 -1.24 -31.16
C ALA R 547 80.82 -1.15 -29.70
N LYS R 548 80.36 0.02 -29.26
CA LYS R 548 79.93 0.24 -27.88
C LYS R 548 78.44 0.57 -27.88
N PRO R 549 77.56 -0.43 -27.81
CA PRO R 549 76.13 -0.15 -27.94
C PRO R 549 75.52 0.52 -26.73
N LYS R 550 76.23 0.62 -25.61
CA LYS R 550 75.66 1.18 -24.40
C LYS R 550 76.05 2.63 -24.18
N TRP R 551 76.90 3.20 -25.03
CA TRP R 551 77.37 4.55 -24.81
C TRP R 551 76.29 5.57 -25.18
N SER R 552 76.15 6.58 -24.34
CA SER R 552 75.23 7.68 -24.59
C SER R 552 75.83 8.61 -25.64
N PRO R 553 75.03 9.51 -26.22
CA PRO R 553 75.62 10.47 -27.17
C PRO R 553 76.74 11.31 -26.58
N GLU R 554 76.62 11.71 -25.33
CA GLU R 554 77.70 12.46 -24.69
C GLU R 554 78.93 11.61 -24.43
N GLN R 555 78.76 10.34 -24.14
CA GLN R 555 79.89 9.43 -24.00
C GLN R 555 80.63 9.23 -25.31
N ILE R 556 79.91 9.13 -26.43
CA ILE R 556 80.57 9.06 -27.73
C ILE R 556 81.34 10.33 -28.02
N LYS R 557 80.73 11.49 -27.73
CA LYS R 557 81.43 12.74 -27.95
C LYS R 557 82.70 12.81 -27.11
N ALA R 558 82.63 12.40 -25.85
CA ALA R 558 83.80 12.38 -25.00
C ALA R 558 84.85 11.38 -25.45
N ALA R 559 84.45 10.26 -26.03
CA ALA R 559 85.41 9.28 -26.51
C ALA R 559 86.10 9.71 -27.79
N LEU R 560 85.38 10.32 -28.72
CA LEU R 560 86.03 10.90 -29.89
C LEU R 560 86.97 12.02 -29.49
N MET R 561 86.54 12.87 -28.56
CA MET R 561 87.31 14.05 -28.23
C MET R 561 88.51 13.71 -27.38
N ASN R 562 88.44 12.65 -26.58
CA ASN R 562 89.53 12.28 -25.69
C ASN R 562 90.71 11.72 -26.46
N THR R 563 90.45 10.82 -27.40
CA THR R 563 91.48 10.13 -28.16
C THR R 563 91.59 10.81 -29.52
N ALA R 564 92.32 11.92 -29.55
CA ALA R 564 92.49 12.69 -30.77
C ALA R 564 93.91 13.22 -30.83
N GLU R 565 94.50 13.19 -32.02
CA GLU R 565 95.90 13.57 -32.19
C GLU R 565 96.00 15.07 -32.40
N THR R 566 96.76 15.73 -31.54
CA THR R 566 97.02 17.16 -31.71
C THR R 566 97.79 17.40 -33.00
N LEU R 567 97.47 18.51 -33.66
CA LEU R 567 98.04 18.86 -34.95
C LEU R 567 98.98 20.04 -34.81
N THR R 568 100.17 19.93 -35.39
CA THR R 568 101.10 21.03 -35.43
C THR R 568 101.17 21.60 -36.85
N ASP R 569 101.37 22.90 -36.95
CA ASP R 569 101.41 23.56 -38.25
C ASP R 569 102.77 23.34 -38.90
N ALA R 570 103.03 24.08 -39.98
CA ALA R 570 104.25 23.85 -40.74
C ALA R 570 105.50 24.17 -39.92
N ASP R 571 105.49 25.31 -39.21
CA ASP R 571 106.67 25.71 -38.46
C ASP R 571 106.96 24.75 -37.31
N GLY R 572 105.91 24.23 -36.68
CA GLY R 572 106.10 23.29 -35.59
C GLY R 572 105.35 23.69 -34.34
N ASP R 573 104.43 24.63 -34.46
CA ASP R 573 103.64 25.10 -33.34
C ASP R 573 102.29 24.39 -33.33
N VAL R 574 101.85 23.99 -32.14
CA VAL R 574 100.53 23.38 -32.02
C VAL R 574 99.47 24.39 -32.42
N TYR R 575 98.52 23.96 -33.24
CA TYR R 575 97.43 24.82 -33.63
C TYR R 575 96.63 25.24 -32.40
N PRO R 576 96.14 26.47 -32.38
CA PRO R 576 95.35 26.91 -31.22
C PRO R 576 94.13 26.03 -31.03
N HIS R 577 93.64 26.01 -29.78
CA HIS R 577 92.52 25.15 -29.46
C HIS R 577 91.27 25.52 -30.23
N ASN R 578 91.02 26.81 -30.43
CA ASN R 578 89.91 27.19 -31.29
C ASN R 578 90.33 27.27 -32.73
N ALA R 579 91.12 26.30 -33.16
CA ALA R 579 91.35 25.99 -34.55
C ALA R 579 91.41 24.50 -34.77
N GLN R 580 91.52 23.73 -33.71
CA GLN R 580 91.75 22.30 -33.71
C GLN R 580 90.70 21.56 -32.90
N GLY R 581 90.28 22.13 -31.79
CA GLY R 581 89.36 21.50 -30.88
C GLY R 581 90.04 20.54 -29.96
N ALA R 582 90.35 19.36 -30.49
CA ALA R 582 91.12 18.39 -29.74
C ALA R 582 92.05 17.62 -30.66
N GLY R 583 92.05 17.90 -31.94
CA GLY R 583 92.85 17.21 -32.91
C GLY R 583 91.99 16.39 -33.87
N SER R 584 92.66 15.59 -34.67
CA SER R 584 91.97 14.75 -35.64
C SER R 584 91.44 13.49 -34.95
N ILE R 585 90.29 13.00 -35.43
CA ILE R 585 89.74 11.78 -34.87
C ILE R 585 90.68 10.61 -35.12
N ARG R 586 90.60 9.62 -34.23
CA ARG R 586 91.26 8.34 -34.42
C ARG R 586 90.26 7.28 -34.00
N ILE R 587 89.57 6.69 -34.97
CA ILE R 587 88.47 5.77 -34.66
C ILE R 587 88.99 4.57 -33.88
N MET R 588 90.19 4.10 -34.21
CA MET R 588 90.69 2.89 -33.56
C MET R 588 90.97 3.13 -32.08
N LYS R 589 91.55 4.28 -31.75
CA LYS R 589 91.78 4.60 -30.34
C LYS R 589 90.46 4.79 -29.61
N ALA R 590 89.50 5.45 -30.25
CA ALA R 590 88.21 5.69 -29.60
C ALA R 590 87.47 4.39 -29.33
N ILE R 591 87.53 3.45 -30.27
CA ILE R 591 86.85 2.17 -30.11
C ILE R 591 87.41 1.37 -28.94
N LYS R 592 88.71 1.50 -28.67
CA LYS R 592 89.37 0.75 -27.61
C LYS R 592 89.73 1.76 -26.53
N ALA R 593 88.75 2.07 -25.69
CA ALA R 593 88.92 3.05 -24.64
C ALA R 593 88.08 2.62 -23.45
N ASP R 594 88.75 2.38 -22.33
CA ASP R 594 88.07 1.94 -21.12
C ASP R 594 87.96 3.03 -20.08
N SER R 595 88.35 4.26 -20.41
CA SER R 595 88.21 5.39 -19.50
C SER R 595 87.73 6.59 -20.31
N LEU R 596 86.70 7.25 -19.80
CA LEU R 596 86.13 8.40 -20.48
C LEU R 596 86.18 9.61 -19.56
N VAL R 597 86.74 10.71 -20.04
CA VAL R 597 86.81 11.95 -19.30
C VAL R 597 85.82 12.93 -19.91
N ALA R 598 84.90 13.43 -19.09
CA ALA R 598 83.87 14.33 -19.56
C ALA R 598 83.77 15.53 -18.65
N PRO R 599 83.55 16.72 -19.20
CA PRO R 599 83.37 17.03 -20.63
C PRO R 599 84.71 16.96 -21.34
N GLY R 600 84.71 16.66 -22.64
CA GLY R 600 85.96 16.51 -23.34
C GLY R 600 86.76 17.80 -23.42
N SER R 601 86.10 18.94 -23.33
CA SER R 601 86.77 20.22 -23.28
C SER R 601 85.95 21.15 -22.40
N TYR R 602 86.63 22.01 -21.66
CA TYR R 602 85.96 22.91 -20.74
C TYR R 602 86.47 24.33 -20.94
N SER R 603 85.59 25.29 -20.69
CA SER R 603 85.94 26.69 -20.81
C SER R 603 85.58 27.39 -19.52
N TYR R 604 86.53 28.10 -18.93
CA TYR R 604 86.31 28.73 -17.64
C TYR R 604 85.60 30.06 -17.75
N GLY R 605 85.30 30.52 -18.96
CA GLY R 605 84.60 31.77 -19.11
C GLY R 605 85.56 32.95 -19.08
N THR R 606 85.09 34.06 -18.50
CA THR R 606 85.83 35.29 -18.49
C THR R 606 86.16 35.70 -17.06
N PHE R 607 87.28 36.40 -16.91
CA PHE R 607 87.73 36.93 -15.63
C PHE R 607 87.75 38.45 -15.76
N MET R 608 86.81 39.12 -15.09
CA MET R 608 86.57 40.54 -15.29
C MET R 608 87.09 41.41 -14.16
N LYS R 609 87.64 40.81 -13.10
CA LYS R 609 88.03 41.60 -11.94
C LYS R 609 89.14 42.57 -12.29
N ASP R 610 88.99 43.82 -11.86
CA ASP R 610 89.99 44.84 -12.11
C ASP R 610 91.21 44.65 -11.22
N LYS R 611 91.00 44.30 -9.96
CA LYS R 611 92.09 44.06 -9.04
C LYS R 611 91.76 42.86 -8.17
N GLY R 612 92.78 42.22 -7.65
CA GLY R 612 92.63 41.04 -6.83
C GLY R 612 92.82 39.77 -7.62
N ASN R 613 92.51 38.65 -6.97
CA ASN R 613 92.64 37.33 -7.56
C ASN R 613 91.27 36.71 -7.68
N GLU R 614 90.99 36.10 -8.83
CA GLU R 614 89.72 35.44 -9.07
C GLU R 614 89.96 33.97 -9.31
N THR R 615 89.20 33.13 -8.63
CA THR R 615 89.38 31.68 -8.69
C THR R 615 88.11 31.04 -9.22
N LYS R 616 88.27 30.15 -10.19
CA LYS R 616 87.17 29.36 -10.70
C LYS R 616 87.56 27.89 -10.63
N LYS R 617 86.56 27.01 -10.63
CA LYS R 617 86.86 25.59 -10.56
C LYS R 617 85.85 24.81 -11.37
N GLU R 618 86.29 23.66 -11.86
CA GLU R 618 85.46 22.76 -12.64
C GLU R 618 85.66 21.34 -12.13
N THR R 619 84.63 20.52 -12.30
CA THR R 619 84.67 19.13 -11.90
C THR R 619 84.58 18.26 -13.14
N PHE R 620 85.69 17.67 -13.53
CA PHE R 620 85.69 16.69 -14.60
C PHE R 620 85.36 15.33 -14.03
N THR R 621 84.78 14.48 -14.86
CA THR R 621 84.31 13.17 -14.45
C THR R 621 85.01 12.10 -15.25
N ILE R 622 85.63 11.15 -14.57
CA ILE R 622 86.33 10.04 -15.21
C ILE R 622 85.54 8.78 -14.96
N GLU R 623 85.11 8.13 -16.02
CA GLU R 623 84.40 6.86 -15.96
C GLU R 623 85.38 5.75 -16.26
N ASN R 624 85.47 4.79 -15.35
CA ASN R 624 86.39 3.66 -15.46
C ASN R 624 85.59 2.48 -16.00
N GLN R 625 85.55 2.38 -17.34
CA GLN R 625 84.75 1.34 -17.98
C GLN R 625 85.36 -0.05 -17.85
N SER R 626 86.57 -0.16 -17.34
CA SER R 626 87.24 -1.45 -17.26
C SER R 626 86.77 -2.23 -16.04
N SER R 627 87.27 -3.45 -15.91
CA SER R 627 86.91 -4.35 -14.83
C SER R 627 87.91 -4.33 -13.69
N ILE R 628 88.83 -3.37 -13.69
CA ILE R 628 89.94 -3.35 -12.76
C ILE R 628 90.04 -1.95 -12.16
N ARG R 629 90.32 -1.87 -10.87
CA ARG R 629 90.45 -0.58 -10.21
C ARG R 629 91.70 0.13 -10.71
N LYS R 630 91.56 1.38 -11.11
CA LYS R 630 92.65 2.11 -11.74
C LYS R 630 92.95 3.39 -11.00
N SER R 631 94.14 3.92 -11.27
CA SER R 631 94.60 5.17 -10.68
C SER R 631 94.92 6.14 -11.82
N TYR R 632 94.21 7.26 -11.85
CA TYR R 632 94.38 8.27 -12.89
C TYR R 632 95.16 9.45 -12.32
N GLN R 633 96.03 10.00 -13.15
CA GLN R 633 96.96 11.05 -12.77
C GLN R 633 96.71 12.27 -13.63
N LEU R 634 96.55 13.42 -12.98
CA LEU R 634 96.15 14.65 -13.65
C LEU R 634 97.30 15.63 -13.72
N GLU R 635 97.51 16.21 -14.90
CA GLU R 635 98.47 17.29 -15.08
C GLU R 635 97.75 18.48 -15.68
N TYR R 636 97.74 19.59 -14.96
CA TYR R 636 97.08 20.80 -15.40
C TYR R 636 98.12 21.81 -15.86
N SER R 637 97.87 22.43 -17.01
CA SER R 637 98.77 23.46 -17.51
C SER R 637 97.95 24.58 -18.12
N PHE R 638 98.52 25.78 -18.09
CA PHE R 638 97.96 26.93 -18.78
C PHE R 638 99.10 27.78 -19.32
N ASN R 639 98.90 28.32 -20.51
CA ASN R 639 99.85 29.27 -21.07
C ASN R 639 99.58 30.66 -20.53
N GLY R 640 100.62 31.48 -20.53
CA GLY R 640 100.43 32.83 -20.03
C GLY R 640 100.78 32.96 -18.56
N THR R 641 101.24 34.15 -18.20
CA THR R 641 101.70 34.42 -16.84
C THR R 641 100.55 34.95 -15.99
N GLY R 642 100.65 34.71 -14.69
CA GLY R 642 99.62 35.13 -13.76
C GLY R 642 98.47 34.18 -13.62
N ILE R 643 98.51 33.03 -14.27
CA ILE R 643 97.49 32.01 -14.19
C ILE R 643 98.07 30.81 -13.48
N THR R 644 97.52 30.45 -12.33
CA THR R 644 97.99 29.31 -11.56
C THR R 644 96.91 28.25 -11.54
N VAL R 645 97.27 27.03 -11.89
CA VAL R 645 96.31 25.95 -12.02
C VAL R 645 96.68 24.85 -11.05
N SER R 646 95.67 24.27 -10.42
CA SER R 646 95.89 23.22 -9.43
C SER R 646 94.66 22.32 -9.42
N GLY R 647 94.62 21.40 -8.47
CA GLY R 647 93.48 20.54 -8.32
C GLY R 647 93.91 19.15 -7.95
N THR R 648 92.97 18.21 -8.06
CA THR R 648 93.24 16.83 -7.71
C THR R 648 94.30 16.22 -8.61
N ASP R 649 95.45 15.91 -8.01
CA ASP R 649 96.57 15.36 -8.77
C ASP R 649 96.50 13.86 -9.00
N ARG R 650 95.56 13.16 -8.37
CA ARG R 650 95.45 11.72 -8.52
C ARG R 650 94.11 11.28 -7.98
N VAL R 651 93.46 10.37 -8.71
CA VAL R 651 92.25 9.73 -8.22
C VAL R 651 92.39 8.23 -8.39
N VAL R 652 91.70 7.48 -7.54
CA VAL R 652 91.60 6.04 -7.67
C VAL R 652 90.14 5.72 -7.85
N ILE R 653 89.81 5.04 -8.95
CA ILE R 653 88.43 4.74 -9.32
C ILE R 653 88.27 3.23 -9.37
N PRO R 654 87.31 2.67 -8.67
CA PRO R 654 87.08 1.22 -8.75
C PRO R 654 86.53 0.82 -10.10
N ALA R 655 86.36 -0.49 -10.32
CA ALA R 655 85.89 -0.96 -11.61
C ALA R 655 84.46 -0.53 -11.85
N HIS R 656 84.17 -0.17 -13.09
CA HIS R 656 82.82 0.17 -13.53
C HIS R 656 82.21 1.26 -12.63
N GLN R 657 83.01 2.28 -12.34
CA GLN R 657 82.58 3.35 -11.47
C GLN R 657 83.05 4.68 -12.04
N THR R 658 82.92 5.72 -11.22
CA THR R 658 83.10 7.09 -11.66
C THR R 658 83.79 7.90 -10.57
N GLY R 659 84.77 8.70 -10.96
CA GLY R 659 85.46 9.58 -10.05
C GLY R 659 85.39 11.01 -10.55
N LYS R 660 85.61 11.94 -9.63
CA LYS R 660 85.54 13.35 -9.91
C LYS R 660 86.88 14.01 -9.61
N VAL R 661 87.36 14.83 -10.54
CA VAL R 661 88.59 15.59 -10.35
C VAL R 661 88.22 17.06 -10.38
N ASN R 662 88.70 17.81 -9.39
CA ASN R 662 88.35 19.21 -9.23
C ASN R 662 89.51 20.06 -9.72
N ALA R 663 89.48 20.43 -10.99
CA ALA R 663 90.46 21.37 -11.51
C ALA R 663 90.12 22.76 -11.04
N LYS R 664 91.15 23.56 -10.79
CA LYS R 664 90.95 24.89 -10.23
C LYS R 664 91.94 25.84 -10.89
N VAL R 665 91.45 26.98 -11.34
CA VAL R 665 92.28 27.99 -11.97
C VAL R 665 92.16 29.27 -11.18
N LYS R 666 93.27 30.02 -11.10
CA LYS R 666 93.31 31.25 -10.34
C LYS R 666 94.07 32.29 -11.14
N VAL R 667 93.43 33.43 -11.36
CA VAL R 667 93.96 34.49 -12.20
C VAL R 667 94.25 35.69 -11.32
N ASN R 668 95.48 36.18 -11.38
CA ASN R 668 95.91 37.36 -10.65
C ASN R 668 95.71 38.56 -11.58
N ALA R 669 94.68 39.36 -11.28
CA ALA R 669 94.33 40.46 -12.18
C ALA R 669 95.45 41.48 -12.31
N LYS R 670 96.36 41.54 -11.35
CA LYS R 670 97.42 42.54 -11.39
C LYS R 670 98.57 42.14 -12.30
N LYS R 671 98.64 40.87 -12.70
CA LYS R 671 99.77 40.38 -13.47
C LYS R 671 99.42 39.88 -14.86
N VAL R 672 98.14 39.69 -15.16
CA VAL R 672 97.72 39.00 -16.37
C VAL R 672 97.36 40.03 -17.44
N LYS R 673 97.95 39.90 -18.61
CA LYS R 673 97.54 40.69 -19.75
C LYS R 673 96.22 40.16 -20.30
N ALA R 674 95.36 41.07 -20.72
CA ALA R 674 94.07 40.66 -21.28
C ALA R 674 94.28 39.85 -22.55
N GLY R 675 93.43 38.87 -22.75
CA GLY R 675 93.53 38.01 -23.92
C GLY R 675 92.92 36.65 -23.62
N THR R 676 93.00 35.79 -24.62
CA THR R 676 92.48 34.44 -24.54
C THR R 676 93.64 33.47 -24.33
N TYR R 677 93.57 32.70 -23.25
CA TYR R 677 94.62 31.77 -22.89
C TYR R 677 94.10 30.34 -22.96
N GLU R 678 94.93 29.45 -23.47
CA GLU R 678 94.56 28.06 -23.67
C GLU R 678 95.34 27.18 -22.71
N GLY R 679 94.62 26.32 -21.99
CA GLY R 679 95.23 25.37 -21.09
C GLY R 679 94.89 23.95 -21.50
N THR R 680 95.30 23.02 -20.65
CA THR R 680 95.09 21.61 -20.93
C THR R 680 95.11 20.82 -19.63
N VAL R 681 94.19 19.87 -19.51
CA VAL R 681 94.19 18.88 -18.44
C VAL R 681 94.50 17.54 -19.08
N THR R 682 95.61 16.93 -18.68
CA THR R 682 96.04 15.66 -19.23
C THR R 682 95.83 14.56 -18.20
N VAL R 683 95.17 13.48 -18.61
CA VAL R 683 94.86 12.37 -17.73
C VAL R 683 95.67 11.17 -18.20
N ARG R 684 96.48 10.62 -17.30
CA ARG R 684 97.28 9.45 -17.57
C ARG R 684 96.79 8.29 -16.74
N GLU R 685 96.90 7.09 -17.28
CA GLU R 685 96.50 5.89 -16.55
C GLU R 685 97.39 4.75 -17.02
N GLY R 686 98.23 4.25 -16.11
CA GLY R 686 99.06 3.08 -16.37
C GLY R 686 99.76 3.13 -17.71
N GLY R 687 100.67 4.08 -17.88
CA GLY R 687 101.36 4.21 -19.14
C GLY R 687 100.67 5.18 -20.06
N LYS R 688 99.82 4.64 -20.93
CA LYS R 688 99.14 5.41 -21.96
C LYS R 688 98.39 6.62 -21.37
N THR R 689 98.21 7.63 -22.22
CA THR R 689 97.41 8.79 -21.90
C THR R 689 95.97 8.55 -22.32
N VAL R 690 95.03 8.75 -21.39
CA VAL R 690 93.65 8.44 -21.69
C VAL R 690 92.86 9.64 -22.19
N ALA R 691 93.34 10.85 -21.94
CA ALA R 691 92.61 12.03 -22.38
C ALA R 691 93.55 13.23 -22.34
N LYS R 692 93.20 14.25 -23.13
CA LYS R 692 93.89 15.54 -23.13
C LYS R 692 92.79 16.58 -23.30
N VAL R 693 92.29 17.10 -22.19
CA VAL R 693 91.11 17.95 -22.17
C VAL R 693 91.56 19.38 -22.48
N PRO R 694 91.12 19.97 -23.58
CA PRO R 694 91.47 21.37 -23.85
C PRO R 694 90.64 22.31 -22.99
N THR R 695 91.31 23.18 -22.26
CA THR R 695 90.64 24.19 -21.46
C THR R 695 90.97 25.56 -22.00
N LEU R 696 90.19 26.55 -21.57
CA LEU R 696 90.32 27.89 -22.10
C LEU R 696 89.71 28.88 -21.12
N LEU R 697 90.37 30.03 -20.97
CA LEU R 697 89.81 31.13 -20.22
C LEU R 697 90.14 32.43 -20.93
N ILE R 698 89.33 33.44 -20.66
CA ILE R 698 89.46 34.76 -21.28
C ILE R 698 89.60 35.78 -20.18
N VAL R 699 90.52 36.72 -20.34
CA VAL R 699 90.77 37.75 -19.35
C VAL R 699 90.26 39.08 -19.88
N LYS R 700 89.55 39.81 -19.03
CA LYS R 700 88.88 41.07 -19.37
C LYS R 700 87.86 40.76 -20.46
N GLU R 701 87.66 41.64 -21.42
CA GLU R 701 86.62 41.47 -22.42
C GLU R 701 87.13 40.67 -23.60
N PRO R 702 86.37 39.69 -24.07
CA PRO R 702 86.79 38.92 -25.24
C PRO R 702 86.88 39.80 -26.48
N ASP R 703 87.77 39.41 -27.39
CA ASP R 703 88.01 40.20 -28.60
C ASP R 703 87.16 39.70 -29.76
N TYR R 704 85.89 39.60 -29.51
CA TYR R 704 84.99 39.20 -30.59
C TYR R 704 84.73 40.37 -31.51
N PRO R 705 84.33 40.10 -32.76
CA PRO R 705 83.91 41.19 -33.65
C PRO R 705 82.71 41.92 -33.06
N ARG R 706 82.84 43.23 -32.91
CA ARG R 706 81.76 43.99 -32.30
C ARG R 706 80.55 44.05 -33.20
N VAL R 707 80.75 43.99 -34.52
CA VAL R 707 79.66 43.91 -35.48
C VAL R 707 80.01 42.81 -36.47
N THR R 708 79.03 41.96 -36.77
CA THR R 708 79.28 40.76 -37.55
C THR R 708 78.82 40.89 -38.99
N SER R 709 77.58 41.33 -39.22
CA SER R 709 77.06 41.42 -40.56
C SER R 709 76.22 42.68 -40.70
N ILE R 710 76.21 43.21 -41.93
CA ILE R 710 75.41 44.37 -42.29
C ILE R 710 74.90 44.16 -43.72
N ASP R 711 73.63 44.49 -43.94
CA ASP R 711 73.09 44.53 -45.29
C ASP R 711 72.10 45.68 -45.41
N VAL R 712 71.92 46.15 -46.64
CA VAL R 712 71.05 47.28 -46.94
C VAL R 712 70.03 46.83 -47.97
N GLN R 713 68.75 47.00 -47.66
CA GLN R 713 67.70 46.68 -48.60
C GLN R 713 66.81 47.90 -48.80
N ASP R 714 65.97 47.84 -49.82
CA ASP R 714 65.05 48.93 -50.07
C ASP R 714 63.95 48.95 -49.02
N GLY R 715 63.60 50.14 -48.56
CA GLY R 715 62.59 50.28 -47.54
C GLY R 715 61.18 50.15 -48.09
N THR R 716 60.22 50.11 -47.17
CA THR R 716 58.82 50.07 -47.57
C THR R 716 58.41 51.31 -48.35
N THR R 717 59.08 52.43 -48.14
CA THR R 717 58.83 53.66 -48.86
C THR R 717 59.89 53.84 -49.94
N GLN R 718 59.45 54.15 -51.16
CA GLN R 718 60.38 54.35 -52.25
C GLN R 718 61.34 55.48 -51.94
N GLY R 719 62.62 55.26 -52.25
CA GLY R 719 63.67 56.22 -51.99
C GLY R 719 64.35 56.07 -50.65
N THR R 720 63.81 55.26 -49.74
CA THR R 720 64.40 55.03 -48.44
C THR R 720 64.97 53.62 -48.37
N TYR R 721 65.74 53.37 -47.32
CA TYR R 721 66.47 52.12 -47.18
C TYR R 721 66.34 51.62 -45.75
N GLN R 722 66.54 50.31 -45.60
CA GLN R 722 66.61 49.67 -44.30
C GLN R 722 67.97 49.01 -44.15
N ILE R 723 68.65 49.29 -43.05
CA ILE R 723 69.94 48.72 -42.73
C ILE R 723 69.73 47.70 -41.64
N GLU R 724 70.11 46.46 -41.90
CA GLU R 724 70.01 45.39 -40.91
C GLU R 724 71.41 44.96 -40.54
N THR R 725 71.72 44.99 -39.25
CA THR R 725 73.04 44.65 -38.76
C THR R 725 72.90 43.71 -37.57
N TYR R 726 73.97 42.96 -37.32
CA TYR R 726 73.99 42.03 -36.19
C TYR R 726 75.10 42.43 -35.23
N LEU R 727 74.74 42.73 -33.99
CA LEU R 727 75.70 43.11 -32.97
C LEU R 727 75.79 42.00 -31.93
N PRO R 728 76.88 41.24 -31.87
CA PRO R 728 76.93 40.10 -30.94
C PRO R 728 76.72 40.47 -29.49
N ALA R 729 77.17 41.64 -29.05
CA ALA R 729 76.98 42.01 -27.66
C ALA R 729 76.58 43.46 -27.51
N GLY R 730 75.85 43.99 -28.48
CA GLY R 730 75.47 45.39 -28.45
C GLY R 730 76.60 46.27 -28.90
N ALA R 731 76.36 47.58 -28.83
CA ALA R 731 77.36 48.53 -29.25
C ALA R 731 77.19 49.82 -28.48
N GLU R 732 78.27 50.26 -27.83
CA GLU R 732 78.25 51.58 -27.20
C GLU R 732 78.07 52.66 -28.26
N GLU R 733 78.70 52.49 -29.41
CA GLU R 733 78.54 53.44 -30.50
C GLU R 733 78.50 52.68 -31.82
N LEU R 734 77.61 53.09 -32.71
CA LEU R 734 77.45 52.43 -34.00
C LEU R 734 77.36 53.49 -35.08
N ALA R 735 78.14 53.34 -36.14
CA ALA R 735 78.19 54.32 -37.20
C ALA R 735 78.10 53.63 -38.55
N PHE R 736 77.26 54.18 -39.43
CA PHE R 736 77.13 53.71 -40.80
C PHE R 736 77.71 54.77 -41.71
N LEU R 737 78.71 54.38 -42.50
CA LEU R 737 79.41 55.25 -43.43
C LEU R 737 79.20 54.74 -44.84
N VAL R 738 79.21 55.65 -45.80
CA VAL R 738 78.91 55.33 -47.20
C VAL R 738 80.13 55.55 -48.06
N TYR R 739 80.39 54.61 -48.96
CA TYR R 739 81.50 54.67 -49.88
C TYR R 739 80.99 54.51 -51.31
N ASP R 740 81.67 55.17 -52.24
CA ASP R 740 81.26 55.08 -53.63
C ASP R 740 81.73 53.75 -54.21
N SER R 741 81.48 53.56 -55.51
CA SER R 741 81.92 52.34 -56.17
C SER R 741 83.44 52.21 -56.18
N ASN R 742 84.16 53.32 -56.10
CA ASN R 742 85.61 53.31 -56.04
C ASN R 742 86.12 53.23 -54.61
N LEU R 743 85.24 52.92 -53.66
CA LEU R 743 85.61 52.81 -52.24
C LEU R 743 86.22 54.10 -51.72
N ASP R 744 85.66 55.23 -52.14
CA ASP R 744 86.04 56.54 -51.64
C ASP R 744 85.00 57.00 -50.63
N PHE R 745 85.46 57.49 -49.49
CA PHE R 745 84.55 57.84 -48.41
C PHE R 745 83.64 59.00 -48.82
N VAL R 746 82.38 58.69 -49.08
CA VAL R 746 81.43 59.73 -49.47
C VAL R 746 80.98 60.52 -48.26
N GLY R 747 80.61 59.84 -47.18
CA GLY R 747 80.17 60.55 -46.00
C GLY R 747 79.63 59.58 -44.96
N GLN R 748 78.86 60.12 -44.03
CA GLN R 748 78.41 59.42 -42.84
C GLN R 748 76.90 59.25 -42.88
N ALA R 749 76.45 58.02 -43.06
CA ALA R 749 75.02 57.75 -43.15
C ALA R 749 74.33 57.99 -41.83
N GLY R 750 74.78 57.36 -40.75
CA GLY R 750 74.07 57.45 -39.49
C GLY R 750 74.95 57.21 -38.29
N ILE R 751 74.52 57.76 -37.15
CA ILE R 751 75.18 57.59 -35.87
C ILE R 751 74.14 57.14 -34.85
N TYR R 752 74.51 56.18 -34.01
CA TYR R 752 73.61 55.67 -32.99
C TYR R 752 74.42 55.31 -31.75
N LYS R 753 73.77 55.36 -30.60
CA LYS R 753 74.41 55.07 -29.33
C LYS R 753 73.57 54.08 -28.54
N LYS R 754 74.26 53.28 -27.73
CA LYS R 754 73.62 52.40 -26.75
C LYS R 754 72.63 51.46 -27.43
N GLN R 755 73.15 50.62 -28.32
CA GLN R 755 72.33 49.69 -29.07
C GLN R 755 72.29 48.34 -28.37
N ASP R 756 71.12 47.72 -28.40
CA ASP R 756 70.94 46.41 -27.78
C ASP R 756 71.51 45.33 -28.69
N LYS R 757 71.92 44.23 -28.06
CA LYS R 757 72.55 43.16 -28.81
C LYS R 757 71.51 42.38 -29.62
N GLY R 758 71.99 41.69 -30.64
CA GLY R 758 71.12 40.94 -31.52
C GLY R 758 71.01 41.58 -32.89
N TYR R 759 69.87 41.42 -33.53
CA TYR R 759 69.61 42.04 -34.82
C TYR R 759 69.04 43.43 -34.60
N GLN R 760 69.63 44.41 -35.27
CA GLN R 760 69.20 45.80 -35.19
C GLN R 760 68.84 46.28 -36.58
N TYR R 761 67.75 47.03 -36.67
CA TYR R 761 67.26 47.59 -37.92
C TYR R 761 67.18 49.10 -37.80
N PHE R 762 67.67 49.79 -38.84
CA PHE R 762 67.68 51.24 -38.85
C PHE R 762 67.14 51.73 -40.19
N ASP R 763 66.24 52.71 -40.14
CA ASP R 763 65.74 53.32 -41.36
C ASP R 763 66.66 54.45 -41.77
N TRP R 764 67.03 54.48 -43.04
CA TRP R 764 67.95 55.47 -43.57
C TRP R 764 67.31 56.14 -44.76
N ASN R 765 67.23 57.47 -44.72
CA ASN R 765 66.57 58.23 -45.77
C ASN R 765 67.42 58.43 -47.01
N GLY R 766 68.56 57.76 -47.12
CA GLY R 766 69.40 57.89 -48.28
C GLY R 766 70.22 59.16 -48.34
N LYS R 767 70.24 59.95 -47.28
CA LYS R 767 70.92 61.23 -47.27
C LYS R 767 72.12 61.17 -46.32
N VAL R 768 73.21 61.83 -46.73
CA VAL R 768 74.51 61.65 -46.12
C VAL R 768 74.89 62.88 -45.33
N ASN R 769 75.55 62.64 -44.18
CA ASN R 769 76.04 63.71 -43.30
C ASN R 769 74.91 64.59 -42.79
N GLY R 770 73.67 64.19 -43.04
CA GLY R 770 72.55 65.05 -42.71
C GLY R 770 72.21 65.93 -43.89
N ASP R 771 71.01 65.75 -44.45
CA ASP R 771 70.37 66.62 -45.43
C ASP R 771 71.12 66.72 -46.76
N THR R 772 72.17 65.93 -46.98
CA THR R 772 72.88 65.92 -48.25
C THR R 772 72.51 64.65 -49.00
N ALA R 773 71.85 64.80 -50.13
CA ALA R 773 71.37 63.65 -50.90
C ALA R 773 72.49 63.08 -51.76
N LEU R 774 72.52 61.76 -51.87
CA LEU R 774 73.53 61.09 -52.67
C LEU R 774 73.23 61.22 -54.16
N PRO R 775 74.26 61.31 -54.99
CA PRO R 775 74.05 61.15 -56.43
C PRO R 775 73.77 59.69 -56.78
N ALA R 776 73.12 59.50 -57.90
CA ALA R 776 72.75 58.16 -58.34
C ALA R 776 74.00 57.35 -58.67
N GLY R 777 74.00 56.09 -58.28
CA GLY R 777 75.13 55.23 -58.53
C GLY R 777 75.09 54.00 -57.63
N GLU R 778 76.26 53.39 -57.48
CA GLU R 778 76.42 52.16 -56.71
C GLU R 778 77.29 52.46 -55.50
N TYR R 779 76.85 51.98 -54.34
CA TYR R 779 77.48 52.37 -53.09
C TYR R 779 77.67 51.16 -52.18
N TYR R 780 78.67 51.29 -51.30
CA TYR R 780 78.93 50.34 -50.24
C TYR R 780 78.68 51.02 -48.91
N MET R 781 78.37 50.24 -47.88
CA MET R 781 78.20 50.80 -46.55
C MET R 781 79.06 50.03 -45.57
N LEU R 782 79.72 50.79 -44.68
CA LEU R 782 80.58 50.24 -43.65
C LEU R 782 79.92 50.48 -42.30
N ALA R 783 79.80 49.43 -41.51
CA ALA R 783 79.31 49.52 -40.15
C ALA R 783 80.51 49.47 -39.21
N TYR R 784 80.62 50.48 -38.35
CA TYR R 784 81.68 50.57 -37.37
C TYR R 784 81.02 50.54 -36.00
N ALA R 785 81.27 49.48 -35.23
CA ALA R 785 80.69 49.33 -33.92
C ALA R 785 81.79 49.32 -32.87
N ALA R 786 81.62 50.13 -31.83
CA ALA R 786 82.56 50.20 -30.72
C ALA R 786 81.83 49.82 -29.46
N ASN R 787 82.42 48.87 -28.71
CA ASN R 787 81.79 48.35 -27.51
C ASN R 787 82.90 47.87 -26.57
N LYS R 788 82.76 48.22 -25.30
CA LYS R 788 83.60 47.67 -24.22
C LYS R 788 85.09 47.73 -24.56
N GLY R 789 85.50 48.85 -25.12
CA GLY R 789 86.91 49.09 -25.33
C GLY R 789 87.50 48.46 -26.57
N LYS R 790 86.68 47.95 -27.48
CA LYS R 790 87.20 47.50 -28.76
C LYS R 790 86.20 47.85 -29.84
N SER R 791 86.71 48.08 -31.04
CA SER R 791 85.88 48.46 -32.17
C SER R 791 86.14 47.52 -33.33
N SER R 792 85.09 47.28 -34.10
CA SER R 792 85.15 46.42 -35.27
C SER R 792 84.37 47.08 -36.39
N GLN R 793 84.62 46.62 -37.61
CA GLN R 793 83.94 47.17 -38.76
C GLN R 793 83.67 46.06 -39.75
N VAL R 794 82.64 46.25 -40.56
CA VAL R 794 82.27 45.29 -41.58
C VAL R 794 81.68 46.03 -42.76
N LEU R 795 82.06 45.61 -43.96
CA LEU R 795 81.66 46.26 -45.20
C LEU R 795 80.62 45.41 -45.91
N THR R 796 79.63 46.07 -46.50
CA THR R 796 78.58 45.38 -47.24
C THR R 796 79.14 44.93 -48.59
N GLU R 797 79.23 43.62 -48.79
CA GLU R 797 79.40 43.12 -50.14
C GLU R 797 78.08 43.27 -50.90
N LYS R 798 78.15 43.08 -52.22
CA LYS R 798 76.98 43.27 -53.07
C LYS R 798 76.44 44.69 -52.91
N PRO R 799 77.13 45.67 -53.50
CA PRO R 799 76.78 47.08 -53.24
C PRO R 799 75.32 47.39 -53.59
N PHE R 800 74.73 48.27 -52.81
CA PHE R 800 73.37 48.72 -53.05
C PHE R 800 73.35 49.93 -53.98
N ILE R 801 72.21 50.15 -54.62
CA ILE R 801 72.08 51.11 -55.70
C ILE R 801 71.21 52.26 -55.24
N ILE R 802 71.65 53.49 -55.53
CA ILE R 802 70.85 54.67 -55.25
C ILE R 802 70.02 55.03 -56.48
#